data_2R5I
#
_entry.id   2R5I
#
_cell.length_a   81.161
_cell.length_b   105.039
_cell.length_c   235.749
_cell.angle_alpha   87.56
_cell.angle_beta   85.66
_cell.angle_gamma   68.16
#
_symmetry.space_group_name_H-M   'P 1'
#
_entity_poly.entity_id   1
_entity_poly.type   'polypeptide(L)'
_entity_poly.pdbx_seq_one_letter_code
;AVVNTDDYVTRTSIFYHAGSSRLLTVGDPYFRVPAGGGNKQDIPKVSAYQYRVFRVQLPDPNKFGLPDTSIYNPETQRLV
WACAGVEIGRGQPLGVGLSGHPFYNKLDDTESSHAATSNVSEDVRDNVSVDYKQTQLCILGCAPAIGEHWAKGTASKSRP
LSQGDCPPLELKNTVLEDGDMVDTGYGAMDFSTLQDTKCEVPLDICQSICKYPDYLQMSADPYGDSMFFCLRREQLFARH
FWNRAGTMGDTVPQSLYIKGTGMRASPGSCVYSPSPSGSIVTSDSQLFNKPYWLHKAQGHNNGVCWHNQLFVTVVDTTRS
TNLTICASTQSPVPGQYDATKFKQYSRHVEEYDLQFIFQLCTITLTADVMSYIQSMNSSILEDWNGGSGGNKDPYDKLKF
WNVDLKEKFSLDLDQYPLGRKFLVQAGL
;
_entity_poly.pdbx_strand_id   A,B,C,D,E,F,G,H,I,J,K,L,M,N,O
#
# COMPACT_ATOMS: atom_id res chain seq x y z
N ALA A 1 -68.72 -80.10 -55.02
CA ALA A 1 -69.09 -78.81 -55.85
C ALA A 1 -70.46 -78.28 -55.55
N VAL A 2 -70.61 -76.99 -55.22
CA VAL A 2 -71.93 -76.41 -55.01
C VAL A 2 -72.60 -76.08 -56.31
N VAL A 3 -73.91 -76.20 -56.45
CA VAL A 3 -74.47 -75.99 -57.77
C VAL A 3 -75.57 -75.01 -57.76
N ASN A 4 -75.68 -74.31 -58.86
CA ASN A 4 -76.75 -73.43 -59.05
C ASN A 4 -78.14 -74.08 -58.88
N THR A 5 -79.05 -73.40 -58.19
CA THR A 5 -80.30 -73.98 -57.91
C THR A 5 -81.03 -74.22 -59.24
N ASP A 6 -80.68 -73.51 -60.29
CA ASP A 6 -81.36 -73.63 -61.55
C ASP A 6 -81.13 -74.96 -62.16
N ASP A 7 -80.18 -75.72 -61.61
CA ASP A 7 -80.01 -77.10 -62.06
C ASP A 7 -80.94 -78.15 -61.48
N TYR A 8 -81.45 -77.92 -60.30
CA TYR A 8 -82.23 -78.95 -59.72
C TYR A 8 -83.57 -78.48 -59.26
N VAL A 9 -83.88 -77.22 -59.60
CA VAL A 9 -85.15 -76.65 -59.17
C VAL A 9 -85.94 -76.14 -60.36
N THR A 10 -87.10 -76.73 -60.72
CA THR A 10 -87.82 -76.32 -61.96
C THR A 10 -88.85 -75.29 -61.61
N ARG A 11 -88.86 -74.30 -62.52
CA ARG A 11 -89.73 -73.16 -62.35
C ARG A 11 -91.04 -73.36 -63.06
N THR A 12 -92.16 -72.98 -62.44
CA THR A 12 -93.44 -73.27 -63.12
C THR A 12 -93.84 -71.95 -63.65
N SER A 13 -95.09 -71.81 -64.07
CA SER A 13 -95.47 -70.51 -64.54
C SER A 13 -96.51 -69.96 -63.58
N ILE A 14 -96.43 -70.42 -62.36
CA ILE A 14 -97.44 -70.03 -61.43
C ILE A 14 -96.87 -68.94 -60.64
N PHE A 15 -97.62 -67.85 -60.48
CA PHE A 15 -97.08 -66.73 -59.64
C PHE A 15 -98.00 -66.26 -58.56
N TYR A 16 -97.51 -66.05 -57.38
CA TYR A 16 -98.48 -65.60 -56.38
C TYR A 16 -98.04 -64.25 -55.91
N HIS A 17 -98.96 -63.48 -55.33
CA HIS A 17 -98.53 -62.19 -54.74
C HIS A 17 -98.66 -62.35 -53.26
N ALA A 18 -97.88 -61.59 -52.47
CA ALA A 18 -98.09 -61.71 -51.02
C ALA A 18 -97.61 -60.49 -50.36
N GLY A 19 -98.25 -60.11 -49.25
CA GLY A 19 -97.93 -58.86 -48.63
C GLY A 19 -98.36 -58.61 -47.23
N SER A 20 -97.42 -58.10 -46.46
CA SER A 20 -97.68 -57.72 -45.05
C SER A 20 -98.75 -56.69 -45.08
N SER A 21 -99.55 -56.60 -44.04
CA SER A 21 -100.52 -55.50 -44.10
C SER A 21 -99.81 -54.17 -44.10
N ARG A 22 -99.54 -53.59 -42.91
CA ARG A 22 -98.77 -52.38 -42.73
C ARG A 22 -98.12 -52.50 -41.36
N LEU A 23 -96.83 -52.67 -41.42
CA LEU A 23 -96.07 -52.78 -40.25
C LEU A 23 -95.81 -51.39 -39.71
N LEU A 24 -95.88 -51.25 -38.40
CA LEU A 24 -95.74 -49.98 -37.78
C LEU A 24 -95.19 -50.13 -36.39
N THR A 25 -94.44 -49.14 -35.95
CA THR A 25 -93.87 -49.21 -34.59
C THR A 25 -93.38 -47.87 -34.08
N VAL A 26 -93.65 -47.61 -32.80
CA VAL A 26 -93.25 -46.29 -32.32
C VAL A 26 -92.66 -46.43 -30.95
N GLY A 27 -91.80 -45.51 -30.56
CA GLY A 27 -91.01 -45.71 -29.36
C GLY A 27 -90.12 -44.53 -29.17
N ASP A 28 -89.34 -44.65 -28.13
CA ASP A 28 -88.32 -43.68 -27.83
C ASP A 28 -87.09 -44.00 -28.71
N PRO A 29 -86.55 -42.96 -29.33
CA PRO A 29 -85.49 -43.14 -30.24
C PRO A 29 -84.11 -43.35 -29.61
N TYR A 30 -83.94 -43.07 -28.31
CA TYR A 30 -82.65 -43.21 -27.70
C TYR A 30 -82.42 -44.42 -26.75
N PHE A 31 -83.48 -44.88 -26.10
CA PHE A 31 -83.38 -46.04 -25.25
C PHE A 31 -84.75 -46.48 -24.86
N ARG A 32 -84.92 -47.72 -24.35
CA ARG A 32 -86.30 -48.16 -24.01
C ARG A 32 -86.72 -47.62 -22.67
N VAL A 33 -87.99 -47.32 -22.43
CA VAL A 33 -88.40 -46.77 -21.09
C VAL A 33 -89.24 -47.85 -20.36
N PRO A 34 -88.72 -48.44 -19.19
CA PRO A 34 -89.56 -49.49 -18.64
C PRO A 34 -90.69 -49.02 -17.79
N ALA A 35 -91.58 -50.03 -17.75
CA ALA A 35 -92.84 -50.22 -17.05
C ALA A 35 -93.02 -49.32 -15.87
N GLY A 36 -93.86 -48.29 -15.93
CA GLY A 36 -94.08 -47.58 -14.68
C GLY A 36 -94.39 -46.13 -14.51
N GLY A 37 -93.39 -45.25 -14.80
CA GLY A 37 -93.38 -43.70 -14.69
C GLY A 37 -94.54 -42.65 -14.87
N GLY A 38 -95.46 -43.11 -15.69
CA GLY A 38 -96.73 -42.51 -15.96
C GLY A 38 -97.31 -43.40 -17.07
N ASN A 39 -96.48 -44.28 -17.63
CA ASN A 39 -96.93 -45.06 -18.76
C ASN A 39 -96.83 -46.57 -18.48
N LYS A 40 -97.98 -47.27 -18.64
CA LYS A 40 -98.13 -48.73 -18.41
C LYS A 40 -97.91 -49.53 -19.63
N GLN A 41 -96.78 -50.19 -19.52
CA GLN A 41 -96.20 -51.01 -20.54
C GLN A 41 -95.28 -50.34 -21.42
N ASP A 42 -94.10 -50.65 -20.88
CA ASP A 42 -92.81 -50.49 -21.36
C ASP A 42 -92.82 -49.69 -22.76
N ILE A 43 -91.84 -48.84 -23.12
CA ILE A 43 -91.91 -48.21 -24.38
C ILE A 43 -90.65 -48.65 -25.03
N PRO A 44 -90.73 -49.24 -26.23
CA PRO A 44 -89.67 -49.77 -26.98
C PRO A 44 -88.65 -48.72 -27.51
N LYS A 45 -87.38 -49.12 -27.79
CA LYS A 45 -86.46 -48.25 -28.51
C LYS A 45 -86.74 -48.40 -30.04
N VAL A 46 -87.33 -47.38 -30.62
CA VAL A 46 -87.57 -47.32 -32.08
C VAL A 46 -86.82 -46.11 -32.66
N SER A 47 -85.72 -46.41 -33.39
CA SER A 47 -84.82 -45.43 -33.97
C SER A 47 -84.62 -45.75 -35.39
N ALA A 48 -84.13 -44.81 -36.18
CA ALA A 48 -83.96 -45.13 -37.57
C ALA A 48 -82.64 -45.77 -37.89
N TYR A 49 -81.83 -45.62 -36.90
CA TYR A 49 -80.53 -46.17 -36.99
C TYR A 49 -80.40 -47.58 -36.49
N GLN A 50 -81.46 -48.40 -36.69
CA GLN A 50 -81.32 -49.80 -36.33
C GLN A 50 -81.77 -50.71 -37.39
N TYR A 51 -81.10 -51.86 -37.53
CA TYR A 51 -81.54 -52.77 -38.55
C TYR A 51 -83.01 -53.23 -38.29
N ARG A 52 -83.83 -53.23 -39.31
CA ARG A 52 -85.14 -53.87 -39.22
C ARG A 52 -84.95 -55.22 -39.87
N VAL A 53 -85.13 -56.31 -39.17
CA VAL A 53 -85.03 -57.56 -39.87
C VAL A 53 -86.35 -58.27 -39.86
N PHE A 54 -86.95 -58.49 -41.02
CA PHE A 54 -88.22 -59.15 -41.00
C PHE A 54 -88.06 -60.65 -41.36
N ARG A 55 -88.66 -61.51 -40.56
CA ARG A 55 -88.62 -62.90 -40.94
C ARG A 55 -89.93 -63.22 -41.53
N VAL A 56 -89.98 -63.26 -42.81
CA VAL A 56 -91.28 -63.51 -43.45
C VAL A 56 -91.59 -64.96 -43.53
N GLN A 57 -92.64 -65.36 -42.87
CA GLN A 57 -93.19 -66.76 -42.89
C GLN A 57 -94.10 -67.01 -44.10
N LEU A 58 -93.72 -67.87 -45.00
CA LEU A 58 -94.49 -68.25 -46.18
C LEU A 58 -95.25 -69.55 -45.90
N PRO A 59 -96.34 -69.74 -46.62
CA PRO A 59 -97.11 -70.93 -46.43
C PRO A 59 -96.36 -72.13 -47.05
N ASP A 60 -96.44 -73.33 -46.42
CA ASP A 60 -95.82 -74.52 -47.03
C ASP A 60 -96.52 -74.93 -48.28
N PRO A 61 -95.88 -74.76 -49.38
CA PRO A 61 -96.50 -75.03 -50.68
C PRO A 61 -96.94 -76.47 -50.86
N ASN A 62 -96.47 -77.37 -49.99
CA ASN A 62 -96.79 -78.80 -50.17
C ASN A 62 -98.19 -79.12 -49.59
N LYS A 63 -98.29 -78.80 -48.30
CA LYS A 63 -99.51 -78.80 -47.50
C LYS A 63 -100.49 -77.67 -47.89
N PHE A 64 -100.34 -77.18 -49.12
CA PHE A 64 -101.08 -76.01 -49.67
C PHE A 64 -102.03 -76.49 -50.72
N GLY A 65 -103.03 -75.65 -50.86
CA GLY A 65 -104.08 -75.84 -51.86
C GLY A 65 -103.70 -75.10 -53.14
N LEU A 66 -103.22 -75.89 -54.13
CA LEU A 66 -102.92 -75.31 -55.48
C LEU A 66 -104.20 -75.02 -56.31
N PRO A 67 -104.05 -74.20 -57.41
CA PRO A 67 -105.21 -73.88 -58.31
C PRO A 67 -105.46 -75.17 -59.23
N ASP A 68 -104.53 -76.16 -59.05
CA ASP A 68 -104.40 -77.44 -59.85
C ASP A 68 -103.25 -78.24 -59.12
N THR A 69 -103.67 -79.35 -58.45
CA THR A 69 -102.67 -80.17 -57.74
C THR A 69 -102.21 -81.29 -58.69
N SER A 70 -102.02 -80.93 -59.95
CA SER A 70 -101.52 -81.82 -61.03
C SER A 70 -100.39 -81.08 -61.80
N ILE A 71 -99.66 -80.20 -61.05
CA ILE A 71 -98.43 -79.41 -61.53
C ILE A 71 -97.16 -80.28 -61.28
N TYR A 72 -97.26 -81.06 -60.21
CA TYR A 72 -96.27 -82.01 -59.92
C TYR A 72 -96.89 -83.34 -59.41
N ASN A 73 -96.01 -84.34 -59.25
CA ASN A 73 -96.32 -85.64 -58.70
C ASN A 73 -95.78 -85.73 -57.26
N PRO A 74 -96.61 -85.60 -56.25
CA PRO A 74 -96.24 -85.63 -54.84
C PRO A 74 -95.52 -86.89 -54.39
N GLU A 75 -95.27 -87.78 -55.36
CA GLU A 75 -94.56 -89.09 -55.15
C GLU A 75 -93.09 -88.95 -55.46
N THR A 76 -92.74 -88.22 -56.49
CA THR A 76 -91.33 -88.06 -56.82
C THR A 76 -90.72 -86.63 -56.54
N GLN A 77 -91.61 -85.64 -56.39
CA GLN A 77 -91.24 -84.21 -56.27
C GLN A 77 -91.77 -83.45 -55.10
N ARG A 78 -91.19 -82.27 -54.91
CA ARG A 78 -91.58 -81.44 -53.81
C ARG A 78 -91.73 -80.00 -54.27
N LEU A 79 -92.38 -79.17 -53.43
CA LEU A 79 -92.57 -77.82 -53.85
C LEU A 79 -91.80 -76.78 -53.03
N VAL A 80 -91.25 -75.81 -53.75
CA VAL A 80 -90.58 -74.72 -53.08
C VAL A 80 -90.98 -73.36 -53.59
N TRP A 81 -90.91 -72.38 -52.68
CA TRP A 81 -91.17 -71.03 -53.06
C TRP A 81 -89.93 -70.32 -53.59
N ALA A 82 -89.99 -69.83 -54.81
CA ALA A 82 -88.87 -68.94 -55.30
C ALA A 82 -89.26 -67.46 -55.32
N CYS A 83 -88.40 -66.56 -54.82
CA CYS A 83 -88.78 -65.16 -54.75
C CYS A 83 -88.54 -64.49 -56.14
N ALA A 84 -89.44 -63.64 -56.67
CA ALA A 84 -89.25 -63.12 -58.04
C ALA A 84 -89.44 -61.61 -58.19
N GLY A 85 -89.81 -60.99 -57.08
CA GLY A 85 -89.97 -59.53 -57.08
C GLY A 85 -90.24 -59.07 -55.61
N VAL A 86 -89.87 -57.81 -55.27
CA VAL A 86 -89.97 -57.29 -53.94
C VAL A 86 -90.15 -55.83 -54.09
N GLU A 87 -90.91 -55.33 -53.11
CA GLU A 87 -91.04 -53.91 -52.96
C GLU A 87 -91.15 -53.58 -51.47
N ILE A 88 -90.15 -52.94 -50.93
CA ILE A 88 -90.31 -52.64 -49.54
C ILE A 88 -90.96 -51.26 -49.46
N GLY A 89 -92.18 -51.14 -48.97
CA GLY A 89 -92.74 -49.78 -48.88
C GLY A 89 -92.39 -48.93 -47.69
N ARG A 90 -92.12 -47.64 -47.88
CA ARG A 90 -91.82 -46.90 -46.69
C ARG A 90 -92.84 -45.82 -46.42
N GLY A 91 -93.20 -45.68 -45.16
CA GLY A 91 -94.27 -44.87 -44.78
C GLY A 91 -94.08 -43.39 -44.46
N GLN A 92 -93.40 -42.92 -43.38
CA GLN A 92 -93.52 -41.50 -43.15
C GLN A 92 -92.81 -40.55 -44.19
N PRO A 93 -92.85 -39.26 -43.99
CA PRO A 93 -92.21 -38.38 -44.97
C PRO A 93 -90.73 -38.27 -44.76
N LEU A 94 -89.92 -37.94 -45.76
CA LEU A 94 -88.44 -37.84 -45.60
C LEU A 94 -88.12 -36.88 -44.55
N GLY A 95 -87.06 -37.10 -43.82
CA GLY A 95 -86.72 -36.05 -42.86
C GLY A 95 -85.46 -36.27 -42.09
N VAL A 96 -85.06 -35.37 -41.19
CA VAL A 96 -83.74 -35.64 -40.51
C VAL A 96 -83.89 -35.61 -38.98
N GLY A 97 -82.99 -36.26 -38.24
CA GLY A 97 -83.09 -36.19 -36.79
C GLY A 97 -81.75 -36.31 -36.10
N LEU A 98 -81.66 -35.66 -34.93
CA LEU A 98 -80.48 -35.71 -34.10
C LEU A 98 -80.45 -36.76 -32.98
N SER A 99 -79.19 -37.11 -32.61
CA SER A 99 -78.81 -38.05 -31.56
C SER A 99 -77.80 -37.24 -30.73
N GLY A 100 -77.96 -37.17 -29.42
CA GLY A 100 -77.03 -36.49 -28.59
C GLY A 100 -76.68 -37.27 -27.36
N HIS A 101 -75.67 -36.80 -26.65
CA HIS A 101 -75.41 -37.32 -25.32
C HIS A 101 -75.29 -36.12 -24.32
N PRO A 102 -75.84 -36.21 -23.11
CA PRO A 102 -75.81 -35.09 -22.12
C PRO A 102 -74.41 -34.67 -21.71
N PHE A 103 -73.49 -35.62 -21.77
CA PHE A 103 -72.10 -35.47 -21.38
C PHE A 103 -71.12 -36.02 -22.45
N TYR A 104 -71.24 -35.56 -23.66
CA TYR A 104 -70.34 -35.99 -24.77
C TYR A 104 -68.92 -35.72 -24.38
N ASN A 105 -67.93 -36.51 -24.76
CA ASN A 105 -66.59 -36.23 -24.32
C ASN A 105 -65.96 -35.48 -25.42
N LYS A 106 -66.19 -34.18 -25.44
CA LYS A 106 -65.68 -33.29 -26.40
C LYS A 106 -64.67 -32.35 -25.69
N LEU A 107 -63.40 -32.42 -25.99
CA LEU A 107 -62.48 -31.50 -25.31
C LEU A 107 -62.64 -30.15 -25.85
N ASP A 108 -62.16 -29.95 -27.06
CA ASP A 108 -62.37 -28.64 -27.69
C ASP A 108 -62.26 -28.68 -29.19
N ASP A 109 -62.54 -27.55 -29.82
CA ASP A 109 -62.80 -27.54 -31.25
C ASP A 109 -61.49 -27.38 -31.92
N THR A 110 -61.06 -28.42 -32.60
CA THR A 110 -59.72 -28.43 -33.14
C THR A 110 -59.80 -28.20 -34.59
N GLU A 111 -60.87 -27.56 -35.06
CA GLU A 111 -61.09 -27.20 -36.48
C GLU A 111 -60.44 -25.90 -36.77
N SER A 112 -60.54 -24.97 -35.85
CA SER A 112 -59.94 -23.70 -35.99
C SER A 112 -60.25 -22.90 -34.79
N SER A 113 -60.04 -23.47 -33.63
CA SER A 113 -60.30 -22.73 -32.39
C SER A 113 -59.68 -21.31 -32.54
N HIS A 114 -60.41 -20.29 -32.06
CA HIS A 114 -59.94 -18.88 -32.12
C HIS A 114 -58.51 -18.85 -31.63
N ALA A 115 -58.30 -19.43 -30.44
CA ALA A 115 -56.94 -19.65 -29.98
C ALA A 115 -56.84 -20.95 -29.18
N ALA A 116 -55.80 -21.02 -28.33
CA ALA A 116 -55.54 -22.16 -27.45
C ALA A 116 -56.84 -22.59 -26.75
N THR A 117 -56.73 -23.66 -25.98
CA THR A 117 -57.95 -24.15 -25.38
C THR A 117 -57.87 -24.30 -23.87
N SER A 118 -59.06 -24.66 -23.30
CA SER A 118 -59.33 -24.80 -21.85
C SER A 118 -58.36 -25.77 -21.21
N ASN A 119 -58.37 -25.76 -19.88
CA ASN A 119 -57.50 -26.69 -19.15
C ASN A 119 -58.00 -28.23 -19.10
N VAL A 120 -57.06 -29.18 -19.45
CA VAL A 120 -57.24 -30.72 -19.38
C VAL A 120 -57.40 -31.15 -17.92
N SER A 121 -58.24 -30.32 -17.29
CA SER A 121 -58.43 -30.37 -15.87
C SER A 121 -59.16 -31.66 -15.61
N GLU A 122 -60.48 -31.59 -15.99
CA GLU A 122 -61.23 -32.62 -15.42
C GLU A 122 -62.63 -33.02 -15.73
N ASP A 123 -63.58 -32.06 -15.82
CA ASP A 123 -64.87 -32.53 -16.31
C ASP A 123 -65.31 -31.45 -17.21
N VAL A 124 -65.12 -31.59 -18.54
CA VAL A 124 -65.49 -30.54 -19.48
C VAL A 124 -66.46 -31.05 -20.57
N ARG A 125 -67.16 -32.13 -20.26
CA ARG A 125 -68.08 -32.78 -21.16
C ARG A 125 -69.23 -31.88 -21.36
N ASP A 126 -69.70 -31.75 -22.60
CA ASP A 126 -70.81 -30.84 -23.01
C ASP A 126 -71.91 -31.62 -23.67
N ASN A 127 -73.06 -30.98 -23.81
CA ASN A 127 -74.20 -31.71 -24.28
C ASN A 127 -74.17 -31.50 -25.74
N VAL A 128 -73.97 -32.58 -26.52
CA VAL A 128 -73.96 -32.34 -27.97
C VAL A 128 -74.82 -33.27 -28.68
N SER A 129 -75.29 -32.90 -29.86
CA SER A 129 -76.10 -33.81 -30.69
C SER A 129 -75.43 -33.83 -32.05
N VAL A 130 -75.89 -34.74 -32.92
CA VAL A 130 -75.28 -34.89 -34.20
C VAL A 130 -76.25 -35.65 -35.09
N ASP A 131 -76.37 -35.26 -36.36
CA ASP A 131 -77.16 -36.09 -37.29
C ASP A 131 -76.23 -37.15 -37.89
N TYR A 132 -76.64 -38.38 -37.76
CA TYR A 132 -75.66 -39.40 -38.10
C TYR A 132 -75.44 -39.52 -39.61
N LYS A 133 -74.58 -40.42 -40.03
CA LYS A 133 -74.36 -40.78 -41.40
C LYS A 133 -75.70 -41.24 -42.01
N GLN A 134 -75.89 -41.03 -43.30
CA GLN A 134 -77.08 -41.48 -43.91
C GLN A 134 -76.78 -42.77 -44.61
N THR A 135 -77.67 -43.75 -44.40
CA THR A 135 -77.57 -45.09 -44.95
C THR A 135 -78.85 -45.67 -45.41
N GLN A 136 -78.81 -46.45 -46.49
CA GLN A 136 -80.00 -47.18 -46.94
C GLN A 136 -79.49 -48.50 -47.39
N LEU A 137 -79.99 -49.57 -46.81
CA LEU A 137 -79.57 -50.80 -47.34
C LEU A 137 -80.67 -51.77 -47.21
N CYS A 138 -80.61 -52.73 -48.08
CA CYS A 138 -81.62 -53.77 -48.08
C CYS A 138 -81.08 -55.14 -48.58
N ILE A 139 -81.30 -56.22 -47.82
CA ILE A 139 -80.83 -57.48 -48.22
C ILE A 139 -81.90 -58.62 -48.09
N LEU A 140 -82.00 -59.46 -49.15
CA LEU A 140 -82.89 -60.60 -49.07
C LEU A 140 -82.16 -61.85 -49.13
N GLY A 141 -82.64 -62.85 -48.41
CA GLY A 141 -82.02 -64.21 -48.39
C GLY A 141 -82.95 -65.14 -47.61
N CYS A 142 -82.63 -66.42 -47.62
CA CYS A 142 -83.52 -67.35 -46.90
C CYS A 142 -82.78 -67.81 -45.70
N ALA A 143 -81.99 -66.90 -45.15
CA ALA A 143 -81.19 -67.11 -43.95
C ALA A 143 -80.79 -65.76 -43.52
N PRO A 144 -80.71 -65.53 -42.20
CA PRO A 144 -80.45 -64.16 -41.78
C PRO A 144 -79.07 -63.70 -42.32
N ALA A 145 -78.94 -62.37 -42.58
CA ALA A 145 -77.72 -61.79 -43.03
C ALA A 145 -76.66 -61.72 -41.95
N ILE A 146 -75.38 -61.59 -42.34
CA ILE A 146 -74.29 -61.49 -41.39
C ILE A 146 -73.61 -60.15 -41.27
N GLY A 147 -73.25 -59.78 -40.09
CA GLY A 147 -72.73 -58.46 -39.95
C GLY A 147 -71.39 -58.60 -39.22
N GLU A 148 -70.64 -57.49 -39.13
CA GLU A 148 -69.32 -57.52 -38.59
C GLU A 148 -69.14 -56.33 -37.74
N HIS A 149 -68.28 -56.46 -36.75
CA HIS A 149 -67.89 -55.28 -35.89
C HIS A 149 -66.62 -55.60 -35.07
N TRP A 150 -66.01 -54.60 -34.49
CA TRP A 150 -64.85 -54.78 -33.69
C TRP A 150 -65.17 -54.96 -32.24
N ALA A 151 -64.60 -55.95 -31.57
CA ALA A 151 -64.88 -56.07 -30.16
C ALA A 151 -63.65 -56.21 -29.37
N LYS A 152 -63.74 -56.32 -28.05
CA LYS A 152 -62.57 -56.44 -27.22
C LYS A 152 -62.12 -57.82 -27.29
N GLY A 153 -60.92 -57.99 -27.79
CA GLY A 153 -60.34 -59.28 -27.97
C GLY A 153 -60.15 -60.01 -26.62
N THR A 154 -60.19 -61.35 -26.64
CA THR A 154 -60.09 -62.14 -25.44
C THR A 154 -58.66 -61.97 -24.91
N ALA A 155 -58.67 -61.65 -23.58
CA ALA A 155 -57.45 -61.36 -22.71
C ALA A 155 -56.55 -62.64 -22.62
N SER A 156 -55.29 -62.52 -23.08
CA SER A 156 -54.46 -63.72 -23.07
C SER A 156 -54.06 -64.02 -21.66
N LYS A 157 -54.07 -65.33 -21.37
CA LYS A 157 -53.59 -66.01 -20.08
C LYS A 157 -51.99 -65.96 -19.89
N SER A 158 -51.27 -66.33 -20.99
CA SER A 158 -49.75 -66.07 -21.12
C SER A 158 -49.28 -64.56 -20.81
N ARG A 159 -50.12 -63.58 -21.26
CA ARG A 159 -49.75 -62.17 -21.16
C ARG A 159 -51.00 -61.31 -20.73
N PRO A 160 -51.38 -61.22 -19.40
CA PRO A 160 -52.62 -60.46 -19.10
C PRO A 160 -52.41 -58.99 -19.43
N LEU A 161 -53.48 -58.22 -19.13
CA LEU A 161 -53.51 -56.83 -19.57
C LEU A 161 -53.70 -55.90 -18.41
N SER A 162 -52.61 -55.25 -18.05
CA SER A 162 -52.75 -54.32 -16.98
C SER A 162 -53.96 -53.42 -17.36
N GLN A 163 -54.77 -53.08 -16.35
CA GLN A 163 -55.88 -52.15 -16.48
C GLN A 163 -55.35 -50.81 -16.93
N GLY A 164 -56.01 -50.28 -17.96
CA GLY A 164 -55.63 -48.99 -18.46
C GLY A 164 -55.05 -49.14 -19.85
N ASP A 165 -54.42 -50.27 -20.10
CA ASP A 165 -53.79 -50.48 -21.39
C ASP A 165 -54.81 -50.71 -22.42
N CYS A 166 -54.53 -50.39 -23.66
CA CYS A 166 -55.50 -50.66 -24.68
C CYS A 166 -55.47 -52.06 -25.19
N PRO A 167 -56.59 -52.76 -25.14
CA PRO A 167 -56.85 -54.10 -25.50
C PRO A 167 -56.69 -54.39 -26.94
N PRO A 168 -56.63 -55.65 -27.35
CA PRO A 168 -56.47 -55.87 -28.79
C PRO A 168 -57.87 -55.99 -29.39
N LEU A 169 -58.11 -55.45 -30.60
CA LEU A 169 -59.43 -55.56 -31.24
C LEU A 169 -59.58 -56.82 -32.05
N GLU A 170 -60.80 -57.30 -32.18
CA GLU A 170 -61.02 -58.53 -32.90
C GLU A 170 -62.32 -58.39 -33.72
N LEU A 171 -62.29 -58.73 -34.99
CA LEU A 171 -63.43 -58.54 -35.81
C LEU A 171 -64.39 -59.65 -35.53
N LYS A 172 -65.68 -59.44 -35.19
CA LYS A 172 -66.55 -60.56 -34.86
C LYS A 172 -67.63 -60.64 -35.84
N ASN A 173 -67.97 -61.86 -36.31
CA ASN A 173 -69.12 -62.06 -37.21
C ASN A 173 -70.32 -62.43 -36.33
N THR A 174 -71.48 -61.85 -36.64
CA THR A 174 -72.66 -62.01 -35.82
C THR A 174 -73.91 -61.91 -36.70
N VAL A 175 -74.95 -62.66 -36.34
CA VAL A 175 -76.19 -62.52 -37.14
C VAL A 175 -76.88 -61.14 -36.99
N LEU A 176 -77.25 -60.41 -38.06
CA LEU A 176 -78.02 -59.17 -37.84
C LEU A 176 -79.47 -59.36 -37.43
N GLU A 177 -79.76 -58.91 -36.23
CA GLU A 177 -81.09 -59.17 -35.69
C GLU A 177 -81.93 -57.89 -35.63
N ASP A 178 -83.26 -57.92 -35.68
CA ASP A 178 -83.99 -56.67 -35.74
C ASP A 178 -83.69 -55.88 -34.48
N GLY A 179 -83.30 -54.61 -34.57
CA GLY A 179 -82.86 -53.88 -33.38
C GLY A 179 -81.35 -53.60 -33.29
N ASP A 180 -80.50 -54.32 -34.00
CA ASP A 180 -79.10 -53.96 -33.83
C ASP A 180 -78.88 -52.58 -34.43
N MET A 181 -77.94 -51.80 -33.89
CA MET A 181 -77.58 -50.57 -34.50
C MET A 181 -76.72 -50.62 -35.71
N VAL A 182 -76.93 -49.72 -36.65
CA VAL A 182 -75.97 -49.55 -37.77
C VAL A 182 -74.85 -48.58 -37.53
N ASP A 183 -73.89 -48.59 -38.46
CA ASP A 183 -72.79 -47.65 -38.38
C ASP A 183 -73.37 -46.29 -38.41
N THR A 184 -73.24 -45.54 -37.35
CA THR A 184 -73.75 -44.19 -37.52
C THR A 184 -72.72 -43.13 -37.89
N GLY A 185 -71.48 -43.56 -37.94
CA GLY A 185 -70.41 -42.72 -38.39
C GLY A 185 -69.20 -42.69 -37.48
N TYR A 186 -69.29 -43.47 -36.39
CA TYR A 186 -68.21 -43.46 -35.49
C TYR A 186 -67.71 -44.92 -35.60
N GLY A 187 -67.95 -45.61 -36.75
CA GLY A 187 -67.36 -46.96 -37.06
C GLY A 187 -68.18 -48.10 -36.49
N ALA A 188 -67.95 -49.30 -36.99
CA ALA A 188 -68.73 -50.43 -36.51
C ALA A 188 -68.01 -51.17 -35.33
N MET A 189 -68.31 -50.86 -34.06
CA MET A 189 -67.63 -51.53 -32.95
C MET A 189 -68.58 -51.79 -31.80
N ASP A 190 -68.15 -52.48 -30.73
CA ASP A 190 -68.97 -52.58 -29.50
C ASP A 190 -68.57 -51.49 -28.48
N PHE A 191 -69.25 -50.35 -28.53
CA PHE A 191 -68.98 -49.16 -27.72
C PHE A 191 -69.14 -49.40 -26.24
N SER A 192 -69.92 -50.43 -25.86
CA SER A 192 -70.19 -50.77 -24.46
C SER A 192 -68.96 -51.34 -23.85
N THR A 193 -68.22 -52.12 -24.64
CA THR A 193 -67.02 -52.77 -24.12
C THR A 193 -65.68 -52.11 -24.50
N LEU A 194 -65.73 -51.19 -25.45
CA LEU A 194 -64.50 -50.59 -25.81
C LEU A 194 -64.34 -49.19 -25.27
N GLN A 195 -65.43 -48.50 -24.91
CA GLN A 195 -65.32 -47.15 -24.34
C GLN A 195 -65.88 -47.20 -22.93
N ASP A 196 -64.99 -47.19 -21.96
CA ASP A 196 -65.30 -47.15 -20.55
C ASP A 196 -66.08 -45.94 -20.10
N THR A 197 -66.01 -44.84 -20.84
CA THR A 197 -66.49 -43.59 -20.41
C THR A 197 -67.99 -43.59 -20.50
N LYS A 198 -68.52 -44.04 -21.64
CA LYS A 198 -70.00 -44.08 -21.81
C LYS A 198 -70.42 -42.66 -22.24
N CYS A 199 -69.45 -41.86 -22.72
CA CYS A 199 -69.65 -40.48 -23.05
C CYS A 199 -68.90 -40.13 -24.29
N GLU A 200 -68.43 -41.12 -25.09
CA GLU A 200 -67.75 -40.89 -26.38
C GLU A 200 -68.63 -40.70 -27.63
N VAL A 201 -69.91 -41.08 -27.57
CA VAL A 201 -70.81 -41.12 -28.70
C VAL A 201 -72.21 -40.97 -28.16
N PRO A 202 -73.19 -40.63 -29.02
CA PRO A 202 -74.55 -40.32 -28.62
C PRO A 202 -75.20 -41.43 -27.83
N LEU A 203 -76.11 -41.02 -26.94
CA LEU A 203 -76.94 -41.92 -26.17
C LEU A 203 -77.37 -43.13 -26.84
N ASP A 204 -77.81 -43.10 -28.08
CA ASP A 204 -78.29 -44.34 -28.69
C ASP A 204 -77.39 -45.39 -29.17
N ILE A 205 -76.11 -45.14 -29.24
CA ILE A 205 -75.25 -46.24 -29.55
C ILE A 205 -74.29 -46.34 -28.45
N CYS A 206 -74.30 -45.33 -27.60
CA CYS A 206 -73.44 -45.26 -26.39
C CYS A 206 -73.10 -46.58 -25.69
N GLN A 207 -74.11 -47.41 -25.53
CA GLN A 207 -73.92 -48.72 -24.89
C GLN A 207 -74.40 -49.79 -25.79
N SER A 208 -74.07 -49.70 -27.06
CA SER A 208 -74.57 -50.68 -27.98
C SER A 208 -73.53 -51.17 -28.97
N ILE A 209 -73.96 -51.95 -29.93
CA ILE A 209 -72.98 -52.43 -30.84
C ILE A 209 -73.39 -52.01 -32.22
N CYS A 210 -72.53 -51.30 -32.92
CA CYS A 210 -72.83 -50.90 -34.28
C CYS A 210 -72.26 -51.97 -35.23
N LYS A 211 -73.11 -52.70 -35.93
CA LYS A 211 -72.62 -53.69 -36.91
C LYS A 211 -72.78 -53.14 -38.31
N TYR A 212 -72.02 -53.68 -39.23
CA TYR A 212 -72.17 -53.32 -40.63
C TYR A 212 -72.20 -54.59 -41.35
N PRO A 213 -73.03 -54.77 -42.32
CA PRO A 213 -73.20 -56.00 -43.06
C PRO A 213 -71.90 -56.45 -43.62
N ASP A 214 -71.56 -57.73 -43.54
CA ASP A 214 -70.29 -58.21 -44.02
C ASP A 214 -70.49 -58.74 -45.42
N TYR A 215 -70.50 -57.78 -46.31
CA TYR A 215 -70.76 -58.04 -47.67
C TYR A 215 -69.76 -58.97 -48.24
N LEU A 216 -68.50 -58.83 -47.81
CA LEU A 216 -67.42 -59.68 -48.34
C LEU A 216 -67.73 -61.13 -48.03
N GLN A 217 -68.07 -61.44 -46.75
CA GLN A 217 -68.22 -62.76 -46.25
C GLN A 217 -69.40 -63.35 -46.89
N MET A 218 -70.41 -62.55 -47.14
CA MET A 218 -71.64 -63.15 -47.63
C MET A 218 -71.57 -63.54 -49.07
N SER A 219 -70.76 -62.83 -49.81
CA SER A 219 -70.57 -63.09 -51.22
C SER A 219 -69.84 -64.40 -51.34
N ALA A 220 -68.95 -64.67 -50.35
CA ALA A 220 -68.04 -65.76 -50.42
C ALA A 220 -68.73 -66.98 -50.01
N ASP A 221 -69.69 -66.89 -49.10
CA ASP A 221 -70.56 -67.98 -48.76
C ASP A 221 -70.88 -68.85 -49.97
N PRO A 222 -70.62 -70.17 -49.84
CA PRO A 222 -70.68 -71.15 -50.89
C PRO A 222 -72.07 -71.36 -51.40
N TYR A 223 -73.05 -71.65 -50.52
CA TYR A 223 -74.45 -71.82 -51.00
C TYR A 223 -75.18 -70.52 -51.46
N GLY A 224 -74.88 -69.44 -50.78
CA GLY A 224 -75.47 -68.16 -51.07
C GLY A 224 -76.83 -67.99 -50.54
N ASP A 225 -77.12 -68.55 -49.37
CA ASP A 225 -78.45 -68.39 -48.79
C ASP A 225 -78.56 -67.12 -47.96
N SER A 226 -77.42 -66.49 -47.75
CA SER A 226 -77.38 -65.36 -46.83
C SER A 226 -77.88 -64.18 -47.55
N MET A 227 -77.44 -63.97 -48.77
CA MET A 227 -78.04 -62.91 -49.51
C MET A 227 -78.10 -63.10 -51.01
N PHE A 228 -79.27 -62.97 -51.60
CA PHE A 228 -79.32 -63.15 -53.00
C PHE A 228 -79.87 -61.96 -53.63
N PHE A 229 -79.70 -60.84 -52.95
CA PHE A 229 -80.12 -59.49 -53.46
C PHE A 229 -79.55 -58.53 -52.42
N CYS A 230 -78.95 -57.46 -52.90
CA CYS A 230 -78.27 -56.54 -51.98
C CYS A 230 -78.40 -55.14 -52.52
N LEU A 231 -78.84 -54.18 -51.71
CA LEU A 231 -78.87 -52.80 -52.24
C LEU A 231 -78.35 -51.89 -51.16
N ARG A 232 -77.40 -51.01 -51.51
CA ARG A 232 -76.81 -50.16 -50.48
C ARG A 232 -76.53 -48.80 -51.05
N ARG A 233 -76.66 -47.77 -50.20
CA ARG A 233 -76.26 -46.47 -50.54
C ARG A 233 -76.01 -45.73 -49.26
N GLU A 234 -74.77 -45.37 -48.96
CA GLU A 234 -74.46 -44.56 -47.77
C GLU A 234 -73.74 -43.33 -48.21
N GLN A 235 -73.66 -42.32 -47.33
CA GLN A 235 -73.07 -41.04 -47.67
C GLN A 235 -72.87 -40.21 -46.39
N LEU A 236 -71.72 -39.60 -46.17
CA LEU A 236 -71.60 -38.74 -44.99
C LEU A 236 -70.41 -37.83 -45.10
N PHE A 237 -70.24 -36.95 -44.14
CA PHE A 237 -69.16 -36.06 -44.19
C PHE A 237 -68.81 -35.53 -42.83
N ALA A 238 -67.61 -35.05 -42.59
CA ALA A 238 -67.29 -34.53 -41.27
C ALA A 238 -67.76 -33.07 -40.98
N ARG A 239 -68.76 -32.90 -40.15
CA ARG A 239 -69.30 -31.60 -39.78
C ARG A 239 -68.38 -30.82 -38.84
N HIS A 240 -68.05 -31.36 -37.67
CA HIS A 240 -67.11 -30.68 -36.78
C HIS A 240 -65.93 -31.52 -36.29
N PHE A 241 -64.76 -30.92 -35.97
CA PHE A 241 -63.62 -31.66 -35.50
C PHE A 241 -63.33 -31.56 -34.03
N TRP A 242 -63.16 -32.63 -33.30
CA TRP A 242 -62.93 -32.43 -31.89
C TRP A 242 -61.82 -33.31 -31.25
N ASN A 243 -61.32 -32.90 -30.06
CA ASN A 243 -60.40 -33.61 -29.26
C ASN A 243 -61.07 -34.58 -28.36
N ARG A 244 -60.40 -35.53 -27.75
CA ARG A 244 -61.11 -36.34 -26.70
C ARG A 244 -60.43 -36.07 -25.37
N ALA A 245 -61.13 -35.78 -24.30
CA ALA A 245 -60.48 -35.52 -23.08
C ALA A 245 -60.02 -36.81 -22.44
N GLY A 246 -58.93 -36.75 -21.64
CA GLY A 246 -58.36 -37.95 -20.97
C GLY A 246 -56.86 -37.94 -21.14
N THR A 247 -56.15 -38.84 -20.44
CA THR A 247 -54.68 -38.96 -20.71
C THR A 247 -54.39 -39.86 -21.94
N MET A 248 -53.40 -39.48 -22.74
CA MET A 248 -53.13 -40.25 -23.95
C MET A 248 -52.54 -41.60 -23.74
N GLY A 249 -53.14 -42.61 -24.32
CA GLY A 249 -52.65 -43.96 -24.10
C GLY A 249 -51.29 -44.19 -24.68
N ASP A 250 -51.19 -44.02 -26.01
CA ASP A 250 -49.93 -44.14 -26.72
C ASP A 250 -49.27 -42.74 -26.72
N THR A 251 -48.01 -42.67 -26.31
CA THR A 251 -47.35 -41.36 -26.09
C THR A 251 -46.84 -40.86 -27.42
N VAL A 252 -47.05 -39.57 -27.70
CA VAL A 252 -46.61 -39.00 -28.99
C VAL A 252 -45.11 -38.87 -29.12
N PRO A 253 -44.54 -39.57 -30.09
CA PRO A 253 -43.21 -39.66 -30.42
C PRO A 253 -42.47 -38.30 -30.42
N GLN A 254 -41.26 -38.26 -29.86
CA GLN A 254 -40.61 -36.96 -29.65
C GLN A 254 -40.11 -36.44 -30.95
N SER A 255 -39.93 -37.35 -31.90
CA SER A 255 -39.38 -36.93 -33.16
C SER A 255 -40.42 -36.36 -34.09
N LEU A 256 -41.61 -36.12 -33.55
CA LEU A 256 -42.64 -35.61 -34.40
C LEU A 256 -43.00 -34.21 -34.12
N TYR A 257 -42.29 -33.62 -33.16
CA TYR A 257 -42.44 -32.21 -32.91
C TYR A 257 -41.23 -31.57 -32.18
N ILE A 258 -41.40 -30.30 -31.85
CA ILE A 258 -40.44 -29.56 -31.10
C ILE A 258 -41.06 -28.98 -29.88
N LYS A 259 -40.47 -29.22 -28.73
CA LYS A 259 -41.03 -28.75 -27.49
C LYS A 259 -41.22 -27.23 -27.37
N GLY A 260 -42.19 -26.82 -26.56
CA GLY A 260 -42.24 -25.44 -26.31
C GLY A 260 -41.99 -25.27 -24.83
N THR A 261 -42.49 -24.16 -24.30
CA THR A 261 -42.39 -23.85 -22.89
C THR A 261 -43.78 -23.77 -22.31
N GLY A 262 -43.95 -24.31 -21.11
CA GLY A 262 -45.22 -24.17 -20.42
C GLY A 262 -46.23 -25.15 -20.92
N MET A 263 -47.49 -24.75 -21.05
CA MET A 263 -48.50 -25.73 -21.48
C MET A 263 -48.16 -26.26 -22.93
N ARG A 264 -47.26 -25.56 -23.64
CA ARG A 264 -46.89 -25.94 -24.98
C ARG A 264 -45.63 -26.76 -24.93
N ALA A 265 -45.18 -27.11 -23.75
CA ALA A 265 -43.96 -27.92 -23.57
C ALA A 265 -44.19 -29.42 -23.72
N SER A 266 -45.43 -29.81 -23.43
CA SER A 266 -45.92 -31.19 -23.66
C SER A 266 -47.24 -31.22 -24.55
N PRO A 267 -47.33 -32.10 -25.53
CA PRO A 267 -48.51 -32.25 -26.39
C PRO A 267 -49.84 -32.59 -25.71
N GLY A 268 -50.90 -31.88 -26.15
CA GLY A 268 -52.28 -31.98 -25.70
C GLY A 268 -52.96 -33.28 -26.21
N SER A 269 -54.31 -33.36 -26.23
CA SER A 269 -55.00 -34.52 -26.75
C SER A 269 -54.79 -34.64 -28.21
N CYS A 270 -54.28 -35.80 -28.56
CA CYS A 270 -53.98 -36.18 -29.92
C CYS A 270 -54.94 -37.26 -30.45
N VAL A 271 -56.14 -37.45 -29.87
CA VAL A 271 -57.01 -38.48 -30.34
C VAL A 271 -58.12 -37.63 -30.90
N TYR A 272 -58.26 -37.57 -32.21
CA TYR A 272 -59.29 -36.69 -32.87
C TYR A 272 -60.47 -37.54 -33.37
N SER A 273 -61.70 -37.00 -33.40
CA SER A 273 -62.81 -37.67 -34.00
C SER A 273 -63.85 -36.58 -34.34
N PRO A 274 -64.29 -36.57 -35.60
CA PRO A 274 -65.19 -35.57 -36.09
C PRO A 274 -66.61 -36.06 -35.90
N SER A 275 -67.55 -35.14 -35.67
CA SER A 275 -68.95 -35.51 -35.61
C SER A 275 -69.34 -35.78 -37.02
N PRO A 276 -70.00 -36.92 -37.31
CA PRO A 276 -70.41 -37.17 -38.68
C PRO A 276 -71.70 -36.45 -39.02
N SER A 277 -72.27 -36.74 -40.18
CA SER A 277 -73.44 -36.03 -40.73
C SER A 277 -73.57 -36.37 -42.19
N GLY A 278 -74.72 -36.89 -42.55
CA GLY A 278 -75.06 -37.22 -43.93
C GLY A 278 -75.71 -35.91 -44.35
N SER A 279 -75.62 -35.52 -45.62
CA SER A 279 -75.75 -34.11 -45.87
C SER A 279 -77.28 -34.04 -46.21
N ILE A 280 -77.67 -33.59 -47.41
CA ILE A 280 -79.05 -33.54 -47.85
C ILE A 280 -79.63 -34.91 -48.07
N VAL A 281 -80.88 -35.01 -47.73
CA VAL A 281 -81.57 -36.26 -47.92
C VAL A 281 -82.61 -35.83 -48.90
N THR A 282 -82.63 -36.49 -50.05
CA THR A 282 -83.51 -36.11 -51.17
C THR A 282 -84.25 -37.34 -51.74
N SER A 283 -85.45 -37.16 -52.22
CA SER A 283 -86.12 -38.27 -52.82
C SER A 283 -85.40 -38.83 -54.08
N ASP A 284 -84.33 -38.18 -54.52
CA ASP A 284 -83.79 -38.52 -55.86
C ASP A 284 -83.02 -39.78 -55.74
N SER A 285 -82.42 -40.00 -54.58
CA SER A 285 -81.51 -41.13 -54.34
C SER A 285 -82.24 -42.11 -53.35
N GLN A 286 -83.56 -42.16 -53.38
CA GLN A 286 -84.28 -43.08 -52.52
C GLN A 286 -84.17 -44.40 -53.12
N LEU A 287 -84.05 -45.29 -52.23
CA LEU A 287 -83.80 -46.61 -52.62
C LEU A 287 -85.04 -47.50 -52.58
N PHE A 288 -86.02 -47.18 -51.73
CA PHE A 288 -87.21 -48.00 -51.53
C PHE A 288 -88.43 -47.52 -52.24
N ASN A 289 -89.58 -48.12 -51.98
CA ASN A 289 -90.82 -47.69 -52.61
C ASN A 289 -90.69 -47.88 -54.08
N LYS A 290 -89.90 -48.84 -54.54
CA LYS A 290 -89.75 -49.10 -55.95
C LYS A 290 -89.68 -50.59 -56.02
N PRO A 291 -90.26 -51.17 -57.05
CA PRO A 291 -90.28 -52.60 -57.08
C PRO A 291 -89.00 -53.02 -57.74
N TYR A 292 -88.22 -53.98 -57.23
CA TYR A 292 -87.06 -54.51 -58.01
C TYR A 292 -87.28 -55.97 -58.22
N TRP A 293 -87.05 -56.48 -59.45
CA TRP A 293 -87.28 -57.90 -59.78
C TRP A 293 -86.01 -58.69 -59.79
N LEU A 294 -85.90 -59.77 -59.01
CA LEU A 294 -84.64 -60.50 -59.05
C LEU A 294 -84.74 -61.63 -60.04
N HIS A 295 -83.93 -61.53 -61.10
CA HIS A 295 -84.06 -62.41 -62.28
C HIS A 295 -82.87 -63.42 -62.04
N LYS A 296 -81.69 -62.97 -61.66
CA LYS A 296 -80.67 -63.98 -61.45
C LYS A 296 -79.80 -63.54 -60.37
N ALA A 297 -79.86 -64.28 -59.28
CA ALA A 297 -79.15 -63.99 -58.01
C ALA A 297 -77.69 -63.97 -58.26
N GLN A 298 -76.97 -63.39 -57.31
CA GLN A 298 -75.57 -63.33 -57.40
C GLN A 298 -74.95 -64.68 -57.01
N GLY A 299 -75.45 -65.33 -55.93
CA GLY A 299 -74.85 -66.62 -55.48
C GLY A 299 -75.46 -67.86 -56.15
N HIS A 300 -75.29 -69.07 -55.56
CA HIS A 300 -75.88 -70.22 -56.26
C HIS A 300 -77.33 -70.41 -55.92
N ASN A 301 -77.74 -69.99 -54.75
CA ASN A 301 -79.19 -69.93 -54.53
C ASN A 301 -79.82 -68.72 -55.24
N ASN A 302 -80.74 -69.02 -56.16
CA ASN A 302 -81.39 -68.04 -56.99
C ASN A 302 -82.75 -67.66 -56.41
N GLY A 303 -82.71 -67.24 -55.16
CA GLY A 303 -83.91 -66.78 -54.53
C GLY A 303 -84.91 -67.82 -54.15
N VAL A 304 -84.42 -69.04 -54.03
CA VAL A 304 -85.14 -70.13 -53.48
C VAL A 304 -85.28 -69.91 -51.94
N CYS A 305 -86.53 -69.89 -51.46
CA CYS A 305 -86.74 -69.76 -50.01
C CYS A 305 -86.98 -71.12 -49.35
N TRP A 306 -85.87 -71.75 -49.06
CA TRP A 306 -85.86 -73.01 -48.34
C TRP A 306 -86.54 -72.81 -47.00
N HIS A 307 -87.31 -73.80 -46.59
CA HIS A 307 -88.17 -73.73 -45.35
C HIS A 307 -89.29 -72.74 -45.41
N ASN A 308 -89.54 -72.21 -46.59
CA ASN A 308 -90.68 -71.37 -46.79
C ASN A 308 -90.52 -70.18 -45.84
N GLN A 309 -89.29 -69.70 -45.77
CA GLN A 309 -88.88 -68.58 -44.97
C GLN A 309 -88.24 -67.53 -45.94
N LEU A 310 -87.96 -66.37 -45.38
CA LEU A 310 -87.29 -65.36 -46.15
C LEU A 310 -86.96 -64.19 -45.22
N PHE A 311 -85.73 -63.77 -45.23
CA PHE A 311 -85.43 -62.72 -44.28
C PHE A 311 -85.24 -61.39 -45.05
N VAL A 312 -85.79 -60.31 -44.53
CA VAL A 312 -85.66 -59.06 -45.26
C VAL A 312 -84.93 -58.17 -44.27
N THR A 313 -83.65 -57.93 -44.56
CA THR A 313 -82.91 -56.97 -43.71
C THR A 313 -82.93 -55.58 -44.24
N VAL A 314 -83.23 -54.61 -43.43
CA VAL A 314 -83.29 -53.28 -43.95
C VAL A 314 -82.85 -52.15 -43.04
N VAL A 315 -82.17 -51.16 -43.64
CA VAL A 315 -81.75 -49.97 -42.88
C VAL A 315 -82.18 -48.78 -43.68
N ASP A 316 -82.78 -47.75 -43.06
CA ASP A 316 -83.13 -46.63 -43.90
C ASP A 316 -83.19 -45.39 -43.04
N THR A 317 -82.16 -44.57 -43.13
CA THR A 317 -82.14 -43.42 -42.20
C THR A 317 -82.74 -42.15 -42.81
N THR A 318 -83.17 -42.33 -44.07
CA THR A 318 -83.67 -41.18 -44.85
C THR A 318 -84.94 -40.62 -44.20
N ARG A 319 -85.52 -41.31 -43.21
CA ARG A 319 -86.75 -40.78 -42.62
C ARG A 319 -86.52 -41.00 -41.18
N SER A 320 -85.85 -40.05 -40.57
CA SER A 320 -85.64 -40.09 -39.20
C SER A 320 -86.13 -38.90 -38.44
N THR A 321 -87.13 -38.20 -38.88
CA THR A 321 -87.64 -37.08 -38.04
C THR A 321 -88.09 -37.55 -36.66
N ASN A 322 -87.63 -37.00 -35.55
CA ASN A 322 -88.19 -37.43 -34.25
C ASN A 322 -89.26 -36.50 -33.69
N LEU A 323 -90.47 -36.97 -33.50
CA LEU A 323 -91.49 -36.10 -33.03
C LEU A 323 -91.21 -35.64 -31.58
N THR A 324 -91.48 -34.39 -31.28
CA THR A 324 -91.23 -33.83 -29.97
C THR A 324 -92.61 -33.69 -29.48
N ILE A 325 -92.78 -34.16 -28.25
CA ILE A 325 -94.07 -34.13 -27.60
C ILE A 325 -93.91 -33.65 -26.21
N CYS A 326 -94.65 -32.58 -25.95
CA CYS A 326 -94.64 -31.96 -24.61
C CYS A 326 -96.07 -31.72 -24.01
N ALA A 327 -96.21 -32.11 -22.73
CA ALA A 327 -97.45 -32.06 -22.03
C ALA A 327 -97.12 -31.23 -20.80
N SER A 328 -98.11 -30.52 -20.31
CA SER A 328 -97.88 -29.63 -19.21
C SER A 328 -98.17 -30.34 -17.93
N THR A 329 -97.73 -29.71 -16.85
CA THR A 329 -97.94 -30.27 -15.50
C THR A 329 -99.26 -29.86 -14.91
N GLN A 330 -99.71 -28.61 -15.18
CA GLN A 330 -100.97 -28.05 -14.76
C GLN A 330 -102.06 -28.44 -15.76
N SER A 331 -103.30 -28.46 -15.26
CA SER A 331 -104.41 -28.97 -16.08
C SER A 331 -104.97 -27.88 -17.04
N PRO A 332 -105.23 -26.65 -16.49
CA PRO A 332 -105.73 -25.53 -17.35
C PRO A 332 -104.67 -25.04 -18.32
N VAL A 333 -103.35 -25.27 -18.09
CA VAL A 333 -102.30 -24.83 -19.05
C VAL A 333 -102.20 -23.29 -19.03
N PRO A 334 -101.69 -22.75 -17.90
CA PRO A 334 -101.67 -21.29 -17.57
C PRO A 334 -101.13 -20.45 -18.68
N GLY A 335 -101.58 -19.19 -18.70
CA GLY A 335 -101.29 -18.31 -19.82
C GLY A 335 -99.93 -17.75 -19.53
N GLN A 336 -99.27 -18.23 -18.47
CA GLN A 336 -97.93 -17.80 -18.10
C GLN A 336 -96.90 -18.92 -18.39
N TYR A 337 -95.91 -18.63 -19.24
CA TYR A 337 -95.00 -19.68 -19.64
C TYR A 337 -93.95 -19.88 -18.57
N ASP A 338 -93.76 -21.13 -18.24
CA ASP A 338 -92.77 -21.50 -17.26
C ASP A 338 -92.23 -22.90 -17.68
N ALA A 339 -91.02 -22.93 -18.21
CA ALA A 339 -90.37 -24.16 -18.68
C ALA A 339 -90.68 -25.41 -17.87
N THR A 340 -90.45 -25.29 -16.57
CA THR A 340 -90.51 -26.45 -15.61
C THR A 340 -91.86 -27.16 -15.55
N LYS A 341 -92.87 -26.37 -15.85
CA LYS A 341 -94.19 -26.78 -15.86
C LYS A 341 -94.55 -27.56 -17.11
N PHE A 342 -93.58 -27.90 -17.99
CA PHE A 342 -93.92 -28.79 -19.14
C PHE A 342 -92.96 -29.99 -19.24
N LYS A 343 -93.46 -31.13 -19.67
CA LYS A 343 -92.62 -32.30 -19.73
C LYS A 343 -92.34 -32.59 -21.20
N GLN A 344 -91.09 -32.73 -21.53
CA GLN A 344 -90.72 -32.93 -22.89
C GLN A 344 -90.47 -34.42 -23.21
N TYR A 345 -91.13 -34.94 -24.21
CA TYR A 345 -90.79 -36.30 -24.60
C TYR A 345 -90.24 -36.41 -26.04
N SER A 346 -89.51 -37.47 -26.39
CA SER A 346 -89.14 -37.65 -27.76
C SER A 346 -89.60 -39.00 -28.31
N ARG A 347 -90.35 -38.97 -29.39
CA ARG A 347 -90.76 -40.24 -29.98
C ARG A 347 -90.39 -40.47 -31.44
N HIS A 348 -90.06 -41.72 -31.81
CA HIS A 348 -89.88 -41.98 -33.27
C HIS A 348 -90.83 -43.03 -33.87
N VAL A 349 -91.07 -42.89 -35.12
CA VAL A 349 -92.05 -43.79 -35.67
C VAL A 349 -91.44 -44.49 -36.88
N GLU A 350 -91.99 -45.61 -37.34
CA GLU A 350 -91.38 -46.29 -38.49
C GLU A 350 -92.51 -47.09 -39.14
N GLU A 351 -92.71 -46.97 -40.44
CA GLU A 351 -93.78 -47.67 -41.09
C GLU A 351 -93.35 -48.39 -42.33
N TYR A 352 -93.50 -49.67 -42.33
CA TYR A 352 -93.05 -50.45 -43.50
C TYR A 352 -94.26 -51.13 -44.12
N ASP A 353 -94.10 -51.77 -45.25
CA ASP A 353 -95.08 -52.54 -45.89
C ASP A 353 -94.31 -53.45 -46.83
N LEU A 354 -94.37 -54.75 -46.67
CA LEU A 354 -93.58 -55.60 -47.56
C LEU A 354 -94.49 -56.19 -48.61
N GLN A 355 -94.08 -56.26 -49.86
CA GLN A 355 -94.82 -56.97 -50.92
C GLN A 355 -93.90 -57.84 -51.73
N PHE A 356 -94.38 -58.98 -52.20
CA PHE A 356 -93.52 -59.89 -52.94
C PHE A 356 -94.23 -60.53 -54.08
N ILE A 357 -93.52 -61.20 -54.95
CA ILE A 357 -94.20 -61.97 -56.00
C ILE A 357 -93.37 -63.23 -55.91
N PHE A 358 -94.03 -64.35 -55.64
CA PHE A 358 -93.35 -65.58 -55.50
C PHE A 358 -93.74 -66.51 -56.59
N GLN A 359 -92.77 -67.29 -57.03
CA GLN A 359 -92.99 -68.25 -58.12
C GLN A 359 -92.95 -69.66 -57.51
N LEU A 360 -93.99 -70.42 -57.79
CA LEU A 360 -94.05 -71.80 -57.39
C LEU A 360 -93.07 -72.67 -58.08
N CYS A 361 -92.38 -73.54 -57.33
CA CYS A 361 -91.32 -74.33 -57.93
C CYS A 361 -91.33 -75.75 -57.50
N THR A 362 -90.81 -76.61 -58.42
CA THR A 362 -90.72 -78.10 -58.20
C THR A 362 -89.31 -78.60 -58.14
N ILE A 363 -89.12 -79.47 -57.19
CA ILE A 363 -87.86 -80.26 -57.09
C ILE A 363 -88.11 -81.74 -57.27
N THR A 364 -87.52 -82.35 -58.30
CA THR A 364 -87.69 -83.77 -58.48
C THR A 364 -86.69 -84.45 -57.65
N LEU A 365 -87.14 -85.16 -56.64
CA LEU A 365 -86.19 -85.74 -55.73
C LEU A 365 -85.57 -87.00 -56.31
N THR A 366 -84.25 -86.97 -56.57
CA THR A 366 -83.53 -88.14 -57.08
C THR A 366 -82.44 -88.47 -56.09
N ALA A 367 -81.82 -89.58 -56.33
CA ALA A 367 -80.78 -90.00 -55.46
C ALA A 367 -79.83 -88.92 -55.20
N ASP A 368 -79.13 -88.44 -56.24
CA ASP A 368 -78.02 -87.43 -56.00
C ASP A 368 -78.69 -86.16 -55.52
N VAL A 369 -79.88 -85.86 -56.03
CA VAL A 369 -80.46 -84.59 -55.64
C VAL A 369 -80.61 -84.59 -54.17
N MET A 370 -81.13 -85.68 -53.62
CA MET A 370 -81.34 -85.66 -52.19
C MET A 370 -80.00 -85.71 -51.47
N SER A 371 -79.03 -86.43 -51.99
CA SER A 371 -77.78 -86.55 -51.21
C SER A 371 -77.14 -85.19 -51.23
N TYR A 372 -77.43 -84.40 -52.27
CA TYR A 372 -76.95 -83.03 -52.37
C TYR A 372 -77.58 -82.07 -51.36
N ILE A 373 -78.93 -82.17 -51.30
CA ILE A 373 -79.72 -81.28 -50.44
C ILE A 373 -79.36 -81.65 -49.08
N GLN A 374 -78.91 -82.92 -48.99
CA GLN A 374 -78.59 -83.58 -47.74
C GLN A 374 -77.39 -82.88 -47.15
N SER A 375 -76.32 -82.93 -47.96
CA SER A 375 -75.08 -82.28 -47.60
C SER A 375 -75.35 -80.76 -47.39
N MET A 376 -76.15 -80.15 -48.28
CA MET A 376 -76.33 -78.69 -48.17
C MET A 376 -76.91 -78.32 -46.83
N ASN A 377 -78.03 -78.96 -46.49
CA ASN A 377 -78.76 -78.61 -45.28
C ASN A 377 -79.83 -79.67 -45.05
N SER A 378 -79.52 -80.61 -44.15
CA SER A 378 -80.39 -81.81 -43.96
C SER A 378 -81.88 -81.43 -43.59
N SER A 379 -81.99 -80.37 -42.80
CA SER A 379 -83.29 -80.02 -42.27
C SER A 379 -84.36 -79.78 -43.36
N ILE A 380 -83.91 -79.49 -44.56
CA ILE A 380 -84.76 -79.19 -45.69
C ILE A 380 -85.50 -80.43 -46.11
N LEU A 381 -84.82 -81.58 -46.11
CA LEU A 381 -85.46 -82.86 -46.46
C LEU A 381 -86.36 -83.35 -45.35
N GLU A 382 -86.00 -82.86 -44.14
CA GLU A 382 -86.66 -83.22 -42.89
C GLU A 382 -88.14 -82.85 -42.84
N ASP A 383 -88.36 -81.53 -43.01
CA ASP A 383 -89.69 -80.95 -43.19
C ASP A 383 -90.49 -81.52 -44.32
N TRP A 384 -89.88 -82.05 -45.36
CA TRP A 384 -90.72 -82.76 -46.33
C TRP A 384 -91.06 -84.23 -45.87
N ASN A 385 -90.45 -84.63 -44.72
CA ASN A 385 -90.66 -85.97 -44.10
C ASN A 385 -90.08 -87.22 -44.94
N ASN A 391 -90.85 -79.03 -34.07
CA ASN A 391 -89.37 -79.10 -34.26
C ASN A 391 -88.67 -77.92 -33.56
N LYS A 392 -87.32 -77.99 -33.51
CA LYS A 392 -86.43 -76.89 -32.94
C LYS A 392 -85.83 -76.05 -34.09
N ASP A 393 -86.14 -74.74 -34.06
CA ASP A 393 -85.63 -73.86 -35.10
C ASP A 393 -84.29 -73.25 -34.71
N PRO A 394 -83.29 -73.32 -35.60
CA PRO A 394 -81.94 -72.75 -35.33
C PRO A 394 -81.87 -71.27 -35.01
N TYR A 395 -82.99 -70.56 -35.21
CA TYR A 395 -83.03 -69.11 -35.03
C TYR A 395 -83.94 -68.69 -33.89
N ASP A 396 -84.36 -69.61 -33.09
CA ASP A 396 -85.24 -69.21 -32.00
C ASP A 396 -84.55 -68.40 -30.94
N LYS A 397 -83.22 -68.33 -30.95
CA LYS A 397 -82.65 -67.45 -29.94
C LYS A 397 -82.56 -65.95 -30.31
N LEU A 398 -82.54 -65.69 -31.61
CA LEU A 398 -82.41 -64.31 -32.19
C LEU A 398 -83.73 -63.51 -32.30
N LYS A 399 -83.64 -62.18 -32.22
CA LYS A 399 -84.85 -61.33 -32.38
C LYS A 399 -85.11 -61.01 -33.81
N PHE A 400 -86.32 -61.20 -34.28
CA PHE A 400 -86.69 -60.77 -35.60
C PHE A 400 -88.07 -60.19 -35.55
N TRP A 401 -88.47 -59.45 -36.56
CA TRP A 401 -89.84 -58.89 -36.59
C TRP A 401 -90.53 -59.94 -37.36
N ASN A 402 -91.45 -60.67 -36.77
CA ASN A 402 -92.06 -61.74 -37.57
C ASN A 402 -93.24 -61.30 -38.40
N VAL A 403 -93.26 -61.64 -39.68
CA VAL A 403 -94.36 -61.23 -40.50
C VAL A 403 -94.94 -62.51 -41.04
N ASP A 404 -96.17 -62.91 -40.68
CA ASP A 404 -96.67 -64.19 -41.12
C ASP A 404 -97.49 -63.95 -42.33
N LEU A 405 -97.16 -64.59 -43.47
CA LEU A 405 -97.85 -64.36 -44.77
C LEU A 405 -98.69 -65.55 -45.23
N LYS A 406 -98.94 -66.51 -44.31
CA LYS A 406 -99.36 -67.86 -44.70
C LYS A 406 -100.77 -67.69 -45.10
N GLU A 407 -101.43 -66.67 -44.52
CA GLU A 407 -102.79 -66.43 -44.96
C GLU A 407 -102.88 -65.27 -45.90
N LYS A 408 -101.84 -65.05 -46.73
CA LYS A 408 -101.83 -63.86 -47.60
C LYS A 408 -101.41 -64.05 -49.03
N PHE A 409 -101.09 -65.29 -49.39
CA PHE A 409 -100.82 -65.49 -50.85
C PHE A 409 -102.06 -65.42 -51.77
N SER A 410 -101.91 -64.88 -53.00
CA SER A 410 -103.06 -64.73 -53.87
C SER A 410 -102.68 -64.98 -55.32
N LEU A 411 -103.62 -65.37 -56.16
CA LEU A 411 -103.22 -65.72 -57.47
C LEU A 411 -103.46 -64.72 -58.45
N ASP A 412 -104.36 -63.81 -58.11
CA ASP A 412 -104.70 -62.68 -59.07
C ASP A 412 -103.86 -61.49 -58.75
N LEU A 413 -102.73 -61.51 -59.46
CA LEU A 413 -101.73 -60.50 -59.26
C LEU A 413 -102.39 -59.16 -59.64
N ASP A 414 -103.21 -59.20 -60.68
CA ASP A 414 -103.91 -58.05 -61.16
C ASP A 414 -104.59 -57.26 -60.04
N GLN A 415 -104.85 -57.91 -58.92
CA GLN A 415 -105.43 -57.23 -57.77
C GLN A 415 -104.53 -56.45 -56.85
N TYR A 416 -103.25 -56.53 -57.07
CA TYR A 416 -102.34 -55.84 -56.19
C TYR A 416 -101.28 -55.00 -56.92
N PRO A 417 -100.83 -53.85 -56.30
CA PRO A 417 -99.87 -52.90 -56.91
C PRO A 417 -98.67 -53.62 -57.47
N LEU A 418 -97.80 -54.18 -56.63
CA LEU A 418 -96.62 -54.87 -57.20
C LEU A 418 -97.05 -55.91 -58.24
N GLY A 419 -98.12 -56.63 -57.89
CA GLY A 419 -98.74 -57.54 -58.89
C GLY A 419 -98.92 -56.93 -60.27
N ARG A 420 -99.63 -55.79 -60.35
CA ARG A 420 -99.94 -55.29 -61.71
C ARG A 420 -98.60 -54.87 -62.35
N LYS A 421 -97.71 -54.31 -61.53
CA LYS A 421 -96.37 -53.93 -62.00
C LYS A 421 -95.57 -55.11 -62.55
N PHE A 422 -95.84 -56.27 -61.95
CA PHE A 422 -95.19 -57.48 -62.29
C PHE A 422 -95.73 -57.95 -63.61
N LEU A 423 -97.03 -57.87 -63.77
CA LEU A 423 -97.62 -58.23 -65.05
C LEU A 423 -97.08 -57.42 -66.23
N VAL A 424 -96.90 -56.12 -66.01
CA VAL A 424 -96.35 -55.24 -67.03
C VAL A 424 -95.00 -55.76 -67.43
N GLN A 425 -94.13 -55.90 -66.45
CA GLN A 425 -92.79 -56.19 -66.75
C GLN A 425 -92.75 -57.52 -67.51
N ALA A 426 -93.74 -58.37 -67.26
CA ALA A 426 -93.78 -59.68 -67.93
C ALA A 426 -94.33 -59.53 -69.37
N GLY A 427 -94.93 -58.40 -69.64
CA GLY A 427 -95.29 -58.17 -71.00
C GLY A 427 -96.80 -58.09 -71.08
N LEU A 428 -97.50 -59.16 -70.64
CA LEU A 428 -99.02 -59.19 -70.66
C LEU A 428 -99.73 -58.14 -69.72
N ALA B 1 -113.91 -59.45 -57.48
CA ALA B 1 -112.60 -59.15 -58.22
C ALA B 1 -112.69 -57.77 -58.92
N VAL B 2 -111.80 -56.82 -58.62
CA VAL B 2 -111.79 -55.52 -59.27
C VAL B 2 -111.14 -55.52 -60.63
N VAL B 3 -111.70 -54.72 -61.53
CA VAL B 3 -111.22 -54.83 -62.91
C VAL B 3 -110.74 -53.54 -63.56
N ASN B 4 -109.73 -53.70 -64.42
CA ASN B 4 -109.20 -52.57 -65.13
C ASN B 4 -110.31 -51.94 -65.90
N THR B 5 -110.41 -50.63 -65.84
CA THR B 5 -111.45 -49.90 -66.54
C THR B 5 -111.28 -50.11 -68.05
N ASP B 6 -110.09 -50.42 -68.53
CA ASP B 6 -109.98 -50.67 -69.93
C ASP B 6 -110.89 -51.79 -70.48
N ASP B 7 -111.44 -52.59 -69.58
CA ASP B 7 -112.27 -53.70 -69.95
C ASP B 7 -113.69 -53.33 -70.14
N TYR B 8 -114.20 -52.28 -69.51
CA TYR B 8 -115.57 -51.91 -69.65
C TYR B 8 -115.81 -50.50 -70.13
N VAL B 9 -114.68 -49.80 -70.37
CA VAL B 9 -114.74 -48.40 -70.82
C VAL B 9 -114.06 -48.28 -72.13
N THR B 10 -114.79 -48.05 -73.20
CA THR B 10 -114.15 -47.96 -74.54
C THR B 10 -113.67 -46.57 -74.88
N ARG B 11 -112.51 -46.38 -75.50
CA ARG B 11 -112.15 -45.02 -75.77
C ARG B 11 -112.54 -44.52 -77.14
N THR B 12 -112.96 -43.28 -77.22
CA THR B 12 -113.16 -42.70 -78.54
C THR B 12 -111.92 -42.05 -79.08
N SER B 13 -112.06 -41.36 -80.20
CA SER B 13 -110.90 -40.64 -80.71
C SER B 13 -111.22 -39.15 -80.59
N ILE B 14 -112.21 -38.88 -79.74
CA ILE B 14 -112.61 -37.47 -79.50
C ILE B 14 -111.87 -36.93 -78.34
N PHE B 15 -111.12 -35.83 -78.55
CA PHE B 15 -110.38 -35.21 -77.43
C PHE B 15 -110.73 -33.76 -77.21
N TYR B 16 -110.97 -33.38 -75.97
CA TYR B 16 -111.17 -32.01 -75.69
C TYR B 16 -110.07 -31.40 -74.81
N HIS B 17 -109.89 -30.10 -74.88
CA HIS B 17 -108.92 -29.47 -74.02
C HIS B 17 -109.76 -28.73 -73.06
N ALA B 18 -109.27 -28.42 -71.87
CA ALA B 18 -110.06 -27.69 -70.88
C ALA B 18 -109.03 -27.01 -69.97
N GLY B 19 -109.24 -25.74 -69.60
CA GLY B 19 -108.31 -25.11 -68.70
C GLY B 19 -108.87 -24.03 -67.82
N SER B 20 -108.48 -23.99 -66.55
CA SER B 20 -108.94 -22.91 -65.62
C SER B 20 -108.35 -21.66 -66.17
N SER B 21 -108.94 -20.55 -65.91
CA SER B 21 -108.34 -19.30 -66.35
C SER B 21 -106.98 -19.09 -65.69
N ARG B 22 -106.88 -18.45 -64.51
CA ARG B 22 -105.61 -18.25 -63.86
C ARG B 22 -106.04 -18.08 -62.46
N LEU B 23 -105.90 -19.16 -61.73
CA LEU B 23 -106.21 -19.14 -60.30
C LEU B 23 -105.23 -18.33 -59.54
N LEU B 24 -105.58 -17.60 -58.49
CA LEU B 24 -104.67 -16.70 -57.85
C LEU B 24 -105.15 -16.39 -56.47
N THR B 25 -104.27 -16.25 -55.54
CA THR B 25 -104.69 -15.99 -54.16
C THR B 25 -103.65 -15.39 -53.27
N VAL B 26 -103.95 -14.32 -52.51
CA VAL B 26 -102.87 -13.70 -51.71
C VAL B 26 -103.34 -13.60 -50.29
N GLY B 27 -102.47 -13.53 -49.32
CA GLY B 27 -102.91 -13.66 -47.95
C GLY B 27 -101.73 -13.54 -46.99
N ASP B 28 -101.94 -13.68 -45.69
CA ASP B 28 -100.86 -13.66 -44.76
C ASP B 28 -100.41 -15.12 -44.71
N PRO B 29 -99.12 -15.34 -44.75
CA PRO B 29 -98.50 -16.61 -44.80
C PRO B 29 -98.41 -17.44 -43.54
N TYR B 30 -98.71 -16.82 -42.40
CA TYR B 30 -98.62 -17.42 -41.09
C TYR B 30 -99.94 -17.66 -40.40
N PHE B 31 -100.93 -16.80 -40.61
CA PHE B 31 -102.20 -17.07 -39.94
C PHE B 31 -103.23 -16.13 -40.55
N ARG B 32 -104.57 -16.26 -40.21
CA ARG B 32 -105.56 -15.39 -40.91
C ARG B 32 -105.80 -14.13 -40.14
N VAL B 33 -106.06 -13.05 -40.85
CA VAL B 33 -106.17 -11.88 -40.10
C VAL B 33 -107.60 -11.57 -39.97
N PRO B 34 -108.16 -11.70 -38.76
CA PRO B 34 -109.61 -11.56 -38.58
C PRO B 34 -110.10 -10.34 -39.30
N ALA B 35 -111.15 -10.56 -40.07
CA ALA B 35 -111.83 -9.47 -40.74
C ALA B 35 -111.89 -8.08 -40.08
N GLY B 36 -111.70 -7.13 -40.99
CA GLY B 36 -111.99 -5.69 -40.79
C GLY B 36 -111.49 -4.95 -39.56
N GLY B 37 -110.69 -5.59 -38.71
CA GLY B 37 -110.08 -4.78 -37.63
C GLY B 37 -109.46 -3.43 -38.16
N GLY B 38 -108.42 -3.53 -39.00
CA GLY B 38 -107.86 -2.34 -39.64
C GLY B 38 -108.67 -2.12 -40.93
N ASN B 39 -108.83 -3.17 -41.81
CA ASN B 39 -109.47 -2.90 -43.11
C ASN B 39 -110.27 -4.06 -43.62
N LYS B 40 -111.56 -3.77 -43.69
CA LYS B 40 -112.65 -4.60 -44.19
C LYS B 40 -112.31 -5.95 -44.89
N GLN B 41 -112.99 -6.99 -44.35
CA GLN B 41 -112.92 -8.39 -44.89
C GLN B 41 -111.66 -9.17 -44.42
N ASP B 42 -111.83 -10.45 -44.18
CA ASP B 42 -110.72 -11.35 -43.86
C ASP B 42 -109.52 -11.41 -44.83
N ILE B 43 -108.34 -11.49 -44.24
CA ILE B 43 -107.14 -11.82 -44.93
C ILE B 43 -106.81 -13.31 -44.68
N PRO B 44 -106.95 -14.12 -45.69
CA PRO B 44 -106.83 -15.52 -45.61
C PRO B 44 -105.38 -15.92 -45.25
N LYS B 45 -105.17 -17.13 -44.68
CA LYS B 45 -103.86 -17.69 -44.53
C LYS B 45 -103.46 -18.36 -45.87
N VAL B 46 -102.71 -17.64 -46.65
CA VAL B 46 -102.12 -18.26 -47.81
C VAL B 46 -100.64 -18.58 -47.60
N SER B 47 -100.29 -19.84 -47.43
CA SER B 47 -98.89 -20.24 -47.37
C SER B 47 -98.40 -21.15 -48.49
N ALA B 48 -97.09 -21.27 -48.67
CA ALA B 48 -96.65 -22.16 -49.72
C ALA B 48 -96.55 -23.52 -49.10
N TYR B 49 -96.66 -23.57 -47.79
CA TYR B 49 -96.58 -24.89 -47.23
C TYR B 49 -97.93 -25.55 -46.93
N GLN B 50 -98.99 -25.17 -47.64
CA GLN B 50 -100.27 -25.84 -47.54
C GLN B 50 -100.69 -26.45 -48.85
N TYR B 51 -101.33 -27.57 -48.73
CA TYR B 51 -101.77 -28.31 -49.90
C TYR B 51 -102.75 -27.49 -50.76
N ARG B 52 -102.86 -27.72 -52.04
CA ARG B 52 -103.80 -26.88 -52.73
C ARG B 52 -104.61 -28.04 -53.34
N VAL B 53 -105.92 -28.21 -53.00
CA VAL B 53 -106.67 -29.29 -53.61
C VAL B 53 -107.69 -28.65 -54.50
N PHE B 54 -107.55 -28.77 -55.80
CA PHE B 54 -108.48 -28.20 -56.72
C PHE B 54 -109.48 -29.29 -57.07
N ARG B 55 -110.80 -28.97 -57.04
CA ARG B 55 -111.90 -29.87 -57.34
C ARG B 55 -112.39 -29.32 -58.65
N VAL B 56 -112.00 -29.96 -59.74
CA VAL B 56 -112.34 -29.59 -61.08
C VAL B 56 -113.63 -30.25 -61.52
N GLN B 57 -114.61 -29.40 -61.80
CA GLN B 57 -115.95 -29.81 -62.21
C GLN B 57 -115.97 -29.82 -63.74
N LEU B 58 -116.10 -31.01 -64.29
CA LEU B 58 -116.15 -31.18 -65.76
C LEU B 58 -117.59 -31.27 -66.15
N PRO B 59 -117.95 -30.94 -67.42
CA PRO B 59 -119.34 -30.97 -67.85
C PRO B 59 -119.82 -32.43 -67.93
N ASP B 60 -121.07 -32.71 -67.65
CA ASP B 60 -121.57 -34.04 -67.86
C ASP B 60 -121.64 -34.40 -69.35
N PRO B 61 -120.86 -35.31 -69.77
CA PRO B 61 -120.79 -35.58 -71.20
C PRO B 61 -122.05 -36.09 -71.81
N ASN B 62 -122.95 -36.66 -71.02
CA ASN B 62 -124.16 -37.12 -71.58
C ASN B 62 -125.13 -35.96 -71.91
N LYS B 63 -125.48 -35.13 -70.91
CA LYS B 63 -126.25 -33.93 -71.15
C LYS B 63 -125.42 -32.80 -71.93
N PHE B 64 -124.41 -33.21 -72.65
CA PHE B 64 -123.55 -32.25 -73.31
C PHE B 64 -123.78 -32.38 -74.75
N GLY B 65 -123.47 -31.31 -75.46
CA GLY B 65 -123.65 -31.34 -76.90
C GLY B 65 -122.41 -31.74 -77.66
N LEU B 66 -122.37 -32.97 -78.17
CA LEU B 66 -121.24 -33.49 -78.93
C LEU B 66 -121.12 -32.98 -80.37
N PRO B 67 -119.94 -33.17 -81.00
CA PRO B 67 -119.72 -32.74 -82.39
C PRO B 67 -120.59 -33.58 -83.32
N ASP B 68 -121.01 -34.71 -82.78
CA ASP B 68 -121.77 -35.68 -83.53
C ASP B 68 -122.39 -36.59 -82.52
N THR B 69 -123.71 -36.52 -82.25
CA THR B 69 -124.33 -37.39 -81.18
C THR B 69 -124.73 -38.79 -81.64
N SER B 70 -123.82 -39.40 -82.35
CA SER B 70 -124.06 -40.66 -82.96
C SER B 70 -122.76 -41.43 -82.79
N ILE B 71 -122.16 -41.21 -81.61
CA ILE B 71 -120.84 -41.76 -81.25
C ILE B 71 -121.18 -42.90 -80.34
N TYR B 72 -122.40 -42.80 -79.81
CA TYR B 72 -122.92 -43.83 -78.95
C TYR B 72 -124.44 -43.86 -79.02
N ASN B 73 -125.05 -44.89 -78.44
CA ASN B 73 -126.48 -45.04 -78.47
C ASN B 73 -126.97 -44.84 -77.07
N PRO B 74 -127.63 -43.73 -76.79
CA PRO B 74 -128.12 -43.38 -75.44
C PRO B 74 -129.04 -44.35 -74.90
N GLU B 75 -129.26 -45.42 -75.55
CA GLU B 75 -130.20 -46.38 -75.00
C GLU B 75 -129.54 -47.52 -74.30
N THR B 76 -128.32 -47.83 -74.77
CA THR B 76 -127.45 -48.89 -74.22
C THR B 76 -126.12 -48.50 -73.59
N GLN B 77 -125.68 -47.29 -73.89
CA GLN B 77 -124.49 -46.82 -73.35
C GLN B 77 -124.50 -45.50 -72.60
N ARG B 78 -123.46 -45.19 -71.82
CA ARG B 78 -123.26 -43.85 -71.25
C ARG B 78 -121.86 -43.21 -71.52
N LEU B 79 -121.67 -41.94 -71.24
CA LEU B 79 -120.43 -41.30 -71.58
C LEU B 79 -119.62 -40.85 -70.33
N VAL B 80 -118.32 -41.06 -70.36
CA VAL B 80 -117.42 -40.71 -69.21
C VAL B 80 -116.22 -39.97 -69.76
N TRP B 81 -115.60 -39.07 -69.00
CA TRP B 81 -114.51 -38.33 -69.47
C TRP B 81 -113.28 -39.09 -68.82
N ALA B 82 -112.28 -39.40 -69.64
CA ALA B 82 -111.03 -40.03 -69.24
C ALA B 82 -109.95 -38.93 -69.31
N CYS B 83 -109.12 -38.80 -68.28
CA CYS B 83 -108.07 -37.75 -68.30
C CYS B 83 -106.95 -38.23 -69.20
N ALA B 84 -106.33 -37.36 -69.96
CA ALA B 84 -105.23 -37.92 -70.76
C ALA B 84 -103.97 -37.04 -70.83
N GLY B 85 -104.02 -35.96 -70.11
CA GLY B 85 -102.97 -35.02 -70.26
C GLY B 85 -103.22 -33.95 -69.19
N VAL B 86 -102.15 -33.50 -68.51
CA VAL B 86 -102.23 -32.43 -67.49
C VAL B 86 -101.11 -31.44 -67.54
N GLU B 87 -101.25 -30.20 -67.07
CA GLU B 87 -100.14 -29.35 -66.99
C GLU B 87 -100.48 -28.45 -65.81
N ILE B 88 -99.90 -28.62 -64.62
CA ILE B 88 -100.19 -27.63 -63.62
C ILE B 88 -99.29 -26.40 -63.82
N GLY B 89 -99.76 -25.31 -64.40
CA GLY B 89 -98.98 -24.12 -64.63
C GLY B 89 -98.69 -23.31 -63.36
N ARG B 90 -97.43 -22.90 -63.12
CA ARG B 90 -97.16 -22.08 -61.92
C ARG B 90 -96.69 -20.70 -62.27
N GLY B 91 -97.28 -19.77 -61.55
CA GLY B 91 -97.07 -18.37 -61.80
C GLY B 91 -95.83 -17.67 -61.31
N GLN B 92 -95.72 -17.17 -60.08
CA GLN B 92 -94.58 -16.37 -59.67
C GLN B 92 -93.23 -16.98 -59.89
N PRO B 93 -92.16 -16.27 -59.56
CA PRO B 93 -90.76 -16.72 -59.69
C PRO B 93 -90.28 -17.57 -58.51
N LEU B 94 -89.17 -18.31 -58.70
CA LEU B 94 -88.84 -19.33 -57.67
C LEU B 94 -88.32 -18.49 -56.58
N GLY B 95 -88.46 -18.95 -55.35
CA GLY B 95 -87.99 -18.12 -54.27
C GLY B 95 -88.01 -18.80 -52.93
N VAL B 96 -87.38 -18.19 -51.93
CA VAL B 96 -87.40 -18.88 -50.61
C VAL B 96 -87.95 -17.98 -49.57
N GLY B 97 -88.54 -18.55 -48.52
CA GLY B 97 -89.07 -17.80 -47.44
C GLY B 97 -88.95 -18.49 -46.08
N LEU B 98 -88.88 -17.63 -45.08
CA LEU B 98 -88.90 -18.09 -43.70
C LEU B 98 -90.22 -18.17 -42.91
N SER B 99 -90.21 -18.95 -41.84
CA SER B 99 -91.35 -19.14 -40.96
C SER B 99 -90.66 -19.16 -39.60
N GLY B 100 -91.21 -18.45 -38.64
CA GLY B 100 -90.63 -18.49 -37.38
C GLY B 100 -91.70 -18.36 -36.33
N HIS B 101 -91.22 -18.25 -35.08
CA HIS B 101 -92.01 -18.10 -33.85
C HIS B 101 -91.31 -17.08 -32.95
N PRO B 102 -92.03 -16.11 -32.47
CA PRO B 102 -91.54 -15.10 -31.54
C PRO B 102 -90.94 -15.74 -30.29
N PHE B 103 -91.49 -16.89 -29.89
CA PHE B 103 -91.02 -17.52 -28.66
C PHE B 103 -90.71 -18.99 -28.93
N TYR B 104 -89.81 -19.33 -29.90
CA TYR B 104 -89.42 -20.74 -30.16
C TYR B 104 -88.77 -21.29 -28.96
N ASN B 105 -89.11 -22.49 -28.61
CA ASN B 105 -88.58 -23.14 -27.42
C ASN B 105 -87.30 -23.82 -27.76
N LYS B 106 -86.23 -23.06 -27.77
CA LYS B 106 -84.91 -23.47 -28.17
C LYS B 106 -84.06 -23.21 -26.98
N LEU B 107 -83.71 -24.27 -26.28
CA LEU B 107 -82.86 -24.17 -25.06
C LEU B 107 -81.54 -23.54 -25.37
N ASP B 108 -80.73 -24.30 -26.11
CA ASP B 108 -79.38 -23.85 -26.56
C ASP B 108 -78.79 -24.74 -27.67
N ASP B 109 -77.61 -24.28 -28.15
CA ASP B 109 -77.11 -24.75 -29.48
C ASP B 109 -76.30 -25.93 -29.09
N THR B 110 -76.75 -27.15 -29.38
CA THR B 110 -76.02 -28.36 -29.00
C THR B 110 -75.23 -28.84 -30.16
N GLU B 111 -75.02 -27.96 -31.12
CA GLU B 111 -74.21 -28.29 -32.31
C GLU B 111 -72.79 -28.27 -32.03
N SER B 112 -72.38 -27.30 -31.23
CA SER B 112 -70.96 -27.11 -30.97
C SER B 112 -70.69 -25.94 -30.05
N SER B 113 -71.69 -25.64 -29.20
CA SER B 113 -71.51 -24.55 -28.26
C SER B 113 -70.02 -24.36 -27.95
N HIS B 114 -69.68 -23.05 -27.84
CA HIS B 114 -68.37 -22.70 -27.25
C HIS B 114 -68.12 -23.56 -25.96
N ALA B 115 -69.19 -23.73 -25.16
CA ALA B 115 -69.00 -24.42 -23.92
C ALA B 115 -70.33 -24.92 -23.43
N ALA B 116 -70.39 -24.90 -22.07
CA ALA B 116 -71.58 -25.19 -21.23
C ALA B 116 -72.65 -24.15 -21.69
N THR B 117 -73.66 -23.88 -20.85
CA THR B 117 -74.73 -23.01 -21.35
C THR B 117 -75.50 -22.45 -20.22
N SER B 118 -76.45 -21.57 -20.63
CA SER B 118 -77.39 -20.93 -19.71
C SER B 118 -78.07 -21.91 -18.70
N ASN B 119 -78.76 -21.31 -17.74
CA ASN B 119 -79.49 -22.06 -16.72
C ASN B 119 -80.93 -22.42 -17.17
N VAL B 120 -81.38 -23.66 -16.80
CA VAL B 120 -82.73 -24.21 -17.10
C VAL B 120 -83.70 -23.60 -16.04
N SER B 121 -83.38 -22.33 -15.67
CA SER B 121 -84.22 -21.48 -14.75
C SER B 121 -85.65 -21.36 -15.29
N GLU B 122 -85.80 -20.60 -16.45
CA GLU B 122 -87.17 -20.31 -16.81
C GLU B 122 -87.85 -20.01 -18.13
N ASP B 123 -87.52 -18.88 -18.83
CA ASP B 123 -88.28 -18.56 -20.06
C ASP B 123 -87.06 -18.10 -20.72
N VAL B 124 -86.61 -18.92 -21.66
CA VAL B 124 -85.38 -18.69 -22.43
C VAL B 124 -85.70 -18.74 -23.92
N ARG B 125 -86.96 -18.61 -24.23
CA ARG B 125 -87.44 -18.75 -25.51
C ARG B 125 -86.91 -17.61 -26.37
N ASP B 126 -86.43 -17.91 -27.58
CA ASP B 126 -85.93 -16.86 -28.46
C ASP B 126 -86.69 -16.75 -29.75
N ASN B 127 -86.50 -15.67 -30.56
CA ASN B 127 -87.33 -15.47 -31.74
C ASN B 127 -86.52 -16.04 -32.85
N VAL B 128 -86.97 -17.18 -33.39
CA VAL B 128 -86.25 -17.83 -34.51
C VAL B 128 -87.10 -18.01 -35.72
N SER B 129 -86.49 -18.09 -36.87
CA SER B 129 -87.17 -18.33 -38.08
C SER B 129 -86.51 -19.53 -38.70
N VAL B 130 -87.03 -19.97 -39.82
CA VAL B 130 -86.46 -21.14 -40.42
C VAL B 130 -87.00 -21.43 -41.80
N ASP B 131 -86.24 -21.87 -42.81
CA ASP B 131 -86.85 -22.18 -44.12
C ASP B 131 -87.18 -23.60 -44.07
N TYR B 132 -88.41 -23.95 -44.37
CA TYR B 132 -88.83 -25.37 -44.22
C TYR B 132 -88.22 -26.30 -45.30
N LYS B 133 -88.47 -27.57 -45.15
CA LYS B 133 -88.09 -28.58 -46.09
C LYS B 133 -88.76 -28.30 -47.39
N GLN B 134 -88.13 -28.72 -48.48
CA GLN B 134 -88.58 -28.32 -49.80
C GLN B 134 -89.31 -29.48 -50.33
N THR B 135 -90.53 -29.26 -50.79
CA THR B 135 -91.35 -30.36 -51.27
C THR B 135 -92.12 -29.96 -52.46
N GLN B 136 -92.36 -30.89 -53.36
CA GLN B 136 -93.17 -30.65 -54.54
C GLN B 136 -93.92 -31.92 -54.74
N LEU B 137 -95.24 -31.83 -54.71
CA LEU B 137 -95.99 -33.02 -55.08
C LEU B 137 -97.30 -32.69 -55.80
N CYS B 138 -97.74 -33.68 -56.55
CA CYS B 138 -98.88 -33.56 -57.37
C CYS B 138 -99.56 -34.93 -57.55
N ILE B 139 -100.87 -35.03 -57.22
CA ILE B 139 -101.69 -36.26 -57.32
C ILE B 139 -103.03 -36.06 -58.13
N LEU B 140 -103.38 -36.89 -59.14
CA LEU B 140 -104.65 -36.76 -59.75
C LEU B 140 -105.50 -37.97 -59.41
N GLY B 141 -106.82 -37.82 -59.25
CA GLY B 141 -107.75 -38.97 -59.03
C GLY B 141 -109.13 -38.39 -59.18
N CYS B 142 -110.07 -39.26 -59.07
CA CYS B 142 -111.39 -38.80 -59.20
C CYS B 142 -111.96 -39.03 -57.88
N ALA B 143 -111.15 -38.71 -56.90
CA ALA B 143 -111.56 -38.76 -55.55
C ALA B 143 -110.51 -38.07 -54.74
N PRO B 144 -110.90 -37.40 -53.68
CA PRO B 144 -109.83 -36.76 -52.91
C PRO B 144 -108.75 -37.69 -52.40
N ALA B 145 -107.57 -37.12 -52.26
CA ALA B 145 -106.43 -37.94 -51.91
C ALA B 145 -106.35 -38.20 -50.40
N ILE B 146 -105.66 -39.25 -49.94
CA ILE B 146 -105.63 -39.46 -48.52
C ILE B 146 -104.36 -39.06 -47.89
N GLY B 147 -104.46 -38.41 -46.72
CA GLY B 147 -103.32 -38.05 -45.91
C GLY B 147 -103.13 -38.84 -44.62
N GLU B 148 -101.90 -38.91 -44.08
CA GLU B 148 -101.68 -39.56 -42.82
C GLU B 148 -101.12 -38.54 -41.89
N HIS B 149 -101.37 -38.67 -40.59
CA HIS B 149 -100.62 -37.98 -39.57
C HIS B 149 -100.67 -38.56 -38.14
N TRP B 150 -99.83 -38.13 -37.19
CA TRP B 150 -99.87 -38.69 -35.85
C TRP B 150 -100.76 -37.85 -34.98
N ALA B 151 -101.69 -38.48 -34.26
CA ALA B 151 -102.50 -37.74 -33.32
C ALA B 151 -102.53 -38.35 -31.91
N LYS B 152 -103.03 -37.52 -30.95
CA LYS B 152 -103.05 -37.93 -29.61
C LYS B 152 -104.07 -39.02 -29.53
N GLY B 153 -103.55 -40.23 -29.31
CA GLY B 153 -104.44 -41.39 -29.16
C GLY B 153 -105.55 -41.29 -28.07
N THR B 154 -106.70 -41.98 -28.27
CA THR B 154 -107.86 -41.83 -27.37
C THR B 154 -107.48 -42.39 -26.03
N ALA B 155 -107.73 -41.58 -24.97
CA ALA B 155 -107.38 -41.98 -23.55
C ALA B 155 -108.25 -43.22 -23.15
N SER B 156 -107.59 -44.35 -22.82
CA SER B 156 -108.32 -45.56 -22.39
C SER B 156 -109.07 -45.36 -21.04
N LYS B 157 -110.25 -46.01 -20.95
CA LYS B 157 -111.10 -45.95 -19.74
C LYS B 157 -110.53 -46.87 -18.64
N SER B 158 -110.08 -48.08 -19.05
CA SER B 158 -109.41 -49.03 -18.12
C SER B 158 -108.16 -48.41 -17.44
N ARG B 159 -107.37 -47.70 -18.25
CA ARG B 159 -106.07 -47.11 -17.79
C ARG B 159 -105.90 -45.60 -18.09
N PRO B 160 -106.52 -44.72 -17.23
CA PRO B 160 -106.45 -43.26 -17.49
C PRO B 160 -105.04 -42.70 -17.39
N LEU B 161 -104.93 -41.50 -17.90
CA LEU B 161 -103.61 -41.04 -18.05
C LEU B 161 -103.50 -39.79 -17.25
N SER B 162 -102.59 -39.91 -16.25
CA SER B 162 -102.24 -38.78 -15.35
C SER B 162 -101.65 -37.58 -16.13
N GLN B 163 -102.16 -36.38 -15.88
CA GLN B 163 -101.75 -35.17 -16.54
C GLN B 163 -100.24 -34.99 -16.41
N GLY B 164 -99.56 -34.68 -17.53
CA GLY B 164 -98.11 -34.67 -17.58
C GLY B 164 -97.47 -35.83 -18.32
N ASP B 165 -98.04 -36.99 -18.21
CA ASP B 165 -97.49 -38.15 -18.91
C ASP B 165 -97.69 -38.09 -20.41
N CYS B 166 -96.87 -38.84 -21.13
CA CYS B 166 -96.95 -38.78 -22.56
C CYS B 166 -98.02 -39.67 -23.07
N PRO B 167 -98.90 -39.11 -23.86
CA PRO B 167 -100.00 -39.82 -24.48
C PRO B 167 -99.51 -40.79 -25.53
N PRO B 168 -100.38 -41.68 -25.99
CA PRO B 168 -99.93 -42.62 -27.05
C PRO B 168 -100.29 -42.05 -28.41
N LEU B 169 -99.46 -42.33 -29.41
CA LEU B 169 -99.68 -41.74 -30.72
C LEU B 169 -100.53 -42.66 -31.55
N GLU B 170 -101.35 -42.07 -32.37
CA GLU B 170 -102.08 -42.89 -33.25
C GLU B 170 -102.05 -42.27 -34.62
N LEU B 171 -101.79 -43.10 -35.62
CA LEU B 171 -101.70 -42.70 -37.00
C LEU B 171 -103.12 -42.60 -37.53
N LYS B 172 -103.51 -41.45 -38.11
CA LYS B 172 -104.90 -41.18 -38.52
C LYS B 172 -105.01 -40.88 -39.94
N ASN B 173 -105.84 -41.57 -40.69
CA ASN B 173 -106.03 -41.21 -42.12
C ASN B 173 -107.08 -40.12 -42.19
N THR B 174 -106.90 -39.24 -43.15
CA THR B 174 -107.86 -38.18 -43.30
C THR B 174 -107.91 -37.68 -44.76
N VAL B 175 -108.95 -37.04 -45.19
CA VAL B 175 -108.87 -36.53 -46.50
C VAL B 175 -108.04 -35.20 -46.67
N LEU B 176 -107.18 -35.07 -47.68
CA LEU B 176 -106.41 -33.87 -47.79
C LEU B 176 -107.17 -32.76 -48.44
N GLU B 177 -107.51 -31.78 -47.64
CA GLU B 177 -108.30 -30.61 -48.13
C GLU B 177 -107.49 -29.34 -48.40
N ASP B 178 -108.02 -28.47 -49.21
CA ASP B 178 -107.23 -27.38 -49.63
C ASP B 178 -106.95 -26.55 -48.43
N GLY B 179 -105.71 -26.29 -48.12
CA GLY B 179 -105.34 -25.54 -46.95
C GLY B 179 -104.63 -26.29 -45.79
N ASP B 180 -104.65 -27.64 -45.78
CA ASP B 180 -103.92 -28.38 -44.81
C ASP B 180 -102.41 -28.13 -45.02
N MET B 181 -101.68 -28.12 -43.89
CA MET B 181 -100.20 -28.03 -43.90
C MET B 181 -99.49 -29.27 -44.28
N VAL B 182 -98.37 -29.14 -44.96
CA VAL B 182 -97.55 -30.31 -45.37
C VAL B 182 -96.39 -30.57 -44.40
N ASP B 183 -95.68 -31.69 -44.48
CA ASP B 183 -94.70 -31.86 -43.55
C ASP B 183 -93.69 -30.78 -43.84
N THR B 184 -93.40 -29.89 -42.90
CA THR B 184 -92.35 -28.91 -43.19
C THR B 184 -90.98 -29.27 -42.70
N GLY B 185 -90.86 -30.40 -42.06
CA GLY B 185 -89.57 -30.79 -41.58
C GLY B 185 -89.57 -31.14 -40.15
N TYR B 186 -90.67 -30.77 -39.45
CA TYR B 186 -90.89 -31.23 -38.04
C TYR B 186 -91.76 -32.49 -37.89
N GLY B 187 -92.02 -33.20 -39.01
CA GLY B 187 -92.83 -34.45 -39.01
C GLY B 187 -94.32 -34.14 -39.22
N ALA B 188 -95.03 -35.18 -39.59
CA ALA B 188 -96.44 -35.04 -39.90
C ALA B 188 -97.30 -35.36 -38.73
N MET B 189 -97.68 -34.34 -37.99
CA MET B 189 -98.53 -34.61 -36.80
C MET B 189 -99.43 -33.47 -36.44
N ASP B 190 -100.04 -33.59 -35.31
CA ASP B 190 -101.00 -32.58 -34.88
C ASP B 190 -100.36 -31.82 -33.77
N PHE B 191 -99.63 -30.79 -34.12
CA PHE B 191 -98.95 -30.01 -33.14
C PHE B 191 -99.93 -29.34 -32.14
N SER B 192 -101.16 -29.07 -32.52
CA SER B 192 -101.99 -28.35 -31.62
C SER B 192 -102.36 -29.21 -30.43
N THR B 193 -102.55 -30.52 -30.64
CA THR B 193 -102.86 -31.44 -29.56
C THR B 193 -101.69 -32.18 -28.95
N LEU B 194 -100.53 -32.18 -29.60
CA LEU B 194 -99.42 -32.89 -29.08
C LEU B 194 -98.37 -32.02 -28.40
N GLN B 195 -98.40 -30.72 -28.64
CA GLN B 195 -97.40 -29.85 -28.03
C GLN B 195 -98.15 -28.74 -27.33
N ASP B 196 -98.21 -28.87 -26.01
CA ASP B 196 -99.02 -27.95 -25.19
C ASP B 196 -98.41 -26.50 -25.21
N THR B 197 -97.08 -26.43 -25.41
CA THR B 197 -96.33 -25.17 -25.38
C THR B 197 -96.77 -24.12 -26.43
N LYS B 198 -97.07 -24.56 -27.64
CA LYS B 198 -97.48 -23.67 -28.65
C LYS B 198 -96.23 -22.89 -29.08
N CYS B 199 -95.03 -23.43 -28.84
CA CYS B 199 -93.75 -22.73 -29.14
C CYS B 199 -92.67 -23.66 -29.49
N GLU B 200 -93.07 -24.85 -29.99
CA GLU B 200 -92.13 -25.88 -30.42
C GLU B 200 -91.83 -25.72 -31.89
N VAL B 201 -92.70 -25.04 -32.64
CA VAL B 201 -92.47 -24.98 -34.04
C VAL B 201 -92.95 -23.61 -34.51
N PRO B 202 -92.64 -23.20 -35.71
CA PRO B 202 -92.98 -21.90 -36.21
C PRO B 202 -94.46 -21.68 -36.28
N LEU B 203 -94.89 -20.40 -36.15
CA LEU B 203 -96.32 -19.94 -36.20
C LEU B 203 -97.19 -20.55 -37.19
N ASP B 204 -96.77 -20.82 -38.40
CA ASP B 204 -97.68 -21.33 -39.34
C ASP B 204 -98.05 -22.78 -39.21
N ILE B 205 -97.45 -23.54 -38.31
CA ILE B 205 -97.88 -24.91 -38.14
C ILE B 205 -98.08 -25.14 -36.67
N CYS B 206 -97.60 -24.18 -35.92
CA CYS B 206 -97.66 -24.16 -34.50
C CYS B 206 -98.93 -24.77 -33.91
N GLN B 207 -100.12 -24.41 -34.44
CA GLN B 207 -101.36 -24.89 -33.97
C GLN B 207 -102.07 -25.64 -35.04
N SER B 208 -101.42 -26.30 -35.99
CA SER B 208 -102.14 -26.96 -37.08
C SER B 208 -101.73 -28.38 -37.19
N ILE B 209 -102.14 -29.04 -38.24
CA ILE B 209 -101.83 -30.47 -38.39
C ILE B 209 -101.08 -30.60 -39.68
N CYS B 210 -99.90 -31.18 -39.62
CA CYS B 210 -99.17 -31.34 -40.85
C CYS B 210 -99.44 -32.75 -41.38
N LYS B 211 -99.94 -32.91 -42.60
CA LYS B 211 -100.21 -34.26 -43.06
C LYS B 211 -99.30 -34.63 -44.19
N TYR B 212 -99.18 -35.90 -44.45
CA TYR B 212 -98.34 -36.31 -45.54
C TYR B 212 -99.10 -37.26 -46.29
N PRO B 213 -99.14 -37.22 -47.60
CA PRO B 213 -99.95 -38.10 -48.41
C PRO B 213 -99.64 -39.50 -48.07
N ASP B 214 -100.64 -40.36 -47.94
CA ASP B 214 -100.45 -41.71 -47.51
C ASP B 214 -100.37 -42.57 -48.76
N TYR B 215 -99.22 -42.47 -49.43
CA TYR B 215 -98.96 -43.14 -50.68
C TYR B 215 -99.20 -44.60 -50.57
N LEU B 216 -98.97 -45.15 -49.38
CA LEU B 216 -98.98 -46.61 -49.18
C LEU B 216 -100.41 -47.10 -49.33
N GLN B 217 -101.29 -46.44 -48.57
CA GLN B 217 -102.68 -46.72 -48.56
C GLN B 217 -103.43 -46.49 -49.89
N MET B 218 -103.01 -45.46 -50.62
CA MET B 218 -103.63 -45.17 -51.89
C MET B 218 -103.19 -46.16 -52.92
N SER B 219 -101.95 -46.65 -52.85
CA SER B 219 -101.61 -47.63 -53.89
C SER B 219 -102.39 -48.87 -53.64
N ALA B 220 -102.72 -49.12 -52.37
CA ALA B 220 -103.35 -50.42 -52.07
C ALA B 220 -104.84 -50.42 -52.32
N ASP B 221 -105.40 -49.21 -52.31
CA ASP B 221 -106.81 -49.02 -52.70
C ASP B 221 -107.23 -49.90 -53.87
N PRO B 222 -108.25 -50.76 -53.68
CA PRO B 222 -108.75 -51.72 -54.68
C PRO B 222 -109.15 -51.16 -56.03
N TYR B 223 -109.97 -50.13 -56.01
CA TYR B 223 -110.41 -49.50 -57.23
C TYR B 223 -109.42 -48.54 -57.87
N GLY B 224 -108.73 -47.80 -57.01
CA GLY B 224 -107.70 -46.92 -57.50
C GLY B 224 -108.21 -45.57 -57.94
N ASP B 225 -109.19 -44.97 -57.24
CA ASP B 225 -109.80 -43.76 -57.74
C ASP B 225 -109.12 -42.69 -57.01
N SER B 226 -108.23 -43.05 -56.10
CA SER B 226 -107.74 -42.02 -55.16
C SER B 226 -106.60 -41.35 -55.83
N MET B 227 -105.70 -42.13 -56.44
CA MET B 227 -104.72 -41.47 -57.21
C MET B 227 -104.32 -42.31 -58.40
N PHE B 228 -104.44 -41.78 -59.57
CA PHE B 228 -104.03 -42.49 -60.70
C PHE B 228 -102.92 -41.74 -61.44
N PHE B 229 -102.21 -40.88 -60.72
CA PHE B 229 -101.04 -40.11 -61.24
C PHE B 229 -100.40 -39.51 -59.99
N CYS B 230 -99.08 -39.62 -59.84
CA CYS B 230 -98.50 -39.24 -58.52
C CYS B 230 -97.12 -38.72 -58.89
N LEU B 231 -96.70 -37.50 -58.44
CA LEU B 231 -95.36 -36.94 -58.66
C LEU B 231 -94.83 -36.32 -57.38
N ARG B 232 -93.75 -36.81 -56.81
CA ARG B 232 -93.26 -36.26 -55.57
C ARG B 232 -91.81 -36.02 -55.69
N ARG B 233 -91.29 -35.10 -54.93
CA ARG B 233 -89.90 -34.80 -54.91
C ARG B 233 -89.73 -33.91 -53.72
N GLU B 234 -89.17 -34.40 -52.63
CA GLU B 234 -88.87 -33.57 -51.48
C GLU B 234 -87.32 -33.65 -51.19
N GLN B 235 -86.76 -32.78 -50.36
CA GLN B 235 -85.36 -32.86 -49.96
C GLN B 235 -85.17 -31.89 -48.82
N LEU B 236 -84.27 -32.13 -47.92
CA LEU B 236 -84.06 -31.17 -46.81
C LEU B 236 -82.82 -31.57 -46.04
N PHE B 237 -82.37 -30.74 -45.10
CA PHE B 237 -81.15 -31.05 -44.32
C PHE B 237 -81.14 -30.36 -43.05
N ALA B 238 -80.38 -30.82 -42.05
CA ALA B 238 -80.50 -30.14 -40.72
C ALA B 238 -79.58 -28.88 -40.64
N ARG B 239 -80.17 -27.68 -40.59
CA ARG B 239 -79.34 -26.49 -40.51
C ARG B 239 -78.72 -26.25 -39.08
N HIS B 240 -79.56 -26.18 -38.07
CA HIS B 240 -79.02 -26.14 -36.71
C HIS B 240 -79.52 -27.17 -35.69
N PHE B 241 -78.76 -27.44 -34.63
CA PHE B 241 -79.11 -28.53 -33.71
C PHE B 241 -79.48 -27.97 -32.31
N TRP B 242 -80.71 -28.18 -31.78
CA TRP B 242 -81.09 -27.55 -30.54
C TRP B 242 -81.66 -28.50 -29.56
N ASN B 243 -81.65 -28.03 -28.31
CA ASN B 243 -82.25 -28.60 -27.12
C ASN B 243 -83.68 -28.19 -26.94
N ARG B 244 -84.51 -28.86 -26.16
CA ARG B 244 -85.86 -28.32 -25.82
C ARG B 244 -85.93 -28.07 -24.38
N ALA B 245 -86.43 -26.92 -23.97
CA ALA B 245 -86.47 -26.59 -22.58
C ALA B 245 -87.70 -27.31 -22.04
N GLY B 246 -87.67 -27.58 -20.73
CA GLY B 246 -88.69 -28.33 -20.06
C GLY B 246 -87.97 -29.37 -19.26
N THR B 247 -88.71 -30.10 -18.44
CA THR B 247 -88.17 -31.22 -17.64
C THR B 247 -88.37 -32.50 -18.47
N MET B 248 -87.47 -33.44 -18.33
CA MET B 248 -87.53 -34.58 -19.23
C MET B 248 -88.58 -35.58 -18.86
N GLY B 249 -89.41 -35.98 -19.81
CA GLY B 249 -90.46 -36.98 -19.56
C GLY B 249 -89.89 -38.32 -19.14
N ASP B 250 -89.15 -38.92 -20.07
CA ASP B 250 -88.50 -40.19 -19.87
C ASP B 250 -87.13 -39.82 -19.29
N THR B 251 -86.85 -40.48 -18.16
CA THR B 251 -85.58 -40.22 -17.47
C THR B 251 -84.45 -40.97 -18.04
N VAL B 252 -83.41 -40.25 -18.36
CA VAL B 252 -82.18 -40.87 -18.93
C VAL B 252 -81.58 -41.97 -18.05
N PRO B 253 -81.46 -43.16 -18.59
CA PRO B 253 -81.07 -44.26 -17.81
C PRO B 253 -79.66 -44.08 -17.21
N GLN B 254 -79.40 -44.61 -15.99
CA GLN B 254 -78.14 -44.35 -15.32
C GLN B 254 -76.98 -45.06 -15.97
N SER B 255 -77.29 -46.17 -16.64
CA SER B 255 -76.28 -46.94 -17.31
C SER B 255 -75.79 -46.34 -18.59
N LEU B 256 -76.24 -45.13 -18.88
CA LEU B 256 -75.83 -44.51 -20.11
C LEU B 256 -74.85 -43.37 -19.92
N TYR B 257 -74.37 -43.21 -18.70
CA TYR B 257 -73.37 -42.22 -18.45
C TYR B 257 -72.73 -42.29 -17.05
N ILE B 258 -71.81 -41.40 -16.80
CA ILE B 258 -71.19 -41.38 -15.50
C ILE B 258 -71.43 -40.00 -14.86
N LYS B 259 -71.91 -39.98 -13.63
CA LYS B 259 -72.24 -38.76 -12.97
C LYS B 259 -71.06 -37.92 -12.75
N GLY B 260 -71.26 -36.64 -12.69
CA GLY B 260 -70.18 -35.66 -12.50
C GLY B 260 -70.57 -34.92 -11.24
N THR B 261 -70.10 -33.71 -11.03
CA THR B 261 -70.45 -33.00 -9.79
C THR B 261 -71.02 -31.65 -10.19
N GLY B 262 -71.91 -31.12 -9.35
CA GLY B 262 -72.47 -29.80 -9.75
C GLY B 262 -73.56 -29.91 -10.84
N MET B 263 -73.52 -28.99 -11.81
CA MET B 263 -74.59 -28.96 -12.87
C MET B 263 -74.41 -30.27 -13.68
N ARG B 264 -73.11 -30.71 -13.73
CA ARG B 264 -72.75 -31.98 -14.38
C ARG B 264 -73.12 -33.27 -13.56
N ALA B 265 -73.81 -33.10 -12.49
CA ALA B 265 -74.10 -34.29 -11.74
C ALA B 265 -75.36 -34.96 -12.27
N SER B 266 -76.17 -34.14 -13.00
CA SER B 266 -77.48 -34.52 -13.51
C SER B 266 -77.64 -34.11 -14.98
N PRO B 267 -77.97 -35.08 -15.85
CA PRO B 267 -78.09 -34.80 -17.30
C PRO B 267 -79.06 -33.70 -17.65
N GLY B 268 -78.67 -32.80 -18.55
CA GLY B 268 -79.63 -31.76 -19.03
C GLY B 268 -80.70 -32.22 -20.03
N SER B 269 -81.21 -31.27 -20.80
CA SER B 269 -82.11 -31.70 -21.81
C SER B 269 -81.51 -32.59 -22.85
N CYS B 270 -82.16 -33.73 -22.95
CA CYS B 270 -81.94 -34.75 -23.99
C CYS B 270 -83.01 -34.88 -25.05
N VAL B 271 -83.71 -33.79 -25.27
CA VAL B 271 -84.69 -33.81 -26.32
C VAL B 271 -84.15 -32.83 -27.37
N TYR B 272 -83.59 -33.44 -28.45
CA TYR B 272 -82.97 -32.66 -29.50
C TYR B 272 -83.88 -32.63 -30.69
N SER B 273 -83.74 -31.56 -31.48
CA SER B 273 -84.52 -31.43 -32.68
C SER B 273 -83.88 -30.33 -33.51
N PRO B 274 -83.52 -30.65 -34.78
CA PRO B 274 -82.88 -29.73 -35.67
C PRO B 274 -83.85 -28.92 -36.50
N SER B 275 -83.42 -27.68 -36.85
CA SER B 275 -84.15 -26.84 -37.70
C SER B 275 -83.94 -27.37 -39.03
N PRO B 276 -84.99 -27.68 -39.73
CA PRO B 276 -84.81 -28.09 -41.13
C PRO B 276 -84.43 -26.93 -42.07
N SER B 277 -84.17 -27.33 -43.31
CA SER B 277 -83.90 -26.39 -44.41
C SER B 277 -83.84 -27.14 -45.69
N GLY B 278 -84.64 -26.77 -46.68
CA GLY B 278 -84.37 -27.42 -48.01
C GLY B 278 -83.22 -26.60 -48.59
N SER B 279 -82.20 -27.23 -49.16
CA SER B 279 -81.08 -26.43 -49.70
C SER B 279 -81.51 -25.53 -50.87
N ILE B 280 -80.79 -25.66 -51.98
CA ILE B 280 -80.99 -24.82 -53.13
C ILE B 280 -82.24 -25.17 -53.75
N VAL B 281 -82.95 -24.21 -54.33
CA VAL B 281 -84.14 -24.46 -55.17
C VAL B 281 -83.74 -24.00 -56.55
N THR B 282 -83.81 -24.91 -57.47
CA THR B 282 -83.37 -24.63 -58.81
C THR B 282 -84.41 -25.08 -59.87
N SER B 283 -84.38 -24.46 -61.05
CA SER B 283 -85.36 -24.82 -61.98
C SER B 283 -84.99 -26.13 -62.59
N ASP B 284 -83.83 -26.65 -62.25
CA ASP B 284 -83.48 -27.89 -62.85
C ASP B 284 -84.44 -29.00 -62.38
N SER B 285 -84.89 -28.94 -61.13
CA SER B 285 -85.64 -30.05 -60.58
C SER B 285 -87.09 -29.63 -60.41
N GLN B 286 -87.52 -28.64 -61.18
CA GLN B 286 -88.90 -28.18 -61.12
C GLN B 286 -89.75 -29.30 -61.66
N LEU B 287 -90.75 -29.63 -60.87
CA LEU B 287 -91.77 -30.61 -61.26
C LEU B 287 -92.85 -30.18 -62.20
N PHE B 288 -93.24 -28.95 -62.13
CA PHE B 288 -94.35 -28.39 -62.82
C PHE B 288 -94.02 -27.57 -64.01
N ASN B 289 -95.01 -26.91 -64.59
CA ASN B 289 -94.93 -26.18 -65.80
C ASN B 289 -94.50 -27.09 -66.88
N LYS B 290 -94.88 -28.36 -66.86
CA LYS B 290 -94.41 -29.29 -67.90
C LYS B 290 -95.62 -30.17 -68.08
N PRO B 291 -95.90 -30.57 -69.30
CA PRO B 291 -97.09 -31.39 -69.53
C PRO B 291 -96.78 -32.80 -69.26
N TYR B 292 -97.59 -33.56 -68.52
CA TYR B 292 -97.34 -34.98 -68.38
C TYR B 292 -98.59 -35.70 -68.83
N TRP B 293 -98.49 -36.70 -69.75
CA TRP B 293 -99.56 -37.46 -70.35
C TRP B 293 -99.65 -38.76 -69.65
N LEU B 294 -100.82 -39.15 -69.18
CA LEU B 294 -101.02 -40.42 -68.49
C LEU B 294 -101.60 -41.37 -69.48
N HIS B 295 -100.80 -42.39 -69.74
CA HIS B 295 -101.04 -43.30 -70.85
C HIS B 295 -101.65 -44.56 -70.17
N LYS B 296 -101.16 -44.94 -68.97
CA LYS B 296 -101.68 -46.12 -68.24
C LYS B 296 -101.43 -45.92 -66.80
N ALA B 297 -102.49 -45.60 -66.11
CA ALA B 297 -102.52 -45.39 -64.69
C ALA B 297 -101.97 -46.57 -63.88
N GLN B 298 -101.71 -46.31 -62.60
CA GLN B 298 -101.09 -47.29 -61.75
C GLN B 298 -102.09 -48.31 -61.23
N GLY B 299 -103.21 -47.80 -60.70
CA GLY B 299 -104.32 -48.65 -60.29
C GLY B 299 -105.21 -49.16 -61.43
N HIS B 300 -106.39 -49.59 -61.03
CA HIS B 300 -107.34 -50.11 -62.00
C HIS B 300 -108.16 -49.02 -62.74
N ASN B 301 -108.30 -47.84 -62.13
CA ASN B 301 -109.00 -46.79 -62.77
C ASN B 301 -107.96 -46.10 -63.57
N ASN B 302 -108.12 -46.10 -64.88
CA ASN B 302 -107.16 -45.47 -65.76
C ASN B 302 -107.58 -44.01 -66.13
N GLY B 303 -107.51 -43.21 -65.09
CA GLY B 303 -107.94 -41.84 -65.20
C GLY B 303 -109.35 -41.59 -65.75
N VAL B 304 -110.31 -42.46 -65.39
CA VAL B 304 -111.69 -42.26 -65.67
C VAL B 304 -112.24 -41.40 -64.59
N CYS B 305 -112.77 -40.30 -65.02
CA CYS B 305 -113.31 -39.37 -64.04
C CYS B 305 -114.75 -39.56 -63.76
N TRP B 306 -115.08 -40.50 -62.89
CA TRP B 306 -116.44 -40.72 -62.51
C TRP B 306 -117.02 -39.47 -61.88
N HIS B 307 -118.31 -39.32 -62.10
CA HIS B 307 -118.99 -38.15 -61.69
C HIS B 307 -118.55 -36.90 -62.37
N ASN B 308 -117.72 -37.00 -63.39
CA ASN B 308 -117.29 -35.79 -64.14
C ASN B 308 -116.59 -34.80 -63.20
N GLN B 309 -115.82 -35.41 -62.29
CA GLN B 309 -115.06 -34.72 -61.26
C GLN B 309 -113.64 -35.18 -61.47
N LEU B 310 -112.75 -34.34 -60.96
CA LEU B 310 -111.34 -34.61 -60.97
C LEU B 310 -110.71 -33.72 -59.89
N PHE B 311 -109.99 -34.38 -58.97
CA PHE B 311 -109.30 -33.67 -57.92
C PHE B 311 -107.80 -33.59 -58.21
N VAL B 312 -107.24 -32.39 -58.03
CA VAL B 312 -105.87 -32.13 -58.32
C VAL B 312 -105.24 -31.69 -57.02
N THR B 313 -104.43 -32.54 -56.41
CA THR B 313 -103.70 -32.15 -55.17
C THR B 313 -102.25 -31.65 -55.47
N VAL B 314 -101.87 -30.48 -54.94
CA VAL B 314 -100.59 -29.96 -55.30
C VAL B 314 -99.93 -29.32 -54.13
N VAL B 315 -98.64 -29.65 -53.93
CA VAL B 315 -97.83 -28.99 -52.91
C VAL B 315 -96.59 -28.48 -53.74
N ASP B 316 -96.23 -27.20 -53.58
CA ASP B 316 -95.08 -26.69 -54.29
C ASP B 316 -94.46 -25.58 -53.48
N THR B 317 -93.31 -25.85 -52.86
CA THR B 317 -92.67 -24.88 -51.91
C THR B 317 -91.50 -24.16 -52.60
N THR B 318 -91.31 -24.44 -53.89
CA THR B 318 -90.26 -23.88 -54.64
C THR B 318 -90.47 -22.45 -54.90
N ARG B 319 -91.66 -21.98 -54.68
CA ARG B 319 -91.93 -20.61 -54.92
C ARG B 319 -92.48 -19.97 -53.59
N SER B 320 -91.68 -19.63 -52.59
CA SER B 320 -92.34 -19.31 -51.36
C SER B 320 -91.91 -17.99 -50.89
N THR B 321 -91.61 -17.06 -51.82
CA THR B 321 -90.99 -15.73 -51.35
C THR B 321 -92.08 -14.91 -50.73
N ASN B 322 -91.89 -14.41 -49.50
CA ASN B 322 -92.95 -13.73 -48.78
C ASN B 322 -92.70 -12.22 -48.90
N LEU B 323 -93.71 -11.46 -49.34
CA LEU B 323 -93.43 -10.09 -49.73
C LEU B 323 -93.54 -9.35 -48.40
N THR B 324 -92.75 -8.28 -48.29
CA THR B 324 -92.68 -7.55 -47.04
C THR B 324 -93.23 -6.32 -47.50
N ILE B 325 -94.23 -5.85 -46.78
CA ILE B 325 -94.86 -4.59 -47.13
C ILE B 325 -94.90 -3.74 -45.91
N CYS B 326 -94.40 -2.51 -46.06
CA CYS B 326 -94.48 -1.56 -44.95
C CYS B 326 -94.92 -0.14 -45.37
N ALA B 327 -95.86 0.38 -44.55
CA ALA B 327 -96.48 1.66 -44.70
C ALA B 327 -96.16 2.47 -43.47
N SER B 328 -96.02 3.79 -43.63
CA SER B 328 -95.78 4.64 -42.51
C SER B 328 -97.09 5.09 -41.85
N THR B 329 -96.95 5.57 -40.63
CA THR B 329 -98.03 6.03 -39.79
C THR B 329 -98.24 7.49 -40.11
N GLN B 330 -97.17 8.18 -40.44
CA GLN B 330 -97.26 9.52 -40.83
C GLN B 330 -97.62 9.59 -42.34
N SER B 331 -98.32 10.66 -42.75
CA SER B 331 -98.73 10.86 -44.16
C SER B 331 -97.60 11.45 -45.06
N PRO B 332 -96.95 12.56 -44.61
CA PRO B 332 -95.86 13.12 -45.35
C PRO B 332 -94.66 12.19 -45.49
N VAL B 333 -94.40 11.33 -44.48
CA VAL B 333 -93.33 10.28 -44.51
C VAL B 333 -92.05 10.98 -44.28
N PRO B 334 -91.84 11.39 -43.03
CA PRO B 334 -90.67 12.18 -42.57
C PRO B 334 -89.31 11.76 -43.02
N GLY B 335 -88.42 12.76 -43.03
CA GLY B 335 -87.16 12.59 -43.68
C GLY B 335 -86.32 12.06 -42.59
N GLN B 336 -86.94 11.77 -41.47
CA GLN B 336 -86.18 11.24 -40.32
C GLN B 336 -86.65 9.82 -39.96
N TYR B 337 -85.76 8.85 -40.05
CA TYR B 337 -86.15 7.44 -39.90
C TYR B 337 -86.48 7.16 -38.46
N ASP B 338 -87.63 6.55 -38.23
CA ASP B 338 -88.10 6.12 -36.94
C ASP B 338 -88.89 4.87 -37.07
N ALA B 339 -88.26 3.77 -36.64
CA ALA B 339 -88.86 2.42 -36.68
C ALA B 339 -90.36 2.40 -36.39
N THR B 340 -90.73 2.88 -35.21
CA THR B 340 -92.12 2.87 -34.75
C THR B 340 -93.12 3.52 -35.68
N LYS B 341 -92.61 4.49 -36.38
CA LYS B 341 -93.36 5.14 -37.35
C LYS B 341 -93.72 4.38 -38.67
N PHE B 342 -93.41 3.09 -38.80
CA PHE B 342 -93.71 2.29 -39.98
C PHE B 342 -94.39 1.03 -39.54
N LYS B 343 -95.44 0.52 -40.24
CA LYS B 343 -96.05 -0.81 -39.88
C LYS B 343 -95.60 -1.89 -40.85
N GLN B 344 -95.12 -3.03 -40.36
CA GLN B 344 -94.59 -4.06 -41.25
C GLN B 344 -95.60 -5.21 -41.47
N TYR B 345 -95.93 -5.50 -42.71
CA TYR B 345 -96.81 -6.56 -43.03
C TYR B 345 -96.09 -7.67 -43.82
N SER B 346 -96.73 -8.81 -43.89
CA SER B 346 -96.18 -9.89 -44.67
C SER B 346 -97.25 -10.60 -45.47
N ARG B 347 -97.03 -10.70 -46.76
CA ARG B 347 -98.04 -11.29 -47.60
C ARG B 347 -97.52 -12.30 -48.59
N HIS B 348 -98.20 -13.40 -48.73
CA HIS B 348 -97.71 -14.38 -49.65
C HIS B 348 -98.70 -14.60 -50.81
N VAL B 349 -98.17 -14.92 -52.00
CA VAL B 349 -98.99 -14.99 -53.23
C VAL B 349 -98.92 -16.40 -53.78
N GLU B 350 -99.95 -16.84 -54.51
CA GLU B 350 -99.91 -18.12 -55.08
C GLU B 350 -100.61 -18.02 -56.45
N GLU B 351 -100.02 -18.56 -57.57
CA GLU B 351 -100.59 -18.44 -58.85
C GLU B 351 -100.57 -19.75 -59.55
N TYR B 352 -101.76 -20.33 -59.76
CA TYR B 352 -101.89 -21.52 -60.56
C TYR B 352 -102.61 -21.31 -61.82
N ASP B 353 -102.54 -22.31 -62.65
CA ASP B 353 -103.28 -22.41 -63.89
C ASP B 353 -103.44 -23.92 -64.24
N LEU B 354 -104.62 -24.52 -64.25
CA LEU B 354 -104.64 -25.91 -64.60
C LEU B 354 -105.06 -26.08 -66.06
N GLN B 355 -104.32 -26.87 -66.85
CA GLN B 355 -104.73 -27.39 -68.19
C GLN B 355 -104.92 -28.90 -68.36
N PHE B 356 -105.86 -29.32 -69.20
CA PHE B 356 -106.03 -30.72 -69.33
C PHE B 356 -106.37 -31.09 -70.71
N ILE B 357 -106.22 -32.35 -71.03
CA ILE B 357 -106.72 -32.86 -72.28
C ILE B 357 -107.59 -34.04 -71.89
N PHE B 358 -108.87 -34.03 -72.28
CA PHE B 358 -109.75 -35.17 -71.83
C PHE B 358 -110.25 -35.94 -72.99
N GLN B 359 -110.44 -37.21 -72.78
CA GLN B 359 -110.85 -38.08 -73.85
C GLN B 359 -112.25 -38.65 -73.59
N LEU B 360 -113.15 -38.53 -74.57
CA LEU B 360 -114.51 -38.96 -74.42
C LEU B 360 -114.54 -40.44 -74.46
N CYS B 361 -115.21 -41.10 -73.50
CA CYS B 361 -115.33 -42.55 -73.50
C CYS B 361 -116.73 -43.07 -73.36
N THR B 362 -117.00 -44.30 -73.83
CA THR B 362 -118.33 -44.86 -73.71
C THR B 362 -118.37 -46.13 -72.87
N ILE B 363 -119.43 -46.34 -72.14
CA ILE B 363 -119.52 -47.55 -71.32
C ILE B 363 -120.80 -48.14 -71.81
N THR B 364 -120.74 -49.37 -72.38
CA THR B 364 -122.00 -50.03 -72.79
C THR B 364 -122.52 -50.76 -71.58
N LEU B 365 -123.69 -50.31 -71.09
CA LEU B 365 -124.35 -50.88 -69.91
C LEU B 365 -124.99 -52.21 -70.17
N THR B 366 -124.39 -53.28 -69.63
CA THR B 366 -124.97 -54.58 -69.83
C THR B 366 -125.17 -55.04 -68.44
N ALA B 367 -125.57 -56.34 -68.26
CA ALA B 367 -125.99 -56.89 -66.93
C ALA B 367 -124.95 -56.74 -65.86
N ASP B 368 -123.98 -57.64 -66.02
CA ASP B 368 -122.72 -57.59 -65.28
C ASP B 368 -122.03 -56.22 -65.17
N VAL B 369 -121.91 -55.51 -66.30
CA VAL B 369 -121.35 -54.19 -66.26
C VAL B 369 -122.04 -53.29 -65.23
N MET B 370 -123.36 -53.25 -65.29
CA MET B 370 -124.07 -52.56 -64.29
C MET B 370 -123.94 -53.09 -62.89
N SER B 371 -124.02 -54.41 -62.75
CA SER B 371 -123.86 -54.98 -61.40
C SER B 371 -122.46 -54.67 -60.83
N TYR B 372 -121.46 -54.56 -61.73
CA TYR B 372 -120.14 -54.18 -61.30
C TYR B 372 -120.12 -52.71 -60.89
N ILE B 373 -120.58 -51.83 -61.76
CA ILE B 373 -120.53 -50.47 -61.45
C ILE B 373 -121.35 -50.25 -60.25
N GLN B 374 -122.19 -51.23 -59.98
CA GLN B 374 -123.17 -51.17 -58.87
C GLN B 374 -122.49 -51.35 -57.49
N SER B 375 -121.75 -52.49 -57.42
CA SER B 375 -120.84 -52.81 -56.30
C SER B 375 -119.76 -51.72 -56.07
N MET B 376 -119.07 -51.32 -57.18
CA MET B 376 -118.06 -50.27 -57.14
C MET B 376 -118.56 -49.01 -56.49
N ASN B 377 -119.51 -48.35 -57.12
CA ASN B 377 -120.00 -47.12 -56.56
C ASN B 377 -121.41 -46.92 -57.15
N SER B 378 -122.41 -47.33 -56.37
CA SER B 378 -123.79 -47.23 -56.82
C SER B 378 -124.21 -45.81 -57.41
N SER B 379 -123.78 -44.73 -56.77
CA SER B 379 -124.01 -43.34 -57.21
C SER B 379 -123.60 -42.99 -58.64
N ILE B 380 -122.67 -43.82 -59.15
CA ILE B 380 -122.24 -43.73 -60.55
C ILE B 380 -123.40 -43.94 -61.49
N LEU B 381 -124.18 -45.02 -61.26
CA LEU B 381 -125.43 -45.35 -61.98
C LEU B 381 -126.65 -44.44 -61.67
N GLU B 382 -126.63 -43.87 -60.49
CA GLU B 382 -127.66 -42.99 -60.08
C GLU B 382 -127.66 -41.70 -60.85
N ASP B 383 -126.51 -41.05 -61.00
CA ASP B 383 -126.49 -39.85 -61.87
C ASP B 383 -126.90 -40.09 -63.31
N TRP B 384 -126.78 -41.30 -63.79
CA TRP B 384 -127.18 -41.56 -65.10
C TRP B 384 -128.61 -41.87 -65.16
N ASN B 385 -129.28 -41.97 -64.01
CA ASN B 385 -130.76 -42.12 -63.93
C ASN B 385 -131.20 -43.50 -64.44
N ASN B 391 -129.41 -33.57 -55.58
CA ASN B 391 -128.75 -34.59 -54.60
C ASN B 391 -127.75 -34.12 -53.48
N LYS B 392 -127.23 -35.14 -52.68
CA LYS B 392 -126.21 -34.95 -51.51
C LYS B 392 -124.85 -35.51 -51.85
N ASP B 393 -123.88 -34.59 -51.97
CA ASP B 393 -122.52 -34.93 -52.29
C ASP B 393 -121.73 -35.31 -51.05
N PRO B 394 -121.00 -36.42 -51.06
CA PRO B 394 -120.34 -36.94 -49.85
C PRO B 394 -119.15 -36.12 -49.43
N TYR B 395 -118.77 -35.13 -50.26
CA TYR B 395 -117.61 -34.23 -50.02
C TYR B 395 -118.01 -32.81 -49.57
N ASP B 396 -119.28 -32.59 -49.19
CA ASP B 396 -119.79 -31.24 -49.03
C ASP B 396 -119.39 -30.70 -47.76
N LYS B 397 -118.66 -31.49 -46.98
CA LYS B 397 -118.17 -30.95 -45.72
C LYS B 397 -116.76 -30.39 -45.78
N LEU B 398 -115.96 -30.95 -46.70
CA LEU B 398 -114.58 -30.73 -46.85
C LEU B 398 -114.32 -29.54 -47.72
N LYS B 399 -113.20 -28.85 -47.50
CA LYS B 399 -112.84 -27.61 -48.24
C LYS B 399 -112.00 -27.86 -49.47
N PHE B 400 -112.42 -27.37 -50.63
CA PHE B 400 -111.70 -27.52 -51.84
C PHE B 400 -111.72 -26.22 -52.53
N TRP B 401 -110.72 -26.04 -53.37
CA TRP B 401 -110.65 -24.90 -54.25
C TRP B 401 -111.44 -25.37 -55.48
N ASN B 402 -112.62 -24.78 -55.73
CA ASN B 402 -113.46 -25.18 -56.79
C ASN B 402 -113.19 -24.51 -58.11
N VAL B 403 -112.97 -25.29 -59.15
CA VAL B 403 -112.64 -24.74 -60.43
C VAL B 403 -113.63 -25.30 -61.43
N ASP B 404 -114.55 -24.47 -61.88
CA ASP B 404 -115.63 -24.99 -62.77
C ASP B 404 -115.20 -25.02 -64.16
N LEU B 405 -115.17 -26.16 -64.82
CA LEU B 405 -114.75 -26.09 -66.17
C LEU B 405 -115.77 -26.52 -67.15
N LYS B 406 -117.02 -26.55 -66.73
CA LYS B 406 -118.11 -26.96 -67.59
C LYS B 406 -118.22 -26.00 -68.76
N GLU B 407 -117.92 -24.73 -68.57
CA GLU B 407 -118.00 -23.84 -69.69
C GLU B 407 -116.69 -23.72 -70.47
N LYS B 408 -115.82 -24.68 -70.33
CA LYS B 408 -114.48 -24.48 -70.85
C LYS B 408 -113.90 -25.56 -71.73
N PHE B 409 -114.65 -26.59 -72.10
CA PHE B 409 -114.11 -27.62 -72.96
C PHE B 409 -114.14 -27.09 -74.38
N SER B 410 -113.15 -27.45 -75.21
CA SER B 410 -112.99 -26.99 -76.62
C SER B 410 -112.48 -28.13 -77.46
N LEU B 411 -112.79 -28.09 -78.74
CA LEU B 411 -112.39 -29.28 -79.55
C LEU B 411 -111.18 -29.03 -80.34
N ASP B 412 -110.83 -27.77 -80.45
CA ASP B 412 -109.68 -27.45 -81.31
C ASP B 412 -108.51 -27.29 -80.41
N LEU B 413 -107.83 -28.42 -80.24
CA LEU B 413 -106.81 -28.44 -79.31
C LEU B 413 -105.74 -27.56 -79.92
N ASP B 414 -105.57 -27.57 -81.23
CA ASP B 414 -104.67 -26.68 -81.88
C ASP B 414 -104.68 -25.21 -81.36
N GLN B 415 -105.72 -24.78 -80.70
CA GLN B 415 -105.80 -23.38 -80.24
C GLN B 415 -105.26 -23.10 -78.87
N TYR B 416 -104.74 -24.11 -78.18
CA TYR B 416 -104.25 -23.97 -76.81
C TYR B 416 -102.89 -24.68 -76.68
N PRO B 417 -102.04 -24.13 -75.84
CA PRO B 417 -100.77 -24.67 -75.54
C PRO B 417 -100.76 -26.21 -75.32
N LEU B 418 -101.31 -26.68 -74.21
CA LEU B 418 -101.32 -28.04 -73.92
C LEU B 418 -101.89 -28.69 -75.11
N GLY B 419 -102.88 -28.11 -75.78
CA GLY B 419 -103.47 -28.74 -76.92
C GLY B 419 -102.50 -29.06 -78.01
N ARG B 420 -101.81 -28.04 -78.48
CA ARG B 420 -100.75 -28.20 -79.49
C ARG B 420 -99.73 -29.26 -79.09
N LYS B 421 -99.12 -29.09 -77.91
CA LYS B 421 -98.27 -30.09 -77.34
C LYS B 421 -98.86 -31.49 -77.43
N PHE B 422 -100.14 -31.63 -77.10
CA PHE B 422 -100.80 -32.91 -77.15
C PHE B 422 -100.82 -33.43 -78.58
N LEU B 423 -101.20 -32.55 -79.50
CA LEU B 423 -101.06 -32.89 -80.94
C LEU B 423 -99.69 -33.34 -81.44
N VAL B 424 -98.67 -32.70 -80.94
CA VAL B 424 -97.37 -33.13 -81.33
C VAL B 424 -97.18 -34.56 -80.88
N GLN B 425 -97.35 -34.83 -79.56
CA GLN B 425 -97.05 -36.14 -79.03
C GLN B 425 -97.85 -37.27 -79.72
N ALA B 426 -98.90 -36.79 -80.39
CA ALA B 426 -99.88 -37.70 -80.99
C ALA B 426 -99.43 -38.14 -82.35
N GLY B 427 -98.61 -37.29 -82.95
CA GLY B 427 -97.92 -37.57 -84.21
C GLY B 427 -98.21 -36.46 -85.19
N LEU B 428 -99.54 -36.17 -85.31
CA LEU B 428 -100.09 -35.14 -86.26
C LEU B 428 -99.82 -33.67 -85.88
N ALA C 1 -111.16 -17.85 -85.54
CA ALA C 1 -110.02 -18.85 -85.34
C ALA C 1 -108.71 -18.32 -85.82
N VAL C 2 -107.69 -18.30 -84.95
CA VAL C 2 -106.27 -17.92 -85.27
C VAL C 2 -105.52 -19.06 -85.95
N VAL C 3 -104.61 -18.79 -86.85
CA VAL C 3 -104.04 -19.90 -87.60
C VAL C 3 -102.57 -19.84 -87.70
N ASN C 4 -102.04 -21.06 -87.73
CA ASN C 4 -100.62 -21.23 -87.83
C ASN C 4 -99.99 -20.47 -89.00
N THR C 5 -98.91 -19.76 -88.81
CA THR C 5 -98.47 -18.90 -89.91
C THR C 5 -98.07 -19.82 -91.10
N ASP C 6 -97.71 -21.06 -90.78
CA ASP C 6 -97.27 -21.91 -91.81
C ASP C 6 -98.34 -22.07 -92.88
N ASP C 7 -99.61 -21.83 -92.55
CA ASP C 7 -100.68 -21.87 -93.59
C ASP C 7 -100.74 -20.70 -94.58
N TYR C 8 -100.23 -19.55 -94.20
CA TYR C 8 -100.34 -18.48 -95.10
C TYR C 8 -99.02 -17.84 -95.41
N VAL C 9 -97.95 -18.34 -94.84
CA VAL C 9 -96.66 -17.79 -95.17
C VAL C 9 -95.69 -18.87 -95.79
N THR C 10 -95.25 -18.73 -97.03
CA THR C 10 -94.45 -19.79 -97.70
C THR C 10 -93.05 -19.47 -97.55
N ARG C 11 -92.25 -20.48 -97.24
CA ARG C 11 -90.83 -20.28 -96.96
C ARG C 11 -90.03 -20.59 -98.21
N THR C 12 -89.03 -19.76 -98.46
CA THR C 12 -88.11 -19.92 -99.62
C THR C 12 -86.94 -20.74 -99.14
N SER C 13 -85.88 -20.78 -99.93
CA SER C 13 -84.68 -21.51 -99.51
C SER C 13 -83.59 -20.46 -99.38
N ILE C 14 -84.03 -19.24 -99.30
CA ILE C 14 -83.07 -18.15 -99.17
C ILE C 14 -82.76 -17.90 -97.71
N PHE C 15 -81.47 -17.89 -97.35
CA PHE C 15 -81.20 -17.55 -95.97
C PHE C 15 -80.21 -16.42 -95.81
N TYR C 16 -80.44 -15.54 -94.86
CA TYR C 16 -79.42 -14.56 -94.62
C TYR C 16 -78.90 -14.62 -93.26
N HIS C 17 -77.69 -14.08 -93.08
CA HIS C 17 -77.16 -14.02 -91.75
C HIS C 17 -77.06 -12.57 -91.42
N ALA C 18 -77.13 -12.25 -90.12
CA ALA C 18 -77.11 -10.89 -89.69
C ALA C 18 -76.72 -10.84 -88.26
N GLY C 19 -75.91 -9.83 -87.93
CA GLY C 19 -75.32 -9.76 -86.65
C GLY C 19 -74.87 -8.36 -86.22
N SER C 20 -75.17 -7.99 -84.95
CA SER C 20 -74.89 -6.69 -84.29
C SER C 20 -73.40 -6.84 -84.22
N SER C 21 -72.74 -5.72 -84.35
CA SER C 21 -71.30 -5.71 -84.19
C SER C 21 -70.93 -6.30 -82.78
N ARG C 22 -70.84 -5.45 -81.75
CA ARG C 22 -70.49 -5.90 -80.41
C ARG C 22 -71.03 -4.86 -79.46
N LEU C 23 -72.20 -5.19 -78.90
CA LEU C 23 -72.88 -4.30 -78.01
C LEU C 23 -72.09 -4.18 -76.77
N LEU C 24 -72.00 -2.97 -76.17
CA LEU C 24 -71.23 -2.80 -74.96
C LEU C 24 -71.69 -1.76 -74.09
N THR C 25 -71.66 -1.95 -72.79
CA THR C 25 -72.10 -0.82 -71.95
C THR C 25 -71.54 -0.81 -70.53
N VAL C 26 -71.16 0.36 -70.01
CA VAL C 26 -70.65 0.37 -68.67
C VAL C 26 -71.25 1.44 -67.82
N GLY C 27 -71.29 1.25 -66.51
CA GLY C 27 -72.03 2.17 -65.70
C GLY C 27 -71.92 1.78 -64.27
N ASP C 28 -72.62 2.50 -63.42
CA ASP C 28 -72.62 2.23 -62.02
C ASP C 28 -73.68 1.22 -61.88
N PRO C 29 -73.42 0.16 -61.10
CA PRO C 29 -74.30 -0.94 -60.89
C PRO C 29 -75.50 -0.69 -59.96
N TYR C 30 -75.47 0.35 -59.15
CA TYR C 30 -76.49 0.62 -58.23
C TYR C 30 -77.37 1.77 -58.54
N PHE C 31 -76.92 2.83 -59.19
CA PHE C 31 -77.82 3.88 -59.61
C PHE C 31 -77.13 4.79 -60.58
N ARG C 32 -77.87 5.62 -61.31
CA ARG C 32 -77.19 6.61 -62.17
C ARG C 32 -76.61 7.78 -61.47
N VAL C 33 -75.47 8.24 -61.94
CA VAL C 33 -74.79 9.33 -61.37
C VAL C 33 -75.13 10.53 -62.22
N PRO C 34 -75.80 11.47 -61.62
CA PRO C 34 -76.22 12.63 -62.37
C PRO C 34 -75.00 13.22 -63.01
N ALA C 35 -75.23 13.71 -64.21
CA ALA C 35 -74.25 14.39 -65.12
C ALA C 35 -73.36 15.47 -64.59
N GLY C 36 -72.10 15.32 -65.05
CA GLY C 36 -70.96 16.20 -64.78
C GLY C 36 -70.64 16.82 -63.42
N GLY C 37 -71.30 16.36 -62.34
CA GLY C 37 -70.89 16.80 -60.98
C GLY C 37 -69.35 16.82 -60.82
N GLY C 38 -68.73 15.65 -61.06
CA GLY C 38 -67.26 15.52 -61.06
C GLY C 38 -66.74 15.51 -62.51
N ASN C 39 -67.31 14.67 -63.38
CA ASN C 39 -66.82 14.65 -64.74
C ASN C 39 -67.92 14.40 -65.76
N LYS C 40 -68.03 15.42 -66.64
CA LYS C 40 -68.99 15.57 -67.72
C LYS C 40 -69.71 14.35 -68.29
N GLN C 41 -71.03 14.50 -68.31
CA GLN C 41 -71.92 13.43 -68.82
C GLN C 41 -72.35 12.18 -67.90
N ASP C 42 -73.66 11.88 -67.89
CA ASP C 42 -74.26 10.87 -67.03
C ASP C 42 -73.54 9.55 -67.06
N ILE C 43 -73.53 8.92 -65.93
CA ILE C 43 -73.00 7.59 -65.84
C ILE C 43 -74.20 6.70 -65.60
N PRO C 44 -74.70 5.96 -66.57
CA PRO C 44 -75.89 5.13 -66.61
C PRO C 44 -75.94 4.10 -65.52
N LYS C 45 -77.10 3.57 -65.20
CA LYS C 45 -77.08 2.51 -64.25
C LYS C 45 -77.05 1.25 -65.06
N VAL C 46 -75.94 0.57 -65.01
CA VAL C 46 -75.81 -0.69 -65.75
C VAL C 46 -75.67 -1.83 -64.73
N SER C 47 -76.63 -2.71 -64.64
CA SER C 47 -76.54 -3.78 -63.63
C SER C 47 -76.78 -5.10 -64.30
N ALA C 48 -76.29 -6.12 -63.66
CA ALA C 48 -76.41 -7.38 -64.26
C ALA C 48 -77.76 -7.84 -63.90
N TYR C 49 -78.40 -7.20 -62.92
CA TYR C 49 -79.74 -7.64 -62.59
C TYR C 49 -80.87 -6.93 -63.29
N GLN C 50 -80.66 -6.30 -64.44
CA GLN C 50 -81.75 -5.67 -65.11
C GLN C 50 -81.97 -6.34 -66.50
N TYR C 51 -83.17 -6.36 -67.09
CA TYR C 51 -83.44 -6.91 -68.42
C TYR C 51 -82.77 -6.08 -69.56
N ARG C 52 -82.27 -6.74 -70.56
CA ARG C 52 -81.63 -6.07 -71.67
C ARG C 52 -82.68 -6.40 -72.73
N VAL C 53 -83.32 -5.41 -73.36
CA VAL C 53 -84.32 -5.82 -74.35
C VAL C 53 -83.80 -5.12 -75.60
N PHE C 54 -83.40 -5.90 -76.63
CA PHE C 54 -82.83 -5.37 -77.81
C PHE C 54 -83.96 -5.36 -78.78
N ARG C 55 -84.18 -4.23 -79.43
CA ARG C 55 -85.16 -4.13 -80.42
C ARG C 55 -84.44 -4.16 -81.73
N VAL C 56 -84.34 -5.34 -82.37
CA VAL C 56 -83.65 -5.52 -83.61
C VAL C 56 -84.39 -5.06 -84.90
N GLN C 57 -83.87 -4.01 -85.54
CA GLN C 57 -84.46 -3.47 -86.76
C GLN C 57 -83.96 -4.21 -87.99
N LEU C 58 -84.83 -4.87 -88.73
CA LEU C 58 -84.37 -5.60 -89.93
C LEU C 58 -84.60 -4.74 -91.16
N PRO C 59 -83.98 -5.07 -92.31
CA PRO C 59 -84.29 -4.33 -93.52
C PRO C 59 -85.67 -4.75 -94.08
N ASP C 60 -86.35 -3.85 -94.82
CA ASP C 60 -87.62 -4.25 -95.44
C ASP C 60 -87.44 -5.15 -96.66
N PRO C 61 -87.79 -6.42 -96.54
CA PRO C 61 -87.46 -7.35 -97.59
C PRO C 61 -88.13 -7.00 -98.91
N ASN C 62 -89.04 -6.04 -98.88
CA ASN C 62 -89.77 -5.73 -100.09
C ASN C 62 -88.97 -4.66 -100.80
N LYS C 63 -88.81 -3.48 -100.18
CA LYS C 63 -87.85 -2.47 -100.69
C LYS C 63 -86.37 -2.88 -100.64
N PHE C 64 -86.05 -4.16 -100.58
CA PHE C 64 -84.66 -4.65 -100.52
C PHE C 64 -84.14 -5.13 -101.91
N GLY C 65 -82.80 -5.26 -102.01
CA GLY C 65 -82.23 -5.85 -103.21
C GLY C 65 -82.06 -7.35 -103.05
N LEU C 66 -82.76 -8.17 -103.85
CA LEU C 66 -82.69 -9.62 -103.69
C LEU C 66 -81.66 -10.10 -104.71
N PRO C 67 -81.12 -11.38 -104.49
CA PRO C 67 -80.09 -12.04 -105.36
C PRO C 67 -80.74 -12.43 -106.73
N ASP C 68 -82.07 -12.26 -106.74
CA ASP C 68 -82.94 -12.67 -107.82
C ASP C 68 -84.31 -12.14 -107.35
N THR C 69 -84.76 -11.07 -108.01
CA THR C 69 -86.13 -10.54 -107.69
C THR C 69 -87.33 -11.19 -108.53
N SER C 70 -87.30 -12.53 -108.72
CA SER C 70 -88.34 -13.37 -109.41
C SER C 70 -88.52 -14.59 -108.51
N ILE C 71 -88.47 -14.26 -107.22
CA ILE C 71 -88.66 -15.25 -106.17
C ILE C 71 -90.19 -15.26 -105.88
N TYR C 72 -90.75 -14.04 -106.12
CA TYR C 72 -92.20 -13.76 -105.97
C TYR C 72 -92.69 -12.75 -106.96
N ASN C 73 -94.01 -12.61 -107.00
CA ASN C 73 -94.59 -11.68 -107.92
C ASN C 73 -95.08 -10.45 -107.17
N PRO C 74 -94.33 -9.35 -107.23
CA PRO C 74 -94.69 -8.13 -106.51
C PRO C 74 -96.08 -7.62 -106.59
N GLU C 75 -96.94 -8.33 -107.31
CA GLU C 75 -98.29 -7.82 -107.58
C GLU C 75 -99.31 -8.52 -106.77
N THR C 76 -99.09 -9.82 -106.56
CA THR C 76 -99.98 -10.65 -105.74
C THR C 76 -99.38 -10.99 -104.36
N GLN C 77 -98.07 -10.76 -104.14
CA GLN C 77 -97.44 -11.22 -102.91
C GLN C 77 -96.45 -10.30 -102.18
N ARG C 78 -96.15 -10.58 -100.92
CA ARG C 78 -95.24 -9.70 -100.22
C ARG C 78 -94.15 -10.48 -99.55
N LEU C 79 -93.16 -9.77 -99.05
CA LEU C 79 -92.10 -10.45 -98.41
C LEU C 79 -91.99 -10.28 -96.86
N VAL C 80 -91.74 -11.38 -96.11
CA VAL C 80 -91.48 -11.26 -94.66
C VAL C 80 -90.27 -12.00 -94.22
N TRP C 81 -89.65 -11.54 -93.12
CA TRP C 81 -88.49 -12.21 -92.65
C TRP C 81 -88.83 -13.23 -91.56
N ALA C 82 -88.37 -14.44 -91.67
CA ALA C 82 -88.74 -15.46 -90.62
C ALA C 82 -87.46 -15.78 -89.84
N CYS C 83 -87.45 -15.83 -88.51
CA CYS C 83 -86.17 -16.04 -87.83
C CYS C 83 -85.89 -17.51 -87.87
N ALA C 84 -84.65 -17.95 -88.02
CA ALA C 84 -84.46 -19.37 -88.16
C ALA C 84 -83.38 -19.82 -87.25
N GLY C 85 -82.64 -18.92 -86.59
CA GLY C 85 -81.58 -19.41 -85.65
C GLY C 85 -81.12 -18.14 -84.93
N VAL C 86 -80.63 -18.33 -83.72
CA VAL C 86 -80.15 -17.22 -82.90
C VAL C 86 -79.00 -17.65 -82.13
N GLU C 87 -78.20 -16.68 -81.72
CA GLU C 87 -77.18 -16.93 -80.74
C GLU C 87 -76.83 -15.68 -79.96
N ILE C 88 -77.10 -15.69 -78.69
CA ILE C 88 -76.78 -14.53 -78.02
C ILE C 88 -75.40 -14.66 -77.44
N GLY C 89 -74.39 -13.94 -77.91
CA GLY C 89 -73.07 -14.12 -77.43
C GLY C 89 -72.87 -13.31 -76.19
N ARG C 90 -72.23 -13.88 -75.18
CA ARG C 90 -71.85 -13.11 -74.05
C ARG C 90 -70.36 -12.86 -73.86
N GLY C 91 -69.99 -11.63 -73.51
CA GLY C 91 -68.63 -11.11 -73.41
C GLY C 91 -67.82 -11.36 -72.13
N GLN C 92 -67.92 -10.60 -71.05
CA GLN C 92 -66.97 -10.80 -69.97
C GLN C 92 -66.90 -12.20 -69.39
N PRO C 93 -65.98 -12.45 -68.48
CA PRO C 93 -65.85 -13.72 -67.80
C PRO C 93 -66.90 -13.93 -66.71
N LEU C 94 -67.14 -15.17 -66.34
CA LEU C 94 -68.22 -15.45 -65.33
C LEU C 94 -67.86 -14.89 -64.04
N GLY C 95 -68.80 -14.46 -63.21
CA GLY C 95 -68.40 -13.88 -61.99
C GLY C 95 -69.48 -13.55 -61.02
N VAL C 96 -69.17 -13.17 -59.80
CA VAL C 96 -70.30 -12.98 -58.91
C VAL C 96 -70.11 -11.63 -58.32
N GLY C 97 -71.18 -10.92 -57.96
CA GLY C 97 -71.06 -9.56 -57.45
C GLY C 97 -72.19 -9.18 -56.45
N LEU C 98 -71.87 -8.32 -55.44
CA LEU C 98 -72.80 -8.03 -54.40
C LEU C 98 -73.62 -6.79 -54.63
N SER C 99 -74.68 -6.63 -53.88
CA SER C 99 -75.57 -5.46 -53.88
C SER C 99 -75.87 -5.27 -52.40
N GLY C 100 -75.84 -4.05 -51.93
CA GLY C 100 -76.18 -3.79 -50.58
C GLY C 100 -76.87 -2.47 -50.36
N HIS C 101 -77.05 -2.16 -49.10
CA HIS C 101 -77.73 -0.94 -48.63
C HIS C 101 -77.05 -0.41 -47.37
N PRO C 102 -76.72 0.86 -47.36
CA PRO C 102 -76.05 1.46 -46.24
C PRO C 102 -76.85 1.31 -44.99
N PHE C 103 -78.20 1.29 -45.08
CA PHE C 103 -79.10 1.19 -43.94
C PHE C 103 -80.16 0.13 -44.14
N TYR C 104 -79.77 -1.16 -44.30
CA TYR C 104 -80.69 -2.29 -44.49
C TYR C 104 -81.43 -2.45 -43.24
N ASN C 105 -82.70 -2.58 -43.37
CA ASN C 105 -83.51 -2.79 -42.26
C ASN C 105 -83.53 -4.27 -41.80
N LYS C 106 -82.55 -4.62 -41.01
CA LYS C 106 -82.34 -5.97 -40.55
C LYS C 106 -82.35 -5.84 -39.01
N LEU C 107 -83.38 -6.37 -38.38
CA LEU C 107 -83.42 -6.23 -36.90
C LEU C 107 -82.39 -7.11 -36.22
N ASP C 108 -82.55 -8.43 -36.31
CA ASP C 108 -81.53 -9.38 -35.82
C ASP C 108 -81.57 -10.82 -36.36
N ASP C 109 -80.49 -11.49 -36.02
CA ASP C 109 -80.27 -12.79 -36.63
C ASP C 109 -81.20 -13.77 -35.98
N THR C 110 -82.19 -14.22 -36.76
CA THR C 110 -83.16 -15.13 -36.26
C THR C 110 -82.81 -16.50 -36.73
N GLU C 111 -81.60 -16.74 -37.16
CA GLU C 111 -81.28 -18.06 -37.66
C GLU C 111 -80.92 -18.95 -36.53
N SER C 112 -80.11 -18.39 -35.67
CA SER C 112 -79.65 -19.04 -34.47
C SER C 112 -78.94 -18.01 -33.62
N SER C 113 -79.52 -16.83 -33.43
CA SER C 113 -78.95 -15.86 -32.46
C SER C 113 -78.38 -16.65 -31.27
N HIS C 114 -77.12 -16.34 -30.90
CA HIS C 114 -76.58 -16.84 -29.58
C HIS C 114 -77.65 -16.90 -28.35
N ALA C 115 -78.37 -15.77 -28.13
CA ALA C 115 -79.49 -15.73 -27.16
C ALA C 115 -80.41 -14.60 -27.61
N ALA C 116 -81.01 -13.94 -26.61
CA ALA C 116 -81.92 -12.80 -26.79
C ALA C 116 -81.20 -11.72 -27.60
N THR C 117 -82.01 -10.89 -28.27
CA THR C 117 -81.50 -9.85 -29.19
C THR C 117 -81.63 -8.40 -28.63
N SER C 118 -80.91 -7.46 -29.31
CA SER C 118 -81.10 -6.02 -29.07
C SER C 118 -82.55 -5.50 -28.76
N ASN C 119 -82.57 -4.22 -28.33
CA ASN C 119 -83.85 -3.50 -28.05
C ASN C 119 -84.52 -2.86 -29.39
N VAL C 120 -85.83 -3.17 -29.69
CA VAL C 120 -86.61 -2.44 -30.78
C VAL C 120 -86.91 -0.96 -30.40
N SER C 121 -85.89 -0.30 -29.80
CA SER C 121 -85.81 1.18 -29.48
C SER C 121 -85.99 2.16 -30.76
N GLU C 122 -84.84 2.24 -31.49
CA GLU C 122 -84.68 3.02 -32.71
C GLU C 122 -83.27 2.80 -33.34
N ASP C 123 -83.30 2.97 -34.68
CA ASP C 123 -82.18 2.88 -35.68
C ASP C 123 -81.17 1.85 -35.38
N VAL C 124 -81.41 0.67 -35.89
CA VAL C 124 -80.53 -0.47 -35.69
C VAL C 124 -80.21 -1.04 -37.07
N ARG C 125 -80.51 -0.25 -38.10
CA ARG C 125 -80.21 -0.57 -39.44
C ARG C 125 -78.68 -0.63 -39.66
N ASP C 126 -78.24 -1.62 -40.46
CA ASP C 126 -76.79 -1.99 -40.61
C ASP C 126 -76.54 -2.08 -42.06
N ASN C 127 -75.29 -1.84 -42.39
CA ASN C 127 -74.84 -1.90 -43.78
C ASN C 127 -74.65 -3.33 -44.17
N VAL C 128 -75.50 -3.85 -45.03
CA VAL C 128 -75.34 -5.19 -45.52
C VAL C 128 -75.34 -5.28 -47.02
N SER C 129 -74.78 -6.36 -47.53
CA SER C 129 -74.83 -6.66 -48.94
C SER C 129 -75.33 -8.03 -49.15
N VAL C 130 -75.51 -8.37 -50.40
CA VAL C 130 -76.06 -9.63 -50.71
C VAL C 130 -75.88 -10.00 -52.18
N ASP C 131 -75.46 -11.23 -52.46
CA ASP C 131 -75.40 -11.69 -53.85
C ASP C 131 -76.84 -12.17 -54.22
N TYR C 132 -77.43 -11.58 -55.26
CA TYR C 132 -78.78 -11.96 -55.64
C TYR C 132 -78.96 -13.38 -56.24
N LYS C 133 -80.21 -13.77 -56.28
CA LYS C 133 -80.60 -14.95 -56.95
C LYS C 133 -79.96 -15.05 -58.34
N GLN C 134 -79.73 -16.27 -58.80
CA GLN C 134 -79.12 -16.40 -60.15
C GLN C 134 -80.14 -16.72 -61.21
N THR C 135 -80.23 -15.90 -62.27
CA THR C 135 -81.26 -16.07 -63.27
C THR C 135 -80.72 -15.99 -64.64
N GLN C 136 -81.29 -16.73 -65.58
CA GLN C 136 -80.87 -16.56 -66.96
C GLN C 136 -82.02 -16.75 -67.79
N LEU C 137 -82.42 -15.74 -68.58
CA LEU C 137 -83.54 -15.93 -69.48
C LEU C 137 -83.41 -15.21 -70.69
N CYS C 138 -84.14 -15.75 -71.60
CA CYS C 138 -84.10 -15.23 -72.93
C CYS C 138 -85.40 -15.41 -73.69
N ILE C 139 -85.85 -14.43 -74.45
CA ILE C 139 -87.10 -14.57 -75.11
C ILE C 139 -87.05 -13.87 -76.49
N LEU C 140 -87.59 -14.52 -77.51
CA LEU C 140 -87.64 -13.91 -78.80
C LEU C 140 -89.08 -13.70 -79.27
N GLY C 141 -89.41 -12.59 -79.94
CA GLY C 141 -90.73 -12.55 -80.54
C GLY C 141 -90.70 -11.30 -81.34
N CYS C 142 -91.82 -11.00 -82.01
CA CYS C 142 -91.82 -9.82 -82.86
C CYS C 142 -92.80 -8.79 -82.32
N ALA C 143 -92.89 -8.85 -81.00
CA ALA C 143 -93.48 -7.81 -80.15
C ALA C 143 -92.74 -7.88 -78.80
N PRO C 144 -92.68 -6.82 -78.02
CA PRO C 144 -92.05 -6.88 -76.68
C PRO C 144 -92.71 -7.83 -75.67
N ALA C 145 -91.87 -8.44 -74.81
CA ALA C 145 -92.37 -9.45 -73.93
C ALA C 145 -93.16 -8.85 -72.75
N ILE C 146 -94.00 -9.64 -72.03
CA ILE C 146 -94.79 -9.00 -70.97
C ILE C 146 -94.32 -9.50 -69.59
N GLY C 147 -94.30 -8.55 -68.66
CA GLY C 147 -93.85 -8.90 -67.33
C GLY C 147 -94.95 -8.63 -66.37
N GLU C 148 -94.89 -9.29 -65.21
CA GLU C 148 -95.84 -9.15 -64.13
C GLU C 148 -95.13 -8.75 -62.87
N HIS C 149 -95.86 -8.10 -61.98
CA HIS C 149 -95.37 -7.65 -60.71
C HIS C 149 -96.45 -7.13 -59.84
N TRP C 150 -96.27 -7.20 -58.56
CA TRP C 150 -97.27 -6.69 -57.65
C TRP C 150 -97.19 -5.24 -57.38
N ALA C 151 -98.38 -4.58 -57.37
CA ALA C 151 -98.37 -3.13 -57.00
C ALA C 151 -99.36 -2.65 -55.96
N LYS C 152 -99.18 -1.42 -55.50
CA LYS C 152 -100.13 -0.89 -54.66
C LYS C 152 -101.47 -0.71 -55.35
N GLY C 153 -102.43 -1.53 -54.96
CA GLY C 153 -103.78 -1.47 -55.51
C GLY C 153 -104.34 -0.10 -55.30
N THR C 154 -105.27 0.29 -56.20
CA THR C 154 -105.89 1.64 -56.23
C THR C 154 -106.84 1.69 -55.04
N ALA C 155 -106.68 2.82 -54.29
CA ALA C 155 -107.42 3.06 -53.03
C ALA C 155 -108.92 3.29 -53.39
N SER C 156 -109.82 2.36 -52.94
CA SER C 156 -111.28 2.55 -53.11
C SER C 156 -111.79 3.92 -52.48
N LYS C 157 -112.72 4.53 -53.24
CA LYS C 157 -113.53 5.72 -52.78
C LYS C 157 -114.54 5.38 -51.63
N SER C 158 -115.28 4.25 -51.87
CA SER C 158 -116.21 3.59 -50.90
C SER C 158 -115.62 3.35 -49.48
N ARG C 159 -114.47 2.67 -49.42
CA ARG C 159 -113.76 2.37 -48.17
C ARG C 159 -112.36 2.96 -48.29
N PRO C 160 -112.15 4.27 -47.93
CA PRO C 160 -110.77 4.83 -48.00
C PRO C 160 -109.82 4.06 -46.99
N LEU C 161 -108.50 4.25 -47.13
CA LEU C 161 -107.53 3.53 -46.31
C LEU C 161 -106.71 4.45 -45.38
N SER C 162 -106.95 4.33 -44.10
CA SER C 162 -106.21 5.20 -43.17
C SER C 162 -104.70 4.92 -43.28
N GLN C 163 -103.89 5.96 -43.07
CA GLN C 163 -102.48 5.87 -43.29
C GLN C 163 -101.96 4.88 -42.34
N GLY C 164 -101.17 3.97 -42.86
CA GLY C 164 -100.51 3.01 -41.98
C GLY C 164 -100.97 1.60 -42.13
N ASP C 165 -102.15 1.46 -42.66
CA ASP C 165 -102.72 0.15 -42.87
C ASP C 165 -102.12 -0.39 -44.11
N CYS C 166 -102.11 -1.73 -44.15
CA CYS C 166 -101.59 -2.40 -45.31
C CYS C 166 -102.50 -2.31 -46.52
N PRO C 167 -102.02 -1.73 -47.62
CA PRO C 167 -102.85 -1.62 -48.88
C PRO C 167 -103.09 -2.96 -49.51
N PRO C 168 -103.94 -2.98 -50.55
CA PRO C 168 -104.17 -4.27 -51.21
C PRO C 168 -103.18 -4.45 -52.40
N LEU C 169 -102.67 -5.64 -52.58
CA LEU C 169 -101.81 -5.78 -53.64
C LEU C 169 -102.55 -6.07 -54.94
N GLU C 170 -102.11 -5.56 -56.09
CA GLU C 170 -102.72 -5.95 -57.37
C GLU C 170 -101.66 -6.41 -58.36
N LEU C 171 -101.96 -7.46 -59.16
CA LEU C 171 -100.99 -7.94 -60.05
C LEU C 171 -101.06 -7.14 -61.35
N LYS C 172 -100.00 -6.44 -61.73
CA LYS C 172 -100.03 -5.63 -62.99
C LYS C 172 -99.16 -6.13 -64.13
N ASN C 173 -99.71 -6.13 -65.35
CA ASN C 173 -98.97 -6.57 -66.51
C ASN C 173 -98.38 -5.34 -67.19
N THR C 174 -97.18 -5.46 -67.73
CA THR C 174 -96.46 -4.33 -68.23
C THR C 174 -95.37 -4.81 -69.22
N VAL C 175 -95.05 -3.91 -70.17
CA VAL C 175 -94.05 -4.24 -71.20
C VAL C 175 -92.64 -4.28 -70.58
N LEU C 176 -91.88 -5.37 -70.70
CA LEU C 176 -90.49 -5.36 -70.24
C LEU C 176 -89.56 -4.53 -71.12
N GLU C 177 -89.12 -3.42 -70.58
CA GLU C 177 -88.27 -2.49 -71.32
C GLU C 177 -86.82 -2.64 -70.89
N ASP C 178 -85.84 -2.08 -71.64
CA ASP C 178 -84.48 -2.43 -71.40
C ASP C 178 -84.21 -1.59 -70.22
N GLY C 179 -83.77 -2.20 -69.11
CA GLY C 179 -83.39 -1.52 -67.88
C GLY C 179 -84.30 -1.86 -66.74
N ASP C 180 -85.41 -2.58 -66.94
CA ASP C 180 -86.25 -2.82 -65.78
C ASP C 180 -85.51 -3.88 -65.00
N MET C 181 -85.72 -3.99 -63.66
CA MET C 181 -85.07 -4.99 -62.83
C MET C 181 -85.71 -6.32 -62.81
N VAL C 182 -84.96 -7.37 -62.60
CA VAL C 182 -85.56 -8.71 -62.46
C VAL C 182 -85.72 -9.08 -61.03
N ASP C 183 -86.50 -10.13 -60.78
CA ASP C 183 -86.61 -10.61 -59.48
C ASP C 183 -85.19 -10.87 -58.93
N THR C 184 -84.81 -10.27 -57.82
CA THR C 184 -83.52 -10.65 -57.38
C THR C 184 -83.55 -11.58 -56.20
N GLY C 185 -84.73 -12.02 -55.78
CA GLY C 185 -84.82 -12.88 -54.57
C GLY C 185 -85.77 -12.37 -53.52
N TYR C 186 -86.23 -11.13 -53.69
CA TYR C 186 -87.13 -10.49 -52.73
C TYR C 186 -88.48 -10.36 -53.41
N GLY C 187 -88.72 -11.19 -54.43
CA GLY C 187 -90.02 -11.18 -55.09
C GLY C 187 -90.19 -10.08 -56.13
N ALA C 188 -91.21 -10.19 -57.00
CA ALA C 188 -91.40 -9.25 -58.09
C ALA C 188 -92.48 -8.28 -57.77
N MET C 189 -92.02 -7.14 -57.28
CA MET C 189 -92.84 -6.07 -56.82
C MET C 189 -92.33 -4.71 -57.02
N ASP C 190 -93.20 -3.77 -56.71
CA ASP C 190 -92.83 -2.38 -56.87
C ASP C 190 -92.42 -1.88 -55.52
N PHE C 191 -91.12 -2.02 -55.21
CA PHE C 191 -90.57 -1.64 -53.94
C PHE C 191 -90.61 -0.18 -53.55
N SER C 192 -90.91 0.62 -54.55
CA SER C 192 -90.83 2.04 -54.33
C SER C 192 -92.18 2.50 -53.77
N THR C 193 -93.23 1.75 -54.09
CA THR C 193 -94.48 2.16 -53.61
C THR C 193 -94.96 1.28 -52.50
N LEU C 194 -94.40 0.08 -52.34
CA LEU C 194 -94.87 -0.77 -51.32
C LEU C 194 -93.98 -0.72 -50.07
N GLN C 195 -92.81 -0.07 -50.13
CA GLN C 195 -91.95 -0.12 -48.92
C GLN C 195 -91.53 1.29 -48.66
N ASP C 196 -92.20 1.92 -47.68
CA ASP C 196 -92.02 3.33 -47.40
C ASP C 196 -90.62 3.64 -46.88
N THR C 197 -90.02 2.65 -46.22
CA THR C 197 -88.74 2.72 -45.57
C THR C 197 -87.56 3.04 -46.47
N LYS C 198 -87.51 2.45 -47.65
CA LYS C 198 -86.51 2.73 -48.62
C LYS C 198 -85.31 2.03 -48.14
N CYS C 199 -85.41 0.96 -47.30
CA CYS C 199 -84.22 0.33 -46.77
C CYS C 199 -84.50 -1.07 -46.45
N GLU C 200 -85.44 -1.69 -47.15
CA GLU C 200 -85.74 -3.11 -46.85
C GLU C 200 -85.00 -4.05 -47.86
N VAL C 201 -84.40 -3.47 -48.91
CA VAL C 201 -83.74 -4.23 -49.90
C VAL C 201 -82.60 -3.43 -50.44
N PRO C 202 -81.64 -4.08 -51.11
CA PRO C 202 -80.51 -3.37 -51.70
C PRO C 202 -80.79 -2.16 -52.54
N LEU C 203 -79.89 -1.18 -52.46
CA LEU C 203 -79.89 0.06 -53.25
C LEU C 203 -80.35 -0.03 -54.69
N ASP C 204 -79.98 -1.04 -55.43
CA ASP C 204 -80.39 -1.16 -56.81
C ASP C 204 -81.78 -1.61 -57.06
N ILE C 205 -82.53 -2.13 -56.11
CA ILE C 205 -83.93 -2.38 -56.46
C ILE C 205 -84.80 -1.63 -55.46
N CYS C 206 -84.14 -1.01 -54.51
CA CYS C 206 -84.74 -0.36 -53.38
C CYS C 206 -85.86 0.56 -53.74
N GLN C 207 -85.68 1.31 -54.85
CA GLN C 207 -86.68 2.25 -55.36
C GLN C 207 -87.11 1.91 -56.71
N SER C 208 -87.14 0.66 -57.07
CA SER C 208 -87.46 0.30 -58.41
C SER C 208 -88.43 -0.79 -58.48
N ILE C 209 -88.66 -1.32 -59.66
CA ILE C 209 -89.68 -2.34 -59.77
C ILE C 209 -89.08 -3.60 -60.29
N CYS C 210 -89.34 -4.70 -59.64
CA CYS C 210 -88.77 -5.89 -60.17
C CYS C 210 -89.84 -6.63 -60.87
N LYS C 211 -89.61 -6.92 -62.15
CA LYS C 211 -90.59 -7.58 -62.94
C LYS C 211 -90.20 -9.04 -63.18
N TYR C 212 -91.16 -9.90 -63.49
CA TYR C 212 -90.85 -11.25 -63.84
C TYR C 212 -91.68 -11.60 -65.03
N PRO C 213 -91.06 -12.16 -66.04
CA PRO C 213 -91.76 -12.48 -67.25
C PRO C 213 -93.02 -13.15 -66.93
N ASP C 214 -94.11 -12.60 -67.48
CA ASP C 214 -95.39 -13.36 -67.45
C ASP C 214 -95.58 -14.47 -68.48
N TYR C 215 -94.95 -15.56 -68.13
CA TYR C 215 -94.92 -16.64 -69.06
C TYR C 215 -96.28 -17.23 -69.24
N LEU C 216 -97.14 -17.15 -68.25
CA LEU C 216 -98.42 -17.78 -68.45
C LEU C 216 -99.25 -16.98 -69.45
N GLN C 217 -99.30 -15.67 -69.22
CA GLN C 217 -100.04 -14.80 -70.06
C GLN C 217 -99.52 -14.86 -71.48
N MET C 218 -98.24 -15.14 -71.67
CA MET C 218 -97.62 -15.01 -72.94
C MET C 218 -97.89 -16.22 -73.75
N SER C 219 -98.00 -17.39 -73.11
CA SER C 219 -98.36 -18.62 -73.78
C SER C 219 -99.77 -18.58 -74.30
N ALA C 220 -100.62 -17.91 -73.55
CA ALA C 220 -102.02 -17.96 -73.78
C ALA C 220 -102.38 -17.01 -74.92
N ASP C 221 -101.65 -15.91 -74.98
CA ASP C 221 -101.77 -15.00 -76.09
C ASP C 221 -102.14 -15.81 -77.35
N PRO C 222 -103.22 -15.42 -78.02
CA PRO C 222 -103.78 -16.12 -79.17
C PRO C 222 -102.82 -16.10 -80.38
N TYR C 223 -102.32 -14.92 -80.76
CA TYR C 223 -101.46 -14.89 -81.92
C TYR C 223 -100.06 -15.42 -81.69
N GLY C 224 -99.52 -15.18 -80.51
CA GLY C 224 -98.21 -15.69 -80.22
C GLY C 224 -97.03 -14.83 -80.74
N ASP C 225 -97.14 -13.53 -80.63
CA ASP C 225 -96.15 -12.75 -81.26
C ASP C 225 -95.24 -12.36 -80.14
N SER C 226 -95.66 -12.54 -78.92
CA SER C 226 -94.94 -11.98 -77.81
C SER C 226 -93.74 -12.82 -77.60
N MET C 227 -93.94 -14.16 -77.62
CA MET C 227 -92.84 -15.12 -77.48
C MET C 227 -92.91 -16.39 -78.25
N PHE C 228 -91.98 -16.54 -79.19
CA PHE C 228 -91.94 -17.73 -79.97
C PHE C 228 -90.69 -18.51 -79.69
N PHE C 229 -90.07 -18.31 -78.55
CA PHE C 229 -88.81 -18.99 -78.13
C PHE C 229 -88.61 -18.50 -76.74
N CYS C 230 -88.44 -19.46 -75.83
CA CYS C 230 -88.27 -19.08 -74.42
C CYS C 230 -87.23 -19.94 -73.70
N LEU C 231 -86.31 -19.38 -72.93
CA LEU C 231 -85.27 -20.18 -72.21
C LEU C 231 -85.00 -19.62 -70.82
N ARG C 232 -85.22 -20.39 -69.80
CA ARG C 232 -84.97 -19.88 -68.50
C ARG C 232 -84.32 -20.87 -67.64
N ARG C 233 -83.58 -20.35 -66.69
CA ARG C 233 -82.93 -21.17 -65.71
C ARG C 233 -82.69 -20.31 -64.48
N GLU C 234 -83.34 -20.54 -63.37
CA GLU C 234 -83.02 -19.77 -62.21
C GLU C 234 -82.66 -20.62 -61.02
N GLN C 235 -82.08 -20.10 -59.94
CA GLN C 235 -81.76 -20.86 -58.74
C GLN C 235 -81.28 -20.03 -57.57
N LEU C 236 -81.67 -20.47 -56.38
CA LEU C 236 -81.29 -19.70 -55.24
C LEU C 236 -81.47 -20.35 -53.96
N PHE C 237 -80.99 -19.73 -52.94
CA PHE C 237 -81.12 -20.35 -51.66
C PHE C 237 -81.06 -19.34 -50.54
N ALA C 238 -81.52 -19.67 -49.35
CA ALA C 238 -81.46 -18.69 -48.34
C ALA C 238 -80.18 -18.70 -47.49
N ARG C 239 -79.46 -17.62 -47.61
CA ARG C 239 -78.20 -17.50 -46.96
C ARG C 239 -78.41 -17.18 -45.53
N HIS C 240 -78.97 -16.03 -45.16
CA HIS C 240 -79.21 -15.68 -43.76
C HIS C 240 -80.63 -15.38 -43.41
N PHE C 241 -81.04 -15.51 -42.18
CA PHE C 241 -82.40 -15.24 -41.85
C PHE C 241 -82.56 -14.03 -40.99
N TRP C 242 -83.46 -13.08 -41.32
CA TRP C 242 -83.56 -11.83 -40.52
C TRP C 242 -84.85 -11.32 -40.13
N ASN C 243 -84.90 -10.48 -39.14
CA ASN C 243 -86.13 -9.86 -38.71
C ASN C 243 -86.33 -8.55 -39.31
N ARG C 244 -87.53 -7.96 -39.30
CA ARG C 244 -87.67 -6.53 -39.75
C ARG C 244 -88.04 -5.62 -38.58
N ALA C 245 -87.34 -4.52 -38.41
CA ALA C 245 -87.63 -3.57 -37.37
C ALA C 245 -88.85 -2.87 -37.79
N GLY C 246 -89.64 -2.45 -36.79
CA GLY C 246 -90.89 -1.66 -37.06
C GLY C 246 -92.01 -2.19 -36.22
N THR C 247 -93.18 -1.58 -36.27
CA THR C 247 -94.31 -2.16 -35.48
C THR C 247 -95.14 -3.20 -36.30
N MET C 248 -95.44 -4.36 -35.75
CA MET C 248 -96.14 -5.33 -36.58
C MET C 248 -97.53 -4.85 -37.00
N GLY C 249 -97.93 -5.03 -38.25
CA GLY C 249 -99.20 -4.42 -38.70
C GLY C 249 -100.29 -5.36 -38.35
N ASP C 250 -100.12 -6.58 -38.77
CA ASP C 250 -101.08 -7.61 -38.38
C ASP C 250 -100.71 -8.17 -36.96
N THR C 251 -101.64 -8.24 -35.99
CA THR C 251 -101.14 -8.63 -34.66
C THR C 251 -101.18 -10.12 -34.44
N VAL C 252 -100.14 -10.65 -33.83
CA VAL C 252 -100.01 -12.09 -33.77
C VAL C 252 -101.07 -12.67 -32.85
N PRO C 253 -101.91 -13.57 -33.36
CA PRO C 253 -102.94 -14.20 -32.55
C PRO C 253 -102.47 -14.69 -31.24
N GLN C 254 -103.28 -14.47 -30.23
CA GLN C 254 -102.90 -14.94 -28.92
C GLN C 254 -102.93 -16.47 -28.82
N SER C 255 -103.71 -17.12 -29.67
CA SER C 255 -103.88 -18.56 -29.54
C SER C 255 -102.72 -19.28 -30.15
N LEU C 256 -101.66 -18.53 -30.52
CA LEU C 256 -100.49 -19.15 -31.19
C LEU C 256 -99.28 -19.18 -30.28
N TYR C 257 -99.45 -18.71 -29.07
CA TYR C 257 -98.40 -18.75 -28.13
C TYR C 257 -98.82 -18.65 -26.68
N ILE C 258 -97.85 -18.64 -25.79
CA ILE C 258 -98.12 -18.52 -24.38
C ILE C 258 -97.31 -17.33 -23.84
N LYS C 259 -97.93 -16.39 -23.09
CA LYS C 259 -97.19 -15.13 -22.72
C LYS C 259 -96.06 -15.45 -21.80
N GLY C 260 -95.02 -14.65 -21.82
CA GLY C 260 -93.92 -14.82 -20.92
C GLY C 260 -94.02 -13.58 -20.06
N THR C 261 -92.94 -13.22 -19.40
CA THR C 261 -92.92 -12.04 -18.52
C THR C 261 -91.76 -11.18 -18.97
N GLY C 262 -91.86 -9.87 -18.72
CA GLY C 262 -90.86 -8.92 -19.19
C GLY C 262 -90.93 -8.75 -20.72
N MET C 263 -89.74 -8.70 -21.32
CA MET C 263 -89.63 -8.59 -22.80
C MET C 263 -90.25 -9.80 -23.58
N ARG C 264 -90.43 -10.90 -22.85
CA ARG C 264 -91.07 -12.14 -23.36
C ARG C 264 -92.61 -12.19 -23.06
N ALA C 265 -93.15 -11.06 -22.63
CA ALA C 265 -94.53 -10.99 -22.33
C ALA C 265 -95.26 -10.65 -23.61
N SER C 266 -94.48 -10.10 -24.54
CA SER C 266 -95.04 -9.65 -25.83
C SER C 266 -94.19 -10.08 -27.05
N PRO C 267 -94.80 -10.65 -28.10
CA PRO C 267 -93.97 -11.08 -29.21
C PRO C 267 -93.19 -9.94 -29.87
N GLY C 268 -91.99 -10.30 -30.32
CA GLY C 268 -91.19 -9.35 -31.09
C GLY C 268 -91.60 -9.35 -32.57
N SER C 269 -90.66 -8.94 -33.46
CA SER C 269 -90.93 -8.95 -34.87
C SER C 269 -91.21 -10.36 -35.42
N CYS C 270 -92.35 -10.51 -36.06
CA CYS C 270 -92.59 -11.72 -36.71
C CYS C 270 -92.65 -11.56 -38.21
N VAL C 271 -91.89 -10.62 -38.85
CA VAL C 271 -91.84 -10.43 -40.32
C VAL C 271 -90.50 -10.87 -40.71
N TYR C 272 -90.38 -12.12 -41.17
CA TYR C 272 -89.05 -12.58 -41.52
C TYR C 272 -88.81 -12.53 -43.02
N SER C 273 -87.55 -12.26 -43.43
CA SER C 273 -87.09 -12.38 -44.78
C SER C 273 -85.63 -12.74 -44.85
N PRO C 274 -85.32 -13.75 -45.66
CA PRO C 274 -83.98 -14.24 -45.79
C PRO C 274 -83.20 -13.47 -46.86
N SER C 275 -81.87 -13.34 -46.70
CA SER C 275 -81.10 -12.76 -47.79
C SER C 275 -80.84 -13.80 -48.87
N PRO C 276 -81.25 -13.54 -50.10
CA PRO C 276 -81.04 -14.52 -51.15
C PRO C 276 -79.61 -14.75 -51.50
N SER C 277 -79.35 -15.71 -52.36
CA SER C 277 -78.00 -16.05 -52.84
C SER C 277 -78.12 -17.13 -53.77
N GLY C 278 -77.54 -16.95 -54.96
CA GLY C 278 -77.54 -17.92 -56.00
C GLY C 278 -76.27 -18.66 -55.65
N SER C 279 -76.21 -19.95 -55.84
CA SER C 279 -75.09 -20.62 -55.25
C SER C 279 -73.87 -20.45 -56.17
N ILE C 280 -73.31 -21.55 -56.67
CA ILE C 280 -72.22 -21.53 -57.54
C ILE C 280 -72.59 -21.16 -58.94
N VAL C 281 -71.76 -20.42 -59.62
CA VAL C 281 -72.15 -20.13 -60.96
C VAL C 281 -71.14 -20.84 -61.78
N THR C 282 -71.52 -21.68 -62.72
CA THR C 282 -70.59 -22.49 -63.48
C THR C 282 -70.86 -22.52 -64.95
N SER C 283 -69.93 -22.91 -65.73
CA SER C 283 -70.15 -22.84 -67.13
C SER C 283 -70.90 -24.01 -67.66
N ASP C 284 -71.20 -24.95 -66.80
CA ASP C 284 -71.94 -26.15 -67.18
C ASP C 284 -73.40 -25.88 -67.41
N SER C 285 -74.00 -25.09 -66.55
CA SER C 285 -75.34 -24.56 -66.75
C SER C 285 -75.46 -23.28 -67.63
N GLN C 286 -74.51 -23.06 -68.51
CA GLN C 286 -74.55 -21.74 -69.14
C GLN C 286 -75.62 -21.83 -70.22
N LEU C 287 -76.49 -20.84 -70.27
CA LEU C 287 -77.49 -20.83 -71.29
C LEU C 287 -77.15 -20.30 -72.65
N PHE C 288 -76.28 -19.28 -72.68
CA PHE C 288 -75.91 -18.48 -73.85
C PHE C 288 -74.67 -18.89 -74.54
N ASN C 289 -74.33 -18.18 -75.57
CA ASN C 289 -73.11 -18.49 -76.24
C ASN C 289 -73.28 -19.80 -76.92
N LYS C 290 -74.53 -20.25 -77.11
CA LYS C 290 -74.76 -21.47 -77.88
C LYS C 290 -75.75 -21.06 -78.94
N PRO C 291 -75.68 -21.66 -80.09
CA PRO C 291 -76.71 -21.34 -81.03
C PRO C 291 -78.00 -22.21 -80.82
N TYR C 292 -79.18 -21.63 -80.95
CA TYR C 292 -80.37 -22.45 -80.91
C TYR C 292 -81.22 -22.11 -82.07
N TRP C 293 -81.68 -23.18 -82.75
CA TRP C 293 -82.37 -23.04 -84.01
C TRP C 293 -83.80 -23.31 -83.75
N LEU C 294 -84.69 -22.42 -84.27
CA LEU C 294 -86.12 -22.58 -83.97
C LEU C 294 -86.79 -23.12 -85.18
N HIS C 295 -87.21 -24.38 -85.04
CA HIS C 295 -87.70 -25.21 -86.10
C HIS C 295 -89.25 -25.04 -86.01
N LYS C 296 -89.86 -25.08 -84.84
CA LYS C 296 -91.31 -24.82 -84.79
C LYS C 296 -91.69 -24.18 -83.50
N ALA C 297 -92.19 -22.94 -83.62
CA ALA C 297 -92.52 -22.09 -82.48
C ALA C 297 -93.55 -22.70 -81.62
N GLN C 298 -93.73 -22.19 -80.42
CA GLN C 298 -94.75 -22.73 -79.53
C GLN C 298 -96.13 -22.26 -79.93
N GLY C 299 -96.21 -20.98 -80.26
CA GLY C 299 -97.48 -20.37 -80.59
C GLY C 299 -97.75 -20.45 -82.10
N HIS C 300 -98.62 -19.60 -82.66
CA HIS C 300 -99.10 -19.74 -84.01
C HIS C 300 -98.16 -18.97 -84.88
N ASN C 301 -97.58 -17.90 -84.40
CA ASN C 301 -96.56 -17.26 -85.17
C ASN C 301 -95.25 -18.03 -84.99
N ASN C 302 -94.71 -18.54 -86.10
CA ASN C 302 -93.51 -19.39 -86.20
C ASN C 302 -92.29 -18.60 -86.57
N GLY C 303 -91.98 -17.67 -85.73
CA GLY C 303 -90.83 -16.81 -85.99
C GLY C 303 -90.94 -15.74 -87.04
N VAL C 304 -92.15 -15.37 -87.35
CA VAL C 304 -92.33 -14.42 -88.42
C VAL C 304 -92.08 -13.06 -87.85
N CYS C 305 -91.19 -12.30 -88.46
CA CYS C 305 -90.97 -10.98 -87.88
C CYS C 305 -91.71 -9.89 -88.57
N TRP C 306 -92.99 -9.71 -88.14
CA TRP C 306 -93.91 -8.76 -88.75
C TRP C 306 -93.30 -7.42 -88.56
N HIS C 307 -93.40 -6.55 -89.58
CA HIS C 307 -92.80 -5.20 -89.50
C HIS C 307 -91.32 -5.13 -89.59
N ASN C 308 -90.76 -6.28 -89.89
CA ASN C 308 -89.36 -6.44 -89.99
C ASN C 308 -88.75 -5.95 -88.76
N GLN C 309 -89.32 -6.33 -87.60
CA GLN C 309 -88.77 -5.97 -86.29
C GLN C 309 -88.50 -7.20 -85.57
N LEU C 310 -87.84 -7.16 -84.44
CA LEU C 310 -87.63 -8.41 -83.67
C LEU C 310 -87.12 -8.09 -82.26
N PHE C 311 -87.78 -8.60 -81.23
CA PHE C 311 -87.39 -8.19 -79.88
C PHE C 311 -86.66 -9.27 -79.20
N VAL C 312 -85.47 -8.95 -78.66
CA VAL C 312 -84.74 -9.89 -77.90
C VAL C 312 -84.73 -9.59 -76.39
N THR C 313 -85.36 -10.38 -75.61
CA THR C 313 -85.25 -10.05 -74.19
C THR C 313 -84.26 -10.96 -73.45
N VAL C 314 -83.41 -10.38 -72.60
CA VAL C 314 -82.43 -11.21 -71.94
C VAL C 314 -82.04 -10.78 -70.61
N VAL C 315 -81.88 -11.79 -69.78
CA VAL C 315 -81.44 -11.57 -68.42
C VAL C 315 -80.32 -12.61 -68.18
N ASP C 316 -79.18 -12.15 -67.65
CA ASP C 316 -78.11 -13.09 -67.37
C ASP C 316 -77.25 -12.57 -66.26
N THR C 317 -77.39 -13.20 -65.13
CA THR C 317 -76.70 -12.67 -63.96
C THR C 317 -75.42 -13.44 -63.65
N THR C 318 -75.08 -14.29 -64.61
CA THR C 318 -73.91 -15.19 -64.46
C THR C 318 -72.59 -14.45 -64.58
N ARG C 319 -72.64 -13.20 -65.01
CA ARG C 319 -71.40 -12.50 -65.16
C ARG C 319 -71.72 -11.14 -64.54
N SER C 320 -71.63 -11.02 -63.20
CA SER C 320 -71.97 -9.83 -62.49
C SER C 320 -70.86 -9.29 -61.69
N THR C 321 -69.65 -9.47 -62.16
CA THR C 321 -68.52 -9.04 -61.29
C THR C 321 -68.52 -7.53 -61.30
N ASN C 322 -68.42 -6.87 -60.19
CA ASN C 322 -68.38 -5.45 -60.37
C ASN C 322 -66.98 -5.00 -60.14
N LEU C 323 -66.32 -4.42 -61.12
CA LEU C 323 -65.01 -3.80 -60.91
C LEU C 323 -65.01 -2.63 -59.85
N THR C 324 -63.94 -2.57 -59.04
CA THR C 324 -63.74 -1.59 -57.96
C THR C 324 -62.63 -0.75 -58.50
N ILE C 325 -62.82 0.56 -58.56
CA ILE C 325 -61.85 1.45 -59.16
C ILE C 325 -61.62 2.52 -58.15
N CYS C 326 -60.36 2.72 -57.75
CA CYS C 326 -60.01 3.83 -56.85
C CYS C 326 -58.82 4.66 -57.30
N ALA C 327 -58.98 5.94 -57.12
CA ALA C 327 -58.02 6.89 -57.58
C ALA C 327 -57.64 7.67 -56.36
N SER C 328 -56.43 8.23 -56.28
CA SER C 328 -56.16 8.99 -55.05
C SER C 328 -56.51 10.51 -55.16
N THR C 329 -56.56 11.21 -54.03
CA THR C 329 -56.81 12.58 -53.98
C THR C 329 -55.46 13.29 -54.28
N GLN C 330 -54.34 12.73 -53.82
CA GLN C 330 -53.05 13.35 -54.02
C GLN C 330 -52.47 12.90 -55.40
N SER C 331 -51.72 13.79 -56.04
CA SER C 331 -51.09 13.50 -57.35
C SER C 331 -49.97 12.44 -57.30
N PRO C 332 -48.96 12.64 -56.45
CA PRO C 332 -47.88 11.71 -56.34
C PRO C 332 -48.32 10.39 -55.74
N VAL C 333 -49.38 10.31 -54.91
CA VAL C 333 -49.74 9.00 -54.31
C VAL C 333 -48.73 8.64 -53.27
N PRO C 334 -48.82 9.27 -52.12
CA PRO C 334 -47.78 9.20 -51.03
C PRO C 334 -47.55 7.75 -50.56
N GLY C 335 -46.41 7.47 -49.93
CA GLY C 335 -46.09 6.09 -49.63
C GLY C 335 -46.60 5.79 -48.27
N GLN C 336 -47.44 6.69 -47.69
CA GLN C 336 -48.14 6.42 -46.43
C GLN C 336 -49.62 6.24 -46.73
N TYR C 337 -50.20 5.11 -46.24
CA TYR C 337 -51.58 4.78 -46.60
C TYR C 337 -52.59 5.51 -45.72
N ASP C 338 -53.56 6.14 -46.33
CA ASP C 338 -54.56 6.87 -45.61
C ASP C 338 -55.81 6.73 -46.39
N ALA C 339 -56.71 5.99 -45.79
CA ALA C 339 -57.93 5.65 -46.40
C ALA C 339 -58.56 6.85 -47.07
N THR C 340 -58.68 7.99 -46.38
CA THR C 340 -59.56 9.07 -46.88
C THR C 340 -58.94 9.64 -48.14
N LYS C 341 -57.65 9.35 -48.32
CA LYS C 341 -56.90 9.93 -49.42
C LYS C 341 -57.09 9.27 -50.77
N PHE C 342 -58.06 8.38 -50.89
CA PHE C 342 -58.43 7.63 -52.09
C PHE C 342 -59.97 7.64 -52.28
N LYS C 343 -60.44 7.61 -53.51
CA LYS C 343 -61.86 7.63 -53.77
C LYS C 343 -62.25 6.29 -54.35
N GLN C 344 -63.26 5.66 -53.83
CA GLN C 344 -63.64 4.35 -54.29
C GLN C 344 -64.79 4.42 -55.27
N TYR C 345 -64.66 3.75 -56.37
CA TYR C 345 -65.80 3.77 -57.30
C TYR C 345 -66.22 2.34 -57.70
N SER C 346 -67.43 2.13 -58.26
CA SER C 346 -67.85 0.83 -58.58
C SER C 346 -68.46 0.88 -59.93
N ARG C 347 -68.01 0.02 -60.83
CA ARG C 347 -68.48 0.05 -62.20
C ARG C 347 -68.72 -1.38 -62.73
N HIS C 348 -69.85 -1.53 -63.40
CA HIS C 348 -70.21 -2.77 -63.99
C HIS C 348 -70.27 -2.65 -65.47
N VAL C 349 -69.84 -3.69 -66.17
CA VAL C 349 -69.79 -3.70 -67.61
C VAL C 349 -70.67 -4.81 -68.18
N GLU C 350 -71.09 -4.77 -69.45
CA GLU C 350 -71.93 -5.81 -69.96
C GLU C 350 -71.67 -5.84 -71.42
N GLU C 351 -71.34 -7.00 -71.97
CA GLU C 351 -70.91 -7.06 -73.37
C GLU C 351 -71.76 -8.10 -74.15
N TYR C 352 -72.62 -7.73 -75.11
CA TYR C 352 -73.39 -8.76 -75.85
C TYR C 352 -72.99 -8.77 -77.30
N ASP C 353 -73.45 -9.78 -78.02
CA ASP C 353 -73.30 -9.80 -79.43
C ASP C 353 -74.47 -10.68 -79.98
N LEU C 354 -75.27 -10.15 -80.92
CA LEU C 354 -76.46 -10.81 -81.41
C LEU C 354 -76.17 -11.31 -82.81
N GLN C 355 -76.46 -12.59 -83.00
CA GLN C 355 -76.33 -13.22 -84.32
C GLN C 355 -77.62 -13.97 -84.68
N PHE C 356 -78.05 -13.83 -85.95
CA PHE C 356 -79.23 -14.52 -86.35
C PHE C 356 -79.04 -15.11 -87.72
N ILE C 357 -79.94 -16.00 -88.04
CA ILE C 357 -80.07 -16.51 -89.43
C ILE C 357 -81.56 -16.30 -89.78
N PHE C 358 -81.79 -15.37 -90.74
CA PHE C 358 -83.20 -15.16 -91.18
C PHE C 358 -83.61 -15.88 -92.53
N GLN C 359 -84.88 -16.24 -92.69
CA GLN C 359 -85.28 -17.01 -93.85
C GLN C 359 -86.26 -16.12 -94.58
N LEU C 360 -86.04 -15.92 -95.87
CA LEU C 360 -86.89 -15.07 -96.62
C LEU C 360 -88.23 -15.77 -96.87
N CYS C 361 -89.34 -15.09 -96.68
CA CYS C 361 -90.60 -15.70 -96.94
C CYS C 361 -91.58 -14.88 -97.77
N THR C 362 -92.58 -15.53 -98.33
CA THR C 362 -93.54 -14.79 -99.14
C THR C 362 -94.93 -15.00 -98.62
N ILE C 363 -95.69 -13.91 -98.70
CA ILE C 363 -97.12 -13.97 -98.40
C ILE C 363 -97.91 -13.65 -99.61
N THR C 364 -98.64 -14.63 -100.15
CA THR C 364 -99.53 -14.36 -101.30
C THR C 364 -100.81 -13.80 -100.76
N LEU C 365 -101.11 -12.56 -101.18
CA LEU C 365 -102.27 -11.82 -100.71
C LEU C 365 -103.49 -12.15 -101.48
N THR C 366 -104.38 -12.89 -100.81
CA THR C 366 -105.69 -13.17 -101.34
C THR C 366 -106.75 -12.54 -100.41
N ALA C 367 -108.01 -12.71 -100.77
CA ALA C 367 -109.07 -12.07 -100.03
C ALA C 367 -108.96 -12.40 -98.57
N ASP C 368 -109.21 -13.65 -98.22
CA ASP C 368 -109.26 -14.08 -96.79
C ASP C 368 -107.93 -13.77 -96.15
N VAL C 369 -106.83 -13.90 -96.93
CA VAL C 369 -105.46 -13.69 -96.39
C VAL C 369 -105.38 -12.26 -95.86
N MET C 370 -105.77 -11.31 -96.67
CA MET C 370 -105.80 -9.97 -96.21
C MET C 370 -106.72 -9.69 -95.08
N SER C 371 -107.90 -10.28 -95.16
CA SER C 371 -108.93 -10.01 -94.12
C SER C 371 -108.44 -10.58 -92.84
N TYR C 372 -107.54 -11.57 -92.92
CA TYR C 372 -107.10 -12.23 -91.71
C TYR C 372 -105.98 -11.38 -91.15
N ILE C 373 -105.03 -11.09 -92.01
CA ILE C 373 -103.99 -10.21 -91.60
C ILE C 373 -104.59 -8.90 -91.19
N GLN C 374 -105.83 -8.64 -91.64
CA GLN C 374 -106.49 -7.37 -91.35
C GLN C 374 -106.97 -7.42 -89.88
N SER C 375 -107.56 -8.55 -89.52
CA SER C 375 -108.07 -8.71 -88.18
C SER C 375 -106.86 -8.77 -87.28
N MET C 376 -105.88 -9.65 -87.58
CA MET C 376 -104.70 -9.79 -86.73
C MET C 376 -104.02 -8.47 -86.33
N ASN C 377 -103.60 -7.68 -87.30
CA ASN C 377 -102.91 -6.43 -87.03
C ASN C 377 -102.93 -5.64 -88.27
N SER C 378 -103.95 -4.82 -88.42
CA SER C 378 -104.05 -3.98 -89.58
C SER C 378 -102.78 -3.28 -90.16
N SER C 379 -101.97 -2.80 -89.24
CA SER C 379 -100.78 -2.06 -89.56
C SER C 379 -99.78 -2.85 -90.39
N ILE C 380 -99.89 -4.19 -90.42
CA ILE C 380 -99.04 -5.04 -91.21
C ILE C 380 -99.28 -4.78 -92.69
N LEU C 381 -100.55 -4.59 -93.05
CA LEU C 381 -100.99 -4.38 -94.42
C LEU C 381 -100.71 -2.96 -94.83
N GLU C 382 -100.88 -2.05 -93.85
CA GLU C 382 -100.53 -0.66 -94.05
C GLU C 382 -99.11 -0.41 -94.56
N ASP C 383 -98.08 -0.95 -93.91
CA ASP C 383 -96.70 -0.71 -94.38
C ASP C 383 -96.45 -1.25 -95.81
N TRP C 384 -97.21 -2.26 -96.20
CA TRP C 384 -97.04 -2.80 -97.52
C TRP C 384 -97.75 -1.92 -98.51
N ASN C 385 -98.37 -0.85 -97.99
CA ASN C 385 -99.13 0.18 -98.74
C ASN C 385 -100.21 -0.45 -99.62
N ASN C 391 -94.57 7.41 -90.11
CA ASN C 391 -95.74 6.89 -89.33
C ASN C 391 -95.54 6.99 -87.83
N LYS C 392 -96.59 6.61 -87.08
CA LYS C 392 -96.56 6.51 -85.58
C LYS C 392 -96.38 5.04 -85.07
N ASP C 393 -95.22 4.75 -84.47
CA ASP C 393 -95.01 3.47 -83.85
C ASP C 393 -95.58 3.31 -82.41
N PRO C 394 -96.25 2.20 -82.15
CA PRO C 394 -96.88 2.03 -80.85
C PRO C 394 -95.92 1.79 -79.69
N TYR C 395 -94.61 1.77 -79.95
CA TYR C 395 -93.64 1.43 -78.90
C TYR C 395 -92.72 2.60 -78.73
N ASP C 396 -93.15 3.75 -79.24
CA ASP C 396 -92.34 4.93 -79.20
C ASP C 396 -92.18 5.51 -77.81
N LYS C 397 -92.97 5.01 -76.85
CA LYS C 397 -92.82 5.57 -75.53
C LYS C 397 -91.88 4.73 -74.70
N LEU C 398 -91.64 3.47 -75.09
CA LEU C 398 -90.93 2.54 -74.18
C LEU C 398 -89.47 2.59 -74.48
N LYS C 399 -88.61 2.36 -73.46
CA LYS C 399 -87.12 2.18 -73.67
C LYS C 399 -86.65 0.83 -74.21
N PHE C 400 -85.80 0.80 -75.25
CA PHE C 400 -85.27 -0.44 -75.75
C PHE C 400 -83.90 -0.08 -76.21
N TRP C 401 -83.09 -1.10 -76.38
CA TRP C 401 -81.73 -0.94 -76.89
C TRP C 401 -81.85 -1.21 -78.35
N ASN C 402 -81.60 -0.20 -79.19
CA ASN C 402 -81.89 -0.35 -80.60
C ASN C 402 -80.74 -0.84 -81.38
N VAL C 403 -80.93 -1.95 -82.08
CA VAL C 403 -79.90 -2.60 -82.81
C VAL C 403 -80.29 -2.57 -84.22
N ASP C 404 -79.69 -1.68 -84.98
CA ASP C 404 -80.02 -1.62 -86.42
C ASP C 404 -79.23 -2.58 -87.29
N LEU C 405 -79.94 -3.56 -87.89
CA LEU C 405 -79.29 -4.53 -88.69
C LEU C 405 -79.54 -4.31 -90.15
N LYS C 406 -80.04 -3.15 -90.56
CA LYS C 406 -80.49 -2.98 -91.96
C LYS C 406 -79.35 -3.11 -92.93
N GLU C 407 -78.15 -2.82 -92.42
CA GLU C 407 -77.00 -2.82 -93.29
C GLU C 407 -76.16 -3.99 -92.92
N LYS C 408 -76.77 -5.11 -92.55
CA LYS C 408 -75.95 -6.18 -92.02
C LYS C 408 -76.35 -7.51 -92.50
N PHE C 409 -77.36 -7.58 -93.32
CA PHE C 409 -77.70 -8.90 -93.82
C PHE C 409 -76.69 -9.39 -94.90
N SER C 410 -76.34 -10.64 -94.86
CA SER C 410 -75.38 -11.19 -95.84
C SER C 410 -75.79 -12.61 -96.35
N LEU C 411 -75.43 -12.96 -97.58
CA LEU C 411 -76.00 -14.12 -98.19
C LEU C 411 -75.06 -15.25 -97.99
N ASP C 412 -73.80 -14.99 -97.61
CA ASP C 412 -72.85 -16.08 -97.62
C ASP C 412 -72.66 -16.46 -96.18
N LEU C 413 -73.54 -17.33 -95.71
CA LEU C 413 -73.52 -17.79 -94.34
C LEU C 413 -72.15 -18.37 -94.03
N ASP C 414 -71.55 -19.03 -94.98
CA ASP C 414 -70.27 -19.57 -94.82
C ASP C 414 -69.29 -18.67 -94.14
N GLN C 415 -69.46 -17.35 -94.21
CA GLN C 415 -68.44 -16.41 -93.72
C GLN C 415 -68.60 -15.96 -92.30
N TYR C 416 -69.67 -16.39 -91.63
CA TYR C 416 -69.94 -16.05 -90.28
C TYR C 416 -70.21 -17.31 -89.47
N PRO C 417 -69.75 -17.27 -88.22
CA PRO C 417 -69.83 -18.35 -87.28
C PRO C 417 -71.17 -18.98 -87.22
N LEU C 418 -72.20 -18.17 -86.93
CA LEU C 418 -73.53 -18.77 -86.76
C LEU C 418 -73.89 -19.36 -88.08
N GLY C 419 -73.51 -18.72 -89.17
CA GLY C 419 -73.84 -19.27 -90.49
C GLY C 419 -73.22 -20.63 -90.81
N ARG C 420 -71.96 -20.80 -90.41
CA ARG C 420 -71.31 -22.08 -90.63
C ARG C 420 -71.99 -23.09 -89.83
N LYS C 421 -72.25 -22.80 -88.57
CA LYS C 421 -72.95 -23.78 -87.72
C LYS C 421 -74.29 -24.12 -88.33
N PHE C 422 -74.94 -23.11 -88.97
CA PHE C 422 -76.27 -23.25 -89.60
C PHE C 422 -76.23 -24.18 -90.78
N LEU C 423 -75.22 -24.00 -91.63
CA LEU C 423 -74.98 -24.93 -92.71
C LEU C 423 -74.80 -26.29 -92.20
N VAL C 424 -74.14 -26.45 -91.06
CA VAL C 424 -73.82 -27.83 -90.65
C VAL C 424 -75.07 -28.56 -90.31
N GLN C 425 -75.90 -27.85 -89.55
CA GLN C 425 -77.11 -28.39 -89.03
C GLN C 425 -78.05 -28.65 -90.22
N ALA C 426 -77.78 -27.97 -91.33
CA ALA C 426 -78.66 -28.18 -92.48
C ALA C 426 -78.22 -29.35 -93.30
N GLY C 427 -77.00 -29.84 -93.03
CA GLY C 427 -76.48 -31.01 -93.77
C GLY C 427 -75.25 -30.64 -94.63
N LEU C 428 -75.46 -29.84 -95.70
CA LEU C 428 -74.35 -29.31 -96.55
C LEU C 428 -73.22 -28.52 -95.85
N ALA D 1 -63.29 -13.43 -100.48
CA ALA D 1 -64.08 -14.47 -99.67
C ALA D 1 -63.09 -15.41 -99.09
N VAL D 2 -63.08 -15.61 -97.79
CA VAL D 2 -62.31 -16.66 -97.17
C VAL D 2 -62.85 -18.03 -97.35
N VAL D 3 -61.93 -18.97 -97.44
CA VAL D 3 -62.32 -20.34 -97.66
C VAL D 3 -61.75 -21.45 -96.75
N ASN D 4 -62.55 -22.47 -96.49
CA ASN D 4 -62.14 -23.60 -95.75
C ASN D 4 -60.90 -24.21 -96.27
N THR D 5 -60.02 -24.57 -95.37
CA THR D 5 -58.71 -25.00 -95.80
C THR D 5 -58.83 -26.29 -96.56
N ASP D 6 -59.90 -27.04 -96.28
CA ASP D 6 -60.10 -28.34 -96.89
C ASP D 6 -60.26 -28.26 -98.37
N ASP D 7 -60.40 -27.04 -98.90
CA ASP D 7 -60.58 -26.82 -100.33
C ASP D 7 -59.27 -26.78 -101.04
N TYR D 8 -58.21 -26.33 -100.38
CA TYR D 8 -56.94 -26.20 -101.03
C TYR D 8 -55.79 -26.93 -100.45
N VAL D 9 -56.04 -27.55 -99.31
CA VAL D 9 -55.03 -28.40 -98.61
C VAL D 9 -55.39 -29.85 -98.61
N THR D 10 -54.68 -30.65 -99.36
CA THR D 10 -54.97 -32.05 -99.44
C THR D 10 -54.30 -32.86 -98.25
N ARG D 11 -55.08 -33.77 -97.64
CA ARG D 11 -54.59 -34.55 -96.58
C ARG D 11 -54.02 -35.79 -97.09
N THR D 12 -52.91 -36.19 -96.51
CA THR D 12 -52.31 -37.50 -96.84
C THR D 12 -52.70 -38.52 -95.81
N SER D 13 -52.15 -39.69 -95.87
CA SER D 13 -52.50 -40.71 -94.88
C SER D 13 -51.27 -40.95 -93.99
N ILE D 14 -50.39 -39.99 -94.01
CA ILE D 14 -49.17 -40.04 -93.24
C ILE D 14 -49.36 -39.33 -91.90
N PHE D 15 -49.39 -40.11 -90.81
CA PHE D 15 -49.37 -39.41 -89.51
C PHE D 15 -48.11 -39.48 -88.73
N TYR D 16 -47.80 -38.44 -87.98
CA TYR D 16 -46.62 -38.45 -87.09
C TYR D 16 -47.03 -38.07 -85.68
N HIS D 17 -46.31 -38.64 -84.73
CA HIS D 17 -46.58 -38.29 -83.32
C HIS D 17 -45.48 -37.40 -82.92
N ALA D 18 -45.70 -36.56 -81.93
CA ALA D 18 -44.64 -35.65 -81.49
C ALA D 18 -44.89 -35.27 -80.12
N GLY D 19 -43.90 -35.11 -79.27
CA GLY D 19 -44.25 -34.76 -77.92
C GLY D 19 -43.19 -34.06 -77.14
N SER D 20 -43.47 -32.97 -76.43
CA SER D 20 -42.44 -32.29 -75.52
C SER D 20 -41.94 -33.35 -74.53
N SER D 21 -40.80 -33.14 -73.95
CA SER D 21 -40.35 -34.18 -73.04
C SER D 21 -41.30 -34.09 -71.80
N ARG D 22 -41.07 -33.09 -70.90
CA ARG D 22 -41.81 -32.97 -69.66
C ARG D 22 -41.46 -31.63 -69.28
N LEU D 23 -42.34 -30.68 -69.55
CA LEU D 23 -42.05 -29.30 -69.15
C LEU D 23 -42.21 -29.18 -67.66
N LEU D 24 -41.38 -28.44 -66.97
CA LEU D 24 -41.52 -28.32 -65.55
C LEU D 24 -41.12 -26.94 -65.11
N THR D 25 -41.70 -26.40 -64.08
CA THR D 25 -41.27 -25.09 -63.68
C THR D 25 -41.64 -24.73 -62.25
N VAL D 26 -40.65 -24.29 -61.43
CA VAL D 26 -41.00 -23.93 -60.03
C VAL D 26 -40.61 -22.53 -59.69
N GLY D 27 -41.38 -21.92 -58.81
CA GLY D 27 -41.26 -20.53 -58.54
C GLY D 27 -41.97 -20.07 -57.33
N ASP D 28 -41.86 -18.84 -57.01
CA ASP D 28 -42.69 -18.27 -55.97
C ASP D 28 -43.99 -17.90 -56.71
N PRO D 29 -45.08 -18.23 -56.04
CA PRO D 29 -46.40 -18.06 -56.50
C PRO D 29 -47.01 -16.66 -56.50
N TYR D 30 -46.45 -15.75 -55.72
CA TYR D 30 -46.96 -14.40 -55.71
C TYR D 30 -46.15 -13.34 -56.39
N PHE D 31 -44.83 -13.51 -56.44
CA PHE D 31 -44.05 -12.57 -57.20
C PHE D 31 -42.64 -13.09 -57.34
N ARG D 32 -41.88 -12.41 -58.22
CA ARG D 32 -40.53 -12.86 -58.54
C ARG D 32 -39.58 -12.35 -57.49
N VAL D 33 -38.60 -13.16 -57.13
CA VAL D 33 -37.69 -12.81 -56.11
C VAL D 33 -36.43 -12.42 -56.82
N PRO D 34 -36.06 -11.11 -56.74
CA PRO D 34 -34.92 -10.50 -57.33
C PRO D 34 -33.69 -11.15 -57.04
N ALA D 35 -32.78 -10.77 -57.87
CA ALA D 35 -31.80 -11.74 -58.16
C ALA D 35 -31.05 -12.64 -57.14
N GLY D 36 -30.62 -12.23 -55.95
CA GLY D 36 -29.82 -13.27 -55.29
C GLY D 36 -29.24 -12.53 -54.11
N GLY D 37 -30.10 -11.64 -53.56
CA GLY D 37 -29.77 -10.89 -52.34
C GLY D 37 -29.56 -11.85 -51.19
N GLY D 38 -30.23 -13.03 -51.30
CA GLY D 38 -30.22 -14.17 -50.34
C GLY D 38 -29.52 -15.42 -50.89
N ASN D 39 -29.96 -15.95 -52.07
CA ASN D 39 -29.35 -17.12 -52.84
C ASN D 39 -29.55 -17.00 -54.40
N LYS D 40 -28.41 -17.02 -55.09
CA LYS D 40 -28.29 -16.89 -56.53
C LYS D 40 -29.42 -17.21 -57.50
N GLN D 41 -29.48 -16.35 -58.49
CA GLN D 41 -30.33 -16.48 -59.68
C GLN D 41 -31.77 -16.18 -59.34
N ASP D 42 -32.47 -15.45 -60.21
CA ASP D 42 -33.88 -15.12 -60.03
C ASP D 42 -34.84 -16.28 -59.73
N ILE D 43 -35.83 -16.05 -58.86
CA ILE D 43 -36.82 -17.08 -58.58
C ILE D 43 -38.07 -16.62 -59.27
N PRO D 44 -38.47 -17.28 -60.34
CA PRO D 44 -39.52 -16.88 -61.23
C PRO D 44 -40.86 -16.68 -60.56
N LYS D 45 -41.82 -15.91 -61.12
CA LYS D 45 -43.17 -16.01 -60.54
C LYS D 45 -43.92 -17.16 -61.22
N VAL D 46 -44.21 -18.21 -60.46
CA VAL D 46 -44.84 -19.34 -61.05
C VAL D 46 -46.11 -19.57 -60.29
N SER D 47 -47.23 -19.26 -60.94
CA SER D 47 -48.57 -19.37 -60.36
C SER D 47 -49.49 -20.20 -61.15
N ALA D 48 -50.36 -20.85 -60.42
CA ALA D 48 -51.37 -21.65 -61.11
C ALA D 48 -52.42 -20.71 -61.78
N TYR D 49 -52.29 -19.38 -61.56
CA TYR D 49 -53.29 -18.51 -62.11
C TYR D 49 -52.79 -17.67 -63.20
N GLN D 50 -51.82 -18.17 -63.93
CA GLN D 50 -51.37 -17.44 -65.11
C GLN D 50 -51.50 -18.24 -66.38
N TYR D 51 -51.67 -17.67 -67.57
CA TYR D 51 -51.78 -18.50 -68.72
C TYR D 51 -50.44 -19.19 -69.05
N ARG D 52 -50.50 -20.37 -69.61
CA ARG D 52 -49.27 -21.03 -70.02
C ARG D 52 -49.39 -21.00 -71.53
N VAL D 53 -48.49 -20.34 -72.23
CA VAL D 53 -48.68 -20.30 -73.70
C VAL D 53 -47.44 -20.97 -74.30
N PHE D 54 -47.56 -22.14 -74.90
CA PHE D 54 -46.43 -22.90 -75.37
C PHE D 54 -46.45 -22.60 -76.86
N ARG D 55 -45.29 -22.31 -77.41
CA ARG D 55 -45.12 -22.05 -78.86
C ARG D 55 -44.39 -23.25 -79.30
N VAL D 56 -45.16 -24.18 -79.77
CA VAL D 56 -44.55 -25.32 -80.29
C VAL D 56 -43.95 -25.15 -81.67
N GLN D 57 -42.66 -25.45 -81.80
CA GLN D 57 -41.92 -25.31 -83.07
C GLN D 57 -41.89 -26.65 -83.78
N LEU D 58 -42.41 -26.69 -85.00
CA LEU D 58 -42.47 -27.96 -85.74
C LEU D 58 -41.35 -27.99 -86.81
N PRO D 59 -40.94 -29.20 -87.26
CA PRO D 59 -39.98 -29.28 -88.28
C PRO D 59 -40.56 -28.77 -89.60
N ASP D 60 -39.82 -28.02 -90.45
CA ASP D 60 -40.32 -27.69 -91.80
C ASP D 60 -40.55 -28.97 -92.61
N PRO D 61 -41.79 -29.30 -92.95
CA PRO D 61 -42.06 -30.55 -93.63
C PRO D 61 -41.40 -30.61 -95.07
N ASN D 62 -41.06 -29.45 -95.63
CA ASN D 62 -40.45 -29.43 -96.90
C ASN D 62 -39.02 -29.79 -96.87
N LYS D 63 -38.21 -29.13 -96.06
CA LYS D 63 -36.76 -29.50 -95.93
C LYS D 63 -36.61 -30.72 -95.05
N PHE D 64 -37.60 -31.59 -95.02
CA PHE D 64 -37.65 -32.65 -94.01
C PHE D 64 -37.48 -33.93 -94.77
N GLY D 65 -37.05 -34.98 -94.07
CA GLY D 65 -36.92 -36.29 -94.69
C GLY D 65 -38.16 -37.12 -94.56
N LEU D 66 -38.94 -37.26 -95.65
CA LEU D 66 -40.17 -38.15 -95.66
C LEU D 66 -39.79 -39.64 -95.70
N PRO D 67 -40.75 -40.55 -95.35
CA PRO D 67 -40.56 -42.03 -95.44
C PRO D 67 -40.56 -42.46 -96.96
N ASP D 68 -40.97 -41.48 -97.79
CA ASP D 68 -41.02 -41.60 -99.24
C ASP D 68 -41.23 -40.14 -99.80
N THR D 69 -40.22 -39.63 -100.52
CA THR D 69 -40.34 -38.23 -101.00
C THR D 69 -40.98 -38.33 -102.41
N SER D 70 -42.05 -39.12 -102.52
CA SER D 70 -42.77 -39.23 -103.79
C SER D 70 -44.25 -39.25 -103.46
N ILE D 71 -44.51 -38.53 -102.33
CA ILE D 71 -45.88 -38.11 -101.85
C ILE D 71 -46.53 -36.90 -102.62
N TYR D 72 -45.60 -36.06 -103.06
CA TYR D 72 -45.85 -34.83 -103.74
C TYR D 72 -44.73 -34.40 -104.71
N ASN D 73 -45.06 -33.49 -105.59
CA ASN D 73 -44.06 -33.02 -106.50
C ASN D 73 -43.54 -31.64 -106.17
N PRO D 74 -42.39 -31.57 -105.55
CA PRO D 74 -41.80 -30.28 -105.09
C PRO D 74 -41.75 -29.26 -106.08
N GLU D 75 -42.34 -29.53 -107.20
CA GLU D 75 -42.27 -28.54 -108.23
C GLU D 75 -43.53 -27.69 -108.31
N THR D 76 -44.61 -28.34 -107.99
CA THR D 76 -45.91 -27.77 -108.06
C THR D 76 -46.61 -27.67 -106.69
N GLN D 77 -46.18 -28.51 -105.77
CA GLN D 77 -46.78 -28.48 -104.47
C GLN D 77 -45.79 -28.29 -103.26
N ARG D 78 -46.38 -28.01 -102.09
CA ARG D 78 -45.71 -27.78 -100.82
C ARG D 78 -46.32 -28.58 -99.68
N LEU D 79 -45.55 -28.74 -98.64
CA LEU D 79 -46.02 -29.48 -97.54
C LEU D 79 -46.41 -28.70 -96.29
N VAL D 80 -47.45 -29.16 -95.61
CA VAL D 80 -47.91 -28.43 -94.42
C VAL D 80 -48.27 -29.42 -93.36
N TRP D 81 -47.97 -29.10 -92.07
CA TRP D 81 -48.49 -29.90 -90.96
C TRP D 81 -49.97 -29.49 -90.49
N ALA D 82 -50.83 -30.48 -90.38
CA ALA D 82 -52.18 -30.29 -89.91
C ALA D 82 -52.30 -31.08 -88.60
N CYS D 83 -52.76 -30.41 -87.55
CA CYS D 83 -52.87 -30.99 -86.24
C CYS D 83 -54.05 -31.92 -86.20
N ALA D 84 -53.94 -33.12 -85.65
CA ALA D 84 -55.00 -34.07 -85.75
C ALA D 84 -55.32 -34.66 -84.43
N GLY D 85 -54.52 -34.41 -83.37
CA GLY D 85 -54.91 -34.99 -82.07
C GLY D 85 -54.06 -34.23 -81.06
N VAL D 86 -54.61 -33.82 -79.90
CA VAL D 86 -53.82 -33.20 -78.85
C VAL D 86 -54.05 -33.86 -77.60
N GLU D 87 -53.13 -33.76 -76.65
CA GLU D 87 -53.38 -34.23 -75.29
C GLU D 87 -52.55 -33.36 -74.34
N ILE D 88 -53.09 -32.49 -73.54
CA ILE D 88 -52.25 -31.79 -72.66
C ILE D 88 -52.04 -32.57 -71.37
N GLY D 89 -50.82 -33.00 -71.12
CA GLY D 89 -50.66 -33.83 -69.97
C GLY D 89 -50.44 -32.99 -68.70
N ARG D 90 -51.21 -33.15 -67.63
CA ARG D 90 -50.88 -32.42 -66.42
C ARG D 90 -50.24 -33.32 -65.32
N GLY D 91 -49.21 -32.81 -64.61
CA GLY D 91 -48.42 -33.51 -63.70
C GLY D 91 -48.79 -33.53 -62.23
N GLN D 92 -48.67 -32.50 -61.43
CA GLN D 92 -48.83 -32.77 -59.98
C GLN D 92 -50.22 -33.29 -59.62
N PRO D 93 -50.53 -33.53 -58.34
CA PRO D 93 -51.88 -33.92 -57.89
C PRO D 93 -52.86 -32.77 -57.68
N LEU D 94 -54.15 -33.03 -57.70
CA LEU D 94 -55.19 -32.02 -57.61
C LEU D 94 -55.05 -31.35 -56.35
N GLY D 95 -55.26 -30.06 -56.35
CA GLY D 95 -55.13 -29.37 -55.05
C GLY D 95 -55.64 -27.93 -54.98
N VAL D 96 -55.64 -27.31 -53.78
CA VAL D 96 -56.15 -25.94 -53.68
C VAL D 96 -55.13 -25.13 -52.98
N GLY D 97 -55.10 -23.82 -53.30
CA GLY D 97 -54.24 -22.94 -52.54
C GLY D 97 -54.67 -21.49 -52.57
N LEU D 98 -54.11 -20.74 -51.60
CA LEU D 98 -54.59 -19.38 -51.33
C LEU D 98 -53.67 -18.30 -51.86
N SER D 99 -54.24 -17.13 -52.25
CA SER D 99 -53.49 -15.88 -52.55
C SER D 99 -53.95 -14.85 -51.50
N GLY D 100 -53.09 -13.96 -50.96
CA GLY D 100 -53.50 -13.01 -49.92
C GLY D 100 -52.76 -11.74 -50.14
N HIS D 101 -53.08 -10.81 -49.28
CA HIS D 101 -52.45 -9.49 -49.29
C HIS D 101 -52.25 -9.09 -47.83
N PRO D 102 -51.03 -8.62 -47.52
CA PRO D 102 -50.74 -8.22 -46.13
C PRO D 102 -51.69 -7.14 -45.66
N PHE D 103 -52.11 -6.26 -46.58
CA PHE D 103 -52.95 -5.14 -46.27
C PHE D 103 -54.12 -5.10 -47.16
N TYR D 104 -54.97 -6.15 -47.16
CA TYR D 104 -56.09 -6.19 -48.13
C TYR D 104 -57.03 -5.09 -47.72
N ASN D 105 -57.62 -4.29 -48.60
CA ASN D 105 -58.46 -3.17 -48.19
C ASN D 105 -59.84 -3.67 -47.91
N LYS D 106 -60.04 -4.29 -46.74
CA LYS D 106 -61.32 -4.81 -46.32
C LYS D 106 -61.81 -3.89 -45.22
N LEU D 107 -62.86 -3.11 -45.48
CA LEU D 107 -63.46 -2.31 -44.37
C LEU D 107 -64.09 -3.15 -43.29
N ASP D 108 -65.21 -3.77 -43.59
CA ASP D 108 -65.83 -4.73 -42.62
C ASP D 108 -66.82 -5.70 -43.31
N ASP D 109 -67.29 -6.70 -42.50
CA ASP D 109 -68.05 -7.87 -43.01
C ASP D 109 -69.47 -7.39 -43.18
N THR D 110 -69.96 -7.36 -44.42
CA THR D 110 -71.20 -6.80 -44.71
C THR D 110 -72.11 -7.91 -45.04
N GLU D 111 -71.76 -9.08 -44.62
CA GLU D 111 -72.59 -10.22 -44.92
C GLU D 111 -73.62 -10.30 -43.92
N SER D 112 -73.23 -10.14 -42.67
CA SER D 112 -74.14 -10.24 -41.51
C SER D 112 -73.50 -9.74 -40.22
N SER D 113 -72.76 -8.63 -40.31
CA SER D 113 -71.96 -8.08 -39.17
C SER D 113 -72.83 -8.10 -37.91
N HIS D 114 -72.27 -8.70 -36.79
CA HIS D 114 -73.06 -8.76 -35.50
C HIS D 114 -74.01 -7.44 -35.22
N ALA D 115 -73.51 -6.23 -35.57
CA ALA D 115 -74.24 -4.98 -35.42
C ALA D 115 -73.52 -4.07 -36.37
N ALA D 116 -73.35 -2.86 -35.84
CA ALA D 116 -72.62 -1.80 -36.54
C ALA D 116 -71.11 -2.24 -36.83
N THR D 117 -70.31 -1.26 -37.26
CA THR D 117 -68.90 -1.59 -37.45
C THR D 117 -68.02 -0.33 -37.32
N SER D 118 -66.73 -0.71 -37.36
CA SER D 118 -65.68 0.23 -37.30
C SER D 118 -65.87 1.56 -38.05
N ASN D 119 -65.08 2.49 -37.46
CA ASN D 119 -64.83 3.87 -37.90
C ASN D 119 -63.79 3.93 -39.06
N VAL D 120 -64.28 4.39 -40.25
CA VAL D 120 -63.39 4.64 -41.42
C VAL D 120 -62.27 5.70 -41.16
N SER D 121 -61.94 5.89 -39.86
CA SER D 121 -60.85 6.81 -39.42
C SER D 121 -59.64 6.67 -40.42
N GLU D 122 -58.92 5.52 -40.39
CA GLU D 122 -57.80 5.46 -41.29
C GLU D 122 -57.21 4.26 -42.04
N ASP D 123 -56.43 3.45 -41.33
CA ASP D 123 -55.77 2.30 -41.89
C ASP D 123 -56.37 1.14 -41.13
N VAL D 124 -57.29 0.39 -41.73
CA VAL D 124 -57.96 -0.71 -41.07
C VAL D 124 -57.81 -1.92 -41.99
N ARG D 125 -56.73 -1.93 -42.79
CA ARG D 125 -56.42 -3.00 -43.72
C ARG D 125 -55.99 -4.16 -42.92
N ASP D 126 -56.41 -5.34 -43.37
CA ASP D 126 -56.18 -6.62 -42.67
C ASP D 126 -55.51 -7.60 -43.60
N ASN D 127 -54.97 -8.68 -43.03
CA ASN D 127 -54.23 -9.63 -43.83
C ASN D 127 -55.19 -10.67 -44.24
N VAL D 128 -55.53 -10.80 -45.49
CA VAL D 128 -56.56 -11.77 -45.79
C VAL D 128 -56.10 -12.54 -46.95
N SER D 129 -56.61 -13.77 -47.10
CA SER D 129 -56.18 -14.60 -48.23
C SER D 129 -57.45 -15.08 -48.85
N VAL D 130 -57.37 -15.76 -49.96
CA VAL D 130 -58.53 -16.14 -50.65
C VAL D 130 -58.22 -17.23 -51.70
N ASP D 131 -59.03 -18.29 -51.88
CA ASP D 131 -58.80 -19.19 -53.02
C ASP D 131 -59.53 -18.68 -54.26
N TYR D 132 -58.84 -18.58 -55.40
CA TYR D 132 -59.49 -17.89 -56.48
C TYR D 132 -60.57 -18.73 -57.17
N LYS D 133 -61.23 -18.12 -58.14
CA LYS D 133 -62.20 -18.74 -59.09
C LYS D 133 -61.51 -19.96 -59.71
N GLN D 134 -62.19 -21.04 -59.94
CA GLN D 134 -61.48 -22.14 -60.53
C GLN D 134 -61.71 -22.10 -62.03
N THR D 135 -60.69 -22.22 -62.86
CA THR D 135 -60.90 -22.11 -64.31
C THR D 135 -60.03 -23.13 -64.97
N GLN D 136 -60.44 -23.66 -66.10
CA GLN D 136 -59.59 -24.58 -66.89
C GLN D 136 -59.83 -24.17 -68.32
N LEU D 137 -58.85 -23.88 -69.14
CA LEU D 137 -59.24 -23.61 -70.49
C LEU D 137 -58.09 -24.00 -71.33
N CYS D 138 -58.27 -24.17 -72.62
CA CYS D 138 -57.22 -24.62 -73.46
C CYS D 138 -57.52 -24.21 -74.87
N ILE D 139 -56.63 -23.51 -75.50
CA ILE D 139 -56.84 -23.11 -76.92
C ILE D 139 -55.69 -23.58 -77.89
N LEU D 140 -55.99 -24.09 -79.10
CA LEU D 140 -55.01 -24.36 -80.11
C LEU D 140 -55.23 -23.50 -81.33
N GLY D 141 -54.15 -23.11 -81.99
CA GLY D 141 -54.19 -22.13 -83.06
C GLY D 141 -52.81 -22.03 -83.65
N CYS D 142 -52.68 -21.41 -84.82
CA CYS D 142 -51.31 -21.40 -85.39
C CYS D 142 -50.94 -19.97 -85.40
N ALA D 143 -51.56 -19.27 -84.45
CA ALA D 143 -51.29 -17.88 -84.12
C ALA D 143 -51.62 -17.76 -82.62
N PRO D 144 -51.00 -16.84 -81.91
CA PRO D 144 -51.33 -16.74 -80.49
C PRO D 144 -52.79 -16.25 -80.34
N ALA D 145 -53.44 -16.65 -79.23
CA ALA D 145 -54.83 -16.31 -78.93
C ALA D 145 -54.95 -14.92 -78.39
N ILE D 146 -56.13 -14.40 -78.42
CA ILE D 146 -56.28 -13.05 -78.02
C ILE D 146 -57.04 -12.80 -76.75
N GLY D 147 -56.61 -11.92 -75.88
CA GLY D 147 -57.36 -11.69 -74.68
C GLY D 147 -57.91 -10.29 -74.58
N GLU D 148 -58.78 -10.07 -73.60
CA GLU D 148 -59.42 -8.79 -73.41
C GLU D 148 -59.30 -8.46 -71.96
N HIS D 149 -59.39 -7.17 -71.67
CA HIS D 149 -59.37 -6.69 -70.34
C HIS D 149 -59.64 -5.20 -70.27
N TRP D 150 -60.01 -4.65 -69.11
CA TRP D 150 -60.33 -3.21 -69.00
C TRP D 150 -59.16 -2.45 -68.54
N ALA D 151 -58.88 -1.35 -69.26
CA ALA D 151 -57.83 -0.45 -68.91
C ALA D 151 -58.32 0.94 -68.76
N LYS D 152 -57.41 1.77 -68.28
CA LYS D 152 -57.67 3.12 -68.05
C LYS D 152 -57.75 3.90 -69.36
N GLY D 153 -58.91 4.31 -69.74
CA GLY D 153 -58.99 5.03 -70.98
C GLY D 153 -58.08 6.22 -71.13
N THR D 154 -57.71 6.51 -72.35
CA THR D 154 -56.83 7.63 -72.61
C THR D 154 -57.58 8.85 -72.25
N ALA D 155 -56.83 9.76 -71.60
CA ALA D 155 -57.38 11.05 -71.08
C ALA D 155 -57.52 12.04 -72.25
N SER D 156 -58.78 12.49 -72.45
CA SER D 156 -59.09 13.45 -73.52
C SER D 156 -58.45 14.81 -73.23
N LYS D 157 -57.80 15.37 -74.29
CA LYS D 157 -57.20 16.77 -74.30
C LYS D 157 -58.27 17.92 -74.19
N SER D 158 -59.45 17.64 -74.83
CA SER D 158 -60.76 18.48 -74.80
C SER D 158 -61.39 18.68 -73.37
N ARG D 159 -61.48 17.56 -72.65
CA ARG D 159 -61.97 17.57 -71.28
C ARG D 159 -61.03 16.82 -70.32
N PRO D 160 -59.98 17.50 -69.76
CA PRO D 160 -58.99 16.82 -68.84
C PRO D 160 -59.70 16.30 -67.61
N LEU D 161 -59.02 15.43 -66.89
CA LEU D 161 -59.61 14.71 -65.77
C LEU D 161 -58.92 15.07 -64.46
N SER D 162 -59.67 15.78 -63.60
CA SER D 162 -59.11 16.27 -62.31
C SER D 162 -58.78 15.14 -61.43
N GLN D 163 -57.65 15.19 -60.79
CA GLN D 163 -57.19 14.02 -60.07
C GLN D 163 -58.19 13.53 -58.98
N GLY D 164 -58.37 12.20 -58.89
CA GLY D 164 -59.37 11.65 -58.02
C GLY D 164 -60.66 11.17 -58.61
N ASP D 165 -61.03 11.75 -59.73
CA ASP D 165 -62.27 11.46 -60.42
C ASP D 165 -62.12 10.10 -60.97
N CYS D 166 -63.20 9.44 -61.30
CA CYS D 166 -63.02 8.14 -61.92
C CYS D 166 -62.79 8.25 -63.40
N PRO D 167 -61.76 7.64 -63.89
CA PRO D 167 -61.39 7.64 -65.27
C PRO D 167 -62.33 6.73 -66.05
N PRO D 168 -62.38 6.86 -67.41
CA PRO D 168 -63.23 5.99 -68.29
C PRO D 168 -62.59 4.65 -68.66
N LEU D 169 -63.33 3.55 -68.61
CA LEU D 169 -62.76 2.29 -68.85
C LEU D 169 -62.72 2.02 -70.36
N GLU D 170 -61.71 1.34 -70.86
CA GLU D 170 -61.72 0.99 -72.24
C GLU D 170 -61.37 -0.48 -72.33
N LEU D 171 -62.01 -1.22 -73.19
CA LEU D 171 -61.72 -2.60 -73.38
C LEU D 171 -60.58 -2.70 -74.29
N LYS D 172 -59.55 -3.45 -73.97
CA LYS D 172 -58.40 -3.55 -74.83
C LYS D 172 -58.16 -4.95 -75.31
N ASN D 173 -57.89 -5.16 -76.58
CA ASN D 173 -57.50 -6.50 -76.99
C ASN D 173 -55.98 -6.63 -76.91
N THR D 174 -55.47 -7.81 -76.64
CA THR D 174 -54.03 -7.98 -76.45
C THR D 174 -53.72 -9.43 -76.65
N VAL D 175 -52.49 -9.80 -76.98
CA VAL D 175 -52.09 -11.19 -77.15
C VAL D 175 -51.71 -11.84 -75.84
N LEU D 176 -52.18 -13.07 -75.62
CA LEU D 176 -52.04 -13.73 -74.38
C LEU D 176 -50.71 -14.47 -74.33
N GLU D 177 -49.80 -13.86 -73.59
CA GLU D 177 -48.44 -14.34 -73.43
C GLU D 177 -48.24 -15.20 -72.25
N ASP D 178 -47.30 -16.13 -72.31
CA ASP D 178 -47.14 -17.04 -71.23
C ASP D 178 -46.86 -16.18 -69.99
N GLY D 179 -47.56 -16.36 -68.89
CA GLY D 179 -47.30 -15.59 -67.69
C GLY D 179 -48.31 -14.48 -67.39
N ASP D 180 -49.22 -14.15 -68.31
CA ASP D 180 -50.28 -13.20 -67.97
C ASP D 180 -51.22 -13.89 -66.99
N MET D 181 -51.85 -13.11 -66.07
CA MET D 181 -52.88 -13.63 -65.15
C MET D 181 -54.27 -13.78 -65.69
N VAL D 182 -54.91 -14.84 -65.32
CA VAL D 182 -56.33 -14.90 -65.65
C VAL D 182 -57.28 -14.19 -64.68
N ASP D 183 -58.54 -14.07 -65.06
CA ASP D 183 -59.46 -13.62 -64.10
C ASP D 183 -59.48 -14.53 -62.91
N THR D 184 -59.25 -13.97 -61.74
CA THR D 184 -59.32 -14.88 -60.58
C THR D 184 -60.58 -14.78 -59.84
N GLY D 185 -61.34 -13.76 -60.29
CA GLY D 185 -62.75 -13.51 -59.87
C GLY D 185 -62.95 -12.14 -59.30
N TYR D 186 -62.01 -11.23 -59.59
CA TYR D 186 -62.17 -9.88 -59.28
C TYR D 186 -62.28 -9.10 -60.62
N GLY D 187 -62.59 -9.80 -61.69
CA GLY D 187 -62.79 -9.19 -63.00
C GLY D 187 -61.58 -9.23 -63.87
N ALA D 188 -61.78 -9.09 -65.17
CA ALA D 188 -60.61 -8.92 -66.04
C ALA D 188 -60.23 -7.46 -66.22
N MET D 189 -59.16 -7.04 -65.55
CA MET D 189 -58.77 -5.66 -65.67
C MET D 189 -57.32 -5.41 -65.39
N ASP D 190 -56.90 -4.14 -65.52
CA ASP D 190 -55.55 -3.69 -65.21
C ASP D 190 -55.48 -3.10 -63.82
N PHE D 191 -55.23 -3.98 -62.87
CA PHE D 191 -55.28 -3.57 -61.48
C PHE D 191 -54.21 -2.55 -61.08
N SER D 192 -53.15 -2.57 -61.83
CA SER D 192 -52.06 -1.69 -61.55
C SER D 192 -52.34 -0.26 -61.93
N THR D 193 -53.22 -0.03 -62.91
CA THR D 193 -53.47 1.32 -63.34
C THR D 193 -54.88 1.75 -62.95
N LEU D 194 -55.70 0.83 -62.47
CA LEU D 194 -57.01 1.20 -62.05
C LEU D 194 -57.28 1.23 -60.55
N GLN D 195 -56.37 0.70 -59.76
CA GLN D 195 -56.50 0.73 -58.32
C GLN D 195 -55.22 1.23 -57.73
N ASP D 196 -55.15 2.54 -57.42
CA ASP D 196 -53.97 3.24 -56.90
C ASP D 196 -53.52 2.72 -55.59
N THR D 197 -54.43 2.18 -54.80
CA THR D 197 -54.17 1.53 -53.48
C THR D 197 -53.13 0.46 -53.42
N LYS D 198 -53.22 -0.51 -54.30
CA LYS D 198 -52.27 -1.61 -54.32
C LYS D 198 -52.66 -2.59 -53.22
N CYS D 199 -53.94 -2.59 -52.85
CA CYS D 199 -54.35 -3.39 -51.73
C CYS D 199 -55.74 -3.72 -51.90
N GLU D 200 -56.24 -3.69 -53.11
CA GLU D 200 -57.63 -4.10 -53.33
C GLU D 200 -57.81 -5.60 -53.61
N VAL D 201 -56.73 -6.23 -54.05
CA VAL D 201 -56.74 -7.62 -54.42
C VAL D 201 -55.47 -8.32 -54.01
N PRO D 202 -55.42 -9.65 -54.00
CA PRO D 202 -54.28 -10.38 -53.50
C PRO D 202 -53.04 -10.03 -54.25
N LEU D 203 -51.87 -10.21 -53.59
CA LEU D 203 -50.56 -9.87 -54.10
C LEU D 203 -50.23 -10.39 -55.46
N ASP D 204 -50.77 -11.48 -55.94
CA ASP D 204 -50.35 -11.89 -57.20
C ASP D 204 -51.06 -11.28 -58.40
N ILE D 205 -52.03 -10.42 -58.16
CA ILE D 205 -52.65 -9.73 -59.29
C ILE D 205 -52.65 -8.30 -58.96
N CYS D 206 -52.39 -8.07 -57.73
CA CYS D 206 -52.32 -6.73 -57.23
C CYS D 206 -51.81 -5.63 -58.22
N GLN D 207 -50.75 -5.99 -58.94
CA GLN D 207 -50.17 -5.00 -59.84
C GLN D 207 -49.97 -5.68 -61.16
N SER D 208 -50.91 -6.53 -61.53
CA SER D 208 -50.85 -7.10 -62.85
C SER D 208 -52.15 -6.99 -63.57
N ILE D 209 -52.17 -7.54 -64.75
CA ILE D 209 -53.34 -7.38 -65.59
C ILE D 209 -54.00 -8.70 -65.70
N CYS D 210 -55.25 -8.75 -65.37
CA CYS D 210 -55.90 -9.98 -65.53
C CYS D 210 -56.64 -10.05 -66.87
N LYS D 211 -56.31 -11.00 -67.76
CA LYS D 211 -57.01 -11.10 -69.01
C LYS D 211 -57.95 -12.21 -69.09
N TYR D 212 -58.84 -12.14 -70.05
CA TYR D 212 -59.78 -13.22 -70.26
C TYR D 212 -59.85 -13.41 -71.76
N PRO D 213 -59.73 -14.63 -72.24
CA PRO D 213 -59.78 -14.85 -73.67
C PRO D 213 -60.86 -14.14 -74.39
N ASP D 214 -60.64 -13.50 -75.52
CA ASP D 214 -61.77 -12.82 -76.15
C ASP D 214 -62.50 -13.81 -77.10
N TYR D 215 -63.11 -14.85 -76.55
CA TYR D 215 -63.72 -15.89 -77.36
C TYR D 215 -64.54 -15.29 -78.42
N LEU D 216 -65.16 -14.13 -78.18
CA LEU D 216 -66.06 -13.55 -79.21
C LEU D 216 -65.42 -13.10 -80.48
N GLN D 217 -64.42 -12.31 -80.26
CA GLN D 217 -63.49 -11.85 -81.24
C GLN D 217 -62.74 -12.90 -82.04
N MET D 218 -62.32 -13.97 -81.45
CA MET D 218 -61.59 -14.92 -82.15
C MET D 218 -62.49 -15.79 -82.96
N SER D 219 -63.77 -15.96 -82.61
CA SER D 219 -64.68 -16.75 -83.43
C SER D 219 -64.92 -15.96 -84.65
N ALA D 220 -65.07 -14.66 -84.48
CA ALA D 220 -65.29 -13.80 -85.63
C ALA D 220 -64.21 -13.72 -86.64
N ASP D 221 -62.99 -13.80 -86.18
CA ASP D 221 -61.77 -13.77 -87.00
C ASP D 221 -61.98 -14.55 -88.26
N PRO D 222 -61.86 -13.82 -89.41
CA PRO D 222 -62.17 -14.32 -90.77
C PRO D 222 -61.42 -15.60 -91.12
N TYR D 223 -60.13 -15.68 -90.79
CA TYR D 223 -59.36 -16.79 -91.27
C TYR D 223 -59.53 -17.94 -90.31
N GLY D 224 -59.66 -17.55 -89.07
CA GLY D 224 -59.60 -18.53 -88.00
C GLY D 224 -58.30 -19.15 -87.57
N ASP D 225 -57.19 -18.44 -87.57
CA ASP D 225 -55.96 -18.99 -87.21
C ASP D 225 -55.78 -18.88 -85.71
N SER D 226 -56.54 -18.00 -85.04
CA SER D 226 -56.31 -17.73 -83.62
C SER D 226 -56.77 -18.92 -82.81
N MET D 227 -57.89 -19.55 -83.20
CA MET D 227 -58.36 -20.79 -82.48
C MET D 227 -59.18 -21.74 -83.26
N PHE D 228 -58.66 -22.92 -83.35
CA PHE D 228 -59.37 -23.86 -84.04
C PHE D 228 -59.69 -25.00 -83.13
N PHE D 229 -59.62 -24.76 -81.84
CA PHE D 229 -59.99 -25.78 -80.82
C PHE D 229 -60.12 -24.94 -79.56
N CYS D 230 -61.17 -25.13 -78.75
CA CYS D 230 -61.41 -24.29 -77.55
C CYS D 230 -62.11 -25.14 -76.49
N LEU D 231 -61.54 -25.21 -75.32
CA LEU D 231 -62.18 -25.89 -74.25
C LEU D 231 -62.23 -25.04 -72.93
N ARG D 232 -63.39 -24.69 -72.37
CA ARG D 232 -63.40 -23.93 -71.18
C ARG D 232 -64.28 -24.47 -70.24
N ARG D 233 -64.00 -24.12 -69.00
CA ARG D 233 -64.76 -24.66 -67.86
C ARG D 233 -64.45 -23.84 -66.63
N GLU D 234 -65.29 -22.87 -66.25
CA GLU D 234 -64.99 -22.05 -65.05
C GLU D 234 -66.09 -22.22 -64.01
N GLN D 235 -65.88 -21.92 -62.72
CA GLN D 235 -66.93 -22.00 -61.74
C GLN D 235 -66.43 -21.25 -60.57
N LEU D 236 -67.29 -20.58 -59.82
CA LEU D 236 -66.87 -19.93 -58.58
C LEU D 236 -68.04 -19.49 -57.74
N PHE D 237 -67.85 -18.92 -56.60
CA PHE D 237 -68.92 -18.51 -55.82
C PHE D 237 -68.51 -17.52 -54.76
N ALA D 238 -69.42 -16.69 -54.27
CA ALA D 238 -69.02 -15.62 -53.37
C ALA D 238 -68.79 -16.12 -51.90
N ARG D 239 -67.56 -16.17 -51.40
CA ARG D 239 -67.31 -16.69 -50.09
C ARG D 239 -67.66 -15.73 -48.98
N HIS D 240 -66.98 -14.59 -48.92
CA HIS D 240 -67.37 -13.52 -47.94
C HIS D 240 -67.79 -12.16 -48.58
N PHE D 241 -68.46 -11.22 -47.84
CA PHE D 241 -68.95 -10.01 -48.46
C PHE D 241 -68.28 -8.89 -47.77
N TRP D 242 -67.55 -8.04 -48.47
CA TRP D 242 -66.92 -6.92 -47.83
C TRP D 242 -67.13 -5.50 -48.40
N ASN D 243 -66.83 -4.54 -47.55
CA ASN D 243 -66.79 -3.16 -47.86
C ASN D 243 -65.42 -2.71 -48.33
N ARG D 244 -65.38 -1.61 -49.09
CA ARG D 244 -64.07 -0.98 -49.34
C ARG D 244 -63.90 0.29 -48.54
N ALA D 245 -62.69 0.52 -48.05
CA ALA D 245 -62.43 1.70 -47.22
C ALA D 245 -62.03 2.80 -48.15
N GLY D 246 -62.33 4.05 -47.81
CA GLY D 246 -62.04 5.09 -48.76
C GLY D 246 -63.22 5.97 -48.86
N THR D 247 -63.13 7.14 -49.49
CA THR D 247 -64.36 7.96 -49.62
C THR D 247 -65.14 7.60 -50.88
N MET D 248 -66.44 7.63 -50.82
CA MET D 248 -67.17 7.23 -51.97
C MET D 248 -67.07 8.24 -53.10
N GLY D 249 -66.84 7.75 -54.32
CA GLY D 249 -66.66 8.61 -55.49
C GLY D 249 -67.98 9.11 -55.99
N ASP D 250 -68.89 8.23 -56.33
CA ASP D 250 -70.22 8.59 -56.70
C ASP D 250 -71.00 8.60 -55.43
N THR D 251 -71.65 9.73 -55.21
CA THR D 251 -72.36 9.99 -53.95
C THR D 251 -73.77 9.35 -53.92
N VAL D 252 -74.12 8.62 -52.87
CA VAL D 252 -75.37 7.84 -52.96
C VAL D 252 -76.55 8.75 -53.03
N PRO D 253 -77.45 8.63 -54.00
CA PRO D 253 -78.64 9.47 -54.14
C PRO D 253 -79.50 9.53 -52.90
N GLN D 254 -80.02 10.68 -52.59
CA GLN D 254 -80.73 10.86 -51.36
C GLN D 254 -82.11 10.28 -51.46
N SER D 255 -82.63 10.19 -52.70
CA SER D 255 -83.91 9.59 -52.91
C SER D 255 -83.87 8.07 -52.64
N LEU D 256 -82.73 7.44 -52.22
CA LEU D 256 -82.59 5.96 -52.03
C LEU D 256 -82.53 5.54 -50.62
N TYR D 257 -82.79 6.43 -49.72
CA TYR D 257 -82.76 6.05 -48.33
C TYR D 257 -83.34 7.13 -47.47
N ILE D 258 -83.45 6.88 -46.15
CA ILE D 258 -83.92 7.89 -45.20
C ILE D 258 -82.87 8.30 -44.21
N LYS D 259 -82.53 9.58 -44.03
CA LYS D 259 -81.39 9.88 -43.10
C LYS D 259 -81.64 9.40 -41.68
N GLY D 260 -80.63 8.99 -40.93
CA GLY D 260 -80.85 8.72 -39.50
C GLY D 260 -80.14 9.89 -38.80
N THR D 261 -79.73 9.62 -37.59
CA THR D 261 -78.95 10.64 -36.86
C THR D 261 -77.63 9.99 -36.37
N GLY D 262 -76.63 10.83 -36.14
CA GLY D 262 -75.35 10.32 -35.80
C GLY D 262 -74.64 9.69 -36.98
N MET D 263 -73.80 8.68 -36.71
CA MET D 263 -73.10 7.93 -37.76
C MET D 263 -74.05 7.39 -38.83
N ARG D 264 -75.33 7.33 -38.50
CA ARG D 264 -76.36 6.86 -39.38
C ARG D 264 -77.03 7.98 -40.18
N ALA D 265 -76.47 9.16 -40.12
CA ALA D 265 -77.01 10.33 -40.74
C ALA D 265 -76.49 10.40 -42.12
N SER D 266 -75.35 9.80 -42.30
CA SER D 266 -74.76 9.70 -43.62
C SER D 266 -74.33 8.24 -43.99
N PRO D 267 -74.70 7.78 -45.22
CA PRO D 267 -74.34 6.45 -45.68
C PRO D 267 -72.81 6.17 -45.62
N GLY D 268 -72.48 4.93 -45.24
CA GLY D 268 -71.12 4.56 -45.15
C GLY D 268 -70.61 4.12 -46.50
N SER D 269 -69.62 3.20 -46.57
CA SER D 269 -69.19 2.65 -47.80
C SER D 269 -70.21 1.76 -48.52
N CYS D 270 -70.43 2.02 -49.78
CA CYS D 270 -71.34 1.29 -50.63
C CYS D 270 -70.68 0.72 -51.79
N VAL D 271 -69.44 0.31 -51.65
CA VAL D 271 -68.72 -0.26 -52.77
C VAL D 271 -68.44 -1.65 -52.21
N TYR D 272 -69.11 -2.71 -52.73
CA TYR D 272 -69.03 -4.04 -52.08
C TYR D 272 -68.34 -4.82 -53.07
N SER D 273 -67.46 -5.76 -52.66
CA SER D 273 -66.87 -6.76 -53.49
C SER D 273 -66.61 -7.98 -52.64
N PRO D 274 -67.06 -9.14 -53.13
CA PRO D 274 -66.96 -10.40 -52.43
C PRO D 274 -65.71 -11.07 -52.81
N SER D 275 -65.19 -11.84 -51.86
CA SER D 275 -64.06 -12.69 -52.09
C SER D 275 -64.49 -13.87 -52.83
N PRO D 276 -63.83 -14.23 -53.93
CA PRO D 276 -64.32 -15.41 -54.66
C PRO D 276 -63.77 -16.71 -54.09
N SER D 277 -64.18 -17.78 -54.75
CA SER D 277 -63.80 -19.14 -54.30
C SER D 277 -64.34 -20.16 -55.23
N GLY D 278 -63.57 -21.05 -55.80
CA GLY D 278 -64.17 -22.06 -56.64
C GLY D 278 -64.42 -23.07 -55.64
N SER D 279 -65.40 -23.84 -55.80
CA SER D 279 -65.71 -24.70 -54.63
C SER D 279 -64.81 -25.98 -54.70
N ILE D 280 -65.42 -27.16 -54.83
CA ILE D 280 -64.72 -28.40 -54.88
C ILE D 280 -63.99 -28.55 -56.14
N VAL D 281 -62.74 -28.99 -56.06
CA VAL D 281 -62.06 -29.37 -57.31
C VAL D 281 -62.09 -30.89 -57.26
N THR D 282 -62.45 -31.51 -58.38
CA THR D 282 -62.58 -32.96 -58.40
C THR D 282 -62.16 -33.51 -59.76
N SER D 283 -61.75 -34.74 -59.79
CA SER D 283 -61.29 -35.25 -61.01
C SER D 283 -62.39 -35.60 -61.95
N ASP D 284 -63.62 -35.47 -61.52
CA ASP D 284 -64.75 -35.68 -62.41
C ASP D 284 -64.87 -34.64 -63.46
N SER D 285 -64.55 -33.42 -63.13
CA SER D 285 -64.70 -32.38 -64.10
C SER D 285 -63.37 -31.95 -64.66
N GLN D 286 -62.41 -32.88 -64.73
CA GLN D 286 -61.13 -32.56 -65.29
C GLN D 286 -61.15 -32.45 -66.79
N LEU D 287 -60.64 -31.34 -67.23
CA LEU D 287 -60.54 -31.09 -68.61
C LEU D 287 -59.41 -31.69 -69.38
N PHE D 288 -58.26 -31.88 -68.77
CA PHE D 288 -57.05 -32.42 -69.37
C PHE D 288 -56.72 -33.89 -69.12
N ASN D 289 -55.48 -34.28 -69.45
CA ASN D 289 -54.99 -35.58 -69.34
C ASN D 289 -55.93 -36.47 -70.12
N LYS D 290 -56.59 -35.94 -71.15
CA LYS D 290 -57.44 -36.78 -71.99
C LYS D 290 -57.12 -36.40 -73.37
N PRO D 291 -57.16 -37.33 -74.30
CA PRO D 291 -56.81 -36.97 -75.65
C PRO D 291 -58.02 -36.39 -76.34
N TYR D 292 -57.94 -35.26 -77.07
CA TYR D 292 -59.05 -34.87 -77.90
C TYR D 292 -58.57 -34.74 -79.30
N TRP D 293 -59.38 -35.19 -80.31
CA TRP D 293 -59.04 -35.24 -81.72
C TRP D 293 -59.82 -34.22 -82.44
N LEU D 294 -59.18 -33.35 -83.18
CA LEU D 294 -59.95 -32.31 -83.88
C LEU D 294 -60.14 -32.78 -85.29
N HIS D 295 -61.41 -33.06 -85.60
CA HIS D 295 -61.84 -33.68 -86.88
C HIS D 295 -62.27 -32.48 -87.77
N LYS D 296 -62.97 -31.51 -87.24
CA LYS D 296 -63.38 -30.37 -88.05
C LYS D 296 -63.55 -29.20 -87.20
N ALA D 297 -62.60 -28.28 -87.39
CA ALA D 297 -62.40 -27.02 -86.70
C ALA D 297 -63.63 -26.18 -86.83
N GLN D 298 -63.77 -25.26 -85.90
CA GLN D 298 -64.86 -24.32 -85.93
C GLN D 298 -64.75 -23.20 -87.05
N GLY D 299 -63.54 -22.69 -87.29
CA GLY D 299 -63.34 -21.67 -88.33
C GLY D 299 -62.99 -22.23 -89.67
N HIS D 300 -62.35 -21.42 -90.49
CA HIS D 300 -61.97 -21.92 -91.76
C HIS D 300 -60.63 -22.65 -91.70
N ASN D 301 -59.76 -22.29 -90.78
CA ASN D 301 -58.55 -23.07 -90.71
C ASN D 301 -58.76 -24.31 -89.89
N ASN D 302 -58.59 -25.45 -90.49
CA ASN D 302 -58.95 -26.69 -89.88
C ASN D 302 -57.71 -27.36 -89.33
N GLY D 303 -57.11 -26.69 -88.37
CA GLY D 303 -55.85 -27.18 -87.80
C GLY D 303 -54.58 -27.16 -88.63
N VAL D 304 -54.52 -26.36 -89.67
CA VAL D 304 -53.31 -26.20 -90.45
C VAL D 304 -52.31 -25.33 -89.75
N CYS D 305 -51.13 -25.87 -89.56
CA CYS D 305 -50.14 -25.15 -88.82
C CYS D 305 -49.21 -24.34 -89.70
N TRP D 306 -49.71 -23.20 -90.16
CA TRP D 306 -48.92 -22.39 -91.04
C TRP D 306 -47.63 -22.04 -90.37
N HIS D 307 -46.52 -22.09 -91.11
CA HIS D 307 -45.20 -21.71 -90.61
C HIS D 307 -44.67 -22.78 -89.73
N ASN D 308 -45.41 -23.89 -89.69
CA ASN D 308 -44.98 -25.07 -88.93
C ASN D 308 -44.82 -24.66 -87.45
N GLN D 309 -45.80 -23.83 -87.06
CA GLN D 309 -45.86 -23.31 -85.70
C GLN D 309 -47.14 -23.77 -85.12
N LEU D 310 -47.34 -23.65 -83.81
CA LEU D 310 -48.60 -23.95 -83.16
C LEU D 310 -48.54 -23.48 -81.74
N PHE D 311 -49.50 -22.64 -81.41
CA PHE D 311 -49.61 -22.14 -80.05
C PHE D 311 -50.65 -22.88 -79.16
N VAL D 312 -50.23 -23.23 -77.98
CA VAL D 312 -51.04 -23.97 -77.06
C VAL D 312 -51.25 -23.10 -75.88
N THR D 313 -52.41 -22.49 -75.76
CA THR D 313 -52.64 -21.63 -74.60
C THR D 313 -53.42 -22.44 -73.56
N VAL D 314 -52.99 -22.46 -72.30
CA VAL D 314 -53.71 -23.27 -71.29
C VAL D 314 -53.86 -22.62 -69.89
N VAL D 315 -55.02 -22.75 -69.20
CA VAL D 315 -55.06 -22.28 -67.82
C VAL D 315 -55.55 -23.50 -67.04
N ASP D 316 -55.02 -23.78 -65.87
CA ASP D 316 -55.59 -24.87 -65.14
C ASP D 316 -55.33 -24.60 -63.70
N THR D 317 -56.37 -24.26 -63.00
CA THR D 317 -56.16 -23.89 -61.62
C THR D 317 -56.47 -25.04 -60.72
N THR D 318 -56.74 -26.18 -61.33
CA THR D 318 -57.12 -27.33 -60.57
C THR D 318 -55.98 -28.02 -59.77
N ARG D 319 -54.77 -27.51 -60.01
CA ARG D 319 -53.66 -28.05 -59.31
C ARG D 319 -52.88 -26.86 -58.84
N SER D 320 -53.27 -26.26 -57.71
CA SER D 320 -52.69 -25.09 -57.20
C SER D 320 -52.15 -25.13 -55.81
N THR D 321 -51.79 -26.31 -55.33
CA THR D 321 -51.32 -26.51 -53.91
C THR D 321 -50.01 -25.81 -53.77
N ASN D 322 -49.86 -24.85 -52.85
CA ASN D 322 -48.52 -24.16 -52.76
C ASN D 322 -47.60 -24.75 -51.72
N LEU D 323 -46.43 -25.32 -52.09
CA LEU D 323 -45.59 -25.99 -51.07
C LEU D 323 -45.11 -24.90 -50.08
N THR D 324 -45.10 -25.23 -48.78
CA THR D 324 -44.58 -24.29 -47.75
C THR D 324 -43.26 -24.92 -47.37
N ILE D 325 -42.20 -24.11 -47.32
CA ILE D 325 -40.91 -24.64 -46.99
C ILE D 325 -40.37 -23.75 -45.98
N CYS D 326 -39.96 -24.32 -44.87
CA CYS D 326 -39.16 -23.53 -43.88
C CYS D 326 -37.89 -24.22 -43.41
N ALA D 327 -36.88 -23.35 -43.18
CA ALA D 327 -35.60 -23.77 -42.80
C ALA D 327 -35.31 -22.86 -41.59
N SER D 328 -34.55 -23.44 -40.67
CA SER D 328 -34.19 -22.67 -39.51
C SER D 328 -32.99 -21.76 -39.67
N THR D 329 -32.82 -20.92 -38.68
CA THR D 329 -31.72 -20.04 -38.73
C THR D 329 -30.55 -20.68 -38.02
N GLN D 330 -30.79 -21.59 -37.07
CA GLN D 330 -29.69 -22.22 -36.33
C GLN D 330 -29.39 -23.51 -37.04
N SER D 331 -28.15 -23.91 -36.97
CA SER D 331 -27.72 -25.16 -37.61
C SER D 331 -28.18 -26.44 -36.91
N PRO D 332 -27.98 -26.56 -35.58
CA PRO D 332 -28.41 -27.80 -34.91
C PRO D 332 -29.93 -27.93 -34.76
N VAL D 333 -30.69 -26.81 -34.93
CA VAL D 333 -32.20 -26.84 -34.98
C VAL D 333 -32.64 -27.17 -33.56
N PRO D 334 -32.55 -26.19 -32.66
CA PRO D 334 -32.54 -26.51 -31.16
C PRO D 334 -33.88 -27.20 -30.81
N GLY D 335 -33.92 -27.86 -29.65
CA GLY D 335 -35.17 -28.50 -29.17
C GLY D 335 -36.22 -27.51 -28.59
N GLN D 336 -36.00 -26.21 -28.68
CA GLN D 336 -36.95 -25.28 -28.23
C GLN D 336 -37.46 -24.50 -29.42
N TYR D 337 -38.76 -24.55 -29.62
CA TYR D 337 -39.43 -23.81 -30.69
C TYR D 337 -39.39 -22.31 -30.49
N ASP D 338 -39.01 -21.64 -31.54
CA ASP D 338 -39.00 -20.21 -31.57
C ASP D 338 -39.27 -19.79 -32.98
N ALA D 339 -40.45 -19.22 -33.18
CA ALA D 339 -40.91 -18.83 -34.46
C ALA D 339 -39.88 -18.07 -35.23
N THR D 340 -39.28 -17.07 -34.59
CA THR D 340 -38.31 -16.21 -35.29
C THR D 340 -37.15 -16.95 -35.85
N LYS D 341 -36.83 -18.03 -35.25
CA LYS D 341 -35.70 -18.86 -35.64
C LYS D 341 -35.87 -19.70 -36.95
N PHE D 342 -36.96 -19.50 -37.72
CA PHE D 342 -37.29 -20.31 -38.89
C PHE D 342 -37.80 -19.36 -39.94
N LYS D 343 -37.34 -19.63 -41.17
CA LYS D 343 -37.68 -18.80 -42.34
C LYS D 343 -38.66 -19.57 -43.17
N GLN D 344 -39.76 -18.93 -43.52
CA GLN D 344 -40.88 -19.52 -44.22
C GLN D 344 -40.85 -19.16 -45.67
N TYR D 345 -40.73 -20.14 -46.56
CA TYR D 345 -40.88 -19.77 -47.98
C TYR D 345 -42.12 -20.38 -48.61
N SER D 346 -42.63 -19.83 -49.72
CA SER D 346 -43.74 -20.43 -50.48
C SER D 346 -43.45 -20.73 -51.93
N ARG D 347 -43.56 -21.96 -52.35
CA ARG D 347 -43.13 -22.24 -53.74
C ARG D 347 -44.13 -23.00 -54.52
N HIS D 348 -44.42 -22.62 -55.75
CA HIS D 348 -45.36 -23.39 -56.51
C HIS D 348 -44.80 -24.17 -57.71
N VAL D 349 -45.29 -25.35 -58.05
CA VAL D 349 -44.69 -26.04 -59.18
C VAL D 349 -45.70 -26.14 -60.39
N GLU D 350 -45.24 -26.37 -61.61
CA GLU D 350 -46.19 -26.68 -62.64
C GLU D 350 -45.54 -27.71 -63.55
N GLU D 351 -46.25 -28.77 -63.92
CA GLU D 351 -45.66 -29.88 -64.66
C GLU D 351 -46.55 -30.11 -65.92
N TYR D 352 -46.10 -29.77 -67.13
CA TYR D 352 -46.88 -30.12 -68.34
C TYR D 352 -46.24 -31.23 -69.15
N ASP D 353 -46.95 -31.78 -70.14
CA ASP D 353 -46.37 -32.64 -71.09
C ASP D 353 -47.23 -32.48 -72.35
N LEU D 354 -46.69 -32.07 -73.49
CA LEU D 354 -47.64 -31.89 -74.62
C LEU D 354 -47.57 -33.07 -75.57
N GLN D 355 -48.66 -33.58 -76.14
CA GLN D 355 -48.49 -34.60 -77.12
C GLN D 355 -49.35 -34.29 -78.27
N PHE D 356 -48.93 -34.70 -79.45
CA PHE D 356 -49.76 -34.40 -80.65
C PHE D 356 -49.70 -35.49 -81.70
N ILE D 357 -50.60 -35.46 -82.65
CA ILE D 357 -50.54 -36.29 -83.77
C ILE D 357 -50.67 -35.31 -84.92
N PHE D 358 -49.64 -35.21 -85.76
CA PHE D 358 -49.81 -34.38 -86.89
C PHE D 358 -50.02 -35.12 -88.17
N GLN D 359 -50.72 -34.53 -89.12
CA GLN D 359 -50.96 -35.20 -90.41
C GLN D 359 -50.37 -34.39 -91.52
N LEU D 360 -49.59 -35.06 -92.32
CA LEU D 360 -48.80 -34.40 -93.40
C LEU D 360 -49.78 -33.99 -94.51
N CYS D 361 -49.58 -32.79 -95.01
CA CYS D 361 -50.58 -32.32 -95.98
C CYS D 361 -49.86 -31.67 -97.12
N THR D 362 -50.57 -31.47 -98.24
CA THR D 362 -49.95 -30.96 -99.43
C THR D 362 -50.79 -29.89 -100.01
N ILE D 363 -50.10 -28.89 -100.51
CA ILE D 363 -50.77 -27.74 -101.15
C ILE D 363 -50.30 -27.65 -102.57
N THR D 364 -51.18 -27.86 -103.55
CA THR D 364 -50.79 -27.63 -104.98
C THR D 364 -50.85 -26.17 -105.29
N LEU D 365 -49.71 -25.59 -105.57
CA LEU D 365 -49.71 -24.18 -105.79
C LEU D 365 -50.21 -23.82 -107.17
N THR D 366 -51.35 -23.18 -107.31
CA THR D 366 -51.77 -22.79 -108.60
C THR D 366 -51.85 -21.35 -108.56
N ALA D 367 -52.27 -20.71 -109.63
CA ALA D 367 -52.36 -19.27 -109.75
C ALA D 367 -53.21 -18.74 -108.64
N ASP D 368 -54.51 -19.00 -108.63
CA ASP D 368 -55.38 -18.48 -107.59
C ASP D 368 -55.05 -18.96 -106.18
N VAL D 369 -54.55 -20.19 -106.04
CA VAL D 369 -54.12 -20.70 -104.76
C VAL D 369 -53.07 -19.85 -104.19
N MET D 370 -52.10 -19.46 -104.94
CA MET D 370 -51.14 -18.49 -104.43
C MET D 370 -51.70 -17.15 -104.21
N SER D 371 -52.49 -16.67 -105.11
CA SER D 371 -52.91 -15.33 -104.87
C SER D 371 -53.76 -15.27 -103.56
N TYR D 372 -54.41 -16.39 -103.24
CA TYR D 372 -55.27 -16.42 -102.08
C TYR D 372 -54.35 -16.46 -100.88
N ILE D 373 -53.39 -17.41 -100.85
CA ILE D 373 -52.44 -17.53 -99.75
C ILE D 373 -51.70 -16.24 -99.64
N GLN D 374 -51.69 -15.49 -100.74
CA GLN D 374 -50.96 -14.29 -100.81
C GLN D 374 -51.72 -13.36 -99.98
N SER D 375 -53.02 -13.28 -100.20
CA SER D 375 -53.88 -12.28 -99.54
C SER D 375 -53.98 -12.61 -98.12
N MET D 376 -53.93 -13.92 -97.83
CA MET D 376 -54.12 -14.43 -96.45
C MET D 376 -52.99 -14.04 -95.55
N ASN D 377 -51.80 -14.53 -95.88
CA ASN D 377 -50.63 -14.12 -95.16
C ASN D 377 -49.48 -14.29 -96.07
N SER D 378 -48.98 -13.21 -96.61
CA SER D 378 -47.90 -13.33 -97.59
C SER D 378 -46.64 -14.13 -97.11
N SER D 379 -46.31 -14.02 -95.81
CA SER D 379 -45.12 -14.66 -95.27
C SER D 379 -45.17 -16.15 -95.43
N ILE D 380 -46.35 -16.73 -95.66
CA ILE D 380 -46.50 -18.21 -95.87
C ILE D 380 -45.74 -18.65 -97.09
N LEU D 381 -45.84 -17.84 -98.14
CA LEU D 381 -45.32 -18.17 -99.42
C LEU D 381 -43.86 -17.85 -99.48
N GLU D 382 -43.48 -16.75 -98.80
CA GLU D 382 -42.10 -16.34 -98.65
C GLU D 382 -41.18 -17.46 -98.07
N ASP D 383 -41.57 -18.15 -96.97
CA ASP D 383 -40.77 -19.26 -96.38
C ASP D 383 -40.66 -20.41 -97.34
N TRP D 384 -41.54 -20.51 -98.27
CA TRP D 384 -41.40 -21.56 -99.16
C TRP D 384 -40.53 -21.10 -100.32
N ASN D 385 -40.05 -19.86 -100.24
CA ASN D 385 -39.12 -19.19 -101.23
C ASN D 385 -39.68 -19.24 -102.64
N ASN D 391 -34.51 -13.99 -91.25
CA ASN D 391 -35.90 -13.38 -91.18
C ASN D 391 -36.43 -12.97 -89.79
N LYS D 392 -37.29 -11.90 -89.88
CA LYS D 392 -37.93 -11.23 -88.70
C LYS D 392 -39.30 -11.85 -88.36
N ASP D 393 -39.43 -12.55 -87.20
CA ASP D 393 -40.73 -13.05 -86.72
C ASP D 393 -41.60 -11.92 -86.07
N PRO D 394 -42.89 -11.83 -86.45
CA PRO D 394 -43.77 -10.82 -85.82
C PRO D 394 -44.10 -10.99 -84.35
N TYR D 395 -43.53 -12.01 -83.68
CA TYR D 395 -43.94 -12.41 -82.32
C TYR D 395 -42.76 -12.26 -81.46
N ASP D 396 -41.67 -11.76 -82.01
CA ASP D 396 -40.34 -11.81 -81.28
C ASP D 396 -40.24 -10.85 -80.09
N LYS D 397 -41.33 -10.05 -79.93
CA LYS D 397 -41.53 -9.13 -78.76
C LYS D 397 -42.15 -9.83 -77.56
N LEU D 398 -43.13 -10.68 -77.84
CA LEU D 398 -43.84 -11.40 -76.86
C LEU D 398 -43.17 -12.64 -76.23
N LYS D 399 -43.62 -12.94 -75.00
CA LYS D 399 -43.11 -14.07 -74.20
C LYS D 399 -43.83 -15.35 -74.40
N PHE D 400 -43.16 -16.40 -74.77
CA PHE D 400 -43.87 -17.64 -74.88
C PHE D 400 -42.96 -18.69 -74.30
N TRP D 401 -43.51 -19.83 -73.88
CA TRP D 401 -42.66 -20.86 -73.39
C TRP D 401 -42.35 -21.67 -74.65
N ASN D 402 -41.10 -21.70 -75.12
CA ASN D 402 -40.78 -22.31 -76.40
C ASN D 402 -40.59 -23.81 -76.23
N VAL D 403 -41.26 -24.59 -77.03
CA VAL D 403 -41.09 -26.00 -76.99
C VAL D 403 -40.68 -26.47 -78.39
N ASP D 404 -39.40 -26.82 -78.55
CA ASP D 404 -38.92 -27.22 -79.85
C ASP D 404 -39.20 -28.71 -80.10
N LEU D 405 -39.90 -29.03 -81.18
CA LEU D 405 -40.18 -30.43 -81.44
C LEU D 405 -39.55 -30.89 -82.76
N LYS D 406 -38.71 -30.08 -83.31
CA LYS D 406 -38.13 -30.37 -84.57
C LYS D 406 -37.47 -31.74 -84.56
N GLU D 407 -36.98 -32.14 -83.41
CA GLU D 407 -36.27 -33.35 -83.33
C GLU D 407 -37.03 -34.43 -82.58
N LYS D 408 -38.38 -34.32 -82.62
CA LYS D 408 -39.28 -35.19 -81.94
C LYS D 408 -40.36 -35.76 -82.78
N PHE D 409 -40.38 -35.64 -84.10
CA PHE D 409 -41.45 -36.37 -84.77
C PHE D 409 -41.17 -37.86 -84.96
N SER D 410 -42.20 -38.69 -84.96
CA SER D 410 -41.96 -40.08 -85.20
C SER D 410 -43.08 -40.77 -86.00
N LEU D 411 -42.68 -41.72 -86.80
CA LEU D 411 -43.66 -42.38 -87.58
C LEU D 411 -44.39 -43.56 -86.99
N ASP D 412 -43.85 -44.18 -85.94
CA ASP D 412 -44.56 -45.35 -85.38
C ASP D 412 -45.37 -44.83 -84.25
N LEU D 413 -46.61 -44.47 -84.52
CA LEU D 413 -47.46 -43.99 -83.49
C LEU D 413 -47.53 -45.03 -82.41
N ASP D 414 -47.58 -46.27 -82.83
CA ASP D 414 -47.69 -47.42 -81.94
C ASP D 414 -46.80 -47.33 -80.72
N GLN D 415 -45.70 -46.62 -80.85
CA GLN D 415 -44.69 -46.52 -79.78
C GLN D 415 -44.96 -45.49 -78.71
N TYR D 416 -46.00 -44.68 -78.91
CA TYR D 416 -46.35 -43.57 -77.93
C TYR D 416 -47.82 -43.59 -77.53
N PRO D 417 -48.10 -43.23 -76.28
CA PRO D 417 -49.41 -43.27 -75.68
C PRO D 417 -50.50 -42.73 -76.56
N LEU D 418 -50.41 -41.41 -76.83
CA LEU D 418 -51.34 -40.73 -77.66
C LEU D 418 -51.32 -41.39 -79.01
N GLY D 419 -50.17 -41.80 -79.53
CA GLY D 419 -50.21 -42.55 -80.79
C GLY D 419 -51.02 -43.83 -80.79
N ARG D 420 -51.00 -44.58 -79.70
CA ARG D 420 -51.69 -45.83 -79.63
C ARG D 420 -53.12 -45.48 -79.58
N LYS D 421 -53.54 -44.62 -78.64
CA LYS D 421 -54.92 -44.11 -78.63
C LYS D 421 -55.48 -43.66 -79.98
N PHE D 422 -54.67 -42.94 -80.75
CA PHE D 422 -55.00 -42.50 -82.05
C PHE D 422 -55.28 -43.65 -82.93
N LEU D 423 -54.51 -44.72 -82.83
CA LEU D 423 -54.64 -45.86 -83.70
C LEU D 423 -55.95 -46.54 -83.36
N VAL D 424 -56.30 -46.64 -82.07
CA VAL D 424 -57.60 -47.15 -81.69
C VAL D 424 -58.71 -46.40 -82.41
N GLN D 425 -58.84 -45.09 -82.18
CA GLN D 425 -59.92 -44.32 -82.74
C GLN D 425 -60.00 -44.41 -84.25
N ALA D 426 -58.92 -44.84 -84.84
CA ALA D 426 -58.84 -44.87 -86.25
C ALA D 426 -59.37 -46.19 -86.75
N GLY D 427 -59.46 -47.16 -85.83
CA GLY D 427 -60.01 -48.44 -86.15
C GLY D 427 -58.98 -49.51 -86.10
N LEU D 428 -57.91 -49.39 -86.87
CA LEU D 428 -56.80 -50.34 -86.78
C LEU D 428 -56.07 -50.46 -85.48
N ALA E 1 -37.29 -51.40 -81.51
CA ALA E 1 -38.91 -51.34 -81.36
C ALA E 1 -39.68 -52.37 -80.42
N VAL E 2 -40.47 -51.88 -79.46
CA VAL E 2 -41.11 -52.71 -78.50
C VAL E 2 -42.42 -53.08 -79.13
N VAL E 3 -42.84 -54.29 -78.83
CA VAL E 3 -44.07 -54.77 -79.42
C VAL E 3 -45.17 -55.32 -78.52
N ASN E 4 -46.38 -55.03 -78.97
CA ASN E 4 -47.57 -55.55 -78.33
C ASN E 4 -47.42 -57.02 -78.06
N THR E 5 -47.67 -57.43 -76.82
CA THR E 5 -47.47 -58.78 -76.39
C THR E 5 -48.44 -59.66 -77.19
N ASP E 6 -49.46 -59.09 -77.78
CA ASP E 6 -50.40 -59.97 -78.51
C ASP E 6 -49.69 -60.54 -79.69
N ASP E 7 -48.56 -59.97 -80.04
CA ASP E 7 -47.81 -60.52 -81.16
C ASP E 7 -47.02 -61.81 -80.93
N TYR E 8 -46.70 -62.15 -79.67
CA TYR E 8 -45.84 -63.24 -79.38
C TYR E 8 -46.34 -64.03 -78.22
N VAL E 9 -47.53 -63.72 -77.75
CA VAL E 9 -48.13 -64.42 -76.62
C VAL E 9 -49.51 -64.90 -77.02
N THR E 10 -49.71 -66.19 -77.17
CA THR E 10 -51.02 -66.68 -77.65
C THR E 10 -51.92 -66.99 -76.51
N ARG E 11 -53.19 -66.67 -76.68
CA ARG E 11 -54.03 -66.82 -75.54
C ARG E 11 -54.74 -68.18 -75.65
N THR E 12 -55.05 -68.89 -74.56
CA THR E 12 -55.72 -70.18 -74.66
C THR E 12 -57.06 -69.82 -74.25
N SER E 13 -57.89 -70.81 -74.10
CA SER E 13 -59.29 -70.59 -73.63
C SER E 13 -59.40 -71.11 -72.12
N ILE E 14 -58.26 -71.22 -71.46
CA ILE E 14 -58.30 -71.78 -70.13
C ILE E 14 -58.35 -70.59 -69.14
N PHE E 15 -59.29 -70.52 -68.20
CA PHE E 15 -59.25 -69.38 -67.28
C PHE E 15 -59.28 -69.89 -65.88
N TYR E 16 -58.47 -69.30 -65.01
CA TYR E 16 -58.54 -69.70 -63.60
C TYR E 16 -58.98 -68.52 -62.78
N HIS E 17 -59.58 -68.78 -61.61
CA HIS E 17 -59.90 -67.68 -60.68
C HIS E 17 -58.95 -67.80 -59.52
N ALA E 18 -58.68 -66.70 -58.83
CA ALA E 18 -57.68 -66.74 -57.75
C ALA E 18 -57.99 -65.64 -56.83
N GLY E 19 -57.92 -65.86 -55.55
CA GLY E 19 -58.28 -64.80 -54.62
C GLY E 19 -57.70 -64.91 -53.24
N SER E 20 -57.21 -63.79 -52.71
CA SER E 20 -56.63 -63.71 -51.41
C SER E 20 -57.76 -64.06 -50.51
N SER E 21 -57.49 -64.55 -49.33
CA SER E 21 -58.57 -64.83 -48.40
C SER E 21 -59.24 -63.48 -47.98
N ARG E 22 -58.72 -62.76 -46.99
CA ARG E 22 -59.32 -61.57 -46.49
C ARG E 22 -58.21 -60.86 -45.81
N LEU E 23 -57.64 -59.84 -46.49
CA LEU E 23 -56.50 -59.17 -45.92
C LEU E 23 -57.03 -58.24 -44.91
N LEU E 24 -56.41 -58.13 -43.76
CA LEU E 24 -56.92 -57.29 -42.75
C LEU E 24 -55.73 -56.68 -42.04
N THR E 25 -55.90 -55.46 -41.54
CA THR E 25 -54.81 -54.95 -40.67
C THR E 25 -55.25 -53.82 -39.77
N VAL E 26 -54.82 -53.76 -38.52
CA VAL E 26 -55.22 -52.67 -37.67
C VAL E 26 -54.00 -52.17 -36.95
N GLY E 27 -54.00 -50.93 -36.46
CA GLY E 27 -52.79 -50.21 -35.94
C GLY E 27 -53.22 -48.78 -35.61
N ASP E 28 -52.25 -47.96 -35.27
CA ASP E 28 -52.47 -46.58 -34.90
C ASP E 28 -52.45 -45.86 -36.18
N PRO E 29 -53.36 -44.90 -36.37
CA PRO E 29 -53.50 -44.13 -37.62
C PRO E 29 -52.46 -43.02 -37.84
N TYR E 30 -51.70 -42.62 -36.80
CA TYR E 30 -50.78 -41.55 -36.87
C TYR E 30 -49.32 -41.89 -36.84
N PHE E 31 -48.99 -43.00 -36.20
CA PHE E 31 -47.56 -43.43 -36.06
C PHE E 31 -47.47 -44.75 -35.41
N ARG E 32 -46.28 -45.38 -35.44
CA ARG E 32 -46.18 -46.70 -34.82
C ARG E 32 -45.88 -46.64 -33.36
N VAL E 33 -46.39 -47.58 -32.60
CA VAL E 33 -46.21 -47.43 -31.21
C VAL E 33 -45.14 -48.44 -30.86
N PRO E 34 -43.92 -48.01 -30.48
CA PRO E 34 -42.83 -48.88 -30.27
C PRO E 34 -43.31 -50.00 -29.40
N ALA E 35 -42.86 -51.16 -29.74
CA ALA E 35 -43.13 -52.34 -28.95
C ALA E 35 -43.12 -52.29 -27.41
N GLY E 36 -43.95 -53.24 -26.96
CA GLY E 36 -44.28 -53.54 -25.57
C GLY E 36 -44.13 -52.54 -24.41
N GLY E 37 -43.92 -51.23 -24.69
CA GLY E 37 -43.96 -50.24 -23.58
C GLY E 37 -45.12 -50.54 -22.59
N GLY E 38 -46.35 -50.49 -23.12
CA GLY E 38 -47.56 -50.83 -22.37
C GLY E 38 -47.80 -52.34 -22.48
N ASN E 39 -48.08 -52.81 -23.72
CA ASN E 39 -48.38 -54.25 -23.99
C ASN E 39 -47.66 -54.76 -25.29
N LYS E 40 -46.94 -55.87 -25.08
CA LYS E 40 -46.08 -56.61 -26.00
C LYS E 40 -46.37 -56.47 -27.44
N GLN E 41 -45.30 -56.17 -28.18
CA GLN E 41 -45.34 -56.13 -29.64
C GLN E 41 -45.82 -54.81 -30.26
N ASP E 42 -45.15 -54.41 -31.33
CA ASP E 42 -45.33 -53.15 -32.06
C ASP E 42 -46.71 -52.96 -32.62
N ILE E 43 -47.22 -51.72 -32.66
CA ILE E 43 -48.55 -51.43 -33.13
C ILE E 43 -48.24 -50.67 -34.34
N PRO E 44 -48.41 -51.23 -35.45
CA PRO E 44 -48.09 -50.73 -36.69
C PRO E 44 -48.80 -49.41 -37.00
N LYS E 45 -48.27 -48.63 -37.96
CA LYS E 45 -48.99 -47.45 -38.46
C LYS E 45 -49.95 -47.83 -39.54
N VAL E 46 -51.21 -48.00 -39.18
CA VAL E 46 -52.16 -48.26 -40.23
C VAL E 46 -53.04 -47.04 -40.55
N SER E 47 -52.82 -46.40 -41.66
CA SER E 47 -53.58 -45.15 -41.99
C SER E 47 -54.42 -45.34 -43.23
N ALA E 48 -55.47 -44.58 -43.45
CA ALA E 48 -56.19 -44.77 -44.65
C ALA E 48 -55.46 -43.94 -45.66
N TYR E 49 -54.48 -43.14 -45.26
CA TYR E 49 -53.84 -42.32 -46.24
C TYR E 49 -52.53 -42.85 -46.67
N GLN E 50 -52.44 -44.14 -46.87
CA GLN E 50 -51.22 -44.62 -47.33
C GLN E 50 -51.43 -45.68 -48.41
N TYR E 51 -50.47 -45.86 -49.33
CA TYR E 51 -50.66 -46.79 -50.44
C TYR E 51 -50.63 -48.15 -49.88
N ARG E 52 -51.49 -49.02 -50.38
CA ARG E 52 -51.45 -50.46 -50.05
C ARG E 52 -50.81 -51.08 -51.29
N VAL E 53 -49.68 -51.79 -51.21
CA VAL E 53 -49.13 -52.26 -52.45
C VAL E 53 -49.06 -53.75 -52.24
N PHE E 54 -49.85 -54.54 -52.93
CA PHE E 54 -49.84 -55.97 -52.71
C PHE E 54 -49.02 -56.59 -53.77
N ARG E 55 -48.14 -57.45 -53.36
CA ARG E 55 -47.41 -58.18 -54.38
C ARG E 55 -48.00 -59.53 -54.49
N VAL E 56 -48.79 -59.77 -55.53
CA VAL E 56 -49.45 -61.09 -55.59
C VAL E 56 -48.56 -62.16 -56.22
N GLN E 57 -48.26 -63.24 -55.53
CA GLN E 57 -47.38 -64.29 -56.09
C GLN E 57 -48.27 -65.32 -56.81
N LEU E 58 -48.15 -65.44 -58.13
CA LEU E 58 -48.93 -66.47 -58.93
C LEU E 58 -48.06 -67.76 -59.02
N PRO E 59 -48.68 -68.94 -59.26
CA PRO E 59 -47.99 -70.18 -59.35
C PRO E 59 -47.35 -70.26 -60.64
N ASP E 60 -46.15 -70.82 -60.78
CA ASP E 60 -45.50 -70.82 -62.04
C ASP E 60 -46.23 -71.84 -62.91
N PRO E 61 -46.84 -71.43 -63.97
CA PRO E 61 -47.69 -72.26 -64.74
C PRO E 61 -46.96 -73.32 -65.47
N ASN E 62 -45.64 -73.27 -65.58
CA ASN E 62 -44.88 -74.33 -66.21
C ASN E 62 -44.73 -75.49 -65.23
N LYS E 63 -44.15 -75.26 -64.06
CA LYS E 63 -44.07 -76.32 -63.06
C LYS E 63 -45.38 -76.61 -62.40
N PHE E 64 -46.52 -76.45 -63.09
CA PHE E 64 -47.88 -76.52 -62.48
C PHE E 64 -48.56 -77.60 -63.23
N GLY E 65 -49.53 -78.12 -62.45
CA GLY E 65 -50.42 -79.22 -62.94
C GLY E 65 -51.60 -78.69 -63.73
N LEU E 66 -51.47 -78.72 -65.07
CA LEU E 66 -52.62 -78.41 -65.98
C LEU E 66 -53.85 -79.46 -66.04
N PRO E 67 -55.06 -78.93 -66.55
CA PRO E 67 -56.27 -79.83 -66.70
C PRO E 67 -55.83 -80.88 -67.80
N ASP E 68 -54.99 -80.34 -68.72
CA ASP E 68 -54.57 -81.08 -69.86
C ASP E 68 -53.17 -80.55 -70.17
N THR E 69 -52.10 -81.39 -69.97
CA THR E 69 -50.69 -80.92 -70.30
C THR E 69 -50.35 -81.24 -71.78
N SER E 70 -51.26 -80.85 -72.68
CA SER E 70 -51.17 -81.05 -74.15
C SER E 70 -51.92 -79.82 -74.72
N ILE E 71 -51.61 -78.71 -74.04
CA ILE E 71 -52.08 -77.35 -74.44
C ILE E 71 -50.93 -76.67 -75.26
N TYR E 72 -49.73 -77.16 -74.86
CA TYR E 72 -48.48 -76.75 -75.48
C TYR E 72 -47.46 -77.87 -75.51
N ASN E 73 -46.33 -77.57 -76.16
CA ASN E 73 -45.18 -78.44 -76.21
C ASN E 73 -44.02 -77.85 -75.46
N PRO E 74 -43.80 -78.36 -74.24
CA PRO E 74 -42.76 -77.98 -73.34
C PRO E 74 -41.43 -77.96 -73.98
N GLU E 75 -41.37 -78.29 -75.23
CA GLU E 75 -40.08 -78.34 -75.87
C GLU E 75 -39.82 -77.05 -76.65
N THR E 76 -40.86 -76.47 -77.24
CA THR E 76 -40.76 -75.26 -78.01
C THR E 76 -41.48 -74.08 -77.32
N GLN E 77 -42.28 -74.35 -76.30
CA GLN E 77 -42.97 -73.21 -75.75
C GLN E 77 -42.93 -73.16 -74.28
N ARG E 78 -43.33 -72.04 -73.69
CA ARG E 78 -43.51 -71.81 -72.26
C ARG E 78 -44.89 -71.19 -71.89
N LEU E 79 -45.17 -71.17 -70.62
CA LEU E 79 -46.42 -70.69 -70.21
C LEU E 79 -46.42 -69.36 -69.36
N VAL E 80 -47.33 -68.43 -69.68
CA VAL E 80 -47.42 -67.24 -68.85
C VAL E 80 -48.80 -67.03 -68.40
N TRP E 81 -48.96 -66.34 -67.25
CA TRP E 81 -50.34 -66.01 -66.81
C TRP E 81 -50.68 -64.58 -67.31
N ALA E 82 -51.85 -64.39 -67.86
CA ALA E 82 -52.33 -63.07 -68.29
C ALA E 82 -53.52 -62.65 -67.47
N CYS E 83 -53.45 -61.49 -66.85
CA CYS E 83 -54.57 -60.99 -66.10
C CYS E 83 -55.89 -60.65 -66.94
N ALA E 84 -57.07 -61.14 -66.57
CA ALA E 84 -58.23 -60.81 -67.34
C ALA E 84 -59.36 -60.15 -66.56
N GLY E 85 -59.20 -59.92 -65.30
CA GLY E 85 -60.31 -59.42 -64.55
C GLY E 85 -59.83 -59.24 -63.10
N VAL E 86 -60.40 -58.29 -62.34
CA VAL E 86 -59.98 -57.96 -61.02
C VAL E 86 -61.09 -57.40 -60.26
N GLU E 87 -61.00 -57.42 -58.95
CA GLU E 87 -62.01 -56.82 -58.15
C GLU E 87 -61.38 -56.57 -56.81
N ILE E 88 -61.08 -55.34 -56.48
CA ILE E 88 -60.51 -55.14 -55.20
C ILE E 88 -61.63 -55.03 -54.26
N GLY E 89 -61.80 -56.02 -53.41
CA GLY E 89 -62.91 -55.92 -52.52
C GLY E 89 -62.69 -55.07 -51.28
N ARG E 90 -63.64 -54.28 -50.75
CA ARG E 90 -63.30 -53.48 -49.60
C ARG E 90 -64.21 -53.70 -48.44
N GLY E 91 -63.62 -53.75 -47.27
CA GLY E 91 -64.29 -54.15 -46.07
C GLY E 91 -65.07 -53.18 -45.20
N GLN E 92 -64.51 -52.43 -44.26
CA GLN E 92 -65.44 -51.69 -43.43
C GLN E 92 -66.45 -50.79 -44.12
N PRO E 93 -67.23 -50.04 -43.39
CA PRO E 93 -68.21 -49.10 -43.94
C PRO E 93 -67.63 -47.77 -44.32
N LEU E 94 -68.33 -47.02 -45.15
CA LEU E 94 -67.84 -45.71 -45.48
C LEU E 94 -67.68 -44.78 -44.28
N GLY E 95 -66.69 -43.92 -44.34
CA GLY E 95 -66.53 -43.08 -43.21
C GLY E 95 -65.49 -42.00 -43.33
N VAL E 96 -65.48 -41.06 -42.38
CA VAL E 96 -64.45 -39.99 -42.46
C VAL E 96 -63.64 -39.92 -41.18
N GLY E 97 -62.43 -39.37 -41.21
CA GLY E 97 -61.59 -39.40 -40.00
C GLY E 97 -60.61 -38.21 -40.10
N LEU E 98 -60.22 -37.60 -38.97
CA LEU E 98 -59.37 -36.44 -38.98
C LEU E 98 -57.90 -36.80 -38.67
N SER E 99 -57.00 -35.88 -38.96
CA SER E 99 -55.59 -36.07 -38.65
C SER E 99 -55.25 -34.73 -38.16
N GLY E 100 -54.42 -34.70 -37.15
CA GLY E 100 -54.10 -33.42 -36.55
C GLY E 100 -52.70 -33.35 -35.99
N HIS E 101 -52.31 -32.20 -35.46
CA HIS E 101 -51.04 -32.02 -34.82
C HIS E 101 -51.19 -31.17 -33.57
N PRO E 102 -50.58 -31.59 -32.45
CA PRO E 102 -50.61 -30.80 -31.17
C PRO E 102 -50.11 -29.43 -31.32
N PHE E 103 -49.12 -29.21 -32.23
CA PHE E 103 -48.56 -27.86 -32.38
C PHE E 103 -48.55 -27.36 -33.78
N TYR E 104 -49.67 -27.47 -34.48
CA TYR E 104 -49.77 -27.10 -35.87
C TYR E 104 -49.36 -25.68 -35.96
N ASN E 105 -48.52 -25.32 -36.90
CA ASN E 105 -48.09 -23.93 -37.12
C ASN E 105 -49.07 -23.12 -37.90
N LYS E 106 -49.95 -22.45 -37.20
CA LYS E 106 -51.10 -21.78 -37.77
C LYS E 106 -51.04 -20.46 -37.06
N LEU E 107 -50.77 -19.41 -37.79
CA LEU E 107 -50.59 -18.13 -37.14
C LEU E 107 -51.92 -17.63 -36.78
N ASP E 108 -52.63 -17.10 -37.80
CA ASP E 108 -54.01 -16.76 -37.59
C ASP E 108 -54.94 -17.04 -38.81
N ASP E 109 -56.23 -16.76 -38.61
CA ASP E 109 -57.25 -16.93 -39.65
C ASP E 109 -57.26 -15.80 -40.63
N THR E 110 -56.87 -16.06 -41.86
CA THR E 110 -56.79 -15.02 -42.84
C THR E 110 -57.88 -15.08 -43.81
N GLU E 111 -58.92 -15.76 -43.38
CA GLU E 111 -60.12 -15.95 -44.22
C GLU E 111 -61.03 -14.78 -44.08
N SER E 112 -61.20 -14.34 -42.83
CA SER E 112 -62.03 -13.24 -42.51
C SER E 112 -61.90 -12.87 -41.09
N SER E 113 -60.68 -12.96 -40.57
CA SER E 113 -60.41 -12.49 -39.19
C SER E 113 -61.26 -11.21 -38.86
N HIS E 114 -62.00 -11.30 -37.71
CA HIS E 114 -62.86 -10.18 -37.21
C HIS E 114 -62.25 -8.74 -37.45
N ALA E 115 -60.93 -8.73 -37.23
CA ALA E 115 -59.99 -7.65 -37.56
C ALA E 115 -58.49 -8.17 -37.72
N ALA E 116 -57.50 -7.33 -37.29
CA ALA E 116 -56.09 -7.81 -37.23
C ALA E 116 -56.04 -9.14 -36.33
N THR E 117 -54.82 -9.45 -35.78
CA THR E 117 -54.66 -10.75 -35.06
C THR E 117 -53.52 -10.59 -34.03
N SER E 118 -53.21 -11.70 -33.34
CA SER E 118 -52.08 -11.74 -32.39
C SER E 118 -50.69 -11.15 -32.79
N ASN E 119 -49.82 -10.96 -31.76
CA ASN E 119 -48.43 -10.65 -32.04
C ASN E 119 -47.59 -11.91 -32.55
N VAL E 120 -46.74 -11.68 -33.59
CA VAL E 120 -45.77 -12.71 -34.10
C VAL E 120 -44.54 -12.77 -33.16
N SER E 121 -44.87 -12.65 -31.84
CA SER E 121 -43.93 -12.84 -30.67
C SER E 121 -43.24 -14.28 -30.67
N GLU E 122 -44.02 -15.36 -30.41
CA GLU E 122 -43.19 -16.52 -30.32
C GLU E 122 -43.57 -18.02 -30.46
N ASP E 123 -44.58 -18.54 -29.74
CA ASP E 123 -45.02 -19.93 -29.94
C ASP E 123 -46.51 -19.70 -29.90
N VAL E 124 -47.14 -19.68 -31.07
CA VAL E 124 -48.57 -19.51 -31.14
C VAL E 124 -49.18 -20.72 -31.84
N ARG E 125 -48.54 -21.88 -31.68
CA ARG E 125 -49.01 -23.09 -32.29
C ARG E 125 -50.27 -23.55 -31.59
N ASP E 126 -51.23 -24.12 -32.34
CA ASP E 126 -52.48 -24.54 -31.78
C ASP E 126 -52.70 -25.94 -32.16
N ASN E 127 -53.55 -26.64 -31.43
CA ASN E 127 -53.78 -28.06 -31.75
C ASN E 127 -54.90 -28.06 -32.78
N VAL E 128 -54.62 -28.60 -33.97
CA VAL E 128 -55.65 -28.64 -35.03
C VAL E 128 -55.73 -29.98 -35.67
N SER E 129 -56.87 -30.28 -36.25
CA SER E 129 -56.99 -31.49 -36.97
C SER E 129 -57.61 -31.15 -38.31
N VAL E 130 -57.70 -32.12 -39.22
CA VAL E 130 -58.16 -31.81 -40.52
C VAL E 130 -58.57 -33.08 -41.23
N ASP E 131 -59.61 -33.09 -42.03
CA ASP E 131 -60.00 -34.30 -42.77
C ASP E 131 -59.30 -34.15 -44.11
N TYR E 132 -58.49 -35.13 -44.54
CA TYR E 132 -57.63 -34.84 -45.75
C TYR E 132 -58.42 -34.96 -47.04
N LYS E 133 -57.73 -34.75 -48.13
CA LYS E 133 -58.38 -34.71 -49.44
C LYS E 133 -58.79 -36.10 -49.66
N GLN E 134 -59.78 -36.27 -50.50
CA GLN E 134 -60.29 -37.58 -50.71
C GLN E 134 -59.68 -38.18 -51.97
N THR E 135 -59.19 -39.38 -51.91
CA THR E 135 -58.64 -39.96 -53.09
C THR E 135 -58.97 -41.46 -53.18
N GLN E 136 -59.13 -41.96 -54.41
CA GLN E 136 -59.15 -43.38 -54.64
C GLN E 136 -58.42 -43.66 -55.90
N LEU E 137 -57.51 -44.65 -55.86
CA LEU E 137 -56.72 -45.06 -57.01
C LEU E 137 -56.31 -46.50 -56.92
N CYS E 138 -56.12 -47.05 -58.06
CA CYS E 138 -55.85 -48.41 -58.09
C CYS E 138 -55.00 -48.71 -59.32
N ILE E 139 -53.88 -49.41 -59.20
CA ILE E 139 -53.10 -49.64 -60.42
C ILE E 139 -52.65 -51.13 -60.59
N LEU E 140 -52.66 -51.69 -61.81
CA LEU E 140 -52.17 -53.01 -61.88
C LEU E 140 -51.06 -53.11 -62.81
N GLY E 141 -50.12 -54.02 -62.54
CA GLY E 141 -48.89 -54.14 -63.40
C GLY E 141 -48.05 -55.30 -62.93
N CYS E 142 -47.05 -55.76 -63.72
CA CYS E 142 -46.25 -56.87 -63.23
C CYS E 142 -44.91 -56.35 -62.85
N ALA E 143 -44.93 -55.14 -62.36
CA ALA E 143 -43.79 -54.41 -61.82
C ALA E 143 -44.38 -53.31 -60.94
N PRO E 144 -43.76 -53.02 -59.81
CA PRO E 144 -44.33 -52.06 -58.95
C PRO E 144 -44.48 -50.69 -59.66
N ALA E 145 -45.45 -49.90 -59.20
CA ALA E 145 -45.67 -48.59 -59.83
C ALA E 145 -44.76 -47.50 -59.35
N ILE E 146 -44.70 -46.40 -60.13
CA ILE E 146 -43.74 -45.37 -59.81
C ILE E 146 -44.38 -44.11 -59.24
N GLY E 147 -43.88 -43.53 -58.16
CA GLY E 147 -44.46 -42.24 -57.78
C GLY E 147 -43.44 -41.13 -57.86
N GLU E 148 -43.92 -39.90 -57.72
CA GLU E 148 -43.06 -38.68 -57.78
C GLU E 148 -43.30 -37.86 -56.56
N HIS E 149 -42.36 -37.00 -56.17
CA HIS E 149 -42.50 -36.09 -54.99
C HIS E 149 -41.40 -35.14 -54.97
N TRP E 150 -41.54 -33.99 -54.40
CA TRP E 150 -40.43 -33.05 -54.41
C TRP E 150 -39.46 -33.25 -53.26
N ALA E 151 -38.14 -33.09 -53.41
CA ALA E 151 -37.27 -33.29 -52.27
C ALA E 151 -36.26 -32.21 -52.27
N LYS E 152 -35.49 -32.15 -51.19
CA LYS E 152 -34.49 -31.11 -51.05
C LYS E 152 -33.35 -31.51 -51.90
N GLY E 153 -33.17 -30.67 -52.91
CA GLY E 153 -32.09 -30.82 -53.90
C GLY E 153 -30.68 -30.87 -53.33
N THR E 154 -29.75 -31.49 -54.09
CA THR E 154 -28.40 -31.79 -53.55
C THR E 154 -27.68 -30.46 -53.58
N ALA E 155 -27.16 -30.07 -52.40
CA ALA E 155 -26.42 -28.78 -52.22
C ALA E 155 -25.22 -28.70 -53.16
N SER E 156 -25.21 -27.75 -54.11
CA SER E 156 -24.00 -27.57 -54.99
C SER E 156 -22.69 -27.25 -54.20
N LYS E 157 -21.55 -27.78 -54.71
CA LYS E 157 -20.19 -27.64 -54.09
C LYS E 157 -19.57 -26.29 -54.57
N SER E 158 -19.95 -25.88 -55.80
CA SER E 158 -19.60 -24.56 -56.41
C SER E 158 -20.25 -23.36 -55.66
N ARG E 159 -21.57 -23.46 -55.48
CA ARG E 159 -22.33 -22.44 -54.72
C ARG E 159 -23.01 -23.05 -53.42
N PRO E 160 -22.28 -23.10 -52.23
CA PRO E 160 -22.87 -23.78 -51.04
C PRO E 160 -24.07 -22.90 -50.56
N LEU E 161 -24.94 -23.49 -49.73
CA LEU E 161 -26.13 -22.81 -49.27
C LEU E 161 -26.00 -22.39 -47.81
N SER E 162 -26.04 -21.09 -47.55
CA SER E 162 -26.04 -20.61 -46.17
C SER E 162 -27.28 -21.10 -45.45
N GLN E 163 -27.16 -21.51 -44.18
CA GLN E 163 -28.24 -22.07 -43.39
C GLN E 163 -29.33 -21.04 -43.28
N GLY E 164 -30.55 -21.48 -43.60
CA GLY E 164 -31.72 -20.64 -43.56
C GLY E 164 -32.34 -20.19 -44.89
N ASP E 165 -31.56 -20.31 -45.93
CA ASP E 165 -31.99 -19.90 -47.26
C ASP E 165 -32.76 -21.09 -47.73
N CYS E 166 -33.51 -20.90 -48.80
CA CYS E 166 -34.45 -21.95 -49.24
C CYS E 166 -33.72 -22.77 -50.20
N PRO E 167 -33.75 -24.09 -50.05
CA PRO E 167 -33.04 -25.03 -50.92
C PRO E 167 -33.72 -25.14 -52.16
N PRO E 168 -33.12 -25.68 -53.17
CA PRO E 168 -33.79 -25.86 -54.44
C PRO E 168 -34.58 -27.21 -54.45
N LEU E 169 -35.80 -27.23 -55.04
CA LEU E 169 -36.56 -28.45 -55.07
C LEU E 169 -36.18 -29.32 -56.24
N GLU E 170 -36.19 -30.60 -56.01
CA GLU E 170 -35.92 -31.45 -57.10
C GLU E 170 -37.02 -32.55 -57.16
N LEU E 171 -37.54 -32.90 -58.34
CA LEU E 171 -38.58 -33.89 -58.43
C LEU E 171 -38.02 -35.27 -58.33
N LYS E 172 -38.40 -36.10 -57.38
CA LYS E 172 -37.84 -37.44 -57.43
C LYS E 172 -38.72 -38.60 -57.78
N ASN E 173 -38.28 -39.47 -58.69
CA ASN E 173 -39.07 -40.73 -58.94
C ASN E 173 -38.66 -41.84 -57.99
N THR E 174 -39.58 -42.65 -57.53
CA THR E 174 -39.27 -43.66 -56.54
C THR E 174 -40.34 -44.76 -56.58
N VAL E 175 -40.01 -46.01 -56.20
CA VAL E 175 -41.01 -47.07 -56.29
C VAL E 175 -42.06 -46.94 -55.13
N LEU E 176 -43.38 -47.07 -55.42
CA LEU E 176 -44.39 -46.94 -54.39
C LEU E 176 -44.51 -48.20 -53.63
N GLU E 177 -44.11 -48.13 -52.40
CA GLU E 177 -44.11 -49.27 -51.58
C GLU E 177 -45.23 -49.24 -50.59
N ASP E 178 -45.63 -50.38 -50.08
CA ASP E 178 -46.72 -50.47 -49.12
C ASP E 178 -46.43 -49.66 -47.90
N GLY E 179 -47.27 -48.69 -47.60
CA GLY E 179 -47.05 -47.89 -46.49
C GLY E 179 -46.66 -46.48 -46.79
N ASP E 180 -46.27 -46.12 -48.01
CA ASP E 180 -45.97 -44.71 -48.28
C ASP E 180 -47.24 -43.85 -48.18
N MET E 181 -47.08 -42.59 -47.84
CA MET E 181 -48.32 -41.81 -47.80
C MET E 181 -48.73 -41.11 -49.11
N VAL E 182 -50.00 -40.76 -49.28
CA VAL E 182 -50.45 -40.09 -50.46
C VAL E 182 -50.54 -38.69 -50.17
N ASP E 183 -50.76 -37.93 -51.22
CA ASP E 183 -50.96 -36.51 -51.17
C ASP E 183 -52.18 -36.27 -50.37
N THR E 184 -52.06 -35.71 -49.19
CA THR E 184 -53.32 -35.49 -48.48
C THR E 184 -53.93 -34.15 -48.71
N GLY E 185 -53.26 -33.33 -49.49
CA GLY E 185 -53.78 -32.03 -49.75
C GLY E 185 -52.80 -30.95 -49.43
N TYR E 186 -51.65 -31.37 -48.90
CA TYR E 186 -50.55 -30.44 -48.68
C TYR E 186 -49.42 -30.66 -49.71
N GLY E 187 -49.69 -31.40 -50.79
CA GLY E 187 -48.77 -31.50 -51.97
C GLY E 187 -47.98 -32.75 -51.76
N ALA E 188 -47.31 -33.18 -52.83
CA ALA E 188 -46.47 -34.43 -52.70
C ALA E 188 -45.04 -34.04 -52.48
N MET E 189 -44.65 -34.05 -51.23
CA MET E 189 -43.32 -33.64 -50.95
C MET E 189 -42.72 -34.42 -49.80
N ASP E 190 -41.50 -34.08 -49.46
CA ASP E 190 -40.83 -34.73 -48.35
C ASP E 190 -40.83 -33.71 -47.25
N PHE E 191 -41.87 -33.78 -46.44
CA PHE E 191 -42.08 -32.93 -45.33
C PHE E 191 -41.00 -33.01 -44.30
N SER E 192 -40.32 -34.12 -44.25
CA SER E 192 -39.36 -34.33 -43.18
C SER E 192 -38.02 -33.60 -43.44
N THR E 193 -37.77 -33.35 -44.71
CA THR E 193 -36.56 -32.68 -45.12
C THR E 193 -36.76 -31.27 -45.63
N LEU E 194 -38.02 -30.89 -45.85
CA LEU E 194 -38.31 -29.60 -46.34
C LEU E 194 -38.98 -28.69 -45.32
N GLN E 195 -39.45 -29.23 -44.21
CA GLN E 195 -40.01 -28.41 -43.14
C GLN E 195 -39.34 -28.78 -41.80
N ASP E 196 -38.44 -27.90 -41.34
CA ASP E 196 -37.65 -28.07 -40.17
C ASP E 196 -38.49 -28.05 -38.94
N THR E 197 -39.61 -27.41 -39.02
CA THR E 197 -40.40 -27.16 -37.92
C THR E 197 -41.01 -28.41 -37.36
N LYS E 198 -41.66 -29.24 -38.18
CA LYS E 198 -42.18 -30.51 -37.75
C LYS E 198 -43.56 -30.23 -37.29
N CYS E 199 -44.10 -29.15 -37.79
CA CYS E 199 -45.38 -28.68 -37.28
C CYS E 199 -46.13 -27.92 -38.32
N GLU E 200 -45.89 -28.20 -39.59
CA GLU E 200 -46.50 -27.50 -40.59
C GLU E 200 -47.65 -28.35 -41.16
N VAL E 201 -47.71 -29.61 -40.84
CA VAL E 201 -48.79 -30.45 -41.28
C VAL E 201 -49.10 -31.54 -40.22
N PRO E 202 -50.28 -32.23 -40.32
CA PRO E 202 -50.66 -33.23 -39.31
C PRO E 202 -49.62 -34.28 -39.06
N LEU E 203 -49.58 -34.73 -37.84
CA LEU E 203 -48.69 -35.79 -37.39
C LEU E 203 -48.49 -36.95 -38.31
N ASP E 204 -49.50 -37.48 -39.01
CA ASP E 204 -49.20 -38.61 -39.88
C ASP E 204 -48.40 -38.41 -41.12
N ILE E 205 -47.99 -37.20 -41.45
CA ILE E 205 -47.28 -36.97 -42.67
C ILE E 205 -46.17 -36.05 -42.31
N CYS E 206 -46.24 -35.55 -41.11
CA CYS E 206 -45.30 -34.56 -40.61
C CYS E 206 -43.87 -34.90 -40.77
N GLN E 207 -43.55 -36.14 -40.55
CA GLN E 207 -42.20 -36.69 -40.84
C GLN E 207 -42.12 -37.71 -41.94
N SER E 208 -42.99 -37.58 -42.94
CA SER E 208 -43.06 -38.56 -44.00
C SER E 208 -43.02 -37.96 -45.36
N ILE E 209 -43.21 -38.83 -46.33
CA ILE E 209 -43.04 -38.33 -47.66
C ILE E 209 -44.31 -38.64 -48.39
N CYS E 210 -44.95 -37.63 -48.91
CA CYS E 210 -46.18 -37.91 -49.54
C CYS E 210 -45.92 -38.05 -51.02
N LYS E 211 -46.19 -39.20 -51.64
CA LYS E 211 -45.91 -39.43 -53.07
C LYS E 211 -47.18 -39.43 -53.89
N TYR E 212 -47.12 -39.09 -55.17
CA TYR E 212 -48.32 -39.19 -56.04
C TYR E 212 -47.87 -39.95 -57.24
N PRO E 213 -48.65 -40.90 -57.75
CA PRO E 213 -48.24 -41.78 -58.82
C PRO E 213 -47.93 -40.94 -59.95
N ASP E 214 -46.83 -41.31 -60.60
CA ASP E 214 -46.29 -40.59 -61.70
C ASP E 214 -46.92 -41.17 -62.97
N TYR E 215 -48.17 -40.74 -63.22
CA TYR E 215 -48.89 -41.28 -64.29
C TYR E 215 -48.26 -40.95 -65.57
N LEU E 216 -47.71 -39.77 -65.69
CA LEU E 216 -47.07 -39.37 -66.94
C LEU E 216 -45.92 -40.27 -67.37
N GLN E 217 -45.07 -40.59 -66.40
CA GLN E 217 -43.92 -41.37 -66.58
C GLN E 217 -44.30 -42.78 -66.85
N MET E 218 -45.30 -43.30 -66.22
CA MET E 218 -45.63 -44.70 -66.45
C MET E 218 -46.30 -44.95 -67.78
N SER E 219 -47.02 -43.95 -68.28
CA SER E 219 -47.64 -44.06 -69.63
C SER E 219 -46.59 -44.13 -70.69
N ALA E 220 -45.46 -43.38 -70.49
CA ALA E 220 -44.38 -43.24 -71.46
C ALA E 220 -43.58 -44.47 -71.44
N ASP E 221 -43.34 -45.08 -70.26
CA ASP E 221 -42.71 -46.41 -70.21
C ASP E 221 -42.92 -47.23 -71.46
N PRO E 222 -41.81 -47.61 -72.12
CA PRO E 222 -41.86 -48.29 -73.42
C PRO E 222 -42.46 -49.69 -73.35
N TYR E 223 -42.07 -50.45 -72.30
CA TYR E 223 -42.59 -51.80 -72.16
C TYR E 223 -44.00 -51.83 -71.56
N GLY E 224 -44.27 -50.86 -70.71
CA GLY E 224 -45.49 -50.80 -69.88
C GLY E 224 -45.86 -51.93 -68.98
N ASP E 225 -44.95 -52.28 -68.07
CA ASP E 225 -45.20 -53.39 -67.14
C ASP E 225 -45.62 -52.72 -65.85
N SER E 226 -45.41 -51.42 -65.86
CA SER E 226 -45.61 -50.59 -64.70
C SER E 226 -47.06 -50.47 -64.46
N MET E 227 -47.84 -50.07 -65.47
CA MET E 227 -49.25 -50.10 -65.34
C MET E 227 -49.98 -50.40 -66.58
N PHE E 228 -50.87 -51.37 -66.44
CA PHE E 228 -51.66 -51.78 -67.57
C PHE E 228 -53.11 -51.63 -67.26
N PHE E 229 -53.46 -50.77 -66.30
CA PHE E 229 -54.84 -50.62 -65.76
C PHE E 229 -54.67 -49.53 -64.75
N CYS E 230 -55.50 -48.51 -64.84
CA CYS E 230 -55.29 -47.37 -63.95
C CYS E 230 -56.64 -46.78 -63.57
N LEU E 231 -57.01 -46.62 -62.31
CA LEU E 231 -58.31 -45.98 -61.97
C LEU E 231 -58.08 -44.94 -60.92
N ARG E 232 -58.57 -43.71 -61.14
CA ARG E 232 -58.29 -42.66 -60.14
C ARG E 232 -59.49 -41.79 -60.01
N ARG E 233 -59.77 -41.43 -58.76
CA ARG E 233 -60.76 -40.49 -58.56
C ARG E 233 -60.42 -39.75 -57.35
N GLU E 234 -60.17 -38.40 -57.42
CA GLU E 234 -59.81 -37.59 -56.24
C GLU E 234 -60.63 -36.33 -56.23
N GLN E 235 -60.78 -35.66 -55.10
CA GLN E 235 -61.46 -34.40 -55.00
C GLN E 235 -61.20 -33.70 -53.70
N LEU E 236 -61.29 -32.38 -53.61
CA LEU E 236 -60.98 -31.70 -52.34
C LEU E 236 -61.31 -30.27 -52.32
N PHE E 237 -61.41 -29.63 -51.16
CA PHE E 237 -61.65 -28.24 -51.17
C PHE E 237 -60.99 -27.48 -50.04
N ALA E 238 -60.79 -26.14 -50.14
CA ALA E 238 -60.14 -25.44 -49.05
C ALA E 238 -61.17 -25.17 -47.96
N ARG E 239 -60.95 -25.68 -46.79
CA ARG E 239 -61.89 -25.49 -45.67
C ARG E 239 -61.59 -24.27 -44.88
N HIS E 240 -60.36 -24.19 -44.39
CA HIS E 240 -59.92 -22.98 -43.79
C HIS E 240 -58.61 -22.30 -44.28
N PHE E 241 -58.45 -20.96 -44.16
CA PHE E 241 -57.32 -20.30 -44.76
C PHE E 241 -56.41 -19.80 -43.65
N TRP E 242 -55.11 -20.08 -43.61
CA TRP E 242 -54.28 -19.72 -42.52
C TRP E 242 -52.92 -19.17 -42.96
N ASN E 243 -52.29 -18.51 -42.01
CA ASN E 243 -51.03 -17.92 -42.10
C ASN E 243 -49.99 -18.83 -41.51
N ARG E 244 -48.74 -18.58 -41.76
CA ARG E 244 -47.72 -19.48 -41.17
C ARG E 244 -46.85 -18.58 -40.28
N ALA E 245 -46.57 -19.03 -39.08
CA ALA E 245 -45.75 -18.20 -38.25
C ALA E 245 -44.28 -18.39 -38.64
N GLY E 246 -43.45 -17.36 -38.45
CA GLY E 246 -42.01 -17.45 -38.81
C GLY E 246 -41.55 -16.22 -39.54
N THR E 247 -40.28 -16.07 -39.89
CA THR E 247 -39.87 -14.86 -40.55
C THR E 247 -39.93 -15.14 -41.99
N MET E 248 -40.31 -14.17 -42.83
CA MET E 248 -40.41 -14.39 -44.25
C MET E 248 -39.09 -14.59 -45.01
N GLY E 249 -38.97 -15.68 -45.76
CA GLY E 249 -37.74 -15.95 -46.43
C GLY E 249 -37.56 -14.97 -47.54
N ASP E 250 -38.56 -14.90 -48.42
CA ASP E 250 -38.57 -14.03 -49.58
C ASP E 250 -39.28 -12.75 -49.18
N THR E 251 -38.66 -11.58 -49.35
CA THR E 251 -39.25 -10.36 -48.78
C THR E 251 -40.19 -9.80 -49.77
N VAL E 252 -41.32 -9.34 -49.28
CA VAL E 252 -42.40 -8.87 -50.17
C VAL E 252 -41.99 -7.59 -50.84
N PRO E 253 -41.97 -7.53 -52.15
CA PRO E 253 -41.67 -6.41 -52.90
C PRO E 253 -42.34 -5.17 -52.46
N GLN E 254 -41.69 -4.02 -52.51
CA GLN E 254 -42.30 -2.84 -51.95
C GLN E 254 -43.28 -2.23 -52.89
N SER E 255 -43.17 -2.65 -54.15
CA SER E 255 -43.94 -2.11 -55.23
C SER E 255 -45.28 -2.70 -55.26
N LEU E 256 -45.60 -3.59 -54.35
CA LEU E 256 -46.87 -4.33 -54.32
C LEU E 256 -47.71 -3.84 -53.16
N TYR E 257 -47.25 -2.88 -52.39
CA TYR E 257 -48.10 -2.29 -51.33
C TYR E 257 -47.64 -0.93 -50.94
N ILE E 258 -48.41 -0.36 -50.03
CA ILE E 258 -48.22 0.97 -49.56
C ILE E 258 -48.02 0.90 -48.06
N LYS E 259 -46.93 1.44 -47.58
CA LYS E 259 -46.61 1.28 -46.17
C LYS E 259 -47.66 1.92 -45.27
N GLY E 260 -47.80 1.38 -44.05
CA GLY E 260 -48.72 1.97 -43.10
C GLY E 260 -47.87 2.55 -42.00
N THR E 261 -48.47 2.70 -40.83
CA THR E 261 -47.68 3.09 -39.63
C THR E 261 -47.92 2.07 -38.57
N GLY E 262 -47.05 1.99 -37.58
CA GLY E 262 -47.23 0.92 -36.61
C GLY E 262 -46.96 -0.52 -37.09
N MET E 263 -47.72 -1.48 -36.57
CA MET E 263 -47.62 -2.86 -36.98
C MET E 263 -48.06 -3.04 -38.49
N ARG E 264 -48.75 -2.03 -39.02
CA ARG E 264 -49.08 -1.95 -40.44
C ARG E 264 -47.99 -1.26 -41.32
N ALA E 265 -46.80 -1.08 -40.76
CA ALA E 265 -45.74 -0.41 -41.50
C ALA E 265 -44.98 -1.43 -42.28
N SER E 266 -44.97 -2.61 -41.73
CA SER E 266 -44.30 -3.61 -42.47
C SER E 266 -45.23 -4.82 -42.54
N PRO E 267 -45.31 -5.52 -43.73
CA PRO E 267 -46.11 -6.70 -44.00
C PRO E 267 -45.91 -7.91 -43.05
N GLY E 268 -47.00 -8.65 -42.82
CA GLY E 268 -47.00 -9.72 -41.84
C GLY E 268 -46.70 -10.98 -42.61
N SER E 269 -47.09 -12.13 -42.06
CA SER E 269 -46.88 -13.35 -42.83
C SER E 269 -47.65 -13.48 -44.13
N CYS E 270 -46.95 -13.86 -45.17
CA CYS E 270 -47.50 -13.90 -46.47
C CYS E 270 -47.34 -15.23 -47.04
N VAL E 271 -47.15 -16.23 -46.20
CA VAL E 271 -47.10 -17.61 -46.60
C VAL E 271 -48.42 -18.30 -46.21
N TYR E 272 -49.33 -18.29 -47.15
CA TYR E 272 -50.63 -18.84 -46.79
C TYR E 272 -50.68 -20.34 -47.15
N SER E 273 -51.60 -21.11 -46.49
CA SER E 273 -51.92 -22.46 -46.89
C SER E 273 -53.23 -22.84 -46.25
N PRO E 274 -54.20 -23.36 -47.00
CA PRO E 274 -55.47 -23.70 -46.47
C PRO E 274 -55.48 -25.18 -45.98
N SER E 275 -56.28 -25.50 -44.96
CA SER E 275 -56.53 -26.85 -44.55
C SER E 275 -57.38 -27.47 -45.63
N PRO E 276 -56.96 -28.64 -46.14
CA PRO E 276 -57.81 -29.38 -47.05
C PRO E 276 -58.97 -30.07 -46.45
N SER E 277 -59.78 -30.58 -47.29
CA SER E 277 -60.91 -31.32 -46.83
C SER E 277 -61.55 -31.92 -48.04
N GLY E 278 -61.79 -33.24 -48.09
CA GLY E 278 -62.59 -33.85 -49.21
C GLY E 278 -64.00 -33.63 -48.75
N SER E 279 -64.96 -33.49 -49.62
CA SER E 279 -66.25 -33.12 -49.09
C SER E 279 -67.01 -34.41 -48.67
N ILE E 280 -68.19 -34.60 -49.20
CA ILE E 280 -68.99 -35.76 -48.93
C ILE E 280 -68.36 -36.99 -49.50
N VAL E 281 -68.47 -38.06 -48.74
CA VAL E 281 -67.98 -39.35 -49.24
C VAL E 281 -69.25 -40.10 -49.52
N THR E 282 -69.49 -40.57 -50.72
CA THR E 282 -70.72 -41.26 -51.02
C THR E 282 -70.48 -42.58 -51.77
N SER E 283 -71.38 -43.52 -51.66
CA SER E 283 -71.17 -44.73 -52.31
C SER E 283 -71.46 -44.63 -53.82
N ASP E 284 -71.84 -43.44 -54.30
CA ASP E 284 -72.16 -43.22 -55.72
C ASP E 284 -70.92 -43.22 -56.50
N SER E 285 -69.88 -42.69 -55.89
CA SER E 285 -68.67 -42.48 -56.59
C SER E 285 -67.64 -43.44 -56.06
N GLN E 286 -68.12 -44.60 -55.62
CA GLN E 286 -67.21 -45.65 -55.13
C GLN E 286 -66.59 -46.34 -56.35
N LEU E 287 -65.30 -46.49 -56.26
CA LEU E 287 -64.54 -46.96 -57.33
C LEU E 287 -64.30 -48.46 -57.22
N PHE E 288 -64.21 -49.02 -56.03
CA PHE E 288 -63.99 -50.44 -55.82
C PHE E 288 -65.24 -51.27 -55.61
N ASN E 289 -65.04 -52.51 -55.18
CA ASN E 289 -66.14 -53.44 -54.94
C ASN E 289 -66.89 -53.74 -56.22
N LYS E 290 -66.34 -53.37 -57.38
CA LYS E 290 -66.90 -53.74 -58.66
C LYS E 290 -65.81 -54.46 -59.45
N PRO E 291 -66.22 -55.36 -60.25
CA PRO E 291 -65.23 -56.06 -61.05
C PRO E 291 -64.93 -55.27 -62.23
N TYR E 292 -63.68 -55.13 -62.64
CA TYR E 292 -63.39 -54.50 -63.93
C TYR E 292 -62.61 -55.48 -64.73
N TRP E 293 -62.92 -55.71 -66.05
CA TRP E 293 -62.25 -56.68 -66.91
C TRP E 293 -61.34 -55.93 -67.81
N LEU E 294 -60.08 -56.30 -67.94
CA LEU E 294 -59.17 -55.53 -68.76
C LEU E 294 -59.06 -56.36 -70.02
N HIS E 295 -59.50 -55.77 -71.14
CA HIS E 295 -59.66 -56.48 -72.41
C HIS E 295 -58.41 -56.17 -73.31
N LYS E 296 -57.98 -54.91 -73.25
CA LYS E 296 -56.78 -54.45 -73.93
C LYS E 296 -56.17 -53.35 -73.16
N ALA E 297 -54.96 -53.61 -72.69
CA ALA E 297 -54.22 -52.65 -71.91
C ALA E 297 -53.80 -51.42 -72.66
N GLN E 298 -53.32 -50.44 -71.93
CA GLN E 298 -52.91 -49.21 -72.53
C GLN E 298 -51.52 -49.32 -73.23
N GLY E 299 -50.59 -49.90 -72.49
CA GLY E 299 -49.22 -50.11 -72.93
C GLY E 299 -49.06 -51.25 -73.88
N HIS E 300 -47.84 -51.65 -74.14
CA HIS E 300 -47.66 -52.76 -75.01
C HIS E 300 -47.89 -54.03 -74.19
N ASN E 301 -47.80 -54.03 -72.86
CA ASN E 301 -47.91 -55.35 -72.18
C ASN E 301 -49.34 -55.43 -71.83
N ASN E 302 -50.02 -56.43 -72.35
CA ASN E 302 -51.39 -56.58 -72.23
C ASN E 302 -51.74 -57.39 -71.01
N GLY E 303 -51.34 -56.96 -69.85
CA GLY E 303 -51.64 -57.72 -68.64
C GLY E 303 -50.99 -59.06 -68.54
N VAL E 304 -49.83 -59.26 -69.16
CA VAL E 304 -49.09 -60.47 -69.06
C VAL E 304 -48.29 -60.31 -67.79
N CYS E 305 -48.46 -61.27 -66.93
CA CYS E 305 -47.75 -61.26 -65.66
C CYS E 305 -46.43 -61.99 -65.67
N TRP E 306 -45.38 -61.26 -66.08
CA TRP E 306 -44.09 -61.85 -66.18
C TRP E 306 -43.57 -62.25 -64.80
N HIS E 307 -42.90 -63.40 -64.68
CA HIS E 307 -42.39 -63.89 -63.45
C HIS E 307 -43.50 -64.38 -62.58
N ASN E 308 -44.66 -64.51 -63.16
CA ASN E 308 -45.77 -64.94 -62.36
C ASN E 308 -46.00 -64.12 -61.09
N GLN E 309 -45.80 -62.81 -61.24
CA GLN E 309 -45.94 -61.80 -60.22
C GLN E 309 -47.03 -60.81 -60.71
N LEU E 310 -47.57 -59.98 -59.82
CA LEU E 310 -48.50 -58.98 -60.20
C LEU E 310 -48.61 -58.03 -59.02
N PHE E 311 -48.39 -56.75 -59.33
CA PHE E 311 -48.56 -55.74 -58.30
C PHE E 311 -49.87 -54.99 -58.35
N VAL E 312 -50.47 -54.81 -57.18
CA VAL E 312 -51.76 -54.12 -57.06
C VAL E 312 -51.56 -52.97 -56.13
N THR E 313 -51.62 -51.77 -56.65
CA THR E 313 -51.42 -50.60 -55.79
C THR E 313 -52.79 -49.97 -55.57
N VAL E 314 -53.08 -49.65 -54.32
CA VAL E 314 -54.38 -49.11 -53.99
C VAL E 314 -54.36 -47.97 -53.00
N VAL E 315 -55.26 -47.02 -53.23
CA VAL E 315 -55.41 -45.93 -52.28
C VAL E 315 -56.88 -45.75 -52.16
N ASP E 316 -57.43 -45.78 -50.93
CA ASP E 316 -58.85 -45.60 -50.77
C ASP E 316 -59.15 -44.85 -49.48
N THR E 317 -59.42 -43.57 -49.52
CA THR E 317 -59.54 -42.84 -48.28
C THR E 317 -61.03 -42.71 -47.88
N THR E 318 -61.91 -43.40 -48.63
CA THR E 318 -63.35 -43.28 -48.48
C THR E 318 -63.78 -44.03 -47.26
N ARG E 319 -62.85 -44.85 -46.76
CA ARG E 319 -63.12 -45.53 -45.48
C ARG E 319 -62.07 -45.26 -44.45
N SER E 320 -62.19 -44.15 -43.76
CA SER E 320 -61.16 -43.70 -42.89
C SER E 320 -61.66 -43.38 -41.50
N THR E 321 -62.72 -44.05 -41.07
CA THR E 321 -63.22 -43.73 -39.70
C THR E 321 -62.20 -44.32 -38.73
N ASN E 322 -61.74 -43.51 -37.77
CA ASN E 322 -60.74 -43.97 -36.77
C ASN E 322 -61.40 -44.35 -35.44
N LEU E 323 -61.28 -45.59 -34.96
CA LEU E 323 -61.99 -46.00 -33.80
C LEU E 323 -61.27 -45.36 -32.66
N THR E 324 -62.07 -44.88 -31.68
CA THR E 324 -61.62 -44.22 -30.42
C THR E 324 -61.91 -45.29 -29.41
N ILE E 325 -60.87 -45.64 -28.64
CA ILE E 325 -60.97 -46.68 -27.66
C ILE E 325 -60.45 -46.10 -26.38
N CYS E 326 -61.22 -46.21 -25.32
CA CYS E 326 -60.67 -45.70 -24.07
C CYS E 326 -60.92 -46.68 -22.93
N ALA E 327 -59.84 -46.94 -22.19
CA ALA E 327 -59.99 -47.78 -21.03
C ALA E 327 -59.78 -46.95 -19.74
N SER E 328 -60.28 -47.45 -18.58
CA SER E 328 -60.09 -46.66 -17.38
C SER E 328 -58.89 -47.15 -16.68
N THR E 329 -58.38 -46.31 -15.80
CA THR E 329 -57.28 -46.64 -14.97
C THR E 329 -57.73 -47.48 -13.77
N GLN E 330 -58.87 -47.17 -13.14
CA GLN E 330 -59.38 -47.92 -11.97
C GLN E 330 -60.02 -49.20 -12.52
N SER E 331 -59.94 -50.31 -11.76
CA SER E 331 -60.71 -51.52 -12.13
C SER E 331 -62.28 -51.41 -12.07
N PRO E 332 -62.81 -51.02 -10.89
CA PRO E 332 -64.30 -51.05 -10.81
C PRO E 332 -65.03 -49.97 -11.75
N VAL E 333 -64.31 -48.90 -12.19
CA VAL E 333 -64.86 -47.88 -13.15
C VAL E 333 -65.87 -46.99 -12.44
N PRO E 334 -65.36 -46.13 -11.54
CA PRO E 334 -66.16 -45.35 -10.50
C PRO E 334 -67.33 -44.61 -11.07
N GLY E 335 -68.37 -44.48 -10.24
CA GLY E 335 -69.58 -43.77 -10.65
C GLY E 335 -69.28 -42.27 -10.84
N GLN E 336 -68.07 -41.84 -10.46
CA GLN E 336 -67.70 -40.45 -10.61
C GLN E 336 -66.78 -40.24 -11.84
N TYR E 337 -67.20 -39.43 -12.82
CA TYR E 337 -66.34 -39.12 -14.01
C TYR E 337 -65.14 -38.24 -13.74
N ASP E 338 -63.99 -38.80 -14.12
CA ASP E 338 -62.73 -38.07 -14.03
C ASP E 338 -61.89 -38.33 -15.25
N ALA E 339 -61.70 -37.24 -16.01
CA ALA E 339 -61.01 -37.32 -17.28
C ALA E 339 -59.75 -38.13 -17.14
N THR E 340 -58.90 -37.68 -16.24
CA THR E 340 -57.59 -38.28 -16.03
C THR E 340 -57.60 -39.78 -15.81
N LYS E 341 -58.68 -40.28 -15.27
CA LYS E 341 -58.80 -41.65 -14.89
C LYS E 341 -59.15 -42.67 -16.02
N PHE E 342 -59.12 -42.15 -17.24
CA PHE E 342 -59.33 -42.88 -18.47
C PHE E 342 -58.18 -42.54 -19.47
N LYS E 343 -57.74 -43.61 -20.12
CA LYS E 343 -56.75 -43.52 -21.22
C LYS E 343 -57.40 -43.65 -22.59
N GLN E 344 -57.05 -42.73 -23.46
CA GLN E 344 -57.65 -42.64 -24.76
C GLN E 344 -56.73 -43.20 -25.91
N TYR E 345 -57.24 -44.08 -26.73
CA TYR E 345 -56.41 -44.63 -27.81
C TYR E 345 -57.13 -44.43 -29.11
N SER E 346 -56.37 -44.43 -30.19
CA SER E 346 -56.98 -44.30 -31.50
C SER E 346 -56.58 -45.44 -32.45
N ARG E 347 -57.45 -46.19 -33.07
CA ARG E 347 -56.97 -47.31 -33.91
C ARG E 347 -57.62 -47.32 -35.27
N HIS E 348 -56.90 -47.72 -36.33
CA HIS E 348 -57.56 -47.69 -37.64
C HIS E 348 -57.51 -49.03 -38.27
N VAL E 349 -58.54 -49.40 -38.99
CA VAL E 349 -58.61 -50.73 -39.47
C VAL E 349 -58.58 -50.68 -40.97
N GLU E 350 -58.14 -51.71 -41.68
CA GLU E 350 -58.18 -51.69 -43.11
C GLU E 350 -58.54 -53.11 -43.56
N GLU E 351 -59.53 -53.33 -44.43
CA GLU E 351 -59.88 -54.74 -44.78
C GLU E 351 -60.01 -54.87 -46.29
N TYR E 352 -59.08 -55.54 -47.02
CA TYR E 352 -59.15 -55.76 -48.46
C TYR E 352 -59.42 -57.18 -48.72
N ASP E 353 -59.75 -57.47 -49.96
CA ASP E 353 -59.89 -58.80 -50.42
C ASP E 353 -59.61 -58.76 -51.96
N LEU E 354 -58.71 -59.57 -52.45
CA LEU E 354 -58.36 -59.39 -53.88
C LEU E 354 -58.89 -60.55 -54.62
N GLN E 355 -59.39 -60.34 -55.83
CA GLN E 355 -59.98 -61.43 -56.64
C GLN E 355 -59.56 -61.32 -58.05
N PHE E 356 -59.28 -62.34 -58.79
CA PHE E 356 -58.74 -62.12 -60.11
C PHE E 356 -59.21 -63.18 -61.03
N ILE E 357 -59.09 -62.94 -62.33
CA ILE E 357 -59.32 -64.01 -63.29
C ILE E 357 -58.10 -64.01 -64.22
N PHE E 358 -57.42 -65.17 -64.33
CA PHE E 358 -56.12 -65.14 -65.08
C PHE E 358 -56.31 -66.09 -66.21
N GLN E 359 -55.66 -65.78 -67.31
CA GLN E 359 -55.84 -66.58 -68.46
C GLN E 359 -54.51 -67.22 -68.77
N LEU E 360 -54.50 -68.51 -69.08
CA LEU E 360 -53.27 -69.23 -69.39
C LEU E 360 -52.78 -68.91 -70.73
N CYS E 361 -51.55 -68.54 -70.85
CA CYS E 361 -51.08 -68.24 -72.18
C CYS E 361 -49.82 -69.00 -72.57
N THR E 362 -49.52 -69.09 -73.88
CA THR E 362 -48.32 -69.79 -74.32
C THR E 362 -47.43 -68.90 -75.07
N ILE E 363 -46.15 -69.06 -74.83
CA ILE E 363 -45.20 -68.30 -75.59
C ILE E 363 -44.33 -69.22 -76.42
N THR E 364 -44.30 -69.15 -77.78
CA THR E 364 -43.49 -70.18 -78.57
C THR E 364 -42.11 -69.62 -78.70
N LEU E 365 -41.13 -70.33 -78.20
CA LEU E 365 -39.81 -69.76 -78.21
C LEU E 365 -39.05 -69.94 -79.52
N THR E 366 -38.78 -68.86 -80.23
CA THR E 366 -38.11 -68.96 -81.53
C THR E 366 -36.91 -68.05 -81.45
N ALA E 367 -36.16 -68.00 -82.54
CA ALA E 367 -34.95 -67.16 -82.49
C ALA E 367 -35.22 -65.69 -81.98
N ASP E 368 -36.02 -64.97 -82.78
CA ASP E 368 -36.22 -63.53 -82.55
C ASP E 368 -37.09 -63.41 -81.31
N VAL E 369 -37.99 -64.36 -81.08
CA VAL E 369 -38.83 -64.22 -79.87
C VAL E 369 -37.93 -64.20 -78.62
N MET E 370 -36.99 -65.13 -78.58
CA MET E 370 -36.07 -65.14 -77.47
C MET E 370 -35.13 -63.98 -77.52
N SER E 371 -34.71 -63.55 -78.70
CA SER E 371 -33.84 -62.44 -78.66
C SER E 371 -34.58 -61.16 -78.14
N TYR E 372 -35.90 -61.09 -78.36
CA TYR E 372 -36.69 -59.94 -78.00
C TYR E 372 -36.83 -60.01 -76.51
N ILE E 373 -37.29 -61.11 -76.03
CA ILE E 373 -37.50 -61.25 -74.65
C ILE E 373 -36.20 -61.08 -73.90
N GLN E 374 -35.09 -61.40 -74.59
CA GLN E 374 -33.71 -61.18 -74.10
C GLN E 374 -33.50 -59.69 -73.76
N SER E 375 -33.51 -58.82 -74.84
CA SER E 375 -33.57 -57.32 -74.68
C SER E 375 -34.54 -56.85 -73.57
N MET E 376 -35.77 -57.29 -73.62
CA MET E 376 -36.73 -56.69 -72.73
C MET E 376 -36.38 -56.94 -71.29
N ASN E 377 -36.20 -58.21 -70.93
CA ASN E 377 -35.93 -58.54 -69.56
C ASN E 377 -35.30 -59.91 -69.47
N SER E 378 -33.99 -59.96 -69.43
CA SER E 378 -33.29 -61.19 -69.58
C SER E 378 -33.77 -62.15 -68.54
N SER E 379 -34.02 -61.70 -67.32
CA SER E 379 -34.45 -62.68 -66.28
C SER E 379 -35.67 -63.56 -66.60
N ILE E 380 -36.44 -63.14 -67.57
CA ILE E 380 -37.63 -63.81 -67.92
C ILE E 380 -37.25 -65.18 -68.41
N LEU E 381 -36.24 -65.24 -69.27
CA LEU E 381 -35.78 -66.46 -69.92
C LEU E 381 -35.04 -67.23 -68.93
N GLU E 382 -34.40 -66.54 -68.01
CA GLU E 382 -33.66 -67.23 -66.96
C GLU E 382 -34.51 -68.21 -66.08
N ASP E 383 -35.65 -67.73 -65.55
CA ASP E 383 -36.51 -68.59 -64.75
C ASP E 383 -37.04 -69.79 -65.51
N TRP E 384 -37.13 -69.70 -66.83
CA TRP E 384 -37.60 -70.84 -67.62
C TRP E 384 -36.42 -71.82 -67.89
N ASN E 385 -35.23 -71.44 -67.41
CA ASN E 385 -34.00 -72.27 -67.52
C ASN E 385 -33.79 -72.64 -68.97
N ASN E 391 -32.25 -67.73 -56.30
CA ASN E 391 -32.01 -66.45 -57.06
C ASN E 391 -32.25 -65.16 -56.24
N LYS E 392 -31.62 -64.05 -56.73
CA LYS E 392 -31.85 -62.66 -56.16
C LYS E 392 -32.89 -61.82 -56.88
N ASP E 393 -33.96 -61.48 -56.15
CA ASP E 393 -35.03 -60.67 -56.69
C ASP E 393 -34.69 -59.15 -56.59
N PRO E 394 -34.95 -58.36 -57.65
CA PRO E 394 -34.61 -56.97 -57.60
C PRO E 394 -35.50 -56.11 -56.70
N TYR E 395 -36.46 -56.74 -56.01
CA TYR E 395 -37.43 -56.02 -55.21
C TYR E 395 -37.32 -56.42 -53.79
N ASP E 396 -36.25 -57.11 -53.48
CA ASP E 396 -36.04 -57.57 -52.12
C ASP E 396 -35.71 -56.53 -51.06
N LYS E 397 -35.45 -55.30 -51.49
CA LYS E 397 -35.24 -54.21 -50.58
C LYS E 397 -36.55 -53.46 -50.22
N LEU E 398 -37.49 -53.39 -51.14
CA LEU E 398 -38.71 -52.65 -50.94
C LEU E 398 -39.78 -53.44 -50.14
N LYS E 399 -40.62 -52.72 -49.37
CA LYS E 399 -41.73 -53.29 -48.59
C LYS E 399 -42.93 -53.49 -49.43
N PHE E 400 -43.55 -54.66 -49.34
CA PHE E 400 -44.80 -54.89 -50.02
C PHE E 400 -45.66 -55.78 -49.19
N TRP E 401 -46.95 -55.79 -49.38
CA TRP E 401 -47.80 -56.73 -48.63
C TRP E 401 -47.88 -57.95 -49.44
N ASN E 402 -47.24 -59.01 -49.00
CA ASN E 402 -47.16 -60.17 -49.82
C ASN E 402 -48.37 -61.04 -49.74
N VAL E 403 -48.98 -61.35 -50.87
CA VAL E 403 -50.13 -62.20 -50.92
C VAL E 403 -49.78 -63.38 -51.80
N ASP E 404 -49.72 -64.55 -51.21
CA ASP E 404 -49.38 -65.70 -51.96
C ASP E 404 -50.64 -66.40 -52.42
N LEU E 405 -50.74 -66.57 -53.72
CA LEU E 405 -51.88 -67.22 -54.26
C LEU E 405 -51.50 -68.47 -55.01
N LYS E 406 -50.31 -69.03 -54.85
CA LYS E 406 -49.90 -70.25 -55.56
C LYS E 406 -50.82 -71.42 -55.19
N GLU E 407 -51.37 -71.41 -54.01
CA GLU E 407 -52.26 -72.49 -53.66
C GLU E 407 -53.77 -72.08 -53.81
N LYS E 408 -54.06 -71.18 -54.74
CA LYS E 408 -55.41 -70.60 -54.73
C LYS E 408 -56.06 -70.58 -56.06
N PHE E 409 -55.39 -71.13 -57.08
CA PHE E 409 -56.04 -71.07 -58.38
C PHE E 409 -57.07 -72.23 -58.55
N SER E 410 -58.17 -71.95 -59.24
CA SER E 410 -59.18 -72.94 -59.39
C SER E 410 -59.76 -72.79 -60.75
N LEU E 411 -60.13 -73.89 -61.30
CA LEU E 411 -60.66 -73.90 -62.63
C LEU E 411 -62.15 -73.77 -62.78
N ASP E 412 -62.92 -74.01 -61.75
CA ASP E 412 -64.39 -73.81 -61.87
C ASP E 412 -64.69 -72.39 -61.39
N LEU E 413 -64.76 -71.50 -62.36
CA LEU E 413 -65.03 -70.16 -62.11
C LEU E 413 -66.39 -70.04 -61.44
N ASP E 414 -67.27 -70.92 -61.88
CA ASP E 414 -68.61 -71.02 -61.36
C ASP E 414 -68.73 -70.96 -59.82
N GLN E 415 -67.75 -71.52 -59.13
CA GLN E 415 -67.77 -71.53 -57.65
C GLN E 415 -67.42 -70.25 -56.90
N TYR E 416 -66.99 -69.20 -57.64
CA TYR E 416 -66.53 -67.95 -57.04
C TYR E 416 -67.30 -66.75 -57.63
N PRO E 417 -67.57 -65.73 -56.82
CA PRO E 417 -68.25 -64.53 -57.25
C PRO E 417 -67.67 -63.94 -58.54
N LEU E 418 -66.43 -63.44 -58.47
CA LEU E 418 -65.83 -62.86 -59.62
C LEU E 418 -65.95 -63.79 -60.79
N GLY E 419 -65.79 -65.05 -60.53
CA GLY E 419 -65.93 -66.07 -61.55
C GLY E 419 -67.27 -66.17 -62.22
N ARG E 420 -68.33 -66.05 -61.45
CA ARG E 420 -69.65 -66.13 -62.03
C ARG E 420 -69.85 -64.90 -62.83
N LYS E 421 -69.50 -63.75 -62.23
CA LYS E 421 -69.47 -62.43 -62.96
C LYS E 421 -68.75 -62.52 -64.28
N PHE E 422 -67.62 -63.22 -64.28
CA PHE E 422 -66.86 -63.38 -65.49
C PHE E 422 -67.50 -64.23 -66.55
N LEU E 423 -68.36 -65.11 -66.04
CA LEU E 423 -68.89 -66.07 -66.91
C LEU E 423 -69.99 -65.49 -67.63
N VAL E 424 -70.71 -64.61 -66.95
CA VAL E 424 -71.76 -63.78 -67.56
C VAL E 424 -71.25 -62.89 -68.66
N GLN E 425 -70.36 -61.94 -68.30
CA GLN E 425 -69.73 -61.07 -69.22
C GLN E 425 -69.28 -61.84 -70.44
N ALA E 426 -68.88 -63.10 -70.29
CA ALA E 426 -68.43 -63.92 -71.45
C ALA E 426 -69.54 -64.44 -72.37
N GLY E 427 -70.75 -64.60 -71.84
CA GLY E 427 -71.81 -64.99 -72.68
C GLY E 427 -72.49 -66.14 -71.99
N LEU E 428 -71.70 -67.21 -71.67
CA LEU E 428 -72.26 -68.51 -71.12
C LEU E 428 -72.59 -68.48 -69.64
N ALA F 1 17.76 -42.82 3.46
CA ALA F 1 17.08 -41.57 2.75
C ALA F 1 15.57 -41.40 3.08
N VAL F 2 15.04 -40.16 3.36
CA VAL F 2 13.62 -40.00 3.68
C VAL F 2 12.77 -39.96 2.41
N VAL F 3 11.58 -40.56 2.41
CA VAL F 3 10.85 -40.49 1.17
C VAL F 3 9.52 -39.83 1.23
N ASN F 4 9.14 -39.26 0.07
CA ASN F 4 7.83 -38.60 -0.13
C ASN F 4 6.72 -39.64 0.25
N THR F 5 5.74 -39.21 1.07
CA THR F 5 4.64 -40.13 1.46
C THR F 5 3.91 -40.66 0.17
N ASP F 6 3.88 -39.80 -0.84
CA ASP F 6 3.24 -40.22 -2.09
C ASP F 6 3.76 -41.57 -2.62
N ASP F 7 4.93 -42.04 -2.12
CA ASP F 7 5.49 -43.32 -2.60
C ASP F 7 4.93 -44.54 -1.88
N TYR F 8 4.46 -44.37 -0.66
CA TYR F 8 4.02 -45.55 0.06
C TYR F 8 2.63 -45.35 0.64
N VAL F 9 1.95 -44.25 0.22
CA VAL F 9 0.62 -43.98 0.85
C VAL F 9 -0.31 -43.72 -0.32
N THR F 10 -1.23 -44.69 -0.53
CA THR F 10 -2.12 -44.57 -1.68
C THR F 10 -3.37 -43.79 -1.33
N ARG F 11 -3.57 -42.81 -2.17
CA ARG F 11 -4.83 -42.06 -1.98
C ARG F 11 -6.18 -42.70 -2.51
N THR F 12 -7.31 -42.64 -1.75
CA THR F 12 -8.56 -43.23 -2.26
C THR F 12 -9.31 -42.03 -2.87
N SER F 13 -10.60 -42.21 -3.24
CA SER F 13 -11.44 -41.06 -3.77
C SER F 13 -12.51 -40.82 -2.71
N ILE F 14 -12.22 -41.32 -1.52
CA ILE F 14 -13.10 -41.14 -0.45
C ILE F 14 -12.78 -39.88 0.37
N PHE F 15 -13.75 -38.97 0.44
CA PHE F 15 -13.45 -37.77 1.24
C PHE F 15 -14.41 -37.49 2.39
N TYR F 16 -13.89 -36.99 3.49
CA TYR F 16 -14.82 -36.68 4.60
C TYR F 16 -14.67 -35.22 4.97
N HIS F 17 -15.70 -34.66 5.60
CA HIS F 17 -15.57 -33.33 6.07
C HIS F 17 -15.55 -33.44 7.55
N ALA F 18 -15.04 -32.49 8.30
CA ALA F 18 -15.04 -32.63 9.77
C ALA F 18 -14.81 -31.23 10.23
N GLY F 19 -15.55 -30.86 11.27
CA GLY F 19 -15.54 -29.46 11.79
C GLY F 19 -15.82 -29.40 13.29
N SER F 20 -14.94 -28.73 14.05
CA SER F 20 -15.19 -28.35 15.46
C SER F 20 -16.48 -27.59 15.42
N SER F 21 -17.06 -27.49 16.60
CA SER F 21 -18.37 -26.89 16.63
C SER F 21 -18.08 -25.33 16.54
N ARG F 22 -17.77 -24.64 17.64
CA ARG F 22 -17.49 -23.26 17.59
C ARG F 22 -16.63 -23.14 18.85
N LEU F 23 -15.30 -23.21 18.72
CA LEU F 23 -14.41 -22.92 19.83
C LEU F 23 -14.62 -21.51 20.38
N LEU F 24 -14.67 -21.38 21.71
CA LEU F 24 -14.87 -20.05 22.28
C LEU F 24 -14.12 -19.87 23.58
N THR F 25 -13.69 -18.68 23.85
CA THR F 25 -12.95 -18.53 25.12
C THR F 25 -12.77 -17.06 25.55
N VAL F 26 -12.90 -16.75 26.86
CA VAL F 26 -12.89 -15.34 27.23
C VAL F 26 -12.23 -15.23 28.54
N GLY F 27 -11.64 -14.06 28.79
CA GLY F 27 -10.62 -13.97 29.83
C GLY F 27 -10.05 -12.58 30.01
N ASP F 28 -9.20 -12.48 31.01
CA ASP F 28 -8.50 -11.25 31.16
C ASP F 28 -7.35 -11.26 30.10
N PRO F 29 -7.18 -10.18 29.39
CA PRO F 29 -6.17 -10.04 28.41
C PRO F 29 -4.75 -9.92 28.90
N TYR F 30 -4.55 -9.49 30.15
CA TYR F 30 -3.22 -9.28 30.62
C TYR F 30 -2.66 -10.35 31.50
N PHE F 31 -3.49 -11.04 32.30
CA PHE F 31 -2.98 -12.06 33.26
C PHE F 31 -4.17 -12.76 33.86
N ARG F 32 -3.95 -13.93 34.49
CA ARG F 32 -5.11 -14.77 34.97
C ARG F 32 -5.51 -14.26 36.32
N VAL F 33 -6.80 -14.26 36.58
CA VAL F 33 -7.20 -13.69 37.82
C VAL F 33 -7.41 -14.86 38.79
N PRO F 34 -6.55 -14.96 39.83
CA PRO F 34 -6.64 -16.11 40.70
C PRO F 34 -8.11 -16.37 41.12
N ALA F 35 -8.49 -17.64 41.04
CA ALA F 35 -9.82 -18.15 41.44
C ALA F 35 -10.52 -17.50 42.70
N GLY F 36 -11.85 -17.32 42.52
CA GLY F 36 -12.83 -16.88 43.57
C GLY F 36 -12.52 -15.78 44.62
N GLY F 37 -11.44 -14.98 44.46
CA GLY F 37 -11.28 -13.77 45.28
C GLY F 37 -12.61 -13.00 45.30
N GLY F 38 -13.01 -12.47 44.14
CA GLY F 38 -14.32 -11.81 44.02
C GLY F 38 -15.45 -12.81 43.71
N ASN F 39 -15.41 -13.42 42.52
CA ASN F 39 -16.40 -14.45 42.16
C ASN F 39 -15.81 -15.72 41.60
N LYS F 40 -16.01 -16.79 42.39
CA LYS F 40 -15.71 -18.21 42.07
C LYS F 40 -15.18 -18.58 40.65
N GLN F 41 -14.05 -19.31 40.72
CA GLN F 41 -13.37 -19.84 39.51
C GLN F 41 -12.41 -18.85 38.77
N ASP F 42 -11.23 -19.37 38.49
CA ASP F 42 -10.26 -18.64 37.68
C ASP F 42 -10.75 -17.95 36.41
N ILE F 43 -10.25 -16.76 36.20
CA ILE F 43 -10.49 -16.07 34.96
C ILE F 43 -9.16 -16.21 34.21
N PRO F 44 -9.16 -16.96 33.08
CA PRO F 44 -7.92 -17.26 32.36
C PRO F 44 -7.35 -16.02 31.67
N LYS F 45 -6.07 -16.13 31.37
CA LYS F 45 -5.47 -15.13 30.43
C LYS F 45 -5.81 -15.54 29.01
N VAL F 46 -6.67 -14.70 28.47
CA VAL F 46 -7.03 -14.73 27.02
C VAL F 46 -6.54 -13.50 26.27
N SER F 47 -5.58 -13.68 25.40
CA SER F 47 -5.02 -12.51 24.78
C SER F 47 -4.98 -12.79 23.32
N ALA F 48 -5.00 -11.71 22.53
CA ALA F 48 -4.91 -11.95 21.11
C ALA F 48 -3.48 -12.21 20.66
N TYR F 49 -2.63 -11.88 21.59
CA TYR F 49 -1.20 -11.95 21.34
C TYR F 49 -0.57 -13.26 21.79
N GLN F 50 -1.38 -14.34 21.75
CA GLN F 50 -0.89 -15.69 22.10
C GLN F 50 -1.25 -16.81 21.19
N TYR F 51 -0.27 -17.69 21.02
CA TYR F 51 -0.50 -18.80 20.11
C TYR F 51 -1.75 -19.64 20.53
N ARG F 52 -2.50 -20.11 19.55
CA ARG F 52 -3.66 -20.97 19.76
C ARG F 52 -3.18 -22.26 19.06
N VAL F 53 -2.95 -23.24 19.92
CA VAL F 53 -2.54 -24.52 19.37
C VAL F 53 -3.68 -25.52 19.52
N PHE F 54 -4.38 -25.85 18.46
CA PHE F 54 -5.45 -26.82 18.53
C PHE F 54 -4.90 -28.14 18.14
N ARG F 55 -5.12 -29.13 19.06
CA ARG F 55 -4.77 -30.55 18.82
C ARG F 55 -6.05 -31.27 18.41
N VAL F 56 -6.30 -31.36 17.11
CA VAL F 56 -7.46 -32.01 16.57
C VAL F 56 -7.25 -33.53 16.60
N GLN F 57 -8.12 -34.16 17.40
CA GLN F 57 -8.14 -35.61 17.52
C GLN F 57 -9.04 -36.21 16.39
N LEU F 58 -8.45 -37.04 15.56
CA LEU F 58 -9.28 -37.64 14.45
C LEU F 58 -9.69 -39.06 14.94
N PRO F 59 -10.73 -39.62 14.32
CA PRO F 59 -11.10 -40.98 14.65
C PRO F 59 -10.10 -41.88 13.93
N ASP F 60 -9.84 -43.04 14.52
CA ASP F 60 -8.99 -44.05 13.87
C ASP F 60 -9.68 -44.70 12.64
N PRO F 61 -9.16 -44.44 11.46
CA PRO F 61 -9.83 -44.97 10.24
C PRO F 61 -9.84 -46.48 10.15
N ASN F 62 -9.00 -47.14 10.97
CA ASN F 62 -8.98 -48.60 11.03
C ASN F 62 -10.15 -49.22 11.75
N LYS F 63 -10.22 -48.97 13.07
CA LYS F 63 -11.44 -49.28 13.90
C LYS F 63 -12.68 -48.32 13.66
N PHE F 64 -12.84 -47.90 12.39
CA PHE F 64 -13.88 -47.02 11.97
C PHE F 64 -14.80 -47.78 10.98
N GLY F 65 -16.03 -47.24 10.92
CA GLY F 65 -17.06 -47.72 10.02
C GLY F 65 -16.99 -47.11 8.64
N LEU F 66 -16.46 -47.88 7.72
CA LEU F 66 -16.39 -47.36 6.36
C LEU F 66 -17.75 -47.45 5.58
N PRO F 67 -17.94 -46.55 4.53
CA PRO F 67 -19.14 -46.63 3.58
C PRO F 67 -19.13 -48.01 2.83
N ASP F 68 -17.92 -48.64 2.80
CA ASP F 68 -17.65 -49.91 2.09
C ASP F 68 -16.30 -50.37 2.64
N THR F 69 -16.35 -51.45 3.48
CA THR F 69 -15.08 -52.05 4.15
C THR F 69 -14.26 -53.06 3.22
N SER F 70 -14.27 -52.71 1.94
CA SER F 70 -13.64 -53.42 0.85
C SER F 70 -12.96 -52.28 -0.05
N ILE F 71 -12.30 -51.34 0.71
CA ILE F 71 -11.47 -50.27 0.09
C ILE F 71 -10.03 -50.76 0.09
N TYR F 72 -9.79 -51.54 1.15
CA TYR F 72 -8.54 -52.22 1.41
C TYR F 72 -8.65 -53.63 2.04
N ASN F 73 -7.50 -54.28 2.05
CA ASN F 73 -7.37 -55.52 2.68
C ASN F 73 -6.75 -55.39 4.10
N PRO F 74 -7.55 -55.46 5.14
CA PRO F 74 -7.01 -55.33 6.51
C PRO F 74 -6.01 -56.38 6.92
N GLU F 75 -5.64 -57.23 6.00
CA GLU F 75 -4.60 -58.22 6.24
C GLU F 75 -3.20 -57.69 5.77
N THR F 76 -3.19 -56.95 4.66
CA THR F 76 -1.90 -56.48 4.11
C THR F 76 -1.71 -54.92 4.24
N GLN F 77 -2.84 -54.21 4.36
CA GLN F 77 -2.81 -52.71 4.47
C GLN F 77 -3.45 -52.04 5.65
N ARG F 78 -3.05 -50.79 5.88
CA ARG F 78 -3.67 -49.95 6.92
C ARG F 78 -4.34 -48.66 6.44
N LEU F 79 -5.06 -48.05 7.38
CA LEU F 79 -5.67 -46.78 7.03
C LEU F 79 -5.08 -45.51 7.69
N VAL F 80 -4.94 -44.45 6.87
CA VAL F 80 -4.54 -43.19 7.37
C VAL F 80 -5.35 -42.05 6.74
N TRP F 81 -5.54 -41.09 7.65
CA TRP F 81 -6.13 -39.82 7.26
C TRP F 81 -5.17 -38.80 6.60
N ALA F 82 -5.44 -38.44 5.34
CA ALA F 82 -4.71 -37.34 4.70
C ALA F 82 -5.54 -36.06 4.77
N CYS F 83 -4.85 -34.97 5.18
CA CYS F 83 -5.52 -33.65 5.18
C CYS F 83 -5.57 -33.10 3.72
N ALA F 84 -6.69 -32.53 3.33
CA ALA F 84 -6.78 -32.05 1.97
C ALA F 84 -7.42 -30.71 1.84
N GLY F 85 -7.86 -30.21 2.98
CA GLY F 85 -8.55 -28.91 2.94
C GLY F 85 -8.72 -28.30 4.34
N VAL F 86 -8.45 -26.96 4.46
CA VAL F 86 -8.57 -26.28 5.76
C VAL F 86 -9.26 -25.00 5.70
N GLU F 87 -9.92 -24.61 6.79
CA GLU F 87 -10.49 -23.31 6.79
C GLU F 87 -10.57 -22.87 8.24
N ILE F 88 -9.66 -22.08 8.79
CA ILE F 88 -9.85 -21.61 10.16
C ILE F 88 -10.86 -20.42 10.25
N GLY F 89 -12.02 -20.62 10.83
CA GLY F 89 -13.02 -19.64 10.80
C GLY F 89 -12.78 -18.67 11.93
N ARG F 90 -12.85 -17.39 11.70
CA ARG F 90 -12.72 -16.53 12.84
C ARG F 90 -14.00 -15.73 13.16
N GLY F 91 -14.21 -15.46 14.48
CA GLY F 91 -15.46 -14.95 15.04
C GLY F 91 -15.57 -13.49 15.17
N GLN F 92 -14.98 -12.86 16.18
CA GLN F 92 -15.48 -11.46 16.35
C GLN F 92 -15.17 -10.53 15.18
N PRO F 93 -15.48 -9.23 15.31
CA PRO F 93 -15.17 -8.23 14.24
C PRO F 93 -13.73 -7.70 14.37
N LEU F 94 -13.19 -7.14 13.27
CA LEU F 94 -11.83 -6.81 13.27
C LEU F 94 -11.70 -5.70 14.27
N GLY F 95 -10.61 -5.60 14.99
CA GLY F 95 -10.53 -4.56 15.97
C GLY F 95 -9.10 -4.31 16.53
N VAL F 96 -8.86 -3.20 17.26
CA VAL F 96 -7.45 -3.08 17.75
C VAL F 96 -7.57 -3.01 19.27
N GLY F 97 -6.42 -3.22 19.95
CA GLY F 97 -6.39 -3.10 21.40
C GLY F 97 -5.03 -2.84 22.04
N LEU F 98 -5.05 -2.10 23.16
CA LEU F 98 -3.80 -1.78 23.78
C LEU F 98 -3.27 -2.73 24.90
N SER F 99 -1.94 -2.68 25.09
CA SER F 99 -1.28 -3.40 26.21
C SER F 99 -0.46 -2.37 26.91
N GLY F 100 -0.49 -2.34 28.24
CA GLY F 100 0.33 -1.39 28.89
C GLY F 100 0.94 -1.90 30.15
N HIS F 101 1.71 -1.03 30.82
CA HIS F 101 2.28 -1.34 32.11
C HIS F 101 2.17 -0.07 33.01
N PRO F 102 1.79 -0.26 34.30
CA PRO F 102 1.64 0.86 35.26
C PRO F 102 2.92 1.59 35.47
N PHE F 103 4.03 0.88 35.32
CA PHE F 103 5.36 1.51 35.55
C PHE F 103 6.36 1.21 34.37
N TYR F 104 5.95 1.52 33.14
CA TYR F 104 6.83 1.28 31.96
C TYR F 104 8.10 2.12 32.21
N ASN F 105 9.23 1.52 31.92
CA ASN F 105 10.53 2.06 32.17
C ASN F 105 10.83 2.91 30.99
N LYS F 106 10.30 4.11 30.94
CA LYS F 106 10.48 4.97 29.80
C LYS F 106 11.18 6.16 30.38
N LEU F 107 12.43 6.39 30.02
CA LEU F 107 13.16 7.53 30.59
C LEU F 107 12.58 8.81 30.03
N ASP F 108 12.71 9.01 28.74
CA ASP F 108 12.09 10.20 28.16
C ASP F 108 12.11 10.08 26.61
N ASP F 109 11.35 11.02 25.96
CA ASP F 109 11.11 11.06 24.50
C ASP F 109 12.37 11.45 23.78
N THR F 110 12.88 10.51 22.99
CA THR F 110 14.18 10.76 22.35
C THR F 110 13.90 10.95 20.90
N GLU F 111 12.65 11.27 20.63
CA GLU F 111 12.24 11.37 19.30
C GLU F 111 12.52 12.74 18.82
N SER F 112 12.34 13.72 19.68
CA SER F 112 12.44 15.16 19.36
C SER F 112 12.02 15.96 20.60
N SER F 113 12.52 15.52 21.75
CA SER F 113 12.32 16.22 23.02
C SER F 113 12.59 17.72 22.76
N HIS F 114 11.53 18.54 23.05
CA HIS F 114 11.62 20.00 22.99
C HIS F 114 13.05 20.56 23.30
N ALA F 115 13.66 19.99 24.38
CA ALA F 115 15.10 20.24 24.70
C ALA F 115 15.71 19.06 25.49
N ALA F 116 16.51 19.43 26.50
CA ALA F 116 17.11 18.44 27.35
C ALA F 116 15.93 17.72 28.05
N THR F 117 16.24 16.96 29.13
CA THR F 117 15.11 16.26 29.77
C THR F 117 15.36 16.24 31.28
N SER F 118 14.46 15.55 31.96
CA SER F 118 14.55 15.17 33.40
C SER F 118 15.87 14.50 33.90
N ASN F 119 16.10 14.80 35.23
CA ASN F 119 17.18 14.06 35.97
C ASN F 119 17.03 12.45 36.10
N VAL F 120 18.13 11.71 35.80
CA VAL F 120 18.25 10.22 36.01
C VAL F 120 18.42 9.88 37.58
N SER F 121 17.73 10.71 38.42
CA SER F 121 17.58 10.51 39.89
C SER F 121 17.03 9.10 40.22
N GLU F 122 15.72 8.88 40.10
CA GLU F 122 15.37 7.58 40.65
C GLU F 122 14.16 6.65 40.31
N ASP F 123 12.90 7.19 40.19
CA ASP F 123 11.69 6.43 39.75
C ASP F 123 11.01 7.44 38.85
N VAL F 124 11.25 7.23 37.55
CA VAL F 124 10.55 8.08 36.57
C VAL F 124 9.64 7.24 35.62
N ARG F 125 9.25 6.05 36.13
CA ARG F 125 8.43 5.15 35.41
C ARG F 125 7.04 5.67 35.24
N ASP F 126 6.46 5.56 34.04
CA ASP F 126 5.16 6.15 33.69
C ASP F 126 4.22 5.05 33.25
N ASN F 127 2.93 5.37 33.31
CA ASN F 127 1.98 4.40 32.87
C ASN F 127 1.79 4.56 31.36
N VAL F 128 2.32 3.55 30.64
CA VAL F 128 2.10 3.56 29.21
C VAL F 128 1.39 2.37 28.62
N SER F 129 0.72 2.55 27.49
CA SER F 129 0.17 1.44 26.71
C SER F 129 0.73 1.42 25.33
N VAL F 130 0.43 0.36 24.60
CA VAL F 130 0.88 0.38 23.24
C VAL F 130 0.19 -0.73 22.40
N ASP F 131 -0.19 -0.47 21.12
CA ASP F 131 -0.78 -1.55 20.31
C ASP F 131 0.37 -2.36 19.78
N TYR F 132 0.25 -3.66 19.84
CA TYR F 132 1.43 -4.44 19.39
C TYR F 132 1.54 -4.60 17.89
N LYS F 133 2.65 -5.16 17.48
CA LYS F 133 2.92 -5.47 16.10
C LYS F 133 1.77 -6.35 15.65
N GLN F 134 1.35 -6.19 14.42
CA GLN F 134 0.28 -7.07 13.88
C GLN F 134 0.78 -8.33 13.22
N THR F 135 0.27 -9.44 13.68
CA THR F 135 0.66 -10.77 13.13
C THR F 135 -0.52 -11.73 12.79
N GLN F 136 -0.33 -12.49 11.74
CA GLN F 136 -1.28 -13.54 11.44
C GLN F 136 -0.51 -14.68 10.92
N LEU F 137 -0.65 -15.83 11.57
CA LEU F 137 0.12 -16.98 11.08
C LEU F 137 -0.65 -18.22 11.33
N CYS F 138 -0.41 -19.20 10.48
CA CYS F 138 -1.12 -20.40 10.69
C CYS F 138 -0.24 -21.59 10.20
N ILE F 139 -0.12 -22.65 10.96
CA ILE F 139 0.68 -23.78 10.52
C ILE F 139 -0.02 -25.13 10.77
N LEU F 140 -0.02 -26.07 9.85
CA LEU F 140 -0.65 -27.41 10.10
C LEU F 140 0.37 -28.49 10.01
N GLY F 141 0.23 -29.55 10.80
CA GLY F 141 1.26 -30.63 10.80
C GLY F 141 0.78 -31.75 11.64
N CYS F 142 1.33 -32.95 11.46
CA CYS F 142 0.85 -34.01 12.40
C CYS F 142 1.74 -34.11 13.63
N ALA F 143 2.35 -33.01 14.01
CA ALA F 143 3.17 -32.88 15.22
C ALA F 143 3.16 -31.43 15.53
N PRO F 144 3.29 -31.11 16.80
CA PRO F 144 3.33 -29.67 17.17
C PRO F 144 4.48 -28.90 16.49
N ALA F 145 4.17 -27.63 16.22
CA ALA F 145 5.16 -26.71 15.58
C ALA F 145 6.33 -26.24 16.54
N ILE F 146 7.50 -25.87 15.95
CA ILE F 146 8.61 -25.47 16.78
C ILE F 146 8.82 -23.94 16.91
N GLY F 147 9.06 -23.41 18.08
CA GLY F 147 9.27 -22.04 18.11
C GLY F 147 10.70 -21.72 18.57
N GLU F 148 11.21 -20.48 18.32
CA GLU F 148 12.50 -20.12 18.83
C GLU F 148 12.37 -18.95 19.74
N HIS F 149 13.31 -18.77 20.69
CA HIS F 149 13.44 -17.50 21.42
C HIS F 149 14.80 -17.38 22.12
N TRP F 150 15.16 -16.19 22.61
CA TRP F 150 16.44 -16.01 23.23
C TRP F 150 16.26 -16.14 24.68
N ALA F 151 17.12 -16.95 25.36
CA ALA F 151 17.07 -17.09 26.84
C ALA F 151 18.44 -16.91 27.49
N LYS F 152 18.46 -16.68 28.80
CA LYS F 152 19.70 -16.44 29.50
C LYS F 152 20.55 -17.69 29.41
N GLY F 153 21.66 -17.60 28.71
CA GLY F 153 22.52 -18.82 28.60
C GLY F 153 22.97 -19.35 29.95
N THR F 154 23.15 -20.64 29.98
CA THR F 154 23.77 -21.26 31.20
C THR F 154 25.16 -20.71 31.67
N ALA F 155 25.16 -20.26 32.93
CA ALA F 155 26.37 -19.69 33.51
C ALA F 155 27.48 -20.83 33.45
N SER F 156 28.62 -20.60 32.71
CA SER F 156 29.80 -21.58 32.72
C SER F 156 30.53 -21.58 34.15
N LYS F 157 31.13 -22.75 34.51
CA LYS F 157 31.58 -22.93 35.90
C LYS F 157 32.99 -22.39 35.91
N SER F 158 33.69 -22.61 34.76
CA SER F 158 35.06 -21.99 34.49
C SER F 158 35.18 -20.45 34.79
N ARG F 159 34.24 -19.71 34.17
CA ARG F 159 34.16 -18.23 34.20
C ARG F 159 32.76 -17.84 34.77
N PRO F 160 32.66 -17.86 36.11
CA PRO F 160 31.36 -17.42 36.68
C PRO F 160 30.99 -15.96 36.30
N LEU F 161 29.72 -15.62 36.46
CA LEU F 161 29.32 -14.30 36.09
C LEU F 161 28.93 -13.37 37.24
N SER F 162 29.65 -12.26 37.41
CA SER F 162 29.33 -11.37 38.55
C SER F 162 27.97 -10.71 38.39
N GLN F 163 27.27 -10.50 39.51
CA GLN F 163 25.90 -10.02 39.47
C GLN F 163 25.95 -8.66 38.87
N GLY F 164 25.03 -8.43 37.94
CA GLY F 164 24.94 -7.13 37.24
C GLY F 164 25.46 -7.12 35.82
N ASP F 165 26.40 -8.01 35.54
CA ASP F 165 26.96 -8.14 34.20
C ASP F 165 25.94 -8.72 33.30
N CYS F 166 26.14 -8.46 32.02
CA CYS F 166 25.22 -8.95 31.07
C CYS F 166 25.47 -10.40 30.70
N PRO F 167 24.48 -11.25 30.79
CA PRO F 167 24.59 -12.63 30.43
C PRO F 167 24.69 -12.89 29.01
N PRO F 168 25.07 -14.12 28.69
CA PRO F 168 25.18 -14.47 27.32
C PRO F 168 23.80 -14.97 26.82
N LEU F 169 23.39 -14.59 25.59
CA LEU F 169 22.15 -15.08 25.08
C LEU F 169 22.30 -16.36 24.34
N GLU F 170 21.27 -17.18 24.49
CA GLU F 170 21.21 -18.45 23.81
C GLU F 170 19.85 -18.76 23.20
N LEU F 171 19.94 -19.21 21.95
CA LEU F 171 18.81 -19.36 21.16
C LEU F 171 18.25 -20.72 21.53
N LYS F 172 17.06 -20.80 22.08
CA LYS F 172 16.42 -22.04 22.41
C LYS F 172 15.17 -22.37 21.58
N ASN F 173 15.10 -23.69 21.30
CA ASN F 173 13.98 -24.32 20.53
C ASN F 173 13.03 -24.97 21.55
N THR F 174 11.78 -24.80 21.31
CA THR F 174 10.75 -25.27 22.22
C THR F 174 9.42 -25.49 21.43
N VAL F 175 8.56 -26.41 21.90
CA VAL F 175 7.27 -26.66 21.32
C VAL F 175 6.32 -25.51 21.57
N LEU F 176 5.60 -25.08 20.52
CA LEU F 176 4.70 -23.97 20.68
C LEU F 176 3.39 -24.47 21.23
N GLU F 177 3.08 -24.13 22.47
CA GLU F 177 1.89 -24.66 23.13
C GLU F 177 0.81 -23.62 23.19
N ASP F 178 -0.45 -24.06 23.14
CA ASP F 178 -1.56 -23.11 23.28
C ASP F 178 -1.36 -22.20 24.48
N GLY F 179 -1.23 -20.92 24.25
CA GLY F 179 -1.04 -20.02 25.35
C GLY F 179 0.25 -19.20 25.33
N ASP F 180 1.29 -19.68 24.60
CA ASP F 180 2.55 -18.93 24.57
C ASP F 180 2.32 -17.51 23.82
N MET F 181 3.13 -16.53 24.23
CA MET F 181 3.06 -15.27 23.55
C MET F 181 3.85 -15.24 22.26
N VAL F 182 3.40 -14.43 21.31
CA VAL F 182 4.12 -14.20 20.02
C VAL F 182 4.93 -12.97 20.22
N ASP F 183 5.79 -12.70 19.22
CA ASP F 183 6.59 -11.51 19.21
C ASP F 183 5.64 -10.37 19.17
N THR F 184 5.68 -9.48 20.14
CA THR F 184 4.74 -8.35 20.03
C THR F 184 5.38 -7.08 19.44
N GLY F 185 6.63 -7.24 19.12
CA GLY F 185 7.39 -6.11 18.62
C GLY F 185 8.61 -5.74 19.52
N TYR F 186 8.84 -6.55 20.59
CA TYR F 186 9.94 -6.27 21.49
C TYR F 186 10.89 -7.37 21.40
N GLY F 187 10.77 -8.15 20.31
CA GLY F 187 11.60 -9.30 20.01
C GLY F 187 11.18 -10.64 20.66
N ALA F 188 11.72 -11.73 20.12
CA ALA F 188 11.29 -12.99 20.70
C ALA F 188 12.22 -13.48 21.82
N MET F 189 11.90 -13.21 23.11
CA MET F 189 12.83 -13.61 24.21
C MET F 189 12.13 -13.88 25.45
N ASP F 190 12.91 -14.19 26.50
CA ASP F 190 12.33 -14.52 27.79
C ASP F 190 12.46 -13.34 28.70
N PHE F 191 11.43 -12.47 28.67
CA PHE F 191 11.45 -11.22 29.45
C PHE F 191 11.48 -11.44 30.92
N SER F 192 11.00 -12.61 31.41
CA SER F 192 11.04 -12.96 32.90
C SER F 192 12.46 -13.16 33.35
N THR F 193 13.24 -13.84 32.47
CA THR F 193 14.65 -14.04 32.80
C THR F 193 15.76 -13.07 32.38
N LEU F 194 15.38 -12.17 31.47
CA LEU F 194 16.36 -11.30 30.95
C LEU F 194 16.18 -9.87 31.42
N GLN F 195 15.01 -9.52 31.91
CA GLN F 195 14.87 -8.12 32.36
C GLN F 195 14.33 -8.21 33.78
N ASP F 196 15.23 -7.91 34.70
CA ASP F 196 14.95 -8.01 36.14
C ASP F 196 13.92 -6.97 36.62
N THR F 197 13.83 -5.88 35.88
CA THR F 197 13.00 -4.74 36.25
C THR F 197 11.55 -5.12 36.37
N LYS F 198 11.05 -5.83 35.36
CA LYS F 198 9.64 -6.22 35.21
C LYS F 198 8.81 -5.03 34.84
N CYS F 199 9.50 -4.01 34.32
CA CYS F 199 8.80 -2.85 33.77
C CYS F 199 9.37 -2.41 32.46
N GLU F 200 10.05 -3.30 31.70
CA GLU F 200 10.56 -3.01 30.34
C GLU F 200 9.51 -3.10 29.22
N VAL F 201 8.48 -3.95 29.47
CA VAL F 201 7.40 -4.14 28.46
C VAL F 201 6.06 -4.28 29.10
N PRO F 202 5.03 -4.21 28.30
CA PRO F 202 3.68 -4.25 28.78
C PRO F 202 3.39 -5.49 29.59
N LEU F 203 2.59 -5.33 30.68
CA LEU F 203 2.10 -6.43 31.54
C LEU F 203 1.94 -7.81 31.00
N ASP F 204 1.39 -7.97 29.82
CA ASP F 204 1.12 -9.31 29.32
C ASP F 204 2.23 -10.10 28.73
N ILE F 205 3.43 -9.55 28.61
CA ILE F 205 4.54 -10.36 28.12
C ILE F 205 5.61 -10.11 29.10
N CYS F 206 5.38 -9.10 29.92
CA CYS F 206 6.27 -8.62 30.92
C CYS F 206 7.02 -9.76 31.71
N GLN F 207 6.27 -10.86 32.01
CA GLN F 207 6.86 -11.97 32.74
C GLN F 207 6.71 -13.23 32.00
N SER F 208 6.73 -13.10 30.69
CA SER F 208 6.51 -14.26 29.84
C SER F 208 7.61 -14.49 28.79
N ILE F 209 7.35 -15.44 27.89
CA ILE F 209 8.33 -15.74 26.87
C ILE F 209 7.66 -15.56 25.53
N CYS F 210 8.25 -14.68 24.70
CA CYS F 210 7.66 -14.45 23.39
C CYS F 210 8.46 -15.30 22.39
N LYS F 211 7.78 -16.25 21.79
CA LYS F 211 8.37 -17.19 20.82
C LYS F 211 7.97 -16.74 19.48
N TYR F 212 8.67 -17.29 18.50
CA TYR F 212 8.48 -17.00 17.08
C TYR F 212 8.77 -18.28 16.39
N PRO F 213 7.86 -18.70 15.51
CA PRO F 213 7.97 -19.99 14.83
C PRO F 213 9.31 -20.05 14.23
N ASP F 214 9.98 -21.18 14.43
CA ASP F 214 11.31 -21.41 13.88
C ASP F 214 11.16 -21.95 12.48
N TYR F 215 10.63 -21.12 11.58
CA TYR F 215 10.43 -21.54 10.18
C TYR F 215 11.64 -22.22 9.53
N LEU F 216 12.82 -21.67 9.80
CA LEU F 216 13.99 -22.26 9.19
C LEU F 216 14.18 -23.72 9.61
N GLN F 217 14.03 -23.93 10.90
CA GLN F 217 14.23 -25.25 11.47
C GLN F 217 13.22 -26.31 11.00
N MET F 218 11.99 -25.90 10.83
CA MET F 218 11.01 -26.80 10.39
C MET F 218 11.11 -27.06 8.92
N SER F 219 11.52 -26.10 8.08
CA SER F 219 11.71 -26.49 6.68
C SER F 219 12.75 -27.61 6.57
N ALA F 220 13.72 -27.51 7.46
CA ALA F 220 14.85 -28.39 7.32
C ALA F 220 14.51 -29.78 7.77
N ASP F 221 13.72 -29.85 8.84
CA ASP F 221 13.22 -31.13 9.37
C ASP F 221 13.06 -32.17 8.20
N PRO F 222 13.78 -33.29 8.36
CA PRO F 222 13.87 -34.41 7.33
C PRO F 222 12.51 -35.01 6.95
N TYR F 223 11.70 -35.31 7.95
CA TYR F 223 10.42 -35.94 7.66
C TYR F 223 9.31 -34.88 7.25
N GLY F 224 9.38 -33.71 7.91
CA GLY F 224 8.36 -32.69 7.60
C GLY F 224 6.99 -32.88 8.20
N ASP F 225 6.98 -33.32 9.43
CA ASP F 225 5.78 -33.61 10.11
C ASP F 225 5.45 -32.36 10.87
N SER F 226 6.49 -31.53 11.03
CA SER F 226 6.31 -30.33 11.84
C SER F 226 5.31 -29.34 11.22
N MET F 227 5.47 -29.10 9.90
CA MET F 227 4.55 -28.24 9.17
C MET F 227 4.51 -28.53 7.71
N PHE F 228 3.33 -28.89 7.24
CA PHE F 228 3.17 -29.11 5.85
C PHE F 228 2.29 -28.04 5.24
N PHE F 229 2.18 -26.90 5.91
CA PHE F 229 1.27 -25.84 5.45
C PHE F 229 1.68 -24.64 6.32
N CYS F 230 2.04 -23.52 5.70
CA CYS F 230 2.52 -22.39 6.48
C CYS F 230 1.97 -21.09 5.87
N LEU F 231 1.32 -20.21 6.66
CA LEU F 231 0.89 -18.90 6.11
C LEU F 231 1.22 -17.82 7.11
N ARG F 232 2.02 -16.84 6.68
CA ARG F 232 2.37 -15.72 7.58
C ARG F 232 2.15 -14.43 7.00
N ARG F 233 1.95 -13.47 7.89
CA ARG F 233 1.71 -12.10 7.43
C ARG F 233 1.88 -11.17 8.61
N GLU F 234 2.99 -10.40 8.65
CA GLU F 234 3.30 -9.56 9.87
C GLU F 234 3.59 -8.16 9.40
N GLN F 235 3.46 -7.15 10.27
CA GLN F 235 3.75 -5.81 9.86
C GLN F 235 3.72 -4.92 11.08
N LEU F 236 4.63 -3.95 11.16
CA LEU F 236 4.63 -2.98 12.26
C LEU F 236 5.49 -1.84 11.95
N PHE F 237 5.53 -0.84 12.83
CA PHE F 237 6.31 0.36 12.61
C PHE F 237 6.55 1.06 13.94
N ALA F 238 7.62 1.87 14.06
CA ALA F 238 7.94 2.52 15.34
C ALA F 238 7.12 3.76 15.63
N ARG F 239 6.24 3.63 16.59
CA ARG F 239 5.40 4.72 16.95
C ARG F 239 6.15 5.78 17.75
N HIS F 240 6.74 5.45 18.90
CA HIS F 240 7.48 6.47 19.59
C HIS F 240 8.82 5.96 19.95
N PHE F 241 9.79 6.87 20.14
CA PHE F 241 11.15 6.49 20.46
C PHE F 241 11.57 6.76 21.90
N TRP F 242 11.96 5.71 22.67
CA TRP F 242 12.37 5.93 24.07
C TRP F 242 13.73 5.50 24.62
N ASN F 243 14.07 6.19 25.71
CA ASN F 243 15.21 5.88 26.51
C ASN F 243 14.89 4.86 27.60
N ARG F 244 15.88 4.16 28.15
CA ARG F 244 15.62 3.25 29.28
C ARG F 244 16.33 3.76 30.49
N ALA F 245 15.62 3.99 31.55
CA ALA F 245 16.26 4.50 32.72
C ALA F 245 17.16 3.36 33.33
N GLY F 246 18.25 3.78 34.01
CA GLY F 246 19.19 2.76 34.54
C GLY F 246 20.63 3.16 34.27
N THR F 247 21.59 2.42 34.81
CA THR F 247 23.00 2.74 34.53
C THR F 247 23.40 1.90 33.31
N MET F 248 24.08 2.56 32.35
CA MET F 248 24.54 1.87 31.15
C MET F 248 25.52 0.75 31.42
N GLY F 249 25.17 -0.46 31.03
CA GLY F 249 26.08 -1.59 31.23
C GLY F 249 27.36 -1.48 30.41
N ASP F 250 27.23 -1.28 29.10
CA ASP F 250 28.39 -1.13 28.22
C ASP F 250 28.70 0.35 28.18
N THR F 251 29.88 0.73 28.54
CA THR F 251 30.16 2.17 28.56
C THR F 251 30.44 2.66 27.16
N VAL F 252 29.92 3.88 26.89
CA VAL F 252 29.98 4.41 25.51
C VAL F 252 31.38 4.89 25.23
N PRO F 253 32.07 4.32 24.24
CA PRO F 253 33.41 4.66 23.81
C PRO F 253 33.63 6.13 23.73
N GLN F 254 34.80 6.56 24.20
CA GLN F 254 35.08 8.00 24.28
C GLN F 254 35.34 8.58 22.87
N SER F 255 35.83 7.72 21.92
CA SER F 255 36.13 8.16 20.56
C SER F 255 34.85 8.38 19.77
N LEU F 256 33.68 8.30 20.38
CA LEU F 256 32.43 8.45 19.64
C LEU F 256 31.71 9.70 19.97
N TYR F 257 32.40 10.60 20.64
CA TYR F 257 31.78 11.90 20.99
C TYR F 257 32.77 12.89 21.58
N ILE F 258 32.34 14.11 21.85
CA ILE F 258 33.24 15.06 22.45
C ILE F 258 32.54 15.44 23.72
N LYS F 259 33.26 15.36 24.84
CA LYS F 259 32.61 15.70 26.16
C LYS F 259 32.08 17.12 26.12
N GLY F 260 31.22 17.44 27.07
CA GLY F 260 30.66 18.82 27.15
C GLY F 260 30.86 19.21 28.58
N THR F 261 30.15 20.22 29.03
CA THR F 261 30.29 20.46 30.46
C THR F 261 28.95 20.25 31.29
N GLY F 262 29.07 19.92 32.60
CA GLY F 262 27.90 19.74 33.47
C GLY F 262 27.23 18.42 33.09
N MET F 263 25.92 18.43 32.83
CA MET F 263 25.24 17.16 32.66
C MET F 263 25.59 16.60 31.29
N ARG F 264 26.16 17.46 30.44
CA ARG F 264 26.52 17.13 29.08
C ARG F 264 27.99 16.76 29.06
N ALA F 265 28.62 16.67 30.25
CA ALA F 265 30.00 16.16 30.40
C ALA F 265 30.04 14.65 30.27
N SER F 266 28.89 14.03 30.47
CA SER F 266 28.76 12.59 30.45
C SER F 266 27.53 12.12 29.67
N PRO F 267 27.66 11.06 28.81
CA PRO F 267 26.48 10.53 28.07
C PRO F 267 25.41 9.97 28.94
N GLY F 268 24.18 10.31 28.53
CA GLY F 268 22.91 9.80 29.05
C GLY F 268 22.65 8.33 28.65
N SER F 269 21.45 7.85 28.93
CA SER F 269 21.08 6.56 28.52
C SER F 269 21.16 6.43 26.99
N CYS F 270 21.79 5.35 26.55
CA CYS F 270 22.00 5.04 25.13
C CYS F 270 21.47 3.72 24.79
N VAL F 271 20.39 3.36 25.47
CA VAL F 271 19.73 2.13 25.20
C VAL F 271 18.37 2.60 24.77
N TYR F 272 18.13 2.44 23.45
CA TYR F 272 16.85 2.89 22.99
C TYR F 272 15.94 1.76 22.54
N SER F 273 14.65 2.00 22.67
CA SER F 273 13.69 1.02 22.19
C SER F 273 12.41 1.78 21.86
N PRO F 274 11.85 1.53 20.67
CA PRO F 274 10.68 2.20 20.22
C PRO F 274 9.45 1.42 20.55
N SER F 275 8.33 2.10 20.80
CA SER F 275 7.09 1.40 21.04
C SER F 275 6.60 0.86 19.70
N PRO F 276 6.29 -0.48 19.63
CA PRO F 276 5.84 -0.93 18.27
C PRO F 276 4.40 -0.48 18.00
N SER F 277 3.86 -0.80 16.83
CA SER F 277 2.43 -0.54 16.49
C SER F 277 2.22 -1.12 15.11
N GLY F 278 1.19 -1.91 14.93
CA GLY F 278 0.88 -2.44 13.57
C GLY F 278 0.04 -1.27 13.08
N SER F 279 -0.05 -0.98 11.84
CA SER F 279 -0.76 0.23 11.46
C SER F 279 -2.22 -0.23 11.24
N ILE F 280 -2.83 0.15 10.13
CA ILE F 280 -4.19 -0.21 9.91
C ILE F 280 -4.30 -1.69 9.86
N VAL F 281 -5.34 -2.22 10.49
CA VAL F 281 -5.78 -3.61 10.25
C VAL F 281 -7.02 -3.48 9.28
N THR F 282 -7.02 -4.24 8.18
CA THR F 282 -8.09 -4.13 7.17
C THR F 282 -8.36 -5.54 6.64
N SER F 283 -9.58 -5.73 6.15
CA SER F 283 -10.04 -7.03 5.79
C SER F 283 -9.43 -7.38 4.48
N ASP F 284 -8.59 -6.47 3.93
CA ASP F 284 -8.02 -6.71 2.61
C ASP F 284 -6.97 -7.73 2.70
N SER F 285 -6.23 -7.60 3.77
CA SER F 285 -5.11 -8.49 4.04
C SER F 285 -5.43 -9.61 5.06
N GLN F 286 -6.66 -10.03 5.15
CA GLN F 286 -7.03 -11.03 6.06
C GLN F 286 -6.54 -12.39 5.55
N LEU F 287 -5.94 -13.09 6.46
CA LEU F 287 -5.43 -14.39 6.22
C LEU F 287 -6.41 -15.54 6.34
N PHE F 288 -7.35 -15.46 7.29
CA PHE F 288 -8.31 -16.47 7.57
C PHE F 288 -9.71 -16.34 6.99
N ASN F 289 -10.59 -17.29 7.32
CA ASN F 289 -11.95 -17.31 6.91
C ASN F 289 -11.87 -17.60 5.44
N LYS F 290 -10.79 -18.25 4.95
CA LYS F 290 -10.74 -18.61 3.51
C LYS F 290 -10.35 -20.03 3.50
N PRO F 291 -10.91 -20.79 2.59
CA PRO F 291 -10.47 -22.19 2.63
C PRO F 291 -9.23 -22.29 1.82
N TYR F 292 -8.16 -22.98 2.27
CA TYR F 292 -6.95 -23.18 1.41
C TYR F 292 -6.88 -24.66 1.26
N TRP F 293 -6.62 -25.19 0.04
CA TRP F 293 -6.54 -26.63 -0.12
C TRP F 293 -5.10 -26.98 -0.32
N LEU F 294 -4.61 -27.95 0.43
CA LEU F 294 -3.20 -28.35 0.24
C LEU F 294 -3.05 -29.58 -0.69
N HIS F 295 -2.53 -29.34 -1.88
CA HIS F 295 -2.46 -30.31 -2.98
C HIS F 295 -1.12 -31.07 -2.83
N LYS F 296 -0.06 -30.35 -2.39
CA LYS F 296 1.34 -30.85 -2.34
C LYS F 296 2.06 -30.02 -1.38
N ALA F 297 2.22 -30.68 -0.26
CA ALA F 297 2.98 -30.19 0.91
C ALA F 297 4.44 -29.73 0.59
N GLN F 298 5.06 -28.89 1.44
CA GLN F 298 6.42 -28.51 1.19
C GLN F 298 7.40 -29.66 1.50
N GLY F 299 7.18 -30.34 2.59
CA GLY F 299 8.18 -31.35 2.99
C GLY F 299 7.82 -32.74 2.44
N HIS F 300 8.42 -33.79 3.00
CA HIS F 300 8.09 -35.12 2.46
C HIS F 300 6.76 -35.70 2.88
N ASN F 301 6.31 -35.32 4.10
CA ASN F 301 4.96 -35.66 4.55
C ASN F 301 3.91 -34.75 3.87
N ASN F 302 3.01 -35.39 3.11
CA ASN F 302 2.06 -34.63 2.29
C ASN F 302 0.70 -34.54 2.97
N GLY F 303 0.71 -33.91 4.13
CA GLY F 303 -0.52 -33.83 5.04
C GLY F 303 -1.12 -35.13 5.60
N VAL F 304 -0.29 -36.19 5.61
CA VAL F 304 -0.70 -37.45 6.15
C VAL F 304 -0.68 -37.27 7.67
N CYS F 305 -1.82 -37.54 8.35
CA CYS F 305 -1.97 -37.29 9.83
C CYS F 305 -1.68 -38.58 10.59
N TRP F 306 -0.40 -38.89 10.81
CA TRP F 306 -0.06 -40.08 11.56
C TRP F 306 -0.70 -39.97 12.91
N HIS F 307 -1.16 -41.16 13.36
CA HIS F 307 -1.80 -41.25 14.75
C HIS F 307 -3.17 -40.53 14.82
N ASN F 308 -3.60 -40.22 13.61
CA ASN F 308 -4.95 -39.63 13.41
C ASN F 308 -5.04 -38.39 14.25
N GLN F 309 -3.86 -37.73 14.29
CA GLN F 309 -3.71 -36.46 15.05
C GLN F 309 -3.50 -35.32 14.11
N LEU F 310 -3.68 -34.09 14.57
CA LEU F 310 -3.29 -33.01 13.63
C LEU F 310 -3.25 -31.75 14.37
N PHE F 311 -2.12 -31.07 14.32
CA PHE F 311 -2.04 -29.80 15.06
C PHE F 311 -2.24 -28.44 14.31
N VAL F 312 -2.85 -27.43 14.93
CA VAL F 312 -3.15 -26.26 14.09
C VAL F 312 -2.62 -25.13 14.89
N THR F 313 -1.58 -24.46 14.41
CA THR F 313 -1.07 -23.37 15.21
C THR F 313 -1.58 -22.13 14.53
N VAL F 314 -2.16 -21.28 15.34
CA VAL F 314 -2.70 -20.03 14.80
C VAL F 314 -2.40 -18.80 15.69
N VAL F 315 -2.11 -17.65 15.05
CA VAL F 315 -1.91 -16.34 15.76
C VAL F 315 -2.70 -15.45 14.92
N ASP F 316 -3.57 -14.69 15.59
CA ASP F 316 -4.32 -13.68 14.80
C ASP F 316 -4.62 -12.42 15.58
N THR F 317 -3.88 -11.35 15.28
CA THR F 317 -4.01 -10.20 16.14
C THR F 317 -4.94 -9.18 15.53
N THR F 318 -5.56 -9.58 14.41
CA THR F 318 -6.35 -8.67 13.65
C THR F 318 -7.68 -8.41 14.39
N ARG F 319 -7.97 -9.20 15.42
CA ARG F 319 -9.24 -9.06 16.16
C ARG F 319 -8.85 -9.00 17.64
N SER F 320 -8.35 -7.84 18.07
CA SER F 320 -7.90 -7.72 19.39
C SER F 320 -8.64 -6.69 20.18
N THR F 321 -9.88 -6.39 19.87
CA THR F 321 -10.60 -5.33 20.69
C THR F 321 -10.77 -5.81 22.07
N ASN F 322 -10.36 -5.04 23.08
CA ASN F 322 -10.62 -5.47 24.45
C ASN F 322 -11.87 -4.87 25.17
N LEU F 323 -12.82 -5.73 25.59
CA LEU F 323 -14.03 -5.12 26.06
C LEU F 323 -13.73 -4.52 27.43
N THR F 324 -14.23 -3.32 27.65
CA THR F 324 -14.08 -2.64 28.92
C THR F 324 -15.43 -2.84 29.56
N ILE F 325 -15.41 -3.39 30.77
CA ILE F 325 -16.66 -3.64 31.55
C ILE F 325 -16.63 -2.90 32.88
N CYS F 326 -17.61 -2.03 33.14
CA CYS F 326 -17.59 -1.41 34.46
C CYS F 326 -18.89 -1.61 35.25
N ALA F 327 -18.77 -2.05 36.53
CA ALA F 327 -19.93 -2.21 37.48
C ALA F 327 -19.77 -1.16 38.57
N SER F 328 -20.89 -0.70 39.13
CA SER F 328 -20.81 0.29 40.17
C SER F 328 -20.81 -0.40 41.51
N THR F 329 -20.45 0.44 42.50
CA THR F 329 -20.30 -0.06 43.86
C THR F 329 -21.63 -0.06 44.52
N GLN F 330 -22.33 1.11 44.36
CA GLN F 330 -23.73 1.32 44.78
C GLN F 330 -24.74 0.48 43.95
N SER F 331 -25.86 0.12 44.60
CA SER F 331 -26.90 -0.67 43.89
C SER F 331 -27.84 0.20 42.98
N PRO F 332 -28.37 1.32 43.56
CA PRO F 332 -29.25 2.22 42.76
C PRO F 332 -28.55 2.91 41.57
N VAL F 333 -27.19 3.06 41.68
CA VAL F 333 -26.34 3.72 40.66
C VAL F 333 -26.63 5.22 40.63
N PRO F 334 -26.24 5.92 41.68
CA PRO F 334 -26.61 7.33 41.90
C PRO F 334 -26.43 8.18 40.71
N GLY F 335 -27.27 9.22 40.63
CA GLY F 335 -27.20 10.11 39.49
C GLY F 335 -26.10 11.17 39.65
N GLN F 336 -25.13 10.86 40.55
CA GLN F 336 -23.96 11.70 40.80
C GLN F 336 -22.72 10.93 40.46
N TYR F 337 -22.00 11.37 39.42
CA TYR F 337 -20.82 10.62 39.02
C TYR F 337 -19.70 10.67 40.05
N ASP F 338 -19.27 9.46 40.47
CA ASP F 338 -18.08 9.34 41.25
C ASP F 338 -17.11 8.20 40.84
N ALA F 339 -15.96 8.56 40.29
CA ALA F 339 -15.03 7.57 39.74
C ALA F 339 -14.83 6.32 40.56
N THR F 340 -14.37 6.50 41.80
CA THR F 340 -14.18 5.41 42.83
C THR F 340 -15.42 4.44 43.04
N LYS F 341 -16.59 5.02 42.74
CA LYS F 341 -17.81 4.34 42.93
C LYS F 341 -18.10 3.32 41.79
N PHE F 342 -17.08 3.07 40.94
CA PHE F 342 -17.21 2.05 39.87
C PHE F 342 -15.95 1.22 39.70
N LYS F 343 -16.19 -0.05 39.41
CA LYS F 343 -15.08 -0.98 39.17
C LYS F 343 -14.86 -1.21 37.70
N GLN F 344 -13.63 -1.00 37.22
CA GLN F 344 -13.36 -1.10 35.82
C GLN F 344 -12.80 -2.48 35.55
N TYR F 345 -13.30 -3.21 34.55
CA TYR F 345 -12.64 -4.54 34.25
C TYR F 345 -12.25 -4.64 32.78
N SER F 346 -11.37 -5.60 32.45
CA SER F 346 -11.01 -5.71 31.03
C SER F 346 -11.08 -7.15 30.59
N ARG F 347 -11.83 -7.40 29.51
CA ARG F 347 -12.01 -8.80 29.07
C ARG F 347 -11.82 -8.97 27.59
N HIS F 348 -11.20 -10.09 27.22
CA HIS F 348 -10.99 -10.34 25.80
C HIS F 348 -11.59 -11.63 25.35
N VAL F 349 -12.18 -11.61 24.17
CA VAL F 349 -12.85 -12.80 23.74
C VAL F 349 -12.15 -13.46 22.53
N GLU F 350 -12.28 -14.74 22.25
CA GLU F 350 -11.67 -15.23 21.03
C GLU F 350 -12.58 -16.31 20.42
N GLU F 351 -12.95 -16.29 19.13
CA GLU F 351 -13.89 -17.26 18.61
C GLU F 351 -13.33 -17.98 17.36
N TYR F 352 -13.03 -19.24 17.50
CA TYR F 352 -12.54 -20.02 16.31
C TYR F 352 -13.60 -21.02 15.85
N ASP F 353 -13.37 -21.65 14.70
CA ASP F 353 -14.23 -22.67 14.17
C ASP F 353 -13.29 -23.37 13.14
N LEU F 354 -12.90 -24.62 13.37
CA LEU F 354 -11.99 -25.31 12.42
C LEU F 354 -12.76 -26.19 11.48
N GLN F 355 -12.37 -26.23 10.22
CA GLN F 355 -13.08 -27.09 9.24
C GLN F 355 -12.03 -27.75 8.40
N PHE F 356 -12.36 -28.97 7.95
CA PHE F 356 -11.34 -29.87 7.24
C PHE F 356 -12.02 -30.73 6.24
N ILE F 357 -11.20 -31.21 5.31
CA ILE F 357 -11.68 -32.15 4.37
C ILE F 357 -10.54 -33.10 4.42
N PHE F 358 -10.92 -34.28 4.87
CA PHE F 358 -9.88 -35.35 4.86
C PHE F 358 -10.02 -36.39 3.76
N GLN F 359 -8.87 -36.85 3.28
CA GLN F 359 -8.97 -37.94 2.30
C GLN F 359 -8.53 -39.27 2.98
N LEU F 360 -9.36 -40.32 2.84
CA LEU F 360 -9.03 -41.63 3.36
C LEU F 360 -7.88 -42.27 2.55
N CYS F 361 -6.96 -42.94 3.26
CA CYS F 361 -5.77 -43.38 2.50
C CYS F 361 -5.35 -44.77 2.97
N THR F 362 -4.73 -45.53 2.06
CA THR F 362 -4.19 -46.83 2.47
C THR F 362 -2.65 -46.97 2.37
N ILE F 363 -2.19 -47.84 3.30
CA ILE F 363 -0.74 -48.17 3.30
C ILE F 363 -0.58 -49.61 3.22
N THR F 364 -0.06 -50.10 2.09
CA THR F 364 0.23 -51.56 1.97
C THR F 364 1.52 -51.85 2.76
N LEU F 365 1.34 -52.49 3.91
CA LEU F 365 2.49 -52.83 4.64
C LEU F 365 3.35 -53.99 3.99
N THR F 366 4.55 -53.70 3.55
CA THR F 366 5.45 -54.71 2.99
C THR F 366 6.72 -54.56 3.84
N ALA F 367 7.72 -55.38 3.49
CA ALA F 367 8.95 -55.51 4.29
C ALA F 367 9.60 -54.08 4.51
N ASP F 368 10.19 -53.60 3.41
CA ASP F 368 10.80 -52.25 3.38
C ASP F 368 9.78 -51.23 3.91
N VAL F 369 8.54 -51.34 3.44
CA VAL F 369 7.64 -50.36 3.94
C VAL F 369 7.71 -50.31 5.49
N MET F 370 7.54 -51.45 6.11
CA MET F 370 7.46 -51.36 7.55
C MET F 370 8.73 -50.90 8.20
N SER F 371 9.82 -51.42 7.65
CA SER F 371 11.15 -51.15 8.25
C SER F 371 11.38 -49.57 8.11
N TYR F 372 10.72 -49.01 7.08
CA TYR F 372 10.84 -47.57 6.80
C TYR F 372 10.08 -46.92 7.92
N ILE F 373 8.77 -47.20 7.96
CA ILE F 373 7.91 -46.61 8.96
C ILE F 373 8.49 -46.91 10.34
N GLN F 374 9.26 -48.02 10.34
CA GLN F 374 9.90 -48.44 11.56
C GLN F 374 10.92 -47.40 12.04
N SER F 375 11.68 -46.91 11.06
CA SER F 375 12.79 -45.97 11.35
C SER F 375 12.15 -44.63 11.56
N MET F 376 11.19 -44.27 10.68
CA MET F 376 10.55 -42.97 10.75
C MET F 376 9.96 -42.68 12.12
N ASN F 377 9.04 -43.54 12.55
CA ASN F 377 8.39 -43.37 13.87
C ASN F 377 7.73 -44.69 14.28
N SER F 378 8.51 -45.42 15.07
CA SER F 378 8.12 -46.78 15.49
C SER F 378 6.66 -46.84 16.07
N SER F 379 6.25 -45.76 16.77
CA SER F 379 4.88 -45.67 17.39
C SER F 379 3.68 -45.70 16.36
N ILE F 380 4.04 -45.41 15.10
CA ILE F 380 3.04 -45.45 14.07
C ILE F 380 2.53 -46.90 13.94
N LEU F 381 3.47 -47.87 13.85
CA LEU F 381 3.15 -49.29 13.65
C LEU F 381 2.58 -49.90 14.89
N GLU F 382 3.01 -49.40 16.07
CA GLU F 382 2.56 -49.92 17.34
C GLU F 382 1.09 -49.77 17.50
N ASP F 383 0.60 -48.55 17.27
CA ASP F 383 -0.90 -48.28 17.25
C ASP F 383 -1.78 -49.17 16.33
N TRP F 384 -1.20 -49.63 15.21
CA TRP F 384 -1.84 -50.62 14.35
C TRP F 384 -1.73 -52.06 14.89
N ASN F 385 -1.03 -52.24 16.04
CA ASN F 385 -0.73 -53.53 16.68
C ASN F 385 -0.11 -54.56 15.67
N ASN F 391 -1.88 -46.45 26.57
CA ASN F 391 -0.48 -46.03 26.17
C ASN F 391 -0.02 -44.65 26.72
N LYS F 392 1.32 -44.35 26.67
CA LYS F 392 1.90 -43.01 27.01
C LYS F 392 2.19 -42.13 25.78
N ASP F 393 1.49 -40.95 25.75
CA ASP F 393 1.62 -39.97 24.66
C ASP F 393 2.77 -38.99 24.96
N PRO F 394 3.74 -38.82 24.00
CA PRO F 394 4.93 -37.91 24.18
C PRO F 394 4.56 -36.46 24.39
N TYR F 395 3.32 -36.12 24.21
CA TYR F 395 2.98 -34.74 24.33
C TYR F 395 2.13 -34.47 25.53
N ASP F 396 2.03 -35.44 26.43
CA ASP F 396 1.10 -35.27 27.61
C ASP F 396 1.53 -34.22 28.60
N LYS F 397 2.76 -33.73 28.45
CA LYS F 397 3.21 -32.69 29.35
C LYS F 397 2.82 -31.25 28.93
N LEU F 398 2.50 -31.08 27.63
CA LEU F 398 2.28 -29.77 27.00
C LEU F 398 0.84 -29.32 26.91
N LYS F 399 0.66 -28.00 26.82
CA LYS F 399 -0.69 -27.48 26.76
C LYS F 399 -1.23 -27.27 25.41
N PHE F 400 -2.38 -27.81 25.16
CA PHE F 400 -3.00 -27.72 23.88
C PHE F 400 -4.49 -27.55 24.05
N TRP F 401 -5.17 -27.01 23.07
CA TRP F 401 -6.62 -26.80 23.12
C TRP F 401 -7.12 -28.10 22.42
N ASN F 402 -7.76 -28.97 23.23
CA ASN F 402 -8.10 -30.25 22.62
C ASN F 402 -9.37 -30.04 21.88
N VAL F 403 -9.36 -30.38 20.60
CA VAL F 403 -10.59 -30.52 19.86
C VAL F 403 -10.88 -31.92 19.38
N ASP F 404 -11.87 -32.56 19.99
CA ASP F 404 -12.15 -33.92 19.58
C ASP F 404 -13.12 -34.06 18.32
N LEU F 405 -12.57 -34.53 17.21
CA LEU F 405 -13.45 -34.64 16.07
C LEU F 405 -13.89 -36.06 15.67
N LYS F 406 -13.78 -37.01 16.62
CA LYS F 406 -13.93 -38.47 16.28
C LYS F 406 -15.42 -38.71 15.96
N GLU F 407 -16.25 -37.89 16.62
CA GLU F 407 -17.65 -38.05 16.36
C GLU F 407 -18.10 -37.01 15.32
N LYS F 408 -17.19 -36.40 14.51
CA LYS F 408 -17.65 -35.33 13.58
C LYS F 408 -17.45 -35.57 12.06
N PHE F 409 -16.90 -36.75 11.69
CA PHE F 409 -16.63 -36.92 10.25
C PHE F 409 -17.90 -37.16 9.48
N SER F 410 -18.06 -36.66 8.25
CA SER F 410 -19.32 -36.84 7.52
C SER F 410 -19.04 -37.22 6.07
N LEU F 411 -19.87 -37.96 5.37
CA LEU F 411 -19.45 -38.32 4.01
C LEU F 411 -20.02 -37.46 2.94
N ASP F 412 -21.00 -36.61 3.34
CA ASP F 412 -21.75 -35.84 2.36
C ASP F 412 -21.27 -34.40 2.54
N LEU F 413 -20.19 -34.17 1.79
CA LEU F 413 -19.52 -32.90 1.91
C LEU F 413 -20.58 -31.86 1.59
N ASP F 414 -21.45 -32.19 0.63
CA ASP F 414 -22.47 -31.33 0.16
C ASP F 414 -23.26 -30.65 1.26
N GLN F 415 -23.29 -31.29 2.41
CA GLN F 415 -23.97 -30.70 3.60
C GLN F 415 -23.29 -29.66 4.40
N TYR F 416 -22.06 -29.38 4.04
CA TYR F 416 -21.22 -28.40 4.75
C TYR F 416 -20.54 -27.28 3.91
N PRO F 417 -20.39 -26.04 4.46
CA PRO F 417 -19.75 -24.93 3.70
C PRO F 417 -18.41 -25.40 3.04
N LEU F 418 -17.44 -25.86 3.91
CA LEU F 418 -16.13 -26.18 3.38
C LEU F 418 -16.30 -27.31 2.37
N GLY F 419 -17.35 -28.04 2.61
CA GLY F 419 -17.61 -29.15 1.74
C GLY F 419 -18.03 -28.82 0.33
N ARG F 420 -19.03 -27.98 0.24
CA ARG F 420 -19.50 -27.60 -1.03
C ARG F 420 -18.37 -26.84 -1.81
N LYS F 421 -17.70 -25.88 -1.14
CA LYS F 421 -16.55 -25.22 -1.76
C LYS F 421 -15.57 -26.30 -2.27
N PHE F 422 -15.31 -27.35 -1.46
CA PHE F 422 -14.42 -28.44 -1.87
C PHE F 422 -14.83 -29.14 -3.15
N LEU F 423 -16.14 -29.24 -3.27
CA LEU F 423 -16.75 -29.88 -4.40
C LEU F 423 -16.70 -29.02 -5.62
N VAL F 424 -16.79 -27.70 -5.44
CA VAL F 424 -16.63 -26.84 -6.62
C VAL F 424 -15.20 -27.03 -7.17
N GLN F 425 -14.21 -26.84 -6.30
CA GLN F 425 -12.81 -26.88 -6.73
C GLN F 425 -12.49 -28.23 -7.38
N ALA F 426 -13.31 -29.20 -7.00
CA ALA F 426 -13.07 -30.54 -7.53
C ALA F 426 -13.64 -30.66 -8.94
N GLY F 427 -14.44 -29.64 -9.33
CA GLY F 427 -15.10 -29.68 -10.65
C GLY F 427 -16.61 -30.06 -10.57
N LEU F 428 -16.96 -31.22 -9.96
CA LEU F 428 -18.41 -31.63 -9.82
C LEU F 428 -19.28 -30.77 -8.85
N ALA G 1 -31.28 -35.19 4.70
CA ALA G 1 -30.27 -34.46 3.75
C ALA G 1 -30.85 -33.29 2.99
N VAL G 2 -30.25 -32.08 3.05
CA VAL G 2 -30.78 -30.86 2.42
C VAL G 2 -30.26 -30.74 1.05
N VAL G 3 -31.10 -30.26 0.20
CA VAL G 3 -30.61 -30.24 -1.13
C VAL G 3 -30.43 -28.94 -1.85
N ASN G 4 -29.47 -28.87 -2.78
CA ASN G 4 -29.37 -27.70 -3.63
C ASN G 4 -30.70 -27.41 -4.32
N THR G 5 -31.15 -26.16 -4.23
CA THR G 5 -32.38 -25.78 -4.89
C THR G 5 -32.38 -26.06 -6.45
N ASP G 6 -31.18 -26.03 -7.08
CA ASP G 6 -31.09 -26.33 -8.50
C ASP G 6 -31.67 -27.65 -8.83
N ASP G 7 -31.64 -28.58 -7.86
CA ASP G 7 -32.28 -29.89 -8.02
C ASP G 7 -33.79 -29.97 -8.16
N TYR G 8 -34.49 -29.06 -7.49
CA TYR G 8 -35.95 -29.00 -7.62
C TYR G 8 -36.58 -27.66 -8.10
N VAL G 9 -35.75 -26.77 -8.66
CA VAL G 9 -36.29 -25.50 -9.07
C VAL G 9 -35.72 -25.20 -10.38
N THR G 10 -36.56 -25.22 -11.36
CA THR G 10 -36.10 -25.06 -12.75
C THR G 10 -36.21 -23.59 -13.11
N ARG G 11 -35.16 -23.13 -13.81
CA ARG G 11 -35.16 -21.70 -14.19
C ARG G 11 -35.72 -21.51 -15.54
N THR G 12 -36.38 -20.43 -15.74
CA THR G 12 -36.92 -20.11 -17.07
C THR G 12 -35.97 -19.13 -17.71
N SER G 13 -36.34 -18.50 -18.78
CA SER G 13 -35.45 -17.54 -19.34
C SER G 13 -36.22 -16.23 -19.27
N ILE G 14 -37.04 -16.09 -18.25
CA ILE G 14 -37.79 -14.85 -18.19
C ILE G 14 -37.16 -14.08 -17.10
N PHE G 15 -36.75 -12.88 -17.43
CA PHE G 15 -36.17 -12.06 -16.35
C PHE G 15 -36.86 -10.73 -16.21
N TYR G 16 -37.04 -10.32 -14.95
CA TYR G 16 -37.67 -9.02 -14.66
C TYR G 16 -36.71 -8.15 -13.88
N HIS G 17 -36.96 -6.85 -14.05
CA HIS G 17 -36.15 -5.87 -13.37
C HIS G 17 -37.08 -5.31 -12.31
N ALA G 18 -36.57 -4.80 -11.22
CA ALA G 18 -37.49 -4.32 -10.17
C ALA G 18 -36.65 -3.29 -9.38
N GLY G 19 -37.21 -2.11 -9.00
CA GLY G 19 -36.36 -1.18 -8.32
C GLY G 19 -37.10 -0.27 -7.38
N SER G 20 -36.70 -0.11 -6.10
CA SER G 20 -37.20 0.97 -5.22
C SER G 20 -37.00 2.28 -5.91
N SER G 21 -37.82 3.21 -5.56
CA SER G 21 -37.73 4.53 -6.18
C SER G 21 -36.44 5.14 -5.67
N ARG G 22 -36.47 5.88 -4.55
CA ARG G 22 -35.26 6.40 -3.97
C ARG G 22 -35.50 6.45 -2.54
N LEU G 23 -35.01 5.46 -1.84
CA LEU G 23 -35.14 5.51 -0.40
C LEU G 23 -34.35 6.68 0.25
N LEU G 24 -34.75 7.30 1.38
CA LEU G 24 -34.06 8.45 1.86
C LEU G 24 -34.50 8.62 3.27
N THR G 25 -33.70 9.24 4.11
CA THR G 25 -34.09 9.37 5.51
C THR G 25 -33.12 10.26 6.25
N VAL G 26 -33.64 11.18 7.01
CA VAL G 26 -32.73 12.07 7.71
C VAL G 26 -33.06 12.18 9.12
N GLY G 27 -32.10 12.45 10.03
CA GLY G 27 -32.38 12.43 11.45
C GLY G 27 -31.22 12.94 12.26
N ASP G 28 -31.30 12.76 13.57
CA ASP G 28 -30.24 13.24 14.41
C ASP G 28 -29.37 11.96 14.48
N PRO G 29 -28.07 12.14 14.36
CA PRO G 29 -27.11 11.05 14.33
C PRO G 29 -26.80 10.33 15.60
N TYR G 30 -27.16 10.98 16.71
CA TYR G 30 -26.73 10.48 18.01
C TYR G 30 -27.85 9.90 18.80
N PHE G 31 -29.05 10.47 18.59
CA PHE G 31 -30.23 9.95 19.32
C PHE G 31 -31.55 10.48 18.81
N ARG G 32 -32.69 9.81 19.06
CA ARG G 32 -33.95 10.44 18.56
C ARG G 32 -34.33 11.60 19.42
N VAL G 33 -34.90 12.62 18.78
CA VAL G 33 -35.30 13.80 19.51
C VAL G 33 -36.81 13.63 19.74
N PRO G 34 -37.26 13.47 21.01
CA PRO G 34 -38.68 13.17 21.27
C PRO G 34 -39.51 14.29 20.62
N ALA G 35 -40.63 13.83 20.06
CA ALA G 35 -41.54 14.62 19.26
C ALA G 35 -42.06 15.97 19.83
N GLY G 36 -42.31 16.88 18.86
CA GLY G 36 -42.83 18.24 19.09
C GLY G 36 -42.41 19.13 20.28
N GLY G 37 -41.32 18.80 21.02
CA GLY G 37 -40.74 19.76 22.04
C GLY G 37 -40.72 21.19 21.40
N GLY G 38 -39.85 21.35 20.39
CA GLY G 38 -39.70 22.63 19.65
C GLY G 38 -40.65 22.49 18.48
N ASN G 39 -40.40 21.51 17.65
CA ASN G 39 -41.20 21.40 16.46
C ASN G 39 -41.73 19.97 16.12
N LYS G 40 -43.06 19.92 16.14
CA LYS G 40 -43.92 18.75 15.88
C LYS G 40 -43.32 17.56 15.13
N GLN G 41 -43.62 16.37 15.68
CA GLN G 41 -43.12 15.10 15.18
C GLN G 41 -41.68 14.72 15.56
N ASP G 42 -41.47 13.44 15.84
CA ASP G 42 -40.17 12.87 16.20
C ASP G 42 -39.08 13.09 15.18
N ILE G 43 -37.83 13.26 15.64
CA ILE G 43 -36.66 13.28 14.73
C ILE G 43 -35.97 11.95 15.00
N PRO G 44 -36.00 11.10 14.01
CA PRO G 44 -35.54 9.75 14.16
C PRO G 44 -33.99 9.72 14.35
N LYS G 45 -33.45 8.56 14.82
CA LYS G 45 -31.98 8.49 15.01
C LYS G 45 -31.46 7.88 13.79
N VAL G 46 -31.01 8.79 12.92
CA VAL G 46 -30.37 8.38 11.64
C VAL G 46 -28.85 8.39 11.62
N SER G 47 -28.19 7.29 11.88
CA SER G 47 -26.73 7.30 11.87
C SER G 47 -26.08 6.47 10.78
N ALA G 48 -24.83 6.72 10.48
CA ALA G 48 -24.28 5.96 9.39
C ALA G 48 -23.82 4.67 9.95
N TYR G 49 -23.76 4.60 11.26
CA TYR G 49 -23.26 3.41 11.86
C TYR G 49 -24.31 2.45 12.25
N GLN G 50 -25.39 2.36 11.44
CA GLN G 50 -26.42 1.45 11.85
C GLN G 50 -26.84 0.53 10.76
N TYR G 51 -27.15 -0.76 11.06
CA TYR G 51 -27.51 -1.63 9.97
C TYR G 51 -28.78 -1.05 9.19
N ARG G 52 -28.79 -1.00 7.87
CA ARG G 52 -30.05 -0.72 7.16
C ARG G 52 -30.60 -2.07 6.74
N VAL G 53 -31.83 -2.42 7.14
CA VAL G 53 -32.22 -3.81 6.67
C VAL G 53 -33.46 -3.57 5.86
N PHE G 54 -33.41 -3.81 4.56
CA PHE G 54 -34.61 -3.65 3.75
C PHE G 54 -35.28 -4.96 3.61
N ARG G 55 -36.58 -4.92 3.83
CA ARG G 55 -37.40 -6.06 3.52
C ARG G 55 -38.09 -5.75 2.22
N VAL G 56 -37.67 -6.51 1.19
CA VAL G 56 -38.18 -6.26 -0.10
C VAL G 56 -39.29 -7.20 -0.43
N GLN G 57 -40.50 -6.61 -0.57
CA GLN G 57 -41.70 -7.34 -0.89
C GLN G 57 -41.87 -7.51 -2.42
N LEU G 58 -41.77 -8.78 -2.83
CA LEU G 58 -41.98 -9.11 -4.27
C LEU G 58 -43.42 -9.51 -4.59
N PRO G 59 -43.90 -9.30 -5.86
CA PRO G 59 -45.22 -9.75 -6.18
C PRO G 59 -45.25 -11.28 -6.20
N ASP G 60 -46.45 -11.79 -5.93
CA ASP G 60 -46.60 -13.22 -5.97
C ASP G 60 -46.67 -13.62 -7.45
N PRO G 61 -45.64 -14.39 -7.89
CA PRO G 61 -45.52 -14.75 -9.26
C PRO G 61 -46.65 -15.67 -9.71
N ASN G 62 -47.35 -16.37 -8.84
CA ASN G 62 -48.48 -17.16 -9.32
C ASN G 62 -49.74 -16.20 -9.53
N LYS G 63 -50.22 -15.52 -8.48
CA LYS G 63 -51.37 -14.62 -8.63
C LYS G 63 -50.94 -13.41 -9.45
N PHE G 64 -49.95 -13.59 -10.35
CA PHE G 64 -49.38 -12.47 -11.15
C PHE G 64 -49.76 -12.68 -12.62
N GLY G 65 -49.87 -11.50 -13.31
CA GLY G 65 -49.99 -11.51 -14.78
C GLY G 65 -48.66 -11.80 -15.56
N LEU G 66 -48.46 -13.04 -16.05
CA LEU G 66 -47.30 -13.32 -16.91
C LEU G 66 -47.46 -12.85 -18.41
N PRO G 67 -46.29 -12.72 -19.15
CA PRO G 67 -46.32 -12.32 -20.63
C PRO G 67 -47.04 -13.44 -21.50
N ASP G 68 -47.15 -14.63 -20.86
CA ASP G 68 -47.55 -15.91 -21.41
C ASP G 68 -47.70 -16.84 -20.20
N THR G 69 -48.97 -16.97 -19.75
CA THR G 69 -49.33 -17.91 -18.66
C THR G 69 -49.40 -19.34 -19.24
N SER G 70 -48.41 -19.71 -20.08
CA SER G 70 -48.28 -21.09 -20.56
C SER G 70 -46.76 -21.31 -20.50
N ILE G 71 -46.16 -20.94 -19.31
CA ILE G 71 -44.73 -21.21 -18.99
C ILE G 71 -44.67 -22.40 -17.98
N TYR G 72 -45.88 -22.64 -17.40
CA TYR G 72 -46.08 -23.75 -16.50
C TYR G 72 -47.54 -24.24 -16.52
N ASN G 73 -47.74 -25.46 -16.01
CA ASN G 73 -49.09 -25.90 -15.74
C ASN G 73 -49.43 -25.70 -14.25
N PRO G 74 -50.27 -24.70 -13.97
CA PRO G 74 -50.77 -24.37 -12.59
C PRO G 74 -51.50 -25.57 -11.86
N GLU G 75 -51.26 -26.78 -12.42
CA GLU G 75 -51.98 -27.93 -11.83
C GLU G 75 -50.90 -28.75 -11.13
N THR G 76 -49.77 -28.87 -11.84
CA THR G 76 -48.63 -29.62 -11.28
C THR G 76 -47.35 -28.84 -10.77
N GLN G 77 -47.26 -27.54 -11.22
CA GLN G 77 -46.22 -26.55 -10.75
C GLN G 77 -46.59 -25.16 -10.12
N ARG G 78 -45.63 -24.64 -9.41
CA ARG G 78 -45.83 -23.35 -8.95
C ARG G 78 -44.63 -22.50 -9.41
N LEU G 79 -44.81 -21.19 -9.24
CA LEU G 79 -43.73 -20.26 -9.51
C LEU G 79 -43.01 -19.59 -8.25
N VAL G 80 -41.65 -19.41 -8.42
CA VAL G 80 -40.81 -18.76 -7.45
C VAL G 80 -39.96 -17.72 -8.12
N TRP G 81 -39.69 -16.63 -7.39
CA TRP G 81 -38.73 -15.65 -7.93
C TRP G 81 -37.31 -16.03 -7.46
N ALA G 82 -36.38 -16.08 -8.40
CA ALA G 82 -34.93 -16.24 -8.03
C ALA G 82 -34.19 -14.88 -8.29
N CYS G 83 -33.42 -14.44 -7.30
CA CYS G 83 -32.57 -13.27 -7.44
C CYS G 83 -31.38 -13.52 -8.39
N ALA G 84 -31.09 -12.55 -9.25
CA ALA G 84 -30.07 -12.83 -10.24
C ALA G 84 -29.08 -11.68 -10.42
N GLY G 85 -29.33 -10.58 -9.72
CA GLY G 85 -28.45 -9.46 -9.88
C GLY G 85 -28.93 -8.38 -8.92
N VAL G 86 -27.94 -7.71 -8.30
CA VAL G 86 -28.25 -6.66 -7.35
C VAL G 86 -27.44 -5.42 -7.58
N GLU G 87 -27.92 -4.27 -7.11
CA GLU G 87 -27.06 -3.17 -7.18
C GLU G 87 -27.55 -2.23 -6.05
N ILE G 88 -26.84 -2.08 -4.88
CA ILE G 88 -27.33 -1.15 -3.87
C ILE G 88 -26.81 0.24 -4.24
N GLY G 89 -27.69 1.07 -4.78
CA GLY G 89 -27.30 2.44 -5.15
C GLY G 89 -27.03 3.36 -3.93
N ARG G 90 -25.93 4.11 -3.91
CA ARG G 90 -25.80 4.95 -2.70
C ARG G 90 -25.73 6.40 -3.08
N GLY G 91 -26.27 7.23 -2.21
CA GLY G 91 -26.61 8.61 -2.58
C GLY G 91 -25.63 9.73 -2.32
N GLN G 92 -25.55 10.17 -1.07
CA GLN G 92 -24.72 11.39 -0.94
C GLN G 92 -23.27 11.16 -1.22
N PRO G 93 -22.43 12.18 -1.09
CA PRO G 93 -20.97 12.05 -1.37
C PRO G 93 -20.16 11.44 -0.24
N LEU G 94 -18.99 10.95 -0.57
CA LEU G 94 -18.17 10.23 0.44
C LEU G 94 -17.86 11.21 1.53
N GLY G 95 -17.81 10.70 2.75
CA GLY G 95 -17.51 11.64 3.75
C GLY G 95 -17.12 11.11 5.13
N VAL G 96 -16.63 11.98 6.06
CA VAL G 96 -16.35 11.48 7.42
C VAL G 96 -17.04 12.29 8.46
N GLY G 97 -17.19 11.64 9.62
CA GLY G 97 -17.90 12.26 10.71
C GLY G 97 -17.60 11.69 12.10
N LEU G 98 -17.64 12.58 13.11
CA LEU G 98 -17.40 12.14 14.44
C LEU G 98 -18.62 11.81 15.29
N SER G 99 -18.33 11.04 16.33
CA SER G 99 -19.34 10.72 17.40
C SER G 99 -18.60 11.00 18.67
N GLY G 100 -19.32 11.52 19.66
CA GLY G 100 -18.68 12.05 20.84
C GLY G 100 -19.54 11.74 22.05
N HIS G 101 -18.97 12.08 23.17
CA HIS G 101 -19.71 12.01 24.42
C HIS G 101 -19.24 13.22 25.25
N PRO G 102 -20.19 13.99 25.82
CA PRO G 102 -19.84 15.16 26.68
C PRO G 102 -19.05 14.66 27.93
N PHE G 103 -19.12 13.42 28.37
CA PHE G 103 -18.32 13.08 29.63
C PHE G 103 -17.59 11.78 29.45
N TYR G 104 -16.92 11.71 28.29
CA TYR G 104 -16.14 10.52 27.99
C TYR G 104 -15.26 10.11 29.21
N ASN G 105 -15.18 8.81 29.52
CA ASN G 105 -14.34 8.38 30.65
C ASN G 105 -12.95 8.12 30.21
N LYS G 106 -12.24 9.17 30.07
CA LYS G 106 -10.88 9.07 29.63
C LYS G 106 -10.04 9.54 30.82
N LEU G 107 -9.29 8.67 31.51
CA LEU G 107 -8.46 9.14 32.66
C LEU G 107 -7.33 10.06 32.13
N ASP G 108 -6.38 9.48 31.43
CA ASP G 108 -5.34 10.24 30.79
C ASP G 108 -4.66 9.49 29.67
N ASP G 109 -3.87 10.26 28.93
CA ASP G 109 -3.14 9.85 27.70
C ASP G 109 -1.94 9.00 28.07
N THR G 110 -2.10 7.70 27.88
CA THR G 110 -1.04 6.73 28.18
C THR G 110 -0.25 6.35 26.95
N GLU G 111 -0.29 7.27 25.96
CA GLU G 111 0.38 7.03 24.68
C GLU G 111 1.80 7.39 24.90
N SER G 112 1.99 8.59 25.45
CA SER G 112 3.28 9.21 25.69
C SER G 112 3.07 10.46 26.55
N SER G 113 2.09 10.47 27.48
CA SER G 113 2.02 11.57 28.48
C SER G 113 3.45 12.06 28.81
N HIS G 114 3.55 13.41 28.88
CA HIS G 114 4.82 14.16 29.07
C HIS G 114 5.58 13.67 30.32
N ALA G 115 4.79 13.19 31.29
CA ALA G 115 5.31 12.67 32.55
C ALA G 115 4.14 11.91 33.16
N ALA G 116 4.10 12.00 34.49
CA ALA G 116 2.97 11.49 35.32
C ALA G 116 1.62 12.21 34.96
N THR G 117 0.56 11.74 35.64
CA THR G 117 -0.79 12.26 35.35
C THR G 117 -1.58 12.76 36.61
N SER G 118 -2.75 13.40 36.35
CA SER G 118 -3.70 13.96 37.32
C SER G 118 -4.02 13.02 38.49
N ASN G 119 -4.51 13.62 39.59
CA ASN G 119 -5.18 13.02 40.83
C ASN G 119 -6.61 12.35 40.58
N VAL G 120 -6.66 11.02 40.80
CA VAL G 120 -7.84 10.14 40.51
C VAL G 120 -8.79 10.40 41.61
N SER G 121 -9.00 11.68 41.82
CA SER G 121 -9.81 11.94 42.89
C SER G 121 -11.11 11.65 42.34
N GLU G 122 -11.61 12.25 41.29
CA GLU G 122 -12.95 11.89 41.54
C GLU G 122 -14.06 11.99 40.60
N ASP G 123 -13.74 12.85 39.64
CA ASP G 123 -14.43 13.23 38.43
C ASP G 123 -13.38 14.01 37.69
N VAL G 124 -12.97 13.39 36.59
CA VAL G 124 -12.09 13.92 35.54
C VAL G 124 -12.60 13.55 34.05
N ARG G 125 -13.90 13.35 33.82
CA ARG G 125 -14.28 13.08 32.44
C ARG G 125 -14.17 14.38 31.54
N ASP G 126 -13.94 14.17 30.22
CA ASP G 126 -13.71 15.24 29.21
C ASP G 126 -14.55 15.00 27.98
N ASN G 127 -14.78 16.07 27.26
CA ASN G 127 -15.62 15.91 26.11
C ASN G 127 -14.77 15.49 24.96
N VAL G 128 -14.94 14.25 24.51
CA VAL G 128 -14.16 13.74 23.35
C VAL G 128 -14.99 13.21 22.23
N SER G 129 -14.49 13.28 21.01
CA SER G 129 -15.27 12.81 19.88
C SER G 129 -14.35 11.80 19.14
N VAL G 130 -14.79 11.15 18.07
CA VAL G 130 -13.92 10.14 17.50
C VAL G 130 -14.55 9.64 16.20
N ASP G 131 -13.79 9.51 15.11
CA ASP G 131 -14.41 8.88 13.90
C ASP G 131 -14.33 7.43 14.04
N TYR G 132 -15.47 6.81 13.93
CA TYR G 132 -15.44 5.27 14.16
C TYR G 132 -14.70 4.43 13.10
N LYS G 133 -14.59 3.14 13.35
CA LYS G 133 -14.04 2.22 12.38
C LYS G 133 -14.86 2.26 11.11
N GLN G 134 -14.24 1.89 9.99
CA GLN G 134 -14.92 2.09 8.74
C GLN G 134 -15.35 0.71 8.28
N THR G 135 -16.63 0.59 8.02
CA THR G 135 -17.15 -0.69 7.59
C THR G 135 -18.11 -0.56 6.40
N GLN G 136 -18.22 -1.69 5.67
CA GLN G 136 -19.05 -1.75 4.47
C GLN G 136 -19.52 -3.17 4.38
N LEU G 137 -20.81 -3.37 4.53
CA LEU G 137 -21.15 -4.70 4.30
C LEU G 137 -22.48 -4.79 3.72
N CYS G 138 -22.74 -5.91 3.03
CA CYS G 138 -24.04 -6.13 2.42
C CYS G 138 -24.37 -7.61 2.40
N ILE G 139 -25.59 -7.95 2.77
CA ILE G 139 -26.02 -9.31 2.74
C ILE G 139 -27.39 -9.59 2.11
N LEU G 140 -27.51 -10.64 1.29
CA LEU G 140 -28.82 -10.91 0.71
C LEU G 140 -29.26 -12.26 1.09
N GLY G 141 -30.56 -12.35 1.39
CA GLY G 141 -31.16 -13.72 1.63
C GLY G 141 -32.69 -13.58 1.72
N CYS G 142 -33.35 -14.75 1.87
CA CYS G 142 -34.83 -14.63 1.91
C CYS G 142 -35.26 -14.85 3.27
N ALA G 143 -34.41 -14.47 4.15
CA ALA G 143 -34.74 -14.50 5.60
C ALA G 143 -33.77 -13.55 6.28
N PRO G 144 -34.20 -12.76 7.23
CA PRO G 144 -33.29 -11.78 7.74
C PRO G 144 -31.95 -12.42 8.28
N ALA G 145 -30.91 -11.60 8.38
CA ALA G 145 -29.59 -12.15 8.71
C ALA G 145 -29.38 -12.21 10.21
N ILE G 146 -28.46 -13.08 10.64
CA ILE G 146 -28.23 -13.17 12.04
C ILE G 146 -27.01 -12.44 12.53
N GLY G 147 -27.13 -11.72 13.64
CA GLY G 147 -25.93 -11.03 14.21
C GLY G 147 -25.55 -11.55 15.58
N GLU G 148 -24.38 -11.19 16.10
CA GLU G 148 -23.87 -11.72 17.35
C GLU G 148 -23.36 -10.58 18.26
N HIS G 149 -23.51 -10.72 19.58
CA HIS G 149 -22.90 -9.77 20.47
C HIS G 149 -22.84 -10.26 21.85
N TRP G 150 -21.99 -9.63 22.66
CA TRP G 150 -21.75 -10.13 24.01
C TRP G 150 -22.69 -9.37 24.89
N ALA G 151 -23.38 -10.16 25.76
CA ALA G 151 -24.27 -9.61 26.82
C ALA G 151 -23.98 -10.12 28.18
N LYS G 152 -24.68 -9.48 29.13
CA LYS G 152 -24.50 -9.82 30.51
C LYS G 152 -25.11 -11.19 30.77
N GLY G 153 -24.25 -12.15 31.21
CA GLY G 153 -24.61 -13.59 31.48
C GLY G 153 -25.76 -13.59 32.51
N THR G 154 -26.73 -14.52 32.38
CA THR G 154 -27.81 -14.68 33.41
C THR G 154 -27.16 -15.04 34.74
N ALA G 155 -27.61 -14.33 35.80
CA ALA G 155 -26.98 -14.50 37.18
C ALA G 155 -27.42 -15.85 37.71
N SER G 156 -26.45 -16.76 37.97
CA SER G 156 -26.81 -18.08 38.59
C SER G 156 -27.51 -17.92 39.98
N LYS G 157 -28.38 -18.91 40.22
CA LYS G 157 -29.21 -19.01 41.44
C LYS G 157 -28.37 -19.74 42.55
N SER G 158 -27.59 -20.75 42.11
CA SER G 158 -26.54 -21.47 42.97
C SER G 158 -25.41 -20.52 43.52
N ARG G 159 -24.86 -19.71 42.61
CA ARG G 159 -23.83 -18.74 42.98
C ARG G 159 -24.20 -17.27 42.62
N PRO G 160 -24.93 -16.55 43.57
CA PRO G 160 -25.37 -15.15 43.23
C PRO G 160 -24.11 -14.27 43.11
N LEU G 161 -24.33 -13.12 42.46
CA LEU G 161 -23.26 -12.14 42.17
C LEU G 161 -23.28 -10.86 42.99
N SER G 162 -22.34 -10.74 43.93
CA SER G 162 -22.24 -9.52 44.74
C SER G 162 -22.16 -8.25 43.85
N GLN G 163 -22.93 -7.20 44.11
CA GLN G 163 -22.89 -5.98 43.29
C GLN G 163 -21.47 -5.46 43.16
N GLY G 164 -21.04 -4.99 41.97
CA GLY G 164 -19.59 -4.55 41.89
C GLY G 164 -18.73 -5.55 41.15
N ASP G 165 -18.93 -6.82 41.40
CA ASP G 165 -18.19 -7.82 40.67
C ASP G 165 -18.45 -7.84 39.19
N CYS G 166 -17.41 -8.20 38.42
CA CYS G 166 -17.60 -8.34 37.00
C CYS G 166 -18.48 -9.56 36.68
N PRO G 167 -19.54 -9.37 35.90
CA PRO G 167 -20.46 -10.49 35.43
C PRO G 167 -19.81 -11.40 34.38
N PRO G 168 -20.43 -12.57 34.13
CA PRO G 168 -19.85 -13.40 33.07
C PRO G 168 -20.53 -12.96 31.69
N LEU G 169 -19.73 -13.08 30.58
CA LEU G 169 -20.26 -12.57 29.31
C LEU G 169 -20.90 -13.75 28.59
N GLU G 170 -22.03 -13.51 27.89
CA GLU G 170 -22.53 -14.53 27.02
C GLU G 170 -22.73 -14.06 25.63
N LEU G 171 -22.42 -14.98 24.70
CA LEU G 171 -22.52 -14.55 23.31
C LEU G 171 -23.94 -14.72 22.91
N LYS G 172 -24.67 -13.67 22.57
CA LYS G 172 -26.07 -13.92 22.05
C LYS G 172 -26.31 -13.78 20.58
N ASN G 173 -27.11 -14.66 19.99
CA ASN G 173 -27.45 -14.57 18.58
C ASN G 173 -28.77 -13.80 18.44
N THR G 174 -28.94 -13.02 17.42
CA THR G 174 -30.08 -12.17 17.34
C THR G 174 -30.35 -11.73 15.87
N VAL G 175 -31.58 -11.40 15.54
CA VAL G 175 -31.79 -10.90 14.20
C VAL G 175 -31.43 -9.49 14.03
N LEU G 176 -30.75 -9.24 12.94
CA LEU G 176 -30.33 -7.84 12.64
C LEU G 176 -31.46 -6.93 12.11
N GLU G 177 -31.94 -6.00 12.88
CA GLU G 177 -33.04 -5.30 12.32
C GLU G 177 -32.65 -3.95 11.92
N ASP G 178 -33.36 -3.31 11.03
CA ASP G 178 -32.92 -1.97 10.58
C ASP G 178 -32.81 -1.10 11.85
N GLY G 179 -31.66 -0.44 12.05
CA GLY G 179 -31.41 0.53 13.17
C GLY G 179 -30.41 0.00 14.18
N ASP G 180 -30.19 -1.32 14.17
CA ASP G 180 -29.17 -1.80 15.07
C ASP G 180 -27.80 -1.15 14.72
N MET G 181 -26.98 -0.87 15.77
CA MET G 181 -25.66 -0.38 15.65
C MET G 181 -24.65 -1.47 15.24
N VAL G 182 -23.65 -1.03 14.49
CA VAL G 182 -22.61 -1.97 14.14
C VAL G 182 -21.34 -1.83 15.04
N ASP G 183 -20.42 -2.81 15.00
CA ASP G 183 -19.23 -2.60 15.71
C ASP G 183 -18.64 -1.28 15.26
N THR G 184 -18.35 -0.38 16.17
CA THR G 184 -17.67 0.86 15.76
C THR G 184 -16.18 0.93 16.11
N GLY G 185 -15.68 -0.16 16.65
CA GLY G 185 -14.30 -0.26 17.08
C GLY G 185 -14.14 -0.34 18.56
N TYR G 186 -15.25 -0.47 19.29
CA TYR G 186 -15.21 -0.69 20.72
C TYR G 186 -15.85 -2.03 21.01
N GLY G 187 -16.03 -2.86 19.98
CA GLY G 187 -16.44 -4.28 20.30
C GLY G 187 -17.92 -4.36 19.96
N ALA G 188 -18.34 -5.61 19.75
CA ALA G 188 -19.78 -5.84 19.57
C ALA G 188 -20.39 -6.28 20.84
N MET G 189 -20.97 -5.35 21.54
CA MET G 189 -21.51 -5.77 22.85
C MET G 189 -22.71 -4.95 23.25
N ASP G 190 -23.23 -5.26 24.43
CA ASP G 190 -24.42 -4.48 24.91
C ASP G 190 -23.97 -3.38 25.96
N PHE G 191 -23.56 -2.21 25.43
CA PHE G 191 -22.96 -1.20 26.30
C PHE G 191 -23.89 -0.69 27.37
N SER G 192 -25.22 -0.72 27.07
CA SER G 192 -26.24 -0.34 28.03
C SER G 192 -26.25 -1.26 29.23
N THR G 193 -26.02 -2.56 29.05
CA THR G 193 -26.06 -3.44 30.19
C THR G 193 -24.72 -3.77 30.76
N LEU G 194 -23.60 -3.51 30.02
CA LEU G 194 -22.27 -3.93 30.53
C LEU G 194 -21.46 -2.80 31.15
N GLN G 195 -21.89 -1.61 30.84
CA GLN G 195 -21.17 -0.45 31.32
C GLN G 195 -22.18 0.52 32.02
N ASP G 196 -22.08 0.51 33.37
CA ASP G 196 -23.00 1.21 34.25
C ASP G 196 -22.74 2.64 34.13
N THR G 197 -21.50 3.01 33.79
CA THR G 197 -21.12 4.44 33.67
C THR G 197 -21.88 5.33 32.66
N LYS G 198 -22.20 4.77 31.49
CA LYS G 198 -22.84 5.53 30.38
C LYS G 198 -21.81 6.55 29.85
N CYS G 199 -20.51 6.32 30.03
CA CYS G 199 -19.56 7.29 29.55
C CYS G 199 -18.34 6.66 29.11
N GLU G 200 -18.52 5.38 28.76
CA GLU G 200 -17.40 4.59 28.18
C GLU G 200 -17.17 4.74 26.69
N VAL G 201 -18.22 5.02 25.96
CA VAL G 201 -18.14 5.27 24.57
C VAL G 201 -19.02 6.44 24.12
N PRO G 202 -18.94 6.75 22.85
CA PRO G 202 -19.68 7.92 22.43
C PRO G 202 -21.16 7.71 22.50
N LEU G 203 -21.89 8.81 22.56
CA LEU G 203 -23.34 8.83 22.73
C LEU G 203 -24.17 7.96 21.83
N ASP G 204 -23.79 7.82 20.59
CA ASP G 204 -24.69 7.04 19.74
C ASP G 204 -24.68 5.53 19.96
N ILE G 205 -23.81 5.04 20.80
CA ILE G 205 -23.74 3.59 21.00
C ILE G 205 -23.67 3.34 22.46
N CYS G 206 -23.57 4.47 23.15
CA CYS G 206 -23.38 4.59 24.55
C CYS G 206 -24.40 3.78 25.35
N GLN G 207 -25.67 3.78 24.86
CA GLN G 207 -26.72 2.97 25.50
C GLN G 207 -27.30 1.96 24.55
N SER G 208 -26.50 1.39 23.63
CA SER G 208 -27.10 0.54 22.64
C SER G 208 -26.37 -0.74 22.58
N ILE G 209 -26.81 -1.54 21.60
CA ILE G 209 -26.07 -2.76 21.34
C ILE G 209 -25.39 -2.75 19.98
N CYS G 210 -24.12 -2.99 19.96
CA CYS G 210 -23.50 -3.08 18.66
C CYS G 210 -23.36 -4.57 18.31
N LYS G 211 -23.86 -4.95 17.13
CA LYS G 211 -23.83 -6.41 16.79
C LYS G 211 -22.97 -6.49 15.62
N TYR G 212 -22.48 -7.70 15.31
CA TYR G 212 -21.67 -7.90 14.12
C TYR G 212 -22.20 -9.13 13.45
N PRO G 213 -22.36 -9.15 12.18
CA PRO G 213 -22.82 -10.32 11.48
C PRO G 213 -22.25 -11.60 11.96
N ASP G 214 -23.17 -12.52 12.24
CA ASP G 214 -22.63 -13.78 12.66
C ASP G 214 -22.32 -14.72 11.42
N TYR G 215 -21.32 -14.30 10.64
CA TYR G 215 -21.03 -14.98 9.43
C TYR G 215 -20.77 -16.45 9.65
N LEU G 216 -20.18 -16.88 10.78
CA LEU G 216 -19.82 -18.30 10.95
C LEU G 216 -21.13 -19.09 10.99
N GLN G 217 -22.06 -18.54 11.79
CA GLN G 217 -23.31 -19.15 12.03
C GLN G 217 -24.18 -19.28 10.75
N MET G 218 -24.27 -18.20 9.96
CA MET G 218 -25.01 -18.23 8.74
C MET G 218 -24.41 -19.11 7.65
N SER G 219 -23.13 -19.31 7.66
CA SER G 219 -22.57 -20.15 6.60
C SER G 219 -22.93 -21.55 6.91
N ALA G 220 -22.93 -21.89 8.21
CA ALA G 220 -23.25 -23.27 8.67
C ALA G 220 -24.71 -23.65 8.57
N ASP G 221 -25.57 -22.63 8.73
CA ASP G 221 -27.01 -22.80 8.46
C ASP G 221 -27.25 -23.76 7.28
N PRO G 222 -28.02 -24.87 7.57
CA PRO G 222 -28.15 -26.07 6.63
C PRO G 222 -28.97 -25.67 5.35
N TYR G 223 -29.96 -24.82 5.56
CA TYR G 223 -30.69 -24.44 4.39
C TYR G 223 -29.99 -23.33 3.48
N GLY G 224 -29.34 -22.37 4.17
CA GLY G 224 -28.68 -21.21 3.61
C GLY G 224 -29.69 -20.19 3.15
N ASP G 225 -30.68 -19.76 3.98
CA ASP G 225 -31.69 -18.82 3.47
C ASP G 225 -31.33 -17.51 4.04
N SER G 226 -30.39 -17.64 4.98
CA SER G 226 -29.94 -16.49 5.76
C SER G 226 -29.22 -15.56 4.89
N MET G 227 -28.18 -16.14 4.24
CA MET G 227 -27.37 -15.42 3.26
C MET G 227 -26.87 -16.24 2.09
N PHE G 228 -27.35 -15.81 0.95
CA PHE G 228 -26.75 -16.35 -0.26
C PHE G 228 -25.93 -15.32 -1.08
N PHE G 229 -25.36 -14.34 -0.42
CA PHE G 229 -24.49 -13.38 -1.06
C PHE G 229 -23.97 -12.64 0.16
N CYS G 230 -22.67 -12.31 0.13
CA CYS G 230 -22.07 -11.62 1.27
C CYS G 230 -20.82 -10.81 0.83
N LEU G 231 -20.77 -9.58 1.28
CA LEU G 231 -19.71 -8.69 0.85
C LEU G 231 -19.24 -7.89 2.12
N ARG G 232 -18.06 -8.16 2.69
CA ARG G 232 -17.74 -7.22 3.73
C ARG G 232 -16.40 -6.58 3.43
N ARG G 233 -16.16 -5.44 4.07
CA ARG G 233 -14.84 -4.82 3.95
C ARG G 233 -14.69 -3.83 5.09
N GLU G 234 -13.81 -4.11 6.04
CA GLU G 234 -13.74 -3.19 7.19
C GLU G 234 -12.32 -2.90 7.39
N GLN G 235 -12.03 -1.85 8.16
CA GLN G 235 -10.63 -1.36 8.40
C GLN G 235 -10.55 -0.33 9.49
N LEU G 236 -9.45 -0.28 10.26
CA LEU G 236 -9.40 0.73 11.34
C LEU G 236 -8.11 0.73 12.04
N PHE G 237 -7.83 1.69 12.93
CA PHE G 237 -6.53 1.70 13.61
C PHE G 237 -6.64 2.48 14.84
N ALA G 238 -5.64 2.36 15.72
CA ALA G 238 -5.81 3.02 17.05
C ALA G 238 -5.35 4.51 17.06
N ARG G 239 -6.21 5.52 17.17
CA ARG G 239 -5.75 6.92 16.92
C ARG G 239 -5.10 7.34 18.23
N HIS G 240 -5.78 7.19 19.37
CA HIS G 240 -5.18 7.54 20.69
C HIS G 240 -5.36 6.48 21.73
N PHE G 241 -4.49 6.48 22.75
CA PHE G 241 -4.49 5.51 23.79
C PHE G 241 -4.84 6.12 25.11
N TRP G 242 -5.84 5.55 25.77
CA TRP G 242 -6.31 6.04 27.06
C TRP G 242 -6.53 4.98 28.15
N ASN G 243 -6.53 5.54 29.37
CA ASN G 243 -6.87 4.90 30.63
C ASN G 243 -8.35 5.02 30.93
N ARG G 244 -8.84 4.21 31.86
CA ARG G 244 -10.26 4.40 32.29
C ARG G 244 -10.24 4.76 33.74
N ALA G 245 -11.07 5.73 34.08
CA ALA G 245 -11.15 6.10 35.53
C ALA G 245 -11.94 5.08 36.32
N GLY G 246 -11.63 4.92 37.61
CA GLY G 246 -12.44 3.97 38.46
C GLY G 246 -11.52 3.06 39.19
N THR G 247 -12.03 2.27 40.13
CA THR G 247 -11.12 1.39 40.87
C THR G 247 -11.00 0.07 40.09
N MET G 248 -9.81 -0.53 40.09
CA MET G 248 -9.62 -1.74 39.27
C MET G 248 -10.26 -2.95 39.85
N GLY G 249 -11.06 -3.60 39.04
CA GLY G 249 -11.76 -4.84 39.46
C GLY G 249 -10.74 -5.93 39.77
N ASP G 250 -10.13 -6.42 38.70
CA ASP G 250 -9.05 -7.42 38.86
C ASP G 250 -7.79 -6.65 39.28
N THR G 251 -7.26 -7.03 40.42
CA THR G 251 -6.07 -6.38 40.94
C THR G 251 -4.84 -7.01 40.31
N VAL G 252 -3.94 -6.12 39.96
CA VAL G 252 -2.72 -6.38 39.21
C VAL G 252 -1.76 -7.18 40.06
N PRO G 253 -1.47 -8.37 39.60
CA PRO G 253 -0.60 -9.28 40.35
C PRO G 253 0.72 -8.58 40.78
N GLN G 254 1.24 -8.97 41.96
CA GLN G 254 2.46 -8.35 42.50
C GLN G 254 3.69 -8.84 41.81
N SER G 255 3.59 -10.05 41.22
CA SER G 255 4.68 -10.67 40.50
C SER G 255 4.92 -10.01 39.16
N LEU G 256 4.11 -8.99 38.86
CA LEU G 256 4.26 -8.32 37.56
C LEU G 256 4.93 -6.95 37.63
N TYR G 257 5.43 -6.59 38.80
CA TYR G 257 6.09 -5.31 38.85
C TYR G 257 6.84 -5.07 40.11
N ILE G 258 7.49 -3.92 40.26
CA ILE G 258 8.18 -3.63 41.49
C ILE G 258 7.67 -2.40 42.14
N LYS G 259 7.27 -2.52 43.41
CA LYS G 259 6.66 -1.38 44.10
C LYS G 259 7.58 -0.18 44.09
N GLY G 260 7.02 1.03 44.09
CA GLY G 260 7.87 2.24 44.16
C GLY G 260 7.44 2.93 45.45
N THR G 261 7.63 4.22 45.57
CA THR G 261 7.12 4.90 46.77
C THR G 261 6.19 6.07 46.40
N GLY G 262 5.31 6.44 47.35
CA GLY G 262 4.36 7.51 47.02
C GLY G 262 3.21 6.98 46.11
N MET G 263 2.75 7.84 45.18
CA MET G 263 1.73 7.45 44.16
C MET G 263 2.23 6.20 43.33
N ARG G 264 3.60 6.04 43.32
CA ARG G 264 4.24 4.95 42.58
C ARG G 264 4.24 3.67 43.33
N ALA G 265 3.69 3.68 44.56
CA ALA G 265 3.77 2.48 45.48
C ALA G 265 2.74 1.52 45.04
N SER G 266 1.68 2.08 44.46
CA SER G 266 0.54 1.31 43.94
C SER G 266 0.18 1.60 42.41
N PRO G 267 0.03 0.51 41.62
CA PRO G 267 -0.35 0.68 40.25
C PRO G 267 -1.64 1.49 40.01
N GLY G 268 -1.66 2.31 38.99
CA GLY G 268 -2.87 3.07 38.70
C GLY G 268 -3.76 2.29 37.70
N SER G 269 -4.49 3.04 36.80
CA SER G 269 -5.49 2.36 35.93
C SER G 269 -4.76 1.51 34.91
N CYS G 270 -5.08 0.21 34.87
CA CYS G 270 -4.58 -0.65 33.85
C CYS G 270 -5.62 -1.15 32.92
N VAL G 271 -6.62 -0.33 32.69
CA VAL G 271 -7.68 -0.76 31.78
C VAL G 271 -7.51 0.19 30.59
N TYR G 272 -6.91 -0.30 29.52
CA TYR G 272 -6.66 0.68 28.47
C TYR G 272 -7.64 0.38 27.40
N SER G 273 -8.01 1.39 26.62
CA SER G 273 -8.78 1.18 25.41
C SER G 273 -8.48 2.36 24.52
N PRO G 274 -8.21 2.11 23.24
CA PRO G 274 -7.84 3.09 22.36
C PRO G 274 -9.03 3.63 21.62
N SER G 275 -8.94 4.89 21.20
CA SER G 275 -9.97 5.46 20.35
C SER G 275 -9.75 4.90 18.93
N PRO G 276 -10.78 4.26 18.36
CA PRO G 276 -10.58 3.74 16.99
C PRO G 276 -10.65 4.88 15.95
N SER G 277 -10.47 4.53 14.68
CA SER G 277 -10.60 5.48 13.56
C SER G 277 -10.29 4.72 12.30
N GLY G 278 -11.14 4.90 11.26
CA GLY G 278 -10.89 4.13 9.99
C GLY G 278 -10.12 5.20 9.26
N SER G 279 -9.17 4.83 8.41
CA SER G 279 -8.24 5.86 7.93
C SER G 279 -8.90 6.64 6.78
N ILE G 280 -8.30 6.57 5.60
CA ILE G 280 -8.82 7.33 4.47
C ILE G 280 -9.96 6.56 3.93
N VAL G 281 -11.00 7.27 3.58
CA VAL G 281 -12.12 6.60 2.96
C VAL G 281 -11.93 7.00 1.47
N THR G 282 -11.97 6.03 0.55
CA THR G 282 -11.74 6.40 -0.81
C THR G 282 -12.63 5.63 -1.72
N SER G 283 -12.87 6.18 -2.88
CA SER G 283 -13.81 5.61 -3.78
C SER G 283 -13.18 4.44 -4.41
N ASP G 284 -11.88 4.17 -4.18
CA ASP G 284 -11.22 2.97 -4.79
C ASP G 284 -11.68 1.69 -4.11
N SER G 285 -11.97 1.78 -2.83
CA SER G 285 -12.32 0.60 -2.12
C SER G 285 -13.84 0.61 -1.86
N GLN G 286 -14.56 1.39 -2.68
CA GLN G 286 -16.04 1.37 -2.61
C GLN G 286 -16.61 0.03 -3.01
N LEU G 287 -17.49 -0.45 -2.12
CA LEU G 287 -18.22 -1.71 -2.28
C LEU G 287 -19.51 -1.62 -3.05
N PHE G 288 -20.23 -0.53 -2.92
CA PHE G 288 -21.48 -0.35 -3.59
C PHE G 288 -21.51 0.44 -4.89
N ASN G 289 -22.71 0.63 -5.39
CA ASN G 289 -22.82 1.40 -6.62
C ASN G 289 -22.19 0.66 -7.79
N LYS G 290 -22.13 -0.68 -7.70
CA LYS G 290 -21.60 -1.52 -8.75
C LYS G 290 -22.62 -2.60 -8.75
N PRO G 291 -22.93 -3.17 -9.90
CA PRO G 291 -23.82 -4.33 -9.92
C PRO G 291 -23.09 -5.65 -9.69
N TYR G 292 -23.60 -6.53 -8.91
CA TYR G 292 -22.95 -7.81 -8.81
C TYR G 292 -23.98 -8.89 -9.14
N TRP G 293 -23.63 -9.85 -10.01
CA TRP G 293 -24.57 -10.93 -10.34
C TRP G 293 -24.34 -12.22 -9.66
N LEU G 294 -25.36 -12.77 -9.04
CA LEU G 294 -25.11 -13.96 -8.23
C LEU G 294 -25.47 -15.11 -9.14
N HIS G 295 -24.43 -15.87 -9.48
CA HIS G 295 -24.56 -16.98 -10.45
C HIS G 295 -24.80 -18.30 -9.64
N LYS G 296 -24.16 -18.36 -8.45
CA LYS G 296 -24.12 -19.62 -7.71
C LYS G 296 -23.87 -19.27 -6.32
N ALA G 297 -24.95 -19.24 -5.54
CA ALA G 297 -24.97 -18.97 -4.11
C ALA G 297 -24.03 -19.83 -3.35
N GLN G 298 -23.59 -19.38 -2.18
CA GLN G 298 -22.69 -20.21 -1.33
C GLN G 298 -23.35 -21.46 -0.73
N GLY G 299 -24.54 -21.23 -0.17
CA GLY G 299 -25.29 -22.34 0.51
C GLY G 299 -26.17 -23.19 -0.46
N HIS G 300 -27.13 -23.98 0.09
CA HIS G 300 -28.05 -24.74 -0.77
C HIS G 300 -29.09 -23.92 -1.54
N ASN G 301 -29.51 -22.77 -0.98
CA ASN G 301 -30.61 -22.03 -1.57
C ASN G 301 -29.85 -21.10 -2.50
N ASN G 302 -30.08 -21.22 -3.80
CA ASN G 302 -29.42 -20.41 -4.77
C ASN G 302 -30.26 -19.11 -5.13
N GLY G 303 -30.53 -18.34 -4.06
CA GLY G 303 -31.17 -17.02 -4.21
C GLY G 303 -32.56 -17.13 -4.72
N VAL G 304 -33.19 -18.18 -4.27
CA VAL G 304 -34.62 -18.42 -4.47
C VAL G 304 -35.29 -17.65 -3.35
N CYS G 305 -36.10 -16.69 -3.76
CA CYS G 305 -36.83 -15.94 -2.71
C CYS G 305 -38.15 -16.63 -2.27
N TRP G 306 -38.12 -17.43 -1.22
CA TRP G 306 -39.35 -18.07 -0.80
C TRP G 306 -40.33 -17.03 -0.23
N HIS G 307 -41.64 -17.12 -0.48
CA HIS G 307 -42.56 -16.13 0.06
C HIS G 307 -42.38 -14.88 -0.70
N ASN G 308 -41.65 -14.93 -1.74
CA ASN G 308 -41.60 -13.68 -2.53
C ASN G 308 -41.17 -12.45 -1.72
N GLN G 309 -40.32 -12.79 -0.78
CA GLN G 309 -39.64 -11.81 0.06
C GLN G 309 -38.09 -11.78 -0.19
N LEU G 310 -37.37 -10.82 0.42
CA LEU G 310 -35.90 -10.83 0.25
C LEU G 310 -35.44 -9.73 1.15
N PHE G 311 -34.55 -10.12 2.05
CA PHE G 311 -33.99 -9.12 2.93
C PHE G 311 -32.61 -8.62 2.45
N VAL G 312 -32.47 -7.28 2.37
CA VAL G 312 -31.14 -6.71 2.06
C VAL G 312 -30.55 -6.09 3.32
N THR G 313 -29.53 -6.75 3.86
CA THR G 313 -28.91 -6.10 5.02
C THR G 313 -27.65 -5.19 4.67
N VAL G 314 -27.49 -3.94 5.16
CA VAL G 314 -26.37 -3.17 4.61
C VAL G 314 -25.83 -2.27 5.61
N VAL G 315 -24.51 -2.23 5.68
CA VAL G 315 -23.89 -1.27 6.53
C VAL G 315 -22.97 -0.46 5.63
N ASP G 316 -22.87 0.84 5.81
CA ASP G 316 -21.93 1.59 4.94
C ASP G 316 -21.52 2.88 5.63
N THR G 317 -20.32 2.90 6.17
CA THR G 317 -19.89 4.12 6.91
C THR G 317 -19.03 5.15 6.08
N THR G 318 -18.94 4.86 4.80
CA THR G 318 -18.09 5.63 3.90
C THR G 318 -18.69 6.96 3.61
N ARG G 319 -20.01 7.07 3.89
CA ARG G 319 -20.73 8.35 3.68
C ARG G 319 -21.35 8.76 5.04
N SER G 320 -20.50 9.25 5.95
CA SER G 320 -21.02 9.59 7.22
C SER G 320 -20.91 11.05 7.49
N THR G 321 -20.89 11.94 6.54
CA THR G 321 -20.74 13.37 6.96
C THR G 321 -21.99 13.83 7.69
N ASN G 322 -21.79 14.57 8.77
CA ASN G 322 -22.96 14.97 9.55
C ASN G 322 -23.19 16.45 9.38
N LEU G 323 -24.39 16.88 8.92
CA LEU G 323 -24.47 18.31 8.52
C LEU G 323 -24.57 19.12 9.84
N THR G 324 -24.02 20.35 9.85
CA THR G 324 -24.11 21.13 11.08
C THR G 324 -25.08 22.19 10.62
N ILE G 325 -26.22 22.34 11.32
CA ILE G 325 -27.15 23.41 10.97
C ILE G 325 -27.34 24.28 12.17
N CYS G 326 -27.20 25.59 12.01
CA CYS G 326 -27.48 26.55 13.08
C CYS G 326 -28.39 27.72 12.69
N ALA G 327 -29.41 27.94 13.54
CA ALA G 327 -30.37 29.06 13.42
C ALA G 327 -30.07 30.08 14.50
N SER G 328 -30.50 31.34 14.31
CA SER G 328 -30.13 32.33 15.33
C SER G 328 -31.34 32.53 16.19
N THR G 329 -31.15 33.10 17.36
CA THR G 329 -32.28 33.33 18.24
C THR G 329 -32.98 34.59 17.81
N GLN G 330 -32.22 35.60 17.42
CA GLN G 330 -32.81 36.85 17.05
C GLN G 330 -33.25 36.72 15.61
N SER G 331 -34.19 37.56 15.25
CA SER G 331 -34.79 37.50 13.90
C SER G 331 -33.96 38.21 12.85
N PRO G 332 -33.58 39.46 13.15
CA PRO G 332 -32.75 40.23 12.16
C PRO G 332 -31.32 39.65 12.00
N VAL G 333 -30.77 38.94 13.03
CA VAL G 333 -29.43 38.27 12.97
C VAL G 333 -28.38 39.37 13.07
N PRO G 334 -28.21 39.91 14.26
CA PRO G 334 -27.33 41.10 14.51
C PRO G 334 -26.00 40.91 13.94
N GLY G 335 -25.36 42.06 13.65
CA GLY G 335 -23.96 42.19 13.16
C GLY G 335 -22.91 41.99 14.27
N GLN G 336 -23.36 41.64 15.44
CA GLN G 336 -22.46 41.36 16.48
C GLN G 336 -22.56 39.91 16.89
N TYR G 337 -21.46 39.20 16.81
CA TYR G 337 -21.53 37.75 16.98
C TYR G 337 -21.67 37.45 18.43
N ASP G 338 -22.61 36.61 18.75
CA ASP G 338 -22.74 36.13 20.14
C ASP G 338 -23.06 34.60 20.14
N ALA G 339 -22.13 33.78 20.52
CA ALA G 339 -22.38 32.36 20.51
C ALA G 339 -23.79 31.92 20.96
N THR G 340 -24.16 32.34 22.17
CA THR G 340 -25.43 32.00 22.81
C THR G 340 -26.65 32.30 21.99
N LYS G 341 -26.53 33.35 21.20
CA LYS G 341 -27.54 33.80 20.31
C LYS G 341 -27.79 32.95 19.08
N PHE G 342 -27.09 31.79 18.93
CA PHE G 342 -27.38 30.74 17.88
C PHE G 342 -27.54 29.36 18.38
N LYS G 343 -28.53 28.66 17.85
CA LYS G 343 -28.67 27.28 18.19
C LYS G 343 -28.03 26.39 17.14
N GLN G 344 -27.30 25.38 17.62
CA GLN G 344 -26.56 24.44 16.82
C GLN G 344 -27.26 23.07 16.73
N TYR G 345 -27.55 22.56 15.53
CA TYR G 345 -28.08 21.20 15.41
C TYR G 345 -27.21 20.28 14.51
N SER G 346 -27.45 19.00 14.68
CA SER G 346 -26.74 18.11 13.88
C SER G 346 -27.61 17.08 13.23
N ARG G 347 -27.51 16.92 11.92
CA ARG G 347 -28.43 16.01 11.16
C ARG G 347 -27.71 15.14 10.17
N HIS G 348 -28.06 13.87 10.17
CA HIS G 348 -27.41 12.98 9.22
C HIS G 348 -28.38 12.58 8.12
N VAL G 349 -27.94 12.40 6.89
CA VAL G 349 -28.83 11.89 5.89
C VAL G 349 -28.41 10.52 5.38
N GLU G 350 -29.33 9.82 4.76
CA GLU G 350 -28.98 8.53 4.16
C GLU G 350 -29.77 8.30 2.86
N GLU G 351 -29.14 7.84 1.75
CA GLU G 351 -29.81 7.79 0.46
C GLU G 351 -29.53 6.50 -0.19
N TYR G 352 -30.53 5.69 -0.33
CA TYR G 352 -30.39 4.37 -0.93
C TYR G 352 -31.29 4.25 -2.15
N ASP G 353 -31.05 3.22 -2.95
CA ASP G 353 -31.82 2.94 -4.10
C ASP G 353 -31.45 1.46 -4.38
N LEU G 354 -32.45 0.60 -4.34
CA LEU G 354 -32.18 -0.84 -4.60
C LEU G 354 -32.63 -1.28 -5.97
N GLN G 355 -31.88 -2.16 -6.66
CA GLN G 355 -32.24 -2.59 -8.04
C GLN G 355 -31.93 -4.00 -8.10
N PHE G 356 -32.86 -4.69 -8.73
CA PHE G 356 -32.69 -6.13 -8.93
C PHE G 356 -33.06 -6.65 -10.29
N ILE G 357 -32.57 -7.87 -10.52
CA ILE G 357 -32.95 -8.60 -11.70
C ILE G 357 -33.45 -9.91 -11.15
N PHE G 358 -34.72 -10.19 -11.41
CA PHE G 358 -35.22 -11.46 -10.95
C PHE G 358 -35.56 -12.44 -12.04
N GLN G 359 -35.39 -13.70 -11.72
CA GLN G 359 -35.61 -14.70 -12.71
C GLN G 359 -36.80 -15.62 -12.41
N LEU G 360 -37.77 -15.64 -13.30
CA LEU G 360 -38.93 -16.45 -13.02
C LEU G 360 -38.60 -17.89 -12.98
N CYS G 361 -39.11 -18.61 -12.01
CA CYS G 361 -38.77 -20.07 -11.89
C CYS G 361 -39.95 -20.91 -11.59
N THR G 362 -39.70 -22.22 -11.80
CA THR G 362 -40.80 -23.19 -11.64
C THR G 362 -40.48 -24.35 -10.78
N ILE G 363 -41.46 -24.69 -9.92
CA ILE G 363 -41.32 -25.87 -9.08
C ILE G 363 -42.35 -26.87 -9.39
N THR G 364 -41.94 -27.98 -9.93
CA THR G 364 -42.95 -28.96 -10.15
C THR G 364 -43.21 -29.75 -8.84
N LEU G 365 -44.42 -29.63 -8.31
CA LEU G 365 -44.80 -30.31 -7.12
C LEU G 365 -45.08 -31.84 -7.36
N THR G 366 -44.19 -32.70 -6.86
CA THR G 366 -44.39 -34.17 -6.78
C THR G 366 -44.32 -34.55 -5.28
N ALA G 367 -44.61 -35.85 -5.07
CA ALA G 367 -44.64 -36.43 -3.71
C ALA G 367 -43.42 -35.97 -2.81
N ASP G 368 -42.22 -36.53 -3.11
CA ASP G 368 -40.96 -36.15 -2.35
C ASP G 368 -40.69 -34.63 -2.35
N VAL G 369 -40.87 -34.01 -3.56
CA VAL G 369 -40.72 -32.53 -3.66
C VAL G 369 -41.52 -31.83 -2.52
N MET G 370 -42.79 -32.24 -2.38
CA MET G 370 -43.60 -31.62 -1.37
C MET G 370 -43.20 -31.96 0.07
N SER G 371 -42.79 -33.24 0.27
CA SER G 371 -42.45 -33.70 1.65
C SER G 371 -41.16 -32.95 2.06
N TYR G 372 -40.37 -32.67 1.01
CA TYR G 372 -39.14 -31.91 1.14
C TYR G 372 -39.48 -30.49 1.60
N ILE G 373 -40.20 -29.81 0.72
CA ILE G 373 -40.61 -28.48 1.00
C ILE G 373 -41.34 -28.39 2.36
N GLN G 374 -41.99 -29.52 2.60
CA GLN G 374 -42.71 -29.77 3.83
C GLN G 374 -41.73 -29.66 5.04
N SER G 375 -40.76 -30.64 5.15
CA SER G 375 -39.70 -30.56 6.16
C SER G 375 -39.03 -29.16 6.26
N MET G 376 -38.68 -28.66 5.08
CA MET G 376 -37.94 -27.43 5.02
C MET G 376 -38.69 -26.29 5.68
N ASN G 377 -39.81 -25.89 5.08
CA ASN G 377 -40.53 -24.80 5.67
C ASN G 377 -41.95 -24.96 5.23
N SER G 378 -42.71 -25.74 6.02
CA SER G 378 -44.14 -25.95 5.74
C SER G 378 -44.90 -24.64 5.20
N SER G 379 -44.52 -23.43 5.69
CA SER G 379 -45.32 -22.21 5.38
C SER G 379 -45.30 -21.95 3.85
N ILE G 380 -44.30 -22.57 3.23
CA ILE G 380 -44.05 -22.42 1.79
C ILE G 380 -45.17 -22.93 0.89
N LEU G 381 -45.50 -24.21 1.10
CA LEU G 381 -46.69 -24.84 0.53
C LEU G 381 -47.99 -24.20 1.01
N GLU G 382 -48.02 -23.71 2.25
CA GLU G 382 -49.24 -23.11 2.77
C GLU G 382 -49.72 -21.90 1.97
N ASP G 383 -48.75 -21.09 1.45
CA ASP G 383 -49.06 -19.85 0.72
C ASP G 383 -49.53 -20.21 -0.66
N TRP G 384 -49.09 -21.38 -1.10
CA TRP G 384 -49.61 -21.90 -2.38
C TRP G 384 -51.03 -22.52 -2.21
N ASN G 385 -51.52 -22.65 -0.96
CA ASN G 385 -52.86 -23.21 -0.64
C ASN G 385 -52.98 -24.65 -1.03
N ASN G 391 -53.01 -14.12 7.41
CA ASN G 391 -51.98 -14.97 8.13
C ASN G 391 -51.01 -14.14 9.05
N LYS G 392 -50.40 -14.90 10.02
CA LYS G 392 -49.31 -14.34 10.91
C LYS G 392 -47.91 -14.57 10.29
N ASP G 393 -47.20 -13.45 10.22
CA ASP G 393 -45.81 -13.50 9.74
C ASP G 393 -44.83 -13.60 10.97
N PRO G 394 -43.92 -14.60 10.97
CA PRO G 394 -42.92 -14.75 12.05
C PRO G 394 -41.97 -13.52 12.26
N TYR G 395 -42.00 -12.55 11.35
CA TYR G 395 -41.16 -11.37 11.51
C TYR G 395 -41.92 -10.05 11.93
N ASP G 396 -43.19 -10.16 12.32
CA ASP G 396 -43.98 -8.97 12.59
C ASP G 396 -43.54 -8.25 13.87
N LYS G 397 -42.70 -8.95 14.65
CA LYS G 397 -42.14 -8.28 15.83
C LYS G 397 -40.95 -7.30 15.55
N LEU G 398 -40.17 -7.65 14.50
CA LEU G 398 -38.92 -7.03 14.18
C LEU G 398 -39.13 -5.82 13.31
N LYS G 399 -38.26 -4.78 13.42
CA LYS G 399 -38.31 -3.54 12.63
C LYS G 399 -37.58 -3.68 11.38
N PHE G 400 -38.13 -3.27 10.25
CA PHE G 400 -37.47 -3.37 8.99
C PHE G 400 -37.88 -2.16 8.13
N TRP G 401 -37.16 -1.90 7.07
CA TRP G 401 -37.45 -0.72 6.27
C TRP G 401 -38.12 -1.48 5.17
N ASN G 402 -39.45 -1.47 5.17
CA ASN G 402 -40.23 -2.01 4.08
C ASN G 402 -40.19 -1.31 2.79
N VAL G 403 -39.72 -2.06 1.81
CA VAL G 403 -39.76 -1.72 0.43
C VAL G 403 -40.73 -2.63 -0.40
N ASP G 404 -41.82 -1.98 -0.85
CA ASP G 404 -42.79 -2.71 -1.60
C ASP G 404 -42.51 -2.64 -3.08
N LEU G 405 -42.07 -3.75 -3.65
CA LEU G 405 -41.86 -3.72 -5.08
C LEU G 405 -42.85 -4.51 -5.98
N LYS G 406 -44.06 -4.82 -5.45
CA LYS G 406 -45.09 -5.54 -6.19
C LYS G 406 -45.54 -4.73 -7.38
N GLU G 407 -45.52 -3.42 -7.23
CA GLU G 407 -45.96 -2.69 -8.38
C GLU G 407 -44.82 -2.16 -9.27
N LYS G 408 -43.66 -2.82 -9.18
CA LYS G 408 -42.47 -2.36 -9.82
C LYS G 408 -41.75 -3.32 -10.76
N PHE G 409 -42.27 -4.51 -10.97
CA PHE G 409 -41.57 -5.42 -11.92
C PHE G 409 -41.75 -4.95 -13.38
N SER G 410 -40.74 -5.19 -14.21
CA SER G 410 -40.90 -4.85 -15.58
C SER G 410 -40.21 -5.91 -16.42
N LEU G 411 -40.69 -6.03 -17.64
CA LEU G 411 -40.03 -6.98 -18.53
C LEU G 411 -38.99 -6.45 -19.43
N ASP G 412 -39.01 -5.16 -19.70
CA ASP G 412 -38.00 -4.61 -20.61
C ASP G 412 -36.86 -4.09 -19.79
N LEU G 413 -35.90 -4.98 -19.59
CA LEU G 413 -34.66 -4.76 -18.87
C LEU G 413 -34.00 -3.55 -19.48
N ASP G 414 -33.98 -3.57 -20.80
CA ASP G 414 -33.55 -2.52 -21.69
C ASP G 414 -33.81 -1.15 -21.21
N GLN G 415 -34.97 -0.98 -20.60
CA GLN G 415 -35.39 0.34 -20.15
C GLN G 415 -34.75 0.85 -18.79
N TYR G 416 -33.92 0.00 -18.16
CA TYR G 416 -33.34 0.34 -16.84
C TYR G 416 -31.80 0.18 -16.76
N PRO G 417 -31.13 0.96 -15.96
CA PRO G 417 -29.71 0.79 -15.81
C PRO G 417 -29.33 -0.64 -15.58
N LEU G 418 -29.74 -1.19 -14.43
CA LEU G 418 -29.20 -2.51 -14.09
C LEU G 418 -29.65 -3.49 -15.17
N GLY G 419 -30.79 -3.18 -15.69
CA GLY G 419 -31.26 -3.89 -16.80
C GLY G 419 -30.28 -4.02 -17.94
N ARG G 420 -29.88 -2.87 -18.45
CA ARG G 420 -29.03 -2.86 -19.63
C ARG G 420 -27.72 -3.56 -19.27
N LYS G 421 -27.24 -3.25 -18.06
CA LYS G 421 -26.04 -3.84 -17.61
C LYS G 421 -26.17 -5.36 -17.55
N PHE G 422 -27.33 -5.85 -17.10
CA PHE G 422 -27.59 -7.30 -17.19
C PHE G 422 -27.61 -7.90 -18.57
N LEU G 423 -28.09 -7.12 -19.53
CA LEU G 423 -28.18 -7.58 -20.86
C LEU G 423 -26.81 -7.72 -21.44
N VAL G 424 -25.96 -6.74 -21.17
CA VAL G 424 -24.59 -6.84 -21.60
C VAL G 424 -24.01 -8.15 -21.08
N GLN G 425 -23.88 -8.29 -19.76
CA GLN G 425 -23.27 -9.48 -19.17
C GLN G 425 -23.86 -10.74 -19.76
N ALA G 426 -25.13 -10.69 -20.18
CA ALA G 426 -25.80 -11.84 -20.81
C ALA G 426 -25.35 -12.18 -22.28
N GLY G 427 -24.70 -11.19 -22.89
CA GLY G 427 -24.08 -11.33 -24.22
C GLY G 427 -24.87 -10.44 -25.22
N LEU G 428 -26.22 -10.58 -25.20
CA LEU G 428 -27.08 -9.90 -26.22
C LEU G 428 -27.33 -8.39 -25.89
N ALA H 1 -42.55 3.33 -24.80
CA ALA H 1 -41.12 2.75 -24.60
C ALA H 1 -39.95 3.54 -25.27
N VAL H 2 -38.94 4.00 -24.51
CA VAL H 2 -37.78 4.72 -25.06
C VAL H 2 -36.82 3.77 -25.75
N VAL H 3 -36.16 4.18 -26.82
CA VAL H 3 -35.31 3.23 -27.46
C VAL H 3 -33.88 3.62 -27.68
N ASN H 4 -32.99 2.61 -27.75
CA ASN H 4 -31.59 2.79 -28.02
C ASN H 4 -31.41 3.62 -29.26
N THR H 5 -30.51 4.58 -29.26
CA THR H 5 -30.42 5.39 -30.45
C THR H 5 -29.91 4.52 -31.63
N ASP H 6 -29.27 3.41 -31.29
CA ASP H 6 -28.61 2.61 -32.31
C ASP H 6 -29.65 2.08 -33.27
N ASP H 7 -30.89 2.20 -32.85
CA ASP H 7 -31.99 1.67 -33.64
C ASP H 7 -32.43 2.71 -34.61
N TYR H 8 -32.29 3.99 -34.39
CA TYR H 8 -32.77 4.89 -35.45
C TYR H 8 -31.71 5.82 -35.99
N VAL H 9 -30.49 5.66 -35.48
CA VAL H 9 -29.44 6.55 -35.89
C VAL H 9 -28.34 5.75 -36.55
N THR H 10 -28.07 5.85 -37.85
CA THR H 10 -27.09 4.98 -38.46
C THR H 10 -25.71 5.63 -38.44
N ARG H 11 -24.66 4.87 -38.07
CA ARG H 11 -23.34 5.47 -38.00
C ARG H 11 -22.69 5.38 -39.37
N THR H 12 -21.94 6.41 -39.83
CA THR H 12 -21.13 6.36 -41.05
C THR H 12 -19.70 6.09 -40.61
N SER H 13 -18.80 6.17 -41.55
CA SER H 13 -17.40 5.85 -41.26
C SER H 13 -16.60 7.19 -41.36
N ILE H 14 -17.33 8.29 -41.31
CA ILE H 14 -16.71 9.61 -41.28
C ILE H 14 -16.34 10.06 -39.89
N PHE H 15 -15.07 10.30 -39.61
CA PHE H 15 -14.80 10.87 -38.28
C PHE H 15 -14.17 12.19 -38.38
N TYR H 16 -14.52 13.13 -37.48
CA TYR H 16 -13.85 14.42 -37.40
C TYR H 16 -13.26 14.58 -36.04
N HIS H 17 -12.26 15.45 -35.97
CA HIS H 17 -11.55 15.63 -34.70
C HIS H 17 -11.83 17.09 -34.46
N ALA H 18 -11.92 17.51 -33.21
CA ALA H 18 -12.25 18.91 -32.91
C ALA H 18 -11.61 19.20 -31.55
N GLY H 19 -11.11 20.44 -31.39
CA GLY H 19 -10.73 20.79 -30.04
C GLY H 19 -10.57 22.21 -29.75
N SER H 20 -10.83 22.55 -28.49
CA SER H 20 -10.70 23.89 -27.97
C SER H 20 -9.30 24.20 -28.12
N SER H 21 -8.93 25.47 -28.15
CA SER H 21 -7.52 25.88 -28.21
C SER H 21 -6.95 25.50 -26.82
N ARG H 22 -6.83 26.42 -25.84
CA ARG H 22 -6.35 26.08 -24.53
C ARG H 22 -7.14 26.97 -23.63
N LEU H 23 -8.06 26.42 -22.91
CA LEU H 23 -8.83 27.27 -22.09
C LEU H 23 -8.02 27.67 -20.88
N LEU H 24 -8.08 28.90 -20.42
CA LEU H 24 -7.37 29.25 -19.20
C LEU H 24 -8.11 30.28 -18.37
N THR H 25 -7.84 30.34 -17.11
CA THR H 25 -8.56 31.30 -16.31
C THR H 25 -7.92 31.50 -14.97
N VAL H 26 -7.74 32.73 -14.48
CA VAL H 26 -7.17 32.94 -13.15
C VAL H 26 -8.01 33.90 -12.36
N GLY H 27 -7.90 33.85 -11.06
CA GLY H 27 -8.79 34.61 -10.23
C GLY H 27 -8.47 34.37 -8.79
N ASP H 28 -9.24 35.00 -7.94
CA ASP H 28 -9.02 34.81 -6.50
C ASP H 28 -9.75 33.49 -6.16
N PRO H 29 -9.16 32.65 -5.30
CA PRO H 29 -9.66 31.36 -4.96
C PRO H 29 -10.75 31.32 -3.99
N TYR H 30 -10.97 32.40 -3.23
CA TYR H 30 -12.01 32.41 -2.21
C TYR H 30 -13.22 33.30 -2.51
N PHE H 31 -12.97 34.46 -3.13
CA PHE H 31 -14.09 35.36 -3.40
C PHE H 31 -13.91 36.40 -4.47
N ARG H 32 -15.03 36.84 -5.11
CA ARG H 32 -14.86 37.75 -6.31
C ARG H 32 -14.53 39.09 -5.85
N VAL H 33 -13.54 39.69 -6.53
CA VAL H 33 -12.95 40.89 -6.02
C VAL H 33 -13.48 42.07 -6.81
N PRO H 34 -14.38 42.80 -6.20
CA PRO H 34 -15.10 43.89 -6.66
C PRO H 34 -14.30 44.84 -7.41
N ALA H 35 -14.72 44.76 -8.65
CA ALA H 35 -14.15 45.46 -9.67
C ALA H 35 -13.67 46.83 -9.35
N GLY H 36 -12.71 47.13 -10.22
CA GLY H 36 -11.99 48.39 -10.40
C GLY H 36 -11.57 49.23 -9.23
N GLY H 37 -11.24 48.56 -8.13
CA GLY H 37 -10.92 49.29 -6.90
C GLY H 37 -9.49 49.71 -7.07
N GLY H 38 -8.62 48.74 -6.82
CA GLY H 38 -7.20 49.02 -6.93
C GLY H 38 -6.92 49.10 -8.41
N ASN H 39 -7.38 48.08 -9.10
CA ASN H 39 -7.00 48.06 -10.48
C ASN H 39 -8.03 47.42 -11.31
N LYS H 40 -8.28 48.22 -12.33
CA LYS H 40 -9.30 48.12 -13.27
C LYS H 40 -9.76 46.76 -13.51
N GLN H 41 -11.06 46.63 -13.38
CA GLN H 41 -11.74 45.42 -13.70
C GLN H 41 -11.50 44.30 -12.71
N ASP H 42 -12.60 43.68 -12.53
CA ASP H 42 -12.97 42.65 -11.68
C ASP H 42 -12.17 41.40 -11.78
N ILE H 43 -11.96 40.75 -10.66
CA ILE H 43 -11.26 39.45 -10.60
C ILE H 43 -12.17 38.30 -10.16
N PRO H 44 -12.40 37.38 -11.06
CA PRO H 44 -13.27 36.27 -10.95
C PRO H 44 -12.99 35.44 -9.79
N LYS H 45 -13.90 34.58 -9.40
CA LYS H 45 -13.57 33.65 -8.30
C LYS H 45 -13.28 32.34 -8.97
N VAL H 46 -11.98 32.08 -9.07
CA VAL H 46 -11.56 30.84 -9.67
C VAL H 46 -10.99 29.82 -8.65
N SER H 47 -11.61 28.65 -8.51
CA SER H 47 -11.26 27.76 -7.45
C SER H 47 -11.12 26.36 -7.95
N ALA H 48 -10.25 25.60 -7.33
CA ALA H 48 -10.19 24.29 -7.82
C ALA H 48 -11.35 23.50 -7.27
N TYR H 49 -12.03 24.02 -6.24
CA TYR H 49 -13.22 23.32 -5.77
C TYR H 49 -14.59 23.68 -6.42
N GLN H 50 -14.61 24.16 -7.67
CA GLN H 50 -15.89 24.43 -8.32
C GLN H 50 -16.03 23.65 -9.61
N TYR H 51 -17.23 23.27 -10.00
CA TYR H 51 -17.46 22.56 -11.22
C TYR H 51 -17.11 23.45 -12.40
N ARG H 52 -16.67 22.86 -13.48
CA ARG H 52 -16.35 23.56 -14.71
C ARG H 52 -17.30 22.95 -15.70
N VAL H 53 -18.19 23.71 -16.31
CA VAL H 53 -19.16 23.06 -17.18
C VAL H 53 -18.94 23.70 -18.50
N PHE H 54 -18.34 22.99 -19.43
CA PHE H 54 -18.06 23.55 -20.72
C PHE H 54 -19.27 23.18 -21.57
N ARG H 55 -19.89 24.13 -22.29
CA ARG H 55 -20.89 23.80 -23.25
C ARG H 55 -20.22 24.00 -24.59
N VAL H 56 -19.98 22.88 -25.23
CA VAL H 56 -19.24 22.84 -26.44
C VAL H 56 -20.27 22.88 -27.54
N GLN H 57 -20.14 23.88 -28.40
CA GLN H 57 -21.02 24.13 -29.49
C GLN H 57 -20.45 23.52 -30.74
N LEU H 58 -21.17 22.60 -31.32
CA LEU H 58 -20.66 21.97 -32.53
C LEU H 58 -21.36 22.55 -33.78
N PRO H 59 -20.79 22.31 -34.97
CA PRO H 59 -21.33 22.83 -36.15
C PRO H 59 -22.52 22.03 -36.56
N ASP H 60 -23.49 22.63 -37.25
CA ASP H 60 -24.69 21.87 -37.61
C ASP H 60 -24.28 20.99 -38.79
N PRO H 61 -24.26 19.67 -38.66
CA PRO H 61 -23.72 18.82 -39.76
C PRO H 61 -24.56 18.88 -41.06
N ASN H 62 -25.78 19.44 -41.00
CA ASN H 62 -26.63 19.60 -42.14
C ASN H 62 -26.28 20.79 -42.85
N LYS H 63 -26.25 21.95 -42.27
CA LYS H 63 -25.68 23.12 -42.95
C LYS H 63 -24.13 23.19 -43.08
N PHE H 64 -23.48 22.04 -43.06
CA PHE H 64 -22.02 21.93 -43.05
C PHE H 64 -21.58 21.48 -44.37
N GLY H 65 -20.28 21.59 -44.64
CA GLY H 65 -19.74 21.10 -45.92
C GLY H 65 -19.07 19.74 -45.78
N LEU H 66 -19.64 18.68 -46.36
CA LEU H 66 -19.13 17.36 -46.17
C LEU H 66 -18.16 17.10 -47.25
N PRO H 67 -17.24 16.15 -47.05
CA PRO H 67 -16.14 15.79 -48.01
C PRO H 67 -16.74 15.16 -49.26
N ASP H 68 -18.04 14.93 -49.15
CA ASP H 68 -18.82 14.25 -50.15
C ASP H 68 -20.27 14.33 -49.59
N THR H 69 -21.12 15.19 -50.19
CA THR H 69 -22.58 15.39 -49.76
C THR H 69 -23.54 14.38 -50.49
N SER H 70 -23.06 13.13 -50.63
CA SER H 70 -23.84 11.94 -51.15
C SER H 70 -23.64 10.73 -50.13
N ILE H 71 -23.67 11.12 -48.84
CA ILE H 71 -23.45 10.24 -47.74
C ILE H 71 -24.85 9.94 -47.30
N TYR H 72 -25.70 10.96 -47.54
CA TYR H 72 -27.12 10.85 -47.28
C TYR H 72 -28.02 11.56 -48.30
N ASN H 73 -29.33 11.30 -48.20
CA ASN H 73 -30.30 11.98 -49.00
C ASN H 73 -31.05 13.03 -48.20
N PRO H 74 -30.67 14.34 -48.39
CA PRO H 74 -31.31 15.46 -47.66
C PRO H 74 -32.77 15.53 -47.79
N GLU H 75 -33.34 14.56 -48.45
CA GLU H 75 -34.77 14.57 -48.70
C GLU H 75 -35.46 13.70 -47.68
N THR H 76 -34.86 12.60 -47.33
CA THR H 76 -35.46 11.72 -46.37
C THR H 76 -34.67 11.58 -45.07
N GLN H 77 -33.46 12.11 -45.02
CA GLN H 77 -32.75 11.95 -43.79
C GLN H 77 -32.02 13.23 -43.28
N ARG H 78 -31.53 13.14 -42.04
CA ARG H 78 -30.83 14.25 -41.42
C ARG H 78 -29.50 13.85 -40.82
N LEU H 79 -28.74 14.82 -40.34
CA LEU H 79 -27.43 14.47 -39.87
C LEU H 79 -27.17 14.82 -38.39
N VAL H 80 -26.49 13.95 -37.65
CA VAL H 80 -26.27 14.20 -36.27
C VAL H 80 -24.87 13.83 -35.91
N TRP H 81 -24.26 14.56 -34.95
CA TRP H 81 -22.89 14.31 -34.44
C TRP H 81 -22.89 13.30 -33.25
N ALA H 82 -22.01 12.33 -33.31
CA ALA H 82 -22.06 11.40 -32.20
C ALA H 82 -20.66 11.38 -31.68
N CYS H 83 -20.58 11.40 -30.34
CA CYS H 83 -19.36 11.48 -29.68
C CYS H 83 -18.63 10.17 -29.66
N ALA H 84 -17.37 10.11 -29.96
CA ALA H 84 -16.78 8.83 -30.04
C ALA H 84 -15.51 8.80 -29.27
N GLY H 85 -14.95 9.94 -28.82
CA GLY H 85 -13.66 9.89 -28.05
C GLY H 85 -13.49 11.21 -27.32
N VAL H 86 -12.84 11.22 -26.15
CA VAL H 86 -12.67 12.42 -25.39
C VAL H 86 -11.39 12.34 -24.68
N GLU H 87 -10.78 13.49 -24.47
CA GLU H 87 -9.58 13.57 -23.66
C GLU H 87 -9.63 14.96 -22.98
N ILE H 88 -9.86 15.13 -21.68
CA ILE H 88 -9.83 16.40 -21.11
C ILE H 88 -8.40 16.63 -20.72
N GLY H 89 -7.73 17.59 -21.34
CA GLY H 89 -6.35 17.87 -21.02
C GLY H 89 -6.24 18.76 -19.82
N ARG H 90 -5.42 18.40 -18.84
CA ARG H 90 -5.16 19.36 -17.77
C ARG H 90 -3.76 20.05 -17.78
N GLY H 91 -3.76 21.35 -17.51
CA GLY H 91 -2.57 22.11 -17.52
C GLY H 91 -1.62 22.17 -16.38
N GLN H 92 -1.87 22.88 -15.29
CA GLN H 92 -0.78 23.10 -14.37
C GLN H 92 -0.26 21.85 -13.64
N PRO H 93 0.78 21.99 -12.82
CA PRO H 93 1.37 20.82 -12.12
C PRO H 93 0.54 20.36 -10.93
N LEU H 94 0.64 19.08 -10.46
CA LEU H 94 -0.23 18.52 -9.43
C LEU H 94 0.15 19.29 -8.22
N GLY H 95 -0.77 19.51 -7.27
CA GLY H 95 -0.49 20.45 -6.10
C GLY H 95 -1.64 20.49 -5.12
N VAL H 96 -1.36 20.94 -3.92
CA VAL H 96 -2.41 20.94 -2.89
C VAL H 96 -2.54 22.39 -2.39
N GLY H 97 -3.68 22.68 -1.77
CA GLY H 97 -3.83 24.04 -1.33
C GLY H 97 -4.93 24.26 -0.34
N LEU H 98 -4.77 25.28 0.49
CA LEU H 98 -5.71 25.43 1.61
C LEU H 98 -6.88 26.38 1.42
N SER H 99 -7.92 26.23 2.19
CA SER H 99 -8.95 27.22 2.23
C SER H 99 -9.23 27.43 3.70
N GLY H 100 -9.67 28.63 4.07
CA GLY H 100 -9.77 28.94 5.48
C GLY H 100 -10.82 29.95 5.78
N HIS H 101 -10.93 30.30 7.06
CA HIS H 101 -11.87 31.32 7.54
C HIS H 101 -11.28 32.11 8.72
N PRO H 102 -11.27 33.47 8.57
CA PRO H 102 -10.70 34.26 9.68
C PRO H 102 -11.43 33.96 11.01
N PHE H 103 -12.75 33.68 10.99
CA PHE H 103 -13.41 33.38 12.22
C PHE H 103 -14.14 32.06 12.23
N TYR H 104 -13.44 31.00 11.78
CA TYR H 104 -13.94 29.59 11.88
C TYR H 104 -14.46 29.29 13.30
N ASN H 105 -15.65 28.71 13.35
CA ASN H 105 -16.34 28.50 14.55
C ASN H 105 -15.93 27.13 15.03
N LYS H 106 -14.77 27.10 15.66
CA LYS H 106 -14.18 25.94 16.33
C LYS H 106 -14.18 26.27 17.81
N LEU H 107 -14.85 25.42 18.56
CA LEU H 107 -14.84 25.61 20.00
C LEU H 107 -13.52 25.20 20.63
N ASP H 108 -13.27 23.87 20.59
CA ASP H 108 -11.98 23.29 21.03
C ASP H 108 -11.76 21.88 20.54
N ASP H 109 -10.54 21.40 20.79
CA ASP H 109 -10.00 20.20 20.12
C ASP H 109 -10.55 19.10 20.94
N THR H 110 -11.38 18.22 20.33
CA THR H 110 -12.08 17.16 21.03
C THR H 110 -11.42 15.92 20.69
N GLU H 111 -10.31 15.99 19.98
CA GLU H 111 -9.60 14.82 19.58
C GLU H 111 -8.92 14.13 20.71
N SER H 112 -8.15 14.93 21.41
CA SER H 112 -7.38 14.50 22.55
C SER H 112 -6.86 15.68 23.41
N SER H 113 -7.64 16.78 23.56
CA SER H 113 -7.30 17.91 24.49
C SER H 113 -6.60 17.38 25.72
N HIS H 114 -5.54 18.10 26.06
CA HIS H 114 -4.72 17.71 27.22
C HIS H 114 -5.54 17.56 28.56
N ALA H 115 -6.71 18.19 28.60
CA ALA H 115 -7.63 18.21 29.78
C ALA H 115 -8.99 18.89 29.36
N ALA H 116 -9.67 19.50 30.35
CA ALA H 116 -10.86 20.30 30.09
C ALA H 116 -10.49 21.37 29.02
N THR H 117 -11.46 22.25 28.78
CA THR H 117 -11.32 23.30 27.77
C THR H 117 -11.89 24.66 28.25
N SER H 118 -11.44 25.68 27.44
CA SER H 118 -11.99 27.07 27.43
C SER H 118 -13.56 27.29 27.62
N ASN H 119 -13.87 28.36 28.36
CA ASN H 119 -15.26 28.80 28.58
C ASN H 119 -16.01 29.23 27.22
N VAL H 120 -17.19 28.55 26.99
CA VAL H 120 -18.20 28.92 25.93
C VAL H 120 -18.90 30.24 26.33
N SER H 121 -18.07 31.16 26.90
CA SER H 121 -18.46 32.60 27.23
C SER H 121 -18.65 33.38 25.88
N GLU H 122 -17.51 33.91 25.38
CA GLU H 122 -17.51 34.67 24.20
C GLU H 122 -16.97 34.14 22.92
N ASP H 123 -16.19 35.03 22.29
CA ASP H 123 -15.83 35.07 20.88
C ASP H 123 -14.52 34.33 20.84
N VAL H 124 -14.63 33.02 20.68
CA VAL H 124 -13.49 32.10 20.62
C VAL H 124 -13.22 31.52 19.21
N ARG H 125 -13.69 32.24 18.18
CA ARG H 125 -13.50 31.79 16.83
C ARG H 125 -12.07 32.09 16.50
N ASP H 126 -11.46 31.15 15.80
CA ASP H 126 -10.03 31.24 15.40
C ASP H 126 -9.86 31.15 13.90
N ASN H 127 -8.68 31.54 13.43
CA ASN H 127 -8.40 31.56 12.02
C ASN H 127 -7.89 30.18 11.66
N VAL H 128 -8.67 29.41 10.90
CA VAL H 128 -8.19 28.10 10.50
C VAL H 128 -8.34 27.85 9.08
N SER H 129 -7.50 26.95 8.59
CA SER H 129 -7.53 26.58 7.20
C SER H 129 -7.63 25.08 7.13
N VAL H 130 -7.86 24.58 5.95
CA VAL H 130 -7.99 23.17 5.77
C VAL H 130 -7.82 22.85 4.24
N ASP H 131 -7.15 21.77 3.88
CA ASP H 131 -7.11 21.33 2.47
C ASP H 131 -8.32 20.45 2.32
N TYR H 132 -9.16 20.70 1.32
CA TYR H 132 -10.46 19.97 1.27
C TYR H 132 -10.33 18.55 0.79
N LYS H 133 -11.44 17.84 0.83
CA LYS H 133 -11.55 16.49 0.28
C LYS H 133 -11.06 16.44 -1.15
N GLN H 134 -10.52 15.32 -1.57
CA GLN H 134 -9.97 15.33 -2.93
C GLN H 134 -10.94 14.72 -3.87
N THR H 135 -11.23 15.39 -5.04
CA THR H 135 -12.23 14.90 -6.00
C THR H 135 -11.84 14.99 -7.43
N GLN H 136 -12.23 14.01 -8.25
CA GLN H 136 -12.07 14.09 -9.70
C GLN H 136 -13.26 13.54 -10.32
N LEU H 137 -13.96 14.34 -11.09
CA LEU H 137 -15.04 13.72 -11.83
C LEU H 137 -15.24 14.35 -13.17
N CYS H 138 -15.88 13.57 -14.04
CA CYS H 138 -16.10 13.99 -15.34
C CYS H 138 -17.36 13.35 -15.94
N ILE H 139 -18.19 14.17 -16.55
CA ILE H 139 -19.41 13.69 -17.16
C ILE H 139 -19.71 14.32 -18.55
N LEU H 140 -20.07 13.42 -19.48
CA LEU H 140 -20.45 13.91 -20.82
C LEU H 140 -21.89 13.67 -21.11
N GLY H 141 -22.54 14.64 -21.76
CA GLY H 141 -23.86 14.36 -22.25
C GLY H 141 -24.28 15.45 -23.14
N CYS H 142 -25.47 15.38 -23.72
CA CYS H 142 -25.89 16.49 -24.61
C CYS H 142 -26.99 17.32 -23.97
N ALA H 143 -26.93 17.39 -22.66
CA ALA H 143 -27.77 18.18 -21.82
C ALA H 143 -26.95 18.36 -20.57
N PRO H 144 -27.09 19.50 -19.92
CA PRO H 144 -26.42 19.72 -18.64
C PRO H 144 -26.66 18.63 -17.57
N ALA H 145 -25.69 18.40 -16.68
CA ALA H 145 -25.81 17.38 -15.72
C ALA H 145 -26.59 17.86 -14.47
N ILE H 146 -27.08 16.88 -13.68
CA ILE H 146 -27.87 17.23 -12.53
C ILE H 146 -27.21 17.00 -11.16
N GLY H 147 -27.27 18.05 -10.33
CA GLY H 147 -26.76 17.91 -8.96
C GLY H 147 -27.78 17.94 -7.88
N GLU H 148 -27.42 17.53 -6.67
CA GLU H 148 -28.34 17.43 -5.58
C GLU H 148 -27.65 18.07 -4.48
N HIS H 149 -28.43 18.65 -3.58
CA HIS H 149 -27.96 19.35 -2.35
C HIS H 149 -29.06 19.57 -1.28
N TRP H 150 -28.75 19.73 -0.02
CA TRP H 150 -29.81 19.95 0.90
C TRP H 150 -30.07 21.41 1.10
N ALA H 151 -31.36 21.81 1.07
CA ALA H 151 -31.76 23.21 1.35
C ALA H 151 -32.69 23.44 2.49
N LYS H 152 -32.78 24.72 2.96
CA LYS H 152 -33.68 25.12 4.09
C LYS H 152 -34.92 25.14 3.29
N GLY H 153 -35.66 24.07 3.42
CA GLY H 153 -36.70 24.08 2.52
C GLY H 153 -37.93 24.57 3.16
N THR H 154 -38.87 23.92 2.50
CA THR H 154 -40.27 23.81 2.78
C THR H 154 -40.35 24.01 4.26
N ALA H 155 -41.48 24.56 4.72
CA ALA H 155 -41.73 24.83 6.15
C ALA H 155 -43.11 25.28 6.04
N SER H 156 -43.93 24.45 6.65
CA SER H 156 -45.38 24.66 6.65
C SER H 156 -46.06 25.96 7.12
N LYS H 157 -47.10 26.13 6.28
CA LYS H 157 -48.26 26.99 6.41
C LYS H 157 -48.84 26.86 7.84
N SER H 158 -49.17 25.57 8.17
CA SER H 158 -49.69 25.10 9.47
C SER H 158 -48.85 25.31 10.74
N ARG H 159 -47.58 24.87 10.70
CA ARG H 159 -46.61 25.02 11.83
C ARG H 159 -45.50 26.10 11.41
N PRO H 160 -45.69 27.41 11.82
CA PRO H 160 -44.55 28.41 11.68
C PRO H 160 -43.29 27.84 12.35
N LEU H 161 -42.20 28.60 12.27
CA LEU H 161 -41.01 28.07 12.91
C LEU H 161 -40.52 29.15 13.79
N SER H 162 -40.46 28.87 15.07
CA SER H 162 -40.06 29.98 15.86
C SER H 162 -38.61 30.13 15.58
N GLN H 163 -38.21 31.36 15.32
CA GLN H 163 -36.87 31.70 15.00
C GLN H 163 -35.94 31.02 16.02
N GLY H 164 -35.03 30.20 15.47
CA GLY H 164 -34.02 29.52 16.22
C GLY H 164 -34.23 28.06 16.20
N ASP H 165 -35.42 27.55 15.91
CA ASP H 165 -35.60 26.10 15.83
C ASP H 165 -35.00 25.61 14.57
N CYS H 166 -34.75 24.30 14.56
CA CYS H 166 -34.08 23.76 13.40
C CYS H 166 -35.05 23.54 12.24
N PRO H 167 -34.74 24.03 11.04
CA PRO H 167 -35.63 23.82 9.92
C PRO H 167 -35.62 22.46 9.42
N PRO H 168 -36.51 22.16 8.52
CA PRO H 168 -36.42 20.84 7.89
C PRO H 168 -35.67 20.97 6.59
N LEU H 169 -34.93 19.90 6.32
CA LEU H 169 -34.04 19.80 5.19
C LEU H 169 -34.78 19.20 4.07
N GLU H 170 -34.53 19.74 2.92
CA GLU H 170 -35.09 19.19 1.73
C GLU H 170 -34.05 18.93 0.67
N LEU H 171 -34.17 17.82 -0.04
CA LEU H 171 -33.15 17.56 -1.04
C LEU H 171 -33.59 18.20 -2.35
N LYS H 172 -32.79 19.11 -2.85
CA LYS H 172 -33.17 19.83 -4.06
C LYS H 172 -32.41 19.43 -5.38
N ASN H 173 -33.01 19.12 -6.56
CA ASN H 173 -32.21 18.88 -7.78
C ASN H 173 -32.02 20.16 -8.42
N THR H 174 -30.95 20.32 -9.16
CA THR H 174 -30.60 21.59 -9.81
C THR H 174 -29.57 21.29 -10.92
N VAL H 175 -29.53 22.14 -11.93
CA VAL H 175 -28.51 21.96 -12.97
C VAL H 175 -27.12 22.46 -12.54
N LEU H 176 -26.09 21.66 -12.81
CA LEU H 176 -24.77 22.04 -12.40
C LEU H 176 -24.18 23.05 -13.38
N GLU H 177 -24.00 24.27 -12.94
CA GLU H 177 -23.50 25.30 -13.89
C GLU H 177 -22.02 25.56 -13.65
N ASP H 178 -21.26 26.15 -14.59
CA ASP H 178 -19.87 26.33 -14.36
C ASP H 178 -19.72 27.26 -13.17
N GLY H 179 -18.96 26.94 -12.13
CA GLY H 179 -18.90 27.91 -11.07
C GLY H 179 -19.49 27.33 -9.83
N ASP H 180 -20.41 26.36 -9.81
CA ASP H 180 -20.89 25.91 -8.46
C ASP H 180 -19.84 25.13 -7.71
N MET H 181 -19.90 25.16 -6.41
CA MET H 181 -18.94 24.46 -5.67
C MET H 181 -19.24 22.96 -5.47
N VAL H 182 -18.21 22.16 -5.18
CA VAL H 182 -18.37 20.69 -4.93
C VAL H 182 -18.30 20.40 -3.50
N ASP H 183 -18.52 19.12 -3.13
CA ASP H 183 -18.62 18.77 -1.79
C ASP H 183 -17.21 18.75 -1.37
N THR H 184 -16.87 19.63 -0.42
CA THR H 184 -15.46 19.73 -0.09
C THR H 184 -15.18 18.96 1.16
N GLY H 185 -16.21 18.37 1.76
CA GLY H 185 -15.94 17.54 2.88
C GLY H 185 -16.79 17.89 4.03
N TYR H 186 -17.66 18.88 3.86
CA TYR H 186 -18.57 19.29 4.92
C TYR H 186 -19.98 19.02 4.47
N GLY H 187 -20.09 18.19 3.42
CA GLY H 187 -21.41 17.83 2.95
C GLY H 187 -21.97 18.66 1.79
N ALA H 188 -22.97 18.11 1.08
CA ALA H 188 -23.54 18.90 -0.03
C ALA H 188 -24.79 19.64 0.43
N MET H 189 -24.65 20.91 0.79
CA MET H 189 -25.72 21.72 1.18
C MET H 189 -25.57 23.20 0.85
N ASP H 190 -26.55 23.94 1.37
CA ASP H 190 -26.59 25.37 1.12
C ASP H 190 -26.25 26.05 2.41
N PHE H 191 -24.97 26.14 2.64
CA PHE H 191 -24.41 26.83 3.79
C PHE H 191 -24.83 28.28 3.97
N SER H 192 -25.20 28.97 2.87
CA SER H 192 -25.69 30.36 3.01
C SER H 192 -27.05 30.40 3.68
N THR H 193 -27.84 29.36 3.51
CA THR H 193 -29.14 29.39 4.10
C THR H 193 -29.31 28.55 5.29
N LEU H 194 -28.36 27.67 5.54
CA LEU H 194 -28.53 26.75 6.67
C LEU H 194 -27.57 27.02 7.85
N GLN H 195 -26.54 27.82 7.60
CA GLN H 195 -25.70 28.24 8.71
C GLN H 195 -25.75 29.75 8.85
N ASP H 196 -26.51 30.27 9.81
CA ASP H 196 -26.62 31.71 9.97
C ASP H 196 -25.34 32.38 10.37
N THR H 197 -24.44 31.59 10.94
CA THR H 197 -23.19 32.08 11.49
C THR H 197 -22.26 32.73 10.45
N LYS H 198 -22.07 32.09 9.28
CA LYS H 198 -21.16 32.53 8.18
C LYS H 198 -19.74 32.24 8.65
N CYS H 199 -19.62 31.29 9.60
CA CYS H 199 -18.28 30.93 10.13
C CYS H 199 -18.26 29.50 10.55
N GLU H 200 -19.12 28.66 9.96
CA GLU H 200 -18.83 27.25 10.16
C GLU H 200 -17.87 26.59 9.16
N VAL H 201 -17.56 27.21 8.05
CA VAL H 201 -16.75 26.53 7.06
C VAL H 201 -15.88 27.52 6.38
N PRO H 202 -14.91 27.09 5.65
CA PRO H 202 -14.05 28.09 5.02
C PRO H 202 -14.79 29.08 4.06
N LEU H 203 -14.24 30.28 3.95
CA LEU H 203 -14.68 31.37 3.12
C LEU H 203 -15.21 30.99 1.78
N ASP H 204 -14.60 30.05 1.05
CA ASP H 204 -14.99 29.78 -0.34
C ASP H 204 -16.29 28.98 -0.50
N ILE H 205 -16.91 28.45 0.54
CA ILE H 205 -18.18 27.76 0.36
C ILE H 205 -19.11 28.32 1.45
N CYS H 206 -18.51 29.17 2.25
CA CYS H 206 -19.15 29.66 3.45
C CYS H 206 -20.55 30.19 3.19
N GLN H 207 -20.63 30.88 2.04
CA GLN H 207 -21.89 31.52 1.57
C GLN H 207 -22.30 30.91 0.26
N SER H 208 -22.10 29.60 -0.02
CA SER H 208 -22.44 29.14 -1.40
C SER H 208 -23.13 27.88 -1.23
N ILE H 209 -23.27 27.14 -2.33
CA ILE H 209 -24.02 25.86 -2.26
C ILE H 209 -23.14 24.81 -2.82
N CYS H 210 -22.87 23.80 -2.01
CA CYS H 210 -22.00 22.68 -2.44
C CYS H 210 -22.93 21.66 -3.01
N LYS H 211 -22.66 21.23 -4.24
CA LYS H 211 -23.57 20.30 -4.86
C LYS H 211 -22.77 19.07 -5.17
N TYR H 212 -23.46 17.93 -5.29
CA TYR H 212 -22.84 16.70 -5.64
C TYR H 212 -23.69 16.08 -6.71
N PRO H 213 -23.10 15.58 -7.74
CA PRO H 213 -23.85 15.01 -8.83
C PRO H 213 -24.77 13.96 -8.39
N ASP H 214 -25.99 14.09 -8.91
CA ASP H 214 -27.03 13.14 -8.61
C ASP H 214 -26.97 11.90 -9.48
N TYR H 215 -25.99 11.05 -9.20
CA TYR H 215 -25.71 9.98 -10.16
C TYR H 215 -26.92 9.06 -10.30
N LEU H 216 -27.70 8.91 -9.21
CA LEU H 216 -28.82 8.00 -9.15
C LEU H 216 -29.84 8.55 -10.05
N GLN H 217 -30.16 9.82 -9.90
CA GLN H 217 -31.14 10.46 -10.77
C GLN H 217 -30.87 10.46 -12.25
N MET H 218 -29.61 10.67 -12.63
CA MET H 218 -29.24 10.71 -13.98
C MET H 218 -29.26 9.31 -14.64
N SER H 219 -28.89 8.27 -13.89
CA SER H 219 -28.93 6.90 -14.42
C SER H 219 -30.31 6.46 -14.74
N ALA H 220 -31.22 6.87 -13.87
CA ALA H 220 -32.68 6.64 -14.04
C ALA H 220 -33.27 7.37 -15.26
N ASP H 221 -32.89 8.63 -15.43
CA ASP H 221 -33.36 9.31 -16.56
C ASP H 221 -33.62 8.43 -17.78
N PRO H 222 -34.84 8.40 -18.24
CA PRO H 222 -35.27 7.50 -19.27
C PRO H 222 -34.58 7.75 -20.60
N TYR H 223 -34.31 9.00 -20.99
CA TYR H 223 -33.69 9.13 -22.33
C TYR H 223 -32.13 8.88 -22.35
N GLY H 224 -31.54 9.22 -21.23
CA GLY H 224 -30.12 9.21 -21.06
C GLY H 224 -29.41 10.34 -21.73
N ASP H 225 -29.94 11.54 -21.86
CA ASP H 225 -29.11 12.60 -22.45
C ASP H 225 -28.24 13.36 -21.42
N SER H 226 -28.54 13.12 -20.15
CA SER H 226 -27.93 13.79 -18.99
C SER H 226 -26.53 13.30 -18.89
N MET H 227 -26.36 11.98 -18.92
CA MET H 227 -25.01 11.50 -18.98
C MET H 227 -24.74 10.23 -19.69
N PHE H 228 -23.81 10.28 -20.62
CA PHE H 228 -23.53 9.07 -21.31
C PHE H 228 -22.16 8.61 -21.14
N PHE H 229 -21.55 9.06 -20.07
CA PHE H 229 -20.12 8.82 -19.73
C PHE H 229 -19.96 9.40 -18.34
N CYS H 230 -19.50 8.55 -17.44
CA CYS H 230 -19.31 9.09 -16.08
C CYS H 230 -18.03 8.56 -15.43
N LEU H 231 -17.16 9.40 -14.84
CA LEU H 231 -15.88 9.02 -14.19
C LEU H 231 -15.74 9.76 -12.90
N ARG H 232 -15.57 9.06 -11.82
CA ARG H 232 -15.46 9.71 -10.56
C ARG H 232 -14.40 8.99 -9.71
N ARG H 233 -13.73 9.79 -8.88
CA ARG H 233 -12.72 9.28 -7.96
C ARG H 233 -12.64 10.29 -6.83
N GLU H 234 -13.08 9.94 -5.67
CA GLU H 234 -12.87 10.92 -4.59
C GLU H 234 -12.29 10.16 -3.42
N GLN H 235 -11.82 10.86 -2.36
CA GLN H 235 -11.19 10.25 -1.16
C GLN H 235 -10.91 11.33 -0.18
N LEU H 236 -10.96 11.01 1.10
CA LEU H 236 -10.64 12.01 2.09
C LEU H 236 -10.52 11.35 3.44
N PHE H 237 -9.99 12.10 4.42
CA PHE H 237 -10.03 11.54 5.78
C PHE H 237 -10.12 12.70 6.77
N ALA H 238 -10.40 12.32 8.05
CA ALA H 238 -10.62 13.30 9.12
C ALA H 238 -9.33 13.76 9.77
N ARG H 239 -8.83 14.93 9.39
CA ARG H 239 -7.63 15.52 9.95
C ARG H 239 -7.75 15.89 11.45
N HIS H 240 -8.55 16.89 11.85
CA HIS H 240 -8.74 17.25 13.27
C HIS H 240 -10.18 17.15 13.66
N PHE H 241 -10.48 17.02 14.99
CA PHE H 241 -11.91 16.90 15.50
C PHE H 241 -12.30 18.13 16.29
N TRP H 242 -13.36 18.82 15.96
CA TRP H 242 -13.72 19.97 16.76
C TRP H 242 -15.18 19.99 17.24
N ASN H 243 -15.47 20.90 18.17
CA ASN H 243 -16.80 21.20 18.70
C ASN H 243 -17.30 22.41 18.08
N ARG H 244 -18.57 22.61 18.18
CA ARG H 244 -19.08 23.92 17.62
C ARG H 244 -19.56 24.89 18.75
N ALA H 245 -19.18 26.16 18.75
CA ALA H 245 -19.57 27.06 19.80
C ALA H 245 -21.03 27.29 19.53
N GLY H 246 -21.84 27.50 20.59
CA GLY H 246 -23.24 27.98 20.41
C GLY H 246 -24.07 27.14 21.34
N THR H 247 -25.40 27.39 21.42
CA THR H 247 -26.19 26.68 22.47
C THR H 247 -26.77 25.51 21.73
N MET H 248 -26.81 24.30 22.35
CA MET H 248 -27.27 23.05 21.66
C MET H 248 -28.76 23.05 21.37
N GLY H 249 -29.17 23.00 20.14
CA GLY H 249 -30.58 23.08 19.93
C GLY H 249 -31.33 21.83 20.42
N ASP H 250 -30.81 20.64 20.12
CA ASP H 250 -31.39 19.37 20.61
C ASP H 250 -30.71 19.05 21.90
N THR H 251 -31.46 19.08 22.99
CA THR H 251 -30.86 18.83 24.29
C THR H 251 -30.51 17.32 24.54
N VAL H 252 -29.24 17.08 24.82
CA VAL H 252 -28.80 15.73 25.16
C VAL H 252 -29.61 15.06 26.24
N PRO H 253 -30.22 13.90 25.90
CA PRO H 253 -31.06 13.07 26.81
C PRO H 253 -30.30 12.73 28.03
N GLN H 254 -30.97 12.86 29.17
CA GLN H 254 -30.37 12.60 30.47
C GLN H 254 -30.04 11.16 30.72
N SER H 255 -30.71 10.29 29.96
CA SER H 255 -30.40 8.87 30.04
C SER H 255 -29.13 8.39 29.41
N LEU H 256 -28.38 9.34 28.90
CA LEU H 256 -27.13 9.03 28.15
C LEU H 256 -25.83 9.32 28.85
N TYR H 257 -25.98 9.89 30.03
CA TYR H 257 -24.85 10.13 30.89
C TYR H 257 -25.23 10.29 32.35
N ILE H 258 -24.19 10.40 33.20
CA ILE H 258 -24.39 10.68 34.62
C ILE H 258 -23.90 12.11 34.92
N LYS H 259 -24.68 12.92 35.64
CA LYS H 259 -24.26 14.29 36.01
C LYS H 259 -22.98 14.42 36.82
N GLY H 260 -22.37 15.56 36.69
CA GLY H 260 -21.13 15.75 37.39
C GLY H 260 -21.52 16.90 38.26
N THR H 261 -20.52 17.64 38.76
CA THR H 261 -20.76 18.83 39.60
C THR H 261 -19.99 19.95 38.93
N GLY H 262 -20.54 21.15 39.00
CA GLY H 262 -19.74 22.27 38.46
C GLY H 262 -19.87 22.36 36.94
N MET H 263 -18.87 22.93 36.26
CA MET H 263 -18.92 22.93 34.82
C MET H 263 -19.26 21.50 34.18
N ARG H 264 -19.03 20.39 34.95
CA ARG H 264 -19.38 18.92 34.59
C ARG H 264 -20.81 18.46 35.00
N ALA H 265 -21.55 19.38 35.51
CA ALA H 265 -22.90 19.13 35.92
C ALA H 265 -23.89 19.15 34.73
N SER H 266 -23.48 19.90 33.73
CA SER H 266 -24.23 20.00 32.47
C SER H 266 -23.34 19.74 31.17
N PRO H 267 -23.78 18.84 30.23
CA PRO H 267 -22.97 18.55 29.02
C PRO H 267 -22.57 19.83 28.24
N GLY H 268 -21.39 19.81 27.61
CA GLY H 268 -21.11 20.98 26.71
C GLY H 268 -21.53 20.74 25.24
N SER H 269 -20.77 21.37 24.35
CA SER H 269 -21.08 21.16 22.93
C SER H 269 -21.01 19.74 22.47
N CYS H 270 -22.05 19.28 21.85
CA CYS H 270 -22.06 17.93 21.30
C CYS H 270 -22.38 17.94 19.85
N VAL H 271 -22.03 19.02 19.21
CA VAL H 271 -22.10 19.02 17.74
C VAL H 271 -20.70 18.96 17.23
N TYR H 272 -20.25 17.80 16.76
CA TYR H 272 -18.89 17.71 16.33
C TYR H 272 -18.83 17.71 14.81
N SER H 273 -17.72 18.27 14.28
CA SER H 273 -17.43 18.18 12.83
C SER H 273 -15.92 18.24 12.61
N PRO H 274 -15.39 17.26 11.85
CA PRO H 274 -13.92 17.15 11.70
C PRO H 274 -13.49 17.94 10.48
N SER H 275 -12.28 18.52 10.49
CA SER H 275 -11.76 19.18 9.31
C SER H 275 -11.43 18.04 8.29
N PRO H 276 -11.96 18.10 7.09
CA PRO H 276 -11.57 17.05 6.13
C PRO H 276 -10.15 17.27 5.67
N SER H 277 -9.72 16.45 4.73
CA SER H 277 -8.40 16.53 4.08
C SER H 277 -8.28 15.32 3.19
N GLY H 278 -7.94 15.57 1.92
CA GLY H 278 -7.63 14.56 0.92
C GLY H 278 -6.13 14.24 1.24
N SER H 279 -5.72 12.98 1.12
CA SER H 279 -4.41 12.73 1.64
C SER H 279 -3.44 13.17 0.51
N ILE H 280 -2.64 12.21 0.08
CA ILE H 280 -1.66 12.46 -0.92
C ILE H 280 -2.28 12.59 -2.29
N VAL H 281 -1.77 13.53 -3.03
CA VAL H 281 -2.31 13.60 -4.35
C VAL H 281 -1.16 13.04 -5.20
N THR H 282 -1.35 11.99 -5.99
CA THR H 282 -0.36 11.42 -6.86
C THR H 282 -0.81 11.24 -8.26
N SER H 283 0.10 11.20 -9.18
CA SER H 283 -0.23 11.08 -10.58
C SER H 283 -0.66 9.66 -10.94
N ASP H 284 -0.49 8.74 -10.02
CA ASP H 284 -0.98 7.38 -10.33
C ASP H 284 -2.49 7.24 -10.41
N SER H 285 -3.17 8.07 -9.64
CA SER H 285 -4.60 7.97 -9.55
C SER H 285 -5.24 9.12 -10.37
N GLN H 286 -4.56 9.57 -11.45
CA GLN H 286 -4.98 10.73 -12.21
C GLN H 286 -6.01 10.17 -13.16
N LEU H 287 -7.09 10.90 -13.29
CA LEU H 287 -8.21 10.55 -14.15
C LEU H 287 -8.17 11.06 -15.55
N PHE H 288 -7.71 12.31 -15.68
CA PHE H 288 -7.55 13.08 -16.89
C PHE H 288 -6.30 12.94 -17.64
N ASN H 289 -6.18 13.66 -18.73
CA ASN H 289 -4.98 13.59 -19.52
C ASN H 289 -4.76 12.24 -20.13
N LYS H 290 -5.82 11.45 -20.25
CA LYS H 290 -5.84 10.20 -20.96
C LYS H 290 -7.05 10.23 -21.84
N PRO H 291 -7.02 9.57 -22.95
CA PRO H 291 -8.23 9.51 -23.81
C PRO H 291 -9.13 8.42 -23.43
N TYR H 292 -10.44 8.57 -23.47
CA TYR H 292 -11.28 7.50 -23.16
C TYR H 292 -12.28 7.46 -24.27
N TRP H 293 -12.56 6.31 -24.92
CA TRP H 293 -13.41 6.26 -26.10
C TRP H 293 -14.69 5.67 -25.66
N LEU H 294 -15.81 6.32 -25.93
CA LEU H 294 -17.03 5.69 -25.49
C LEU H 294 -17.54 4.91 -26.64
N HIS H 295 -17.58 3.59 -26.45
CA HIS H 295 -18.04 2.59 -27.43
C HIS H 295 -19.62 2.31 -27.28
N LYS H 296 -20.11 2.22 -26.04
CA LYS H 296 -21.54 2.05 -25.82
C LYS H 296 -21.85 2.73 -24.55
N ALA H 297 -22.69 3.74 -24.67
CA ALA H 297 -23.11 4.55 -23.57
C ALA H 297 -23.89 3.74 -22.57
N GLN H 298 -24.26 4.37 -21.46
CA GLN H 298 -24.87 3.63 -20.39
C GLN H 298 -26.41 3.58 -20.57
N GLY H 299 -27.00 4.72 -20.92
CA GLY H 299 -28.46 4.79 -21.14
C GLY H 299 -28.78 4.61 -22.62
N HIS H 300 -29.83 5.25 -23.09
CA HIS H 300 -30.30 4.84 -24.38
C HIS H 300 -29.64 5.70 -25.40
N ASN H 301 -29.36 6.95 -25.13
CA ASN H 301 -28.65 7.78 -26.10
C ASN H 301 -27.21 7.44 -25.95
N ASN H 302 -26.65 7.02 -27.06
CA ASN H 302 -25.28 6.54 -27.17
C ASN H 302 -24.34 7.68 -27.68
N GLY H 303 -24.23 8.74 -26.91
CA GLY H 303 -23.39 9.80 -27.32
C GLY H 303 -23.82 10.62 -28.57
N VAL H 304 -25.11 10.55 -28.82
CA VAL H 304 -25.68 11.38 -29.87
C VAL H 304 -25.79 12.85 -29.31
N CYS H 305 -25.16 13.77 -29.99
CA CYS H 305 -25.27 15.15 -29.56
C CYS H 305 -26.34 15.90 -30.21
N TRP H 306 -27.54 15.78 -29.66
CA TRP H 306 -28.69 16.36 -30.28
C TRP H 306 -28.47 17.84 -30.18
N HIS H 307 -28.92 18.56 -31.18
CA HIS H 307 -28.75 20.02 -31.19
C HIS H 307 -27.36 20.44 -31.39
N ASN H 308 -26.49 19.44 -31.62
CA ASN H 308 -25.13 19.71 -31.98
C ASN H 308 -24.45 20.50 -30.84
N GLN H 309 -24.94 20.16 -29.64
CA GLN H 309 -24.36 20.68 -28.41
C GLN H 309 -23.69 19.50 -27.70
N LEU H 310 -23.03 19.80 -26.59
CA LEU H 310 -22.44 18.79 -25.76
C LEU H 310 -21.88 19.45 -24.50
N PHE H 311 -22.37 19.05 -23.36
CA PHE H 311 -21.85 19.54 -22.14
C PHE H 311 -20.76 18.68 -21.51
N VAL H 312 -19.72 19.35 -21.00
CA VAL H 312 -18.64 18.61 -20.34
C VAL H 312 -18.48 19.15 -18.95
N THR H 313 -18.82 18.31 -18.00
CA THR H 313 -18.70 18.66 -16.60
C THR H 313 -17.50 18.02 -15.98
N VAL H 314 -16.74 18.85 -15.31
CA VAL H 314 -15.52 18.44 -14.69
C VAL H 314 -15.21 19.04 -13.36
N VAL H 315 -14.73 18.16 -12.50
CA VAL H 315 -14.20 18.57 -11.18
C VAL H 315 -12.82 17.99 -11.04
N ASP H 316 -11.86 18.84 -10.64
CA ASP H 316 -10.55 18.18 -10.48
C ASP H 316 -9.78 18.94 -9.45
N THR H 317 -9.57 18.35 -8.28
CA THR H 317 -9.02 19.15 -7.21
C THR H 317 -7.57 18.77 -6.98
N THR H 318 -7.06 17.98 -7.93
CA THR H 318 -5.71 17.49 -7.84
C THR H 318 -4.66 18.54 -8.16
N ARG H 319 -5.11 19.70 -8.63
CA ARG H 319 -4.23 20.78 -9.10
C ARG H 319 -4.75 22.02 -8.48
N SER H 320 -4.65 22.09 -7.16
CA SER H 320 -5.11 23.22 -6.43
C SER H 320 -4.10 24.11 -5.72
N THR H 321 -2.87 24.16 -6.17
CA THR H 321 -1.87 25.04 -5.60
C THR H 321 -2.33 26.46 -5.79
N ASN H 322 -2.37 27.22 -4.69
CA ASN H 322 -2.73 28.63 -4.84
C ASN H 322 -1.54 29.56 -4.86
N LEU H 323 -1.32 30.37 -5.89
CA LEU H 323 -0.13 31.18 -5.94
C LEU H 323 -0.21 32.32 -4.95
N THR H 324 0.83 32.56 -4.15
CA THR H 324 0.85 33.70 -3.28
C THR H 324 1.61 34.80 -4.02
N ILE H 325 1.09 36.00 -4.03
CA ILE H 325 1.78 37.07 -4.70
C ILE H 325 1.77 38.20 -3.74
N CYS H 326 2.94 38.79 -3.53
CA CYS H 326 3.02 40.00 -2.72
C CYS H 326 3.89 41.09 -3.28
N ALA H 327 3.36 42.31 -3.19
CA ALA H 327 4.07 43.46 -3.66
C ALA H 327 4.32 44.40 -2.48
N SER H 328 5.29 45.28 -2.60
CA SER H 328 5.51 46.15 -1.48
C SER H 328 4.81 47.52 -1.71
N THR H 329 4.66 48.26 -0.61
CA THR H 329 4.08 49.57 -0.67
C THR H 329 5.13 50.60 -1.14
N GLN H 330 6.38 50.38 -0.75
CA GLN H 330 7.41 51.34 -1.13
C GLN H 330 7.84 50.89 -2.50
N SER H 331 8.46 51.84 -3.20
CA SER H 331 8.97 51.64 -4.60
C SER H 331 10.42 51.01 -4.62
N PRO H 332 11.31 51.63 -3.83
CA PRO H 332 12.65 51.06 -3.76
C PRO H 332 12.69 49.67 -3.15
N VAL H 333 11.79 49.39 -2.17
CA VAL H 333 11.70 48.05 -1.55
C VAL H 333 12.83 48.02 -0.55
N PRO H 334 12.67 48.72 0.60
CA PRO H 334 13.80 48.94 1.59
C PRO H 334 14.47 47.62 2.07
N GLY H 335 15.77 47.76 2.39
CA GLY H 335 16.53 46.61 2.92
C GLY H 335 16.11 46.25 4.33
N GLN H 336 15.09 46.95 4.84
CA GLN H 336 14.55 46.70 6.17
C GLN H 336 13.18 46.02 6.04
N TYR H 337 13.06 44.78 6.55
CA TYR H 337 11.79 44.06 6.41
C TYR H 337 10.74 44.61 7.32
N ASP H 338 9.50 44.83 6.82
CA ASP H 338 8.42 45.38 7.62
C ASP H 338 7.17 44.82 7.05
N ALA H 339 6.72 43.77 7.67
CA ALA H 339 5.44 43.17 7.25
C ALA H 339 4.41 44.06 6.63
N THR H 340 4.02 45.12 7.33
CA THR H 340 2.93 45.98 6.90
C THR H 340 3.23 46.64 5.59
N LYS H 341 4.50 46.71 5.23
CA LYS H 341 4.92 47.42 4.05
C LYS H 341 4.86 46.57 2.74
N PHE H 342 4.16 45.43 2.82
CA PHE H 342 3.87 44.51 1.71
C PHE H 342 2.40 44.04 1.72
N LYS H 343 1.81 43.99 0.53
CA LYS H 343 0.42 43.50 0.34
C LYS H 343 0.46 42.07 -0.16
N GLN H 344 -0.23 41.25 0.53
CA GLN H 344 -0.33 39.89 0.13
C GLN H 344 -1.63 39.50 -0.73
N TYR H 345 -1.43 38.90 -1.90
CA TYR H 345 -2.62 38.41 -2.66
C TYR H 345 -2.69 36.87 -2.84
N SER H 346 -3.82 36.29 -3.23
CA SER H 346 -3.84 34.89 -3.48
C SER H 346 -4.43 34.67 -4.83
N ARG H 347 -3.71 34.13 -5.79
CA ARG H 347 -4.42 33.84 -7.02
C ARG H 347 -4.44 32.40 -7.43
N HIS H 348 -5.56 31.87 -7.92
CA HIS H 348 -5.57 30.50 -8.38
C HIS H 348 -5.70 30.42 -9.87
N VAL H 349 -5.11 29.42 -10.55
CA VAL H 349 -5.18 29.33 -11.98
C VAL H 349 -5.86 28.00 -12.43
N GLU H 350 -6.39 27.95 -13.63
CA GLU H 350 -6.98 26.74 -14.06
C GLU H 350 -6.75 26.62 -15.55
N GLU H 351 -6.17 25.55 -16.09
CA GLU H 351 -5.85 25.39 -17.51
C GLU H 351 -6.41 24.12 -18.12
N TYR H 352 -7.46 24.23 -18.95
CA TYR H 352 -7.99 23.08 -19.63
C TYR H 352 -7.69 23.04 -21.11
N ASP H 353 -7.91 21.90 -21.74
CA ASP H 353 -7.88 21.77 -23.14
C ASP H 353 -8.80 20.56 -23.49
N LEU H 354 -9.87 20.72 -24.30
CA LEU H 354 -10.76 19.64 -24.62
C LEU H 354 -10.50 19.20 -26.01
N GLN H 355 -10.57 17.90 -26.22
CA GLN H 355 -10.36 17.24 -27.53
C GLN H 355 -11.36 16.06 -27.62
N PHE H 356 -11.94 16.00 -28.79
CA PHE H 356 -12.93 15.03 -29.08
C PHE H 356 -12.76 14.46 -30.45
N ILE H 357 -13.33 13.26 -30.60
CA ILE H 357 -13.43 12.66 -31.93
C ILE H 357 -14.93 12.42 -32.13
N PHE H 358 -15.46 13.02 -33.23
CA PHE H 358 -16.87 12.95 -33.53
C PHE H 358 -17.14 12.10 -34.77
N GLN H 359 -18.21 11.31 -34.72
CA GLN H 359 -18.59 10.46 -35.82
C GLN H 359 -19.88 10.99 -36.46
N LEU H 360 -19.88 11.08 -37.79
CA LEU H 360 -21.04 11.61 -38.49
C LEU H 360 -22.22 10.59 -38.56
N CYS H 361 -23.41 10.95 -38.17
CA CYS H 361 -24.46 9.99 -38.31
C CYS H 361 -25.63 10.48 -39.10
N THR H 362 -26.46 9.53 -39.60
CA THR H 362 -27.67 9.79 -40.33
C THR H 362 -28.90 9.22 -39.68
N ILE H 363 -29.98 10.01 -39.66
CA ILE H 363 -31.28 9.59 -39.20
C ILE H 363 -32.19 9.70 -40.41
N THR H 364 -32.62 8.55 -40.86
CA THR H 364 -33.69 8.54 -41.87
C THR H 364 -35.06 8.79 -41.27
N LEU H 365 -35.66 9.91 -41.69
CA LEU H 365 -36.95 10.36 -41.13
C LEU H 365 -38.17 9.64 -41.67
N THR H 366 -38.85 8.87 -40.87
CA THR H 366 -39.96 8.10 -41.37
C THR H 366 -41.05 8.49 -40.42
N ALA H 367 -42.23 7.92 -40.63
CA ALA H 367 -43.38 8.28 -39.83
C ALA H 367 -43.07 8.11 -38.37
N ASP H 368 -42.85 6.85 -37.93
CA ASP H 368 -42.76 6.59 -36.52
C ASP H 368 -41.50 7.16 -35.97
N VAL H 369 -40.48 7.25 -36.81
CA VAL H 369 -39.22 7.91 -36.38
C VAL H 369 -39.44 9.35 -35.95
N MET H 370 -40.12 10.09 -36.82
CA MET H 370 -40.51 11.43 -36.44
C MET H 370 -41.29 11.48 -35.18
N SER H 371 -42.26 10.61 -35.09
CA SER H 371 -43.24 10.75 -34.01
C SER H 371 -42.55 10.44 -32.68
N TYR H 372 -41.58 9.48 -32.75
CA TYR H 372 -40.73 9.16 -31.67
C TYR H 372 -39.92 10.42 -31.31
N ILE H 373 -39.27 10.99 -32.31
CA ILE H 373 -38.40 12.11 -32.06
C ILE H 373 -39.22 13.22 -31.50
N GLN H 374 -40.47 13.14 -31.85
CA GLN H 374 -41.43 14.16 -31.53
C GLN H 374 -41.73 14.18 -30.07
N SER H 375 -42.08 12.99 -29.59
CA SER H 375 -42.26 12.69 -28.16
C SER H 375 -41.00 12.93 -27.35
N MET H 376 -39.88 12.42 -27.85
CA MET H 376 -38.64 12.71 -27.14
C MET H 376 -38.34 14.20 -26.86
N ASN H 377 -38.14 14.93 -27.92
CA ASN H 377 -37.85 16.28 -27.73
C ASN H 377 -38.18 16.98 -29.03
N SER H 378 -39.37 17.52 -29.06
CA SER H 378 -39.83 18.17 -30.26
C SER H 378 -38.86 19.16 -30.88
N SER H 379 -38.07 19.86 -30.07
CA SER H 379 -37.20 20.89 -30.64
C SER H 379 -36.09 20.32 -31.56
N ILE H 380 -35.96 19.02 -31.59
CA ILE H 380 -34.93 18.42 -32.41
C ILE H 380 -35.33 18.53 -33.84
N LEU H 381 -36.63 18.41 -34.07
CA LEU H 381 -37.23 18.34 -35.43
C LEU H 381 -37.39 19.77 -35.90
N GLU H 382 -37.73 20.65 -34.98
CA GLU H 382 -37.80 22.05 -35.29
C GLU H 382 -36.54 22.68 -35.90
N ASP H 383 -35.36 22.47 -35.31
CA ASP H 383 -34.08 22.97 -35.92
C ASP H 383 -33.83 22.42 -37.35
N TRP H 384 -34.34 21.25 -37.59
CA TRP H 384 -34.15 20.70 -38.89
C TRP H 384 -35.18 21.30 -39.83
N ASN H 385 -36.06 22.14 -39.29
CA ASN H 385 -37.15 22.81 -40.07
C ASN H 385 -37.97 21.79 -40.84
N ASN H 391 -33.92 31.70 -32.30
CA ASN H 391 -34.84 30.90 -31.45
C ASN H 391 -34.51 31.19 -29.94
N LYS H 392 -35.36 30.64 -29.00
CA LYS H 392 -35.12 30.66 -27.49
C LYS H 392 -34.61 29.35 -26.87
N ASP H 393 -33.34 29.42 -26.42
CA ASP H 393 -32.66 28.26 -25.82
C ASP H 393 -33.00 28.07 -24.33
N PRO H 394 -33.45 26.86 -23.94
CA PRO H 394 -33.94 26.60 -22.56
C PRO H 394 -32.86 26.71 -21.47
N TYR H 395 -31.60 26.96 -21.86
CA TYR H 395 -30.47 27.01 -20.91
C TYR H 395 -29.95 28.43 -20.90
N ASP H 396 -30.67 29.40 -21.45
CA ASP H 396 -30.08 30.73 -21.56
C ASP H 396 -29.95 31.46 -20.26
N LYS H 397 -30.45 30.84 -19.20
CA LYS H 397 -30.41 31.51 -17.91
C LYS H 397 -29.17 31.02 -17.12
N LEU H 398 -28.69 29.79 -17.37
CA LEU H 398 -27.60 29.18 -16.61
C LEU H 398 -26.23 29.55 -17.15
N LYS H 399 -25.27 29.59 -16.22
CA LYS H 399 -23.86 29.94 -16.58
C LYS H 399 -23.15 28.72 -17.03
N PHE H 400 -22.39 28.86 -18.12
CA PHE H 400 -21.59 27.81 -18.67
C PHE H 400 -20.31 28.44 -19.28
N TRP H 401 -19.27 27.66 -19.39
CA TRP H 401 -18.12 28.14 -20.16
C TRP H 401 -18.35 27.70 -21.57
N ASN H 402 -18.51 28.66 -22.45
CA ASN H 402 -18.82 28.36 -23.84
C ASN H 402 -17.62 28.15 -24.65
N VAL H 403 -17.56 27.02 -25.27
CA VAL H 403 -16.44 26.72 -26.12
C VAL H 403 -16.96 26.37 -27.50
N ASP H 404 -16.72 27.27 -28.44
CA ASP H 404 -17.30 27.14 -29.72
C ASP H 404 -16.41 26.34 -30.64
N LEU H 405 -16.89 25.23 -31.14
CA LEU H 405 -16.02 24.45 -31.92
C LEU H 405 -16.39 24.45 -33.38
N LYS H 406 -17.15 25.44 -33.86
CA LYS H 406 -17.81 25.27 -35.15
C LYS H 406 -16.80 25.39 -36.17
N GLU H 407 -15.83 26.20 -35.86
CA GLU H 407 -14.74 26.38 -36.80
C GLU H 407 -13.54 25.50 -36.55
N LYS H 408 -13.69 24.33 -35.91
CA LYS H 408 -12.57 23.58 -35.52
C LYS H 408 -12.66 22.13 -35.87
N PHE H 409 -13.60 21.72 -36.68
CA PHE H 409 -13.63 20.31 -37.01
C PHE H 409 -12.67 20.03 -38.14
N SER H 410 -11.91 18.93 -38.09
CA SER H 410 -10.98 18.53 -39.13
C SER H 410 -11.12 17.06 -39.52
N LEU H 411 -10.82 16.72 -40.75
CA LEU H 411 -11.02 15.38 -41.16
C LEU H 411 -9.76 14.62 -41.04
N ASP H 412 -8.62 15.29 -40.99
CA ASP H 412 -7.36 14.56 -40.86
C ASP H 412 -6.94 14.31 -39.45
N LEU H 413 -7.48 13.24 -38.93
CA LEU H 413 -7.23 12.89 -37.57
C LEU H 413 -5.76 12.78 -37.28
N ASP H 414 -5.09 12.26 -38.23
CA ASP H 414 -3.73 12.01 -38.21
C ASP H 414 -2.94 13.25 -37.78
N GLN H 415 -3.54 14.41 -37.90
CA GLN H 415 -2.75 15.59 -37.61
C GLN H 415 -2.85 16.05 -36.14
N TYR H 416 -3.51 15.26 -35.28
CA TYR H 416 -3.78 15.72 -33.93
C TYR H 416 -3.62 14.55 -33.01
N PRO H 417 -3.13 14.79 -31.80
CA PRO H 417 -2.87 13.78 -30.80
C PRO H 417 -4.05 12.85 -30.60
N LEU H 418 -5.17 13.31 -30.06
CA LEU H 418 -6.34 12.42 -29.89
C LEU H 418 -6.59 11.68 -31.14
N GLY H 419 -6.57 12.38 -32.25
CA GLY H 419 -6.67 11.79 -33.54
C GLY H 419 -5.76 10.59 -33.77
N ARG H 420 -4.46 10.72 -33.51
CA ARG H 420 -3.56 9.69 -33.93
C ARG H 420 -3.86 8.49 -33.06
N LYS H 421 -3.89 8.73 -31.77
CA LYS H 421 -4.44 7.75 -30.81
C LYS H 421 -5.71 7.04 -31.25
N PHE H 422 -6.56 7.78 -31.96
CA PHE H 422 -7.86 7.25 -32.27
C PHE H 422 -7.62 6.30 -33.35
N LEU H 423 -6.73 6.70 -34.23
CA LEU H 423 -6.42 5.90 -35.34
C LEU H 423 -5.77 4.67 -34.88
N VAL H 424 -5.01 4.68 -33.79
CA VAL H 424 -4.31 3.43 -33.37
C VAL H 424 -5.36 2.46 -32.87
N GLN H 425 -6.18 2.89 -31.92
CA GLN H 425 -7.17 2.07 -31.36
C GLN H 425 -8.08 1.50 -32.49
N ALA H 426 -8.16 2.11 -33.65
CA ALA H 426 -9.14 1.56 -34.60
C ALA H 426 -8.48 0.50 -35.46
N GLY H 427 -7.18 0.38 -35.29
CA GLY H 427 -6.48 -0.57 -36.08
C GLY H 427 -5.46 0.05 -37.02
N LEU H 428 -5.98 0.69 -38.06
CA LEU H 428 -5.10 1.39 -39.02
C LEU H 428 -4.05 2.45 -38.51
N ALA I 1 0.59 19.79 -44.79
CA ALA I 1 0.27 18.45 -44.07
C ALA I 1 1.60 17.84 -43.58
N VAL I 2 1.74 17.55 -42.27
CA VAL I 2 2.91 17.05 -41.66
C VAL I 2 2.81 15.57 -41.70
N VAL I 3 3.94 14.85 -41.82
CA VAL I 3 3.86 13.44 -41.98
C VAL I 3 4.75 12.67 -41.05
N ASN I 4 4.26 11.52 -40.60
CA ASN I 4 5.03 10.55 -39.89
C ASN I 4 6.32 10.24 -40.51
N THR I 5 7.40 10.34 -39.76
CA THR I 5 8.74 10.12 -40.31
C THR I 5 8.78 8.78 -40.99
N ASP I 6 7.96 7.83 -40.57
CA ASP I 6 8.03 6.47 -41.13
C ASP I 6 7.79 6.39 -42.62
N ASP I 7 7.31 7.50 -43.14
CA ASP I 7 7.04 7.55 -44.52
C ASP I 7 8.23 7.92 -45.29
N TYR I 8 9.16 8.69 -44.78
CA TYR I 8 10.23 9.12 -45.56
C TYR I 8 11.53 8.77 -45.03
N VAL I 9 11.56 8.02 -43.92
CA VAL I 9 12.83 7.61 -43.27
C VAL I 9 12.86 6.05 -43.18
N THR I 10 13.76 5.42 -43.92
CA THR I 10 13.85 3.98 -43.97
C THR I 10 14.81 3.49 -42.89
N ARG I 11 14.43 2.40 -42.23
CA ARG I 11 15.18 1.95 -41.13
C ARG I 11 16.05 0.76 -41.52
N THR I 12 17.26 0.67 -41.06
CA THR I 12 18.16 -0.39 -41.44
C THR I 12 18.09 -1.34 -40.29
N SER I 13 18.98 -2.31 -40.28
CA SER I 13 19.02 -3.34 -39.24
C SER I 13 20.38 -3.22 -38.54
N ILE I 14 21.00 -2.08 -38.86
CA ILE I 14 22.16 -1.65 -38.17
C ILE I 14 21.94 -0.92 -36.86
N PHE I 15 22.41 -1.51 -35.75
CA PHE I 15 22.26 -0.79 -34.46
C PHE I 15 23.54 -0.50 -33.70
N TYR I 16 23.61 0.67 -33.03
CA TYR I 16 24.73 1.03 -32.28
C TYR I 16 24.30 1.27 -30.85
N HIS I 17 25.21 0.97 -29.95
CA HIS I 17 25.04 1.35 -28.58
C HIS I 17 25.95 2.55 -28.34
N ALA I 18 25.63 3.40 -27.38
CA ALA I 18 26.43 4.54 -27.10
C ALA I 18 26.10 4.94 -25.70
N GLY I 19 27.06 5.41 -24.96
CA GLY I 19 26.76 5.82 -23.61
C GLY I 19 27.73 6.72 -22.91
N SER I 20 27.24 7.66 -22.11
CA SER I 20 28.12 8.69 -21.48
C SER I 20 28.96 7.97 -20.55
N SER I 21 30.04 8.52 -20.07
CA SER I 21 30.78 7.66 -19.11
C SER I 21 30.00 7.60 -17.79
N ARG I 22 30.17 8.58 -16.91
CA ARG I 22 29.56 8.63 -15.65
C ARG I 22 29.44 10.11 -15.35
N LEU I 23 28.30 10.66 -15.62
CA LEU I 23 28.19 12.04 -15.32
C LEU I 23 28.14 12.28 -13.82
N LEU I 24 28.82 13.30 -13.29
CA LEU I 24 28.75 13.55 -11.90
C LEU I 24 28.81 15.00 -11.60
N THR I 25 28.12 15.50 -10.57
CA THR I 25 28.27 16.90 -10.20
C THR I 25 27.95 17.18 -8.69
N VAL I 26 28.77 18.03 -8.04
CA VAL I 26 28.51 18.28 -6.63
C VAL I 26 28.61 19.74 -6.41
N GLY I 27 27.86 20.19 -5.45
CA GLY I 27 27.83 21.62 -5.14
C GLY I 27 26.93 21.92 -3.97
N ASP I 28 26.59 23.20 -3.80
CA ASP I 28 25.82 23.56 -2.67
C ASP I 28 24.39 23.51 -3.16
N PRO I 29 23.52 22.94 -2.34
CA PRO I 29 22.14 22.76 -2.72
C PRO I 29 21.25 23.99 -2.75
N TYR I 30 21.66 25.07 -2.10
CA TYR I 30 20.81 26.24 -2.01
C TYR I 30 21.19 27.42 -2.86
N PHE I 31 22.45 27.52 -3.14
CA PHE I 31 22.88 28.57 -4.01
C PHE I 31 24.36 28.44 -4.26
N ARG I 32 24.81 29.09 -5.32
CA ARG I 32 26.20 29.10 -5.65
C ARG I 32 27.00 30.03 -4.70
N VAL I 33 28.17 29.52 -4.29
CA VAL I 33 29.11 30.17 -3.38
C VAL I 33 30.15 30.81 -4.26
N PRO I 34 30.12 32.13 -4.37
CA PRO I 34 31.00 32.84 -5.27
C PRO I 34 32.44 32.40 -5.07
N ALA I 35 33.12 32.26 -6.20
CA ALA I 35 34.48 31.87 -6.27
C ALA I 35 35.43 32.39 -5.15
N GLY I 36 36.39 31.49 -4.84
CA GLY I 36 37.55 31.71 -3.95
C GLY I 36 37.57 32.59 -2.69
N GLY I 37 36.40 33.14 -2.27
CA GLY I 37 36.32 33.74 -0.92
C GLY I 37 37.07 32.89 0.16
N GLY I 38 36.72 31.59 0.30
CA GLY I 38 37.41 30.71 1.29
C GLY I 38 38.43 29.93 0.54
N ASN I 39 37.95 29.18 -0.43
CA ASN I 39 38.83 28.34 -1.23
C ASN I 39 38.47 28.26 -2.77
N LYS I 40 39.43 28.84 -3.52
CA LYS I 40 39.47 28.90 -4.97
C LYS I 40 38.32 28.21 -5.74
N GLN I 41 37.83 28.96 -6.76
CA GLN I 41 36.89 28.48 -7.81
C GLN I 41 35.53 28.32 -7.27
N ASP I 42 34.50 28.70 -8.07
CA ASP I 42 33.04 28.60 -7.67
C ASP I 42 32.40 27.26 -7.27
N ILE I 43 31.49 27.30 -6.32
CA ILE I 43 30.92 26.05 -5.87
C ILE I 43 29.53 26.14 -6.50
N PRO I 44 29.20 25.34 -7.52
CA PRO I 44 27.98 25.51 -8.28
C PRO I 44 26.72 25.23 -7.46
N LYS I 45 25.56 25.74 -7.97
CA LYS I 45 24.35 25.29 -7.27
C LYS I 45 23.88 23.98 -7.83
N VAL I 46 24.14 22.92 -7.06
CA VAL I 46 23.61 21.61 -7.38
C VAL I 46 22.52 21.09 -6.49
N SER I 47 21.31 21.06 -7.02
CA SER I 47 20.09 20.67 -6.26
C SER I 47 19.35 19.51 -6.87
N ALA I 48 18.64 18.78 -6.05
CA ALA I 48 17.89 17.72 -6.62
C ALA I 48 16.62 18.18 -7.27
N TYR I 49 16.34 19.45 -7.08
CA TYR I 49 15.10 20.05 -7.61
C TYR I 49 15.36 20.92 -8.76
N GLN I 50 16.32 20.56 -9.58
CA GLN I 50 16.50 21.29 -10.81
C GLN I 50 16.54 20.42 -12.03
N TYR I 51 16.08 20.91 -13.17
CA TYR I 51 16.03 20.04 -14.31
C TYR I 51 17.47 19.77 -14.76
N ARG I 52 17.75 18.55 -15.18
CA ARG I 52 19.02 18.19 -15.74
C ARG I 52 18.73 18.13 -17.24
N VAL I 53 19.39 18.96 -18.09
CA VAL I 53 19.05 18.81 -19.51
C VAL I 53 20.29 18.40 -20.20
N PHE I 54 20.38 17.19 -20.75
CA PHE I 54 21.64 16.79 -21.29
C PHE I 54 21.45 16.97 -22.75
N ARG I 55 22.38 17.66 -23.40
CA ARG I 55 22.36 17.76 -24.83
C ARG I 55 23.29 16.69 -25.40
N VAL I 56 22.80 15.61 -25.94
CA VAL I 56 23.74 14.58 -26.33
C VAL I 56 24.12 14.80 -27.75
N GLN I 57 25.41 14.91 -28.08
CA GLN I 57 25.96 15.12 -29.42
C GLN I 57 26.30 13.77 -29.98
N LEU I 58 25.71 13.42 -31.08
CA LEU I 58 26.02 12.16 -31.71
C LEU I 58 26.91 12.39 -32.92
N PRO I 59 27.53 11.35 -33.40
CA PRO I 59 28.40 11.53 -34.52
C PRO I 59 27.63 11.72 -35.81
N ASP I 60 28.21 12.38 -36.83
CA ASP I 60 27.48 12.51 -38.07
C ASP I 60 27.50 11.21 -38.87
N PRO I 61 26.37 10.56 -39.04
CA PRO I 61 26.39 9.28 -39.70
C PRO I 61 26.86 9.37 -41.16
N ASN I 62 26.94 10.56 -41.67
CA ASN I 62 27.43 10.67 -43.05
C ASN I 62 28.93 10.69 -43.20
N LYS I 63 29.54 11.64 -42.54
CA LYS I 63 30.94 11.65 -42.43
C LYS I 63 31.43 10.53 -41.46
N PHE I 64 30.64 9.49 -41.27
CA PHE I 64 31.05 8.44 -40.34
C PHE I 64 31.61 7.25 -41.11
N GLY I 65 32.28 6.39 -40.38
CA GLY I 65 32.71 5.12 -40.95
C GLY I 65 31.76 3.90 -40.68
N LEU I 66 31.01 3.50 -41.76
CA LEU I 66 30.09 2.38 -41.65
C LEU I 66 30.82 1.06 -41.67
N PRO I 67 30.16 -0.01 -41.18
CA PRO I 67 30.65 -1.45 -41.13
C PRO I 67 30.65 -2.04 -42.57
N ASP I 68 29.81 -1.36 -43.33
CA ASP I 68 29.73 -1.54 -44.76
C ASP I 68 29.19 -0.21 -45.50
N THR I 69 29.98 0.51 -46.34
CA THR I 69 29.49 1.81 -46.83
C THR I 69 28.75 1.54 -48.15
N SER I 70 27.99 0.46 -48.15
CA SER I 70 27.13 0.15 -49.27
C SER I 70 25.73 -0.27 -48.77
N ILE I 71 25.30 0.41 -47.70
CA ILE I 71 23.93 0.34 -47.12
C ILE I 71 23.02 1.42 -47.74
N TYR I 72 23.66 2.49 -48.20
CA TYR I 72 23.00 3.51 -48.97
C TYR I 72 23.87 4.08 -50.16
N ASN I 73 23.27 4.85 -51.04
CA ASN I 73 24.04 5.45 -52.07
C ASN I 73 24.16 6.94 -51.84
N PRO I 74 25.30 7.42 -51.31
CA PRO I 74 25.61 8.83 -51.06
C PRO I 74 25.31 9.84 -52.12
N GLU I 75 24.70 9.37 -53.20
CA GLU I 75 24.37 10.28 -54.27
C GLU I 75 22.94 10.65 -54.19
N THR I 76 22.08 9.69 -53.90
CA THR I 76 20.64 9.94 -53.75
C THR I 76 20.08 10.01 -52.29
N GLN I 77 20.85 9.58 -51.29
CA GLN I 77 20.32 9.46 -49.92
C GLN I 77 21.22 9.96 -48.83
N ARG I 78 20.65 10.23 -47.67
CA ARG I 78 21.45 10.62 -46.52
C ARG I 78 21.26 9.72 -45.28
N LEU I 79 22.08 9.90 -44.26
CA LEU I 79 21.91 9.14 -43.09
C LEU I 79 21.45 9.93 -41.86
N VAL I 80 20.67 9.19 -41.05
CA VAL I 80 20.09 9.78 -39.86
C VAL I 80 20.03 8.76 -38.74
N TRP I 81 20.18 9.29 -37.51
CA TRP I 81 20.21 8.42 -36.40
C TRP I 81 18.84 8.40 -35.73
N ALA I 82 18.28 7.21 -35.53
CA ALA I 82 17.01 7.12 -34.80
C ALA I 82 17.19 6.49 -33.43
N CYS I 83 16.70 7.13 -32.40
CA CYS I 83 16.77 6.55 -31.10
C CYS I 83 15.93 5.25 -30.96
N ALA I 84 16.44 4.20 -30.31
CA ALA I 84 15.67 3.01 -30.17
C ALA I 84 15.63 2.55 -28.82
N GLY I 85 16.42 3.08 -27.91
CA GLY I 85 16.48 2.48 -26.61
C GLY I 85 17.14 3.46 -25.65
N VAL I 86 16.58 3.60 -24.42
CA VAL I 86 17.23 4.48 -23.44
C VAL I 86 17.30 3.85 -22.12
N GLU I 87 18.24 4.33 -21.32
CA GLU I 87 18.28 4.00 -19.96
C GLU I 87 18.97 5.09 -19.27
N ILE I 88 18.28 5.82 -18.44
CA ILE I 88 18.90 6.83 -17.66
C ILE I 88 19.34 6.25 -16.30
N GLY I 89 20.64 6.01 -16.11
CA GLY I 89 21.02 5.39 -14.94
C GLY I 89 21.19 6.45 -13.87
N ARG I 90 20.92 6.07 -12.61
CA ARG I 90 21.10 7.00 -11.53
C ARG I 90 21.98 6.41 -10.44
N GLY I 91 22.82 7.29 -9.93
CA GLY I 91 23.82 6.96 -8.99
C GLY I 91 23.58 6.86 -7.49
N GLN I 92 23.54 7.95 -6.72
CA GLN I 92 23.59 7.72 -5.26
C GLN I 92 22.36 6.91 -4.76
N PRO I 93 22.28 6.69 -3.47
CA PRO I 93 21.14 5.89 -2.82
C PRO I 93 19.87 6.68 -2.71
N LEU I 94 18.72 6.00 -2.51
CA LEU I 94 17.52 6.87 -2.40
C LEU I 94 17.52 7.74 -1.15
N GLY I 95 17.05 8.96 -1.14
CA GLY I 95 17.04 9.67 0.12
C GLY I 95 16.17 10.91 0.12
N VAL I 96 16.02 11.51 1.31
CA VAL I 96 15.19 12.72 1.36
C VAL I 96 15.99 13.85 1.93
N GLY I 97 15.65 15.06 1.52
CA GLY I 97 16.35 16.20 2.06
C GLY I 97 15.51 17.45 2.13
N LEU I 98 15.87 18.34 3.07
CA LEU I 98 15.15 19.56 3.27
C LEU I 98 15.60 20.92 2.63
N SER I 99 14.67 21.84 2.49
CA SER I 99 15.08 23.12 2.02
C SER I 99 14.38 24.05 2.94
N GLY I 100 15.00 25.22 3.18
CA GLY I 100 14.56 26.15 4.22
C GLY I 100 14.91 27.59 3.92
N HIS I 101 14.41 28.45 4.75
CA HIS I 101 14.64 29.84 4.61
C HIS I 101 14.80 30.33 6.02
N PRO I 102 15.87 31.14 6.28
CA PRO I 102 16.12 31.74 7.65
C PRO I 102 14.91 32.56 8.15
N PHE I 103 14.26 33.26 7.21
CA PHE I 103 13.20 34.18 7.49
C PHE I 103 11.96 33.88 6.71
N TYR I 104 11.59 32.62 6.64
CA TYR I 104 10.31 32.16 6.02
C TYR I 104 9.16 33.03 6.50
N ASN I 105 8.32 33.55 5.64
CA ASN I 105 7.17 34.34 6.05
C ASN I 105 5.96 33.49 6.48
N LYS I 106 6.00 33.09 7.72
CA LYS I 106 4.99 32.22 8.24
C LYS I 106 4.38 32.97 9.39
N LEU I 107 3.10 33.30 9.31
CA LEU I 107 2.48 34.10 10.38
C LEU I 107 2.28 33.24 11.58
N ASP I 108 1.35 32.31 11.42
CA ASP I 108 1.07 31.30 12.48
C ASP I 108 0.33 30.08 11.92
N ASP I 109 0.26 29.04 12.75
CA ASP I 109 -0.26 27.75 12.38
C ASP I 109 -1.72 27.84 12.40
N THR I 110 -2.31 27.81 11.22
CA THR I 110 -3.77 27.90 11.06
C THR I 110 -4.38 26.48 10.89
N GLU I 111 -3.63 25.47 11.39
CA GLU I 111 -4.03 24.06 11.25
C GLU I 111 -4.92 23.78 12.37
N SER I 112 -4.51 24.20 13.54
CA SER I 112 -5.24 23.90 14.72
C SER I 112 -4.57 24.59 15.87
N SER I 113 -4.16 25.83 15.64
CA SER I 113 -3.65 26.65 16.78
C SER I 113 -4.44 26.35 18.09
N HIS I 114 -3.64 26.17 19.16
CA HIS I 114 -4.18 25.95 20.51
C HIS I 114 -5.32 27.04 20.79
N ALA I 115 -5.10 28.24 20.23
CA ALA I 115 -6.07 29.29 20.38
C ALA I 115 -5.77 30.33 19.25
N ALA I 116 -5.85 31.63 19.60
CA ALA I 116 -5.51 32.60 18.57
C ALA I 116 -3.93 32.60 18.45
N THR I 117 -3.39 33.65 17.86
CA THR I 117 -1.96 33.72 17.71
C THR I 117 -1.42 35.15 17.71
N SER I 118 -0.12 35.24 18.06
CA SER I 118 0.51 36.52 18.10
C SER I 118 -0.18 37.64 17.30
N ASN I 119 0.44 38.81 17.51
CA ASN I 119 0.09 40.12 16.95
C ASN I 119 0.80 40.25 15.57
N VAL I 120 0.03 40.77 14.59
CA VAL I 120 0.53 41.15 13.22
C VAL I 120 1.32 42.48 13.27
N SER I 121 2.16 42.60 14.28
CA SER I 121 2.97 43.75 14.49
C SER I 121 3.99 43.93 13.35
N GLU I 122 5.07 43.14 13.48
CA GLU I 122 6.11 43.30 12.53
C GLU I 122 7.16 42.25 12.81
N ASP I 123 7.91 41.90 11.75
CA ASP I 123 8.90 40.78 11.75
C ASP I 123 8.59 39.64 12.70
N VAL I 124 7.94 38.60 12.20
CA VAL I 124 7.62 37.43 12.97
C VAL I 124 8.07 36.25 12.16
N ARG I 125 8.95 36.51 11.18
CA ARG I 125 9.52 35.45 10.35
C ARG I 125 10.30 34.41 11.19
N ASP I 126 10.09 33.14 10.87
CA ASP I 126 10.73 32.02 11.53
C ASP I 126 11.66 31.23 10.54
N ASN I 127 12.57 30.40 11.14
CA ASN I 127 13.49 29.65 10.32
C ASN I 127 12.77 28.32 10.09
N VAL I 128 12.28 28.10 8.88
CA VAL I 128 11.62 26.81 8.63
C VAL I 128 12.24 26.12 7.45
N SER I 129 12.02 24.82 7.46
CA SER I 129 12.49 24.03 6.40
C SER I 129 11.34 23.09 5.95
N VAL I 130 11.62 22.28 4.93
CA VAL I 130 10.54 21.61 4.25
C VAL I 130 11.01 20.71 3.16
N ASP I 131 10.41 19.51 3.05
CA ASP I 131 10.87 18.57 2.03
C ASP I 131 9.93 18.83 0.83
N TYR I 132 10.52 19.09 -0.34
CA TYR I 132 9.60 19.48 -1.44
C TYR I 132 8.72 18.35 -1.99
N LYS I 133 7.83 18.64 -2.89
CA LYS I 133 7.02 17.64 -3.52
C LYS I 133 7.90 16.70 -4.26
N GLN I 134 7.53 15.46 -4.38
CA GLN I 134 8.46 14.53 -4.96
C GLN I 134 8.12 14.37 -6.45
N THR I 135 9.06 14.56 -7.36
CA THR I 135 8.71 14.43 -8.79
C THR I 135 9.74 13.66 -9.53
N GLN I 136 9.38 12.95 -10.61
CA GLN I 136 10.38 12.26 -11.47
C GLN I 136 9.87 12.42 -12.90
N LEU I 137 10.68 12.98 -13.79
CA LEU I 137 10.23 13.05 -15.17
C LEU I 137 11.38 12.91 -16.03
N CYS I 138 11.08 12.49 -17.22
CA CYS I 138 12.15 12.24 -18.20
C CYS I 138 11.53 12.50 -19.62
N ILE I 139 12.09 13.38 -20.44
CA ILE I 139 11.51 13.64 -21.69
C ILE I 139 12.68 13.49 -22.72
N LEU I 140 12.43 12.90 -23.87
CA LEU I 140 13.47 12.81 -24.87
C LEU I 140 12.97 13.50 -26.16
N GLY I 141 13.82 14.25 -26.85
CA GLY I 141 13.44 14.78 -28.11
C GLY I 141 14.63 15.25 -28.85
N CYS I 142 14.48 15.73 -30.08
CA CYS I 142 15.70 16.25 -30.78
C CYS I 142 15.67 17.74 -30.84
N ALA I 143 14.91 18.33 -29.93
CA ALA I 143 14.91 19.73 -29.66
C ALA I 143 14.71 19.89 -28.20
N PRO I 144 15.12 20.98 -27.56
CA PRO I 144 14.90 21.04 -26.11
C PRO I 144 13.43 21.05 -25.75
N ALA I 145 13.09 20.64 -24.54
CA ALA I 145 11.69 20.60 -24.10
C ALA I 145 11.18 22.00 -23.76
N ILE I 146 9.86 22.20 -23.71
CA ILE I 146 9.31 23.43 -23.34
C ILE I 146 8.67 23.48 -21.98
N GLY I 147 8.96 24.49 -21.21
CA GLY I 147 8.24 24.58 -19.96
C GLY I 147 7.32 25.77 -19.83
N GLU I 148 6.53 25.82 -18.77
CA GLU I 148 5.64 26.89 -18.54
C GLU I 148 5.74 27.42 -17.15
N HIS I 149 5.34 28.66 -16.95
CA HIS I 149 5.31 29.25 -15.62
C HIS I 149 4.68 30.60 -15.64
N TRP I 150 4.21 31.13 -14.51
CA TRP I 150 3.50 32.38 -14.46
C TRP I 150 4.46 33.48 -14.15
N ALA I 151 4.43 34.53 -14.94
CA ALA I 151 5.32 35.62 -14.74
C ALA I 151 4.56 36.90 -14.56
N LYS I 152 5.23 38.00 -14.19
CA LYS I 152 4.49 39.21 -13.84
C LYS I 152 4.16 39.83 -15.21
N GLY I 153 2.88 39.81 -15.60
CA GLY I 153 2.51 40.53 -16.83
C GLY I 153 3.07 41.95 -17.08
N THR I 154 3.30 42.24 -18.38
CA THR I 154 3.77 43.59 -18.80
C THR I 154 2.68 44.60 -18.42
N ALA I 155 3.18 45.67 -17.78
CA ALA I 155 2.29 46.71 -17.23
C ALA I 155 1.79 47.53 -18.43
N SER I 156 0.46 47.68 -18.52
CA SER I 156 -0.10 48.49 -19.63
C SER I 156 0.27 49.99 -19.50
N LYS I 157 0.38 50.63 -20.65
CA LYS I 157 0.64 52.09 -20.77
C LYS I 157 -0.68 52.85 -20.51
N SER I 158 -1.77 52.28 -21.08
CA SER I 158 -3.17 52.78 -20.98
C SER I 158 -3.71 52.92 -19.52
N ARG I 159 -3.45 51.87 -18.74
CA ARG I 159 -3.88 51.74 -17.32
C ARG I 159 -2.63 51.40 -16.39
N PRO I 160 -1.78 52.43 -16.04
CA PRO I 160 -0.58 52.09 -15.25
C PRO I 160 -1.00 51.47 -13.90
N LEU I 161 -0.03 50.86 -13.25
CA LEU I 161 -0.27 50.11 -12.02
C LEU I 161 0.41 50.70 -10.81
N SER I 162 -0.41 51.26 -9.91
CA SER I 162 0.11 51.90 -8.67
C SER I 162 0.85 50.90 -7.77
N GLN I 163 2.00 51.34 -7.25
CA GLN I 163 2.87 50.46 -6.52
C GLN I 163 2.12 49.73 -5.42
N GLY I 164 2.14 48.39 -5.39
CA GLY I 164 1.53 47.70 -4.27
C GLY I 164 0.30 46.90 -4.63
N ASP I 165 -0.31 47.31 -5.71
CA ASP I 165 -1.47 46.56 -6.22
C ASP I 165 -1.01 45.28 -6.78
N CYS I 166 -1.91 44.32 -6.88
CA CYS I 166 -1.43 43.03 -7.44
C CYS I 166 -1.40 43.09 -8.96
N PRO I 167 -0.27 42.76 -9.58
CA PRO I 167 -0.05 42.75 -11.04
C PRO I 167 -0.83 41.65 -11.74
N PRO I 168 -0.88 41.64 -13.06
CA PRO I 168 -1.57 40.55 -13.71
C PRO I 168 -0.64 39.40 -14.08
N LEU I 169 -1.04 38.16 -13.82
CA LEU I 169 -0.16 37.03 -14.13
C LEU I 169 -0.24 36.72 -15.58
N GLU I 170 0.84 36.32 -16.20
CA GLU I 170 0.81 35.85 -17.58
C GLU I 170 1.59 34.57 -17.72
N LEU I 171 1.02 33.61 -18.45
CA LEU I 171 1.61 32.32 -18.64
C LEU I 171 2.68 32.46 -19.69
N LYS I 172 3.92 32.05 -19.37
CA LYS I 172 5.06 32.25 -20.32
C LYS I 172 5.67 30.92 -20.72
N ASN I 173 5.94 30.70 -22.02
CA ASN I 173 6.59 29.46 -22.43
C ASN I 173 8.09 29.74 -22.53
N THR I 174 8.88 28.76 -22.14
CA THR I 174 10.34 28.93 -22.14
C THR I 174 11.01 27.60 -22.36
N VAL I 175 12.23 27.62 -22.84
CA VAL I 175 12.97 26.35 -22.99
C VAL I 175 13.64 25.89 -21.69
N LEU I 176 13.53 24.61 -21.36
CA LEU I 176 13.95 24.19 -20.07
C LEU I 176 15.41 23.91 -20.17
N GLU I 177 16.22 24.70 -19.51
CA GLU I 177 17.65 24.56 -19.54
C GLU I 177 18.15 23.81 -18.33
N ASP I 178 19.31 23.23 -18.43
CA ASP I 178 19.86 22.50 -17.29
C ASP I 178 20.05 23.50 -16.21
N GLY I 179 19.45 23.24 -15.09
CA GLY I 179 19.62 24.12 -13.98
C GLY I 179 18.35 24.87 -13.56
N ASP I 180 17.34 24.91 -14.40
CA ASP I 180 16.12 25.48 -13.98
C ASP I 180 15.46 24.64 -12.84
N MET I 181 14.59 25.32 -12.02
CA MET I 181 14.05 24.66 -10.86
C MET I 181 12.72 24.11 -11.21
N VAL I 182 12.37 22.97 -10.63
CA VAL I 182 11.03 22.43 -10.90
C VAL I 182 10.05 22.94 -9.90
N ASP I 183 8.75 22.65 -10.12
CA ASP I 183 7.68 22.96 -9.19
C ASP I 183 8.05 22.19 -7.95
N THR I 184 8.34 22.88 -6.83
CA THR I 184 8.59 22.13 -5.63
C THR I 184 7.35 21.96 -4.83
N GLY I 185 6.26 22.60 -5.19
CA GLY I 185 5.04 22.41 -4.46
C GLY I 185 4.47 23.76 -4.13
N TYR I 186 5.18 24.84 -4.47
CA TYR I 186 4.59 26.16 -4.23
C TYR I 186 4.13 26.77 -5.57
N GLY I 187 3.97 25.92 -6.56
CA GLY I 187 3.52 26.39 -7.85
C GLY I 187 4.65 26.70 -8.80
N ALA I 188 4.33 26.79 -10.08
CA ALA I 188 5.32 27.13 -11.09
C ALA I 188 5.23 28.56 -11.50
N MET I 189 6.08 29.31 -10.83
CA MET I 189 6.10 30.75 -11.07
C MET I 189 7.46 31.33 -10.96
N ASP I 190 7.54 32.63 -11.30
CA ASP I 190 8.75 33.45 -11.08
C ASP I 190 8.71 34.13 -9.71
N PHE I 191 9.35 33.47 -8.75
CA PHE I 191 9.25 33.93 -7.42
C PHE I 191 10.01 35.26 -7.18
N SER I 192 10.98 35.47 -8.05
CA SER I 192 11.85 36.62 -7.94
C SER I 192 11.11 37.87 -8.35
N THR I 193 10.08 37.77 -9.19
CA THR I 193 9.45 38.99 -9.62
C THR I 193 8.05 39.09 -9.11
N LEU I 194 7.58 38.01 -8.51
CA LEU I 194 6.20 38.04 -8.00
C LEU I 194 6.10 38.15 -6.44
N GLN I 195 7.25 37.94 -5.74
CA GLN I 195 7.24 37.93 -4.30
C GLN I 195 8.36 38.88 -3.88
N ASP I 196 7.95 40.11 -3.62
CA ASP I 196 8.88 41.11 -3.25
C ASP I 196 9.62 40.84 -1.91
N THR I 197 9.01 40.05 -1.01
CA THR I 197 9.50 39.71 0.29
C THR I 197 10.78 38.95 0.26
N LYS I 198 10.90 37.94 -0.56
CA LYS I 198 12.15 37.11 -0.66
C LYS I 198 12.24 36.13 0.47
N CYS I 199 11.06 35.87 0.98
CA CYS I 199 10.89 35.12 2.17
C CYS I 199 9.59 34.29 2.19
N GLU I 200 9.04 33.98 1.03
CA GLU I 200 7.77 33.36 1.06
C GLU I 200 8.00 31.92 0.81
N VAL I 201 9.18 31.57 0.28
CA VAL I 201 9.54 30.17 -0.05
C VAL I 201 11.00 29.86 0.30
N PRO I 202 11.44 28.57 0.42
CA PRO I 202 12.84 28.22 0.77
C PRO I 202 13.83 28.84 -0.13
N LEU I 203 15.02 29.10 0.39
CA LEU I 203 16.14 29.72 -0.36
C LEU I 203 16.45 29.26 -1.75
N ASP I 204 16.33 28.00 -2.05
CA ASP I 204 16.69 27.56 -3.34
C ASP I 204 15.74 27.92 -4.43
N ILE I 205 14.55 28.42 -4.14
CA ILE I 205 13.68 28.80 -5.22
C ILE I 205 13.25 30.21 -5.04
N CYS I 206 13.50 30.64 -3.85
CA CYS I 206 13.24 31.98 -3.44
C CYS I 206 13.44 33.10 -4.49
N GLN I 207 14.56 33.09 -5.22
CA GLN I 207 14.76 34.10 -6.17
C GLN I 207 14.93 33.47 -7.46
N SER I 208 14.18 32.40 -7.71
CA SER I 208 14.30 31.67 -8.99
C SER I 208 12.98 31.46 -9.71
N ILE I 209 13.07 30.85 -10.88
CA ILE I 209 11.86 30.49 -11.58
C ILE I 209 11.54 28.98 -11.58
N CYS I 210 10.38 28.59 -11.05
CA CYS I 210 10.05 27.18 -11.15
C CYS I 210 9.20 26.88 -12.38
N LYS I 211 9.70 26.01 -13.20
CA LYS I 211 8.95 25.76 -14.42
C LYS I 211 8.32 24.41 -14.35
N TYR I 212 7.32 24.19 -15.21
CA TYR I 212 6.69 22.89 -15.31
C TYR I 212 6.55 22.51 -16.73
N PRO I 213 6.99 21.32 -17.17
CA PRO I 213 6.93 20.95 -18.55
C PRO I 213 5.63 21.28 -19.14
N ASP I 214 5.57 21.86 -20.30
CA ASP I 214 4.29 22.23 -20.86
C ASP I 214 3.88 21.08 -21.72
N TYR I 215 3.32 20.05 -21.11
CA TYR I 215 2.97 18.82 -21.81
C TYR I 215 1.87 19.05 -22.81
N LEU I 216 1.00 19.96 -22.55
CA LEU I 216 -0.05 20.20 -23.45
C LEU I 216 0.50 20.77 -24.73
N GLN I 217 1.37 21.77 -24.65
CA GLN I 217 1.84 22.42 -25.79
C GLN I 217 2.76 21.54 -26.57
N MET I 218 3.46 20.61 -25.92
CA MET I 218 4.40 19.81 -26.64
C MET I 218 3.71 18.68 -27.40
N SER I 219 2.57 18.19 -26.94
CA SER I 219 1.86 17.20 -27.69
C SER I 219 1.23 17.84 -28.90
N ALA I 220 0.80 19.09 -28.75
CA ALA I 220 0.19 19.79 -29.83
C ALA I 220 1.19 20.11 -30.91
N ASP I 221 2.43 20.48 -30.55
CA ASP I 221 3.45 20.73 -31.59
C ASP I 221 3.28 19.84 -32.84
N PRO I 222 3.19 20.40 -34.03
CA PRO I 222 2.92 19.71 -35.25
C PRO I 222 3.95 18.71 -35.64
N TYR I 223 5.24 18.92 -35.39
CA TYR I 223 6.19 17.99 -35.98
C TYR I 223 6.57 16.98 -34.98
N GLY I 224 6.47 17.35 -33.72
CA GLY I 224 6.75 16.48 -32.63
C GLY I 224 8.21 16.31 -32.35
N ASP I 225 9.05 17.32 -32.52
CA ASP I 225 10.49 17.11 -32.25
C ASP I 225 10.84 17.48 -30.79
N SER I 226 9.89 18.14 -30.15
CA SER I 226 10.06 18.58 -28.79
C SER I 226 10.10 17.39 -27.91
N MET I 227 9.29 16.35 -28.18
CA MET I 227 9.22 15.19 -27.24
C MET I 227 8.63 13.92 -27.78
N PHE I 228 9.43 12.91 -27.91
CA PHE I 228 8.83 11.80 -28.53
C PHE I 228 8.86 10.73 -27.52
N PHE I 229 8.93 11.08 -26.24
CA PHE I 229 9.03 10.01 -25.17
C PHE I 229 8.73 10.81 -23.89
N CYS I 230 7.77 10.46 -23.06
CA CYS I 230 7.56 11.28 -21.88
C CYS I 230 7.24 10.29 -20.68
N LEU I 231 7.88 10.49 -19.50
CA LEU I 231 7.60 9.68 -18.30
C LEU I 231 7.50 10.60 -17.07
N ARG I 232 6.35 10.68 -16.39
CA ARG I 232 6.25 11.54 -15.26
C ARG I 232 5.61 10.78 -14.16
N ARG I 233 6.01 11.11 -12.94
CA ARG I 233 5.37 10.53 -11.76
C ARG I 233 5.56 11.57 -10.68
N GLU I 234 4.51 12.27 -10.26
CA GLU I 234 4.73 13.21 -9.15
C GLU I 234 3.76 12.84 -8.09
N GLN I 235 3.98 13.27 -6.85
CA GLN I 235 3.10 13.03 -5.77
C GLN I 235 3.44 13.96 -4.62
N LEU I 236 2.51 14.35 -3.78
CA LEU I 236 2.82 15.33 -2.67
C LEU I 236 1.59 15.45 -1.74
N PHE I 237 1.77 16.07 -0.58
CA PHE I 237 0.65 16.35 0.29
C PHE I 237 0.97 17.47 1.25
N ALA I 238 -0.09 18.01 1.82
CA ALA I 238 0.05 19.24 2.62
C ALA I 238 0.58 18.94 4.02
N ARG I 239 1.80 19.31 4.42
CA ARG I 239 2.28 18.86 5.76
C ARG I 239 1.77 19.82 6.84
N HIS I 240 2.06 21.11 6.77
CA HIS I 240 1.47 22.02 7.72
C HIS I 240 0.77 23.17 7.04
N PHE I 241 -0.16 23.85 7.77
CA PHE I 241 -1.01 24.94 7.22
C PHE I 241 -0.63 26.29 7.80
N TRP I 242 -0.28 27.24 6.97
CA TRP I 242 0.17 28.50 7.55
C TRP I 242 -0.39 29.77 6.87
N ASN I 243 -0.32 30.85 7.63
CA ASN I 243 -0.80 32.15 7.26
C ASN I 243 0.33 32.94 6.65
N ARG I 244 0.03 34.05 5.97
CA ARG I 244 1.14 34.91 5.49
C ARG I 244 1.12 36.23 6.21
N ALA I 245 2.23 36.74 6.70
CA ALA I 245 2.21 38.02 7.40
C ALA I 245 2.13 39.07 6.35
N GLY I 246 1.54 40.22 6.69
CA GLY I 246 1.48 41.36 5.78
C GLY I 246 0.06 41.86 5.69
N THR I 247 -0.18 42.97 4.95
CA THR I 247 -1.57 43.49 4.79
C THR I 247 -2.30 42.86 3.58
N MET I 248 -3.52 42.40 3.78
CA MET I 248 -4.25 41.73 2.72
C MET I 248 -4.56 42.74 1.60
N GLY I 249 -4.18 42.41 0.38
CA GLY I 249 -4.37 43.35 -0.75
C GLY I 249 -5.84 43.32 -1.14
N ASP I 250 -6.44 42.13 -1.33
CA ASP I 250 -7.89 42.02 -1.64
C ASP I 250 -8.64 41.94 -0.30
N THR I 251 -9.67 42.79 -0.14
CA THR I 251 -10.32 42.88 1.16
C THR I 251 -11.42 41.88 1.35
N VAL I 252 -11.39 41.15 2.43
CA VAL I 252 -12.39 40.12 2.62
C VAL I 252 -13.80 40.72 2.67
N PRO I 253 -14.68 40.33 1.76
CA PRO I 253 -16.08 40.77 1.72
C PRO I 253 -16.78 40.70 3.07
N GLN I 254 -17.45 41.79 3.40
CA GLN I 254 -18.23 41.80 4.65
C GLN I 254 -19.36 40.77 4.78
N SER I 255 -19.76 40.26 3.63
CA SER I 255 -20.89 39.37 3.59
C SER I 255 -20.49 37.98 3.84
N LEU I 256 -19.26 37.83 4.21
CA LEU I 256 -18.82 36.47 4.42
C LEU I 256 -18.51 36.07 5.87
N TYR I 257 -18.84 36.96 6.77
CA TYR I 257 -18.59 36.75 8.15
C TYR I 257 -19.36 37.78 9.03
N ILE I 258 -19.40 37.56 10.34
CA ILE I 258 -19.99 38.48 11.26
C ILE I 258 -18.86 39.06 12.14
N LYS I 259 -18.93 40.37 12.37
CA LYS I 259 -17.86 41.09 13.00
C LYS I 259 -17.87 40.75 14.42
N GLY I 260 -16.72 40.86 15.06
CA GLY I 260 -16.72 40.62 16.50
C GLY I 260 -16.27 41.89 17.14
N THR I 261 -15.75 41.78 18.35
CA THR I 261 -15.18 42.98 19.02
C THR I 261 -13.69 42.76 19.22
N GLY I 262 -12.97 43.87 19.24
CA GLY I 262 -11.55 43.80 19.53
C GLY I 262 -10.75 43.23 18.35
N MET I 263 -9.68 42.45 18.57
CA MET I 263 -8.93 41.84 17.43
C MET I 263 -9.83 41.02 16.49
N ARG I 264 -11.00 40.66 16.98
CA ARG I 264 -11.91 39.82 16.22
C ARG I 264 -12.95 40.62 15.40
N ALA I 265 -12.79 41.94 15.46
CA ALA I 265 -13.71 42.88 14.84
C ALA I 265 -13.29 43.05 13.43
N SER I 266 -12.06 42.74 13.15
CA SER I 266 -11.52 42.79 11.77
C SER I 266 -10.74 41.50 11.43
N PRO I 267 -11.03 40.90 10.25
CA PRO I 267 -10.31 39.70 9.76
C PRO I 267 -8.76 39.81 9.64
N GLY I 268 -8.13 38.68 10.02
CA GLY I 268 -6.69 38.48 10.09
C GLY I 268 -6.18 38.11 8.71
N SER I 269 -5.02 37.44 8.65
CA SER I 269 -4.45 37.09 7.34
C SER I 269 -5.26 35.93 6.81
N CYS I 270 -5.72 36.12 5.59
CA CYS I 270 -6.52 35.12 4.84
C CYS I 270 -5.84 34.58 3.59
N VAL I 271 -4.53 34.76 3.50
CA VAL I 271 -3.73 34.20 2.42
C VAL I 271 -3.11 32.97 3.07
N TYR I 272 -3.65 31.82 2.74
CA TYR I 272 -3.04 30.60 3.30
C TYR I 272 -2.16 29.86 2.25
N SER I 273 -1.15 29.11 2.68
CA SER I 273 -0.33 28.32 1.74
C SER I 273 0.30 27.28 2.69
N PRO I 274 0.17 25.98 2.37
CA PRO I 274 0.71 24.87 3.18
C PRO I 274 2.06 24.45 2.68
N SER I 275 2.86 23.91 3.59
CA SER I 275 4.19 23.43 3.28
C SER I 275 3.98 22.06 2.62
N PRO I 276 4.46 21.94 1.42
CA PRO I 276 4.36 20.63 0.76
C PRO I 276 5.25 19.62 1.38
N SER I 277 5.12 18.41 0.90
CA SER I 277 5.92 17.29 1.35
C SER I 277 5.63 16.09 0.49
N GLY I 278 6.61 15.46 -0.16
CA GLY I 278 6.30 14.21 -0.91
C GLY I 278 6.47 13.22 0.24
N SER I 279 5.67 12.19 0.29
CA SER I 279 5.60 11.31 1.42
C SER I 279 6.78 10.33 1.29
N ILE I 280 6.49 9.03 1.35
CA ILE I 280 7.53 8.06 1.36
C ILE I 280 8.11 7.94 -0.02
N VAL I 281 9.41 7.73 -0.12
CA VAL I 281 10.08 7.58 -1.39
C VAL I 281 10.55 6.15 -1.30
N THR I 282 10.16 5.43 -2.33
CA THR I 282 10.40 4.02 -2.43
C THR I 282 10.86 3.50 -3.80
N SER I 283 11.54 2.39 -3.76
CA SER I 283 12.14 1.87 -4.97
C SER I 283 11.10 1.23 -5.78
N ASP I 284 9.96 1.07 -5.21
CA ASP I 284 8.86 0.45 -5.99
C ASP I 284 8.35 1.37 -7.13
N SER I 285 8.30 2.68 -6.91
CA SER I 285 7.82 3.63 -7.87
C SER I 285 8.98 4.28 -8.53
N GLN I 286 10.11 3.62 -8.59
CA GLN I 286 11.27 4.20 -9.23
C GLN I 286 11.10 4.21 -10.75
N LEU I 287 11.33 5.36 -11.35
CA LEU I 287 11.14 5.52 -12.78
C LEU I 287 12.28 5.15 -13.67
N PHE I 288 13.48 5.47 -13.23
CA PHE I 288 14.81 5.23 -13.82
C PHE I 288 15.55 4.00 -13.57
N ASN I 289 16.70 3.87 -14.13
CA ASN I 289 17.49 2.68 -13.96
C ASN I 289 16.78 1.47 -14.52
N LYS I 290 15.99 1.72 -15.56
CA LYS I 290 15.29 0.67 -16.22
C LYS I 290 15.36 1.02 -17.63
N PRO I 291 15.51 0.08 -18.55
CA PRO I 291 15.56 0.48 -19.92
C PRO I 291 14.19 0.60 -20.45
N TYR I 292 13.91 1.58 -21.25
CA TYR I 292 12.66 1.67 -21.95
C TYR I 292 12.90 1.82 -23.44
N TRP I 293 12.19 1.04 -24.29
CA TRP I 293 12.39 1.05 -25.73
C TRP I 293 11.27 1.74 -26.47
N LEU I 294 11.60 2.67 -27.36
CA LEU I 294 10.56 3.44 -27.92
C LEU I 294 10.39 2.89 -29.28
N HIS I 295 9.24 2.30 -29.46
CA HIS I 295 8.97 1.50 -30.66
C HIS I 295 8.23 2.49 -31.61
N LYS I 296 7.33 3.33 -31.05
CA LYS I 296 6.42 4.22 -31.83
C LYS I 296 6.02 5.41 -31.04
N ALA I 297 6.65 6.48 -31.40
CA ALA I 297 6.57 7.75 -30.78
C ALA I 297 5.17 8.25 -30.90
N GLN I 298 4.84 9.20 -30.02
CA GLN I 298 3.50 9.77 -29.89
C GLN I 298 3.24 10.79 -31.02
N GLY I 299 4.29 11.56 -31.37
CA GLY I 299 4.25 12.57 -32.41
C GLY I 299 4.50 12.00 -33.77
N HIS I 300 4.73 12.91 -34.73
CA HIS I 300 5.11 12.47 -36.02
C HIS I 300 6.59 12.06 -36.16
N ASN I 301 7.44 12.60 -35.31
CA ASN I 301 8.86 12.24 -35.33
C ASN I 301 9.05 11.08 -34.41
N ASN I 302 9.52 10.00 -34.96
CA ASN I 302 9.56 8.80 -34.26
C ASN I 302 11.01 8.63 -33.80
N GLY I 303 11.49 9.51 -32.98
CA GLY I 303 12.85 9.32 -32.48
C GLY I 303 13.97 9.54 -33.45
N VAL I 304 13.70 10.23 -34.53
CA VAL I 304 14.69 10.66 -35.47
C VAL I 304 15.42 11.88 -34.93
N CYS I 305 16.68 11.71 -34.73
CA CYS I 305 17.54 12.79 -34.21
C CYS I 305 18.19 13.63 -35.21
N TRP I 306 17.41 14.51 -35.72
CA TRP I 306 17.91 15.42 -36.68
C TRP I 306 19.06 16.19 -36.14
N HIS I 307 19.99 16.45 -36.97
CA HIS I 307 21.21 17.13 -36.60
C HIS I 307 22.09 16.36 -35.77
N ASN I 308 21.82 15.07 -35.66
CA ASN I 308 22.60 14.12 -34.87
C ASN I 308 22.76 14.62 -33.43
N GLN I 309 21.64 15.17 -32.96
CA GLN I 309 21.43 15.71 -31.60
C GLN I 309 20.34 14.94 -30.89
N LEU I 310 20.24 15.16 -29.60
CA LEU I 310 19.19 14.52 -28.85
C LEU I 310 19.17 15.13 -27.45
N PHE I 311 18.05 15.71 -26.99
CA PHE I 311 18.04 16.26 -25.67
C PHE I 311 17.34 15.35 -24.65
N VAL I 312 18.04 15.18 -23.53
CA VAL I 312 17.50 14.38 -22.43
C VAL I 312 17.12 15.28 -21.28
N THR I 313 15.85 15.53 -21.02
CA THR I 313 15.51 16.33 -19.85
C THR I 313 15.08 15.40 -18.75
N VAL I 314 15.64 15.60 -17.58
CA VAL I 314 15.36 14.73 -16.45
C VAL I 314 15.18 15.45 -15.13
N VAL I 315 14.30 14.92 -14.28
CA VAL I 315 14.02 15.52 -12.96
C VAL I 315 13.81 14.33 -12.10
N ASP I 316 14.65 14.24 -11.09
CA ASP I 316 14.46 13.13 -10.17
C ASP I 316 14.79 13.55 -8.79
N THR I 317 13.82 13.54 -7.91
CA THR I 317 14.08 14.08 -6.61
C THR I 317 14.08 12.97 -5.59
N THR I 318 14.02 11.75 -6.09
CA THR I 318 14.01 10.63 -5.23
C THR I 318 15.32 10.32 -4.56
N ARG I 319 16.38 11.04 -4.98
CA ARG I 319 17.67 10.96 -4.34
C ARG I 319 18.06 12.41 -4.00
N SER I 320 17.59 12.92 -2.84
CA SER I 320 17.95 14.21 -2.51
C SER I 320 18.57 14.40 -1.19
N THR I 321 19.33 13.46 -0.69
CA THR I 321 19.96 13.58 0.65
C THR I 321 21.06 14.57 0.60
N ASN I 322 21.05 15.57 1.49
CA ASN I 322 22.10 16.61 1.31
C ASN I 322 23.22 16.34 2.33
N LEU I 323 24.48 16.06 1.94
CA LEU I 323 25.47 15.64 2.92
C LEU I 323 25.78 16.84 3.78
N THR I 324 26.09 16.63 5.07
CA THR I 324 26.33 17.77 5.98
C THR I 324 27.75 17.52 6.31
N ILE I 325 28.55 18.56 6.07
CA ILE I 325 29.97 18.52 6.29
C ILE I 325 30.33 19.55 7.30
N CYS I 326 31.03 19.14 8.35
CA CYS I 326 31.58 20.15 9.27
C CYS I 326 33.03 19.92 9.66
N ALA I 327 33.81 21.02 9.49
CA ALA I 327 35.24 21.18 9.81
C ALA I 327 35.37 22.06 11.11
N SER I 328 36.45 21.81 11.89
CA SER I 328 36.55 22.64 13.02
C SER I 328 37.50 23.88 12.74
N THR I 329 37.48 24.87 13.62
CA THR I 329 38.33 26.01 13.44
C THR I 329 39.72 25.73 13.97
N GLN I 330 39.84 25.09 15.14
CA GLN I 330 41.10 24.70 15.77
C GLN I 330 41.60 23.45 15.05
N SER I 331 42.91 23.35 15.00
CA SER I 331 43.60 22.19 14.35
C SER I 331 43.56 20.83 15.11
N PRO I 332 43.91 20.87 16.42
CA PRO I 332 43.89 19.62 17.19
C PRO I 332 42.46 19.12 17.40
N VAL I 333 41.42 20.00 17.35
CA VAL I 333 40.00 19.58 17.57
C VAL I 333 39.78 19.20 19.06
N PRO I 334 39.69 20.22 19.95
CA PRO I 334 39.71 20.01 21.44
C PRO I 334 38.69 19.08 21.89
N GLY I 335 38.97 18.51 23.07
CA GLY I 335 38.15 17.52 23.76
C GLY I 335 36.97 18.21 24.44
N GLN I 336 36.86 19.54 24.28
CA GLN I 336 35.71 20.34 24.75
C GLN I 336 34.75 20.79 23.64
N TYR I 337 33.51 20.33 23.63
CA TYR I 337 32.59 20.82 22.56
C TYR I 337 32.25 22.31 22.59
N ASP I 338 32.43 22.97 21.47
CA ASP I 338 32.02 24.31 21.39
C ASP I 338 31.46 24.66 19.97
N ALA I 339 30.13 24.71 19.89
CA ALA I 339 29.47 24.99 18.60
C ALA I 339 30.24 25.92 17.66
N THR I 340 30.47 27.13 18.11
CA THR I 340 31.09 28.16 17.28
C THR I 340 32.44 27.69 16.68
N LYS I 341 33.05 26.71 17.34
CA LYS I 341 34.34 26.27 16.97
C LYS I 341 34.35 25.22 15.80
N PHE I 342 33.21 25.15 15.09
CA PHE I 342 33.02 24.24 13.94
C PHE I 342 32.20 24.94 12.82
N LYS I 343 32.65 24.69 11.61
CA LYS I 343 32.00 25.24 10.46
C LYS I 343 31.16 24.20 9.74
N GLN I 344 29.90 24.51 9.64
CA GLN I 344 28.92 23.67 8.96
C GLN I 344 28.68 23.96 7.45
N TYR I 345 28.82 22.91 6.64
CA TYR I 345 28.62 23.06 5.20
C TYR I 345 27.52 22.12 4.74
N SER I 346 26.90 22.48 3.62
CA SER I 346 25.91 21.62 3.07
C SER I 346 26.23 21.33 1.64
N ARG I 347 26.44 20.05 1.26
CA ARG I 347 26.77 19.72 -0.12
C ARG I 347 25.90 18.71 -0.80
N HIS I 348 25.46 18.93 -2.04
CA HIS I 348 24.66 17.89 -2.72
C HIS I 348 25.36 17.30 -3.89
N VAL I 349 25.04 16.04 -4.21
CA VAL I 349 25.69 15.30 -5.29
C VAL I 349 24.66 14.79 -6.32
N GLU I 350 25.07 14.48 -7.53
CA GLU I 350 24.14 14.01 -8.54
C GLU I 350 24.96 13.15 -9.47
N GLU I 351 24.50 11.98 -9.82
CA GLU I 351 25.30 11.00 -10.54
C GLU I 351 24.40 10.35 -11.61
N TYR I 352 24.59 10.76 -12.86
CA TYR I 352 23.84 10.13 -13.94
C TYR I 352 24.72 9.27 -14.78
N ASP I 353 24.13 8.50 -15.65
CA ASP I 353 24.85 7.75 -16.63
C ASP I 353 23.76 7.54 -17.79
N LEU I 354 24.06 7.91 -19.02
CA LEU I 354 23.08 7.79 -20.04
C LEU I 354 23.47 6.72 -21.00
N GLN I 355 22.58 5.88 -21.45
CA GLN I 355 22.87 4.84 -22.37
C GLN I 355 21.84 4.78 -23.43
N PHE I 356 22.23 4.48 -24.65
CA PHE I 356 21.21 4.51 -25.68
C PHE I 356 21.51 3.39 -26.65
N ILE I 357 20.55 3.05 -27.46
CA ILE I 357 20.76 2.20 -28.61
C ILE I 357 20.19 3.04 -29.77
N PHE I 358 21.00 3.29 -30.77
CA PHE I 358 20.50 3.98 -31.94
C PHE I 358 20.44 3.11 -33.26
N GLN I 359 19.54 3.46 -34.14
CA GLN I 359 19.36 2.73 -35.34
C GLN I 359 19.68 3.65 -36.48
N LEU I 360 20.52 3.14 -37.36
CA LEU I 360 20.94 3.84 -38.59
C LEU I 360 19.79 3.83 -39.64
N CYS I 361 19.47 5.02 -40.18
CA CYS I 361 18.42 5.20 -41.11
C CYS I 361 18.86 5.96 -42.31
N THR I 362 18.08 5.80 -43.37
CA THR I 362 18.39 6.43 -44.60
C THR I 362 17.19 7.20 -45.10
N ILE I 363 17.46 8.35 -45.67
CA ILE I 363 16.40 9.17 -46.29
C ILE I 363 16.76 9.33 -47.68
N THR I 364 15.96 8.82 -48.60
CA THR I 364 16.23 9.05 -50.02
C THR I 364 15.74 10.42 -50.42
N LEU I 365 16.63 11.33 -50.79
CA LEU I 365 16.26 12.70 -51.05
C LEU I 365 15.60 12.87 -52.43
N THR I 366 14.25 12.99 -52.50
CA THR I 366 13.64 13.21 -53.82
C THR I 366 13.15 14.61 -53.84
N ALA I 367 12.46 15.04 -54.90
CA ALA I 367 12.01 16.44 -54.98
C ALA I 367 11.15 16.81 -53.78
N ASP I 368 10.02 16.14 -53.66
CA ASP I 368 9.12 16.39 -52.56
C ASP I 368 9.75 16.15 -51.20
N VAL I 369 10.51 15.10 -51.03
CA VAL I 369 11.10 14.84 -49.73
C VAL I 369 11.91 16.00 -49.30
N MET I 370 12.55 16.63 -50.26
CA MET I 370 13.39 17.74 -49.94
C MET I 370 12.61 19.00 -49.66
N SER I 371 11.65 19.26 -50.51
CA SER I 371 10.84 20.43 -50.31
C SER I 371 10.14 20.28 -48.97
N TYR I 372 9.92 19.04 -48.50
CA TYR I 372 9.22 18.79 -47.22
C TYR I 372 10.18 19.08 -46.14
N ILE I 373 11.35 18.44 -46.19
CA ILE I 373 12.36 18.64 -45.17
C ILE I 373 12.79 20.07 -45.18
N GLN I 374 12.51 20.79 -46.28
CA GLN I 374 12.83 22.19 -46.37
C GLN I 374 11.83 23.04 -45.59
N SER I 375 10.57 22.78 -45.79
CA SER I 375 9.57 23.45 -45.03
C SER I 375 9.72 23.22 -43.53
N MET I 376 9.78 21.94 -43.14
CA MET I 376 9.98 21.51 -41.77
C MET I 376 11.13 22.26 -41.12
N ASN I 377 12.36 22.09 -41.59
CA ASN I 377 13.51 22.74 -40.97
C ASN I 377 14.68 22.74 -41.92
N SER I 378 14.87 23.89 -42.58
CA SER I 378 15.84 24.02 -43.68
C SER I 378 17.29 23.58 -43.24
N SER I 379 17.69 24.02 -42.05
CA SER I 379 19.03 23.66 -41.59
C SER I 379 19.26 22.17 -41.75
N ILE I 380 18.23 21.33 -41.72
CA ILE I 380 18.50 19.92 -41.87
C ILE I 380 19.23 19.62 -43.16
N LEU I 381 18.86 20.30 -44.25
CA LEU I 381 19.37 20.05 -45.62
C LEU I 381 20.66 20.72 -45.78
N GLU I 382 20.80 21.87 -45.12
CA GLU I 382 22.08 22.65 -45.11
C GLU I 382 23.25 21.82 -44.55
N ASP I 383 23.13 21.15 -43.41
CA ASP I 383 24.24 20.44 -42.87
C ASP I 383 24.65 19.29 -43.76
N TRP I 384 23.72 18.81 -44.59
CA TRP I 384 24.03 17.74 -45.60
C TRP I 384 24.76 18.31 -46.87
N ASN I 385 24.89 19.66 -46.93
CA ASN I 385 25.56 20.42 -48.02
C ASN I 385 24.89 20.31 -49.41
N ASN I 391 29.38 26.99 -38.43
CA ASN I 391 27.95 27.49 -38.52
C ASN I 391 27.42 28.15 -37.17
N LYS I 392 26.17 28.74 -37.17
CA LYS I 392 25.43 29.32 -35.96
C LYS I 392 24.27 28.40 -35.47
N ASP I 393 24.44 27.91 -34.24
CA ASP I 393 23.47 27.03 -33.58
C ASP I 393 22.39 27.84 -32.87
N PRO I 394 21.13 27.62 -33.11
CA PRO I 394 20.11 28.47 -32.47
C PRO I 394 19.98 28.20 -31.01
N TYR I 395 20.74 27.26 -30.47
CA TYR I 395 20.69 26.98 -29.05
C TYR I 395 21.93 27.47 -28.25
N ASP I 396 22.81 28.25 -28.89
CA ASP I 396 24.07 28.68 -28.26
C ASP I 396 23.88 29.62 -27.12
N LYS I 397 22.68 30.16 -26.95
CA LYS I 397 22.40 31.01 -25.81
C LYS I 397 22.06 30.19 -24.52
N LEU I 398 21.52 29.03 -24.70
CA LEU I 398 20.98 28.38 -23.59
C LEU I 398 21.94 27.39 -22.90
N LYS I 399 21.84 27.25 -21.57
CA LYS I 399 22.68 26.25 -20.80
C LYS I 399 22.29 24.85 -20.96
N PHE I 400 23.19 23.98 -21.34
CA PHE I 400 22.91 22.54 -21.33
C PHE I 400 24.10 21.80 -20.80
N TRP I 401 23.87 20.63 -20.29
CA TRP I 401 24.98 19.82 -19.89
C TRP I 401 25.32 19.01 -21.10
N ASN I 402 26.52 19.24 -21.66
CA ASN I 402 26.85 18.68 -22.97
C ASN I 402 27.48 17.32 -22.83
N VAL I 403 27.03 16.36 -23.63
CA VAL I 403 27.55 15.03 -23.44
C VAL I 403 27.92 14.59 -24.80
N ASP I 404 29.23 14.42 -25.04
CA ASP I 404 29.66 14.15 -26.39
C ASP I 404 29.77 12.71 -26.65
N LEU I 405 29.06 12.13 -27.60
CA LEU I 405 29.21 10.72 -27.70
C LEU I 405 29.76 10.37 -29.02
N LYS I 406 30.42 11.32 -29.66
CA LYS I 406 30.84 11.09 -31.07
C LYS I 406 31.85 9.92 -31.12
N GLU I 407 32.65 9.83 -30.06
CA GLU I 407 33.62 8.75 -29.87
C GLU I 407 33.15 7.60 -29.04
N LYS I 408 31.85 7.35 -28.93
CA LYS I 408 31.35 6.27 -28.08
C LYS I 408 30.37 5.35 -28.69
N PHE I 409 30.16 5.45 -30.02
CA PHE I 409 29.30 4.47 -30.65
C PHE I 409 29.96 3.11 -30.84
N SER I 410 29.25 2.01 -30.64
CA SER I 410 29.89 0.72 -30.87
C SER I 410 28.91 -0.22 -31.51
N LEU I 411 29.46 -1.16 -32.24
CA LEU I 411 28.58 -2.04 -32.89
C LEU I 411 28.20 -3.33 -32.21
N ASP I 412 29.00 -3.77 -31.23
CA ASP I 412 28.73 -5.06 -30.52
C ASP I 412 28.00 -4.71 -29.26
N LEU I 413 26.71 -4.74 -29.45
CA LEU I 413 25.78 -4.40 -28.43
C LEU I 413 26.08 -5.40 -27.37
N ASP I 414 26.30 -6.65 -27.75
CA ASP I 414 26.69 -7.65 -26.79
C ASP I 414 27.62 -7.19 -25.67
N GLN I 415 28.49 -6.25 -25.93
CA GLN I 415 29.39 -5.88 -24.88
C GLN I 415 28.91 -4.88 -23.89
N TYR I 416 27.71 -4.37 -23.98
CA TYR I 416 27.29 -3.43 -22.98
C TYR I 416 25.91 -3.76 -22.36
N PRO I 417 25.62 -3.29 -21.15
CA PRO I 417 24.41 -3.60 -20.48
C PRO I 417 23.19 -3.42 -21.33
N LEU I 418 22.81 -2.14 -21.55
CA LEU I 418 21.68 -1.81 -22.40
C LEU I 418 21.79 -2.64 -23.65
N GLY I 419 22.99 -2.69 -24.25
CA GLY I 419 23.19 -3.62 -25.36
C GLY I 419 22.60 -4.98 -25.26
N ARG I 420 22.97 -5.62 -24.22
CA ARG I 420 22.56 -6.99 -24.10
C ARG I 420 21.04 -7.02 -23.90
N LYS I 421 20.54 -6.13 -23.01
CA LYS I 421 19.15 -6.05 -22.81
C LYS I 421 18.40 -5.86 -24.08
N PHE I 422 19.00 -5.12 -25.00
CA PHE I 422 18.42 -4.85 -26.28
C PHE I 422 18.34 -6.12 -27.07
N LEU I 423 19.42 -6.86 -27.10
CA LEU I 423 19.43 -8.09 -27.84
C LEU I 423 18.42 -9.03 -27.29
N VAL I 424 18.18 -9.02 -25.99
CA VAL I 424 17.12 -9.89 -25.50
C VAL I 424 15.80 -9.56 -26.11
N GLN I 425 15.34 -8.34 -25.86
CA GLN I 425 14.04 -7.86 -26.33
C GLN I 425 13.87 -8.06 -27.82
N ALA I 426 15.01 -8.04 -28.53
CA ALA I 426 15.05 -8.29 -29.99
C ALA I 426 14.69 -9.78 -30.37
N GLY I 427 15.03 -10.70 -29.45
CA GLY I 427 14.75 -12.15 -29.57
C GLY I 427 16.02 -12.97 -29.59
N LEU I 428 16.96 -12.54 -30.43
CA LEU I 428 18.27 -13.19 -30.52
C LEU I 428 19.22 -12.95 -29.30
N ALA J 1 37.73 -8.59 -27.07
CA ALA J 1 36.18 -8.88 -26.86
C ALA J 1 35.89 -9.95 -25.79
N VAL J 2 35.11 -9.60 -24.79
CA VAL J 2 34.76 -10.55 -23.75
C VAL J 2 33.59 -11.38 -24.22
N VAL J 3 33.57 -12.68 -23.94
CA VAL J 3 32.45 -13.56 -24.29
C VAL J 3 31.65 -14.13 -23.13
N ASN J 4 30.40 -14.36 -23.45
CA ASN J 4 29.42 -15.01 -22.62
C ASN J 4 29.97 -16.36 -22.30
N THR J 5 29.97 -16.79 -21.05
CA THR J 5 30.54 -18.00 -20.68
C THR J 5 29.80 -19.08 -21.37
N ASP J 6 28.50 -18.97 -21.64
CA ASP J 6 27.80 -20.01 -22.34
C ASP J 6 28.52 -20.47 -23.59
N ASP J 7 29.47 -19.71 -24.09
CA ASP J 7 30.16 -20.15 -25.32
C ASP J 7 31.31 -21.09 -25.07
N TYR J 8 31.83 -21.15 -23.87
CA TYR J 8 32.99 -21.95 -23.58
C TYR J 8 32.84 -22.88 -22.35
N VAL J 9 31.65 -22.90 -21.73
CA VAL J 9 31.45 -23.66 -20.52
C VAL J 9 30.27 -24.53 -20.78
N THR J 10 30.47 -25.80 -21.02
CA THR J 10 29.28 -26.63 -21.22
C THR J 10 28.52 -27.06 -19.93
N ARG J 11 27.19 -27.09 -19.98
CA ARG J 11 26.44 -27.41 -18.75
C ARG J 11 26.16 -28.87 -18.76
N THR J 12 26.25 -29.56 -17.62
CA THR J 12 25.86 -31.01 -17.54
C THR J 12 24.44 -30.99 -17.08
N SER J 13 23.91 -32.16 -16.85
CA SER J 13 22.60 -32.24 -16.25
C SER J 13 22.72 -32.72 -14.75
N ILE J 14 23.94 -32.60 -14.23
CA ILE J 14 24.22 -33.00 -12.85
C ILE J 14 23.99 -31.77 -11.89
N PHE J 15 23.22 -31.92 -10.77
CA PHE J 15 23.00 -30.72 -9.93
C PHE J 15 23.18 -31.11 -8.54
N TYR J 16 23.83 -30.27 -7.79
CA TYR J 16 23.97 -30.59 -6.40
C TYR J 16 23.32 -29.56 -5.57
N HIS J 17 22.96 -29.91 -4.31
CA HIS J 17 22.47 -28.90 -3.41
C HIS J 17 23.52 -28.68 -2.37
N ALA J 18 23.56 -27.51 -1.76
CA ALA J 18 24.52 -27.27 -0.71
C ALA J 18 23.98 -26.17 0.18
N GLY J 19 24.26 -26.25 1.46
CA GLY J 19 23.70 -25.24 2.35
C GLY J 19 24.38 -25.08 3.69
N SER J 20 24.68 -23.85 4.09
CA SER J 20 25.35 -23.60 5.34
C SER J 20 24.37 -24.14 6.38
N SER J 21 24.90 -24.43 7.52
CA SER J 21 24.05 -24.92 8.56
C SER J 21 23.08 -23.86 9.02
N ARG J 22 23.46 -22.98 9.96
CA ARG J 22 22.55 -21.96 10.41
C ARG J 22 23.49 -20.92 10.91
N LEU J 23 23.73 -19.93 10.09
CA LEU J 23 24.68 -18.87 10.50
C LEU J 23 24.00 -18.08 11.56
N LEU J 24 24.73 -17.61 12.56
CA LEU J 24 24.07 -16.86 13.65
C LEU J 24 25.06 -15.92 14.31
N THR J 25 24.61 -14.75 14.76
CA THR J 25 25.58 -13.81 15.42
C THR J 25 24.97 -12.76 16.31
N VAL J 26 25.49 -12.53 17.52
CA VAL J 26 24.81 -11.50 18.34
C VAL J 26 25.86 -10.58 18.82
N GLY J 27 25.54 -9.34 19.07
CA GLY J 27 26.54 -8.39 19.51
C GLY J 27 25.84 -7.15 19.98
N ASP J 28 26.64 -6.18 20.32
CA ASP J 28 26.09 -4.91 20.64
C ASP J 28 25.78 -4.26 19.28
N PRO J 29 24.65 -3.60 19.15
CA PRO J 29 24.24 -2.89 17.98
C PRO J 29 24.93 -1.57 17.55
N TYR J 30 25.63 -0.93 18.44
CA TYR J 30 26.14 0.34 18.15
C TYR J 30 27.66 0.48 18.13
N PHE J 31 28.35 -0.45 18.81
CA PHE J 31 29.83 -0.48 18.87
C PHE J 31 30.32 -1.70 19.60
N ARG J 32 31.60 -2.03 19.39
CA ARG J 32 32.07 -3.28 19.97
C ARG J 32 32.51 -2.92 21.33
N VAL J 33 32.25 -3.85 22.22
CA VAL J 33 32.67 -3.75 23.58
C VAL J 33 34.01 -4.46 23.82
N PRO J 34 35.03 -3.66 24.12
CA PRO J 34 36.38 -4.24 24.35
C PRO J 34 36.31 -5.32 25.36
N ALA J 35 36.92 -6.41 24.95
CA ALA J 35 37.07 -7.65 25.74
C ALA J 35 37.23 -7.54 27.24
N GLY J 36 36.44 -8.45 27.86
CA GLY J 36 36.61 -8.79 29.28
C GLY J 36 36.68 -7.71 30.40
N GLY J 37 36.34 -6.45 30.07
CA GLY J 37 36.21 -5.43 31.14
C GLY J 37 35.28 -5.89 32.23
N GLY J 38 33.99 -6.05 31.86
CA GLY J 38 33.01 -6.76 32.72
C GLY J 38 33.25 -8.30 32.67
N ASN J 39 32.89 -8.91 31.50
CA ASN J 39 32.99 -10.37 31.26
C ASN J 39 33.71 -10.81 29.96
N LYS J 40 34.83 -11.49 30.21
CA LYS J 40 35.75 -12.13 29.26
C LYS J 40 35.28 -12.26 27.82
N GLN J 41 36.18 -11.82 26.92
CA GLN J 41 35.95 -11.83 25.45
C GLN J 41 35.05 -10.71 24.84
N ASP J 42 35.53 -10.17 23.73
CA ASP J 42 34.85 -9.14 22.95
C ASP J 42 33.38 -9.40 22.56
N ILE J 43 32.62 -8.33 22.69
CA ILE J 43 31.28 -8.30 22.26
C ILE J 43 31.32 -7.57 20.90
N PRO J 44 31.11 -8.31 19.78
CA PRO J 44 31.15 -7.78 18.43
C PRO J 44 30.13 -6.72 18.14
N LYS J 45 30.27 -5.97 17.06
CA LYS J 45 29.28 -4.98 16.74
C LYS J 45 28.36 -5.62 15.73
N VAL J 46 27.13 -5.91 16.14
CA VAL J 46 26.33 -6.63 15.22
C VAL J 46 25.16 -5.77 14.98
N SER J 47 25.06 -5.20 13.82
CA SER J 47 23.95 -4.33 13.57
C SER J 47 23.15 -4.77 12.39
N ALA J 48 21.93 -4.29 12.28
CA ALA J 48 21.13 -4.66 11.18
C ALA J 48 21.54 -3.82 10.06
N TYR J 49 22.20 -2.67 10.33
CA TYR J 49 22.49 -1.80 9.27
C TYR J 49 23.84 -2.05 8.74
N GLN J 50 24.26 -3.27 8.52
CA GLN J 50 25.61 -3.51 7.97
C GLN J 50 25.67 -4.62 6.99
N TYR J 51 26.49 -4.51 5.97
CA TYR J 51 26.46 -5.49 4.89
C TYR J 51 26.95 -6.83 5.49
N ARG J 52 26.36 -7.90 5.11
CA ARG J 52 26.82 -9.17 5.56
C ARG J 52 27.41 -9.69 4.23
N VAL J 53 28.66 -10.11 4.16
CA VAL J 53 29.22 -10.65 2.90
C VAL J 53 29.66 -11.98 3.22
N PHE J 54 29.04 -12.96 2.63
CA PHE J 54 29.41 -14.33 2.94
C PHE J 54 30.33 -14.78 1.80
N ARG J 55 31.49 -15.39 2.13
CA ARG J 55 32.40 -15.91 1.10
C ARG J 55 32.18 -17.40 1.07
N VAL J 56 31.34 -17.88 0.18
CA VAL J 56 31.05 -19.29 0.24
C VAL J 56 32.09 -20.11 -0.47
N GLN J 57 32.82 -21.01 0.24
CA GLN J 57 33.86 -21.85 -0.30
C GLN J 57 33.27 -23.17 -0.73
N LEU J 58 33.54 -23.50 -1.98
CA LEU J 58 32.89 -24.69 -2.59
C LEU J 58 33.94 -25.71 -2.83
N PRO J 59 33.55 -26.95 -2.97
CA PRO J 59 34.57 -27.94 -3.18
C PRO J 59 35.10 -27.89 -4.64
N ASP J 60 36.39 -28.17 -4.88
CA ASP J 60 36.94 -28.18 -6.21
C ASP J 60 36.37 -29.36 -6.94
N PRO J 61 35.57 -29.17 -7.95
CA PRO J 61 34.93 -30.25 -8.61
C PRO J 61 35.90 -31.18 -9.28
N ASN J 62 37.18 -30.84 -9.26
CA ASN J 62 38.06 -31.64 -10.08
C ASN J 62 38.63 -32.71 -9.20
N LYS J 63 39.14 -32.27 -8.05
CA LYS J 63 39.73 -33.14 -7.01
C LYS J 63 38.55 -33.72 -6.25
N PHE J 64 37.42 -33.85 -6.93
CA PHE J 64 36.16 -34.24 -6.29
C PHE J 64 35.83 -35.59 -6.85
N GLY J 65 34.94 -36.19 -6.14
CA GLY J 65 34.49 -37.47 -6.62
C GLY J 65 33.10 -37.35 -7.17
N LEU J 66 33.09 -37.65 -8.46
CA LEU J 66 31.83 -37.65 -9.17
C LEU J 66 30.91 -38.93 -8.98
N PRO J 67 29.56 -38.78 -9.28
CA PRO J 67 28.62 -39.95 -9.25
C PRO J 67 29.08 -40.96 -10.31
N ASP J 68 29.81 -40.36 -11.28
CA ASP J 68 30.38 -40.97 -12.50
C ASP J 68 31.56 -40.08 -12.98
N THR J 69 32.81 -40.63 -12.92
CA THR J 69 33.90 -39.77 -13.40
C THR J 69 34.19 -40.12 -14.84
N SER J 70 33.12 -40.24 -15.66
CA SER J 70 33.24 -40.28 -17.14
C SER J 70 32.12 -39.34 -17.75
N ILE J 71 32.07 -38.15 -17.14
CA ILE J 71 31.23 -36.97 -17.53
C ILE J 71 32.11 -36.11 -18.51
N TYR J 72 33.43 -36.16 -18.26
CA TYR J 72 34.41 -35.42 -18.97
C TYR J 72 35.72 -36.21 -19.10
N ASN J 73 36.61 -35.79 -19.95
CA ASN J 73 37.87 -36.42 -19.92
C ASN J 73 38.90 -35.46 -19.27
N PRO J 74 39.43 -35.80 -18.10
CA PRO J 74 40.47 -34.99 -17.37
C PRO J 74 41.77 -34.63 -18.15
N GLU J 75 41.85 -35.16 -19.37
CA GLU J 75 42.96 -34.83 -20.22
C GLU J 75 42.76 -33.54 -21.02
N THR J 76 41.54 -33.36 -21.47
CA THR J 76 41.26 -32.20 -22.28
C THR J 76 40.37 -31.11 -21.66
N GLN J 77 39.68 -31.51 -20.58
CA GLN J 77 38.73 -30.63 -19.95
C GLN J 77 38.85 -30.48 -18.42
N ARG J 78 38.16 -29.47 -17.89
CA ARG J 78 38.12 -29.19 -16.45
C ARG J 78 36.67 -28.96 -15.97
N LEU J 79 36.52 -28.76 -14.69
CA LEU J 79 35.22 -28.76 -14.16
C LEU J 79 35.03 -27.48 -13.34
N VAL J 80 33.88 -26.85 -13.56
CA VAL J 80 33.55 -25.61 -12.87
C VAL J 80 32.13 -25.70 -12.29
N TRP J 81 31.82 -25.00 -11.21
CA TRP J 81 30.53 -25.13 -10.61
C TRP J 81 29.74 -23.88 -11.04
N ALA J 82 28.55 -24.04 -11.61
CA ALA J 82 27.74 -22.91 -12.07
C ALA J 82 26.57 -22.78 -11.13
N CYS J 83 26.41 -21.58 -10.56
CA CYS J 83 25.30 -21.35 -9.63
C CYS J 83 23.88 -21.40 -10.29
N ALA J 84 22.87 -22.04 -9.72
CA ALA J 84 21.63 -22.15 -10.45
C ALA J 84 20.38 -21.89 -9.61
N GLY J 85 20.49 -21.66 -8.30
CA GLY J 85 19.35 -21.17 -7.53
C GLY J 85 19.90 -20.81 -6.18
N VAL J 86 19.16 -20.00 -5.50
CA VAL J 86 19.65 -19.51 -4.27
C VAL J 86 18.56 -19.27 -3.36
N GLU J 87 18.81 -19.31 -2.09
CA GLU J 87 17.75 -18.87 -1.18
C GLU J 87 18.40 -18.40 0.09
N ILE J 88 18.29 -17.11 0.40
CA ILE J 88 18.87 -16.56 1.61
C ILE J 88 17.84 -16.67 2.71
N GLY J 89 18.01 -17.59 3.62
CA GLY J 89 17.00 -17.75 4.60
C GLY J 89 17.14 -16.79 5.78
N ARG J 90 16.05 -16.17 6.29
CA ARG J 90 16.25 -15.19 7.36
C ARG J 90 15.53 -15.65 8.56
N GLY J 91 16.21 -15.47 9.64
CA GLY J 91 15.83 -15.98 10.96
C GLY J 91 14.86 -15.23 11.91
N GLN J 92 15.27 -14.32 12.74
CA GLN J 92 14.23 -13.80 13.66
C GLN J 92 13.01 -13.21 13.00
N PRO J 93 12.07 -12.69 13.80
CA PRO J 93 10.82 -12.09 13.30
C PRO J 93 10.99 -10.61 12.74
N LEU J 94 10.05 -10.12 11.92
CA LEU J 94 10.13 -8.76 11.47
C LEU J 94 10.10 -7.83 12.63
N GLY J 95 10.89 -6.76 12.60
CA GLY J 95 10.84 -5.80 13.69
C GLY J 95 11.54 -4.48 13.34
N VAL J 96 11.47 -3.54 14.28
CA VAL J 96 12.13 -2.23 13.97
C VAL J 96 12.96 -1.89 15.18
N GLY J 97 13.95 -1.01 14.99
CA GLY J 97 15.01 -0.66 16.03
C GLY J 97 15.53 0.77 15.83
N LEU J 98 15.68 1.42 16.95
CA LEU J 98 16.31 2.74 16.88
C LEU J 98 17.86 2.79 17.00
N SER J 99 18.47 3.90 16.55
CA SER J 99 19.88 4.25 16.70
C SER J 99 19.86 5.68 17.19
N GLY J 100 20.75 6.02 18.10
CA GLY J 100 20.72 7.31 18.70
C GLY J 100 22.14 7.75 18.96
N HIS J 101 22.21 8.90 19.55
CA HIS J 101 23.46 9.52 19.91
C HIS J 101 23.16 10.40 21.13
N PRO J 102 23.96 10.25 22.25
CA PRO J 102 23.75 11.01 23.49
C PRO J 102 23.78 12.49 23.20
N PHE J 103 24.58 12.90 22.18
CA PHE J 103 24.75 14.35 21.96
C PHE J 103 24.51 14.66 20.47
N TYR J 104 23.35 14.26 19.93
CA TYR J 104 23.05 14.59 18.57
C TYR J 104 23.12 16.15 18.44
N ASN J 105 23.75 16.63 17.39
CA ASN J 105 23.83 18.03 17.09
C ASN J 105 22.59 18.50 16.34
N LYS J 106 21.63 18.93 17.14
CA LYS J 106 20.26 19.22 16.64
C LYS J 106 20.03 20.60 17.24
N LEU J 107 20.05 21.61 16.41
CA LEU J 107 19.84 22.97 16.98
C LEU J 107 18.40 23.08 17.43
N ASP J 108 17.48 23.22 16.49
CA ASP J 108 16.04 23.20 16.83
C ASP J 108 15.16 22.72 15.67
N ASP J 109 13.86 22.65 15.99
CA ASP J 109 12.91 21.98 15.11
C ASP J 109 12.47 23.00 14.16
N THR J 110 12.80 22.79 12.87
CA THR J 110 12.57 23.83 11.85
C THR J 110 11.46 23.37 10.98
N GLU J 111 10.69 22.41 11.46
CA GLU J 111 9.51 21.89 10.77
C GLU J 111 8.42 22.82 11.00
N SER J 112 8.23 23.24 12.24
CA SER J 112 7.08 24.08 12.59
C SER J 112 7.22 24.59 13.98
N SER J 113 8.41 25.03 14.34
CA SER J 113 8.69 25.56 15.69
C SER J 113 7.59 26.57 15.98
N HIS J 114 7.13 26.52 17.25
CA HIS J 114 5.94 27.29 17.79
C HIS J 114 6.15 28.81 17.49
N ALA J 115 7.47 29.19 17.52
CA ALA J 115 7.96 30.51 17.00
C ALA J 115 9.46 30.47 16.80
N ALA J 116 10.15 31.52 17.24
CA ALA J 116 11.62 31.49 17.19
C ALA J 116 12.16 30.36 18.16
N THR J 117 13.49 30.35 18.32
CA THR J 117 14.13 29.21 18.96
C THR J 117 15.21 29.72 19.83
N SER J 118 15.85 28.76 20.51
CA SER J 118 17.00 28.96 21.47
C SER J 118 18.19 29.81 20.94
N ASN J 119 19.08 30.26 21.87
CA ASN J 119 20.30 30.99 21.48
C ASN J 119 21.48 30.05 20.99
N VAL J 120 22.09 30.41 19.82
CA VAL J 120 23.27 29.66 19.22
C VAL J 120 24.54 29.94 20.09
N SER J 121 24.25 29.97 21.42
CA SER J 121 25.21 30.19 22.53
C SER J 121 26.11 28.96 22.54
N GLU J 122 25.75 27.99 23.35
CA GLU J 122 26.59 26.88 23.57
C GLU J 122 25.97 25.44 23.69
N ASP J 123 26.84 24.37 23.50
CA ASP J 123 26.39 23.00 23.73
C ASP J 123 24.83 22.83 23.97
N VAL J 124 24.01 22.80 22.89
CA VAL J 124 22.55 22.55 22.95
C VAL J 124 22.24 21.15 22.30
N ARG J 125 23.22 20.25 22.32
CA ARG J 125 23.04 18.94 21.76
C ARG J 125 22.10 18.18 22.67
N ASP J 126 21.26 17.28 22.09
CA ASP J 126 20.25 16.51 22.83
C ASP J 126 20.36 15.09 22.43
N ASN J 127 19.84 14.24 23.27
CA ASN J 127 19.93 12.81 23.11
C ASN J 127 18.80 12.41 22.13
N VAL J 128 19.06 12.04 20.86
CA VAL J 128 17.98 11.63 19.96
C VAL J 128 18.26 10.30 19.37
N SER J 129 17.20 9.59 19.06
CA SER J 129 17.38 8.26 18.45
C SER J 129 16.64 8.33 17.09
N VAL J 130 16.69 7.27 16.27
CA VAL J 130 16.01 7.38 15.04
C VAL J 130 15.94 6.10 14.30
N ASP J 131 14.85 5.80 13.63
CA ASP J 131 14.88 4.51 12.93
C ASP J 131 15.45 4.80 11.54
N TYR J 132 16.48 4.06 11.15
CA TYR J 132 17.01 4.33 9.80
C TYR J 132 16.07 4.01 8.62
N LYS J 133 16.53 4.37 7.45
CA LYS J 133 15.89 4.00 6.19
C LYS J 133 15.87 2.50 6.10
N GLN J 134 14.89 1.93 5.44
CA GLN J 134 14.74 0.52 5.37
C GLN J 134 15.38 0.03 4.07
N THR J 135 16.20 -1.01 4.11
CA THR J 135 16.87 -1.43 2.90
C THR J 135 16.95 -2.98 2.90
N GLN J 136 16.78 -3.55 1.72
CA GLN J 136 17.06 -4.97 1.55
C GLN J 136 17.78 -5.07 0.26
N LEU J 137 18.92 -5.76 0.21
CA LEU J 137 19.58 -5.94 -1.08
C LEU J 137 20.35 -7.22 -0.96
N CYS J 138 20.51 -7.82 -2.09
CA CYS J 138 21.26 -9.00 -2.09
C CYS J 138 22.00 -9.08 -3.45
N ILE J 139 23.28 -9.43 -3.46
CA ILE J 139 24.06 -9.53 -4.73
C ILE J 139 24.83 -10.87 -4.77
N LEU J 140 24.99 -11.51 -5.92
CA LEU J 140 25.78 -12.70 -5.96
C LEU J 140 26.81 -12.57 -7.00
N GLY J 141 27.97 -13.17 -6.76
CA GLY J 141 29.02 -13.16 -7.80
C GLY J 141 30.15 -13.97 -7.41
N CYS J 142 31.16 -14.05 -8.25
CA CYS J 142 32.27 -14.87 -7.86
C CYS J 142 33.51 -14.09 -7.62
N ALA J 143 33.27 -12.84 -7.28
CA ALA J 143 34.21 -11.86 -6.78
C ALA J 143 33.38 -10.97 -5.82
N PRO J 144 33.97 -10.35 -4.79
CA PRO J 144 33.17 -9.48 -3.94
C PRO J 144 32.61 -8.25 -4.72
N ALA J 145 31.64 -7.51 -4.11
CA ALA J 145 30.89 -6.51 -4.86
C ALA J 145 31.49 -5.17 -4.61
N ILE J 146 31.17 -4.18 -5.41
CA ILE J 146 31.88 -2.96 -5.14
C ILE J 146 31.01 -1.87 -4.58
N GLY J 147 31.45 -1.05 -3.64
CA GLY J 147 30.58 -0.01 -3.08
C GLY J 147 31.17 1.33 -3.43
N GLU J 148 30.46 2.39 -3.15
CA GLU J 148 30.93 3.71 -3.42
C GLU J 148 30.55 4.57 -2.22
N HIS J 149 31.28 5.64 -2.03
CA HIS J 149 30.99 6.59 -0.95
C HIS J 149 31.83 7.85 -1.10
N TRP J 150 31.47 8.94 -0.46
CA TRP J 150 32.17 10.17 -0.59
C TRP J 150 33.22 10.23 0.49
N ALA J 151 34.45 10.61 0.15
CA ALA J 151 35.50 10.76 1.13
C ALA J 151 36.16 12.12 1.07
N LYS J 152 37.02 12.44 2.03
CA LYS J 152 37.59 13.75 2.06
C LYS J 152 38.66 13.72 1.03
N GLY J 153 38.50 14.56 0.00
CA GLY J 153 39.49 14.60 -1.08
C GLY J 153 40.93 14.84 -0.62
N THR J 154 41.93 14.41 -1.44
CA THR J 154 43.37 14.59 -1.05
C THR J 154 43.68 16.08 -1.15
N ALA J 155 44.21 16.62 -0.04
CA ALA J 155 44.59 18.07 0.01
C ALA J 155 45.72 18.37 -1.03
N SER J 156 45.44 19.35 -1.92
CA SER J 156 46.41 19.67 -3.00
C SER J 156 47.62 20.42 -2.42
N LYS J 157 48.80 20.04 -2.95
CA LYS J 157 50.10 20.68 -2.58
C LYS J 157 50.20 22.16 -3.11
N SER J 158 49.86 22.32 -4.41
CA SER J 158 49.75 23.64 -5.04
C SER J 158 48.83 24.65 -4.30
N ARG J 159 47.67 24.19 -3.81
CA ARG J 159 46.66 25.05 -3.11
C ARG J 159 46.24 24.41 -1.75
N PRO J 160 47.03 24.65 -0.67
CA PRO J 160 46.76 24.01 0.60
C PRO J 160 45.42 24.54 1.13
N LEU J 161 44.83 23.80 2.09
CA LEU J 161 43.51 24.11 2.66
C LEU J 161 43.59 24.56 4.11
N SER J 162 43.16 25.80 4.35
CA SER J 162 43.29 26.35 5.72
C SER J 162 42.25 25.69 6.57
N GLN J 163 42.60 25.55 7.84
CA GLN J 163 41.76 24.78 8.79
C GLN J 163 40.39 25.45 8.94
N GLY J 164 39.37 24.61 8.64
CA GLY J 164 37.95 25.00 8.84
C GLY J 164 37.15 25.16 7.55
N ASP J 165 37.88 25.30 6.46
CA ASP J 165 37.27 25.44 5.19
C ASP J 165 36.80 24.09 4.88
N CYS J 166 35.74 24.00 4.07
CA CYS J 166 35.27 22.71 3.58
C CYS J 166 36.14 22.04 2.50
N PRO J 167 36.50 20.78 2.72
CA PRO J 167 37.30 20.00 1.83
C PRO J 167 36.57 19.63 0.57
N PRO J 168 37.25 19.16 -0.47
CA PRO J 168 36.48 18.71 -1.66
C PRO J 168 36.14 17.21 -1.50
N LEU J 169 34.96 16.87 -1.98
CA LEU J 169 34.54 15.53 -1.82
C LEU J 169 35.08 14.75 -3.00
N GLU J 170 35.37 13.47 -2.70
CA GLU J 170 35.79 12.54 -3.73
C GLU J 170 34.99 11.26 -3.63
N LEU J 171 34.53 10.74 -4.77
CA LEU J 171 33.86 9.46 -4.77
C LEU J 171 34.86 8.36 -4.80
N LYS J 172 34.75 7.41 -3.88
CA LYS J 172 35.70 6.30 -3.82
C LYS J 172 35.09 4.94 -4.01
N ASN J 173 35.71 4.12 -4.86
CA ASN J 173 35.20 2.79 -5.02
C ASN J 173 35.89 1.88 -4.02
N THR J 174 35.30 0.81 -3.43
CA THR J 174 35.89 0.05 -2.36
C THR J 174 35.13 -1.21 -2.32
N VAL J 175 35.75 -2.29 -1.88
CA VAL J 175 35.10 -3.66 -1.76
C VAL J 175 34.21 -3.74 -0.59
N LEU J 176 33.06 -4.38 -0.72
CA LEU J 176 32.12 -4.29 0.40
C LEU J 176 32.41 -5.53 1.26
N GLU J 177 32.95 -5.33 2.46
CA GLU J 177 33.41 -6.41 3.25
C GLU J 177 32.39 -6.62 4.32
N ASP J 178 32.25 -7.84 4.88
CA ASP J 178 31.30 -8.07 5.96
C ASP J 178 31.42 -7.05 7.10
N GLY J 179 30.38 -6.34 7.51
CA GLY J 179 30.56 -5.37 8.55
C GLY J 179 30.52 -3.89 8.21
N ASP J 180 30.57 -3.59 6.95
CA ASP J 180 30.61 -2.21 6.60
C ASP J 180 29.15 -1.69 6.80
N MET J 181 28.98 -0.41 7.06
CA MET J 181 27.64 0.05 7.17
C MET J 181 26.99 0.38 5.83
N VAL J 182 25.68 0.38 5.83
CA VAL J 182 24.89 0.85 4.66
C VAL J 182 24.40 2.23 4.85
N ASP J 183 23.91 2.88 3.77
CA ASP J 183 23.32 4.18 3.82
C ASP J 183 22.15 3.97 4.69
N THR J 184 22.07 4.78 5.75
CA THR J 184 20.97 4.64 6.66
C THR J 184 20.03 5.82 6.49
N GLY J 185 20.27 6.80 5.61
CA GLY J 185 19.39 7.84 5.42
C GLY J 185 20.15 9.11 5.51
N TYR J 186 21.39 9.08 5.90
CA TYR J 186 22.15 10.30 5.97
C TYR J 186 23.18 10.33 4.82
N GLY J 187 23.07 9.46 3.78
CA GLY J 187 24.05 9.55 2.61
C GLY J 187 25.14 8.57 2.76
N ALA J 188 25.73 8.15 1.68
CA ALA J 188 26.86 7.25 1.78
C ALA J 188 28.15 8.00 1.84
N MET J 189 28.66 8.22 3.01
CA MET J 189 29.93 8.89 3.10
C MET J 189 30.75 8.37 4.33
N ASP J 190 31.90 9.04 4.54
CA ASP J 190 32.89 8.77 5.63
C ASP J 190 32.79 9.83 6.66
N PHE J 191 31.83 9.58 7.50
CA PHE J 191 31.46 10.47 8.59
C PHE J 191 32.58 10.69 9.63
N SER J 192 33.43 9.67 9.86
CA SER J 192 34.63 9.90 10.71
C SER J 192 35.59 10.98 10.14
N THR J 193 35.67 11.12 8.81
CA THR J 193 36.59 12.05 8.26
C THR J 193 35.93 13.32 7.71
N LEU J 194 34.60 13.32 7.53
CA LEU J 194 33.95 14.52 7.02
C LEU J 194 33.25 15.35 8.12
N GLN J 195 32.97 14.75 9.30
CA GLN J 195 32.24 15.48 10.36
C GLN J 195 33.04 15.42 11.64
N ASP J 196 33.77 16.49 11.89
CA ASP J 196 34.61 16.62 13.04
C ASP J 196 33.90 16.49 14.36
N THR J 197 32.69 17.04 14.45
CA THR J 197 31.84 16.88 15.63
C THR J 197 31.67 15.47 16.26
N LYS J 198 31.48 14.44 15.44
CA LYS J 198 31.21 13.07 15.96
C LYS J 198 29.83 13.06 16.60
N CYS J 199 29.00 14.01 16.22
CA CYS J 199 27.66 14.09 16.80
C CYS J 199 26.68 14.59 15.79
N GLU J 200 26.98 14.37 14.49
CA GLU J 200 26.00 14.65 13.48
C GLU J 200 25.06 13.47 13.13
N VAL J 201 25.45 12.30 13.56
CA VAL J 201 24.66 11.20 13.27
C VAL J 201 24.67 10.15 14.38
N PRO J 202 23.75 9.19 14.35
CA PRO J 202 23.78 8.23 15.44
C PRO J 202 25.09 7.54 15.54
N LEU J 203 25.34 7.15 16.78
CA LEU J 203 26.48 6.34 17.22
C LEU J 203 26.89 5.24 16.37
N ASP J 204 26.01 4.41 15.82
CA ASP J 204 26.52 3.34 14.95
C ASP J 204 27.17 3.66 13.60
N ILE J 205 27.10 4.90 13.17
CA ILE J 205 27.71 5.24 11.85
C ILE J 205 28.49 6.51 12.01
N CYS J 206 28.35 6.96 13.24
CA CYS J 206 28.92 8.17 13.62
C CYS J 206 30.43 8.22 13.33
N GLN J 207 31.09 7.09 13.57
CA GLN J 207 32.50 7.02 13.24
C GLN J 207 32.87 6.02 12.23
N SER J 208 32.03 5.94 11.19
CA SER J 208 32.11 4.84 10.25
C SER J 208 31.88 5.30 8.91
N ILE J 209 31.96 4.37 7.98
CA ILE J 209 31.74 4.72 6.62
C ILE J 209 30.56 3.95 6.07
N CYS J 210 29.56 4.69 5.52
CA CYS J 210 28.34 4.13 4.97
C CYS J 210 28.59 3.97 3.51
N LYS J 211 28.56 2.73 3.03
CA LYS J 211 28.85 2.52 1.61
C LYS J 211 27.52 2.17 0.89
N TYR J 212 27.40 2.37 -0.43
CA TYR J 212 26.25 1.93 -1.15
C TYR J 212 26.73 1.20 -2.37
N PRO J 213 26.14 0.10 -2.67
CA PRO J 213 26.69 -0.61 -3.82
C PRO J 213 26.77 0.25 -5.03
N ASP J 214 27.86 0.09 -5.78
CA ASP J 214 28.02 0.79 -7.06
C ASP J 214 27.47 -0.09 -8.17
N TYR J 215 26.13 -0.19 -8.21
CA TYR J 215 25.44 -0.90 -9.21
C TYR J 215 25.85 -0.41 -10.59
N LEU J 216 25.99 0.90 -10.78
CA LEU J 216 26.44 1.40 -12.10
C LEU J 216 27.69 0.78 -12.59
N GLN J 217 28.67 0.75 -11.69
CA GLN J 217 30.02 0.32 -12.00
C GLN J 217 30.08 -1.11 -12.17
N MET J 218 29.27 -1.89 -11.51
CA MET J 218 29.42 -3.25 -11.64
C MET J 218 28.75 -3.75 -12.85
N SER J 219 27.68 -3.10 -13.30
CA SER J 219 27.00 -3.55 -14.50
C SER J 219 27.88 -3.35 -15.67
N ALA J 220 28.72 -2.33 -15.59
CA ALA J 220 29.57 -1.92 -16.64
C ALA J 220 30.75 -2.86 -16.76
N ASP J 221 31.27 -3.37 -15.64
CA ASP J 221 32.31 -4.33 -15.58
C ASP J 221 32.21 -5.32 -16.72
N PRO J 222 33.31 -5.44 -17.47
CA PRO J 222 33.42 -6.22 -18.71
C PRO J 222 33.13 -7.65 -18.57
N TYR J 223 33.71 -8.28 -17.54
CA TYR J 223 33.62 -9.73 -17.33
C TYR J 223 32.42 -10.13 -16.61
N GLY J 224 32.15 -9.35 -15.58
CA GLY J 224 30.93 -9.40 -14.86
C GLY J 224 30.85 -10.46 -13.85
N ASP J 225 31.89 -10.54 -13.06
CA ASP J 225 32.03 -11.57 -12.12
C ASP J 225 31.56 -10.90 -10.79
N SER J 226 31.50 -9.56 -10.79
CA SER J 226 31.21 -8.84 -9.56
C SER J 226 29.79 -9.14 -9.15
N MET J 227 28.83 -9.01 -10.08
CA MET J 227 27.48 -9.37 -9.77
C MET J 227 26.68 -9.95 -10.89
N PHE J 228 26.20 -11.16 -10.70
CA PHE J 228 25.43 -11.72 -11.74
C PHE J 228 24.05 -12.02 -11.21
N PHE J 229 23.56 -11.18 -10.28
CA PHE J 229 22.24 -11.34 -9.65
C PHE J 229 22.15 -10.16 -8.77
N CYS J 230 21.02 -9.49 -8.77
CA CYS J 230 20.92 -8.22 -7.94
C CYS J 230 19.55 -8.02 -7.55
N LEU J 231 19.26 -7.89 -6.27
CA LEU J 231 17.93 -7.57 -5.82
C LEU J 231 17.95 -6.46 -4.81
N ARG J 232 17.29 -5.38 -5.12
CA ARG J 232 17.27 -4.31 -4.16
C ARG J 232 15.86 -3.82 -3.86
N ARG J 233 15.60 -3.32 -2.65
CA ARG J 233 14.33 -2.67 -2.43
C ARG J 233 14.57 -1.76 -1.26
N GLU J 234 14.53 -0.43 -1.43
CA GLU J 234 14.81 0.51 -0.27
C GLU J 234 13.66 1.47 -0.19
N GLN J 235 13.47 2.15 0.93
CA GLN J 235 12.38 3.12 1.06
C GLN J 235 12.54 3.84 2.33
N LEU J 236 12.13 5.06 2.35
CA LEU J 236 12.32 5.87 3.61
C LEU J 236 11.56 7.16 3.49
N PHE J 237 11.47 7.95 4.56
CA PHE J 237 10.82 9.29 4.46
C PHE J 237 11.28 10.20 5.56
N ALA J 238 11.01 11.49 5.40
CA ALA J 238 11.64 12.40 6.39
C ALA J 238 10.80 12.52 7.66
N ARG J 239 11.24 12.02 8.80
CA ARG J 239 10.41 12.10 10.00
C ARG J 239 10.38 13.50 10.56
N HIS J 240 11.56 14.08 10.86
CA HIS J 240 11.54 15.39 11.49
C HIS J 240 12.55 16.26 10.81
N PHE J 241 12.39 17.58 10.98
CA PHE J 241 13.31 18.55 10.28
C PHE J 241 14.21 19.35 11.18
N TRP J 242 15.50 19.25 11.05
CA TRP J 242 16.28 19.99 12.04
C TRP J 242 17.39 20.91 11.50
N ASN J 243 17.83 21.80 12.37
CA ASN J 243 18.94 22.64 12.13
C ASN J 243 20.27 22.07 12.64
N ARG J 244 21.41 22.51 12.13
CA ARG J 244 22.61 21.92 12.66
C ARG J 244 23.30 23.09 13.37
N ALA J 245 23.73 22.91 14.62
CA ALA J 245 24.47 23.95 15.36
C ALA J 245 25.92 24.24 14.85
N GLY J 246 26.43 25.44 15.01
CA GLY J 246 27.77 25.71 14.49
C GLY J 246 27.68 26.96 13.66
N THR J 247 28.82 27.47 13.20
CA THR J 247 28.83 28.68 12.35
C THR J 247 28.75 28.23 10.91
N MET J 248 28.11 29.05 10.07
CA MET J 248 27.86 28.64 8.71
C MET J 248 29.07 28.75 7.86
N GLY J 249 29.57 27.67 7.28
CA GLY J 249 30.70 27.81 6.38
C GLY J 249 30.48 28.75 5.18
N ASP J 250 29.40 28.48 4.43
CA ASP J 250 29.08 29.18 3.18
C ASP J 250 28.11 30.24 3.62
N THR J 251 28.51 31.49 3.47
CA THR J 251 27.68 32.60 3.92
C THR J 251 26.45 32.79 3.01
N VAL J 252 25.25 32.68 3.60
CA VAL J 252 24.06 33.00 2.82
C VAL J 252 24.08 34.34 2.11
N PRO J 253 23.97 34.33 0.80
CA PRO J 253 23.99 35.51 -0.06
C PRO J 253 22.97 36.57 0.38
N GLN J 254 23.34 37.87 0.37
CA GLN J 254 22.40 38.99 0.69
C GLN J 254 21.21 39.16 -0.21
N SER J 255 21.37 38.74 -1.47
CA SER J 255 20.31 38.88 -2.40
C SER J 255 19.21 37.86 -2.25
N LEU J 256 19.25 37.00 -1.21
CA LEU J 256 18.21 35.98 -0.94
C LEU J 256 17.28 36.30 0.19
N TYR J 257 17.37 37.47 0.80
CA TYR J 257 16.41 37.83 1.87
C TYR J 257 16.53 39.35 2.19
N ILE J 258 15.80 39.70 3.23
CA ILE J 258 15.81 41.06 3.65
C ILE J 258 16.17 41.10 5.12
N LYS J 259 17.12 41.95 5.49
CA LYS J 259 17.59 41.93 6.87
C LYS J 259 16.44 42.30 7.74
N GLY J 260 16.50 41.81 8.96
CA GLY J 260 15.59 42.24 10.00
C GLY J 260 16.39 43.06 11.02
N THR J 261 15.82 43.21 12.22
CA THR J 261 16.53 43.84 13.34
C THR J 261 16.69 42.88 14.50
N GLY J 262 17.69 43.06 15.29
CA GLY J 262 17.78 42.10 16.33
C GLY J 262 18.33 40.72 15.86
N MET J 263 17.73 39.66 16.45
CA MET J 263 18.30 38.30 16.21
C MET J 263 18.01 37.94 14.72
N ARG J 264 16.97 38.61 14.20
CA ARG J 264 16.58 38.57 12.79
C ARG J 264 17.30 39.54 11.84
N ALA J 265 18.31 40.22 12.33
CA ALA J 265 19.09 41.05 11.44
C ALA J 265 20.14 40.18 10.68
N SER J 266 20.45 39.00 11.23
CA SER J 266 21.39 38.10 10.55
C SER J 266 20.79 36.68 10.51
N PRO J 267 20.83 36.02 9.35
CA PRO J 267 20.28 34.64 9.21
C PRO J 267 20.87 33.59 10.20
N GLY J 268 20.06 32.62 10.59
CA GLY J 268 20.47 31.56 11.53
C GLY J 268 21.13 30.38 10.84
N SER J 269 21.10 29.22 11.48
CA SER J 269 21.65 28.05 10.76
C SER J 269 20.80 27.71 9.54
N CYS J 270 21.41 27.47 8.39
CA CYS J 270 20.74 27.13 7.12
C CYS J 270 21.23 25.86 6.56
N VAL J 271 21.60 24.96 7.49
CA VAL J 271 22.10 23.66 7.14
C VAL J 271 21.09 22.71 7.69
N TYR J 272 20.21 22.20 6.87
CA TYR J 272 19.12 21.48 7.40
C TYR J 272 19.41 20.06 7.04
N SER J 273 18.84 19.18 7.83
CA SER J 273 18.93 17.78 7.53
C SER J 273 17.86 17.08 8.40
N PRO J 274 16.97 16.26 7.79
CA PRO J 274 15.87 15.64 8.45
C PRO J 274 16.30 14.24 8.94
N SER J 275 15.66 13.80 10.02
CA SER J 275 15.87 12.45 10.56
C SER J 275 15.11 11.55 9.61
N PRO J 276 15.78 10.57 9.06
CA PRO J 276 15.14 9.58 8.18
C PRO J 276 14.31 8.61 8.97
N SER J 277 13.70 7.68 8.27
CA SER J 277 12.72 6.69 8.87
C SER J 277 12.14 5.82 7.76
N GLY J 278 12.08 4.46 7.96
CA GLY J 278 11.50 3.54 6.98
C GLY J 278 10.11 3.46 7.50
N SER J 279 9.10 3.29 6.74
CA SER J 279 7.81 3.44 7.36
C SER J 279 7.45 2.02 7.83
N ILE J 280 6.33 1.47 7.32
CA ILE J 280 5.88 0.19 7.83
C ILE J 280 6.82 -0.84 7.28
N VAL J 281 7.13 -1.88 8.08
CA VAL J 281 7.87 -2.98 7.53
C VAL J 281 6.82 -4.07 7.49
N THR J 282 6.62 -4.72 6.38
CA THR J 282 5.58 -5.72 6.26
C THR J 282 6.15 -6.95 5.51
N SER J 283 5.50 -8.07 5.62
CA SER J 283 6.05 -9.25 5.04
C SER J 283 5.68 -9.27 3.58
N ASP J 284 4.83 -8.32 3.21
CA ASP J 284 4.36 -8.29 1.82
C ASP J 284 5.51 -8.04 0.81
N SER J 285 6.40 -7.13 1.20
CA SER J 285 7.50 -6.60 0.44
C SER J 285 8.80 -7.31 0.86
N GLN J 286 8.65 -8.52 1.37
CA GLN J 286 9.86 -9.17 1.87
C GLN J 286 10.62 -9.71 0.67
N LEU J 287 11.92 -9.47 0.66
CA LEU J 287 12.72 -9.90 -0.40
C LEU J 287 13.23 -11.24 -0.34
N PHE J 288 13.41 -11.77 0.88
CA PHE J 288 14.07 -13.01 1.12
C PHE J 288 13.24 -14.26 1.55
N ASN J 289 13.88 -15.33 1.95
CA ASN J 289 13.19 -16.51 2.37
C ASN J 289 12.34 -16.96 1.20
N LYS J 290 12.77 -16.65 -0.02
CA LYS J 290 12.16 -17.12 -1.26
C LYS J 290 13.29 -17.60 -2.13
N PRO J 291 13.05 -18.67 -2.85
CA PRO J 291 14.10 -19.14 -3.80
C PRO J 291 14.04 -18.37 -5.02
N TYR J 292 15.17 -17.96 -5.52
CA TYR J 292 15.17 -17.31 -6.88
C TYR J 292 16.11 -18.06 -7.74
N TRP J 293 15.79 -18.44 -9.03
CA TRP J 293 16.67 -19.29 -9.88
C TRP J 293 17.32 -18.40 -10.87
N LEU J 294 18.64 -18.52 -11.07
CA LEU J 294 19.24 -17.56 -12.03
C LEU J 294 19.48 -18.29 -13.32
N HIS J 295 18.65 -18.01 -14.33
CA HIS J 295 18.57 -18.76 -15.56
C HIS J 295 19.52 -18.09 -16.57
N LYS J 296 19.64 -16.74 -16.54
CA LYS J 296 20.58 -16.04 -17.48
C LYS J 296 21.05 -14.80 -16.85
N ALA J 297 22.33 -14.77 -16.51
CA ALA J 297 22.90 -13.71 -15.73
C ALA J 297 22.95 -12.48 -16.55
N GLN J 298 23.15 -11.37 -15.90
CA GLN J 298 23.10 -10.11 -16.63
C GLN J 298 24.35 -9.78 -17.43
N GLY J 299 25.48 -10.14 -16.80
CA GLY J 299 26.80 -9.97 -17.35
C GLY J 299 27.14 -11.12 -18.28
N HIS J 300 28.40 -11.16 -18.64
CA HIS J 300 28.84 -12.23 -19.45
C HIS J 300 29.08 -13.51 -18.67
N ASN J 301 29.46 -13.48 -17.38
CA ASN J 301 29.55 -14.67 -16.58
C ASN J 301 28.20 -14.97 -16.02
N ASN J 302 27.68 -16.08 -16.43
CA ASN J 302 26.39 -16.53 -16.15
C ASN J 302 26.53 -17.51 -14.94
N GLY J 303 26.94 -16.92 -13.82
CA GLY J 303 27.00 -17.59 -12.53
C GLY J 303 28.01 -18.69 -12.47
N VAL J 304 29.08 -18.64 -13.23
CA VAL J 304 30.15 -19.56 -13.05
C VAL J 304 31.00 -19.10 -11.86
N CYS J 305 31.18 -20.00 -10.89
CA CYS J 305 31.95 -19.71 -9.74
C CYS J 305 33.40 -20.14 -9.91
N TRP J 306 34.21 -19.28 -10.53
CA TRP J 306 35.60 -19.51 -10.72
C TRP J 306 36.25 -19.64 -9.38
N HIS J 307 37.19 -20.55 -9.31
CA HIS J 307 37.97 -20.82 -8.09
C HIS J 307 37.04 -21.44 -7.05
N ASN J 308 35.85 -21.87 -7.47
CA ASN J 308 34.95 -22.54 -6.60
C ASN J 308 34.67 -21.75 -5.33
N GLN J 309 34.44 -20.49 -5.60
CA GLN J 309 34.17 -19.45 -4.61
C GLN J 309 32.86 -18.82 -5.04
N LEU J 310 32.28 -18.05 -4.15
CA LEU J 310 31.05 -17.36 -4.42
C LEU J 310 30.78 -16.46 -3.29
N PHE J 311 30.60 -15.20 -3.61
CA PHE J 311 30.32 -14.17 -2.56
C PHE J 311 28.83 -13.77 -2.49
N VAL J 312 28.27 -13.68 -1.29
CA VAL J 312 26.89 -13.35 -1.13
C VAL J 312 26.83 -12.09 -0.33
N THR J 313 26.47 -11.04 -1.02
CA THR J 313 26.30 -9.76 -0.29
C THR J 313 24.87 -9.48 0.16
N VAL J 314 24.64 -9.17 1.42
CA VAL J 314 23.25 -9.05 1.86
C VAL J 314 22.99 -7.90 2.83
N VAL J 315 21.86 -7.20 2.65
CA VAL J 315 21.54 -6.15 3.63
C VAL J 315 20.07 -6.36 3.86
N ASP J 316 19.63 -6.28 5.13
CA ASP J 316 18.20 -6.60 5.40
C ASP J 316 17.87 -5.88 6.64
N THR J 317 17.29 -4.68 6.55
CA THR J 317 17.02 -3.97 7.85
C THR J 317 15.60 -4.28 8.39
N THR J 318 14.95 -5.15 7.66
CA THR J 318 13.60 -5.50 8.00
C THR J 318 13.44 -6.23 9.31
N ARG J 319 14.59 -6.64 9.85
CA ARG J 319 14.59 -7.38 11.13
C ARG J 319 15.54 -6.70 12.01
N SER J 320 15.20 -5.57 12.60
CA SER J 320 16.17 -4.86 13.35
C SER J 320 15.84 -4.66 14.79
N THR J 321 14.99 -5.49 15.34
CA THR J 321 14.53 -5.20 16.76
C THR J 321 15.70 -5.48 17.66
N ASN J 322 15.99 -4.58 18.60
CA ASN J 322 17.19 -4.76 19.45
C ASN J 322 16.73 -5.19 20.88
N LEU J 323 17.25 -6.34 21.38
CA LEU J 323 16.79 -6.80 22.65
C LEU J 323 17.30 -5.83 23.67
N THR J 324 16.43 -5.49 24.62
CA THR J 324 16.88 -4.69 25.76
C THR J 324 16.98 -5.74 26.82
N ILE J 325 18.13 -5.80 27.49
CA ILE J 325 18.46 -6.78 28.58
C ILE J 325 18.86 -6.02 29.86
N CYS J 326 18.23 -6.22 31.03
CA CYS J 326 18.77 -5.49 32.21
C CYS J 326 18.88 -6.43 33.40
N ALA J 327 20.00 -6.27 34.09
CA ALA J 327 20.23 -7.10 35.25
C ALA J 327 20.39 -6.13 36.38
N SER J 328 20.22 -6.61 37.60
CA SER J 328 20.29 -5.69 38.72
C SER J 328 21.62 -5.76 39.32
N THR J 329 21.86 -4.83 40.19
CA THR J 329 23.12 -4.78 40.90
C THR J 329 22.99 -5.64 42.18
N GLN J 330 21.84 -5.62 42.84
CA GLN J 330 21.60 -6.48 44.01
C GLN J 330 21.32 -7.95 43.61
N SER J 331 21.66 -8.86 44.48
CA SER J 331 21.33 -10.25 44.19
C SER J 331 19.80 -10.61 44.41
N PRO J 332 19.30 -10.30 45.63
CA PRO J 332 17.87 -10.64 45.89
C PRO J 332 16.94 -9.87 44.95
N VAL J 333 17.32 -8.69 44.44
CA VAL J 333 16.36 -7.91 43.60
C VAL J 333 15.22 -7.36 44.44
N PRO J 334 15.50 -6.26 45.15
CA PRO J 334 14.65 -5.65 46.22
C PRO J 334 13.27 -5.28 45.68
N GLY J 335 12.27 -5.27 46.57
CA GLY J 335 10.87 -5.10 46.21
C GLY J 335 10.73 -3.61 46.14
N GLN J 336 11.86 -2.92 46.19
CA GLN J 336 11.86 -1.49 45.98
C GLN J 336 12.60 -1.05 44.68
N TYR J 337 11.87 -0.43 43.73
CA TYR J 337 12.48 0.05 42.48
C TYR J 337 13.49 1.23 42.60
N ASP J 338 14.68 0.94 42.11
CA ASP J 338 15.60 2.01 42.02
C ASP J 338 16.41 1.95 40.72
N ALA J 339 16.18 2.98 39.90
CA ALA J 339 16.80 3.01 38.58
C ALA J 339 18.19 2.44 38.70
N THR J 340 18.96 3.14 39.50
CA THR J 340 20.41 3.00 39.52
C THR J 340 20.85 1.59 39.82
N LYS J 341 19.99 0.91 40.54
CA LYS J 341 20.22 -0.50 40.92
C LYS J 341 20.08 -1.60 39.81
N PHE J 342 19.99 -1.12 38.54
CA PHE J 342 19.89 -2.00 37.33
C PHE J 342 20.82 -1.56 36.21
N LYS J 343 21.41 -2.53 35.49
CA LYS J 343 22.29 -2.21 34.34
C LYS J 343 21.56 -2.57 33.09
N GLN J 344 21.49 -1.64 32.15
CA GLN J 344 20.69 -1.81 31.00
C GLN J 344 21.61 -2.11 29.82
N TYR J 345 21.32 -3.14 29.09
CA TYR J 345 22.25 -3.49 28.00
C TYR J 345 21.51 -3.54 26.72
N SER J 346 22.17 -3.35 25.58
CA SER J 346 21.44 -3.55 24.30
C SER J 346 22.08 -4.56 23.38
N ARG J 347 21.31 -5.54 22.92
CA ARG J 347 22.03 -6.53 22.11
C ARG J 347 21.25 -6.81 20.87
N HIS J 348 21.93 -7.01 19.72
CA HIS J 348 21.19 -7.31 18.46
C HIS J 348 21.52 -8.69 17.84
N VAL J 349 20.55 -9.37 17.24
CA VAL J 349 20.87 -10.76 16.85
C VAL J 349 20.75 -10.87 15.34
N GLU J 350 21.40 -11.85 14.67
CA GLU J 350 21.24 -11.92 13.19
C GLU J 350 21.26 -13.39 12.78
N GLU J 351 20.26 -13.94 12.04
CA GLU J 351 20.25 -15.36 11.79
C GLU J 351 20.15 -15.61 10.29
N TYR J 352 21.12 -16.21 9.60
CA TYR J 352 20.95 -16.48 8.17
C TYR J 352 20.99 -17.94 7.97
N ASP J 353 20.70 -18.34 6.76
CA ASP J 353 20.89 -19.72 6.34
C ASP J 353 21.02 -19.63 4.82
N LEU J 354 22.13 -20.10 4.27
CA LEU J 354 22.29 -19.90 2.81
C LEU J 354 22.04 -21.22 2.18
N GLN J 355 21.21 -21.28 1.12
CA GLN J 355 21.02 -22.52 0.34
C GLN J 355 21.27 -22.33 -1.16
N PHE J 356 21.80 -23.37 -1.78
CA PHE J 356 22.10 -23.16 -3.20
C PHE J 356 21.85 -24.43 -4.02
N ILE J 357 21.80 -24.25 -5.34
CA ILE J 357 21.77 -25.40 -6.23
C ILE J 357 22.80 -25.09 -7.25
N PHE J 358 23.82 -25.95 -7.33
CA PHE J 358 24.95 -25.70 -8.23
C PHE J 358 24.93 -26.74 -9.30
N GLN J 359 25.33 -26.31 -10.47
CA GLN J 359 25.20 -27.21 -11.60
C GLN J 359 26.60 -27.48 -12.05
N LEU J 360 26.97 -28.74 -12.26
CA LEU J 360 28.33 -29.07 -12.66
C LEU J 360 28.65 -28.70 -14.10
N CYS J 361 29.84 -28.14 -14.41
CA CYS J 361 30.08 -27.77 -15.75
C CYS J 361 31.43 -28.15 -16.25
N THR J 362 31.54 -28.35 -17.57
CA THR J 362 32.78 -28.66 -18.13
C THR J 362 33.37 -27.55 -18.97
N ILE J 363 34.69 -27.41 -18.98
CA ILE J 363 35.35 -26.48 -19.88
C ILE J 363 36.37 -27.26 -20.69
N THR J 364 36.25 -27.29 -22.00
CA THR J 364 37.19 -28.08 -22.73
C THR J 364 38.30 -27.15 -23.05
N LEU J 365 39.48 -27.53 -22.62
CA LEU J 365 40.67 -26.65 -22.79
C LEU J 365 41.34 -26.74 -24.18
N THR J 366 41.34 -25.65 -24.92
CA THR J 366 41.82 -25.67 -26.27
C THR J 366 42.74 -24.45 -26.33
N ALA J 367 43.45 -24.25 -27.42
CA ALA J 367 44.30 -23.09 -27.58
C ALA J 367 43.61 -21.85 -27.11
N ASP J 368 42.65 -21.40 -27.91
CA ASP J 368 42.03 -20.02 -27.68
C ASP J 368 41.30 -19.98 -26.33
N VAL J 369 40.65 -21.11 -26.02
CA VAL J 369 40.01 -21.12 -24.75
C VAL J 369 41.00 -20.84 -23.64
N MET J 370 42.10 -21.54 -23.61
CA MET J 370 43.12 -21.11 -22.72
C MET J 370 43.67 -19.72 -22.87
N SER J 371 44.02 -19.26 -24.07
CA SER J 371 44.50 -17.87 -24.15
C SER J 371 43.46 -16.81 -23.68
N TYR J 372 42.15 -17.22 -23.68
CA TYR J 372 41.07 -16.40 -23.21
C TYR J 372 41.11 -16.40 -21.72
N ILE J 373 40.97 -17.58 -21.16
CA ILE J 373 40.97 -17.73 -19.75
C ILE J 373 42.23 -17.19 -19.15
N GLN J 374 43.25 -17.16 -19.94
CA GLN J 374 44.53 -16.54 -19.60
C GLN J 374 44.41 -15.04 -19.48
N SER J 375 43.86 -14.35 -20.49
CA SER J 375 43.65 -12.91 -20.42
C SER J 375 42.68 -12.51 -19.37
N MET J 376 41.65 -13.32 -19.22
CA MET J 376 40.61 -13.03 -18.23
C MET J 376 41.13 -13.00 -16.85
N ASN J 377 41.61 -14.12 -16.39
CA ASN J 377 42.14 -14.18 -15.08
C ASN J 377 43.00 -15.34 -14.98
N SER J 378 44.28 -15.09 -15.14
CA SER J 378 45.27 -16.17 -15.26
C SER J 378 45.20 -17.17 -14.15
N SER J 379 44.85 -16.72 -12.95
CA SER J 379 44.90 -17.59 -11.77
C SER J 379 43.89 -18.71 -11.82
N ILE J 380 42.94 -18.58 -12.73
CA ILE J 380 41.97 -19.64 -12.88
C ILE J 380 42.68 -20.85 -13.40
N LEU J 381 43.63 -20.70 -14.34
CA LEU J 381 44.24 -21.86 -14.98
C LEU J 381 45.22 -22.36 -14.04
N GLU J 382 45.66 -21.53 -13.10
CA GLU J 382 46.77 -21.85 -12.21
C GLU J 382 46.36 -22.90 -11.32
N ASP J 383 45.16 -22.75 -10.86
CA ASP J 383 44.62 -23.69 -9.91
C ASP J 383 44.36 -25.07 -10.47
N TRP J 384 44.08 -25.11 -11.74
CA TRP J 384 43.93 -26.39 -12.37
C TRP J 384 45.33 -27.04 -12.66
N ASN J 385 46.45 -26.37 -12.25
CA ASN J 385 47.89 -26.79 -12.59
C ASN J 385 48.10 -27.11 -14.08
N ASN J 391 49.38 -21.08 -1.92
CA ASN J 391 49.14 -19.91 -2.80
C ASN J 391 48.63 -18.69 -1.99
N LYS J 392 48.93 -17.45 -2.53
CA LYS J 392 48.39 -16.11 -2.00
C LYS J 392 47.07 -15.72 -2.67
N ASP J 393 46.00 -15.65 -1.86
CA ASP J 393 44.71 -15.18 -2.28
C ASP J 393 44.56 -13.64 -2.18
N PRO J 394 44.04 -12.97 -3.24
CA PRO J 394 43.94 -11.47 -3.38
C PRO J 394 43.02 -10.77 -2.40
N TYR J 395 42.17 -11.57 -1.79
CA TYR J 395 41.19 -11.11 -0.81
C TYR J 395 41.51 -11.42 0.66
N ASP J 396 42.72 -11.91 0.93
CA ASP J 396 43.19 -12.22 2.32
C ASP J 396 43.35 -11.03 3.25
N LYS J 397 43.28 -9.82 2.72
CA LYS J 397 43.22 -8.61 3.58
C LYS J 397 41.79 -8.21 4.04
N LEU J 398 40.79 -8.61 3.28
CA LEU J 398 39.46 -8.17 3.49
C LEU J 398 38.67 -9.03 4.43
N LYS J 399 37.79 -8.45 5.26
CA LYS J 399 36.93 -9.19 6.18
C LYS J 399 35.75 -9.86 5.54
N PHE J 400 35.45 -11.15 5.76
CA PHE J 400 34.30 -11.78 5.16
C PHE J 400 33.80 -12.77 6.12
N TRP J 401 32.52 -13.10 6.07
CA TRP J 401 32.03 -14.16 6.97
C TRP J 401 32.25 -15.45 6.23
N ASN J 402 33.19 -16.31 6.64
CA ASN J 402 33.50 -17.47 5.80
C ASN J 402 32.55 -18.67 5.93
N VAL J 403 32.01 -19.18 4.82
CA VAL J 403 31.09 -20.25 4.95
C VAL J 403 31.58 -21.38 4.14
N ASP J 404 32.03 -22.45 4.81
CA ASP J 404 32.74 -23.54 4.08
C ASP J 404 31.77 -24.62 3.70
N LEU J 405 31.43 -24.77 2.40
CA LEU J 405 30.54 -25.83 2.02
C LEU J 405 31.18 -26.97 1.35
N LYS J 406 32.50 -27.13 1.48
CA LYS J 406 33.19 -28.25 0.80
C LYS J 406 32.58 -29.57 1.30
N GLU J 407 32.11 -29.65 2.54
CA GLU J 407 31.58 -30.88 3.05
C GLU J 407 30.13 -30.91 3.05
N LYS J 408 29.54 -30.31 2.04
CA LYS J 408 28.12 -30.09 2.15
C LYS J 408 27.33 -30.31 0.85
N PHE J 409 28.03 -30.68 -0.23
CA PHE J 409 27.32 -30.89 -1.45
C PHE J 409 26.62 -32.19 -1.41
N SER J 410 25.35 -32.25 -1.78
CA SER J 410 24.64 -33.54 -1.92
C SER J 410 24.03 -33.79 -3.27
N LEU J 411 23.89 -35.01 -3.75
CA LEU J 411 23.26 -35.17 -5.04
C LEU J 411 21.78 -35.37 -5.02
N ASP J 412 21.21 -35.73 -3.87
CA ASP J 412 19.75 -35.96 -3.84
C ASP J 412 19.09 -34.72 -3.38
N LEU J 413 18.59 -33.98 -4.39
CA LEU J 413 18.04 -32.64 -4.12
C LEU J 413 16.77 -32.87 -3.31
N ASP J 414 16.07 -33.95 -3.71
CA ASP J 414 14.81 -34.35 -3.15
C ASP J 414 14.82 -34.22 -1.60
N GLN J 415 15.99 -34.41 -0.97
CA GLN J 415 16.17 -34.44 0.50
C GLN J 415 16.19 -33.06 1.15
N TYR J 416 16.14 -31.97 0.35
CA TYR J 416 16.28 -30.57 0.87
C TYR J 416 15.23 -29.68 0.28
N PRO J 417 14.77 -28.78 1.12
CA PRO J 417 13.82 -27.74 0.73
C PRO J 417 14.11 -27.17 -0.68
N LEU J 418 15.09 -26.24 -0.75
CA LEU J 418 15.53 -25.66 -2.03
C LEU J 418 15.56 -26.65 -3.14
N GLY J 419 15.97 -27.84 -2.78
CA GLY J 419 16.08 -28.95 -3.73
C GLY J 419 14.77 -29.43 -4.22
N ARG J 420 13.87 -29.68 -3.27
CA ARG J 420 12.54 -30.07 -3.72
C ARG J 420 11.95 -29.02 -4.60
N LYS J 421 12.06 -27.73 -4.19
CA LYS J 421 11.56 -26.58 -5.02
C LYS J 421 12.19 -26.56 -6.40
N PHE J 422 13.48 -26.84 -6.39
CA PHE J 422 14.16 -26.88 -7.61
C PHE J 422 13.59 -27.92 -8.57
N LEU J 423 13.30 -29.09 -8.01
CA LEU J 423 12.79 -30.18 -8.79
C LEU J 423 11.48 -29.87 -9.37
N VAL J 424 10.68 -29.17 -8.60
CA VAL J 424 9.38 -28.69 -9.09
C VAL J 424 9.59 -27.84 -10.36
N GLN J 425 10.38 -26.75 -10.21
CA GLN J 425 10.52 -25.76 -11.26
C GLN J 425 11.06 -26.40 -12.56
N ALA J 426 11.65 -27.58 -12.36
CA ALA J 426 12.31 -28.32 -13.44
C ALA J 426 11.26 -29.12 -14.13
N GLY J 427 10.14 -29.33 -13.44
CA GLY J 427 9.04 -30.09 -14.01
C GLY J 427 8.97 -31.44 -13.28
N LEU J 428 10.06 -32.23 -13.26
CA LEU J 428 9.96 -33.57 -12.57
C LEU J 428 9.63 -33.50 -11.04
N ALA K 1 96.78 43.28 13.06
CA ALA K 1 95.62 42.47 13.70
C ALA K 1 96.05 41.10 14.20
N VAL K 2 95.77 40.75 15.48
CA VAL K 2 96.25 39.52 16.11
C VAL K 2 95.34 38.41 15.77
N VAL K 3 95.82 37.18 15.59
CA VAL K 3 94.97 36.15 15.17
C VAL K 3 95.00 34.92 16.07
N ASN K 4 93.85 34.21 16.08
CA ASN K 4 93.67 33.04 16.85
C ASN K 4 94.68 32.02 16.42
N THR K 5 95.32 31.37 17.34
CA THR K 5 96.34 30.39 16.96
C THR K 5 95.74 29.20 16.09
N ASP K 6 94.47 28.90 16.22
CA ASP K 6 93.85 27.90 15.35
C ASP K 6 93.98 28.21 13.86
N ASP K 7 94.43 29.40 13.53
CA ASP K 7 94.53 29.67 12.16
C ASP K 7 95.88 29.26 11.64
N TYR K 8 96.95 29.30 12.45
CA TYR K 8 98.23 29.02 11.92
C TYR K 8 98.88 27.87 12.63
N VAL K 9 98.19 27.25 13.54
CA VAL K 9 98.74 26.07 14.21
C VAL K 9 97.88 24.84 14.00
N THR K 10 98.34 23.86 13.25
CA THR K 10 97.54 22.66 13.02
C THR K 10 97.72 21.60 14.12
N ARG K 11 96.59 20.99 14.51
CA ARG K 11 96.61 20.01 15.56
C ARG K 11 96.71 18.61 15.00
N THR K 12 97.60 17.82 15.59
CA THR K 12 97.76 16.39 15.19
C THR K 12 96.85 15.57 16.07
N SER K 13 96.88 14.27 16.04
CA SER K 13 96.00 13.50 16.92
C SER K 13 97.01 12.81 17.85
N ILE K 14 98.27 13.31 18.00
CA ILE K 14 99.20 12.67 18.88
C ILE K 14 99.06 13.30 20.20
N PHE K 15 98.96 12.53 21.26
CA PHE K 15 98.81 13.14 22.62
C PHE K 15 99.80 12.54 23.63
N TYR K 16 100.51 13.38 24.36
CA TYR K 16 101.35 12.92 25.38
C TYR K 16 100.89 13.28 26.77
N HIS K 17 101.28 12.52 27.76
CA HIS K 17 100.87 12.85 29.13
C HIS K 17 102.18 13.22 29.79
N ALA K 18 102.21 14.10 30.78
CA ALA K 18 103.41 14.46 31.38
C ALA K 18 103.06 14.84 32.79
N GLY K 19 103.89 14.52 33.75
CA GLY K 19 103.60 14.93 35.11
C GLY K 19 104.78 15.08 36.08
N SER K 20 104.72 16.06 36.99
CA SER K 20 105.74 16.24 38.01
C SER K 20 105.62 15.03 38.87
N SER K 21 106.73 14.66 39.46
CA SER K 21 106.66 13.63 40.46
C SER K 21 105.69 14.09 41.55
N ARG K 22 106.15 14.79 42.60
CA ARG K 22 105.39 15.20 43.70
C ARG K 22 106.21 16.26 44.30
N LEU K 23 105.78 17.45 44.02
CA LEU K 23 106.42 18.59 44.58
C LEU K 23 106.12 18.64 46.08
N LEU K 24 107.09 19.04 46.90
CA LEU K 24 106.83 19.12 48.31
C LEU K 24 107.68 20.16 48.90
N THR K 25 107.19 20.80 49.94
CA THR K 25 108.02 21.84 50.51
C THR K 25 107.66 22.25 51.94
N VAL K 26 108.63 22.40 52.88
CA VAL K 26 108.20 22.71 54.21
C VAL K 26 108.96 23.84 54.77
N GLY K 27 108.41 24.63 55.68
CA GLY K 27 109.09 25.84 56.06
C GLY K 27 108.40 26.49 57.21
N ASP K 28 108.81 27.71 57.57
CA ASP K 28 108.21 28.36 58.64
C ASP K 28 107.17 29.14 57.91
N PRO K 29 106.00 29.20 58.50
CA PRO K 29 104.91 29.89 57.86
C PRO K 29 104.92 31.42 57.90
N TYR K 30 105.70 31.99 58.81
CA TYR K 30 105.73 33.42 58.95
C TYR K 30 106.93 34.16 58.41
N PHE K 31 108.04 33.47 58.28
CA PHE K 31 109.25 34.13 57.92
C PHE K 31 110.39 33.19 57.82
N ARG K 32 111.41 33.46 56.95
CA ARG K 32 112.54 32.55 56.85
C ARG K 32 113.41 32.62 58.06
N VAL K 33 114.03 31.49 58.42
CA VAL K 33 114.84 31.42 59.58
C VAL K 33 116.25 31.37 59.08
N PRO K 34 117.07 32.44 59.35
CA PRO K 34 118.43 32.55 58.82
C PRO K 34 119.19 31.30 59.15
N ALA K 35 119.80 30.79 58.10
CA ALA K 35 120.68 29.60 58.22
C ALA K 35 121.46 29.29 59.53
N GLY K 36 121.54 27.96 59.76
CA GLY K 36 122.17 27.29 60.92
C GLY K 36 122.48 28.12 62.23
N GLY K 37 121.51 28.95 62.68
CA GLY K 37 121.75 29.60 64.00
C GLY K 37 121.82 28.40 65.01
N GLY K 38 120.70 27.64 65.10
CA GLY K 38 120.54 26.42 65.92
C GLY K 38 121.00 25.25 65.03
N ASN K 39 120.26 24.97 63.94
CA ASN K 39 120.66 23.89 62.98
C ASN K 39 120.82 24.26 61.45
N LYS K 40 122.02 23.92 60.97
CA LYS K 40 122.50 24.07 59.61
C LYS K 40 121.43 24.21 58.56
N GLN K 41 121.59 25.27 57.77
CA GLN K 41 120.75 25.53 56.57
C GLN K 41 119.40 26.25 56.75
N ASP K 42 119.14 27.22 55.88
CA ASP K 42 117.94 28.00 55.90
C ASP K 42 116.63 27.28 55.90
N ILE K 43 115.72 27.76 56.74
CA ILE K 43 114.39 27.21 56.81
C ILE K 43 113.62 28.23 56.05
N PRO K 44 113.14 27.90 54.86
CA PRO K 44 112.37 28.76 53.94
C PRO K 44 111.05 29.21 54.51
N LYS K 45 110.48 30.26 53.91
CA LYS K 45 109.18 30.76 54.27
C LYS K 45 108.18 30.07 53.37
N VAL K 46 107.48 29.13 53.97
CA VAL K 46 106.52 28.36 53.23
C VAL K 46 105.14 28.69 53.83
N SER K 47 104.27 29.40 53.13
CA SER K 47 103.03 29.75 53.71
C SER K 47 101.96 29.30 52.82
N ALA K 48 100.75 29.11 53.35
CA ALA K 48 99.66 28.74 52.44
C ALA K 48 99.18 30.02 51.74
N TYR K 49 99.57 31.19 52.25
CA TYR K 49 99.13 32.38 51.65
C TYR K 49 100.05 33.01 50.66
N GLN K 50 100.82 32.20 49.97
CA GLN K 50 101.69 32.68 48.93
C GLN K 50 101.46 32.02 47.58
N TYR K 51 101.64 32.72 46.46
CA TYR K 51 101.39 32.17 45.17
C TYR K 51 102.45 31.07 44.93
N ARG K 52 102.03 29.98 44.30
CA ARG K 52 102.97 29.01 43.81
C ARG K 52 103.03 29.21 42.33
N VAL K 53 104.19 29.52 41.79
CA VAL K 53 104.25 29.57 40.33
C VAL K 53 105.19 28.55 39.84
N PHE K 54 104.75 27.68 39.01
CA PHE K 54 105.54 26.60 38.61
C PHE K 54 105.82 26.91 37.14
N ARG K 55 107.10 26.96 36.77
CA ARG K 55 107.61 27.11 35.42
C ARG K 55 107.89 25.69 34.99
N VAL K 56 107.01 25.18 34.18
CA VAL K 56 107.13 23.84 33.73
C VAL K 56 107.79 23.86 32.40
N GLN K 57 108.88 23.12 32.34
CA GLN K 57 109.76 23.06 31.22
C GLN K 57 109.44 21.83 30.37
N LEU K 58 109.11 22.00 29.14
CA LEU K 58 108.64 20.84 28.35
C LEU K 58 109.78 20.50 27.38
N PRO K 59 109.79 19.32 26.81
CA PRO K 59 110.82 18.97 25.95
C PRO K 59 110.69 19.72 24.60
N ASP K 60 111.75 19.96 23.81
CA ASP K 60 111.54 20.67 22.54
C ASP K 60 111.00 19.62 21.56
N PRO K 61 109.79 19.75 21.11
CA PRO K 61 109.24 18.75 20.23
C PRO K 61 110.02 18.56 18.95
N ASN K 62 110.82 19.53 18.57
CA ASN K 62 111.60 19.43 17.34
C ASN K 62 112.79 18.55 17.46
N LYS K 63 113.68 18.87 18.38
CA LYS K 63 114.83 17.98 18.68
C LYS K 63 114.41 16.78 19.44
N PHE K 64 113.21 16.25 19.27
CA PHE K 64 112.70 15.19 20.17
C PHE K 64 112.51 13.97 19.33
N GLY K 65 112.40 12.85 20.03
CA GLY K 65 112.15 11.63 19.29
C GLY K 65 110.68 11.17 19.08
N LEU K 66 110.11 11.36 17.86
CA LEU K 66 108.67 11.10 17.65
C LEU K 66 108.34 9.62 17.43
N PRO K 67 107.03 9.23 17.63
CA PRO K 67 106.74 7.81 17.45
C PRO K 67 106.83 7.61 15.90
N ASP K 68 106.99 8.72 15.14
CA ASP K 68 106.88 8.67 13.68
C ASP K 68 107.24 10.04 13.27
N THR K 69 108.49 10.17 12.81
CA THR K 69 108.99 11.54 12.38
C THR K 69 108.60 11.84 10.89
N SER K 70 107.33 11.53 10.58
CA SER K 70 106.78 11.68 9.22
C SER K 70 105.37 12.27 9.38
N ILE K 71 105.27 12.97 10.53
CA ILE K 71 104.09 13.76 10.92
C ILE K 71 104.12 15.18 10.33
N TYR K 72 105.35 15.63 10.10
CA TYR K 72 105.59 16.95 9.52
C TYR K 72 106.82 16.95 8.64
N ASN K 73 106.99 17.97 7.79
CA ASN K 73 108.21 18.03 7.05
C ASN K 73 109.14 19.11 7.60
N PRO K 74 110.22 18.73 8.22
CA PRO K 74 111.13 19.63 8.92
C PRO K 74 111.73 20.65 8.08
N GLU K 75 111.29 20.68 6.87
CA GLU K 75 111.82 21.75 6.00
C GLU K 75 110.91 22.98 5.89
N THR K 76 109.61 22.69 5.80
CA THR K 76 108.62 23.73 5.74
C THR K 76 107.93 23.96 7.12
N GLN K 77 107.91 22.96 8.01
CA GLN K 77 107.21 23.17 9.27
C GLN K 77 108.00 22.99 10.58
N ARG K 78 107.45 23.52 11.66
CA ARG K 78 107.97 23.29 12.99
C ARG K 78 106.99 22.67 14.00
N LEU K 79 107.46 22.21 15.16
CA LEU K 79 106.60 21.60 16.11
C LEU K 79 106.35 22.40 17.41
N VAL K 80 105.08 22.46 17.87
CA VAL K 80 104.77 23.16 19.14
C VAL K 80 103.91 22.34 20.04
N TRP K 81 104.10 22.48 21.35
CA TRP K 81 103.29 21.77 22.23
C TRP K 81 101.99 22.58 22.58
N ALA K 82 100.81 21.96 22.58
CA ALA K 82 99.56 22.64 22.95
C ALA K 82 98.99 21.88 24.17
N CYS K 83 98.54 22.66 25.18
CA CYS K 83 98.09 22.12 26.41
C CYS K 83 96.65 21.71 26.16
N ALA K 84 96.27 20.52 26.61
CA ALA K 84 94.93 20.02 26.44
C ALA K 84 94.28 19.45 27.68
N GLY K 85 95.03 19.23 28.74
CA GLY K 85 94.35 18.98 29.97
C GLY K 85 95.27 19.27 31.14
N VAL K 86 94.66 19.68 32.27
CA VAL K 86 95.41 19.88 33.47
C VAL K 86 94.86 19.29 34.69
N GLU K 87 95.66 18.99 35.71
CA GLU K 87 95.03 18.61 36.95
C GLU K 87 95.96 19.00 38.02
N ILE K 88 95.67 20.02 38.84
CA ILE K 88 96.66 20.34 39.84
C ILE K 88 96.36 19.49 41.06
N GLY K 89 97.24 18.56 41.50
CA GLY K 89 96.89 17.64 42.58
C GLY K 89 97.34 18.22 43.87
N ARG K 90 96.49 18.19 44.89
CA ARG K 90 96.87 18.70 46.18
C ARG K 90 96.94 17.56 47.20
N GLY K 91 98.00 17.67 48.01
CA GLY K 91 98.50 16.62 48.96
C GLY K 91 97.90 16.65 50.38
N GLN K 92 98.22 17.62 51.26
CA GLN K 92 97.70 17.43 52.61
C GLN K 92 96.15 17.48 52.79
N PRO K 93 95.69 17.19 54.01
CA PRO K 93 94.24 17.23 54.30
C PRO K 93 93.72 18.68 54.47
N LEU K 94 92.46 18.98 54.27
CA LEU K 94 92.02 20.29 54.44
C LEU K 94 92.17 20.78 55.85
N GLY K 95 92.49 22.03 55.99
CA GLY K 95 92.61 22.58 57.32
C GLY K 95 92.63 24.13 57.40
N VAL K 96 92.60 24.66 58.62
CA VAL K 96 92.64 26.11 58.74
C VAL K 96 93.85 26.47 59.64
N GLY K 97 94.35 27.73 59.55
CA GLY K 97 95.42 28.09 60.38
C GLY K 97 95.53 29.58 60.49
N LEU K 98 96.15 30.02 61.62
CA LEU K 98 96.32 31.44 61.97
C LEU K 98 97.64 32.12 61.64
N SER K 99 97.56 33.42 61.54
CA SER K 99 98.72 34.26 61.38
C SER K 99 98.48 35.38 62.37
N GLY K 100 99.54 35.86 63.04
CA GLY K 100 99.42 36.90 63.98
C GLY K 100 100.61 37.81 63.95
N HIS K 101 100.56 38.74 64.90
CA HIS K 101 101.65 39.66 65.21
C HIS K 101 101.74 39.91 66.73
N PRO K 102 102.94 39.86 67.29
CA PRO K 102 103.17 40.11 68.72
C PRO K 102 102.67 41.46 69.11
N PHE K 103 102.81 42.43 68.25
CA PHE K 103 102.34 43.76 68.56
C PHE K 103 101.34 44.31 67.59
N TYR K 104 100.21 43.66 67.33
CA TYR K 104 99.26 44.14 66.35
C TYR K 104 98.78 45.44 66.82
N ASN K 105 98.65 46.45 65.98
CA ASN K 105 98.16 47.72 66.37
C ASN K 105 96.62 47.80 66.38
N LYS K 106 96.10 47.37 67.49
CA LYS K 106 94.64 47.29 67.75
C LYS K 106 94.36 48.25 68.92
N LEU K 107 93.73 49.35 68.63
CA LEU K 107 93.42 50.25 69.71
C LEU K 107 92.41 49.62 70.64
N ASP K 108 91.20 49.32 70.17
CA ASP K 108 90.14 48.66 70.99
C ASP K 108 89.00 48.20 70.10
N ASP K 109 88.14 47.38 70.66
CA ASP K 109 87.00 46.75 70.02
C ASP K 109 85.84 47.69 69.89
N THR K 110 85.67 48.15 68.64
CA THR K 110 84.71 49.15 68.18
C THR K 110 83.51 48.41 67.66
N GLU K 111 83.32 47.15 68.15
CA GLU K 111 82.23 46.30 67.61
C GLU K 111 81.08 46.60 68.42
N SER K 112 81.32 46.73 69.74
CA SER K 112 80.29 46.83 70.76
C SER K 112 81.00 46.89 72.12
N SER K 113 82.17 47.56 72.20
CA SER K 113 82.83 47.71 73.52
C SER K 113 81.73 47.99 74.58
N HIS K 114 81.86 47.28 75.73
CA HIS K 114 80.90 47.36 76.87
C HIS K 114 80.47 48.86 77.14
N ALA K 115 81.45 49.79 76.94
CA ALA K 115 81.24 51.22 77.15
C ALA K 115 82.35 51.90 76.35
N ALA K 116 82.94 52.96 76.95
CA ALA K 116 84.17 53.68 76.45
C ALA K 116 85.47 52.76 76.40
N THR K 117 86.63 53.36 76.19
CA THR K 117 87.76 52.47 76.11
C THR K 117 88.98 53.20 76.66
N SER K 118 90.02 52.38 76.88
CA SER K 118 91.34 52.91 77.25
C SER K 118 91.80 54.27 76.64
N ASN K 119 92.83 54.78 77.33
CA ASN K 119 93.49 56.01 76.96
C ASN K 119 94.50 55.78 75.82
N VAL K 120 94.33 56.65 74.75
CA VAL K 120 95.33 56.89 73.58
C VAL K 120 96.81 57.40 73.95
N SER K 121 97.22 57.05 75.21
CA SER K 121 98.52 57.39 75.84
C SER K 121 99.65 56.93 74.92
N GLU K 122 99.92 55.61 74.91
CA GLU K 122 101.05 55.04 74.17
C GLU K 122 101.09 53.54 74.41
N ASP K 123 101.68 52.84 73.42
CA ASP K 123 101.84 51.38 73.40
C ASP K 123 100.67 50.55 74.05
N VAL K 124 99.69 50.17 73.22
CA VAL K 124 98.56 49.35 73.65
C VAL K 124 98.41 48.21 72.66
N ARG K 125 99.52 47.86 72.02
CA ARG K 125 99.52 46.89 70.96
C ARG K 125 99.35 45.64 71.68
N ASP K 126 98.55 44.76 71.12
CA ASP K 126 98.26 43.41 71.70
C ASP K 126 98.72 42.33 70.71
N ASN K 127 98.86 41.13 71.25
CA ASN K 127 99.25 39.98 70.47
C ASN K 127 98.02 39.39 69.86
N VAL K 128 97.67 39.64 68.59
CA VAL K 128 96.50 39.02 68.02
C VAL K 128 96.85 38.16 66.85
N SER K 129 95.95 37.22 66.57
CA SER K 129 96.07 36.32 65.43
C SER K 129 94.81 36.35 64.57
N VAL K 130 94.84 35.76 63.39
CA VAL K 130 93.67 35.82 62.55
C VAL K 130 93.69 34.81 61.44
N ASP K 131 92.56 34.21 61.05
CA ASP K 131 92.62 33.22 59.95
C ASP K 131 92.46 34.08 58.68
N TYR K 132 93.31 34.03 57.68
CA TYR K 132 93.06 34.97 56.62
C TYR K 132 91.84 34.68 55.72
N LYS K 133 91.48 35.62 54.83
CA LYS K 133 90.48 35.31 53.78
C LYS K 133 90.81 34.04 53.05
N GLN K 134 89.85 33.29 52.62
CA GLN K 134 90.16 32.05 51.95
C GLN K 134 90.10 32.24 50.42
N THR K 135 91.08 31.72 49.69
CA THR K 135 91.19 31.97 48.28
C THR K 135 91.73 30.74 47.59
N GLN K 136 91.22 30.48 46.39
CA GLN K 136 91.68 29.35 45.55
C GLN K 136 91.80 29.87 44.13
N LEU K 137 92.92 29.93 43.45
CA LEU K 137 92.90 30.30 42.08
C LEU K 137 93.99 29.49 41.39
N CYS K 138 93.89 29.47 40.11
CA CYS K 138 94.80 28.74 39.31
C CYS K 138 94.77 29.42 37.91
N ILE K 139 95.95 29.82 37.40
CA ILE K 139 96.07 30.37 36.03
C ILE K 139 97.16 29.57 35.19
N LEU K 140 96.87 29.34 33.89
CA LEU K 140 97.85 28.70 33.00
C LEU K 140 98.10 29.59 31.90
N GLY K 141 99.35 29.58 31.45
CA GLY K 141 99.76 30.36 30.32
C GLY K 141 101.18 30.10 29.93
N CYS K 142 101.65 30.79 28.87
CA CYS K 142 102.95 30.40 28.40
C CYS K 142 103.79 31.53 28.58
N ALA K 143 103.41 32.23 29.61
CA ALA K 143 104.10 33.38 30.10
C ALA K 143 103.62 33.65 31.50
N PRO K 144 104.44 34.19 32.34
CA PRO K 144 103.97 34.32 33.73
C PRO K 144 102.82 35.22 33.83
N ALA K 145 102.03 35.04 34.85
CA ALA K 145 100.90 35.96 35.05
C ALA K 145 101.12 37.35 35.64
N ILE K 146 100.16 38.27 35.51
CA ILE K 146 100.52 39.51 36.06
C ILE K 146 99.77 39.86 37.33
N GLY K 147 100.38 40.50 38.30
CA GLY K 147 99.48 40.93 39.37
C GLY K 147 99.44 42.40 39.54
N GLU K 148 98.62 42.92 40.45
CA GLU K 148 98.57 44.32 40.77
C GLU K 148 98.60 44.51 42.24
N HIS K 149 99.02 45.68 42.68
CA HIS K 149 98.96 46.06 44.04
C HIS K 149 99.24 47.57 44.11
N TRP K 150 98.91 48.17 45.25
CA TRP K 150 99.06 49.57 45.53
C TRP K 150 100.39 49.85 46.19
N ALA K 151 101.18 50.78 45.65
CA ALA K 151 102.43 51.18 46.26
C ALA K 151 102.55 52.66 46.43
N LYS K 152 103.56 53.04 47.18
CA LYS K 152 103.73 54.46 47.44
C LYS K 152 104.24 55.15 46.20
N GLY K 153 103.37 56.05 45.74
CA GLY K 153 103.66 56.90 44.57
C GLY K 153 105.02 57.59 44.66
N THR K 154 105.61 57.93 43.50
CA THR K 154 106.94 58.58 43.47
C THR K 154 106.73 60.07 43.84
N ALA K 155 107.62 60.61 44.73
CA ALA K 155 107.47 62.04 45.25
C ALA K 155 107.85 63.10 44.17
N SER K 156 106.80 63.78 43.63
CA SER K 156 106.99 64.91 42.63
C SER K 156 107.99 66.04 43.09
N LYS K 157 109.19 66.09 42.48
CA LYS K 157 110.15 67.23 42.70
C LYS K 157 109.46 68.63 42.87
N SER K 158 108.53 69.01 41.95
CA SER K 158 107.72 70.24 42.04
C SER K 158 106.95 70.51 43.39
N ARG K 159 106.40 69.43 43.99
CA ARG K 159 105.62 69.45 45.28
C ARG K 159 106.12 68.36 46.26
N PRO K 160 107.27 68.61 46.97
CA PRO K 160 107.77 67.60 47.90
C PRO K 160 106.73 67.28 48.96
N LEU K 161 107.05 66.27 49.74
CA LEU K 161 106.05 65.79 50.65
C LEU K 161 106.66 65.80 52.03
N SER K 162 106.14 66.68 52.91
CA SER K 162 106.59 66.73 54.28
C SER K 162 106.33 65.45 55.07
N GLN K 163 107.27 65.10 55.95
CA GLN K 163 107.26 63.80 56.61
C GLN K 163 105.98 63.67 57.40
N GLY K 164 105.37 62.48 57.33
CA GLY K 164 104.12 62.33 58.03
C GLY K 164 102.81 62.53 57.30
N ASP K 165 102.82 63.28 56.21
CA ASP K 165 101.64 63.44 55.43
C ASP K 165 101.45 62.18 54.70
N CYS K 166 100.27 61.98 54.13
CA CYS K 166 99.98 60.69 53.45
C CYS K 166 100.41 60.69 52.05
N PRO K 167 101.16 59.72 51.60
CA PRO K 167 101.66 59.64 50.25
C PRO K 167 100.63 59.27 49.27
N PRO K 168 100.87 59.51 48.01
CA PRO K 168 99.79 59.15 47.06
C PRO K 168 99.97 57.64 46.57
N LEU K 169 98.86 56.90 46.43
CA LEU K 169 98.99 55.55 46.02
C LEU K 169 99.05 55.43 44.52
N GLU K 170 99.78 54.44 44.04
CA GLU K 170 99.87 54.21 42.65
C GLU K 170 99.66 52.74 42.45
N LEU K 171 98.94 52.31 41.43
CA LEU K 171 98.72 50.91 41.15
C LEU K 171 99.86 50.44 40.31
N LYS K 172 100.56 49.40 40.75
CA LYS K 172 101.68 48.90 40.03
C LYS K 172 101.46 47.51 39.47
N ASN K 173 101.68 47.23 38.18
CA ASN K 173 101.62 45.87 37.69
C ASN K 173 102.98 45.29 37.89
N THR K 174 103.03 43.99 38.12
CA THR K 174 104.28 43.29 38.40
C THR K 174 104.08 41.74 38.09
N VAL K 175 105.18 41.03 37.67
CA VAL K 175 105.03 39.54 37.46
C VAL K 175 104.88 38.75 38.80
N LEU K 176 103.96 37.81 38.84
CA LEU K 176 103.72 37.04 40.03
C LEU K 176 104.69 35.93 40.11
N GLU K 177 105.56 36.00 41.06
CA GLU K 177 106.57 35.01 41.18
C GLU K 177 106.30 34.11 42.31
N ASP K 178 106.89 32.93 42.32
CA ASP K 178 106.58 31.96 43.34
C ASP K 178 107.08 32.53 44.62
N GLY K 179 106.19 32.71 45.58
CA GLY K 179 106.59 33.27 46.80
C GLY K 179 105.84 34.52 47.14
N ASP K 180 105.23 35.20 46.17
CA ASP K 180 104.59 36.46 46.53
C ASP K 180 103.38 36.14 47.40
N MET K 181 102.98 37.08 48.27
CA MET K 181 101.77 36.91 48.96
C MET K 181 100.52 37.30 48.23
N VAL K 182 99.45 36.59 48.53
CA VAL K 182 98.12 36.96 48.06
C VAL K 182 97.40 37.87 49.04
N ASP K 183 96.31 38.49 48.62
CA ASP K 183 95.50 39.35 49.49
C ASP K 183 94.95 38.49 50.62
N THR K 184 95.29 38.82 51.84
CA THR K 184 94.79 38.00 52.88
C THR K 184 93.58 38.60 53.50
N GLY K 185 93.22 39.72 52.96
CA GLY K 185 92.01 40.37 53.44
C GLY K 185 92.22 41.74 54.03
N TYR K 186 93.48 42.20 53.94
CA TYR K 186 93.82 43.54 54.35
C TYR K 186 94.13 44.40 53.11
N GLY K 187 93.78 43.90 51.90
CA GLY K 187 93.99 44.61 50.66
C GLY K 187 95.26 44.20 49.97
N ALA K 188 95.36 44.56 48.72
CA ALA K 188 96.57 44.27 47.98
C ALA K 188 97.46 45.46 47.90
N MET K 189 98.42 45.50 48.78
CA MET K 189 99.31 46.58 48.81
C MET K 189 100.67 46.21 49.22
N ASP K 190 101.51 47.23 49.42
CA ASP K 190 102.88 47.04 49.79
C ASP K 190 102.93 47.57 51.18
N PHE K 191 102.93 46.66 52.15
CA PHE K 191 102.76 47.05 53.49
C PHE K 191 104.02 47.53 54.11
N SER K 192 105.11 47.17 53.46
CA SER K 192 106.45 47.45 53.92
C SER K 192 106.71 48.89 53.68
N THR K 193 106.09 49.47 52.66
CA THR K 193 106.39 50.86 52.27
C THR K 193 105.26 51.80 52.58
N LEU K 194 104.13 51.21 52.91
CA LEU K 194 102.97 51.97 53.22
C LEU K 194 102.57 52.01 54.69
N GLN K 195 103.19 51.14 55.50
CA GLN K 195 102.87 51.13 56.92
C GLN K 195 104.14 51.22 57.70
N ASP K 196 104.50 52.41 58.13
CA ASP K 196 105.73 52.52 58.87
C ASP K 196 105.81 51.77 60.18
N THR K 197 104.68 51.60 60.83
CA THR K 197 104.54 50.87 62.05
C THR K 197 105.11 49.47 62.08
N LYS K 198 104.73 48.65 61.14
CA LYS K 198 105.17 47.20 61.00
C LYS K 198 104.31 46.42 61.93
N CYS K 199 103.17 46.95 62.32
CA CYS K 199 102.39 46.23 63.27
C CYS K 199 100.96 46.48 62.93
N GLU K 200 100.68 46.71 61.66
CA GLU K 200 99.27 46.87 61.31
C GLU K 200 98.67 45.58 60.78
N VAL K 201 99.53 44.60 60.46
CA VAL K 201 99.06 43.35 59.97
C VAL K 201 99.93 42.20 60.45
N PRO K 202 99.42 40.96 60.38
CA PRO K 202 100.20 39.87 60.85
C PRO K 202 101.56 39.84 60.20
N LEU K 203 102.47 39.11 60.89
CA LEU K 203 103.92 38.94 60.56
C LEU K 203 104.19 38.47 59.20
N ASP K 204 103.40 37.57 58.70
CA ASP K 204 103.69 37.12 57.36
C ASP K 204 103.42 38.05 56.19
N ILE K 205 102.74 39.16 56.34
CA ILE K 205 102.56 40.03 55.19
C ILE K 205 103.01 41.41 55.63
N CYS K 206 103.34 41.44 56.88
CA CYS K 206 103.76 42.66 57.54
C CYS K 206 104.74 43.57 56.76
N GLN K 207 105.78 42.90 56.23
CA GLN K 207 106.78 43.62 55.50
C GLN K 207 106.81 43.06 54.14
N SER K 208 105.65 42.70 53.61
CA SER K 208 105.63 42.13 52.25
C SER K 208 104.69 42.84 51.32
N ILE K 209 104.59 42.35 50.12
CA ILE K 209 103.60 42.90 49.24
C ILE K 209 102.51 41.91 48.94
N CYS K 210 101.30 42.29 49.12
CA CYS K 210 100.30 41.34 48.73
C CYS K 210 99.80 41.67 47.34
N LYS K 211 99.76 40.75 46.41
CA LYS K 211 99.31 41.04 45.08
C LYS K 211 98.08 40.27 44.80
N TYR K 212 97.33 40.81 43.88
CA TYR K 212 96.12 40.13 43.37
C TYR K 212 96.22 40.09 41.87
N PRO K 213 95.86 38.96 41.25
CA PRO K 213 95.96 38.78 39.84
C PRO K 213 95.28 39.87 39.15
N ASP K 214 95.92 40.45 38.15
CA ASP K 214 95.31 41.53 37.45
C ASP K 214 94.50 40.94 36.31
N TYR K 215 93.30 40.43 36.62
CA TYR K 215 92.54 39.73 35.65
C TYR K 215 92.12 40.68 34.57
N LEU K 216 91.86 41.92 34.87
CA LEU K 216 91.36 42.78 33.77
C LEU K 216 92.43 42.94 32.74
N GLN K 217 93.63 43.26 33.23
CA GLN K 217 94.74 43.53 32.38
C GLN K 217 95.13 42.30 31.52
N MET K 218 95.00 41.03 32.02
CA MET K 218 95.35 39.80 31.30
C MET K 218 94.36 39.43 30.26
N SER K 219 93.14 39.77 30.54
CA SER K 219 92.12 39.53 29.49
C SER K 219 92.35 40.40 28.29
N ALA K 220 92.88 41.60 28.57
CA ALA K 220 92.95 42.62 27.57
C ALA K 220 94.12 42.40 26.64
N ASP K 221 95.17 41.79 27.16
CA ASP K 221 96.45 41.53 26.51
C ASP K 221 96.07 40.97 25.20
N PRO K 222 96.60 41.53 24.17
CA PRO K 222 96.24 41.27 22.79
C PRO K 222 96.58 39.86 22.39
N TYR K 223 97.69 39.31 22.90
CA TYR K 223 98.08 38.00 22.35
C TYR K 223 97.44 36.86 23.14
N GLY K 224 97.31 37.16 24.43
CA GLY K 224 96.80 36.28 25.45
C GLY K 224 97.71 35.17 25.83
N ASP K 225 98.96 35.45 26.11
CA ASP K 225 99.85 34.41 26.39
C ASP K 225 99.87 34.30 27.93
N SER K 226 99.36 35.33 28.59
CA SER K 226 99.50 35.46 30.02
C SER K 226 98.64 34.48 30.70
N MET K 227 97.36 34.42 30.28
CA MET K 227 96.40 33.41 30.78
C MET K 227 95.40 32.91 29.77
N PHE K 228 95.47 31.62 29.57
CA PHE K 228 94.53 31.02 28.75
C PHE K 228 93.70 29.97 29.48
N PHE K 229 93.64 30.11 30.76
CA PHE K 229 92.81 29.24 31.61
C PHE K 229 92.81 30.02 32.91
N CYS K 230 91.64 30.19 33.51
CA CYS K 230 91.59 30.92 34.77
C CYS K 230 90.51 30.33 35.66
N LEU K 231 90.81 30.12 36.94
CA LEU K 231 89.82 29.61 37.88
C LEU K 231 89.90 30.34 39.21
N ARG K 232 88.87 31.01 39.72
CA ARG K 232 89.03 31.63 41.00
C ARG K 232 87.93 31.34 41.91
N ARG K 233 88.12 31.56 43.20
CA ARG K 233 87.08 31.29 44.16
C ARG K 233 87.54 31.82 45.44
N GLU K 234 86.97 32.92 45.86
CA GLU K 234 87.43 33.58 47.09
C GLU K 234 86.19 33.83 47.92
N GLN K 235 86.40 34.06 49.19
CA GLN K 235 85.33 34.27 50.13
C GLN K 235 85.89 34.64 51.47
N LEU K 236 85.18 35.50 52.18
CA LEU K 236 85.64 35.89 53.52
C LEU K 236 84.59 36.74 54.21
N PHE K 237 84.80 37.08 55.47
CA PHE K 237 83.90 37.93 56.16
C PHE K 237 84.56 38.61 57.37
N ALA K 238 83.97 39.67 57.89
CA ALA K 238 84.60 40.39 59.03
C ALA K 238 84.36 39.75 60.40
N ARG K 239 85.41 39.25 61.01
CA ARG K 239 85.27 38.56 62.28
C ARG K 239 85.11 39.63 63.40
N HIS K 240 86.10 40.52 63.56
CA HIS K 240 86.06 41.53 64.61
C HIS K 240 86.34 42.91 64.02
N PHE K 241 85.88 43.94 64.76
CA PHE K 241 86.09 45.29 64.26
C PHE K 241 87.04 46.06 65.11
N TRP K 242 88.08 46.69 64.62
CA TRP K 242 88.94 47.41 65.49
C TRP K 242 89.34 48.86 65.05
N ASN K 243 89.90 49.64 65.98
CA ASN K 243 90.42 50.96 65.76
C ASN K 243 91.84 50.89 65.54
N ARG K 244 92.40 51.91 64.93
CA ARG K 244 93.90 51.88 64.91
C ARG K 244 94.46 52.94 65.81
N ALA K 245 95.50 52.66 66.58
CA ALA K 245 96.09 53.68 67.45
C ALA K 245 96.98 54.61 66.66
N GLY K 246 97.24 55.84 67.09
CA GLY K 246 97.99 56.76 66.24
C GLY K 246 97.22 58.05 66.21
N THR K 247 97.84 59.12 65.76
CA THR K 247 97.10 60.36 65.59
C THR K 247 96.41 60.34 64.21
N MET K 248 95.22 60.94 64.08
CA MET K 248 94.55 60.91 62.78
C MET K 248 95.07 61.88 61.75
N GLY K 249 95.31 61.42 60.54
CA GLY K 249 95.98 62.25 59.57
C GLY K 249 95.01 63.17 58.98
N ASP K 250 93.90 62.63 58.51
CA ASP K 250 92.87 63.44 57.96
C ASP K 250 91.95 63.82 59.12
N THR K 251 91.69 65.11 59.32
CA THR K 251 90.96 65.53 60.55
C THR K 251 89.43 65.48 60.30
N VAL K 252 88.64 64.82 61.16
CA VAL K 252 87.22 64.55 60.93
C VAL K 252 86.56 65.87 60.93
N PRO K 253 85.82 66.22 59.85
CA PRO K 253 85.03 67.42 59.64
C PRO K 253 84.16 67.75 60.83
N GLN K 254 84.13 68.98 61.29
CA GLN K 254 83.34 69.29 62.43
C GLN K 254 81.84 69.17 62.21
N SER K 255 81.42 69.21 60.97
CA SER K 255 80.02 69.23 60.62
C SER K 255 79.50 67.81 60.61
N LEU K 256 80.33 66.85 60.93
CA LEU K 256 79.89 65.47 61.02
C LEU K 256 79.57 64.94 62.45
N TYR K 257 79.68 65.76 63.46
CA TYR K 257 79.29 65.40 64.75
C TYR K 257 79.01 66.56 65.67
N ILE K 258 78.64 66.32 66.90
CA ILE K 258 78.43 67.39 67.86
C ILE K 258 79.42 67.29 69.01
N LYS K 259 80.16 68.34 69.34
CA LYS K 259 81.18 68.18 70.38
C LYS K 259 80.61 67.65 71.69
N GLY K 260 81.46 66.93 72.45
CA GLY K 260 81.04 66.69 73.84
C GLY K 260 81.91 67.43 74.81
N THR K 261 82.00 66.93 76.05
CA THR K 261 82.89 67.51 77.05
C THR K 261 83.94 66.49 77.45
N GLY K 262 85.18 66.92 77.65
CA GLY K 262 86.11 66.01 78.27
C GLY K 262 86.68 65.17 77.18
N MET K 263 86.86 63.86 77.39
CA MET K 263 87.39 62.97 76.32
C MET K 263 86.49 62.88 75.09
N ARG K 264 85.24 63.33 75.20
CA ARG K 264 84.20 63.23 74.16
C ARG K 264 84.08 64.58 73.43
N ALA K 265 85.04 65.45 73.69
CA ALA K 265 84.94 66.77 73.18
C ALA K 265 85.75 66.74 71.99
N SER K 266 86.50 65.69 71.79
CA SER K 266 87.23 65.58 70.55
C SER K 266 87.28 64.10 70.07
N PRO K 267 86.99 63.84 68.78
CA PRO K 267 86.93 62.45 68.21
C PRO K 267 88.19 61.61 68.36
N GLY K 268 87.93 60.37 68.73
CA GLY K 268 89.00 59.42 68.84
C GLY K 268 89.44 58.87 67.53
N SER K 269 89.95 57.64 67.52
CA SER K 269 90.40 57.06 66.27
C SER K 269 89.30 56.77 65.35
N CYS K 270 89.40 57.22 64.12
CA CYS K 270 88.40 56.88 63.19
C CYS K 270 88.94 56.12 62.04
N VAL K 271 90.03 55.39 62.25
CA VAL K 271 90.47 54.50 61.21
C VAL K 271 90.12 53.11 61.66
N TYR K 272 89.12 52.59 60.99
CA TYR K 272 88.66 51.25 61.30
C TYR K 272 89.17 50.18 60.28
N SER K 273 89.41 48.96 60.72
CA SER K 273 89.76 47.84 59.84
C SER K 273 89.44 46.57 60.62
N PRO K 274 88.65 45.67 60.05
CA PRO K 274 88.23 44.45 60.66
C PRO K 274 89.18 43.35 60.38
N SER K 275 89.20 42.35 61.27
CA SER K 275 90.04 41.18 61.07
C SER K 275 89.33 40.29 60.09
N PRO K 276 89.99 39.88 59.05
CA PRO K 276 89.22 39.05 58.11
C PRO K 276 89.11 37.60 58.49
N SER K 277 88.35 36.79 57.78
CA SER K 277 88.20 35.33 58.14
C SER K 277 87.42 34.67 57.06
N GLY K 278 87.94 33.58 56.49
CA GLY K 278 87.20 32.86 55.46
C GLY K 278 86.40 31.91 56.32
N SER K 279 85.25 31.41 55.90
CA SER K 279 84.49 30.83 56.95
C SER K 279 84.84 29.36 57.00
N ILE K 280 83.90 28.51 56.71
CA ILE K 280 84.13 27.12 56.67
C ILE K 280 84.89 26.78 55.42
N VAL K 281 85.76 25.81 55.57
CA VAL K 281 86.44 25.36 54.43
C VAL K 281 85.91 23.93 54.22
N THR K 282 85.41 23.64 53.03
CA THR K 282 84.78 22.39 52.76
C THR K 282 85.16 21.85 51.41
N SER K 283 85.04 20.57 51.28
CA SER K 283 85.55 19.90 50.14
C SER K 283 84.51 19.98 49.05
N ASP K 284 83.37 20.58 49.34
CA ASP K 284 82.34 20.84 48.28
C ASP K 284 82.79 21.87 47.29
N SER K 285 83.37 22.92 47.80
CA SER K 285 83.77 23.99 46.97
C SER K 285 85.27 23.90 46.56
N GLN K 286 85.91 22.71 46.62
CA GLN K 286 87.36 22.45 46.26
C GLN K 286 87.45 22.66 44.76
N LEU K 287 88.38 23.49 44.37
CA LEU K 287 88.67 23.74 43.00
C LEU K 287 89.61 22.76 42.31
N PHE K 288 90.58 22.22 43.04
CA PHE K 288 91.61 21.34 42.59
C PHE K 288 91.36 19.89 42.68
N ASN K 289 92.29 19.06 42.35
CA ASN K 289 92.19 17.63 42.44
C ASN K 289 91.15 17.19 41.48
N LYS K 290 90.91 17.93 40.39
CA LYS K 290 89.90 17.59 39.37
C LYS K 290 90.57 17.91 38.10
N PRO K 291 90.31 17.16 37.09
CA PRO K 291 90.98 17.51 35.87
C PRO K 291 90.12 18.41 35.16
N TYR K 292 90.61 19.48 34.54
CA TYR K 292 89.86 20.40 33.67
C TYR K 292 90.49 20.36 32.34
N TRP K 293 89.68 20.15 31.29
CA TRP K 293 90.14 20.18 29.90
C TRP K 293 90.02 21.49 29.14
N LEU K 294 91.07 22.03 28.61
CA LEU K 294 90.81 23.27 27.97
C LEU K 294 90.63 23.03 26.46
N HIS K 295 89.47 23.44 25.94
CA HIS K 295 89.07 22.97 24.64
C HIS K 295 89.25 24.29 23.80
N LYS K 296 88.81 25.40 24.38
CA LYS K 296 88.91 26.71 23.67
C LYS K 296 89.19 27.84 24.62
N ALA K 297 90.43 28.38 24.48
CA ALA K 297 90.99 29.38 25.35
C ALA K 297 90.17 30.63 25.26
N GLN K 298 90.37 31.50 26.22
CA GLN K 298 89.65 32.76 26.17
C GLN K 298 90.28 33.79 25.21
N GLY K 299 91.62 33.83 25.20
CA GLY K 299 92.36 34.74 24.34
C GLY K 299 92.66 34.22 22.95
N HIS K 300 93.62 34.79 22.21
CA HIS K 300 93.93 34.31 20.93
C HIS K 300 94.80 33.06 20.99
N ASN K 301 95.67 32.94 22.00
CA ASN K 301 96.51 31.79 22.13
C ASN K 301 95.72 30.76 22.77
N ASN K 302 95.47 29.65 22.09
CA ASN K 302 94.65 28.58 22.65
C ASN K 302 95.48 27.49 23.27
N GLY K 303 96.23 27.86 24.27
CA GLY K 303 96.97 26.83 25.02
C GLY K 303 98.28 26.36 24.41
N VAL K 304 98.80 27.24 23.52
CA VAL K 304 99.99 26.92 22.79
C VAL K 304 101.14 27.27 23.62
N CYS K 305 101.98 26.31 23.85
CA CYS K 305 103.11 26.59 24.73
C CYS K 305 104.35 26.96 24.03
N TRP K 306 104.44 28.21 23.54
CA TRP K 306 105.64 28.73 22.90
C TRP K 306 106.90 28.59 23.74
N HIS K 307 108.03 28.34 23.14
CA HIS K 307 109.25 28.01 23.90
C HIS K 307 109.21 26.78 24.72
N ASN K 308 108.26 25.97 24.46
CA ASN K 308 108.14 24.71 25.22
C ASN K 308 108.12 24.94 26.73
N GLN K 309 107.46 26.02 27.13
CA GLN K 309 107.38 26.39 28.55
C GLN K 309 105.95 26.45 28.93
N LEU K 310 105.62 26.46 30.23
CA LEU K 310 104.22 26.72 30.60
C LEU K 310 104.22 27.08 32.05
N PHE K 311 103.50 28.13 32.40
CA PHE K 311 103.51 28.57 33.78
C PHE K 311 102.19 28.25 34.48
N VAL K 312 102.30 27.77 35.71
CA VAL K 312 101.16 27.38 36.43
C VAL K 312 101.14 28.26 37.64
N THR K 313 100.21 29.19 37.68
CA THR K 313 100.09 29.95 38.94
C THR K 313 99.00 29.40 39.76
N VAL K 314 99.34 29.16 41.00
CA VAL K 314 98.35 28.65 41.94
C VAL K 314 98.26 29.27 43.37
N VAL K 315 97.00 29.41 43.92
CA VAL K 315 96.83 29.84 45.28
C VAL K 315 95.83 28.95 45.93
N ASP K 316 96.05 28.44 47.18
CA ASP K 316 95.01 27.48 47.74
C ASP K 316 95.14 27.53 49.19
N THR K 317 94.23 28.25 49.79
CA THR K 317 94.41 28.42 51.18
C THR K 317 93.59 27.39 52.01
N THR K 318 93.02 26.42 51.30
CA THR K 318 92.09 25.46 51.88
C THR K 318 92.85 24.42 52.71
N ARG K 319 94.15 24.41 52.60
CA ARG K 319 94.92 23.41 53.35
C ARG K 319 95.99 24.24 54.01
N SER K 320 95.64 25.00 55.07
CA SER K 320 96.60 25.84 55.72
C SER K 320 96.88 25.50 57.20
N THR K 321 96.82 24.24 57.61
CA THR K 321 97.00 23.85 59.04
C THR K 321 98.43 24.02 59.32
N ASN K 322 98.84 24.71 60.37
CA ASN K 322 100.29 24.86 60.57
C ASN K 322 100.70 23.90 61.66
N LEU K 323 101.67 22.98 61.48
CA LEU K 323 101.97 21.97 62.53
C LEU K 323 102.71 22.66 63.66
N THR K 324 102.42 22.29 64.89
CA THR K 324 103.08 23.00 66.01
C THR K 324 104.08 21.95 66.34
N ILE K 325 105.34 22.29 66.59
CA ILE K 325 106.23 21.24 67.05
C ILE K 325 106.95 21.72 68.22
N CYS K 326 106.99 20.91 69.26
CA CYS K 326 107.82 21.38 70.40
C CYS K 326 108.77 20.36 70.98
N ALA K 327 110.02 20.80 71.28
CA ALA K 327 111.05 19.94 71.78
C ALA K 327 111.42 20.44 73.19
N SER K 328 111.98 19.57 74.05
CA SER K 328 112.26 20.04 75.36
C SER K 328 113.70 20.37 75.48
N THR K 329 114.04 21.10 76.50
CA THR K 329 115.39 21.51 76.70
C THR K 329 116.13 20.38 77.33
N GLN K 330 115.55 19.78 78.36
CA GLN K 330 116.14 18.63 79.04
C GLN K 330 116.07 17.34 78.23
N SER K 331 117.08 16.49 78.43
CA SER K 331 117.12 15.21 77.73
C SER K 331 116.01 14.28 78.17
N PRO K 332 115.97 13.96 79.51
CA PRO K 332 114.98 12.86 79.93
C PRO K 332 113.54 13.39 79.89
N VAL K 333 113.33 14.73 79.82
CA VAL K 333 111.95 15.23 79.67
C VAL K 333 111.18 14.97 80.99
N PRO K 334 111.51 15.71 82.03
CA PRO K 334 111.04 15.52 83.42
C PRO K 334 109.51 15.46 83.55
N GLY K 335 109.01 14.79 84.61
CA GLY K 335 107.62 14.51 84.79
C GLY K 335 107.11 15.69 85.53
N GLN K 336 107.91 16.76 85.64
CA GLN K 336 107.38 18.03 86.09
C GLN K 336 107.25 19.02 84.94
N TYR K 337 106.03 19.45 84.66
CA TYR K 337 105.87 20.46 83.59
C TYR K 337 106.44 21.88 83.89
N ASP K 338 107.14 22.40 82.91
CA ASP K 338 107.71 23.67 83.05
C ASP K 338 107.79 24.24 81.68
N ALA K 339 106.97 25.25 81.46
CA ALA K 339 106.87 25.91 80.15
C ALA K 339 108.18 26.27 79.55
N THR K 340 108.97 27.04 80.26
CA THR K 340 110.24 27.47 79.69
C THR K 340 111.14 26.31 79.18
N LYS K 341 110.95 25.13 79.77
CA LYS K 341 111.78 24.00 79.50
C LYS K 341 111.48 23.36 78.14
N PHE K 342 110.61 23.95 77.31
CA PHE K 342 110.24 23.38 75.99
C PHE K 342 110.29 24.48 75.01
N LYS K 343 110.80 24.18 73.82
CA LYS K 343 110.85 25.13 72.67
C LYS K 343 109.77 24.81 71.66
N GLN K 344 109.02 25.83 71.27
CA GLN K 344 107.84 25.68 70.43
C GLN K 344 108.17 26.19 69.00
N TYR K 345 107.92 25.39 67.99
CA TYR K 345 108.25 25.77 66.63
C TYR K 345 107.01 25.71 65.78
N SER K 346 106.97 26.40 64.65
CA SER K 346 105.79 26.31 63.80
C SER K 346 106.07 26.05 62.37
N ARG K 347 105.58 24.95 61.84
CA ARG K 347 106.05 24.54 60.51
C ARG K 347 104.90 24.34 59.53
N HIS K 348 105.04 24.70 58.24
CA HIS K 348 103.91 24.56 57.32
C HIS K 348 104.38 23.71 56.14
N VAL K 349 103.55 22.90 55.57
CA VAL K 349 104.00 22.03 54.53
C VAL K 349 103.10 22.33 53.29
N GLU K 350 103.54 21.92 52.11
CA GLU K 350 102.71 22.12 50.93
C GLU K 350 103.00 21.02 49.96
N GLU K 351 102.02 20.37 49.40
CA GLU K 351 102.31 19.23 48.57
C GLU K 351 101.55 19.30 47.26
N TYR K 352 102.22 19.44 46.12
CA TYR K 352 101.55 19.59 44.81
C TYR K 352 101.91 18.38 44.00
N ASP K 353 101.25 18.22 42.88
CA ASP K 353 101.56 17.23 41.90
C ASP K 353 100.92 17.81 40.63
N LEU K 354 101.67 17.97 39.56
CA LEU K 354 101.11 18.57 38.36
C LEU K 354 100.93 17.52 37.30
N GLN K 355 99.83 17.44 36.59
CA GLN K 355 99.63 16.49 35.52
C GLN K 355 99.05 17.24 34.32
N PHE K 356 99.51 16.87 33.16
CA PHE K 356 99.05 17.52 31.95
C PHE K 356 98.81 16.49 30.81
N ILE K 357 98.02 16.87 29.81
CA ILE K 357 97.93 16.10 28.59
C ILE K 357 98.27 17.10 27.50
N PHE K 358 99.26 16.81 26.65
CA PHE K 358 99.73 17.79 25.68
C PHE K 358 99.53 17.21 24.34
N GLN K 359 99.25 18.11 23.40
CA GLN K 359 98.89 17.78 22.04
C GLN K 359 99.95 18.29 21.08
N LEU K 360 100.51 17.43 20.24
CA LEU K 360 101.53 17.83 19.37
C LEU K 360 100.98 18.55 18.19
N CYS K 361 101.56 19.69 17.90
CA CYS K 361 101.06 20.53 16.83
C CYS K 361 102.18 20.93 15.90
N THR K 362 101.77 21.42 14.71
CA THR K 362 102.66 21.73 13.61
C THR K 362 102.34 23.09 13.13
N ILE K 363 103.38 23.83 12.85
CA ILE K 363 103.21 25.14 12.27
C ILE K 363 103.87 25.19 10.93
N THR K 364 103.18 25.42 9.81
CA THR K 364 103.84 25.46 8.51
C THR K 364 104.36 26.85 8.38
N LEU K 365 105.68 27.05 8.27
CA LEU K 365 106.28 28.38 8.19
C LEU K 365 106.19 29.00 6.78
N THR K 366 105.31 29.96 6.59
CA THR K 366 105.20 30.54 5.30
C THR K 366 105.66 31.96 5.43
N ALA K 367 105.64 32.74 4.38
CA ALA K 367 106.08 34.10 4.47
C ALA K 367 105.43 34.85 5.53
N ASP K 368 104.12 35.02 5.41
CA ASP K 368 103.43 35.90 6.32
C ASP K 368 103.28 35.24 7.70
N VAL K 369 103.36 33.92 7.75
CA VAL K 369 103.19 33.25 9.04
C VAL K 369 104.41 33.64 9.82
N MET K 370 105.56 33.69 9.16
CA MET K 370 106.75 33.99 9.87
C MET K 370 106.80 35.41 10.23
N SER K 371 106.45 36.30 9.33
CA SER K 371 106.52 37.71 9.68
C SER K 371 105.51 38.01 10.77
N TYR K 372 104.46 37.20 10.90
CA TYR K 372 103.56 37.33 12.01
C TYR K 372 104.19 36.83 13.30
N ILE K 373 104.67 35.58 13.29
CA ILE K 373 105.39 35.07 14.43
C ILE K 373 106.52 36.03 14.75
N GLN K 374 107.01 36.74 13.78
CA GLN K 374 108.10 37.65 14.01
C GLN K 374 107.66 38.79 14.88
N SER K 375 106.51 39.38 14.53
CA SER K 375 106.09 40.63 15.18
C SER K 375 105.55 40.22 16.49
N MET K 376 104.87 39.05 16.56
CA MET K 376 104.39 38.57 17.87
C MET K 376 105.50 38.41 18.89
N ASN K 377 106.44 37.53 18.64
CA ASN K 377 107.57 37.36 19.52
C ASN K 377 108.78 36.73 18.76
N SER K 378 109.68 37.59 18.28
CA SER K 378 110.82 37.18 17.46
C SER K 378 111.56 35.95 17.97
N SER K 379 111.84 35.95 19.28
CA SER K 379 112.45 34.81 19.95
C SER K 379 111.86 33.44 19.66
N ILE K 380 110.60 33.33 19.30
CA ILE K 380 109.99 32.08 18.95
C ILE K 380 110.69 31.52 17.72
N LEU K 381 110.95 32.37 16.71
CA LEU K 381 111.64 32.01 15.47
C LEU K 381 113.11 31.77 15.68
N GLU K 382 113.71 32.40 16.67
CA GLU K 382 115.13 32.23 16.89
C GLU K 382 115.44 30.88 17.41
N ASP K 383 114.73 30.36 18.39
CA ASP K 383 114.99 29.01 18.86
C ASP K 383 114.83 27.92 17.85
N TRP K 384 114.14 28.16 16.76
CA TRP K 384 113.97 27.12 15.79
C TRP K 384 115.08 27.33 14.78
N ASN K 385 115.96 28.29 15.04
CA ASN K 385 117.15 28.61 14.24
C ASN K 385 116.89 28.91 12.80
N ASN K 391 121.71 30.98 25.18
CA ASN K 391 120.81 32.21 25.10
C ASN K 391 120.33 32.81 26.45
N LYS K 392 119.97 34.12 26.36
CA LYS K 392 119.45 34.91 27.54
C LYS K 392 117.90 34.96 27.60
N ASP K 393 117.40 34.36 28.69
CA ASP K 393 115.97 34.27 29.02
C ASP K 393 115.41 35.51 29.77
N PRO K 394 114.34 36.11 29.25
CA PRO K 394 113.80 37.33 29.82
C PRO K 394 113.30 37.19 31.23
N TYR K 395 113.09 35.92 31.67
CA TYR K 395 112.59 35.64 33.02
C TYR K 395 113.71 35.23 33.95
N ASP K 396 115.00 35.51 33.65
CA ASP K 396 116.08 34.93 34.51
C ASP K 396 116.30 35.67 35.80
N LYS K 397 115.54 36.76 36.00
CA LYS K 397 115.62 37.49 37.22
C LYS K 397 114.57 37.12 38.18
N LEU K 398 113.45 36.63 37.71
CA LEU K 398 112.40 36.35 38.65
C LEU K 398 112.43 34.96 39.29
N LYS K 399 111.84 34.81 40.47
CA LYS K 399 111.79 33.46 41.08
C LYS K 399 110.64 32.53 40.65
N PHE K 400 110.93 31.26 40.26
CA PHE K 400 109.91 30.27 39.93
C PHE K 400 110.25 28.96 40.48
N TRP K 401 109.27 28.09 40.67
CA TRP K 401 109.55 26.77 41.16
C TRP K 401 109.76 25.99 39.90
N ASN K 402 110.96 25.54 39.56
CA ASN K 402 111.12 25.03 38.19
C ASN K 402 110.76 23.58 38.23
N VAL K 403 109.73 23.19 37.43
CA VAL K 403 109.48 21.73 37.24
C VAL K 403 109.98 21.16 35.88
N ASP K 404 111.00 20.34 35.84
CA ASP K 404 111.46 19.99 34.52
C ASP K 404 110.72 18.72 34.04
N LEU K 405 109.93 18.79 32.96
CA LEU K 405 109.24 17.61 32.52
C LEU K 405 109.77 17.08 31.24
N LYS K 406 111.02 17.35 30.87
CA LYS K 406 111.53 16.97 29.53
C LYS K 406 111.72 15.52 29.47
N GLU K 407 111.92 14.89 30.65
CA GLU K 407 112.17 13.47 30.67
C GLU K 407 110.95 12.79 31.23
N LYS K 408 109.76 13.36 31.00
CA LYS K 408 108.53 12.78 31.54
C LYS K 408 107.37 12.72 30.58
N PHE K 409 107.53 12.99 29.29
CA PHE K 409 106.39 12.74 28.41
C PHE K 409 106.17 11.31 28.03
N SER K 410 104.94 10.87 27.93
CA SER K 410 104.66 9.48 27.61
C SER K 410 103.53 9.32 26.60
N LEU K 411 103.55 8.27 25.85
CA LEU K 411 102.53 8.24 24.85
C LEU K 411 101.38 7.39 25.12
N ASP K 412 101.55 6.52 26.08
CA ASP K 412 100.42 5.65 26.53
C ASP K 412 99.69 6.32 27.73
N LEU K 413 98.81 7.26 27.39
CA LEU K 413 98.03 7.89 28.36
C LEU K 413 97.42 6.86 29.27
N ASP K 414 96.99 5.74 28.72
CA ASP K 414 96.38 4.68 29.42
C ASP K 414 97.00 4.27 30.78
N GLN K 415 98.28 4.48 30.90
CA GLN K 415 98.99 4.13 32.10
C GLN K 415 98.99 5.15 33.19
N TYR K 416 98.37 6.33 32.98
CA TYR K 416 98.34 7.41 33.98
C TYR K 416 96.91 7.89 34.29
N PRO K 417 96.67 8.28 35.53
CA PRO K 417 95.36 8.76 35.89
C PRO K 417 94.79 9.79 34.94
N LEU K 418 95.45 10.95 34.81
CA LEU K 418 94.88 12.00 34.00
C LEU K 418 94.69 11.45 32.66
N GLY K 419 95.62 10.62 32.24
CA GLY K 419 95.59 9.93 30.96
C GLY K 419 94.34 9.17 30.76
N ARG K 420 93.99 8.35 31.76
CA ARG K 420 92.87 7.45 31.54
C ARG K 420 91.66 8.33 31.48
N LYS K 421 91.49 9.21 32.45
CA LYS K 421 90.41 10.22 32.39
C LYS K 421 90.34 10.93 30.98
N PHE K 422 91.51 11.15 30.37
CA PHE K 422 91.50 11.87 29.16
C PHE K 422 90.91 11.01 28.12
N LEU K 423 91.16 9.75 28.22
CA LEU K 423 90.69 8.90 27.18
C LEU K 423 89.16 8.78 27.24
N VAL K 424 88.64 8.63 28.44
CA VAL K 424 87.22 8.60 28.64
C VAL K 424 86.62 9.81 27.99
N GLN K 425 86.97 11.03 28.39
CA GLN K 425 86.42 12.24 27.84
C GLN K 425 86.54 12.24 26.35
N ALA K 426 87.49 11.53 25.78
CA ALA K 426 87.62 11.54 24.32
C ALA K 426 86.64 10.61 23.62
N GLY K 427 86.03 9.72 24.39
CA GLY K 427 85.14 8.67 23.88
C GLY K 427 85.77 7.23 23.98
N LEU K 428 86.87 6.97 23.26
CA LEU K 428 87.55 5.65 23.34
C LEU K 428 87.96 5.17 24.77
N ALA L 1 104.19 -3.33 30.54
CA ALA L 1 102.93 -2.47 30.61
C ALA L 1 101.83 -3.19 31.37
N VAL L 2 101.27 -2.52 32.40
CA VAL L 2 100.13 -3.00 33.14
C VAL L 2 98.82 -2.90 32.34
N VAL L 3 98.00 -3.92 32.45
CA VAL L 3 96.78 -3.85 31.66
C VAL L 3 95.50 -3.92 32.41
N ASN L 4 94.45 -3.39 31.83
CA ASN L 4 93.15 -3.42 32.42
C ASN L 4 92.65 -4.82 32.62
N THR L 5 92.01 -5.12 33.71
CA THR L 5 91.67 -6.51 34.01
C THR L 5 90.60 -6.91 33.07
N ASP L 6 89.88 -5.98 32.51
CA ASP L 6 88.85 -6.41 31.62
C ASP L 6 89.42 -7.17 30.44
N ASP L 7 90.71 -7.02 30.15
CA ASP L 7 91.39 -7.78 29.09
C ASP L 7 91.57 -9.21 29.34
N TYR L 8 91.78 -9.59 30.58
CA TYR L 8 92.04 -10.95 30.88
C TYR L 8 91.14 -11.69 31.83
N VAL L 9 90.18 -10.97 32.40
CA VAL L 9 89.22 -11.58 33.29
C VAL L 9 87.82 -11.47 32.70
N THR L 10 87.18 -12.62 32.49
CA THR L 10 85.85 -12.62 31.81
C THR L 10 84.74 -12.62 32.87
N ARG L 11 83.84 -11.61 32.72
CA ARG L 11 82.67 -11.59 33.59
C ARG L 11 81.56 -12.55 33.20
N THR L 12 80.94 -13.19 34.18
CA THR L 12 79.82 -14.10 33.94
C THR L 12 78.55 -13.30 34.23
N SER L 13 77.43 -14.00 34.18
CA SER L 13 76.19 -13.32 34.50
C SER L 13 75.72 -13.88 35.87
N ILE L 14 76.63 -14.50 36.60
CA ILE L 14 76.33 -14.96 38.01
C ILE L 14 76.60 -13.90 39.10
N PHE L 15 75.61 -13.43 39.81
CA PHE L 15 75.91 -12.53 40.89
C PHE L 15 75.51 -13.12 42.21
N TYR L 16 76.28 -12.81 43.22
CA TYR L 16 75.90 -13.17 44.52
C TYR L 16 75.83 -11.99 45.46
N HIS L 17 75.00 -12.13 46.49
CA HIS L 17 75.01 -11.07 47.51
C HIS L 17 75.73 -11.63 48.71
N ALA L 18 76.22 -10.81 49.63
CA ALA L 18 77.06 -11.35 50.74
C ALA L 18 77.04 -10.21 51.71
N GLY L 19 76.89 -10.48 52.99
CA GLY L 19 76.85 -9.36 53.91
C GLY L 19 77.15 -9.67 55.33
N SER L 20 77.97 -8.84 55.98
CA SER L 20 78.31 -9.07 57.40
C SER L 20 76.99 -9.05 58.13
N SER L 21 76.99 -9.53 59.38
CA SER L 21 75.73 -9.54 60.19
C SER L 21 75.51 -8.01 60.60
N ARG L 22 75.99 -7.59 61.75
CA ARG L 22 75.87 -6.26 62.16
C ARG L 22 77.09 -6.14 63.01
N LEU L 23 78.03 -5.32 62.55
CA LEU L 23 79.23 -5.16 63.32
C LEU L 23 79.03 -4.14 64.38
N LEU L 24 79.66 -4.33 65.51
CA LEU L 24 79.34 -3.47 66.59
C LEU L 24 80.54 -3.41 67.52
N THR L 25 80.71 -2.30 68.23
CA THR L 25 81.86 -2.22 69.13
C THR L 25 81.69 -1.01 70.02
N VAL L 26 81.93 -1.15 71.32
CA VAL L 26 81.84 0.01 72.18
C VAL L 26 83.06 0.06 73.04
N GLY L 27 83.43 1.26 73.53
CA GLY L 27 84.70 1.41 74.17
C GLY L 27 84.79 2.80 74.71
N ASP L 28 85.93 3.15 75.30
CA ASP L 28 86.19 4.47 75.80
C ASP L 28 86.71 5.17 74.60
N PRO L 29 86.26 6.34 74.40
CA PRO L 29 86.62 7.18 73.27
C PRO L 29 87.99 7.82 73.27
N TYR L 30 88.62 7.91 74.41
CA TYR L 30 89.88 8.54 74.52
C TYR L 30 91.11 7.64 74.67
N PHE L 31 90.97 6.50 75.33
CA PHE L 31 92.10 5.62 75.47
C PHE L 31 91.61 4.31 76.00
N ARG L 32 92.43 3.26 75.90
CA ARG L 32 92.00 1.98 76.40
C ARG L 32 92.16 1.92 77.86
N VAL L 33 91.27 1.20 78.54
CA VAL L 33 91.33 1.09 80.00
C VAL L 33 91.87 -0.27 80.28
N PRO L 34 93.09 -0.33 80.79
CA PRO L 34 93.77 -1.55 81.11
C PRO L 34 92.85 -2.49 81.87
N ALA L 35 92.79 -3.71 81.36
CA ALA L 35 92.10 -4.82 81.97
C ALA L 35 91.88 -4.78 83.48
N GLY L 36 90.71 -5.33 83.81
CA GLY L 36 90.13 -5.56 85.15
C GLY L 36 90.51 -4.82 86.42
N GLY L 37 91.16 -3.64 86.29
CA GLY L 37 91.38 -2.78 87.46
C GLY L 37 90.10 -2.76 88.33
N GLY L 38 88.99 -2.23 87.77
CA GLY L 38 87.67 -2.17 88.45
C GLY L 38 86.95 -3.44 88.06
N ASN L 39 86.68 -3.60 86.76
CA ASN L 39 85.94 -4.77 86.26
C ASN L 39 86.49 -5.47 85.00
N LYS L 40 86.91 -6.73 85.27
CA LYS L 40 87.48 -7.70 84.35
C LYS L 40 87.41 -7.40 82.85
N GLN L 41 88.54 -7.67 82.18
CA GLN L 41 88.71 -7.49 80.73
C GLN L 41 88.79 -6.01 80.22
N ASP L 42 89.70 -5.80 79.26
CA ASP L 42 90.06 -4.46 78.73
C ASP L 42 88.92 -3.75 78.09
N ILE L 43 88.86 -2.43 78.21
CA ILE L 43 87.81 -1.66 77.56
C ILE L 43 88.53 -0.98 76.41
N PRO L 44 88.26 -1.32 75.16
CA PRO L 44 88.96 -0.90 73.94
C PRO L 44 88.85 0.59 73.67
N LYS L 45 89.75 1.13 72.85
CA LYS L 45 89.63 2.51 72.57
C LYS L 45 88.71 2.61 71.29
N VAL L 46 87.48 3.05 71.45
CA VAL L 46 86.68 3.12 70.27
C VAL L 46 86.39 4.56 70.07
N SER L 47 86.94 5.14 69.02
CA SER L 47 86.63 6.54 68.70
C SER L 47 86.01 6.67 67.39
N ALA L 48 85.37 7.80 67.19
CA ALA L 48 84.76 8.03 65.93
C ALA L 48 85.77 8.55 65.03
N TYR L 49 86.79 9.17 65.59
CA TYR L 49 87.83 9.63 64.76
C TYR L 49 88.96 8.62 64.43
N GLN L 50 88.64 7.33 64.32
CA GLN L 50 89.66 6.37 63.90
C GLN L 50 89.25 5.58 62.68
N TYR L 51 90.21 5.10 61.86
CA TYR L 51 89.85 4.40 60.62
C TYR L 51 89.23 3.06 60.99
N ARG L 52 88.15 2.70 60.35
CA ARG L 52 87.68 1.36 60.47
C ARG L 52 88.20 0.70 59.24
N VAL L 53 89.06 -0.31 59.46
CA VAL L 53 89.46 -1.16 58.26
C VAL L 53 88.88 -2.57 58.35
N PHE L 54 88.04 -2.99 57.41
CA PHE L 54 87.45 -4.26 57.48
C PHE L 54 88.12 -5.07 56.45
N ARG L 55 88.52 -6.27 56.86
CA ARG L 55 89.14 -7.18 56.00
C ARG L 55 88.16 -8.23 55.75
N VAL L 56 87.58 -8.17 54.58
CA VAL L 56 86.54 -9.11 54.24
C VAL L 56 87.05 -10.28 53.53
N GLN L 57 86.79 -11.40 54.11
CA GLN L 57 87.26 -12.60 53.55
C GLN L 57 86.15 -13.24 52.73
N LEU L 58 86.44 -13.50 51.49
CA LEU L 58 85.49 -14.18 50.64
C LEU L 58 85.75 -15.65 50.47
N PRO L 59 84.76 -16.40 50.03
CA PRO L 59 84.99 -17.82 49.83
C PRO L 59 85.75 -18.03 48.51
N ASP L 60 86.60 -19.09 48.48
CA ASP L 60 87.41 -19.37 47.33
C ASP L 60 86.49 -19.88 46.24
N PRO L 61 86.21 -19.13 45.19
CA PRO L 61 85.27 -19.55 44.18
C PRO L 61 85.61 -20.81 43.44
N ASN L 62 86.90 -21.15 43.47
CA ASN L 62 87.36 -22.40 42.85
C ASN L 62 86.89 -23.65 43.66
N LYS L 63 87.27 -23.73 44.95
CA LYS L 63 86.86 -24.78 45.93
C LYS L 63 85.41 -24.57 46.43
N PHE L 64 84.58 -23.84 45.68
CA PHE L 64 83.23 -23.47 46.08
C PHE L 64 82.22 -24.31 45.30
N GLY L 65 81.02 -24.46 45.87
CA GLY L 65 79.92 -25.11 45.12
C GLY L 65 79.16 -24.14 44.22
N LEU L 66 79.23 -24.37 42.91
CA LEU L 66 78.55 -23.46 42.00
C LEU L 66 77.14 -23.95 41.63
N PRO L 67 76.24 -23.01 41.15
CA PRO L 67 74.82 -23.34 40.81
C PRO L 67 74.88 -24.31 39.59
N ASP L 68 76.03 -24.22 38.93
CA ASP L 68 76.32 -24.99 37.76
C ASP L 68 77.89 -24.98 37.55
N THR L 69 78.52 -26.19 37.64
CA THR L 69 79.99 -26.23 37.58
C THR L 69 80.38 -26.59 36.10
N SER L 70 79.65 -25.98 35.20
CA SER L 70 80.00 -26.00 33.79
C SER L 70 79.97 -24.54 33.21
N ILE L 71 80.56 -23.62 34.02
CA ILE L 71 80.61 -22.13 33.77
C ILE L 71 82.03 -21.87 33.24
N TYR L 72 82.91 -22.79 33.66
CA TYR L 72 84.24 -22.80 33.20
C TYR L 72 84.80 -24.21 33.21
N ASN L 73 85.96 -24.40 32.60
CA ASN L 73 86.62 -25.67 32.60
C ASN L 73 87.83 -25.49 33.50
N PRO L 74 87.81 -26.15 34.63
CA PRO L 74 88.89 -26.24 35.65
C PRO L 74 90.25 -26.73 35.18
N GLU L 75 90.33 -27.01 33.91
CA GLU L 75 91.59 -27.43 33.31
C GLU L 75 92.38 -26.30 32.68
N THR L 76 91.64 -25.35 32.10
CA THR L 76 92.27 -24.19 31.43
C THR L 76 92.01 -22.86 32.19
N GLN L 77 91.02 -22.87 33.09
CA GLN L 77 90.68 -21.64 33.70
C GLN L 77 90.55 -21.54 35.19
N ARG L 78 90.32 -20.30 35.72
CA ARG L 78 90.16 -20.15 37.15
C ARG L 78 89.08 -19.15 37.55
N LEU L 79 88.64 -19.18 38.79
CA LEU L 79 87.63 -18.24 39.19
C LEU L 79 88.02 -17.12 40.18
N VAL L 80 87.49 -15.94 39.92
CA VAL L 80 87.80 -14.77 40.73
C VAL L 80 86.51 -14.04 41.02
N TRP L 81 86.43 -13.49 42.22
CA TRP L 81 85.29 -12.67 42.58
C TRP L 81 85.55 -11.19 42.15
N ALA L 82 84.63 -10.58 41.41
CA ALA L 82 84.68 -9.11 41.12
C ALA L 82 83.60 -8.36 41.98
N CYS L 83 84.01 -7.30 42.68
CA CYS L 83 83.05 -6.52 43.41
C CYS L 83 82.11 -5.64 42.43
N ALA L 84 80.80 -5.60 42.69
CA ALA L 84 79.91 -4.88 41.76
C ALA L 84 78.95 -4.03 42.48
N GLY L 85 78.92 -4.09 43.80
CA GLY L 85 78.14 -3.05 44.46
C GLY L 85 78.50 -3.12 45.90
N VAL L 86 78.33 -1.99 46.61
CA VAL L 86 78.59 -1.96 48.01
C VAL L 86 77.64 -1.10 48.71
N GLU L 87 77.53 -1.24 50.01
CA GLU L 87 76.65 -0.33 50.75
C GLU L 87 77.16 -0.37 52.16
N ILE L 88 77.84 0.64 52.65
CA ILE L 88 78.28 0.56 54.01
C ILE L 88 77.12 1.07 54.91
N GLY L 89 76.52 0.18 55.68
CA GLY L 89 75.45 0.62 56.56
C GLY L 89 75.89 1.21 57.87
N ARG L 90 75.31 2.34 58.22
CA ARG L 90 75.70 2.88 59.48
C ARG L 90 74.60 2.87 60.48
N GLY L 91 74.98 2.64 61.70
CA GLY L 91 73.97 2.44 62.75
C GLY L 91 73.49 3.59 63.63
N GLN L 92 74.21 4.05 64.66
CA GLN L 92 73.51 4.98 65.63
C GLN L 92 73.10 6.22 64.91
N PRO L 93 72.51 7.18 65.64
CA PRO L 93 71.98 8.51 65.10
C PRO L 93 73.03 9.54 64.92
N LEU L 94 72.82 10.53 64.06
CA LEU L 94 73.86 11.50 63.81
C LEU L 94 74.05 12.25 65.08
N GLY L 95 75.27 12.64 65.37
CA GLY L 95 75.51 13.36 66.61
C GLY L 95 76.90 14.00 66.67
N VAL L 96 77.14 14.73 67.74
CA VAL L 96 78.46 15.38 67.77
C VAL L 96 79.06 15.08 69.11
N GLY L 97 80.40 15.10 69.21
CA GLY L 97 81.13 14.77 70.47
C GLY L 97 82.43 15.58 70.61
N LEU L 98 82.77 15.85 71.85
CA LEU L 98 84.02 16.49 72.15
C LEU L 98 85.21 15.55 72.50
N SER L 99 86.40 16.12 72.34
CA SER L 99 87.68 15.53 72.77
C SER L 99 88.39 16.67 73.48
N GLY L 100 89.02 16.34 74.61
CA GLY L 100 89.62 17.35 75.49
C GLY L 100 90.99 16.91 75.99
N HIS L 101 91.66 17.83 76.65
CA HIS L 101 92.85 17.47 77.36
C HIS L 101 92.79 18.14 78.68
N PRO L 102 93.16 17.44 79.74
CA PRO L 102 93.06 18.08 81.07
C PRO L 102 94.05 19.28 81.23
N PHE L 103 95.22 19.25 80.53
CA PHE L 103 96.17 20.32 80.56
C PHE L 103 96.53 20.76 79.18
N TYR L 104 95.56 21.17 78.35
CA TYR L 104 95.83 21.64 77.02
C TYR L 104 96.81 22.85 77.12
N ASN L 105 97.77 22.98 76.19
CA ASN L 105 98.73 24.01 76.16
C ASN L 105 98.19 25.14 75.37
N LYS L 106 97.43 25.96 76.03
CA LYS L 106 96.77 27.16 75.44
C LYS L 106 97.30 28.33 76.30
N LEU L 107 98.12 29.16 75.67
CA LEU L 107 98.61 30.31 76.36
C LEU L 107 97.54 31.25 76.70
N ASP L 108 97.09 32.04 75.70
CA ASP L 108 95.84 32.81 75.85
C ASP L 108 95.04 33.05 74.56
N ASP L 109 93.84 33.60 74.63
CA ASP L 109 93.02 33.89 73.45
C ASP L 109 93.56 35.06 72.69
N THR L 110 94.16 34.79 71.53
CA THR L 110 94.68 35.80 70.66
C THR L 110 93.68 36.20 69.61
N GLU L 111 92.40 35.96 69.86
CA GLU L 111 91.36 36.16 68.85
C GLU L 111 90.98 37.53 68.97
N SER L 112 90.90 37.97 70.20
CA SER L 112 90.48 39.35 70.48
C SER L 112 90.48 39.63 71.94
N SER L 113 91.48 39.02 72.61
CA SER L 113 91.71 39.24 74.08
C SER L 113 91.21 40.66 74.36
N HIS L 114 90.45 40.82 75.48
CA HIS L 114 90.02 42.18 75.94
C HIS L 114 91.21 43.26 75.97
N ALA L 115 92.42 42.79 76.38
CA ALA L 115 93.67 43.58 76.10
C ALA L 115 94.84 42.56 76.23
N ALA L 116 95.92 42.95 76.95
CA ALA L 116 97.11 42.13 77.13
C ALA L 116 96.67 40.85 77.85
N THR L 117 97.64 40.03 78.19
CA THR L 117 97.36 38.71 78.74
C THR L 117 98.32 38.37 79.90
N SER L 118 98.00 37.24 80.52
CA SER L 118 98.83 36.62 81.56
C SER L 118 100.35 36.65 81.30
N ASN L 119 101.07 36.43 82.40
CA ASN L 119 102.49 36.25 82.37
C ASN L 119 102.97 34.75 81.99
N VAL L 120 103.94 34.67 81.06
CA VAL L 120 104.57 33.39 80.55
C VAL L 120 105.57 32.85 81.59
N SER L 121 105.06 32.84 82.84
CA SER L 121 105.72 32.39 84.09
C SER L 121 105.89 30.86 84.01
N GLU L 122 104.76 30.15 84.10
CA GLU L 122 104.82 28.70 84.11
C GLU L 122 103.49 28.13 84.46
N ASP L 123 103.27 26.92 83.94
CA ASP L 123 101.98 26.20 83.94
C ASP L 123 100.74 27.04 83.96
N VAL L 124 100.13 27.17 82.81
CA VAL L 124 98.96 27.99 82.61
C VAL L 124 98.08 27.07 81.78
N ARG L 125 98.37 25.77 81.77
CA ARG L 125 97.60 24.90 80.91
C ARG L 125 96.13 24.83 81.45
N ASP L 126 95.11 24.88 80.57
CA ASP L 126 93.73 24.80 81.02
C ASP L 126 93.11 23.57 80.42
N ASN L 127 91.99 23.16 80.98
CA ASN L 127 91.31 21.96 80.53
C ASN L 127 90.41 22.45 79.38
N VAL L 128 90.68 22.02 78.16
CA VAL L 128 89.87 22.35 77.07
C VAL L 128 89.43 21.21 76.27
N SER L 129 88.31 21.37 75.58
CA SER L 129 87.81 20.32 74.74
C SER L 129 87.58 20.94 73.37
N VAL L 130 87.18 20.13 72.40
CA VAL L 130 87.00 20.69 71.12
C VAL L 130 86.35 19.65 70.26
N ASP L 131 85.50 20.08 69.30
CA ASP L 131 84.81 19.07 68.42
C ASP L 131 85.68 19.06 67.20
N TYR L 132 86.13 17.90 66.83
CA TYR L 132 87.02 17.81 65.70
C TYR L 132 86.46 18.16 64.29
N LYS L 133 87.33 18.12 63.32
CA LYS L 133 86.98 18.32 62.01
C LYS L 133 86.04 17.19 61.64
N GLN L 134 85.11 17.53 60.75
CA GLN L 134 84.21 16.53 60.35
C GLN L 134 84.69 15.81 59.07
N THR L 135 84.76 14.50 59.06
CA THR L 135 85.24 13.83 57.85
C THR L 135 84.50 12.50 57.55
N GLN L 136 84.50 12.08 56.28
CA GLN L 136 83.82 10.89 55.88
C GLN L 136 84.54 10.43 54.69
N LEU L 137 85.10 9.24 54.76
CA LEU L 137 85.73 8.62 53.60
C LEU L 137 85.45 7.15 53.57
N CYS L 138 85.51 6.72 52.36
CA CYS L 138 85.36 5.34 52.19
C CYS L 138 86.21 4.84 51.02
N ILE L 139 86.96 3.74 51.16
CA ILE L 139 87.79 3.21 50.09
C ILE L 139 87.76 1.71 49.93
N LEU L 140 87.61 1.22 48.70
CA LEU L 140 87.59 -0.21 48.50
C LEU L 140 88.77 -0.72 47.70
N GLY L 141 89.31 -1.88 47.98
CA GLY L 141 90.42 -2.41 47.18
C GLY L 141 90.76 -3.78 47.66
N CYS L 142 91.59 -4.51 46.90
CA CYS L 142 91.86 -5.86 47.34
C CYS L 142 93.24 -5.87 47.95
N ALA L 143 93.61 -4.76 48.62
CA ALA L 143 94.91 -4.49 49.28
C ALA L 143 94.61 -3.34 50.22
N PRO L 144 95.23 -3.26 51.40
CA PRO L 144 94.91 -2.17 52.29
C PRO L 144 95.34 -0.82 51.74
N ALA L 145 94.66 0.20 52.21
CA ALA L 145 94.92 1.46 51.63
C ALA L 145 96.12 2.13 52.25
N ILE L 146 96.65 3.18 51.60
CA ILE L 146 97.87 3.79 52.06
C ILE L 146 97.64 5.10 52.64
N GLY L 147 98.27 5.36 53.76
CA GLY L 147 98.09 6.69 54.35
C GLY L 147 99.43 7.43 54.47
N GLU L 148 99.39 8.67 54.96
CA GLU L 148 100.58 9.49 54.88
C GLU L 148 100.62 10.31 56.14
N HIS L 149 101.80 10.61 56.63
CA HIS L 149 101.88 11.54 57.80
C HIS L 149 103.24 12.05 58.06
N TRP L 150 103.45 13.10 58.85
CA TRP L 150 104.78 13.62 59.02
C TRP L 150 105.32 13.07 60.27
N ALA L 151 106.58 12.67 60.21
CA ALA L 151 107.28 12.18 61.39
C ALA L 151 108.64 12.80 61.60
N LYS L 152 109.23 12.51 62.73
CA LYS L 152 110.49 12.99 63.06
C LYS L 152 111.61 12.33 62.23
N GLY L 153 112.22 13.16 61.38
CA GLY L 153 113.30 12.76 60.50
C GLY L 153 114.39 11.99 61.22
N THR L 154 114.87 10.87 60.62
CA THR L 154 116.14 10.23 61.10
C THR L 154 117.18 11.37 61.29
N ALA L 155 117.85 11.35 62.46
CA ALA L 155 118.82 12.45 62.67
C ALA L 155 120.12 12.00 61.92
N SER L 156 120.56 12.86 60.92
CA SER L 156 121.89 12.55 60.24
C SER L 156 123.15 12.29 61.22
N LYS L 157 123.97 11.24 60.92
CA LYS L 157 125.22 11.06 61.76
C LYS L 157 126.33 12.22 61.57
N SER L 158 126.45 12.68 60.31
CA SER L 158 127.32 13.77 59.89
C SER L 158 126.98 15.15 60.62
N ARG L 159 125.69 15.43 60.83
CA ARG L 159 125.29 16.69 61.50
C ARG L 159 124.27 16.34 62.64
N PRO L 160 124.77 16.00 63.88
CA PRO L 160 123.87 15.56 64.99
C PRO L 160 123.01 16.75 65.46
N LEU L 161 121.89 16.44 66.12
CA LEU L 161 120.97 17.50 66.51
C LEU L 161 120.98 17.81 67.97
N SER L 162 121.47 18.97 68.35
CA SER L 162 121.40 19.43 69.76
C SER L 162 120.01 19.41 70.40
N GLN L 163 119.84 18.86 71.59
CA GLN L 163 118.52 18.76 72.20
C GLN L 163 117.87 20.09 72.28
N GLY L 164 116.64 20.18 71.77
CA GLY L 164 115.90 21.45 71.83
C GLY L 164 115.57 22.06 70.51
N ASP L 165 116.42 21.68 69.59
CA ASP L 165 116.36 22.21 68.29
C ASP L 165 115.22 21.54 67.62
N CYS L 166 114.79 22.14 66.47
CA CYS L 166 113.64 21.57 65.78
C CYS L 166 114.10 20.51 64.77
N PRO L 167 113.60 19.28 64.86
CA PRO L 167 114.01 18.22 63.97
C PRO L 167 113.40 18.40 62.65
N PRO L 168 113.94 17.70 61.65
CA PRO L 168 113.45 17.74 60.29
C PRO L 168 112.22 16.76 60.11
N LEU L 169 111.15 17.25 59.40
CA LEU L 169 110.00 16.54 59.16
C LEU L 169 110.18 15.69 57.98
N GLU L 170 109.79 14.41 58.10
CA GLU L 170 109.73 13.54 56.95
C GLU L 170 108.35 12.89 56.72
N LEU L 171 107.87 12.82 55.48
CA LEU L 171 106.60 12.29 55.10
C LEU L 171 106.72 10.85 54.99
N LYS L 172 105.88 10.13 55.70
CA LYS L 172 105.98 8.67 55.74
C LYS L 172 104.73 7.96 55.21
N ASN L 173 104.88 6.96 54.31
CA ASN L 173 103.75 6.17 53.88
C ASN L 173 103.61 4.99 54.78
N THR L 174 102.41 4.60 55.07
CA THR L 174 102.14 3.46 55.93
C THR L 174 100.74 2.80 55.62
N VAL L 175 100.53 1.52 55.93
CA VAL L 175 99.17 0.94 55.71
C VAL L 175 98.22 1.39 56.81
N LEU L 176 97.04 1.86 56.41
CA LEU L 176 96.03 2.32 57.35
C LEU L 176 95.41 1.10 57.98
N GLU L 177 95.72 0.78 59.23
CA GLU L 177 95.13 -0.39 59.90
C GLU L 177 93.97 0.06 60.74
N ASP L 178 93.01 -0.84 60.98
CA ASP L 178 91.82 -0.46 61.81
C ASP L 178 92.26 0.11 63.17
N GLY L 179 91.88 1.32 63.56
CA GLY L 179 92.32 1.85 64.81
C GLY L 179 93.20 3.05 64.64
N ASP L 180 93.76 3.26 63.44
CA ASP L 180 94.58 4.47 63.35
C ASP L 180 93.73 5.71 63.49
N MET L 181 94.30 6.76 64.02
CA MET L 181 93.57 7.97 63.95
C MET L 181 93.56 8.81 62.62
N VAL L 182 92.45 9.52 62.39
CA VAL L 182 92.45 10.39 61.22
C VAL L 182 92.86 11.77 61.59
N ASP L 183 93.06 12.63 60.57
CA ASP L 183 93.37 14.02 60.77
C ASP L 183 92.20 14.60 61.50
N THR L 184 92.40 15.18 62.70
CA THR L 184 91.23 15.77 63.30
C THR L 184 91.17 17.29 63.19
N GLY L 185 92.06 17.86 62.39
CA GLY L 185 92.18 19.29 62.24
C GLY L 185 93.42 19.84 62.87
N TYR L 186 94.33 18.98 63.40
CA TYR L 186 95.53 19.50 63.92
C TYR L 186 96.62 18.96 63.02
N GLY L 187 96.29 18.45 61.82
CA GLY L 187 97.33 18.15 60.85
C GLY L 187 97.63 16.66 60.88
N ALA L 188 98.09 16.07 59.80
CA ALA L 188 98.43 14.62 59.87
C ALA L 188 99.93 14.37 60.32
N MET L 189 100.12 14.20 61.63
CA MET L 189 101.47 13.90 62.07
C MET L 189 101.41 12.96 63.22
N ASP L 190 102.64 12.62 63.64
CA ASP L 190 102.97 11.77 64.79
C ASP L 190 103.30 12.60 66.04
N PHE L 191 102.23 13.08 66.67
CA PHE L 191 102.24 13.89 67.85
C PHE L 191 102.99 13.28 68.99
N SER L 192 103.08 11.95 69.00
CA SER L 192 103.82 11.28 70.06
C SER L 192 105.32 11.58 69.99
N THR L 193 105.83 11.68 68.77
CA THR L 193 107.22 12.00 68.60
C THR L 193 107.54 13.45 68.27
N LEU L 194 106.56 14.24 67.84
CA LEU L 194 106.83 15.63 67.55
C LEU L 194 106.44 16.59 68.65
N GLN L 195 105.66 16.11 69.63
CA GLN L 195 105.24 17.05 70.64
C GLN L 195 105.65 16.43 71.94
N ASP L 196 106.80 16.88 72.49
CA ASP L 196 107.35 16.43 73.78
C ASP L 196 106.40 16.73 74.96
N THR L 197 105.54 17.74 74.83
CA THR L 197 104.72 18.24 75.90
C THR L 197 103.59 17.26 76.28
N LYS L 198 102.91 16.72 75.29
CA LYS L 198 101.88 15.73 75.46
C LYS L 198 100.69 16.57 75.83
N CYS L 199 100.71 17.81 75.44
CA CYS L 199 99.61 18.57 75.86
C CYS L 199 99.31 19.58 74.85
N GLU L 200 99.66 19.28 73.58
CA GLU L 200 99.32 20.25 72.51
C GLU L 200 98.01 19.93 71.86
N VAL L 201 97.47 18.73 72.06
CA VAL L 201 96.24 18.36 71.46
C VAL L 201 95.44 17.51 72.37
N PRO L 202 94.17 17.28 72.04
CA PRO L 202 93.33 16.41 72.93
C PRO L 202 93.88 15.01 73.13
N LEU L 203 93.48 14.47 74.26
CA LEU L 203 93.92 13.17 74.80
C LEU L 203 93.80 12.04 73.81
N ASP L 204 92.94 12.16 72.78
CA ASP L 204 92.81 11.02 71.90
C ASP L 204 93.73 10.90 70.76
N ILE L 205 94.49 11.94 70.53
CA ILE L 205 95.41 11.85 69.42
C ILE L 205 96.79 12.19 69.96
N CYS L 206 96.73 12.62 71.21
CA CYS L 206 97.84 13.17 72.00
C CYS L 206 99.10 12.41 72.00
N GLN L 207 98.93 11.12 72.09
CA GLN L 207 100.07 10.22 71.92
C GLN L 207 99.90 9.21 70.77
N SER L 208 99.32 9.64 69.65
CA SER L 208 99.13 8.73 68.50
C SER L 208 99.49 9.43 67.20
N ILE L 209 99.27 8.73 66.10
CA ILE L 209 99.63 9.27 64.85
C ILE L 209 98.32 9.45 64.06
N CYS L 210 98.08 10.67 63.52
CA CYS L 210 96.90 10.97 62.68
C CYS L 210 97.44 10.79 61.27
N LYS L 211 96.82 9.92 60.50
CA LYS L 211 97.25 9.77 59.12
C LYS L 211 96.12 10.22 58.21
N TYR L 212 96.46 10.51 56.98
CA TYR L 212 95.47 10.92 56.00
C TYR L 212 95.73 10.10 54.79
N PRO L 213 94.75 9.62 54.12
CA PRO L 213 95.00 8.70 53.00
C PRO L 213 95.77 9.38 51.96
N ASP L 214 96.70 8.60 51.38
CA ASP L 214 97.52 9.11 50.39
C ASP L 214 96.89 8.90 49.07
N TYR L 215 95.91 9.80 48.82
CA TYR L 215 95.16 9.75 47.59
C TYR L 215 96.07 9.89 46.36
N LEU L 216 97.10 10.72 46.43
CA LEU L 216 97.94 10.88 45.26
C LEU L 216 98.68 9.64 44.88
N GLN L 217 99.23 9.02 45.92
CA GLN L 217 100.06 7.84 45.80
C GLN L 217 99.22 6.59 45.39
N MET L 218 98.00 6.48 45.88
CA MET L 218 97.22 5.35 45.43
C MET L 218 96.75 5.44 43.99
N SER L 219 96.55 6.65 43.49
CA SER L 219 96.04 6.80 42.14
C SER L 219 97.18 6.49 41.23
N ALA L 220 98.41 6.67 41.75
CA ALA L 220 99.54 6.53 40.85
C ALA L 220 99.83 5.09 40.72
N ASP L 221 99.72 4.32 41.82
CA ASP L 221 99.95 2.90 41.82
C ASP L 221 99.53 2.30 40.53
N PRO L 222 100.44 1.62 39.87
CA PRO L 222 100.29 1.11 38.49
C PRO L 222 99.24 0.04 38.39
N TYR L 223 99.17 -0.87 39.38
CA TYR L 223 98.24 -2.00 39.33
C TYR L 223 96.86 -1.56 39.67
N GLY L 224 96.80 -0.85 40.77
CA GLY L 224 95.54 -0.31 41.15
C GLY L 224 94.70 -1.10 42.13
N ASP L 225 95.37 -1.88 42.99
CA ASP L 225 94.70 -2.79 43.90
C ASP L 225 94.46 -2.08 45.23
N SER L 226 95.04 -0.89 45.41
CA SER L 226 95.03 -0.22 46.70
C SER L 226 93.64 0.40 46.80
N MET L 227 93.11 0.98 45.73
CA MET L 227 91.80 1.58 45.79
C MET L 227 91.12 1.64 44.44
N PHE L 228 89.98 0.99 44.34
CA PHE L 228 89.34 1.11 43.10
C PHE L 228 88.00 1.74 43.24
N PHE L 229 87.78 2.47 44.29
CA PHE L 229 86.51 3.14 44.58
C PHE L 229 86.93 4.04 45.73
N CYS L 230 86.64 5.33 45.72
CA CYS L 230 87.10 6.19 46.79
C CYS L 230 86.01 7.22 46.97
N LEU L 231 85.58 7.57 48.22
CA LEU L 231 84.52 8.67 48.53
C LEU L 231 84.89 9.53 49.66
N ARG L 232 85.16 10.81 49.47
CA ARG L 232 85.51 11.64 50.57
C ARG L 232 84.65 12.78 50.76
N ARG L 233 84.55 13.25 51.97
CA ARG L 233 83.84 14.45 52.21
C ARG L 233 84.32 15.02 53.52
N GLU L 234 84.96 16.17 53.51
CA GLU L 234 85.47 16.76 54.79
C GLU L 234 85.12 18.20 54.87
N GLN L 235 85.08 18.81 56.04
CA GLN L 235 84.82 20.22 56.24
C GLN L 235 85.19 20.63 57.64
N LEU L 236 85.64 21.86 57.78
CA LEU L 236 85.94 22.35 59.10
C LEU L 236 86.19 23.81 59.13
N PHE L 237 86.28 24.41 60.30
CA PHE L 237 86.57 25.79 60.42
C PHE L 237 87.22 26.18 61.75
N ALA L 238 87.89 27.35 61.80
CA ALA L 238 88.52 27.78 63.04
C ALA L 238 87.56 28.33 64.11
N ARG L 239 87.47 27.63 65.19
CA ARG L 239 86.51 28.05 66.21
C ARG L 239 87.16 29.11 67.11
N HIS L 240 88.24 28.76 67.83
CA HIS L 240 89.02 29.75 68.62
C HIS L 240 90.48 29.81 68.24
N PHE L 241 91.19 30.94 68.50
CA PHE L 241 92.55 31.15 68.07
C PHE L 241 93.43 31.20 69.31
N TRP L 242 94.44 30.34 69.49
CA TRP L 242 95.22 30.40 70.69
C TRP L 242 96.69 30.48 70.50
N ASN L 243 97.36 30.90 71.55
CA ASN L 243 98.77 30.90 71.67
C ASN L 243 99.33 29.65 72.19
N ARG L 244 100.63 29.54 72.05
CA ARG L 244 101.18 28.30 72.62
C ARG L 244 102.15 28.68 73.66
N ALA L 245 102.15 28.06 74.85
CA ALA L 245 103.13 28.52 75.82
C ALA L 245 104.52 27.88 75.66
N GLY L 246 105.59 28.50 76.18
CA GLY L 246 106.90 27.92 75.93
C GLY L 246 107.76 28.92 75.23
N THR L 247 109.04 28.59 75.00
CA THR L 247 109.89 29.59 74.39
C THR L 247 109.90 29.43 72.90
N MET L 248 110.04 30.56 72.23
CA MET L 248 110.15 30.42 70.81
C MET L 248 111.48 29.84 70.20
N GLY L 249 111.32 28.74 69.50
CA GLY L 249 112.41 28.12 68.83
C GLY L 249 112.99 29.02 67.78
N ASP L 250 112.24 29.37 66.76
CA ASP L 250 112.68 30.33 65.74
C ASP L 250 112.38 31.76 66.25
N THR L 251 113.43 32.58 66.27
CA THR L 251 113.32 33.91 66.82
C THR L 251 112.79 34.93 65.82
N VAL L 252 111.75 35.60 66.27
CA VAL L 252 111.04 36.58 65.39
C VAL L 252 111.99 37.59 64.88
N PRO L 253 112.19 37.67 63.54
CA PRO L 253 113.04 38.69 62.90
C PRO L 253 112.88 40.13 63.42
N GLN L 254 113.94 40.86 63.65
CA GLN L 254 113.76 42.21 64.17
C GLN L 254 113.15 43.25 63.14
N SER L 255 113.26 42.85 61.88
CA SER L 255 112.80 43.71 60.84
C SER L 255 111.30 43.55 60.69
N LEU L 256 110.63 42.78 61.53
CA LEU L 256 109.18 42.62 61.38
C LEU L 256 108.38 43.36 62.43
N TYR L 257 109.06 44.05 63.28
CA TYR L 257 108.31 44.90 64.17
C TYR L 257 109.15 46.06 64.76
N ILE L 258 108.55 46.77 65.70
CA ILE L 258 109.21 47.92 66.28
C ILE L 258 109.21 47.72 67.81
N LYS L 259 110.36 47.79 68.48
CA LYS L 259 110.37 47.33 69.88
C LYS L 259 109.53 48.24 70.72
N GLY L 260 109.01 47.69 71.80
CA GLY L 260 108.28 48.54 72.75
C GLY L 260 109.09 48.71 74.02
N THR L 261 108.47 49.07 75.13
CA THR L 261 109.17 49.10 76.39
C THR L 261 108.43 48.22 77.39
N GLY L 262 109.14 47.65 78.37
CA GLY L 262 108.57 46.66 79.34
C GLY L 262 108.22 45.31 78.66
N MET L 263 107.02 44.73 78.92
CA MET L 263 106.65 43.40 78.36
C MET L 263 106.51 43.44 76.81
N ARG L 264 106.37 44.69 76.34
CA ARG L 264 106.19 45.04 74.97
C ARG L 264 107.53 45.26 74.27
N ALA L 265 108.62 44.96 74.99
CA ALA L 265 109.97 45.23 74.48
C ALA L 265 110.43 43.99 73.74
N SER L 266 109.76 42.86 74.02
CA SER L 266 110.14 41.63 73.35
C SER L 266 108.90 40.84 73.02
N PRO L 267 108.75 40.35 71.78
CA PRO L 267 107.58 39.68 71.32
C PRO L 267 107.26 38.43 72.14
N GLY L 268 105.96 38.18 72.38
CA GLY L 268 105.52 36.97 73.11
C GLY L 268 105.38 35.79 72.17
N SER L 269 104.49 34.86 72.50
CA SER L 269 104.43 33.65 71.68
C SER L 269 103.83 34.01 70.35
N CYS L 270 104.39 33.40 69.30
CA CYS L 270 104.00 33.62 67.94
C CYS L 270 103.85 32.30 67.32
N VAL L 271 103.45 31.27 68.03
CA VAL L 271 103.14 30.01 67.41
C VAL L 271 101.66 29.97 67.64
N TYR L 272 100.85 30.08 66.58
CA TYR L 272 99.42 30.12 66.88
C TYR L 272 98.80 28.82 66.41
N SER L 273 97.68 28.40 66.98
CA SER L 273 96.98 27.28 66.36
C SER L 273 95.56 27.34 66.83
N PRO L 274 94.61 27.19 65.92
CA PRO L 274 93.26 27.29 66.22
C PRO L 274 92.62 25.91 66.56
N SER L 275 91.55 25.94 67.37
CA SER L 275 90.76 24.82 67.72
C SER L 275 89.91 24.60 66.47
N PRO L 276 90.01 23.41 65.91
CA PRO L 276 89.21 23.04 64.77
C PRO L 276 87.74 22.80 65.16
N SER L 277 86.86 22.67 64.15
CA SER L 277 85.46 22.38 64.45
C SER L 277 84.79 22.22 63.18
N GLY L 278 83.99 21.17 63.08
CA GLY L 278 83.33 20.91 61.78
C GLY L 278 81.97 21.48 62.12
N SER L 279 81.24 22.02 61.22
CA SER L 279 80.12 22.79 61.67
C SER L 279 78.93 21.86 61.85
N ILE L 280 77.84 22.11 61.14
CA ILE L 280 76.68 21.33 61.37
C ILE L 280 76.84 19.99 60.72
N VAL L 281 76.32 18.99 61.34
CA VAL L 281 76.36 17.70 60.66
C VAL L 281 74.93 17.50 60.26
N THR L 282 74.71 17.21 58.98
CA THR L 282 73.34 16.98 58.52
C THR L 282 73.11 15.74 57.67
N SER L 283 71.91 15.22 57.65
CA SER L 283 71.73 14.06 56.78
C SER L 283 71.80 14.33 55.27
N ASP L 284 71.88 15.62 54.89
CA ASP L 284 71.85 15.98 53.46
C ASP L 284 73.14 15.57 52.87
N SER L 285 74.21 15.77 53.64
CA SER L 285 75.58 15.48 53.22
C SER L 285 76.05 14.09 53.63
N GLN L 286 75.15 13.21 53.97
CA GLN L 286 75.59 11.90 54.46
C GLN L 286 76.13 11.06 53.30
N LEU L 287 77.23 10.40 53.55
CA LEU L 287 77.84 9.68 52.47
C LEU L 287 77.44 8.22 52.25
N PHE L 288 77.10 7.56 53.39
CA PHE L 288 76.84 6.15 53.59
C PHE L 288 75.37 5.84 53.65
N ASN L 289 75.06 4.60 53.86
CA ASN L 289 73.68 4.12 53.91
C ASN L 289 73.09 4.33 52.55
N LYS L 290 73.92 4.45 51.48
CA LYS L 290 73.47 4.51 50.13
C LYS L 290 74.22 3.44 49.42
N PRO L 291 73.60 2.75 48.46
CA PRO L 291 74.38 1.76 47.67
C PRO L 291 75.14 2.41 46.60
N TYR L 292 76.40 2.07 46.39
CA TYR L 292 77.07 2.65 45.26
C TYR L 292 77.55 1.53 44.38
N TRP L 293 77.29 1.53 43.05
CA TRP L 293 77.69 0.39 42.21
C TRP L 293 78.91 0.76 41.47
N LEU L 294 79.94 -0.07 41.39
CA LEU L 294 81.16 0.36 40.73
C LEU L 294 81.14 -0.34 39.36
N HIS L 295 80.94 0.44 38.34
CA HIS L 295 80.77 -0.07 37.02
C HIS L 295 82.19 -0.17 36.39
N LYS L 296 83.03 0.84 36.59
CA LYS L 296 84.35 0.85 35.97
C LYS L 296 85.29 1.63 36.78
N ALA L 297 86.13 0.89 37.49
CA ALA L 297 87.07 1.43 38.44
C ALA L 297 88.06 2.48 37.86
N GLN L 298 88.72 3.21 38.73
CA GLN L 298 89.58 4.21 38.28
C GLN L 298 90.87 3.65 37.74
N GLY L 299 91.35 2.60 38.40
CA GLY L 299 92.69 2.04 38.08
C GLY L 299 92.56 0.85 37.14
N HIS L 300 93.60 0.02 37.05
CA HIS L 300 93.56 -1.00 36.04
C HIS L 300 92.80 -2.14 36.57
N ASN L 301 92.80 -2.36 37.90
CA ASN L 301 92.02 -3.43 38.53
C ASN L 301 90.57 -2.95 38.75
N ASN L 302 89.64 -3.61 38.08
CA ASN L 302 88.29 -3.18 38.08
C ASN L 302 87.52 -3.95 39.07
N GLY L 303 87.88 -3.82 40.33
CA GLY L 303 87.11 -4.45 41.43
C GLY L 303 87.34 -5.96 41.54
N VAL L 304 88.48 -6.41 41.01
CA VAL L 304 88.78 -7.76 41.09
C VAL L 304 89.35 -8.16 42.45
N CYS L 305 88.73 -9.14 43.08
CA CYS L 305 89.26 -9.40 44.40
C CYS L 305 90.21 -10.57 44.55
N TRP L 306 91.51 -10.31 44.36
CA TRP L 306 92.51 -11.38 44.20
C TRP L 306 92.65 -11.86 45.55
N HIS L 307 92.70 -13.16 45.63
CA HIS L 307 92.88 -13.85 46.92
C HIS L 307 91.56 -13.95 47.72
N ASN L 308 90.51 -13.55 47.05
CA ASN L 308 89.22 -13.59 47.63
C ASN L 308 89.21 -12.72 48.91
N GLN L 309 89.90 -11.63 48.89
CA GLN L 309 89.99 -10.76 50.03
C GLN L 309 89.45 -9.42 49.50
N LEU L 310 89.12 -8.49 50.41
CA LEU L 310 88.64 -7.19 49.91
C LEU L 310 88.75 -6.32 51.15
N PHE L 311 89.40 -5.13 51.03
CA PHE L 311 89.52 -4.29 52.17
C PHE L 311 88.61 -3.07 52.02
N VAL L 312 87.92 -2.77 53.13
CA VAL L 312 86.98 -1.67 53.21
C VAL L 312 87.46 -0.71 54.26
N THR L 313 88.09 0.37 53.81
CA THR L 313 88.56 1.40 54.77
C THR L 313 87.53 2.47 54.83
N VAL L 314 87.19 2.88 56.04
CA VAL L 314 86.13 3.85 56.22
C VAL L 314 86.25 4.83 57.40
N VAL L 315 85.86 6.07 57.21
CA VAL L 315 85.96 6.93 58.36
C VAL L 315 84.67 7.68 58.37
N ASP L 316 84.04 7.90 59.56
CA ASP L 316 82.72 8.60 59.59
C ASP L 316 82.55 9.31 60.90
N THR L 317 82.83 10.59 60.90
CA THR L 317 82.72 11.27 62.18
C THR L 317 81.32 11.86 62.40
N THR L 318 80.37 11.53 61.50
CA THR L 318 79.05 12.17 61.56
C THR L 318 78.28 11.60 62.69
N ARG L 319 78.75 10.49 63.24
CA ARG L 319 78.03 9.89 64.40
C ARG L 319 79.00 9.68 65.54
N SER L 320 79.25 10.74 66.26
CA SER L 320 80.21 10.71 67.30
C SER L 320 79.60 11.10 68.65
N THR L 321 78.30 10.97 68.86
CA THR L 321 77.87 11.22 70.24
C THR L 321 78.54 10.29 71.24
N ASN L 322 79.19 10.88 72.24
CA ASN L 322 79.73 10.07 73.35
C ASN L 322 78.80 9.89 74.57
N LEU L 323 78.33 8.68 74.80
CA LEU L 323 77.42 8.47 75.88
C LEU L 323 78.12 8.78 77.24
N THR L 324 77.46 9.43 78.21
CA THR L 324 78.14 9.83 79.47
C THR L 324 77.31 8.92 80.32
N ILE L 325 77.96 8.18 81.23
CA ILE L 325 77.30 7.17 82.09
C ILE L 325 77.79 7.45 83.49
N CYS L 326 76.91 7.79 84.43
CA CYS L 326 77.43 7.87 85.80
C CYS L 326 76.75 6.87 86.79
N ALA L 327 77.54 6.11 87.56
CA ALA L 327 77.07 5.25 88.63
C ALA L 327 77.48 5.86 90.05
N SER L 328 76.64 5.62 91.08
CA SER L 328 76.88 6.33 92.36
C SER L 328 77.74 5.40 93.21
N THR L 329 78.30 5.90 94.31
CA THR L 329 79.26 5.16 95.09
C THR L 329 78.44 4.46 96.17
N GLN L 330 77.33 5.10 96.61
CA GLN L 330 76.43 4.55 97.72
C GLN L 330 75.45 3.60 97.01
N SER L 331 74.83 2.66 97.77
CA SER L 331 73.83 1.76 97.12
C SER L 331 72.41 2.34 97.02
N PRO L 332 71.95 2.96 98.07
CA PRO L 332 70.62 3.46 97.99
C PRO L 332 70.52 4.75 97.13
N VAL L 333 71.62 5.53 96.99
CA VAL L 333 71.60 6.70 96.05
C VAL L 333 70.85 7.78 96.78
N PRO L 334 71.47 8.33 97.80
CA PRO L 334 70.83 9.31 98.73
C PRO L 334 70.24 10.50 98.01
N GLY L 335 69.23 11.01 98.71
CA GLY L 335 68.47 12.17 98.25
C GLY L 335 69.21 13.51 98.41
N GLN L 336 70.48 13.42 98.81
CA GLN L 336 71.29 14.63 98.84
C GLN L 336 72.40 14.54 97.80
N TYR L 337 72.40 15.50 96.89
CA TYR L 337 73.39 15.45 95.85
C TYR L 337 74.79 15.76 96.37
N ASP L 338 75.74 14.94 95.91
CA ASP L 338 77.15 15.12 96.23
C ASP L 338 78.04 14.63 95.11
N ALA L 339 78.75 15.56 94.53
CA ALA L 339 79.47 15.25 93.34
C ALA L 339 80.38 14.02 93.47
N THR L 340 81.21 14.07 94.53
CA THR L 340 82.20 13.03 94.81
C THR L 340 81.52 11.63 94.88
N LYS L 341 80.26 11.60 95.25
CA LYS L 341 79.53 10.41 95.45
C LYS L 341 79.09 9.68 94.18
N PHE L 342 79.44 10.18 93.01
CA PHE L 342 79.13 9.51 91.72
C PHE L 342 80.38 9.34 90.87
N LYS L 343 80.43 8.25 90.11
CA LYS L 343 81.52 8.06 89.17
C LYS L 343 81.12 8.29 87.73
N GLN L 344 81.79 9.24 87.04
CA GLN L 344 81.46 9.60 85.69
C GLN L 344 82.31 8.82 84.61
N TYR L 345 81.65 8.28 83.59
CA TYR L 345 82.33 7.39 82.59
C TYR L 345 81.90 7.89 81.25
N SER L 346 82.65 7.58 80.20
CA SER L 346 82.41 8.14 78.85
C SER L 346 82.59 7.00 77.91
N ARG L 347 81.51 6.51 77.31
CA ARG L 347 81.64 5.45 76.31
C ARG L 347 81.16 5.87 74.90
N HIS L 348 81.86 5.37 73.86
CA HIS L 348 81.47 5.53 72.47
C HIS L 348 81.14 4.26 71.83
N VAL L 349 80.17 4.29 70.96
CA VAL L 349 79.65 3.07 70.32
C VAL L 349 79.82 3.14 68.78
N GLU L 350 80.05 2.06 68.01
CA GLU L 350 80.09 2.21 66.59
C GLU L 350 79.37 1.05 65.98
N GLU L 351 78.45 1.26 65.02
CA GLU L 351 77.61 0.15 64.49
C GLU L 351 77.74 0.06 62.94
N TYR L 352 78.33 -0.96 62.35
CA TYR L 352 78.45 -0.96 60.88
C TYR L 352 77.71 -2.11 60.43
N ASP L 353 77.44 -2.13 59.14
CA ASP L 353 76.85 -3.28 58.51
C ASP L 353 77.35 -3.31 57.04
N LEU L 354 78.06 -4.34 56.62
CA LEU L 354 78.61 -4.28 55.26
C LEU L 354 77.79 -5.15 54.31
N GLN L 355 77.57 -4.74 53.05
CA GLN L 355 76.77 -5.54 52.12
C GLN L 355 77.38 -5.45 50.78
N PHE L 356 77.32 -6.52 50.01
CA PHE L 356 78.01 -6.42 48.75
C PHE L 356 77.28 -7.21 47.68
N ILE L 357 77.58 -7.04 46.40
CA ILE L 357 77.05 -7.93 45.33
C ILE L 357 78.34 -8.23 44.58
N PHE L 358 78.70 -9.49 44.54
CA PHE L 358 79.92 -9.90 43.85
C PHE L 358 79.50 -10.62 42.60
N GLN L 359 80.33 -10.42 41.58
CA GLN L 359 80.15 -11.05 40.30
C GLN L 359 81.20 -12.10 40.04
N LEU L 360 80.80 -13.30 39.64
CA LEU L 360 81.77 -14.38 39.45
C LEU L 360 82.50 -14.28 38.13
N CYS L 361 83.80 -14.37 38.16
CA CYS L 361 84.51 -14.24 36.93
C CYS L 361 85.53 -15.33 36.62
N THR L 362 85.86 -15.51 35.33
CA THR L 362 86.79 -16.56 34.94
C THR L 362 88.01 -16.01 34.32
N ILE L 363 89.12 -16.71 34.44
CA ILE L 363 90.37 -16.20 33.95
C ILE L 363 90.93 -17.37 33.27
N THR L 364 90.82 -17.40 31.94
CA THR L 364 91.55 -18.44 31.15
C THR L 364 93.07 -18.39 31.25
N LEU L 365 93.66 -19.37 31.93
CA LEU L 365 95.09 -19.43 32.05
C LEU L 365 95.88 -19.78 30.75
N THR L 366 96.55 -18.78 30.13
CA THR L 366 97.39 -19.10 28.97
C THR L 366 98.82 -18.70 29.29
N ALA L 367 99.74 -18.97 28.37
CA ALA L 367 101.10 -18.59 28.57
C ALA L 367 101.27 -17.16 29.11
N ASP L 368 101.01 -16.17 28.26
CA ASP L 368 101.30 -14.74 28.64
C ASP L 368 100.41 -14.34 29.76
N VAL L 369 99.21 -14.93 29.81
CA VAL L 369 98.30 -14.65 30.89
C VAL L 369 98.96 -14.96 32.23
N MET L 370 99.46 -16.17 32.39
CA MET L 370 100.20 -16.45 33.60
C MET L 370 101.46 -15.63 33.79
N SER L 371 102.19 -15.40 32.72
CA SER L 371 103.47 -14.73 32.90
C SER L 371 103.17 -13.30 33.41
N TYR L 372 102.06 -12.71 32.92
CA TYR L 372 101.57 -11.43 33.41
C TYR L 372 101.17 -11.50 34.86
N ILE L 373 100.29 -12.43 35.24
CA ILE L 373 99.87 -12.59 36.63
C ILE L 373 101.07 -12.91 37.44
N GLN L 374 102.04 -13.52 36.80
CA GLN L 374 103.23 -13.94 37.46
C GLN L 374 104.03 -12.70 37.91
N SER L 375 104.29 -11.74 36.96
CA SER L 375 104.92 -10.40 37.26
C SER L 375 104.07 -9.57 38.23
N MET L 376 102.77 -9.60 38.04
CA MET L 376 101.92 -8.83 38.87
C MET L 376 101.99 -9.23 40.29
N ASN L 377 101.68 -10.47 40.57
CA ASN L 377 101.67 -10.93 41.95
C ASN L 377 101.66 -12.45 42.02
N SER L 378 102.87 -12.98 41.98
CA SER L 378 103.11 -14.42 41.98
C SER L 378 102.13 -15.24 42.87
N SER L 379 101.82 -14.70 44.04
CA SER L 379 101.04 -15.43 45.03
C SER L 379 99.66 -15.78 44.48
N ILE L 380 99.25 -15.06 43.43
CA ILE L 380 97.90 -15.24 42.95
C ILE L 380 97.81 -16.60 42.33
N LEU L 381 98.87 -16.97 41.62
CA LEU L 381 98.94 -18.22 40.92
C LEU L 381 99.30 -19.34 41.88
N GLU L 382 99.98 -19.03 42.98
CA GLU L 382 100.34 -20.08 43.91
C GLU L 382 99.09 -20.62 44.55
N ASP L 383 98.19 -19.77 45.02
CA ASP L 383 96.96 -20.26 45.69
C ASP L 383 96.14 -21.20 44.81
N TRP L 384 96.12 -20.94 43.50
CA TRP L 384 95.39 -21.79 42.53
C TRP L 384 96.09 -23.16 42.30
N ASN L 385 97.33 -23.25 42.88
CA ASN L 385 98.24 -24.45 42.87
C ASN L 385 98.69 -24.85 41.46
N ASN L 391 99.89 -21.34 54.44
CA ASN L 391 100.82 -20.33 53.94
C ASN L 391 101.07 -19.12 54.89
N LYS L 392 101.99 -18.22 54.47
CA LYS L 392 102.30 -16.98 55.24
C LYS L 392 101.66 -15.75 54.54
N ASP L 393 100.79 -15.01 55.27
CA ASP L 393 100.10 -13.85 54.70
C ASP L 393 100.85 -12.55 54.99
N PRO L 394 101.14 -11.75 53.97
CA PRO L 394 101.93 -10.49 54.09
C PRO L 394 101.35 -9.43 55.01
N TYR L 395 100.08 -9.61 55.32
CA TYR L 395 99.37 -8.68 56.19
C TYR L 395 99.21 -9.19 57.63
N ASP L 396 99.86 -10.30 57.97
CA ASP L 396 99.68 -10.89 59.27
C ASP L 396 100.21 -10.08 60.47
N LYS L 397 100.91 -8.99 60.18
CA LYS L 397 101.38 -8.13 61.24
C LYS L 397 100.38 -7.00 61.60
N LEU L 398 99.58 -6.59 60.62
CA LEU L 398 98.67 -5.41 60.72
C LEU L 398 97.35 -5.67 61.36
N LYS L 399 96.80 -4.71 62.08
CA LYS L 399 95.49 -4.86 62.67
C LYS L 399 94.35 -4.64 61.73
N PHE L 400 93.45 -5.58 61.46
CA PHE L 400 92.23 -5.27 60.69
C PHE L 400 91.03 -5.81 61.47
N TRP L 401 89.81 -5.30 61.23
CA TRP L 401 88.61 -5.90 61.78
C TRP L 401 88.23 -7.00 60.79
N ASN L 402 88.29 -8.25 61.20
CA ASN L 402 88.05 -9.31 60.25
C ASN L 402 86.64 -9.67 60.09
N VAL L 403 86.20 -9.81 58.87
CA VAL L 403 84.81 -10.10 58.67
C VAL L 403 84.73 -11.22 57.72
N ASP L 404 84.24 -12.36 58.25
CA ASP L 404 84.29 -13.63 57.50
C ASP L 404 83.07 -13.76 56.66
N LEU L 405 83.18 -13.88 55.38
CA LEU L 405 81.90 -13.92 54.71
C LEU L 405 81.84 -15.16 53.93
N LYS L 406 82.60 -16.20 54.35
CA LYS L 406 82.69 -17.41 53.52
C LYS L 406 81.36 -18.19 53.57
N GLU L 407 80.60 -17.97 54.63
CA GLU L 407 79.33 -18.71 54.80
C GLU L 407 78.17 -17.79 54.53
N LYS L 408 78.38 -16.75 53.73
CA LYS L 408 77.35 -15.74 53.60
C LYS L 408 77.02 -15.32 52.17
N PHE L 409 77.50 -16.09 51.24
CA PHE L 409 77.14 -15.74 49.88
C PHE L 409 75.79 -16.34 49.52
N SER L 410 74.95 -15.63 48.82
CA SER L 410 73.69 -16.20 48.44
C SER L 410 73.36 -15.87 47.04
N LEU L 411 72.48 -16.62 46.39
CA LEU L 411 72.29 -16.49 44.97
C LEU L 411 71.07 -15.73 44.60
N ASP L 412 70.23 -15.55 45.61
CA ASP L 412 68.96 -14.95 45.37
C ASP L 412 69.03 -13.60 45.96
N LEU L 413 69.49 -12.75 45.06
CA LEU L 413 69.58 -11.35 45.33
C LEU L 413 68.27 -10.86 45.90
N ASP L 414 67.19 -11.38 45.30
CA ASP L 414 65.85 -10.94 45.61
C ASP L 414 65.55 -10.92 47.12
N GLN L 415 66.19 -11.78 47.87
CA GLN L 415 66.02 -11.80 49.28
C GLN L 415 66.76 -10.76 50.12
N TYR L 416 67.67 -9.98 49.56
CA TYR L 416 68.31 -8.98 50.38
C TYR L 416 68.18 -7.56 49.84
N PRO L 417 68.16 -6.58 50.72
CA PRO L 417 67.98 -5.20 50.36
C PRO L 417 68.86 -4.75 49.26
N LEU L 418 70.20 -4.78 49.45
CA LEU L 418 71.13 -4.41 48.37
C LEU L 418 70.83 -5.23 47.12
N GLY L 419 70.60 -6.52 47.28
CA GLY L 419 70.22 -7.45 46.21
C GLY L 419 69.03 -6.91 45.40
N ARG L 420 67.98 -6.51 46.08
CA ARG L 420 66.82 -6.05 45.32
C ARG L 420 67.19 -4.73 44.56
N LYS L 421 67.76 -3.79 45.32
CA LYS L 421 68.30 -2.54 44.75
C LYS L 421 69.11 -2.82 43.56
N PHE L 422 69.90 -3.89 43.65
CA PHE L 422 70.74 -4.30 42.57
C PHE L 422 70.02 -4.71 41.31
N LEU L 423 68.93 -5.40 41.56
CA LEU L 423 68.13 -5.95 40.48
C LEU L 423 67.39 -4.82 39.79
N VAL L 424 67.02 -3.80 40.55
CA VAL L 424 66.30 -2.69 39.98
C VAL L 424 67.22 -2.06 38.94
N GLN L 425 68.39 -1.59 39.41
CA GLN L 425 69.33 -0.90 38.58
C GLN L 425 69.77 -1.76 37.37
N ALA L 426 69.76 -3.09 37.53
CA ALA L 426 70.00 -3.96 36.32
C ALA L 426 68.85 -3.89 35.28
N GLY L 427 67.68 -3.46 35.77
CA GLY L 427 66.48 -3.34 34.91
C GLY L 427 65.33 -4.31 35.33
N LEU L 428 65.62 -5.64 35.35
CA LEU L 428 64.65 -6.67 35.78
C LEU L 428 64.20 -6.61 37.27
N ALA M 1 61.61 -19.16 50.62
CA ALA M 1 61.83 -17.84 49.80
C ALA M 1 60.64 -16.82 49.97
N VAL M 2 60.88 -15.57 50.36
CA VAL M 2 59.79 -14.61 50.53
C VAL M 2 59.50 -14.00 49.19
N VAL M 3 58.29 -13.59 48.93
CA VAL M 3 58.02 -12.96 47.61
C VAL M 3 57.30 -11.64 47.60
N ASN M 4 57.66 -10.89 46.57
CA ASN M 4 57.08 -9.65 46.25
C ASN M 4 55.59 -9.73 46.24
N THR M 5 54.86 -8.92 47.01
CA THR M 5 53.39 -9.05 47.09
C THR M 5 52.83 -8.91 45.67
N ASP M 6 53.52 -8.23 44.78
CA ASP M 6 53.05 -8.04 43.44
C ASP M 6 52.78 -9.32 42.71
N ASP M 7 53.41 -10.40 43.17
CA ASP M 7 53.11 -11.73 42.63
C ASP M 7 51.82 -12.44 43.04
N TYR M 8 51.28 -12.10 44.20
CA TYR M 8 50.07 -12.69 44.62
C TYR M 8 48.97 -11.74 44.89
N VAL M 9 49.18 -10.44 44.73
CA VAL M 9 48.17 -9.48 45.09
C VAL M 9 47.84 -8.66 43.86
N THR M 10 46.60 -8.78 43.33
CA THR M 10 46.27 -8.05 42.09
C THR M 10 45.71 -6.71 42.40
N ARG M 11 46.10 -5.70 41.67
CA ARG M 11 45.62 -4.32 41.93
C ARG M 11 44.44 -3.97 41.07
N THR M 12 43.45 -3.25 41.57
CA THR M 12 42.28 -2.95 40.76
C THR M 12 42.52 -1.55 40.38
N SER M 13 41.53 -0.86 39.89
CA SER M 13 41.62 0.54 39.45
C SER M 13 40.75 1.35 40.41
N ILE M 14 40.29 0.76 41.49
CA ILE M 14 39.46 1.45 42.45
C ILE M 14 40.32 2.11 43.47
N PHE M 15 40.13 3.38 43.62
CA PHE M 15 40.88 4.04 44.68
C PHE M 15 39.98 4.90 45.63
N TYR M 16 40.30 4.93 46.91
CA TYR M 16 39.48 5.64 47.82
C TYR M 16 40.40 6.59 48.55
N HIS M 17 39.83 7.64 49.05
CA HIS M 17 40.64 8.58 49.83
C HIS M 17 40.20 8.38 51.26
N ALA M 18 41.00 8.75 52.24
CA ALA M 18 40.58 8.59 53.58
C ALA M 18 41.36 9.57 54.41
N GLY M 19 40.84 10.02 55.53
CA GLY M 19 41.58 11.05 56.20
C GLY M 19 41.13 11.37 57.55
N SER M 20 42.08 11.56 58.45
CA SER M 20 41.70 11.78 59.84
C SER M 20 41.15 13.16 59.88
N SER M 21 40.38 13.47 60.85
CA SER M 21 39.84 14.84 60.90
C SER M 21 40.97 15.87 61.13
N ARG M 22 41.32 16.12 62.40
CA ARG M 22 42.38 16.99 62.72
C ARG M 22 42.76 16.56 64.10
N LEU M 23 43.77 15.72 64.21
CA LEU M 23 44.33 15.33 65.47
C LEU M 23 44.96 16.51 66.15
N LEU M 24 44.64 16.64 67.43
CA LEU M 24 45.24 17.72 68.18
C LEU M 24 45.60 17.33 69.59
N THR M 25 46.70 17.86 70.10
CA THR M 25 47.02 17.53 71.51
C THR M 25 47.82 18.55 72.26
N VAL M 26 47.49 18.84 73.52
CA VAL M 26 48.30 19.85 74.19
C VAL M 26 48.70 19.39 75.56
N GLY M 27 49.76 19.92 76.14
CA GLY M 27 50.09 19.48 77.44
C GLY M 27 51.39 20.11 77.87
N ASP M 28 52.02 19.55 78.92
CA ASP M 28 53.20 20.16 79.44
C ASP M 28 54.28 19.47 78.64
N PRO M 29 55.30 20.21 78.24
CA PRO M 29 56.37 19.72 77.43
C PRO M 29 57.47 18.91 78.08
N TYR M 30 57.60 19.08 79.39
CA TYR M 30 58.61 18.38 80.09
C TYR M 30 58.19 17.18 80.92
N PHE M 31 56.99 17.15 81.43
CA PHE M 31 56.58 15.97 82.16
C PHE M 31 55.07 16.06 82.41
N ARG M 32 54.35 14.96 82.73
CA ARG M 32 52.92 15.08 82.98
C ARG M 32 52.69 15.63 84.36
N VAL M 33 51.59 16.34 84.55
CA VAL M 33 51.29 16.97 85.79
C VAL M 33 50.14 16.13 86.38
N PRO M 34 50.38 15.44 87.51
CA PRO M 34 49.39 14.53 88.05
C PRO M 34 48.15 15.29 88.32
N ALA M 35 47.14 14.59 87.81
CA ALA M 35 45.71 14.90 87.95
C ALA M 35 45.22 15.69 89.19
N GLY M 36 44.20 16.54 88.88
CA GLY M 36 43.51 17.46 89.78
C GLY M 36 44.21 18.16 90.94
N GLY M 37 45.55 18.12 90.95
CA GLY M 37 46.24 18.80 92.03
C GLY M 37 45.63 20.23 92.18
N GLY M 38 45.85 21.08 91.15
CA GLY M 38 45.27 22.47 91.05
C GLY M 38 43.91 22.31 90.34
N ASN M 39 43.97 21.83 89.08
CA ASN M 39 42.75 21.70 88.28
C ASN M 39 42.56 20.38 87.52
N LYS M 40 41.50 19.67 88.00
CA LYS M 40 40.91 18.41 87.53
C LYS M 40 41.48 17.86 86.27
N GLN M 41 41.89 16.59 86.35
CA GLN M 41 42.41 15.86 85.18
C GLN M 41 43.93 16.09 84.81
N ASP M 42 44.63 14.98 84.66
CA ASP M 42 46.00 14.98 84.18
C ASP M 42 46.28 15.87 82.99
N ILE M 43 47.45 16.45 83.00
CA ILE M 43 47.91 17.22 81.92
C ILE M 43 49.03 16.44 81.30
N PRO M 44 48.85 15.88 80.15
CA PRO M 44 49.79 15.00 79.55
C PRO M 44 51.14 15.58 79.22
N LYS M 45 52.06 14.61 78.99
CA LYS M 45 53.40 15.00 78.49
C LYS M 45 53.36 15.12 77.01
N VAL M 46 53.24 16.32 76.54
CA VAL M 46 53.24 16.52 75.09
C VAL M 46 54.48 17.24 74.68
N SER M 47 55.40 16.57 74.00
CA SER M 47 56.59 17.24 73.57
C SER M 47 56.83 17.09 72.10
N ALA M 48 57.67 17.98 71.58
CA ALA M 48 57.88 17.78 70.18
C ALA M 48 59.00 16.78 69.96
N TYR M 49 59.64 16.43 71.07
CA TYR M 49 60.67 15.48 70.95
C TYR M 49 60.28 14.13 71.25
N GLN M 50 59.04 13.75 70.98
CA GLN M 50 58.63 12.35 71.11
C GLN M 50 57.97 11.75 69.91
N TYR M 51 58.10 10.43 69.67
CA TYR M 51 57.57 9.81 68.46
C TYR M 51 56.02 9.87 68.47
N ARG M 52 55.44 10.20 67.33
CA ARG M 52 53.98 10.21 67.26
C ARG M 52 53.73 8.91 66.48
N VAL M 53 53.08 7.92 67.09
CA VAL M 53 52.79 6.75 66.31
C VAL M 53 51.29 6.57 66.16
N PHE M 54 50.75 6.79 64.96
CA PHE M 54 49.36 6.65 64.69
C PHE M 54 49.09 5.28 64.18
N ARG M 55 48.25 4.57 64.92
CA ARG M 55 47.74 3.33 64.40
C ARG M 55 46.42 3.58 63.63
N VAL M 56 46.47 3.56 62.30
CA VAL M 56 45.29 3.87 61.53
C VAL M 56 44.48 2.57 61.30
N GLN M 57 43.22 2.51 61.71
CA GLN M 57 42.29 1.42 61.54
C GLN M 57 41.48 1.71 60.25
N LEU M 58 41.56 0.79 59.34
CA LEU M 58 40.88 0.85 58.06
C LEU M 58 39.73 -0.08 58.09
N PRO M 59 38.75 0.09 57.18
CA PRO M 59 37.60 -0.77 57.16
C PRO M 59 37.95 -2.05 56.51
N ASP M 60 37.37 -3.15 56.96
CA ASP M 60 37.63 -4.43 56.36
C ASP M 60 36.98 -4.44 54.97
N PRO M 61 37.75 -4.44 53.90
CA PRO M 61 37.28 -4.32 52.58
C PRO M 61 36.39 -5.51 52.17
N ASN M 62 36.39 -6.58 52.94
CA ASN M 62 35.49 -7.69 52.56
C ASN M 62 34.06 -7.44 53.07
N LYS M 63 33.94 -7.07 54.33
CA LYS M 63 32.67 -6.83 54.98
C LYS M 63 32.27 -5.41 54.66
N PHE M 64 32.74 -4.95 53.50
CA PHE M 64 32.50 -3.58 53.11
C PHE M 64 31.50 -3.57 52.00
N GLY M 65 30.84 -2.43 51.82
CA GLY M 65 30.02 -2.27 50.62
C GLY M 65 30.81 -1.63 49.48
N LEU M 66 30.89 -2.35 48.34
CA LEU M 66 31.67 -1.88 47.16
C LEU M 66 30.81 -1.18 46.16
N PRO M 67 31.43 -0.36 45.25
CA PRO M 67 30.68 0.44 44.22
C PRO M 67 30.00 -0.56 43.27
N ASP M 68 30.62 -1.74 43.31
CA ASP M 68 30.25 -2.87 42.51
C ASP M 68 30.91 -4.14 43.16
N THR M 69 30.12 -4.99 43.88
CA THR M 69 30.65 -6.24 44.52
C THR M 69 30.72 -7.40 43.45
N SER M 70 31.39 -7.07 42.33
CA SER M 70 31.55 -7.96 41.18
C SER M 70 32.96 -7.55 40.59
N ILE M 71 33.82 -7.17 41.55
CA ILE M 71 35.22 -6.86 41.28
C ILE M 71 36.04 -8.16 41.50
N TYR M 72 35.53 -9.02 42.40
CA TYR M 72 36.16 -10.31 42.71
C TYR M 72 35.13 -11.33 42.97
N ASN M 73 35.49 -12.59 43.12
CA ASN M 73 34.48 -13.56 43.52
C ASN M 73 34.67 -14.15 44.96
N PRO M 74 33.85 -13.68 45.88
CA PRO M 74 33.99 -13.99 47.28
C PRO M 74 34.21 -15.46 47.63
N GLU M 75 34.29 -16.28 46.59
CA GLU M 75 34.39 -17.70 46.78
C GLU M 75 35.82 -18.13 46.60
N THR M 76 36.50 -17.47 45.66
CA THR M 76 37.88 -17.78 45.43
C THR M 76 38.84 -16.66 45.80
N GLN M 77 38.34 -15.45 46.04
CA GLN M 77 39.30 -14.36 46.42
C GLN M 77 39.00 -13.47 47.63
N ARG M 78 39.97 -12.65 48.00
CA ARG M 78 39.67 -11.80 49.13
C ARG M 78 40.22 -10.44 48.82
N LEU M 79 39.94 -9.47 49.73
CA LEU M 79 40.30 -8.09 49.51
C LEU M 79 41.26 -7.51 50.52
N VAL M 80 42.18 -6.78 49.97
CA VAL M 80 43.11 -6.06 50.79
C VAL M 80 43.31 -4.64 50.35
N TRP M 81 43.61 -3.79 51.33
CA TRP M 81 43.83 -2.41 51.04
C TRP M 81 45.34 -2.13 50.84
N ALA M 82 45.73 -1.58 49.72
CA ALA M 82 47.11 -1.25 49.50
C ALA M 82 47.22 0.23 49.54
N CYS M 83 48.32 0.76 50.13
CA CYS M 83 48.47 2.17 50.37
C CYS M 83 49.11 2.81 49.13
N ALA M 84 48.71 4.02 48.68
CA ALA M 84 49.18 4.57 47.38
C ALA M 84 49.58 6.02 47.42
N GLY M 85 49.22 6.70 48.48
CA GLY M 85 49.71 8.00 48.64
C GLY M 85 49.43 8.36 50.10
N VAL M 86 50.25 9.29 50.63
CA VAL M 86 50.19 9.77 51.98
C VAL M 86 50.51 11.21 52.01
N GLU M 87 49.94 11.88 52.99
CA GLU M 87 50.32 13.28 53.25
C GLU M 87 50.09 13.58 54.73
N ILE M 88 51.17 13.68 55.48
CA ILE M 88 51.06 13.98 56.82
C ILE M 88 50.98 15.47 56.96
N GLY M 89 49.83 15.94 57.41
CA GLY M 89 49.71 17.33 57.56
C GLY M 89 50.13 17.94 58.86
N ARG M 90 50.72 19.14 58.79
CA ARG M 90 51.17 19.65 60.06
C ARG M 90 50.62 21.01 60.40
N GLY M 91 50.18 21.20 61.63
CA GLY M 91 49.57 22.36 62.08
C GLY M 91 50.30 23.59 62.50
N GLN M 92 50.90 23.65 63.67
CA GLN M 92 51.24 25.05 64.04
C GLN M 92 52.33 25.66 63.21
N PRO M 93 52.70 26.91 63.44
CA PRO M 93 53.85 27.56 62.72
C PRO M 93 55.22 26.97 63.06
N LEU M 94 56.28 27.23 62.28
CA LEU M 94 57.62 26.66 62.55
C LEU M 94 58.07 27.43 63.71
N GLY M 95 58.86 26.76 64.51
CA GLY M 95 59.37 27.41 65.72
C GLY M 95 60.41 26.62 66.50
N VAL M 96 61.09 27.32 67.44
CA VAL M 96 62.12 26.64 68.31
C VAL M 96 61.75 26.66 69.76
N GLY M 97 62.22 25.66 70.48
CA GLY M 97 62.04 25.74 71.88
C GLY M 97 63.05 24.98 72.78
N LEU M 98 63.23 25.46 74.02
CA LEU M 98 64.25 24.98 74.87
C LEU M 98 63.80 23.90 75.81
N SER M 99 64.73 23.09 76.23
CA SER M 99 64.48 22.11 77.31
C SER M 99 65.62 22.33 78.29
N GLY M 100 65.38 22.10 79.57
CA GLY M 100 66.41 22.40 80.53
C GLY M 100 66.28 21.49 81.72
N HIS M 101 67.18 21.73 82.66
CA HIS M 101 67.22 21.09 83.91
C HIS M 101 67.59 22.10 84.97
N PRO M 102 66.84 22.14 86.08
CA PRO M 102 67.13 23.06 87.19
C PRO M 102 68.48 22.74 87.68
N PHE M 103 68.94 21.44 87.73
CA PHE M 103 70.33 21.14 88.22
C PHE M 103 71.19 20.37 87.25
N TYR M 104 71.33 20.87 86.01
CA TYR M 104 72.22 20.26 84.94
C TYR M 104 73.59 20.01 85.52
N ASN M 105 74.09 18.83 85.32
CA ASN M 105 75.48 18.56 85.79
C ASN M 105 76.59 19.14 84.84
N LYS M 106 76.94 20.40 85.03
CA LYS M 106 77.80 21.12 84.18
C LYS M 106 78.85 21.63 85.09
N LEU M 107 80.04 21.07 84.93
CA LEU M 107 81.23 21.43 85.74
C LEU M 107 81.63 22.84 85.46
N ASP M 108 82.37 23.00 84.35
CA ASP M 108 82.63 24.36 83.82
C ASP M 108 82.87 24.40 82.29
N ASP M 109 82.91 25.59 81.73
CA ASP M 109 83.00 25.74 80.30
C ASP M 109 84.37 25.35 79.85
N THR M 110 84.55 24.29 79.03
CA THR M 110 85.86 23.83 78.60
C THR M 110 86.04 24.18 77.21
N GLU M 111 85.29 25.12 76.72
CA GLU M 111 85.46 25.53 75.36
C GLU M 111 86.45 26.61 75.20
N SER M 112 86.52 27.50 76.18
CA SER M 112 87.55 28.55 76.23
C SER M 112 87.52 29.31 77.51
N SER M 113 87.45 28.57 78.62
CA SER M 113 87.48 29.20 79.97
C SER M 113 88.53 30.30 79.94
N HIS M 114 88.10 31.49 80.38
CA HIS M 114 89.08 32.59 80.57
C HIS M 114 90.47 32.02 81.17
N ALA M 115 90.37 31.16 82.22
CA ALA M 115 91.58 30.53 82.78
C ALA M 115 91.15 29.21 83.39
N ALA M 116 91.69 28.94 84.60
CA ALA M 116 91.34 27.74 85.44
C ALA M 116 89.83 27.78 85.77
N THR M 117 89.38 26.84 86.58
CA THR M 117 87.97 26.86 86.93
C THR M 117 87.77 26.67 88.43
N SER M 118 86.50 26.80 88.82
CA SER M 118 86.05 26.50 90.19
C SER M 118 86.62 25.16 90.80
N ASN M 119 86.41 25.00 92.11
CA ASN M 119 86.79 23.76 92.79
C ASN M 119 85.72 22.55 92.61
N VAL M 120 86.25 21.30 92.40
CA VAL M 120 85.43 20.07 92.34
C VAL M 120 85.03 19.61 93.78
N SER M 121 84.76 20.62 94.67
CA SER M 121 84.17 20.41 96.05
C SER M 121 82.83 19.55 96.08
N GLU M 122 81.76 20.18 95.57
CA GLU M 122 80.43 19.60 95.68
C GLU M 122 79.40 20.63 95.21
N ASP M 123 78.34 20.06 94.62
CA ASP M 123 77.17 20.83 94.14
C ASP M 123 77.46 22.13 93.51
N VAL M 124 77.69 22.03 92.20
CA VAL M 124 78.01 23.15 91.31
C VAL M 124 77.04 23.07 90.08
N ARG M 125 75.94 22.33 90.21
CA ARG M 125 75.00 22.19 89.14
C ARG M 125 74.29 23.51 88.99
N ASP M 126 74.14 23.92 87.74
CA ASP M 126 73.49 25.18 87.28
C ASP M 126 72.23 24.92 86.50
N ASN M 127 71.41 25.94 86.35
CA ASN M 127 70.17 25.77 85.66
C ASN M 127 70.46 26.03 84.21
N VAL M 128 70.36 25.06 83.32
CA VAL M 128 70.59 25.32 81.92
C VAL M 128 69.58 24.73 81.07
N SER M 129 69.47 25.26 79.87
CA SER M 129 68.46 24.81 78.96
C SER M 129 69.23 24.58 77.63
N VAL M 130 68.54 24.17 76.59
CA VAL M 130 69.20 23.78 75.37
C VAL M 130 68.17 23.43 74.28
N ASP M 131 68.35 23.91 73.06
CA ASP M 131 67.43 23.53 71.99
C ASP M 131 67.96 22.23 71.41
N TYR M 132 67.15 21.19 71.36
CA TYR M 132 67.73 19.95 70.94
C TYR M 132 68.11 19.89 69.45
N LYS M 133 68.65 18.77 69.08
CA LYS M 133 68.92 18.43 67.69
C LYS M 133 67.62 18.43 66.93
N GLN M 134 67.70 18.84 65.69
CA GLN M 134 66.49 18.93 64.87
C GLN M 134 66.41 17.70 64.04
N THR M 135 65.25 17.09 64.08
CA THR M 135 64.96 15.82 63.42
C THR M 135 63.59 15.74 62.73
N GLN M 136 63.44 15.08 61.59
CA GLN M 136 62.14 14.87 61.03
C GLN M 136 62.21 13.56 60.45
N LEU M 137 61.24 12.75 60.77
CA LEU M 137 61.25 11.41 60.14
C LEU M 137 59.87 10.88 60.07
N CYS M 138 59.65 9.93 59.16
CA CYS M 138 58.32 9.44 58.96
C CYS M 138 58.38 8.06 58.41
N ILE M 139 57.65 7.17 59.00
CA ILE M 139 57.70 5.82 58.48
C ILE M 139 56.29 5.16 58.29
N LEU M 140 56.04 4.50 57.16
CA LEU M 140 54.80 3.79 57.09
C LEU M 140 54.98 2.34 56.98
N GLY M 141 54.08 1.59 57.56
CA GLY M 141 54.13 0.14 57.42
C GLY M 141 52.89 -0.48 58.02
N CYS M 142 52.76 -1.81 57.93
CA CYS M 142 51.53 -2.38 58.44
C CYS M 142 51.84 -3.12 59.66
N ALA M 143 52.92 -2.75 60.31
CA ALA M 143 53.40 -3.36 61.57
C ALA M 143 54.18 -2.17 62.23
N PRO M 144 54.16 -2.07 63.55
CA PRO M 144 54.82 -0.91 64.12
C PRO M 144 56.31 -0.89 63.86
N ALA M 145 56.92 0.29 63.88
CA ALA M 145 58.40 0.33 63.53
C ALA M 145 59.34 -0.08 64.63
N ILE M 146 60.60 -0.42 64.31
CA ILE M 146 61.46 -0.79 65.40
C ILE M 146 62.48 0.29 65.76
N GLY M 147 62.67 0.49 67.02
CA GLY M 147 63.72 1.41 67.43
C GLY M 147 64.86 0.68 68.19
N GLU M 148 65.94 1.39 68.43
CA GLU M 148 67.06 0.81 69.04
C GLU M 148 67.54 1.87 70.06
N HIS M 149 68.03 1.36 71.20
CA HIS M 149 68.74 2.19 72.16
C HIS M 149 69.64 1.37 73.04
N TRP M 150 70.46 2.05 73.88
CA TRP M 150 71.49 1.39 74.70
C TRP M 150 71.04 1.30 76.11
N ALA M 151 71.17 0.11 76.66
CA ALA M 151 70.66 -0.10 77.97
C ALA M 151 71.64 -0.75 78.86
N LYS M 152 71.33 -0.76 80.15
CA LYS M 152 72.24 -1.36 81.10
C LYS M 152 72.18 -2.88 81.00
N GLY M 153 73.33 -3.43 80.56
CA GLY M 153 73.57 -4.86 80.37
C GLY M 153 73.17 -5.64 81.56
N THR M 154 72.76 -6.84 81.20
CA THR M 154 72.40 -7.84 82.17
C THR M 154 73.69 -8.33 82.86
N ALA M 155 73.64 -7.93 84.16
CA ALA M 155 74.57 -8.24 85.26
C ALA M 155 74.96 -9.77 85.10
N SER M 156 76.27 -10.11 84.97
CA SER M 156 76.48 -11.58 85.05
C SER M 156 76.47 -12.17 86.51
N LYS M 157 75.93 -13.40 86.64
CA LYS M 157 76.04 -14.13 87.90
C LYS M 157 77.54 -14.59 88.18
N SER M 158 78.22 -15.02 87.12
CA SER M 158 79.64 -15.47 87.22
C SER M 158 80.57 -14.36 87.76
N ARG M 159 80.39 -13.18 87.20
CA ARG M 159 81.27 -12.07 87.53
C ARG M 159 80.38 -10.90 88.02
N PRO M 160 79.96 -10.85 89.35
CA PRO M 160 79.07 -9.70 89.84
C PRO M 160 79.70 -8.25 89.62
N LEU M 161 78.87 -7.25 89.80
CA LEU M 161 79.40 -5.96 89.50
C LEU M 161 79.35 -5.07 90.75
N SER M 162 80.52 -4.78 91.29
CA SER M 162 80.63 -3.93 92.49
C SER M 162 80.09 -2.54 92.24
N GLN M 163 79.35 -1.99 93.19
CA GLN M 163 78.62 -0.74 93.01
C GLN M 163 79.58 0.33 92.71
N GLY M 164 79.32 1.20 91.73
CA GLY M 164 80.28 2.27 91.36
C GLY M 164 80.93 2.05 90.00
N ASP M 165 81.19 0.82 89.63
CA ASP M 165 81.83 0.49 88.37
C ASP M 165 80.90 0.75 87.21
N CYS M 166 81.48 0.91 86.04
CA CYS M 166 80.61 1.06 84.88
C CYS M 166 80.08 -0.26 84.36
N PRO M 167 78.76 -0.31 84.15
CA PRO M 167 78.06 -1.44 83.59
C PRO M 167 78.38 -1.60 82.17
N PRO M 168 78.06 -2.77 81.60
CA PRO M 168 78.24 -2.99 80.14
C PRO M 168 76.99 -2.56 79.39
N LEU M 169 77.16 -1.85 78.25
CA LEU M 169 75.98 -1.33 77.54
C LEU M 169 75.45 -2.46 76.67
N GLU M 170 74.11 -2.50 76.42
CA GLU M 170 73.55 -3.51 75.50
C GLU M 170 72.64 -2.86 74.52
N LEU M 171 72.74 -3.27 73.28
CA LEU M 171 71.83 -2.70 72.35
C LEU M 171 70.53 -3.47 72.41
N LYS M 172 69.44 -2.75 72.63
CA LYS M 172 68.11 -3.31 72.73
C LYS M 172 67.13 -2.81 71.67
N ASN M 173 66.48 -3.79 71.00
CA ASN M 173 65.42 -3.50 70.03
C ASN M 173 64.06 -3.41 70.72
N THR M 174 63.21 -2.51 70.27
CA THR M 174 61.94 -2.31 70.96
C THR M 174 60.93 -1.71 69.98
N VAL M 175 59.66 -1.90 70.21
CA VAL M 175 58.69 -1.24 69.35
C VAL M 175 58.55 0.20 69.70
N LEU M 176 58.63 1.01 68.68
CA LEU M 176 58.38 2.40 68.84
C LEU M 176 56.91 2.75 69.03
N GLU M 177 56.58 3.24 70.21
CA GLU M 177 55.25 3.58 70.55
C GLU M 177 55.00 5.09 70.68
N ASP M 178 53.75 5.51 70.64
CA ASP M 178 53.45 6.92 70.64
C ASP M 178 53.89 7.45 71.94
N GLY M 179 54.54 8.61 71.97
CA GLY M 179 55.18 9.05 73.24
C GLY M 179 56.65 8.74 73.62
N ASP M 180 57.28 7.76 72.95
CA ASP M 180 58.70 7.60 73.15
C ASP M 180 59.52 8.90 72.74
N MET M 181 60.66 9.18 73.39
CA MET M 181 61.46 10.24 73.00
C MET M 181 62.49 9.82 71.98
N VAL M 182 62.86 10.81 71.18
CA VAL M 182 63.82 10.59 70.12
C VAL M 182 65.17 10.99 70.56
N ASP M 183 66.22 10.57 69.83
CA ASP M 183 67.54 11.13 70.14
C ASP M 183 67.46 12.65 70.14
N THR M 184 67.70 13.31 71.25
CA THR M 184 67.82 14.74 71.12
C THR M 184 69.17 15.38 70.97
N GLY M 185 70.15 14.53 70.96
CA GLY M 185 71.46 14.92 70.74
C GLY M 185 72.37 14.46 71.81
N TYR M 186 71.81 13.74 72.79
CA TYR M 186 72.66 13.17 73.85
C TYR M 186 72.74 11.68 73.71
N GLY M 187 72.26 11.15 72.58
CA GLY M 187 72.41 9.73 72.25
C GLY M 187 71.17 8.95 72.47
N ALA M 188 71.05 7.80 71.79
CA ALA M 188 69.87 6.95 72.03
C ALA M 188 70.11 5.97 73.15
N MET M 189 69.74 6.32 74.36
CA MET M 189 70.03 5.40 75.50
C MET M 189 69.01 5.49 76.58
N ASP M 190 69.20 4.67 77.62
CA ASP M 190 68.21 4.71 78.69
C ASP M 190 68.69 5.54 79.83
N PHE M 191 68.45 6.82 79.77
CA PHE M 191 68.99 7.70 80.82
C PHE M 191 68.57 7.44 82.27
N SER M 192 67.48 6.71 82.43
CA SER M 192 66.89 6.50 83.73
C SER M 192 67.73 5.43 84.39
N THR M 193 68.26 4.49 83.59
CA THR M 193 69.06 3.43 84.17
C THR M 193 70.58 3.54 84.03
N LEU M 194 71.04 4.49 83.22
CA LEU M 194 72.46 4.70 83.04
C LEU M 194 73.04 5.99 83.66
N GLN M 195 72.22 6.78 84.30
CA GLN M 195 72.75 8.00 84.80
C GLN M 195 72.04 8.19 86.07
N ASP M 196 72.66 7.68 87.14
CA ASP M 196 72.15 7.79 88.50
C ASP M 196 71.87 9.17 89.00
N THR M 197 72.64 10.13 88.56
CA THR M 197 72.42 11.53 88.90
C THR M 197 71.00 12.08 88.65
N LYS M 198 70.45 11.92 87.45
CA LYS M 198 69.14 12.49 87.09
C LYS M 198 69.39 13.95 86.87
N CYS M 199 70.62 14.26 86.53
CA CYS M 199 70.94 15.64 86.21
C CYS M 199 72.01 15.80 85.16
N GLU M 200 72.18 14.73 84.35
CA GLU M 200 73.02 14.85 83.17
C GLU M 200 72.45 15.40 81.85
N VAL M 201 71.13 15.52 81.77
CA VAL M 201 70.40 15.91 80.52
C VAL M 201 69.09 16.59 80.88
N PRO M 202 68.48 17.32 79.97
CA PRO M 202 67.32 18.15 80.34
C PRO M 202 66.17 17.29 80.88
N LEU M 203 65.30 17.92 81.70
CA LEU M 203 64.21 17.29 82.34
C LEU M 203 63.36 16.44 81.53
N ASP M 204 63.07 16.72 80.26
CA ASP M 204 62.23 15.81 79.49
C ASP M 204 62.79 14.51 79.00
N ILE M 205 64.09 14.27 79.19
CA ILE M 205 64.61 12.94 78.79
C ILE M 205 65.40 12.34 79.86
N CYS M 206 65.58 13.18 80.86
CA CYS M 206 66.31 12.90 82.05
C CYS M 206 65.94 11.59 82.69
N GLN M 207 64.66 11.27 82.73
CA GLN M 207 64.31 10.00 83.26
C GLN M 207 63.63 9.18 82.19
N SER M 208 64.08 9.24 80.92
CA SER M 208 63.41 8.48 79.86
C SER M 208 64.36 7.80 78.99
N ILE M 209 63.79 7.11 78.05
CA ILE M 209 64.62 6.38 77.08
C ILE M 209 64.54 7.09 75.74
N CYS M 210 65.69 7.32 75.14
CA CYS M 210 65.56 7.94 73.87
C CYS M 210 65.89 6.83 72.84
N LYS M 211 65.04 6.63 71.83
CA LYS M 211 65.27 5.58 70.87
C LYS M 211 65.56 6.18 69.52
N TYR M 212 66.07 5.39 68.59
CA TYR M 212 66.29 5.93 67.22
C TYR M 212 65.91 4.84 66.33
N PRO M 213 65.20 5.06 65.27
CA PRO M 213 64.67 3.99 64.42
C PRO M 213 65.78 3.14 64.05
N ASP M 214 65.54 1.84 64.07
CA ASP M 214 66.56 0.88 63.68
C ASP M 214 66.44 0.63 62.21
N TYR M 215 66.83 1.60 61.40
CA TYR M 215 66.66 1.47 60.01
C TYR M 215 67.32 0.29 59.45
N LEU M 216 68.42 -0.07 60.02
CA LEU M 216 69.19 -1.21 59.53
C LEU M 216 68.40 -2.49 59.60
N GLN M 217 67.85 -2.68 60.78
CA GLN M 217 67.12 -3.86 61.07
C GLN M 217 65.81 -3.98 60.35
N MET M 218 65.20 -2.88 60.05
CA MET M 218 63.98 -2.98 59.40
C MET M 218 64.21 -3.16 57.91
N SER M 219 65.37 -2.86 57.33
CA SER M 219 65.46 -3.02 55.88
C SER M 219 65.72 -4.43 55.64
N ALA M 220 66.24 -4.97 56.72
CA ALA M 220 66.72 -6.31 56.65
C ALA M 220 65.62 -7.33 56.91
N ASP M 221 64.66 -7.04 57.83
CA ASP M 221 63.35 -7.81 57.87
C ASP M 221 62.99 -8.45 56.51
N PRO M 222 62.72 -9.72 56.48
CA PRO M 222 62.48 -10.48 55.26
C PRO M 222 61.13 -10.19 54.63
N TYR M 223 60.12 -9.92 55.47
CA TYR M 223 58.83 -9.66 54.88
C TYR M 223 58.60 -8.26 54.35
N GLY M 224 59.07 -7.34 55.15
CA GLY M 224 59.04 -5.92 54.88
C GLY M 224 57.84 -5.21 55.45
N ASP M 225 57.27 -5.66 56.55
CA ASP M 225 56.03 -5.08 56.90
C ASP M 225 56.25 -3.94 57.85
N SER M 226 57.53 -3.80 58.24
CA SER M 226 57.85 -2.85 59.29
C SER M 226 57.97 -1.51 58.67
N MET M 227 58.56 -1.46 57.47
CA MET M 227 58.51 -0.19 56.79
C MET M 227 58.51 -0.26 55.31
N PHE M 228 57.49 0.23 54.64
CA PHE M 228 57.58 0.32 53.22
C PHE M 228 57.64 1.75 52.74
N PHE M 229 58.17 2.62 53.55
CA PHE M 229 58.25 4.04 53.23
C PHE M 229 59.04 4.69 54.34
N CYS M 230 60.03 5.48 54.00
CA CYS M 230 60.88 6.00 55.08
C CYS M 230 61.42 7.36 54.70
N LEU M 231 61.39 8.33 55.59
CA LEU M 231 61.86 9.65 55.24
C LEU M 231 62.56 10.27 56.39
N ARG M 232 63.86 10.45 56.30
CA ARG M 232 64.46 11.11 57.40
C ARG M 232 65.20 12.37 57.02
N ARG M 233 65.41 13.19 58.01
CA ARG M 233 66.19 14.37 57.83
C ARG M 233 66.58 14.92 59.15
N GLU M 234 67.80 14.70 59.59
CA GLU M 234 68.20 15.25 60.85
C GLU M 234 69.38 16.15 60.65
N GLN M 235 69.68 16.99 61.64
CA GLN M 235 70.90 17.83 61.62
C GLN M 235 71.15 18.52 62.97
N LEU M 236 72.40 18.89 63.28
CA LEU M 236 72.66 19.56 64.59
C LEU M 236 74.10 19.97 64.67
N PHE M 237 74.50 20.54 65.80
CA PHE M 237 75.87 20.98 65.92
C PHE M 237 76.14 21.29 67.40
N ALA M 238 77.45 21.35 67.82
CA ALA M 238 77.85 21.61 69.26
C ALA M 238 77.82 23.07 69.67
N ARG M 239 76.79 23.47 70.36
CA ARG M 239 76.74 24.86 70.81
C ARG M 239 77.76 25.21 71.87
N HIS M 240 77.67 24.63 73.07
CA HIS M 240 78.67 24.81 74.12
C HIS M 240 79.39 23.60 74.58
N PHE M 241 80.64 23.75 75.09
CA PHE M 241 81.40 22.52 75.53
C PHE M 241 81.50 22.28 77.04
N TRP M 242 81.17 21.15 77.63
CA TRP M 242 81.24 21.19 79.05
C TRP M 242 81.93 19.97 79.72
N ASN M 243 82.33 20.19 80.98
CA ASN M 243 82.79 19.20 81.87
C ASN M 243 81.77 18.51 82.63
N ARG M 244 82.00 17.33 83.07
CA ARG M 244 81.00 16.75 83.94
C ARG M 244 81.60 16.60 85.37
N ALA M 245 80.81 16.90 86.39
CA ALA M 245 81.26 16.79 87.74
C ALA M 245 81.08 15.38 88.28
N GLY M 246 81.98 15.04 89.20
CA GLY M 246 82.04 13.75 89.86
C GLY M 246 83.48 13.25 89.71
N THR M 247 83.72 12.03 90.22
CA THR M 247 85.03 11.37 90.11
C THR M 247 85.13 10.52 88.86
N MET M 248 86.25 10.65 88.16
CA MET M 248 86.45 9.87 86.96
C MET M 248 86.45 8.40 87.16
N GLY M 249 85.65 7.69 86.43
CA GLY M 249 85.61 6.26 86.59
C GLY M 249 86.85 5.56 86.03
N ASP M 250 87.11 5.83 84.73
CA ASP M 250 88.31 5.32 84.07
C ASP M 250 89.41 6.36 84.33
N THR M 251 90.52 5.95 84.97
CA THR M 251 91.63 6.89 85.35
C THR M 251 92.51 7.26 84.18
N VAL M 252 92.77 8.52 84.04
CA VAL M 252 93.46 8.92 82.83
C VAL M 252 94.89 8.44 82.80
N PRO M 253 95.30 7.70 81.81
CA PRO M 253 96.65 7.17 81.72
C PRO M 253 97.77 8.16 81.94
N GLN M 254 98.85 7.76 82.62
CA GLN M 254 99.94 8.70 83.01
C GLN M 254 100.76 9.03 81.77
N SER M 255 100.66 8.16 80.74
CA SER M 255 101.52 8.32 79.58
C SER M 255 100.94 9.30 78.68
N LEU M 256 99.79 9.88 79.06
CA LEU M 256 99.09 10.92 78.28
C LEU M 256 99.31 12.38 78.70
N TYR M 257 100.03 12.59 79.76
CA TYR M 257 100.34 13.94 80.12
C TYR M 257 101.58 14.05 81.00
N ILE M 258 101.87 15.26 81.48
CA ILE M 258 103.00 15.53 82.36
C ILE M 258 102.43 16.17 83.59
N LYS M 259 102.80 15.65 84.74
CA LYS M 259 102.21 16.12 85.96
C LYS M 259 102.59 17.53 86.15
N GLY M 260 101.79 18.30 86.87
CA GLY M 260 102.07 19.71 87.15
C GLY M 260 102.22 19.80 88.69
N THR M 261 101.94 20.95 89.28
CA THR M 261 102.02 20.98 90.75
C THR M 261 100.77 21.60 91.29
N GLY M 262 100.40 21.29 92.51
CA GLY M 262 99.18 21.92 92.98
C GLY M 262 97.98 21.26 92.35
N MET M 263 97.06 22.11 91.88
CA MET M 263 95.78 21.61 91.35
C MET M 263 96.08 21.03 89.98
N ARG M 264 97.18 21.57 89.39
CA ARG M 264 97.68 20.95 88.20
C ARG M 264 98.47 19.65 88.38
N ALA M 265 98.51 19.06 89.58
CA ALA M 265 99.31 17.88 89.72
C ALA M 265 98.54 16.66 89.35
N SER M 266 97.20 16.73 89.46
CA SER M 266 96.25 15.63 89.07
C SER M 266 95.22 16.18 88.01
N PRO M 267 94.93 15.42 86.92
CA PRO M 267 93.94 15.79 85.92
C PRO M 267 92.56 15.94 86.45
N GLY M 268 91.81 16.86 85.87
CA GLY M 268 90.47 17.21 86.37
C GLY M 268 89.44 16.32 85.67
N SER M 269 88.20 16.76 85.49
CA SER M 269 87.21 15.95 84.75
C SER M 269 87.61 15.88 83.27
N CYS M 270 87.54 14.68 82.68
CA CYS M 270 87.83 14.47 81.30
C CYS M 270 86.77 13.76 80.67
N VAL M 271 85.57 14.01 81.17
CA VAL M 271 84.36 13.49 80.56
C VAL M 271 83.69 14.67 79.95
N TYR M 272 83.72 14.75 78.62
CA TYR M 272 83.12 15.93 78.14
C TYR M 272 81.84 15.65 77.34
N SER M 273 80.92 16.62 77.24
CA SER M 273 79.75 16.47 76.43
C SER M 273 79.23 17.87 76.13
N PRO M 274 78.93 18.12 74.83
CA PRO M 274 78.50 19.40 74.40
C PRO M 274 77.01 19.45 74.34
N SER M 275 76.47 20.65 74.56
CA SER M 275 75.05 20.93 74.43
C SER M 275 74.75 20.91 72.93
N PRO M 276 73.77 20.09 72.52
CA PRO M 276 73.39 20.10 71.09
C PRO M 276 72.56 21.29 70.70
N SER M 277 72.27 21.41 69.42
CA SER M 277 71.46 22.55 68.86
C SER M 277 71.30 22.29 67.40
N GLY M 278 70.07 22.18 66.89
CA GLY M 278 69.93 22.16 65.43
C GLY M 278 69.89 23.64 65.10
N SER M 279 70.23 23.98 63.89
CA SER M 279 70.62 25.38 63.71
C SER M 279 69.33 26.07 63.17
N ILE M 280 69.33 26.72 62.03
CA ILE M 280 68.17 27.34 61.59
C ILE M 280 67.15 26.30 61.16
N VAL M 281 65.89 26.57 61.41
CA VAL M 281 64.79 25.67 61.02
C VAL M 281 64.14 26.54 60.03
N THR M 282 64.01 26.02 58.84
CA THR M 282 63.43 26.69 57.72
C THR M 282 62.41 25.86 56.91
N SER M 283 61.52 26.54 56.21
CA SER M 283 60.52 25.88 55.42
C SER M 283 61.10 25.21 54.20
N ASP M 284 62.33 25.57 53.87
CA ASP M 284 62.92 24.98 52.63
C ASP M 284 63.18 23.52 52.81
N SER M 285 63.51 23.11 54.00
CA SER M 285 63.87 21.69 54.22
C SER M 285 62.71 20.96 54.96
N GLN M 286 61.47 21.43 54.79
CA GLN M 286 60.38 20.81 55.49
C GLN M 286 60.10 19.56 54.79
N LEU M 287 59.68 18.62 55.58
CA LEU M 287 59.56 17.20 55.05
C LEU M 287 58.15 16.83 54.81
N PHE M 288 57.29 17.31 55.73
CA PHE M 288 55.86 17.23 55.65
C PHE M 288 54.97 18.27 54.94
N ASN M 289 53.69 18.05 55.00
CA ASN M 289 52.76 18.90 54.27
C ASN M 289 53.01 18.79 52.80
N LYS M 290 53.57 17.69 52.34
CA LYS M 290 53.76 17.48 50.91
C LYS M 290 53.21 16.09 50.66
N PRO M 291 52.58 15.86 49.50
CA PRO M 291 52.11 14.53 49.29
C PRO M 291 53.20 13.64 48.80
N TYR M 292 53.35 12.40 49.25
CA TYR M 292 54.31 11.54 48.59
C TYR M 292 53.62 10.29 48.24
N TRP M 293 53.83 9.79 47.00
CA TRP M 293 53.13 8.62 46.46
C TRP M 293 54.03 7.44 46.49
N LEU M 294 53.67 6.36 47.17
CA LEU M 294 54.55 5.18 47.11
C LEU M 294 54.17 4.30 45.96
N HIS M 295 55.14 4.11 45.03
CA HIS M 295 54.82 3.49 43.73
C HIS M 295 55.37 2.03 43.80
N LYS M 296 56.51 1.82 44.48
CA LYS M 296 57.12 0.49 44.67
C LYS M 296 57.99 0.58 45.84
N ALA M 297 57.59 -0.15 46.85
CA ALA M 297 58.25 -0.16 48.14
C ALA M 297 59.57 -0.75 48.08
N GLN M 298 60.25 -0.68 49.20
CA GLN M 298 61.61 -1.03 49.17
C GLN M 298 61.73 -2.54 49.48
N GLY M 299 60.83 -3.03 50.37
CA GLY M 299 60.85 -4.41 50.82
C GLY M 299 59.96 -5.22 49.91
N HIS M 300 59.49 -6.34 50.41
CA HIS M 300 58.62 -7.27 49.64
C HIS M 300 57.14 -6.90 49.72
N ASN M 301 56.69 -6.38 50.87
CA ASN M 301 55.35 -5.81 50.96
C ASN M 301 55.35 -4.46 50.38
N ASN M 302 54.54 -4.34 49.35
CA ASN M 302 54.43 -3.18 48.61
C ASN M 302 53.22 -2.35 48.97
N GLY M 303 53.37 -1.79 50.14
CA GLY M 303 52.30 -1.09 50.79
C GLY M 303 50.97 -1.81 51.02
N VAL M 304 50.95 -3.15 51.10
CA VAL M 304 49.78 -3.88 51.55
C VAL M 304 49.40 -3.80 53.00
N CYS M 305 48.21 -3.36 53.28
CA CYS M 305 47.87 -3.22 54.65
C CYS M 305 47.08 -4.36 55.24
N TRP M 306 47.80 -5.40 55.68
CA TRP M 306 47.22 -6.64 56.10
C TRP M 306 46.57 -6.34 57.40
N HIS M 307 45.34 -6.83 57.47
CA HIS M 307 44.52 -6.67 58.70
C HIS M 307 43.85 -5.33 58.70
N ASN M 308 43.99 -4.66 57.60
CA ASN M 308 43.40 -3.36 57.39
C ASN M 308 43.87 -2.40 58.51
N GLN M 309 45.16 -2.42 58.76
CA GLN M 309 45.84 -1.59 59.72
C GLN M 309 46.87 -0.93 58.93
N LEU M 310 47.38 0.10 59.54
CA LEU M 310 48.49 0.79 59.04
C LEU M 310 49.08 1.69 60.09
N PHE M 311 50.41 1.75 60.11
CA PHE M 311 51.02 2.46 61.21
C PHE M 311 51.85 3.59 60.69
N VAL M 312 51.63 4.71 61.33
CA VAL M 312 52.33 5.85 60.88
C VAL M 312 53.27 6.32 61.96
N THR M 313 54.57 6.18 61.76
CA THR M 313 55.55 6.81 62.73
C THR M 313 56.09 8.18 62.33
N VAL M 314 55.96 9.16 63.22
CA VAL M 314 56.40 10.51 62.81
C VAL M 314 57.18 11.29 63.85
N VAL M 315 58.28 11.98 63.45
CA VAL M 315 58.96 12.77 64.41
C VAL M 315 59.11 14.06 63.72
N ASP M 316 58.83 15.10 64.47
CA ASP M 316 58.92 16.42 63.82
C ASP M 316 59.28 17.58 64.75
N THR M 317 60.59 17.91 64.80
CA THR M 317 61.01 18.93 65.75
C THR M 317 60.99 20.34 65.18
N THR M 318 60.50 20.44 63.96
CA THR M 318 60.59 21.71 63.37
C THR M 318 59.57 22.69 63.93
N ARG M 319 58.60 22.19 64.67
CA ARG M 319 57.63 23.09 65.28
C ARG M 319 57.59 22.80 66.74
N SER M 320 58.48 23.41 67.52
CA SER M 320 58.52 23.13 68.92
C SER M 320 58.45 24.36 69.75
N THR M 321 57.79 25.39 69.31
CA THR M 321 57.60 26.59 70.15
C THR M 321 56.74 26.24 71.37
N ASN M 322 57.25 26.51 72.56
CA ASN M 322 56.53 26.27 73.77
C ASN M 322 55.82 27.53 74.41
N LEU M 323 54.50 27.51 74.42
CA LEU M 323 53.72 28.69 74.85
C LEU M 323 54.09 28.91 76.31
N THR M 324 54.41 30.13 76.71
CA THR M 324 54.53 30.50 78.14
C THR M 324 53.16 31.02 78.55
N ILE M 325 52.68 30.60 79.70
CA ILE M 325 51.41 31.14 80.13
C ILE M 325 51.51 31.53 81.50
N CYS M 326 51.16 32.76 81.84
CA CYS M 326 51.24 33.08 83.24
C CYS M 326 50.02 33.78 83.71
N ALA M 327 49.51 33.36 84.89
CA ALA M 327 48.38 34.03 85.56
C ALA M 327 48.82 34.67 86.84
N SER M 328 48.11 35.66 87.28
CA SER M 328 48.48 36.17 88.53
C SER M 328 47.68 35.56 89.70
N THR M 329 48.21 35.84 90.89
CA THR M 329 47.71 35.32 92.13
C THR M 329 46.61 36.29 92.58
N GLN M 330 46.68 37.61 92.29
CA GLN M 330 45.63 38.50 92.79
C GLN M 330 44.65 38.61 91.71
N SER M 331 43.44 38.92 92.06
CA SER M 331 42.34 38.92 91.06
C SER M 331 42.30 40.20 90.20
N PRO M 332 42.31 41.39 90.87
CA PRO M 332 42.39 42.66 90.14
C PRO M 332 43.75 42.84 89.34
N VAL M 333 44.89 42.17 89.72
CA VAL M 333 46.16 42.22 88.90
C VAL M 333 46.76 43.60 89.18
N PRO M 334 47.25 43.83 90.37
CA PRO M 334 47.78 45.16 90.75
C PRO M 334 48.69 45.83 89.76
N GLY M 335 48.67 47.16 89.82
CA GLY M 335 49.49 48.00 88.96
C GLY M 335 50.94 48.04 89.39
N GLN M 336 51.29 47.13 90.31
CA GLN M 336 52.64 47.02 90.79
C GLN M 336 53.24 45.64 90.56
N TYR M 337 54.35 45.60 89.86
CA TYR M 337 54.88 44.31 89.48
C TYR M 337 55.54 43.63 90.65
N ASP M 338 55.20 42.36 90.85
CA ASP M 338 55.84 41.52 91.85
C ASP M 338 55.97 40.04 91.39
N ALA M 339 57.16 39.58 91.08
CA ALA M 339 57.33 38.29 90.42
C ALA M 339 56.48 37.21 91.00
N THR M 340 56.65 37.03 92.31
CA THR M 340 55.99 35.96 93.07
C THR M 340 54.48 35.96 92.90
N LYS M 341 53.91 37.12 92.63
CA LYS M 341 52.52 37.33 92.43
C LYS M 341 52.00 36.81 91.07
N PHE M 342 52.77 35.99 90.37
CA PHE M 342 52.31 35.46 89.12
C PHE M 342 52.79 34.02 89.01
N LYS M 343 52.01 33.22 88.33
CA LYS M 343 52.39 31.83 88.24
C LYS M 343 52.73 31.58 86.79
N GLN M 344 53.81 30.80 86.58
CA GLN M 344 54.30 30.58 85.26
C GLN M 344 54.04 29.21 84.73
N TYR M 345 53.44 29.03 83.58
CA TYR M 345 53.23 27.69 83.10
C TYR M 345 53.84 27.47 81.70
N SER M 346 54.05 26.22 81.29
CA SER M 346 54.62 26.00 79.99
C SER M 346 53.87 24.98 79.29
N ARG M 347 53.38 25.24 78.11
CA ARG M 347 52.48 24.27 77.44
C ARG M 347 52.83 24.09 75.97
N HIS M 348 52.75 22.89 75.45
CA HIS M 348 53.21 22.65 74.05
C HIS M 348 52.04 22.11 73.26
N VAL M 349 51.83 22.48 72.00
CA VAL M 349 50.70 21.92 71.30
C VAL M 349 51.19 21.05 70.11
N GLU M 350 50.40 20.12 69.57
CA GLU M 350 50.90 19.41 68.38
C GLU M 350 49.65 19.20 67.49
N GLU M 351 49.69 19.50 66.17
CA GLU M 351 48.46 19.48 65.37
C GLU M 351 48.72 18.63 64.10
N TYR M 352 48.28 17.35 63.99
CA TYR M 352 48.53 16.58 62.77
C TYR M 352 47.28 16.50 62.02
N ASP M 353 47.30 15.93 60.82
CA ASP M 353 46.10 15.63 60.01
C ASP M 353 46.67 14.57 59.00
N LEU M 354 46.13 13.38 58.97
CA LEU M 354 46.61 12.33 58.11
C LEU M 354 45.76 12.19 56.91
N GLN M 355 46.31 11.98 55.73
CA GLN M 355 45.51 11.74 54.55
C GLN M 355 46.08 10.63 53.73
N PHE M 356 45.22 9.85 53.12
CA PHE M 356 45.80 8.76 52.39
C PHE M 356 45.03 8.48 51.14
N ILE M 357 45.60 7.69 50.25
CA ILE M 357 44.86 7.24 49.10
C ILE M 357 45.11 5.78 49.08
N PHE M 358 44.05 4.97 49.24
CA PHE M 358 44.20 3.51 49.27
C PHE M 358 43.72 2.84 47.99
N GLN M 359 44.39 1.77 47.56
CA GLN M 359 43.98 1.13 46.34
C GLN M 359 43.43 -0.25 46.67
N LEU M 360 42.27 -0.63 46.12
CA LEU M 360 41.55 -1.84 46.52
C LEU M 360 42.25 -2.98 45.82
N CYS M 361 42.48 -4.13 46.48
CA CYS M 361 43.23 -5.19 45.81
C CYS M 361 42.60 -6.50 46.05
N THR M 362 42.90 -7.47 45.20
CA THR M 362 42.40 -8.82 45.41
C THR M 362 43.47 -9.83 45.50
N ILE M 363 43.32 -10.79 46.39
CA ILE M 363 44.21 -11.91 46.45
C ILE M 363 43.42 -13.12 46.11
N THR M 364 43.84 -13.89 45.10
CA THR M 364 43.09 -15.13 44.75
C THR M 364 43.62 -16.27 45.59
N LEU M 365 42.78 -16.93 46.39
CA LEU M 365 43.26 -17.90 47.30
C LEU M 365 43.46 -19.20 46.61
N THR M 366 44.69 -19.60 46.33
CA THR M 366 44.97 -20.96 45.86
C THR M 366 45.78 -21.74 46.96
N ALA M 367 46.11 -22.98 46.62
CA ALA M 367 46.80 -23.84 47.53
C ALA M 367 48.06 -23.12 48.05
N ASP M 368 49.06 -22.91 47.14
CA ASP M 368 50.34 -22.30 47.55
C ASP M 368 50.08 -20.90 48.04
N VAL M 369 49.11 -20.20 47.42
CA VAL M 369 48.91 -18.83 47.89
C VAL M 369 48.62 -18.92 49.35
N MET M 370 47.62 -19.73 49.72
CA MET M 370 47.36 -19.90 51.14
C MET M 370 48.52 -20.38 52.05
N SER M 371 49.34 -21.27 51.47
CA SER M 371 50.31 -21.95 52.30
C SER M 371 51.39 -20.96 52.61
N TYR M 372 51.54 -20.03 51.63
CA TYR M 372 52.43 -18.89 51.66
C TYR M 372 51.86 -17.98 52.73
N ILE M 373 50.62 -17.56 52.56
CA ILE M 373 50.10 -16.58 53.45
C ILE M 373 50.08 -17.14 54.84
N GLN M 374 50.11 -18.48 54.89
CA GLN M 374 50.10 -19.25 56.12
C GLN M 374 51.43 -19.12 56.92
N SER M 375 52.51 -19.45 56.25
CA SER M 375 53.80 -19.24 56.78
C SER M 375 54.01 -17.80 57.15
N MET M 376 53.68 -16.91 56.24
CA MET M 376 53.94 -15.47 56.49
C MET M 376 53.31 -14.95 57.81
N ASN M 377 52.01 -15.13 57.92
CA ASN M 377 51.31 -14.63 59.04
C ASN M 377 49.94 -15.24 59.06
N SER M 378 49.83 -16.36 59.78
CA SER M 378 48.59 -17.19 59.83
C SER M 378 47.37 -16.36 60.22
N SER M 379 47.56 -15.32 61.08
CA SER M 379 46.42 -14.53 61.52
C SER M 379 45.78 -13.87 60.36
N ILE M 380 46.47 -13.74 59.25
CA ILE M 380 45.90 -13.09 58.08
C ILE M 380 44.75 -13.87 57.55
N LEU M 381 44.84 -15.18 57.50
CA LEU M 381 43.82 -15.93 56.83
C LEU M 381 42.75 -16.20 57.83
N GLU M 382 43.09 -16.13 59.10
CA GLU M 382 42.13 -16.40 60.15
C GLU M 382 41.02 -15.32 60.21
N ASP M 383 41.38 -14.03 60.15
CA ASP M 383 40.39 -12.96 60.04
C ASP M 383 39.49 -13.14 58.78
N TRP M 384 39.92 -13.93 57.80
CA TRP M 384 39.11 -14.00 56.57
C TRP M 384 38.22 -15.18 56.79
N ASN M 385 38.42 -15.89 57.93
CA ASN M 385 37.55 -17.05 58.45
C ASN M 385 37.49 -18.30 57.55
N ASN M 391 38.80 -11.52 69.53
CA ASN M 391 40.18 -11.99 69.14
C ASN M 391 41.19 -11.14 69.87
N LYS M 392 42.42 -11.75 69.97
CA LYS M 392 43.57 -11.12 70.72
C LYS M 392 44.59 -10.52 69.70
N ASP M 393 44.79 -9.19 69.87
CA ASP M 393 45.74 -8.39 69.09
C ASP M 393 47.11 -8.31 69.78
N PRO M 394 48.14 -8.74 69.10
CA PRO M 394 49.50 -8.71 69.61
C PRO M 394 50.04 -7.40 70.03
N TYR M 395 49.36 -6.34 69.68
CA TYR M 395 49.79 -5.01 70.03
C TYR M 395 48.95 -4.35 71.12
N ASP M 396 48.16 -5.13 71.84
CA ASP M 396 47.22 -4.53 72.82
C ASP M 396 47.87 -4.00 74.08
N LYS M 397 49.18 -4.29 74.22
CA LYS M 397 50.04 -3.80 75.33
C LYS M 397 50.73 -2.41 75.01
N LEU M 398 51.07 -2.18 73.74
CA LEU M 398 51.72 -0.95 73.35
C LEU M 398 50.82 0.23 73.23
N LYS M 399 51.36 1.44 73.49
CA LYS M 399 50.68 2.72 73.36
C LYS M 399 50.68 3.20 71.95
N PHE M 400 49.53 3.49 71.34
CA PHE M 400 49.47 4.10 70.04
C PHE M 400 48.38 5.16 70.04
N TRP M 401 48.43 6.13 69.11
CA TRP M 401 47.41 7.20 69.01
C TRP M 401 46.47 6.61 68.04
N ASN M 402 45.26 6.18 68.45
CA ASN M 402 44.37 5.45 67.54
C ASN M 402 43.59 6.27 66.61
N VAL M 403 43.74 6.06 65.33
CA VAL M 403 42.94 6.85 64.44
C VAL M 403 42.03 5.99 63.65
N ASP M 404 40.71 6.12 63.85
CA ASP M 404 39.76 5.18 63.18
C ASP M 404 39.25 5.77 61.91
N LEU M 405 39.62 5.15 60.81
CA LEU M 405 39.16 5.75 59.61
C LEU M 405 38.11 4.91 58.94
N LYS M 406 37.42 3.99 59.65
CA LYS M 406 36.47 3.03 59.04
C LYS M 406 35.26 3.73 58.39
N GLU M 407 34.95 4.87 59.02
CA GLU M 407 33.84 5.69 58.56
C GLU M 407 34.32 6.88 57.76
N LYS M 408 35.45 6.77 57.04
CA LYS M 408 36.09 7.89 56.35
C LYS M 408 36.52 7.66 54.96
N PHE M 409 36.29 6.47 54.42
CA PHE M 409 36.78 6.17 53.05
C PHE M 409 35.88 6.79 52.05
N SER M 410 36.33 7.37 50.93
CA SER M 410 35.35 7.96 49.99
C SER M 410 35.77 7.74 48.58
N LEU M 411 34.88 7.80 47.62
CA LEU M 411 35.33 7.33 46.36
C LEU M 411 35.61 8.45 45.43
N ASP M 412 35.17 9.65 45.80
CA ASP M 412 35.31 10.80 44.89
C ASP M 412 36.44 11.58 45.35
N LEU M 413 37.58 11.19 44.82
CA LEU M 413 38.79 11.69 45.27
C LEU M 413 38.73 13.14 44.96
N ASP M 414 38.13 13.47 43.85
CA ASP M 414 37.95 14.81 43.47
C ASP M 414 37.59 15.78 44.63
N GLN M 415 37.00 15.25 45.69
CA GLN M 415 36.42 16.10 46.75
C GLN M 415 37.38 16.39 47.83
N TYR M 416 38.56 15.82 47.78
CA TYR M 416 39.56 16.08 48.78
C TYR M 416 40.95 16.50 48.21
N PRO M 417 41.65 17.41 48.91
CA PRO M 417 42.98 17.84 48.59
C PRO M 417 43.87 16.76 48.04
N LEU M 418 44.33 15.84 48.91
CA LEU M 418 45.13 14.67 48.45
C LEU M 418 44.53 14.00 47.26
N GLY M 419 43.24 13.95 47.23
CA GLY M 419 42.61 13.31 46.11
C GLY M 419 42.80 14.04 44.83
N ARG M 420 42.56 15.32 44.88
CA ARG M 420 42.75 16.06 43.67
C ARG M 420 44.18 15.93 43.17
N LYS M 421 45.13 16.08 44.11
CA LYS M 421 46.54 15.89 43.83
C LYS M 421 46.78 14.51 43.26
N PHE M 422 46.10 13.50 43.72
CA PHE M 422 46.28 12.16 43.17
C PHE M 422 45.86 12.08 41.78
N LEU M 423 44.79 12.75 41.48
CA LEU M 423 44.21 12.73 40.17
C LEU M 423 45.13 13.36 39.14
N VAL M 424 45.76 14.39 39.59
CA VAL M 424 46.71 15.00 38.74
C VAL M 424 47.82 14.01 38.36
N GLN M 425 48.58 13.60 39.35
CA GLN M 425 49.72 12.77 39.15
C GLN M 425 49.26 11.60 38.31
N ALA M 426 47.97 11.31 38.31
CA ALA M 426 47.53 10.14 37.55
C ALA M 426 47.28 10.35 36.06
N GLY M 427 47.11 11.64 35.74
CA GLY M 427 47.06 12.14 34.38
C GLY M 427 45.70 12.83 34.20
N LEU M 428 44.60 12.17 34.63
CA LEU M 428 43.24 12.69 34.37
C LEU M 428 42.82 13.78 35.33
N ALA N 1 27.44 17.16 46.03
CA ALA N 1 28.88 17.14 45.53
C ALA N 1 29.32 18.65 45.13
N VAL N 2 30.45 19.24 45.62
CA VAL N 2 30.94 20.49 45.07
C VAL N 2 31.64 20.24 43.76
N VAL N 3 31.68 21.22 42.90
CA VAL N 3 32.31 21.01 41.61
C VAL N 3 33.32 22.07 41.13
N ASN N 4 34.27 21.56 40.37
CA ASN N 4 35.24 22.43 39.73
C ASN N 4 34.57 23.60 38.99
N THR N 5 35.07 24.80 39.20
CA THR N 5 34.36 25.81 38.51
C THR N 5 34.53 25.61 36.99
N ASP N 6 35.49 24.79 36.54
CA ASP N 6 35.79 24.73 35.12
C ASP N 6 34.67 23.99 34.47
N ASP N 7 33.85 23.33 35.28
CA ASP N 7 32.57 22.78 34.71
C ASP N 7 31.44 23.73 34.40
N TYR N 8 31.33 24.86 35.05
CA TYR N 8 30.26 25.71 34.78
C TYR N 8 30.60 27.14 34.42
N VAL N 9 31.92 27.41 34.35
CA VAL N 9 32.45 28.72 34.02
C VAL N 9 33.29 28.65 32.74
N THR N 10 32.81 29.27 31.67
CA THR N 10 33.55 29.25 30.40
C THR N 10 34.51 30.44 30.26
N ARG N 11 35.78 30.14 29.97
CA ARG N 11 36.81 31.23 29.85
C ARG N 11 36.81 31.72 28.48
N THR N 12 37.04 33.05 28.40
CA THR N 12 37.04 33.79 27.09
C THR N 12 38.45 33.97 26.80
N SER N 13 38.73 34.67 25.75
CA SER N 13 40.10 34.91 25.43
C SER N 13 40.44 36.39 25.71
N ILE N 14 39.54 37.02 26.44
CA ILE N 14 39.72 38.42 26.73
C ILE N 14 40.54 38.58 28.02
N PHE N 15 41.63 39.35 28.03
CA PHE N 15 42.28 39.57 29.34
C PHE N 15 42.45 41.00 29.60
N TYR N 16 42.35 41.27 30.89
CA TYR N 16 42.60 42.65 31.28
C TYR N 16 43.73 42.75 32.28
N HIS N 17 44.34 43.94 32.37
CA HIS N 17 45.35 44.10 33.29
C HIS N 17 44.82 45.08 34.30
N ALA N 18 45.19 45.04 35.56
CA ALA N 18 44.59 45.92 36.53
C ALA N 18 45.67 46.13 37.56
N GLY N 19 45.70 47.30 38.17
CA GLY N 19 46.81 47.60 39.09
C GLY N 19 46.60 48.74 40.06
N SER N 20 46.76 48.55 41.35
CA SER N 20 46.74 49.60 42.33
C SER N 20 47.80 50.56 41.89
N SER N 21 47.70 51.76 42.37
CA SER N 21 48.73 52.70 42.02
C SER N 21 49.99 52.37 42.79
N ARG N 22 50.20 52.88 44.01
CA ARG N 22 51.34 52.60 44.80
C ARG N 22 50.78 52.69 46.21
N LEU N 23 50.49 51.52 46.83
CA LEU N 23 50.01 51.58 48.22
C LEU N 23 51.19 51.97 49.15
N LEU N 24 50.96 52.78 50.20
CA LEU N 24 52.02 53.28 51.02
C LEU N 24 51.44 53.62 52.37
N THR N 25 52.19 53.28 53.41
CA THR N 25 51.73 53.58 54.75
C THR N 25 52.86 53.67 55.76
N VAL N 26 52.86 54.68 56.67
CA VAL N 26 53.93 54.78 57.65
C VAL N 26 53.32 55.07 58.98
N GLY N 27 54.01 54.72 60.04
CA GLY N 27 53.46 54.81 61.41
C GLY N 27 54.51 54.26 62.38
N ASP N 28 54.14 54.14 63.64
CA ASP N 28 55.04 53.71 64.68
C ASP N 28 54.96 52.20 64.67
N PRO N 29 56.11 51.59 64.77
CA PRO N 29 56.22 50.17 64.68
C PRO N 29 55.74 49.31 65.82
N TYR N 30 55.54 49.96 66.98
CA TYR N 30 55.25 49.26 68.20
C TYR N 30 53.89 49.50 68.68
N PHE N 31 53.38 50.72 68.51
CA PHE N 31 52.02 51.03 68.92
C PHE N 31 51.41 52.29 68.34
N ARG N 32 50.08 52.43 68.40
CA ARG N 32 49.58 53.65 67.79
C ARG N 32 49.75 54.80 68.77
N VAL N 33 50.06 55.96 68.22
CA VAL N 33 50.22 57.12 68.99
C VAL N 33 48.95 57.95 68.94
N PRO N 34 48.23 58.03 70.10
CA PRO N 34 46.94 58.74 70.14
C PRO N 34 47.10 60.11 69.62
N ALA N 35 46.15 60.43 68.77
CA ALA N 35 46.00 61.72 68.12
C ALA N 35 46.44 62.97 68.87
N GLY N 36 47.09 63.83 68.04
CA GLY N 36 47.53 65.21 68.33
C GLY N 36 47.99 65.67 69.72
N GLY N 37 48.56 64.75 70.48
CA GLY N 37 49.12 65.18 71.77
C GLY N 37 50.24 66.22 71.49
N GLY N 38 51.26 65.78 70.71
CA GLY N 38 52.36 66.62 70.19
C GLY N 38 51.78 67.27 68.91
N ASN N 39 51.57 66.46 67.86
CA ASN N 39 51.05 66.95 66.57
C ASN N 39 49.93 66.14 65.92
N LYS N 40 48.92 66.97 65.55
CA LYS N 40 47.59 66.60 65.01
C LYS N 40 47.53 65.29 64.27
N GLN N 41 46.48 64.52 64.61
CA GLN N 41 46.17 63.21 64.00
C GLN N 41 47.00 62.02 64.41
N ASP N 42 46.29 60.90 64.47
CA ASP N 42 46.84 59.62 64.87
C ASP N 42 47.99 59.07 64.00
N ILE N 43 48.98 58.51 64.65
CA ILE N 43 50.09 57.96 63.97
C ILE N 43 49.80 56.50 64.19
N PRO N 44 49.39 55.82 63.15
CA PRO N 44 49.03 54.41 63.18
C PRO N 44 50.19 53.52 63.55
N LYS N 45 49.85 52.30 63.93
CA LYS N 45 50.83 51.19 64.18
C LYS N 45 51.12 50.49 62.85
N VAL N 46 52.31 50.73 62.28
CA VAL N 46 52.63 50.10 61.01
C VAL N 46 53.81 49.21 61.33
N SER N 47 53.65 47.91 61.22
CA SER N 47 54.73 47.05 61.52
C SER N 47 54.96 46.08 60.45
N ALA N 48 56.14 45.52 60.38
CA ALA N 48 56.34 44.60 59.31
C ALA N 48 55.81 43.26 59.66
N TYR N 49 55.57 43.06 60.95
CA TYR N 49 55.14 41.82 61.39
C TYR N 49 53.67 41.78 61.51
N GLN N 50 52.90 42.51 60.67
CA GLN N 50 51.41 42.47 60.71
C GLN N 50 50.87 42.09 59.36
N TYR N 51 49.87 41.21 59.23
CA TYR N 51 49.34 40.80 57.92
C TYR N 51 48.85 42.09 57.22
N ARG N 52 48.88 42.10 55.90
CA ARG N 52 48.40 43.26 55.13
C ARG N 52 47.27 42.53 54.33
N VAL N 53 46.03 43.03 54.43
CA VAL N 53 45.00 42.22 53.76
C VAL N 53 44.36 43.18 52.80
N PHE N 54 44.60 43.07 51.49
CA PHE N 54 44.10 44.05 50.52
C PHE N 54 42.74 43.49 50.09
N ARG N 55 41.67 44.26 50.26
CA ARG N 55 40.43 43.89 49.64
C ARG N 55 40.36 44.55 48.26
N VAL N 56 40.69 43.81 47.22
CA VAL N 56 40.63 44.42 45.90
C VAL N 56 39.28 44.39 45.29
N GLN N 57 38.73 45.58 45.07
CA GLN N 57 37.41 45.75 44.45
C GLN N 57 37.46 45.80 42.97
N LEU N 58 36.76 44.93 42.28
CA LEU N 58 36.89 44.90 40.81
C LEU N 58 35.62 45.42 40.21
N PRO N 59 35.64 45.86 38.96
CA PRO N 59 34.45 46.36 38.37
C PRO N 59 33.50 45.22 37.95
N ASP N 60 32.19 45.50 37.85
CA ASP N 60 31.19 44.47 37.61
C ASP N 60 31.23 44.25 36.16
N PRO N 61 31.77 43.13 35.72
CA PRO N 61 31.90 42.86 34.27
C PRO N 61 30.54 42.85 33.57
N ASN N 62 29.45 42.71 34.29
CA ASN N 62 28.17 42.84 33.61
C ASN N 62 27.84 44.28 33.30
N LYS N 63 27.74 45.16 34.29
CA LYS N 63 27.43 46.59 34.08
C LYS N 63 28.68 47.30 33.62
N PHE N 64 29.45 46.63 32.76
CA PHE N 64 30.73 47.15 32.30
C PHE N 64 30.67 47.18 30.86
N GLY N 65 31.59 47.99 30.40
CA GLY N 65 31.69 48.22 28.99
C GLY N 65 32.69 47.32 28.27
N LEU N 66 32.20 46.21 27.64
CA LEU N 66 33.07 45.26 26.84
C LEU N 66 33.56 45.83 25.51
N PRO N 67 34.73 45.34 25.04
CA PRO N 67 35.35 45.77 23.74
C PRO N 67 34.50 45.14 22.59
N ASP N 68 33.63 44.20 23.01
CA ASP N 68 32.59 43.62 22.16
C ASP N 68 31.53 43.05 23.10
N THR N 69 30.33 43.70 23.16
CA THR N 69 29.16 43.20 24.02
C THR N 69 28.33 42.10 23.25
N SER N 70 29.10 41.25 22.49
CA SER N 70 28.57 40.14 21.71
C SER N 70 29.61 38.97 21.90
N ILE N 71 29.96 38.85 23.23
CA ILE N 71 30.81 37.74 23.83
C ILE N 71 29.91 36.67 24.48
N TYR N 72 28.83 37.22 25.08
CA TYR N 72 27.78 36.47 25.68
C TYR N 72 26.36 37.03 25.36
N ASN N 73 25.33 36.33 25.84
CA ASN N 73 23.95 36.73 25.63
C ASN N 73 23.37 37.04 26.98
N PRO N 74 23.31 38.34 27.33
CA PRO N 74 22.78 38.83 28.67
C PRO N 74 21.46 38.23 29.09
N GLU N 75 20.91 37.38 28.23
CA GLU N 75 19.64 36.84 28.47
C GLU N 75 19.83 35.51 29.16
N THR N 76 20.76 34.67 28.68
CA THR N 76 20.96 33.41 29.37
C THR N 76 22.27 33.34 30.17
N GLN N 77 23.19 34.30 29.99
CA GLN N 77 24.45 34.23 30.71
C GLN N 77 24.86 35.44 31.51
N ARG N 78 25.92 35.26 32.29
CA ARG N 78 26.45 36.34 33.12
C ARG N 78 27.93 36.26 33.06
N LEU N 79 28.54 37.28 33.63
CA LEU N 79 29.97 37.53 33.48
C LEU N 79 30.79 37.50 34.82
N VAL N 80 31.94 36.89 34.79
CA VAL N 80 32.64 36.82 36.02
C VAL N 80 34.10 37.05 35.73
N TRP N 81 34.85 37.69 36.68
CA TRP N 81 36.29 37.88 36.54
C TRP N 81 37.08 36.65 37.04
N ALA N 82 37.87 36.00 36.21
CA ALA N 82 38.82 35.02 36.76
C ALA N 82 40.25 35.53 36.94
N CYS N 83 40.88 35.35 38.10
CA CYS N 83 42.27 35.70 38.26
C CYS N 83 43.26 34.82 37.44
N ALA N 84 44.22 35.35 36.70
CA ALA N 84 45.15 34.58 35.88
C ALA N 84 46.60 34.96 36.09
N GLY N 85 46.93 36.01 36.85
CA GLY N 85 48.34 36.27 37.16
C GLY N 85 48.38 37.32 38.27
N VAL N 86 49.48 37.33 39.01
CA VAL N 86 49.59 38.24 40.08
C VAL N 86 50.97 38.60 40.27
N GLU N 87 51.21 39.75 40.86
CA GLU N 87 52.54 40.12 41.15
C GLU N 87 52.49 41.16 42.30
N ILE N 88 52.82 40.73 43.54
CA ILE N 88 52.81 41.69 44.63
C ILE N 88 54.11 42.45 44.59
N GLY N 89 54.08 43.66 44.18
CA GLY N 89 55.29 44.35 44.21
C GLY N 89 55.67 45.03 45.51
N ARG N 90 56.94 44.94 45.89
CA ARG N 90 57.35 45.44 47.20
C ARG N 90 58.33 46.57 47.05
N GLY N 91 58.17 47.57 47.93
CA GLY N 91 58.82 48.83 47.81
C GLY N 91 60.12 49.14 48.49
N GLN N 92 60.24 49.20 49.80
CA GLN N 92 61.60 49.62 50.19
C GLN N 92 62.69 48.58 50.05
N PRO N 93 63.94 48.87 50.53
CA PRO N 93 65.09 47.92 50.45
C PRO N 93 65.00 46.94 51.58
N LEU N 94 65.66 45.81 51.39
CA LEU N 94 65.65 44.70 52.37
C LEU N 94 66.27 45.21 53.64
N GLY N 95 65.74 44.77 54.74
CA GLY N 95 66.41 45.19 55.96
C GLY N 95 65.89 44.54 57.24
N VAL N 96 66.66 44.73 58.33
CA VAL N 96 66.30 44.10 59.62
C VAL N 96 65.94 45.13 60.68
N GLY N 97 65.06 44.72 61.61
CA GLY N 97 64.71 45.61 62.69
C GLY N 97 64.30 44.91 63.92
N LEU N 98 64.49 45.59 65.00
CA LEU N 98 64.25 45.04 66.30
C LEU N 98 62.98 45.48 66.95
N SER N 99 62.54 44.61 67.87
CA SER N 99 61.38 44.83 68.74
C SER N 99 61.80 44.52 70.13
N GLY N 100 61.23 45.21 71.12
CA GLY N 100 61.76 45.02 72.47
C GLY N 100 60.68 45.40 73.45
N HIS N 101 61.01 45.21 74.71
CA HIS N 101 60.17 45.68 75.79
C HIS N 101 61.06 46.29 76.90
N PRO N 102 60.64 47.42 77.47
CA PRO N 102 61.42 48.09 78.50
C PRO N 102 61.58 47.20 79.72
N PHE N 103 60.58 46.38 80.06
CA PHE N 103 60.62 45.48 81.24
C PHE N 103 60.33 44.00 80.78
N TYR N 104 61.10 43.44 79.84
CA TYR N 104 60.98 42.04 79.41
C TYR N 104 61.31 41.14 80.61
N ASN N 105 60.54 40.10 80.73
CA ASN N 105 60.62 39.23 81.86
C ASN N 105 61.65 38.16 81.57
N LYS N 106 62.88 38.47 81.93
CA LYS N 106 64.01 37.62 81.65
C LYS N 106 64.68 37.44 82.97
N LEU N 107 64.58 36.24 83.46
CA LEU N 107 65.20 35.98 84.79
C LEU N 107 66.66 35.99 84.63
N ASP N 108 67.17 35.02 83.91
CA ASP N 108 68.64 34.94 83.62
C ASP N 108 69.07 34.04 82.43
N ASP N 109 70.36 34.11 82.09
CA ASP N 109 70.78 33.52 80.85
C ASP N 109 71.02 32.11 81.23
N THR N 110 70.25 31.19 80.70
CA THR N 110 70.36 29.77 81.06
C THR N 110 71.04 29.07 79.91
N GLU N 111 71.84 29.83 79.16
CA GLU N 111 72.46 29.26 77.99
C GLU N 111 73.78 28.69 78.40
N SER N 112 74.52 29.49 79.17
CA SER N 112 75.76 29.05 79.78
C SER N 112 76.15 30.05 80.79
N SER N 113 75.27 30.41 81.71
CA SER N 113 75.65 31.43 82.69
C SER N 113 77.01 31.01 83.25
N HIS N 114 77.86 32.03 83.50
CA HIS N 114 79.21 31.84 84.07
C HIS N 114 79.18 30.87 85.28
N ALA N 115 78.11 31.00 86.12
CA ALA N 115 77.80 30.04 87.22
C ALA N 115 76.29 30.23 87.63
N ALA N 116 76.06 30.26 88.97
CA ALA N 116 74.74 30.60 89.57
C ALA N 116 74.17 31.96 89.04
N THR N 117 72.96 32.29 89.49
CA THR N 117 72.32 33.52 89.04
C THR N 117 71.69 34.30 90.21
N SER N 118 71.29 35.54 89.89
CA SER N 118 70.69 36.49 90.83
C SER N 118 69.61 35.83 91.73
N ASN N 119 69.17 36.56 92.75
CA ASN N 119 68.05 36.13 93.61
C ASN N 119 66.65 36.31 92.94
N VAL N 120 65.73 35.31 93.04
CA VAL N 120 64.26 35.50 92.64
C VAL N 120 63.43 36.33 93.72
N SER N 121 64.04 37.46 94.13
CA SER N 121 63.45 38.36 95.13
C SER N 121 62.31 39.14 94.44
N GLU N 122 62.61 40.02 93.45
CA GLU N 122 61.53 40.80 92.90
C GLU N 122 62.09 41.79 91.91
N ASP N 123 61.30 42.07 90.84
CA ASP N 123 61.63 42.97 89.71
C ASP N 123 63.09 42.93 89.25
N VAL N 124 63.36 42.11 88.23
CA VAL N 124 64.69 41.88 87.65
C VAL N 124 64.46 41.96 86.16
N ARG N 125 63.33 42.52 85.75
CA ARG N 125 63.04 42.71 84.35
C ARG N 125 64.05 43.71 83.72
N ASP N 126 64.51 43.40 82.51
CA ASP N 126 65.50 44.19 81.80
C ASP N 126 64.95 44.63 80.46
N ASN N 127 65.59 45.62 79.88
CA ASN N 127 65.17 46.13 78.64
C ASN N 127 65.74 45.23 77.58
N VAL N 128 64.96 44.46 76.84
CA VAL N 128 65.59 43.67 75.79
C VAL N 128 64.88 43.90 74.50
N SER N 129 65.60 43.63 73.40
CA SER N 129 64.98 43.71 72.08
C SER N 129 65.27 42.41 71.41
N VAL N 130 64.80 42.27 70.19
CA VAL N 130 64.89 40.99 69.52
C VAL N 130 64.46 41.08 68.09
N ASP N 131 65.14 40.43 67.14
CA ASP N 131 64.71 40.48 65.71
C ASP N 131 63.82 39.25 65.54
N TYR N 132 62.63 39.45 64.98
CA TYR N 132 61.66 38.33 65.11
C TYR N 132 61.99 37.28 64.08
N LYS N 133 61.21 36.22 64.02
CA LYS N 133 61.34 35.16 63.02
C LYS N 133 61.06 35.77 61.72
N GLN N 134 61.57 35.18 60.66
CA GLN N 134 61.41 35.79 59.36
C GLN N 134 60.33 35.06 58.67
N THR N 135 59.40 35.76 58.06
CA THR N 135 58.37 35.05 57.41
C THR N 135 57.96 35.72 56.15
N GLN N 136 57.44 34.98 55.18
CA GLN N 136 56.92 35.62 53.93
C GLN N 136 55.77 34.79 53.46
N LEU N 137 54.56 35.26 53.37
CA LEU N 137 53.47 34.37 52.88
C LEU N 137 52.54 35.29 52.15
N CYS N 138 51.80 34.70 51.24
CA CYS N 138 50.93 35.50 50.43
C CYS N 138 49.76 34.56 50.01
N ILE N 139 48.52 35.04 50.18
CA ILE N 139 47.33 34.21 49.84
C ILE N 139 46.31 34.93 48.95
N LEU N 140 45.80 34.30 47.90
CA LEU N 140 44.81 34.89 47.11
C LEU N 140 43.53 34.16 47.22
N GLY N 141 42.35 34.83 47.22
CA GLY N 141 41.08 34.18 47.18
C GLY N 141 39.97 35.15 47.13
N CYS N 142 38.73 34.63 47.09
CA CYS N 142 37.69 35.62 46.80
C CYS N 142 36.85 35.63 48.01
N ALA N 143 37.53 35.33 49.12
CA ALA N 143 36.97 35.45 50.48
C ALA N 143 38.15 35.70 51.36
N PRO N 144 38.04 36.45 52.41
CA PRO N 144 39.21 36.60 53.24
C PRO N 144 39.66 35.24 53.86
N ALA N 145 40.97 35.20 54.16
CA ALA N 145 41.65 33.95 54.57
C ALA N 145 41.48 33.68 56.05
N ILE N 146 41.73 32.45 56.49
CA ILE N 146 41.46 32.16 57.87
C ILE N 146 42.75 31.93 58.73
N GLY N 147 42.72 32.40 59.99
CA GLY N 147 43.92 32.20 60.81
C GLY N 147 43.49 31.45 62.02
N GLU N 148 44.47 30.84 62.68
CA GLU N 148 44.29 30.08 63.90
C GLU N 148 45.15 30.72 65.04
N HIS N 149 44.73 30.62 66.30
CA HIS N 149 45.58 31.03 67.40
C HIS N 149 45.02 30.45 68.66
N TRP N 150 45.84 30.43 69.72
CA TRP N 150 45.42 29.83 70.96
C TRP N 150 44.85 30.88 71.88
N ALA N 151 43.80 30.52 72.59
CA ALA N 151 43.14 31.51 73.35
C ALA N 151 42.70 30.95 74.68
N LYS N 152 42.15 31.85 75.58
CA LYS N 152 41.97 31.39 76.96
C LYS N 152 40.64 30.72 76.93
N GLY N 153 40.63 29.41 77.15
CA GLY N 153 39.38 28.68 77.05
C GLY N 153 38.28 29.22 77.97
N THR N 154 36.99 29.19 77.52
CA THR N 154 35.80 29.60 78.37
C THR N 154 35.76 28.78 79.68
N ALA N 155 35.72 29.54 80.77
CA ALA N 155 35.72 28.94 82.10
C ALA N 155 34.43 28.13 82.30
N SER N 156 34.59 26.84 82.66
CA SER N 156 33.39 25.97 82.90
C SER N 156 32.63 26.31 84.24
N LYS N 157 31.28 26.49 84.08
CA LYS N 157 30.37 26.67 85.26
C LYS N 157 30.49 25.52 86.33
N SER N 158 30.46 24.23 85.82
CA SER N 158 30.58 22.93 86.62
C SER N 158 31.82 22.94 87.51
N ARG N 159 32.92 23.42 86.91
CA ARG N 159 34.27 23.35 87.57
C ARG N 159 35.00 24.74 87.44
N PRO N 160 34.61 25.70 88.31
CA PRO N 160 35.21 27.06 88.22
C PRO N 160 36.78 27.01 88.42
N LEU N 161 37.43 28.08 87.96
CA LEU N 161 38.87 28.14 87.97
C LEU N 161 39.42 29.16 88.95
N SER N 162 40.16 28.66 89.97
CA SER N 162 40.68 29.56 91.08
C SER N 162 41.71 30.49 90.50
N GLN N 163 41.68 31.74 90.85
CA GLN N 163 42.66 32.65 90.35
C GLN N 163 44.04 32.16 90.61
N GLY N 164 44.78 32.07 89.53
CA GLY N 164 46.18 31.75 89.61
C GLY N 164 46.52 30.51 88.82
N ASP N 165 45.52 29.67 88.62
CA ASP N 165 45.74 28.39 87.97
C ASP N 165 45.73 28.66 86.50
N CYS N 166 46.28 27.68 85.81
CA CYS N 166 46.46 27.86 84.41
C CYS N 166 45.18 27.43 83.73
N PRO N 167 44.69 28.32 82.85
CA PRO N 167 43.46 28.10 82.06
C PRO N 167 43.67 27.05 81.05
N PRO N 168 42.61 26.57 80.44
CA PRO N 168 42.82 25.62 79.38
C PRO N 168 42.90 26.38 78.07
N LEU N 169 43.77 25.93 77.15
CA LEU N 169 43.90 26.56 75.88
C LEU N 169 42.91 26.06 74.84
N GLU N 170 42.38 27.02 74.08
CA GLU N 170 41.55 26.60 72.94
C GLU N 170 41.98 27.16 71.60
N LEU N 171 41.95 26.36 70.55
CA LEU N 171 42.35 26.83 69.28
C LEU N 171 41.14 27.50 68.66
N LYS N 172 41.30 28.78 68.26
CA LYS N 172 40.19 29.53 67.69
C LYS N 172 40.42 29.97 66.28
N ASN N 173 39.45 29.79 65.40
CA ASN N 173 39.64 30.19 64.04
C ASN N 173 39.11 31.60 63.92
N THR N 174 39.70 32.38 63.03
CA THR N 174 39.31 33.81 62.88
C THR N 174 39.66 34.38 61.48
N VAL N 175 38.92 35.38 61.03
CA VAL N 175 39.33 36.01 59.80
C VAL N 175 40.54 36.87 59.98
N LEU N 176 41.47 36.75 59.07
CA LEU N 176 42.69 37.56 59.08
C LEU N 176 42.52 38.92 58.42
N GLU N 177 42.43 39.91 59.29
CA GLU N 177 42.17 41.25 58.88
C GLU N 177 43.44 42.06 58.83
N ASP N 178 43.45 43.12 58.03
CA ASP N 178 44.64 43.86 57.83
C ASP N 178 44.97 44.48 59.17
N GLY N 179 46.19 44.21 59.65
CA GLY N 179 46.66 44.76 60.87
C GLY N 179 46.92 43.65 61.85
N ASP N 180 46.40 42.43 61.67
CA ASP N 180 46.59 41.45 62.75
C ASP N 180 48.09 41.10 62.82
N MET N 181 48.67 40.67 63.97
CA MET N 181 50.07 40.30 64.05
C MET N 181 50.39 38.92 63.58
N VAL N 182 51.58 38.65 63.07
CA VAL N 182 51.93 37.27 62.75
C VAL N 182 52.71 36.48 63.85
N ASP N 183 52.93 35.15 63.75
CA ASP N 183 53.71 34.52 64.71
C ASP N 183 55.05 35.17 64.55
N THR N 184 55.61 35.79 65.58
CA THR N 184 56.95 36.36 65.41
C THR N 184 57.99 35.49 66.04
N GLY N 185 57.62 34.31 66.58
CA GLY N 185 58.54 33.35 67.12
C GLY N 185 58.16 33.02 68.52
N TYR N 186 57.09 33.55 69.09
CA TYR N 186 56.76 33.22 70.42
C TYR N 186 55.44 32.51 70.36
N GLY N 187 55.01 32.05 69.20
CA GLY N 187 53.87 31.17 69.18
C GLY N 187 52.69 31.93 68.69
N ALA N 188 51.74 31.28 68.04
CA ALA N 188 50.52 32.01 67.72
C ALA N 188 49.48 31.99 68.78
N MET N 189 49.46 32.98 69.66
CA MET N 189 48.44 32.97 70.68
C MET N 189 47.98 34.36 71.09
N ASP N 190 47.05 34.42 72.05
CA ASP N 190 46.53 35.72 72.52
C ASP N 190 47.21 36.15 73.79
N PHE N 191 48.38 36.71 73.62
CA PHE N 191 49.16 37.24 74.70
C PHE N 191 48.46 38.21 75.65
N SER N 192 47.48 38.97 75.16
CA SER N 192 46.75 39.95 76.01
C SER N 192 45.99 39.20 77.11
N THR N 193 45.51 37.98 76.80
CA THR N 193 44.71 37.23 77.72
C THR N 193 45.38 36.04 78.38
N LEU N 194 46.56 35.64 77.89
CA LEU N 194 47.26 34.50 78.46
C LEU N 194 48.39 34.87 79.32
N GLN N 195 48.88 36.07 79.17
CA GLN N 195 50.08 36.57 79.89
C GLN N 195 49.73 37.89 80.60
N ASP N 196 49.48 37.74 81.92
CA ASP N 196 49.02 38.79 82.79
C ASP N 196 50.10 39.79 83.09
N THR N 197 51.34 39.39 82.99
CA THR N 197 52.52 40.20 83.18
C THR N 197 52.64 41.41 82.25
N LYS N 198 52.40 41.21 80.97
CA LYS N 198 52.43 42.27 79.98
C LYS N 198 53.88 42.47 79.72
N CYS N 199 54.73 41.49 79.99
CA CYS N 199 56.12 41.80 79.88
C CYS N 199 56.78 40.54 79.50
N GLU N 200 56.08 39.61 78.81
CA GLU N 200 56.70 38.36 78.38
C GLU N 200 57.25 38.33 76.96
N VAL N 201 56.73 39.25 76.16
CA VAL N 201 57.14 39.49 74.80
C VAL N 201 57.26 40.96 74.51
N PRO N 202 57.93 41.31 73.39
CA PRO N 202 58.12 42.69 72.93
C PRO N 202 56.85 43.47 72.85
N LEU N 203 56.95 44.79 72.99
CA LEU N 203 55.83 45.70 72.97
C LEU N 203 54.84 45.56 71.86
N ASP N 204 55.28 45.11 70.68
CA ASP N 204 54.38 45.12 69.60
C ASP N 204 53.43 43.97 69.50
N ILE N 205 53.62 42.92 70.29
CA ILE N 205 52.72 41.75 70.30
C ILE N 205 52.26 41.52 71.69
N CYS N 206 52.84 42.32 72.53
CA CYS N 206 52.69 42.22 73.96
C CYS N 206 51.22 42.15 74.38
N GLN N 207 50.42 43.02 73.71
CA GLN N 207 49.00 43.12 74.06
C GLN N 207 48.17 42.72 72.89
N SER N 208 48.69 41.79 72.10
CA SER N 208 48.02 41.47 70.83
C SER N 208 47.76 40.00 70.60
N ILE N 209 47.22 39.68 69.43
CA ILE N 209 47.01 38.30 69.10
C ILE N 209 47.89 37.95 67.91
N CYS N 210 48.64 36.87 68.03
CA CYS N 210 49.40 36.52 66.87
C CYS N 210 48.66 35.44 66.18
N LYS N 211 48.33 35.61 64.92
CA LYS N 211 47.69 34.53 64.23
C LYS N 211 48.58 33.80 63.22
N TYR N 212 48.29 32.56 62.86
CA TYR N 212 49.03 31.91 61.82
C TYR N 212 48.03 31.36 60.89
N PRO N 213 48.24 31.53 59.61
CA PRO N 213 47.24 31.03 58.64
C PRO N 213 46.87 29.59 58.92
N ASP N 214 45.59 29.27 58.89
CA ASP N 214 45.16 27.89 59.09
C ASP N 214 45.10 27.14 57.78
N TYR N 215 46.28 26.94 57.22
CA TYR N 215 46.43 26.28 55.99
C TYR N 215 45.66 24.98 55.95
N LEU N 216 45.64 24.21 57.02
CA LEU N 216 44.97 22.94 56.97
C LEU N 216 43.52 23.15 56.75
N GLN N 217 42.89 23.96 57.58
CA GLN N 217 41.49 24.27 57.44
C GLN N 217 41.12 24.81 56.07
N MET N 218 41.94 25.64 55.43
CA MET N 218 41.54 26.19 54.16
C MET N 218 41.65 25.22 53.05
N SER N 219 42.47 24.20 53.18
CA SER N 219 42.56 23.31 52.09
C SER N 219 41.43 22.44 52.16
N ALA N 220 40.96 22.19 53.38
CA ALA N 220 39.85 21.29 53.60
C ALA N 220 38.55 21.94 53.16
N ASP N 221 38.37 23.23 53.38
CA ASP N 221 37.25 23.99 52.76
C ASP N 221 36.74 23.43 51.46
N PRO N 222 35.51 23.06 51.41
CA PRO N 222 34.94 22.40 50.33
C PRO N 222 34.85 23.20 49.06
N TYR N 223 34.48 24.44 49.13
CA TYR N 223 34.40 25.21 47.95
C TYR N 223 35.79 25.76 47.50
N GLY N 224 36.65 26.13 48.41
CA GLY N 224 37.93 26.59 48.07
C GLY N 224 37.94 28.02 47.67
N ASP N 225 37.24 28.91 48.39
CA ASP N 225 37.17 30.34 48.00
C ASP N 225 38.16 31.09 48.83
N SER N 226 38.59 30.41 49.87
CA SER N 226 39.36 31.02 50.90
C SER N 226 40.73 31.21 50.39
N MET N 227 41.22 30.21 49.65
CA MET N 227 42.54 30.36 49.03
C MET N 227 42.78 29.52 47.84
N PHE N 228 43.14 30.17 46.74
CA PHE N 228 43.36 29.42 45.58
C PHE N 228 44.79 29.64 45.12
N PHE N 229 45.62 30.09 46.01
CA PHE N 229 47.01 30.41 45.69
C PHE N 229 47.63 30.57 47.08
N CYS N 230 48.79 29.99 47.36
CA CYS N 230 49.29 30.12 48.74
C CYS N 230 50.79 30.05 48.61
N LEU N 231 51.59 31.02 49.10
CA LEU N 231 53.05 30.92 49.07
C LEU N 231 53.65 31.29 50.40
N ARG N 232 54.34 30.34 51.06
CA ARG N 232 54.90 30.62 52.38
C ARG N 232 56.34 30.33 52.40
N ARG N 233 57.12 31.01 53.22
CA ARG N 233 58.51 30.70 53.39
C ARG N 233 58.86 31.27 54.73
N GLU N 234 59.12 30.44 55.72
CA GLU N 234 59.50 31.00 57.02
C GLU N 234 60.79 30.39 57.45
N GLN N 235 61.47 31.00 58.43
CA GLN N 235 62.79 30.51 58.88
C GLN N 235 63.18 31.15 60.17
N LEU N 236 63.75 30.42 61.11
CA LEU N 236 64.21 31.16 62.32
C LEU N 236 65.08 30.30 63.22
N PHE N 237 65.65 30.84 64.28
CA PHE N 237 66.48 30.02 65.14
C PHE N 237 66.57 30.67 66.52
N ALA N 238 67.15 29.93 67.51
CA ALA N 238 67.16 30.45 68.89
C ALA N 238 68.40 31.29 69.24
N ARG N 239 68.31 32.59 69.30
CA ARG N 239 69.50 33.40 69.52
C ARG N 239 69.91 33.22 70.98
N HIS N 240 69.06 33.56 71.95
CA HIS N 240 69.45 33.34 73.36
C HIS N 240 68.45 32.55 74.22
N PHE N 241 68.92 31.92 75.32
CA PHE N 241 68.08 31.06 76.17
C PHE N 241 67.74 31.69 77.54
N TRP N 242 66.48 31.80 77.93
CA TRP N 242 66.21 32.47 79.17
C TRP N 242 65.17 31.79 80.08
N ASN N 243 65.28 32.16 81.33
CA ASN N 243 64.32 31.78 82.28
C ASN N 243 63.19 32.78 82.35
N ARG N 244 62.14 32.45 83.08
CA ARG N 244 61.06 33.37 83.29
C ARG N 244 60.90 33.61 84.76
N ALA N 245 60.89 34.86 85.17
CA ALA N 245 60.63 35.15 86.59
C ALA N 245 59.24 34.84 87.05
N GLY N 246 59.11 34.56 88.34
CA GLY N 246 57.80 34.12 88.84
C GLY N 246 57.77 32.79 89.62
N THR N 247 56.62 32.40 90.22
CA THR N 247 56.57 31.11 90.87
C THR N 247 56.12 30.04 89.89
N MET N 248 56.63 28.82 90.04
CA MET N 248 56.24 27.82 89.08
C MET N 248 54.86 27.29 89.29
N GLY N 249 54.06 27.23 88.26
CA GLY N 249 52.70 26.79 88.36
C GLY N 249 52.61 25.33 88.64
N ASP N 250 53.18 24.58 87.71
CA ASP N 250 53.22 23.15 87.80
C ASP N 250 54.52 22.83 88.52
N THR N 251 54.47 21.97 89.56
CA THR N 251 55.67 21.77 90.44
C THR N 251 56.53 20.69 89.86
N VAL N 252 57.82 20.93 89.71
CA VAL N 252 58.69 19.96 89.09
C VAL N 252 58.76 18.71 89.99
N PRO N 253 58.38 17.53 89.43
CA PRO N 253 58.39 16.25 90.06
C PRO N 253 59.68 15.99 90.77
N GLN N 254 59.57 15.40 91.94
CA GLN N 254 60.72 15.11 92.74
C GLN N 254 61.55 14.04 92.14
N SER N 255 60.89 13.15 91.36
CA SER N 255 61.58 12.01 90.72
C SER N 255 62.48 12.39 89.60
N LEU N 256 62.64 13.67 89.35
CA LEU N 256 63.44 14.17 88.22
C LEU N 256 64.72 14.88 88.55
N TYR N 257 65.06 14.85 89.81
CA TYR N 257 66.29 15.40 90.29
C TYR N 257 66.59 14.90 91.72
N ILE N 258 67.72 15.37 92.25
CA ILE N 258 68.17 15.08 93.59
C ILE N 258 68.35 16.43 94.29
N LYS N 259 67.76 16.51 95.48
CA LYS N 259 67.89 17.78 96.20
C LYS N 259 69.37 18.10 96.54
N GLY N 260 69.58 19.39 96.65
CA GLY N 260 70.84 19.91 97.13
C GLY N 260 70.58 20.64 98.45
N THR N 261 71.50 21.52 98.80
CA THR N 261 71.37 22.20 100.10
C THR N 261 71.38 23.70 99.80
N GLY N 262 70.76 24.55 100.65
CA GLY N 262 70.80 26.02 100.39
C GLY N 262 69.80 26.35 99.27
N MET N 263 70.18 27.29 98.38
CA MET N 263 69.41 27.68 97.18
C MET N 263 69.29 26.55 96.12
N ARG N 264 70.16 25.53 96.23
CA ARG N 264 70.08 24.33 95.40
C ARG N 264 69.27 23.22 96.09
N ALA N 265 68.49 23.59 97.09
CA ALA N 265 67.71 22.61 97.79
C ALA N 265 66.36 22.46 97.13
N SER N 266 65.99 23.56 96.46
CA SER N 266 64.73 23.62 95.67
C SER N 266 64.97 24.19 94.18
N PRO N 267 64.38 23.56 93.16
CA PRO N 267 64.55 23.99 91.79
C PRO N 267 64.09 25.35 91.54
N GLY N 268 64.88 25.98 90.68
CA GLY N 268 64.66 27.38 90.17
C GLY N 268 63.57 27.49 89.09
N SER N 269 63.51 28.61 88.37
CA SER N 269 62.55 28.66 87.30
C SER N 269 62.88 27.69 86.23
N CYS N 270 61.85 27.03 85.73
CA CYS N 270 61.88 25.90 84.81
C CYS N 270 61.00 26.06 83.63
N VAL N 271 60.67 27.31 83.40
CA VAL N 271 59.93 27.77 82.26
C VAL N 271 61.00 28.50 81.43
N TYR N 272 61.41 27.90 80.29
CA TYR N 272 62.45 28.48 79.47
C TYR N 272 61.74 28.95 78.20
N SER N 273 62.25 30.02 77.60
CA SER N 273 61.78 30.48 76.30
C SER N 273 62.93 31.31 75.65
N PRO N 274 63.36 30.88 74.46
CA PRO N 274 64.41 31.54 73.71
C PRO N 274 63.97 32.70 72.89
N SER N 275 64.93 33.60 72.71
CA SER N 275 64.63 34.80 71.90
C SER N 275 64.78 34.29 70.52
N PRO N 276 63.79 34.55 69.67
CA PRO N 276 63.89 34.09 68.27
C PRO N 276 64.78 35.08 67.54
N SER N 277 64.97 34.78 66.27
CA SER N 277 65.78 35.54 65.33
C SER N 277 65.76 34.83 63.95
N GLY N 278 65.47 35.57 62.85
CA GLY N 278 65.44 34.88 61.55
C GLY N 278 66.83 35.22 61.17
N SER N 279 67.49 34.41 60.40
CA SER N 279 68.87 34.70 60.28
C SER N 279 69.17 35.84 59.25
N ILE N 280 69.86 35.54 58.14
CA ILE N 280 70.22 36.44 57.08
C ILE N 280 69.02 36.60 56.25
N VAL N 281 68.81 37.80 55.77
CA VAL N 281 67.65 38.08 54.90
C VAL N 281 68.36 38.35 53.59
N THR N 282 68.08 37.61 52.52
CA THR N 282 68.85 37.77 51.30
C THR N 282 67.87 37.78 50.13
N SER N 283 68.16 38.51 49.08
CA SER N 283 67.25 38.57 47.94
C SER N 283 67.17 37.27 47.16
N ASP N 284 67.93 36.29 47.61
CA ASP N 284 67.88 34.96 46.94
C ASP N 284 66.56 34.23 47.19
N SER N 285 66.10 34.37 48.41
CA SER N 285 64.92 33.71 48.80
C SER N 285 63.73 34.68 48.87
N GLN N 286 63.78 35.73 48.03
CA GLN N 286 62.70 36.68 47.99
C GLN N 286 61.52 36.08 47.29
N LEU N 287 60.40 36.12 47.96
CA LEU N 287 59.18 35.60 47.38
C LEU N 287 58.34 36.50 46.46
N PHE N 288 58.32 37.79 46.70
CA PHE N 288 57.64 38.74 45.92
C PHE N 288 58.39 39.38 44.79
N ASN N 289 57.81 40.39 44.16
CA ASN N 289 58.36 41.14 43.09
C ASN N 289 58.60 40.30 41.93
N LYS N 290 57.85 39.23 41.79
CA LYS N 290 58.01 38.22 40.74
C LYS N 290 56.63 37.94 40.35
N PRO N 291 56.36 37.79 39.08
CA PRO N 291 54.96 37.44 38.73
C PRO N 291 54.68 35.96 38.86
N TYR N 292 53.55 35.56 39.35
CA TYR N 292 53.24 34.17 39.35
C TYR N 292 51.85 34.00 38.76
N TRP N 293 51.67 33.03 37.82
CA TRP N 293 50.45 32.83 37.06
C TRP N 293 49.75 31.63 37.57
N LEU N 294 48.45 31.69 37.86
CA LEU N 294 47.78 30.53 38.44
C LEU N 294 47.04 29.97 37.29
N HIS N 295 47.56 28.84 36.92
CA HIS N 295 47.02 28.12 35.84
C HIS N 295 45.90 27.15 36.32
N LYS N 296 46.09 26.40 37.40
CA LYS N 296 44.96 25.56 37.97
C LYS N 296 44.96 25.67 39.48
N ALA N 297 43.93 26.29 40.09
CA ALA N 297 43.81 26.43 41.53
C ALA N 297 43.93 25.12 42.30
N GLN N 298 44.27 25.19 43.59
CA GLN N 298 44.31 23.93 44.41
C GLN N 298 42.90 23.28 44.67
N GLY N 299 41.94 24.12 45.08
CA GLY N 299 40.57 23.65 45.32
C GLY N 299 39.66 23.70 44.10
N HIS N 300 38.37 23.76 44.38
CA HIS N 300 37.43 23.74 43.33
C HIS N 300 37.22 25.05 42.61
N ASN N 301 37.28 26.16 43.30
CA ASN N 301 37.27 27.48 42.72
C ASN N 301 38.67 27.72 42.13
N ASN N 302 38.75 27.98 40.82
CA ASN N 302 39.91 28.16 40.10
C ASN N 302 40.06 29.70 39.86
N GLY N 303 40.22 30.43 40.95
CA GLY N 303 40.46 31.88 40.96
C GLY N 303 39.30 32.64 40.34
N VAL N 304 38.10 32.10 40.50
CA VAL N 304 36.95 32.84 40.07
C VAL N 304 36.66 33.86 41.13
N CYS N 305 36.68 35.12 40.79
CA CYS N 305 36.37 36.10 41.78
C CYS N 305 34.95 36.47 41.94
N TRP N 306 34.24 35.76 42.77
CA TRP N 306 32.85 36.03 42.93
C TRP N 306 32.69 37.41 43.56
N HIS N 307 31.63 38.09 43.15
CA HIS N 307 31.32 39.41 43.64
C HIS N 307 32.33 40.39 43.15
N ASN N 308 33.07 40.02 42.17
CA ASN N 308 33.98 40.99 41.66
C ASN N 308 34.88 41.59 42.75
N GLN N 309 35.30 40.67 43.63
CA GLN N 309 36.16 40.97 44.80
C GLN N 309 37.40 40.10 44.76
N LEU N 310 38.41 40.48 45.52
CA LEU N 310 39.43 39.45 45.68
C LEU N 310 40.27 39.98 46.77
N PHE N 311 40.52 39.04 47.71
CA PHE N 311 41.39 39.33 48.85
C PHE N 311 42.87 38.87 48.69
N VAL N 312 43.80 39.71 49.14
CA VAL N 312 45.20 39.51 48.97
C VAL N 312 45.77 39.65 50.36
N THR N 313 46.06 38.49 50.96
CA THR N 313 46.72 38.42 52.24
C THR N 313 48.29 38.29 52.08
N VAL N 314 49.00 39.27 52.71
CA VAL N 314 50.50 39.34 52.72
C VAL N 314 51.27 39.54 54.01
N VAL N 315 52.32 38.74 54.19
CA VAL N 315 53.17 38.98 55.29
C VAL N 315 54.55 39.00 54.69
N ASP N 316 55.32 40.02 54.99
CA ASP N 316 56.66 40.06 54.44
C ASP N 316 57.56 40.80 55.43
N THR N 317 58.35 40.06 56.16
CA THR N 317 59.17 40.71 57.17
C THR N 317 60.60 41.06 56.63
N THR N 318 60.86 40.79 55.36
CA THR N 318 62.20 40.93 54.87
C THR N 318 62.57 42.39 54.68
N ARG N 319 61.60 43.27 54.94
CA ARG N 319 61.85 44.68 54.80
C ARG N 319 61.27 45.37 56.00
N SER N 320 61.97 45.10 57.11
CA SER N 320 61.60 45.72 58.34
C SER N 320 62.55 46.70 58.92
N THR N 321 63.46 47.34 58.17
CA THR N 321 64.30 48.45 58.81
C THR N 321 63.44 49.54 59.43
N ASN N 322 63.68 49.89 60.71
CA ASN N 322 62.78 50.91 61.31
C ASN N 322 63.56 52.27 61.35
N LEU N 323 62.97 53.34 60.84
CA LEU N 323 63.85 54.50 60.76
C LEU N 323 63.93 55.13 62.14
N THR N 324 65.02 55.75 62.50
CA THR N 324 65.13 56.30 63.84
C THR N 324 65.09 57.70 63.40
N ILE N 325 64.24 58.51 63.96
CA ILE N 325 64.24 59.96 63.66
C ILE N 325 64.40 60.73 64.93
N CYS N 326 65.28 61.72 64.99
CA CYS N 326 65.44 62.50 66.24
C CYS N 326 65.54 63.97 65.98
N ALA N 327 64.77 64.75 66.76
CA ALA N 327 64.70 66.20 66.62
C ALA N 327 65.17 66.80 67.90
N SER N 328 65.74 68.01 67.88
CA SER N 328 66.25 68.51 69.14
C SER N 328 65.21 69.33 69.82
N THR N 329 65.38 69.59 71.10
CA THR N 329 64.50 70.49 71.80
C THR N 329 64.86 71.96 71.59
N GLN N 330 66.14 72.27 71.49
CA GLN N 330 66.57 73.64 71.21
C GLN N 330 66.44 73.95 69.71
N SER N 331 66.12 75.20 69.40
CA SER N 331 66.13 75.69 67.99
C SER N 331 67.47 75.71 67.25
N PRO N 332 68.49 76.28 67.87
CA PRO N 332 69.80 76.39 67.24
C PRO N 332 70.60 75.13 67.21
N VAL N 333 70.29 74.17 68.11
CA VAL N 333 70.95 72.84 68.12
C VAL N 333 72.37 73.01 68.51
N PRO N 334 72.61 73.26 69.77
CA PRO N 334 73.91 73.66 70.39
C PRO N 334 75.02 72.77 70.07
N GLY N 335 76.22 73.36 70.14
CA GLY N 335 77.45 72.70 69.75
C GLY N 335 77.88 71.73 70.86
N GLN N 336 77.06 71.73 71.92
CA GLN N 336 77.30 70.83 73.07
C GLN N 336 76.29 69.69 73.17
N TYR N 337 76.81 68.46 73.22
CA TYR N 337 75.89 67.32 73.07
C TYR N 337 75.31 67.02 74.38
N ASP N 338 73.99 66.93 74.37
CA ASP N 338 73.28 66.67 75.55
C ASP N 338 72.02 65.82 75.30
N ALA N 339 72.09 64.55 75.70
CA ALA N 339 71.14 63.54 75.45
C ALA N 339 69.74 64.12 75.53
N THR N 340 69.42 64.61 76.70
CA THR N 340 68.06 64.99 77.04
C THR N 340 67.44 65.99 76.08
N LYS N 341 68.33 66.64 75.39
CA LYS N 341 67.99 67.76 74.52
C LYS N 341 67.53 67.32 73.13
N PHE N 342 67.39 66.02 72.89
CA PHE N 342 66.93 65.49 71.62
C PHE N 342 65.84 64.52 71.91
N LYS N 343 64.80 64.48 71.04
CA LYS N 343 63.60 63.57 71.18
C LYS N 343 63.71 62.47 70.12
N GLN N 344 63.68 61.20 70.51
CA GLN N 344 63.92 60.09 69.64
C GLN N 344 62.60 59.44 69.25
N TYR N 345 62.39 59.31 67.94
CA TYR N 345 61.18 58.62 67.45
C TYR N 345 61.52 57.42 66.58
N SER N 346 60.56 56.48 66.49
CA SER N 346 60.70 55.35 65.65
C SER N 346 59.64 55.26 64.63
N ARG N 347 59.93 55.20 63.35
CA ARG N 347 58.85 55.12 62.34
C ARG N 347 59.10 54.05 61.29
N HIS N 348 58.05 53.28 60.93
CA HIS N 348 58.21 52.19 60.00
C HIS N 348 57.46 52.49 58.74
N VAL N 349 57.88 51.96 57.60
CA VAL N 349 57.24 52.32 56.40
C VAL N 349 56.88 51.09 55.66
N GLU N 350 55.97 51.11 54.72
CA GLU N 350 55.57 49.90 54.05
C GLU N 350 55.12 50.40 52.66
N GLU N 351 55.61 49.78 51.60
CA GLU N 351 55.23 50.18 50.25
C GLU N 351 54.86 48.96 49.37
N TYR N 352 53.63 48.85 48.95
CA TYR N 352 53.19 47.77 48.10
C TYR N 352 52.73 48.33 46.81
N ASP N 353 52.38 47.47 45.89
CA ASP N 353 51.93 47.82 44.58
C ASP N 353 51.35 46.48 44.04
N LEU N 354 50.04 46.44 43.83
CA LEU N 354 49.40 45.17 43.34
C LEU N 354 49.12 45.20 41.83
N GLN N 355 49.38 44.13 41.11
CA GLN N 355 49.18 44.07 39.72
C GLN N 355 48.54 42.70 39.44
N PHE N 356 47.66 42.58 38.46
CA PHE N 356 46.93 41.34 38.16
C PHE N 356 46.63 41.30 36.67
N ILE N 357 46.23 40.14 36.24
CA ILE N 357 45.80 39.95 34.89
C ILE N 357 44.54 39.16 35.14
N PHE N 358 43.35 39.67 34.76
CA PHE N 358 42.08 38.94 34.89
C PHE N 358 41.54 38.51 33.55
N GLN N 359 40.87 37.38 33.61
CA GLN N 359 40.27 36.81 32.44
C GLN N 359 38.73 36.84 32.51
N LEU N 360 38.11 37.48 31.50
CA LEU N 360 36.66 37.57 31.39
C LEU N 360 36.06 36.21 31.24
N CYS N 361 35.06 35.90 32.03
CA CYS N 361 34.42 34.60 31.89
C CYS N 361 32.92 34.66 31.89
N THR N 362 32.28 33.64 31.30
CA THR N 362 30.87 33.58 31.15
C THR N 362 30.29 32.38 31.88
N ILE N 363 29.10 32.55 32.47
CA ILE N 363 28.41 31.50 33.18
C ILE N 363 27.04 31.48 32.58
N THR N 364 26.71 30.43 31.83
CA THR N 364 25.38 30.22 31.27
C THR N 364 24.46 29.75 32.35
N LEU N 365 23.51 30.58 32.70
CA LEU N 365 22.49 30.22 33.65
C LEU N 365 21.43 29.19 33.25
N THR N 366 21.47 28.02 33.79
CA THR N 366 20.49 27.03 33.49
C THR N 366 19.86 26.58 34.87
N ALA N 367 18.84 25.73 34.85
CA ALA N 367 18.30 25.13 36.08
C ALA N 367 19.40 24.77 37.05
N ASP N 368 20.08 23.70 36.71
CA ASP N 368 20.95 23.12 37.70
C ASP N 368 22.09 24.08 38.01
N VAL N 369 22.47 24.88 37.02
CA VAL N 369 23.58 25.77 37.26
C VAL N 369 23.11 26.74 38.33
N MET N 370 21.91 27.26 38.22
CA MET N 370 21.46 28.19 39.23
C MET N 370 21.22 27.54 40.54
N SER N 371 20.70 26.32 40.53
CA SER N 371 20.46 25.65 41.81
C SER N 371 21.78 25.38 42.56
N TYR N 372 22.87 25.26 41.77
CA TYR N 372 24.18 24.94 42.28
C TYR N 372 24.69 26.26 42.84
N ILE N 373 24.66 27.31 42.04
CA ILE N 373 25.13 28.59 42.50
C ILE N 373 24.33 29.00 43.65
N GLN N 374 23.16 28.41 43.75
CA GLN N 374 22.22 28.83 44.75
C GLN N 374 22.60 28.26 46.11
N SER N 375 22.94 26.97 46.11
CA SER N 375 23.34 26.31 47.31
C SER N 375 24.68 26.86 47.73
N MET N 376 25.53 27.11 46.73
CA MET N 376 26.88 27.54 47.03
C MET N 376 26.90 28.85 47.78
N ASN N 377 26.33 29.87 47.20
CA ASN N 377 26.33 31.13 47.82
C ASN N 377 25.32 31.94 47.15
N SER N 378 24.11 31.87 47.71
CA SER N 378 22.91 32.55 47.16
C SER N 378 23.14 33.99 46.73
N SER N 379 24.00 34.67 47.44
CA SER N 379 24.25 36.04 47.23
C SER N 379 24.86 36.35 45.87
N ILE N 380 25.57 35.39 45.32
CA ILE N 380 26.12 35.53 43.97
C ILE N 380 25.05 35.90 42.96
N LEU N 381 23.92 35.14 42.99
CA LEU N 381 22.77 35.25 42.09
C LEU N 381 22.08 36.52 42.38
N GLU N 382 22.29 37.04 43.62
CA GLU N 382 21.53 38.16 44.09
C GLU N 382 21.93 39.37 43.32
N ASP N 383 23.24 39.59 43.30
CA ASP N 383 23.83 40.72 42.66
C ASP N 383 23.56 40.76 41.16
N TRP N 384 23.51 39.59 40.48
CA TRP N 384 23.07 39.64 39.06
C TRP N 384 21.57 39.95 38.88
N ASN N 385 20.81 40.08 40.01
CA ASN N 385 19.33 40.42 40.08
C ASN N 385 18.42 39.37 39.40
N ASN N 391 22.91 47.17 49.63
CA ASN N 391 22.89 45.83 50.24
C ASN N 391 23.86 45.76 51.45
N LYS N 392 23.67 44.72 52.30
CA LYS N 392 24.55 44.44 53.49
C LYS N 392 25.63 43.40 53.14
N ASP N 393 26.90 43.84 53.32
CA ASP N 393 28.14 43.04 53.12
C ASP N 393 28.60 42.30 54.36
N PRO N 394 28.79 40.99 54.27
CA PRO N 394 29.12 40.19 55.45
C PRO N 394 30.47 40.46 56.04
N TYR N 395 31.26 41.25 55.33
CA TYR N 395 32.58 41.62 55.79
C TYR N 395 32.64 43.09 56.26
N ASP N 396 31.51 43.71 56.58
CA ASP N 396 31.60 45.14 56.94
C ASP N 396 32.06 45.44 58.34
N LYS N 397 32.17 44.36 59.09
CA LYS N 397 32.73 44.49 60.42
C LYS N 397 34.29 44.44 60.48
N LEU N 398 34.95 43.78 59.51
CA LEU N 398 36.39 43.52 59.53
C LEU N 398 37.15 44.63 58.84
N LYS N 399 38.37 44.87 59.29
CA LYS N 399 39.23 45.87 58.68
C LYS N 399 40.07 45.31 57.55
N PHE N 400 40.04 45.97 56.43
CA PHE N 400 40.85 45.58 55.32
C PHE N 400 41.37 46.86 54.70
N TRP N 401 42.39 46.76 53.91
CA TRP N 401 43.00 47.93 53.26
C TRP N 401 42.27 47.80 52.00
N ASN N 402 41.33 48.71 51.73
CA ASN N 402 40.60 48.72 50.48
C ASN N 402 41.35 49.28 49.24
N VAL N 403 41.34 48.53 48.14
CA VAL N 403 42.02 48.94 47.00
C VAL N 403 41.01 48.89 45.87
N ASP N 404 40.59 50.06 45.33
CA ASP N 404 39.52 50.08 44.35
C ASP N 404 40.11 49.97 42.95
N LEU N 405 39.69 49.03 42.14
CA LEU N 405 40.34 49.00 40.87
C LEU N 405 39.31 49.13 39.81
N LYS N 406 38.19 49.74 40.13
CA LYS N 406 37.05 49.69 39.22
C LYS N 406 37.44 50.54 38.04
N GLU N 407 38.24 51.55 38.31
CA GLU N 407 38.66 52.48 37.29
C GLU N 407 40.03 52.16 36.69
N LYS N 408 40.48 50.90 36.77
CA LYS N 408 41.92 50.62 36.39
C LYS N 408 42.15 49.43 35.53
N PHE N 409 41.08 48.84 35.04
CA PHE N 409 41.16 47.78 34.06
C PHE N 409 41.52 48.35 32.67
N SER N 410 42.43 47.68 32.02
CA SER N 410 42.89 47.99 30.70
C SER N 410 42.99 46.73 29.75
N LEU N 411 42.78 46.95 28.45
CA LEU N 411 42.80 45.87 27.53
C LEU N 411 44.09 45.69 26.85
N ASP N 412 45.01 46.67 26.95
CA ASP N 412 46.28 46.57 26.17
C ASP N 412 47.38 46.30 27.17
N LEU N 413 47.59 45.00 27.34
CA LEU N 413 48.42 44.41 28.36
C LEU N 413 49.79 44.89 28.07
N ASP N 414 50.09 44.96 26.79
CA ASP N 414 51.34 45.41 26.25
C ASP N 414 51.86 46.75 26.87
N GLN N 415 50.95 47.59 27.29
CA GLN N 415 51.32 48.83 28.03
C GLN N 415 51.81 48.75 29.47
N TYR N 416 51.74 47.56 30.07
CA TYR N 416 52.10 47.37 31.45
C TYR N 416 53.06 46.20 31.65
N PRO N 417 53.94 46.29 32.69
CA PRO N 417 54.89 45.31 33.05
C PRO N 417 54.32 43.92 33.15
N LEU N 418 53.51 43.68 34.17
CA LEU N 418 52.93 42.31 34.31
C LEU N 418 52.26 41.87 33.00
N GLY N 419 51.60 42.80 32.41
CA GLY N 419 51.00 42.48 31.17
C GLY N 419 51.94 42.05 30.08
N ARG N 420 53.06 42.79 29.90
CA ARG N 420 53.99 42.41 28.85
C ARG N 420 54.48 41.03 29.11
N LYS N 421 54.88 40.77 30.37
CA LYS N 421 55.26 39.46 30.87
C LYS N 421 54.16 38.45 30.64
N PHE N 422 52.92 38.77 30.84
CA PHE N 422 51.97 37.79 30.60
C PHE N 422 51.90 37.47 29.14
N LEU N 423 52.13 38.46 28.32
CA LEU N 423 52.13 38.27 26.90
C LEU N 423 53.20 37.29 26.46
N VAL N 424 54.40 37.41 27.00
CA VAL N 424 55.49 36.44 26.78
C VAL N 424 54.98 35.07 27.14
N GLN N 425 54.54 34.89 28.38
CA GLN N 425 54.30 33.49 28.86
C GLN N 425 53.24 32.84 27.96
N ALA N 426 52.43 33.66 27.35
CA ALA N 426 51.39 33.14 26.48
C ALA N 426 51.89 32.70 25.12
N GLY N 427 53.04 33.23 24.67
CA GLY N 427 53.64 32.84 23.40
C GLY N 427 53.88 34.15 22.67
N LEU N 428 52.80 34.88 22.36
CA LEU N 428 52.85 36.00 21.40
C LEU N 428 53.52 37.17 21.98
N ALA O 1 49.11 55.64 22.92
CA ALA O 1 49.67 54.22 23.04
C ALA O 1 51.14 54.22 22.75
N VAL O 2 51.99 53.75 23.70
CA VAL O 2 53.43 53.58 23.49
C VAL O 2 53.73 52.25 22.82
N VAL O 3 54.76 52.24 21.98
CA VAL O 3 55.06 51.04 21.22
C VAL O 3 56.50 50.59 21.37
N ASN O 4 56.64 49.31 21.15
CA ASN O 4 57.87 48.61 21.24
C ASN O 4 58.80 49.10 20.18
N THR O 5 60.07 49.32 20.50
CA THR O 5 60.97 49.94 19.53
C THR O 5 61.14 48.94 18.40
N ASP O 6 60.91 47.67 18.70
CA ASP O 6 61.01 46.76 17.58
C ASP O 6 60.11 47.08 16.39
N ASP O 7 59.10 47.91 16.58
CA ASP O 7 58.18 48.22 15.51
C ASP O 7 58.68 49.30 14.62
N TYR O 8 59.44 50.24 15.11
CA TYR O 8 59.87 51.29 14.24
C TYR O 8 61.33 51.41 14.12
N VAL O 9 62.12 50.53 14.75
CA VAL O 9 63.60 50.60 14.66
C VAL O 9 64.14 49.32 14.07
N THR O 10 64.70 49.30 12.88
CA THR O 10 65.12 48.04 12.29
C THR O 10 66.56 47.78 12.63
N ARG O 11 66.91 46.54 12.89
CA ARG O 11 68.28 46.25 13.33
C ARG O 11 69.09 45.70 12.18
N THR O 12 70.29 46.22 12.06
CA THR O 12 71.20 45.70 11.06
C THR O 12 71.97 44.51 11.56
N SER O 13 72.94 44.10 10.75
CA SER O 13 73.73 42.97 11.18
C SER O 13 75.15 43.50 11.50
N ILE O 14 75.33 44.84 11.60
CA ILE O 14 76.61 45.43 11.93
C ILE O 14 76.83 45.56 13.47
N PHE O 15 77.84 44.96 14.11
CA PHE O 15 78.04 45.15 15.53
C PHE O 15 79.33 45.85 15.84
N TYR O 16 79.35 46.74 16.76
CA TYR O 16 80.64 47.27 17.10
C TYR O 16 80.94 46.94 18.56
N HIS O 17 82.19 47.10 18.94
CA HIS O 17 82.52 46.78 20.31
C HIS O 17 83.02 48.11 20.78
N ALA O 18 82.95 48.36 22.09
CA ALA O 18 83.42 49.62 22.62
C ALA O 18 83.70 49.40 24.04
N GLY O 19 84.69 50.11 24.56
CA GLY O 19 84.98 50.08 25.96
C GLY O 19 85.89 51.12 26.58
N SER O 20 85.55 51.46 27.83
CA SER O 20 86.32 52.41 28.67
C SER O 20 87.64 51.76 28.82
N SER O 21 88.64 52.57 29.04
CA SER O 21 90.03 52.04 29.13
C SER O 21 90.02 51.36 30.53
N ARG O 22 90.32 52.04 31.67
CA ARG O 22 90.24 51.39 32.95
C ARG O 22 89.95 52.53 33.88
N LEU O 23 88.71 52.61 34.36
CA LEU O 23 88.28 53.70 35.24
C LEU O 23 88.87 53.42 36.60
N LEU O 24 89.45 54.41 37.26
CA LEU O 24 90.01 54.15 38.56
C LEU O 24 89.79 55.31 39.47
N THR O 25 89.76 55.12 40.80
CA THR O 25 89.58 56.34 41.64
C THR O 25 89.84 56.14 43.07
N VAL O 26 90.65 56.96 43.70
CA VAL O 26 90.91 56.65 45.07
C VAL O 26 90.60 57.80 45.95
N GLY O 27 90.15 57.63 47.17
CA GLY O 27 89.95 58.79 48.00
C GLY O 27 89.65 58.31 49.43
N ASP O 28 89.07 59.17 50.26
CA ASP O 28 88.92 58.82 51.66
C ASP O 28 87.51 58.27 51.57
N PRO O 29 87.27 57.20 52.29
CA PRO O 29 86.02 56.50 52.34
C PRO O 29 84.96 57.10 53.16
N TYR O 30 85.30 58.02 54.08
CA TYR O 30 84.28 58.58 54.94
C TYR O 30 83.90 59.97 54.62
N PHE O 31 84.78 60.73 53.98
CA PHE O 31 84.44 62.14 53.67
C PHE O 31 85.52 62.82 52.85
N ARG O 32 85.22 63.95 52.16
CA ARG O 32 86.27 64.58 51.40
C ARG O 32 87.13 65.46 52.23
N VAL O 33 88.43 65.43 51.96
CA VAL O 33 89.42 66.13 52.74
C VAL O 33 89.68 67.43 52.03
N PRO O 34 89.17 68.53 52.58
CA PRO O 34 89.35 69.84 51.94
C PRO O 34 90.75 70.03 51.34
N ALA O 35 90.81 70.65 50.17
CA ALA O 35 92.07 70.88 49.49
C ALA O 35 93.26 71.42 50.31
N GLY O 36 94.42 70.89 49.92
CA GLY O 36 95.73 71.34 50.35
C GLY O 36 96.07 71.77 51.76
N GLY O 37 95.16 71.58 52.72
CA GLY O 37 95.58 71.77 54.13
C GLY O 37 96.98 71.13 54.37
N GLY O 38 97.11 69.78 54.23
CA GLY O 38 98.39 69.05 54.36
C GLY O 38 99.08 69.05 52.99
N ASN O 39 98.49 68.37 52.01
CA ASN O 39 99.14 68.32 50.70
C ASN O 39 98.15 68.52 49.53
N LYS O 40 98.49 69.51 48.72
CA LYS O 40 97.73 70.06 47.58
C LYS O 40 96.67 69.23 46.90
N GLN O 41 95.50 69.86 46.72
CA GLN O 41 94.37 69.24 45.96
C GLN O 41 93.46 68.34 46.79
N ASP O 42 92.18 68.43 46.53
CA ASP O 42 91.19 67.69 47.29
C ASP O 42 91.36 66.17 47.33
N ILE O 43 91.08 65.55 48.43
CA ILE O 43 90.92 64.13 48.40
C ILE O 43 89.45 63.81 48.37
N PRO O 44 88.94 63.28 47.30
CA PRO O 44 87.57 62.90 47.14
C PRO O 44 87.05 61.85 48.15
N LYS O 45 85.76 61.83 48.34
CA LYS O 45 85.17 60.85 49.13
C LYS O 45 84.80 59.69 48.22
N VAL O 46 85.66 58.67 48.18
CA VAL O 46 85.40 57.46 47.38
C VAL O 46 85.05 56.33 48.32
N SER O 47 83.81 55.84 48.25
CA SER O 47 83.36 54.76 49.13
C SER O 47 82.76 53.71 48.34
N ALA O 48 82.78 52.52 48.89
CA ALA O 48 82.12 51.41 48.20
C ALA O 48 80.63 51.48 48.33
N TYR O 49 80.17 52.30 49.25
CA TYR O 49 78.81 52.36 49.51
C TYR O 49 78.18 53.48 48.76
N GLN O 50 78.68 53.93 47.58
CA GLN O 50 77.95 55.02 46.87
C GLN O 50 77.72 54.59 45.47
N TYR O 51 76.60 54.98 44.92
CA TYR O 51 76.35 54.67 43.54
C TYR O 51 77.40 55.20 42.52
N ARG O 52 77.69 54.43 41.53
CA ARG O 52 78.62 54.83 40.55
C ARG O 52 77.68 55.03 39.33
N VAL O 53 77.55 56.25 38.80
CA VAL O 53 76.71 56.38 37.61
C VAL O 53 77.62 56.81 36.48
N PHE O 54 77.75 56.06 35.40
CA PHE O 54 78.67 56.37 34.36
C PHE O 54 77.74 56.78 33.29
N ARG O 55 78.07 57.93 32.68
CA ARG O 55 77.34 58.47 31.56
C ARG O 55 78.16 58.16 30.30
N VAL O 56 77.82 57.12 29.57
CA VAL O 56 78.60 56.75 28.43
C VAL O 56 78.19 57.51 27.17
N GLN O 57 79.13 58.28 26.63
CA GLN O 57 78.98 59.08 25.43
C GLN O 57 79.36 58.26 24.24
N LEU O 58 78.40 57.97 23.40
CA LEU O 58 78.60 57.23 22.12
C LEU O 58 78.79 58.20 20.94
N PRO O 59 79.44 57.73 19.86
CA PRO O 59 79.61 58.58 18.72
C PRO O 59 78.26 58.65 18.01
N ASP O 60 77.97 59.79 17.38
CA ASP O 60 76.75 59.91 16.64
C ASP O 60 76.80 58.98 15.41
N PRO O 61 76.04 57.89 15.32
CA PRO O 61 76.15 57.00 14.18
C PRO O 61 75.94 57.58 12.79
N ASN O 62 75.35 58.80 12.71
CA ASN O 62 74.98 59.46 11.45
C ASN O 62 76.17 60.24 11.02
N LYS O 63 76.71 61.10 11.85
CA LYS O 63 77.94 61.82 11.49
C LYS O 63 79.22 60.93 11.49
N PHE O 64 79.05 59.64 11.22
CA PHE O 64 80.06 58.67 11.62
C PHE O 64 80.45 58.07 10.32
N GLY O 65 81.67 57.52 10.31
CA GLY O 65 82.14 56.83 9.14
C GLY O 65 81.85 55.36 9.13
N LEU O 66 80.78 54.92 8.42
CA LEU O 66 80.39 53.47 8.32
C LEU O 66 81.36 52.62 7.48
N PRO O 67 81.30 51.29 7.66
CA PRO O 67 82.13 50.34 6.85
C PRO O 67 81.70 50.40 5.35
N ASP O 68 80.41 50.83 5.24
CA ASP O 68 79.57 50.93 4.01
C ASP O 68 78.40 51.91 4.32
N THR O 69 78.50 53.10 3.70
CA THR O 69 77.47 54.18 3.95
C THR O 69 76.29 53.97 2.96
N SER O 70 76.01 52.66 2.72
CA SER O 70 74.88 52.15 1.84
C SER O 70 74.01 51.01 2.53
N ILE O 71 73.90 51.26 3.85
CA ILE O 71 73.08 50.48 4.90
C ILE O 71 71.70 51.18 5.05
N TYR O 72 71.74 52.50 4.94
CA TYR O 72 70.56 53.21 4.87
C TYR O 72 70.62 54.34 3.79
N ASN O 73 69.51 55.08 3.67
CA ASN O 73 69.38 56.23 2.78
C ASN O 73 69.13 57.47 3.63
N PRO O 74 70.14 58.25 3.75
CA PRO O 74 70.18 59.49 4.55
C PRO O 74 69.14 60.47 4.22
N GLU O 75 68.38 60.15 3.21
CA GLU O 75 67.27 61.03 2.87
C GLU O 75 65.99 60.60 3.58
N THR O 76 65.74 59.26 3.69
CA THR O 76 64.53 58.77 4.42
C THR O 76 64.75 58.20 5.77
N GLN O 77 66.02 57.86 6.10
CA GLN O 77 66.27 57.32 7.44
C GLN O 77 67.36 57.83 8.32
N ARG O 78 67.38 57.38 9.56
CA ARG O 78 68.38 57.79 10.45
C ARG O 78 69.00 56.64 11.25
N LEU O 79 70.12 56.88 11.89
CA LEU O 79 70.74 55.84 12.60
C LEU O 79 70.77 55.97 14.14
N VAL O 80 70.54 54.83 14.79
CA VAL O 80 70.57 54.76 16.21
C VAL O 80 71.43 53.60 16.68
N TRP O 81 72.10 53.78 17.83
CA TRP O 81 72.84 52.73 18.41
C TRP O 81 71.97 51.83 19.35
N ALA O 82 71.89 50.53 19.18
CA ALA O 82 71.27 49.69 20.23
C ALA O 82 72.26 48.88 21.00
N CYS O 83 72.06 48.79 22.30
CA CYS O 83 72.97 48.04 23.17
C CYS O 83 72.66 46.52 23.05
N ALA O 84 73.70 45.70 22.96
CA ALA O 84 73.46 44.32 22.79
C ALA O 84 74.20 43.42 23.76
N GLY O 85 75.21 43.93 24.47
CA GLY O 85 75.96 43.13 25.43
C GLY O 85 76.65 44.08 26.35
N VAL O 86 76.91 43.68 27.59
CA VAL O 86 77.62 44.53 28.61
C VAL O 86 78.38 43.69 29.47
N GLU O 87 79.38 44.28 30.05
CA GLU O 87 80.12 43.53 31.06
C GLU O 87 80.78 44.57 31.86
N ILE O 88 80.38 44.71 33.13
CA ILE O 88 80.96 45.71 34.01
C ILE O 88 82.14 45.00 34.67
N GLY O 89 83.35 45.34 34.32
CA GLY O 89 84.46 44.54 34.85
C GLY O 89 84.89 45.17 36.20
N ARG O 90 85.31 44.35 37.19
CA ARG O 90 85.63 44.89 38.47
C ARG O 90 87.04 44.55 38.88
N GLY O 91 87.69 45.56 39.42
CA GLY O 91 89.09 45.45 39.67
C GLY O 91 89.70 44.89 40.95
N GLN O 92 89.79 45.60 42.07
CA GLN O 92 90.48 45.12 43.18
C GLN O 92 89.93 43.74 43.60
N PRO O 93 90.58 43.06 44.57
CA PRO O 93 90.14 41.73 45.08
C PRO O 93 88.99 41.89 46.09
N LEU O 94 88.27 40.81 46.40
CA LEU O 94 87.08 40.85 47.26
C LEU O 94 87.45 41.22 48.61
N GLY O 95 86.51 41.69 49.40
CA GLY O 95 87.01 42.20 50.62
C GLY O 95 85.98 42.88 51.48
N VAL O 96 86.24 43.11 52.78
CA VAL O 96 85.16 43.73 53.63
C VAL O 96 85.79 44.96 54.36
N GLY O 97 84.98 45.94 54.73
CA GLY O 97 85.50 47.03 55.43
C GLY O 97 84.45 47.73 56.30
N LEU O 98 84.95 48.32 57.43
CA LEU O 98 84.03 48.99 58.33
C LEU O 98 83.81 50.47 58.10
N SER O 99 82.71 50.97 58.68
CA SER O 99 82.47 52.43 58.76
C SER O 99 82.02 52.72 60.17
N GLY O 100 82.43 53.87 60.70
CA GLY O 100 82.05 54.11 62.06
C GLY O 100 81.80 55.54 62.39
N HIS O 101 81.64 55.85 63.66
CA HIS O 101 81.44 57.17 64.10
C HIS O 101 82.02 57.22 65.45
N PRO O 102 82.77 58.25 65.74
CA PRO O 102 83.43 58.49 67.01
C PRO O 102 82.42 58.67 68.14
N PHE O 103 81.24 59.16 67.86
CA PHE O 103 80.28 59.33 68.90
C PHE O 103 78.96 58.69 68.54
N TYR O 104 78.96 57.43 68.16
CA TYR O 104 77.68 56.72 67.79
C TYR O 104 76.72 56.78 68.98
N ASN O 105 75.43 57.02 68.78
CA ASN O 105 74.53 57.22 69.86
C ASN O 105 74.02 55.90 70.16
N LYS O 106 74.75 55.14 70.94
CA LYS O 106 74.40 53.80 71.34
C LYS O 106 74.17 53.87 72.80
N LEU O 107 72.94 53.77 73.26
CA LEU O 107 72.70 53.75 74.72
C LEU O 107 73.25 52.53 75.39
N ASP O 108 72.65 51.37 75.16
CA ASP O 108 73.22 50.09 75.67
C ASP O 108 72.74 48.86 74.94
N ASP O 109 73.40 47.78 75.32
CA ASP O 109 73.23 46.54 74.59
C ASP O 109 71.95 45.93 75.00
N THR O 110 70.93 45.96 74.14
CA THR O 110 69.66 45.38 74.51
C THR O 110 69.52 43.98 74.04
N GLU O 111 70.63 43.34 73.68
CA GLU O 111 70.59 42.03 73.12
C GLU O 111 70.47 41.02 74.14
N SER O 112 71.33 41.14 75.11
CA SER O 112 71.35 40.29 76.27
C SER O 112 72.23 40.86 77.37
N SER O 113 72.13 42.18 77.63
CA SER O 113 72.84 42.89 78.75
C SER O 113 72.92 41.90 79.90
N HIS O 114 74.14 41.76 80.44
CA HIS O 114 74.32 40.99 81.72
C HIS O 114 73.18 41.22 82.82
N ALA O 115 72.75 42.52 82.98
CA ALA O 115 71.67 43.00 83.90
C ALA O 115 71.03 44.34 83.36
N ALA O 116 70.80 45.26 84.32
CA ALA O 116 70.30 46.59 84.02
C ALA O 116 71.43 47.28 83.26
N THR O 117 71.22 48.58 83.06
CA THR O 117 72.25 49.39 82.37
C THR O 117 72.49 50.77 82.99
N SER O 118 73.65 51.36 82.55
CA SER O 118 73.96 52.77 82.82
C SER O 118 72.75 53.77 82.88
N ASN O 119 73.04 54.90 83.54
CA ASN O 119 72.07 55.99 83.73
C ASN O 119 71.88 56.83 82.44
N VAL O 120 70.61 57.14 82.06
CA VAL O 120 70.34 58.09 80.92
C VAL O 120 70.64 59.55 81.33
N SER O 121 71.74 59.73 82.12
CA SER O 121 72.33 61.04 82.62
C SER O 121 72.88 62.00 81.47
N GLU O 122 74.00 61.58 80.82
CA GLU O 122 74.51 62.39 79.69
C GLU O 122 75.77 61.84 79.11
N ASP O 123 75.89 62.10 77.80
CA ASP O 123 76.99 61.75 76.85
C ASP O 123 77.64 60.42 77.09
N VAL O 124 77.04 59.38 76.48
CA VAL O 124 77.42 58.00 76.65
C VAL O 124 77.71 57.49 75.29
N ARG O 125 77.82 58.38 74.32
CA ARG O 125 78.11 58.02 72.97
C ARG O 125 79.41 57.25 73.00
N ASP O 126 79.50 56.14 72.28
CA ASP O 126 80.73 55.39 72.16
C ASP O 126 81.17 55.33 70.71
N ASN O 127 82.48 55.13 70.49
CA ASN O 127 82.99 54.92 69.13
C ASN O 127 82.69 53.52 68.62
N VAL O 128 81.78 53.42 67.68
CA VAL O 128 81.57 52.12 67.11
C VAL O 128 81.75 52.11 65.61
N SER O 129 81.94 50.94 65.04
CA SER O 129 81.97 50.81 63.62
C SER O 129 81.00 49.69 63.22
N VAL O 130 80.91 49.46 61.94
CA VAL O 130 79.99 48.43 61.55
C VAL O 130 80.23 48.03 60.08
N ASP O 131 80.16 46.75 59.72
CA ASP O 131 80.30 46.48 58.27
C ASP O 131 78.92 46.67 57.64
N TYR O 132 78.73 47.43 56.59
CA TYR O 132 77.27 47.66 56.21
C TYR O 132 76.65 46.42 55.49
N LYS O 133 75.39 46.52 55.15
CA LYS O 133 74.65 45.54 54.35
C LYS O 133 75.37 45.33 53.07
N GLN O 134 75.23 44.18 52.38
CA GLN O 134 76.07 43.94 51.24
C GLN O 134 75.09 44.06 50.11
N THR O 135 75.44 44.79 49.06
CA THR O 135 74.54 45.04 47.94
C THR O 135 75.30 45.04 46.61
N GLN O 136 74.60 44.63 45.55
CA GLN O 136 75.17 44.69 44.19
C GLN O 136 74.06 44.96 43.29
N LEU O 137 74.14 46.06 42.57
CA LEU O 137 73.06 46.23 41.58
C LEU O 137 73.66 46.93 40.44
N CYS O 138 72.97 46.81 39.32
CA CYS O 138 73.41 47.41 38.16
C CYS O 138 72.23 47.70 37.21
N ILE O 139 72.11 48.92 36.70
CA ILE O 139 70.98 49.22 35.79
C ILE O 139 71.48 49.89 34.46
N LEU O 140 70.93 49.53 33.31
CA LEU O 140 71.31 50.27 32.16
C LEU O 140 70.12 50.93 31.51
N GLY O 141 70.29 52.11 30.94
CA GLY O 141 69.19 52.80 30.28
C GLY O 141 69.73 53.96 29.51
N CYS O 142 68.84 54.57 28.80
CA CYS O 142 69.33 55.67 28.11
C CYS O 142 68.82 56.93 28.69
N ALA O 143 68.66 56.88 30.00
CA ALA O 143 68.24 57.97 30.86
C ALA O 143 68.78 57.61 32.22
N PRO O 144 69.18 58.58 33.00
CA PRO O 144 69.56 58.22 34.33
C PRO O 144 68.38 57.55 35.12
N ALA O 145 68.77 56.71 36.10
CA ALA O 145 67.87 55.86 36.82
C ALA O 145 67.26 56.64 37.99
N ILE O 146 66.13 56.14 38.52
CA ILE O 146 65.54 56.90 39.58
C ILE O 146 65.64 56.26 40.96
N GLY O 147 65.90 57.07 41.97
CA GLY O 147 65.89 56.51 43.33
C GLY O 147 64.83 57.15 44.18
N GLU O 148 64.54 56.53 45.34
CA GLU O 148 63.56 57.00 46.30
C GLU O 148 64.26 57.04 47.58
N HIS O 149 63.75 57.92 48.45
CA HIS O 149 64.11 58.02 49.83
C HIS O 149 63.21 58.83 50.63
N TRP O 150 63.26 58.73 51.92
CA TRP O 150 62.39 59.47 52.79
C TRP O 150 63.00 60.80 53.19
N ALA O 151 62.19 61.87 53.08
CA ALA O 151 62.63 63.16 53.59
C ALA O 151 61.69 63.83 54.46
N LYS O 152 62.16 64.89 55.10
CA LYS O 152 61.33 65.66 56.01
C LYS O 152 60.17 66.37 55.22
N GLY O 153 58.92 66.08 55.64
CA GLY O 153 57.74 66.63 54.99
C GLY O 153 57.85 68.12 55.08
N THR O 154 57.34 68.78 54.05
CA THR O 154 57.19 70.24 54.07
C THR O 154 56.22 70.58 55.16
N ALA O 155 56.65 71.47 56.06
CA ALA O 155 55.85 71.81 57.26
C ALA O 155 54.64 72.66 56.80
N SER O 156 53.39 72.22 57.15
CA SER O 156 52.12 72.89 56.68
C SER O 156 51.97 74.26 57.39
N LYS O 157 51.38 75.21 56.62
CA LYS O 157 51.17 76.63 57.06
C LYS O 157 49.94 76.66 58.01
N SER O 158 48.89 75.85 57.64
CA SER O 158 47.66 75.60 58.49
C SER O 158 48.00 75.05 59.96
N ARG O 159 48.81 74.01 59.98
CA ARG O 159 49.14 73.36 61.25
C ARG O 159 50.67 73.40 61.43
N PRO O 160 51.21 74.54 61.99
CA PRO O 160 52.71 74.65 62.11
C PRO O 160 53.22 73.52 63.11
N LEU O 161 54.54 73.23 63.05
CA LEU O 161 55.12 72.16 63.87
C LEU O 161 56.04 72.67 64.99
N SER O 162 55.65 72.42 66.25
CA SER O 162 56.47 72.90 67.41
C SER O 162 57.75 72.10 67.46
N GLN O 163 58.86 72.81 67.65
CA GLN O 163 60.23 72.24 67.63
C GLN O 163 60.32 71.12 68.63
N GLY O 164 60.82 69.99 68.15
CA GLY O 164 60.92 68.85 69.03
C GLY O 164 60.04 67.74 68.62
N ASP O 165 58.89 67.99 68.02
CA ASP O 165 57.97 66.99 67.56
C ASP O 165 58.48 66.40 66.34
N CYS O 166 57.88 65.27 66.00
CA CYS O 166 58.33 64.47 64.91
C CYS O 166 57.65 64.85 63.66
N PRO O 167 58.45 65.13 62.64
CA PRO O 167 57.99 65.55 61.35
C PRO O 167 57.32 64.52 60.52
N PRO O 168 56.60 64.95 59.53
CA PRO O 168 55.98 63.93 58.75
C PRO O 168 56.98 63.46 57.61
N LEU O 169 56.92 62.20 57.21
CA LEU O 169 57.91 61.72 56.27
C LEU O 169 57.24 61.76 54.96
N GLU O 170 58.06 62.01 53.96
CA GLU O 170 57.59 62.10 52.57
C GLU O 170 58.57 61.40 51.66
N LEU O 171 58.08 60.55 50.79
CA LEU O 171 58.84 59.74 49.92
C LEU O 171 59.20 60.58 48.78
N LYS O 172 60.47 60.78 48.50
CA LYS O 172 60.92 61.61 47.41
C LYS O 172 61.64 60.89 46.29
N ASN O 173 61.24 61.13 45.03
CA ASN O 173 61.86 60.59 43.81
C ASN O 173 63.00 61.49 43.43
N THR O 174 64.13 60.95 43.01
CA THR O 174 65.31 61.76 42.61
C THR O 174 66.21 61.02 41.62
N VAL O 175 67.04 61.75 40.90
CA VAL O 175 67.95 61.09 39.93
C VAL O 175 69.18 60.57 40.61
N LEU O 176 69.55 59.31 40.36
CA LEU O 176 70.69 58.77 41.10
C LEU O 176 71.90 59.23 40.40
N GLU O 177 72.57 60.24 40.94
CA GLU O 177 73.87 60.69 40.40
C GLU O 177 75.05 59.98 41.07
N ASP O 178 76.13 59.93 40.31
CA ASP O 178 77.36 59.30 40.79
C ASP O 178 77.81 59.99 42.10
N GLY O 179 77.98 59.23 43.16
CA GLY O 179 78.27 59.83 44.48
C GLY O 179 77.23 59.64 45.55
N ASP O 180 75.98 59.37 45.16
CA ASP O 180 74.94 59.21 46.13
C ASP O 180 75.07 57.92 46.99
N MET O 181 74.65 57.95 48.24
CA MET O 181 74.92 56.79 49.06
C MET O 181 73.79 55.77 48.90
N VAL O 182 74.05 54.47 49.07
CA VAL O 182 73.00 53.46 48.98
C VAL O 182 72.59 53.20 50.38
N ASP O 183 71.47 52.48 50.50
CA ASP O 183 70.99 51.93 51.74
C ASP O 183 72.06 51.06 52.33
N THR O 184 72.55 51.43 53.51
CA THR O 184 73.59 50.61 54.07
C THR O 184 73.10 49.70 55.16
N GLY O 185 71.79 49.66 55.40
CA GLY O 185 71.28 48.88 56.45
C GLY O 185 70.47 49.69 57.45
N TYR O 186 70.36 51.03 57.28
CA TYR O 186 69.72 51.89 58.28
C TYR O 186 68.58 52.60 57.62
N GLY O 187 68.22 52.14 56.41
CA GLY O 187 67.03 52.58 55.72
C GLY O 187 67.39 53.65 54.72
N ALA O 188 66.51 53.80 53.73
CA ALA O 188 66.81 54.89 52.71
C ALA O 188 66.25 56.26 53.04
N MET O 189 67.03 57.12 53.68
CA MET O 189 66.48 58.39 54.06
C MET O 189 67.48 59.47 54.04
N ASP O 190 67.03 60.60 54.51
CA ASP O 190 67.87 61.74 54.47
C ASP O 190 68.36 62.03 55.91
N PHE O 191 69.41 61.36 56.28
CA PHE O 191 69.97 61.50 57.61
C PHE O 191 70.31 62.85 58.09
N SER O 192 70.59 63.73 57.16
CA SER O 192 71.04 65.05 57.54
C SER O 192 69.86 65.91 58.02
N THR O 193 68.67 65.53 57.57
CA THR O 193 67.58 66.40 57.93
C THR O 193 66.65 65.74 58.85
N LEU O 194 66.81 64.43 59.01
CA LEU O 194 65.95 63.73 59.88
C LEU O 194 66.60 63.39 61.21
N GLN O 195 67.93 63.45 61.33
CA GLN O 195 68.54 63.09 62.59
C GLN O 195 69.42 64.28 63.04
N ASP O 196 68.86 65.14 63.91
CA ASP O 196 69.56 66.34 64.38
C ASP O 196 70.86 66.06 65.08
N THR O 197 70.99 64.89 65.70
CA THR O 197 72.14 64.49 66.53
C THR O 197 73.43 64.40 65.80
N LYS O 198 73.40 63.71 64.63
CA LYS O 198 74.52 63.64 63.71
C LYS O 198 75.41 62.60 64.22
N CYS O 199 74.83 61.71 65.03
CA CYS O 199 75.53 60.56 65.63
C CYS O 199 74.65 59.38 65.80
N GLU O 200 73.71 59.18 64.93
CA GLU O 200 72.91 58.01 64.90
C GLU O 200 73.40 56.94 63.93
N VAL O 201 74.27 57.26 62.96
CA VAL O 201 74.78 56.25 62.03
C VAL O 201 76.23 56.64 61.68
N PRO O 202 76.95 55.76 61.03
CA PRO O 202 78.39 56.05 60.77
C PRO O 202 78.62 57.25 59.92
N LEU O 203 79.75 57.85 60.15
CA LEU O 203 80.20 59.08 59.50
C LEU O 203 79.90 59.18 58.03
N ASP O 204 79.98 58.05 57.31
CA ASP O 204 79.84 58.17 55.89
C ASP O 204 78.44 58.43 55.36
N ILE O 205 77.42 58.22 56.17
CA ILE O 205 76.05 58.49 55.69
C ILE O 205 75.43 59.52 56.63
N CYS O 206 76.20 59.70 57.71
CA CYS O 206 75.80 60.48 58.82
C CYS O 206 75.19 61.82 58.45
N GLN O 207 75.70 62.44 57.41
CA GLN O 207 75.10 63.66 56.88
C GLN O 207 74.74 63.61 55.45
N SER O 208 74.38 62.43 55.01
CA SER O 208 74.11 62.28 53.62
C SER O 208 72.70 61.72 53.40
N ILE O 209 72.36 61.38 52.15
CA ILE O 209 71.07 60.83 51.82
C ILE O 209 71.28 59.43 51.26
N CYS O 210 70.64 58.43 51.82
CA CYS O 210 70.78 57.15 51.23
C CYS O 210 69.60 56.91 50.38
N LYS O 211 69.85 56.54 49.15
CA LYS O 211 68.80 56.29 48.22
C LYS O 211 68.70 54.85 47.83
N TYR O 212 67.53 54.40 47.43
CA TYR O 212 67.39 53.06 46.87
C TYR O 212 66.66 53.17 45.55
N PRO O 213 67.12 52.48 44.49
CA PRO O 213 66.46 52.49 43.19
C PRO O 213 65.00 52.36 43.28
N ASP O 214 64.28 53.27 42.65
CA ASP O 214 62.84 53.05 42.60
C ASP O 214 62.38 52.08 41.50
N TYR O 215 62.56 50.79 41.81
CA TYR O 215 62.36 49.75 40.81
C TYR O 215 60.94 49.74 40.38
N LEU O 216 60.06 50.09 41.30
CA LEU O 216 58.62 50.04 41.05
C LEU O 216 58.22 51.09 40.01
N GLN O 217 58.64 52.30 40.29
CA GLN O 217 58.47 53.46 39.45
C GLN O 217 59.09 53.31 38.11
N MET O 218 60.25 52.69 38.01
CA MET O 218 60.86 52.58 36.73
C MET O 218 60.21 51.53 35.87
N SER O 219 59.60 50.50 36.45
CA SER O 219 58.99 49.50 35.63
C SER O 219 57.81 50.01 35.06
N ALA O 220 57.08 50.85 35.81
CA ALA O 220 55.86 51.50 35.36
C ALA O 220 56.08 52.50 34.28
N ASP O 221 57.21 53.19 34.31
CA ASP O 221 57.55 54.15 33.24
C ASP O 221 57.15 53.67 31.87
N PRO O 222 56.30 54.44 31.23
CA PRO O 222 55.65 54.10 29.97
C PRO O 222 56.59 53.79 28.82
N TYR O 223 57.64 54.59 28.72
CA TYR O 223 58.54 54.45 27.57
C TYR O 223 59.62 53.45 27.83
N GLY O 224 60.05 53.47 29.08
CA GLY O 224 61.05 52.56 29.53
C GLY O 224 62.47 52.82 29.18
N ASP O 225 62.88 54.09 29.31
CA ASP O 225 64.14 54.51 28.90
C ASP O 225 64.90 54.53 30.17
N SER O 226 64.22 54.49 31.31
CA SER O 226 64.90 54.60 32.60
C SER O 226 65.78 53.39 32.83
N MET O 227 65.21 52.22 32.51
CA MET O 227 65.96 50.96 32.69
C MET O 227 65.50 49.79 31.84
N PHE O 228 66.38 49.27 31.02
CA PHE O 228 66.01 48.16 30.21
C PHE O 228 66.89 47.00 30.56
N PHE O 229 67.45 47.01 31.74
CA PHE O 229 68.28 45.89 32.16
C PHE O 229 68.44 46.16 33.63
N CYS O 230 68.27 45.16 34.51
CA CYS O 230 68.40 45.47 35.89
C CYS O 230 68.86 44.24 36.56
N LEU O 231 69.86 44.33 37.44
CA LEU O 231 70.39 43.17 38.19
C LEU O 231 70.65 43.46 39.66
N ARG O 232 69.94 42.80 40.55
CA ARG O 232 70.16 43.16 41.95
C ARG O 232 70.35 41.96 42.80
N ARG O 233 71.05 42.09 43.90
CA ARG O 233 71.34 41.08 44.81
C ARG O 233 71.85 41.78 46.09
N GLU O 234 71.07 41.62 47.18
CA GLU O 234 71.39 42.25 48.50
C GLU O 234 71.11 41.23 49.59
N GLN O 235 71.75 41.39 50.73
CA GLN O 235 71.70 40.45 51.88
C GLN O 235 72.30 41.16 53.08
N LEU O 236 71.63 40.99 54.23
CA LEU O 236 72.18 41.44 55.52
C LEU O 236 71.57 40.76 56.67
N PHE O 237 72.06 41.06 57.83
CA PHE O 237 71.60 40.50 59.04
C PHE O 237 71.96 41.35 60.26
N ALA O 238 71.21 41.17 61.34
CA ALA O 238 71.39 42.05 62.47
C ALA O 238 72.52 41.63 63.40
N ARG O 239 73.61 42.36 63.44
CA ARG O 239 74.76 41.89 64.25
C ARG O 239 74.51 42.23 65.70
N HIS O 240 74.31 43.49 66.10
CA HIS O 240 74.11 43.75 67.51
C HIS O 240 72.85 44.56 67.77
N PHE O 241 72.29 44.60 68.97
CA PHE O 241 71.02 45.29 69.17
C PHE O 241 71.19 46.46 70.10
N TRP O 242 70.87 47.69 69.72
CA TRP O 242 71.04 48.80 70.68
C TRP O 242 69.83 49.77 70.88
N ASN O 243 69.97 50.54 71.93
CA ASN O 243 69.02 51.51 72.35
C ASN O 243 69.49 52.87 71.86
N ARG O 244 68.63 53.86 71.86
CA ARG O 244 69.09 55.17 71.46
C ARG O 244 68.95 56.02 72.68
N ALA O 245 69.95 56.85 72.89
CA ALA O 245 69.91 57.81 73.99
C ALA O 245 69.05 59.00 73.65
N GLY O 246 68.37 59.50 74.67
CA GLY O 246 67.51 60.68 74.45
C GLY O 246 66.11 60.53 74.94
N THR O 247 65.30 61.56 74.92
CA THR O 247 64.00 61.37 75.48
C THR O 247 63.01 60.84 74.49
N MET O 248 62.08 59.99 74.91
CA MET O 248 61.25 59.31 73.93
C MET O 248 60.17 60.28 73.48
N GLY O 249 59.94 60.40 72.18
CA GLY O 249 58.95 61.32 71.66
C GLY O 249 57.58 60.82 71.75
N ASP O 250 57.30 59.68 71.18
CA ASP O 250 56.00 59.05 71.43
C ASP O 250 56.11 58.30 72.77
N THR O 251 55.17 58.54 73.66
CA THR O 251 55.25 57.92 74.98
C THR O 251 54.67 56.45 75.02
N VAL O 252 55.30 55.58 75.84
CA VAL O 252 54.93 54.18 75.74
C VAL O 252 53.61 54.04 76.45
N PRO O 253 52.53 53.64 75.83
CA PRO O 253 51.24 53.48 76.41
C PRO O 253 51.33 52.72 77.67
N GLN O 254 50.47 53.07 78.61
CA GLN O 254 50.53 52.40 79.91
C GLN O 254 49.98 50.99 79.92
N SER O 255 49.11 50.77 78.93
CA SER O 255 48.45 49.55 78.79
C SER O 255 49.37 48.50 78.36
N LEU O 256 50.58 48.86 78.02
CA LEU O 256 51.48 47.84 77.56
C LEU O 256 52.49 47.28 78.56
N TYR O 257 52.32 47.64 79.81
CA TYR O 257 53.26 47.13 80.82
C TYR O 257 52.79 47.35 82.28
N ILE O 258 53.61 46.97 83.25
CA ILE O 258 53.20 47.09 84.62
C ILE O 258 54.32 47.85 85.23
N LYS O 259 53.99 48.98 85.87
CA LYS O 259 55.01 49.88 86.57
C LYS O 259 55.75 49.09 87.58
N GLY O 260 56.96 49.54 87.84
CA GLY O 260 57.86 48.87 88.77
C GLY O 260 58.15 50.00 89.71
N THR O 261 59.16 49.82 90.56
CA THR O 261 59.58 50.90 91.52
C THR O 261 61.03 51.30 91.31
N GLY O 262 61.38 52.53 91.69
CA GLY O 262 62.71 53.01 91.28
C GLY O 262 62.91 53.30 89.78
N MET O 263 64.11 52.97 89.27
CA MET O 263 64.41 53.24 87.84
C MET O 263 63.50 52.38 86.92
N ARG O 264 62.85 51.38 87.49
CA ARG O 264 61.84 50.52 86.81
C ARG O 264 60.38 51.01 86.99
N ALA O 265 60.25 52.21 87.52
CA ALA O 265 58.96 52.80 87.69
C ALA O 265 58.54 53.41 86.34
N SER O 266 59.53 53.73 85.51
CA SER O 266 59.32 54.39 84.25
C SER O 266 60.13 53.69 83.17
N PRO O 267 59.52 53.44 82.02
CA PRO O 267 60.18 52.79 80.93
C PRO O 267 61.38 53.54 80.41
N GLY O 268 62.44 52.80 80.01
CA GLY O 268 63.66 53.38 79.44
C GLY O 268 63.51 53.63 77.94
N SER O 269 64.64 53.65 77.25
CA SER O 269 64.52 53.87 75.85
C SER O 269 63.86 52.76 75.10
N CYS O 270 62.98 53.14 74.19
CA CYS O 270 62.27 52.11 73.45
C CYS O 270 62.39 52.27 71.99
N VAL O 271 63.57 52.79 71.59
CA VAL O 271 63.90 52.99 70.18
C VAL O 271 65.06 52.09 69.95
N TYR O 272 64.77 51.05 69.19
CA TYR O 272 65.84 50.14 69.01
C TYR O 272 66.30 50.18 67.56
N SER O 273 67.57 49.88 67.36
CA SER O 273 68.07 49.77 66.04
C SER O 273 69.30 48.88 66.15
N PRO O 274 69.38 47.91 65.25
CA PRO O 274 70.45 47.03 65.15
C PRO O 274 71.55 47.48 64.17
N SER O 275 72.78 47.17 64.52
CA SER O 275 73.82 47.38 63.61
C SER O 275 73.67 46.36 62.58
N PRO O 276 73.65 46.80 61.33
CA PRO O 276 73.53 45.76 60.23
C PRO O 276 74.88 45.09 59.94
N SER O 277 74.91 44.20 58.96
CA SER O 277 76.15 43.52 58.55
C SER O 277 75.82 42.54 57.47
N GLY O 278 76.54 42.55 56.36
CA GLY O 278 76.25 41.55 55.31
C GLY O 278 77.10 40.37 55.68
N SER O 279 76.69 39.11 55.52
CA SER O 279 77.54 38.13 56.14
C SER O 279 78.80 37.93 55.27
N ILE O 280 78.92 36.71 54.73
CA ILE O 280 80.08 36.29 53.92
C ILE O 280 80.04 36.91 52.56
N VAL O 281 81.16 37.39 52.06
CA VAL O 281 81.14 37.81 50.70
C VAL O 281 81.96 36.74 50.05
N THR O 282 81.34 36.16 49.06
CA THR O 282 81.94 35.15 48.20
C THR O 282 81.92 35.42 46.66
N SER O 283 82.72 34.72 45.96
CA SER O 283 82.71 34.95 44.59
C SER O 283 81.64 34.10 44.00
N ASP O 284 80.96 33.31 44.78
CA ASP O 284 79.99 32.43 44.20
C ASP O 284 78.76 33.20 43.73
N SER O 285 78.39 34.22 44.46
CA SER O 285 77.28 35.06 44.19
C SER O 285 77.73 36.40 43.59
N GLN O 286 78.85 36.45 42.90
CA GLN O 286 79.32 37.70 42.29
C GLN O 286 78.45 37.99 41.09
N LEU O 287 78.02 39.22 41.06
CA LEU O 287 77.20 39.63 40.02
C LEU O 287 77.90 40.13 38.77
N PHE O 288 79.03 40.80 38.87
CA PHE O 288 79.79 41.39 37.76
C PHE O 288 80.88 40.54 37.20
N ASN O 289 81.63 41.08 36.25
CA ASN O 289 82.74 40.31 35.68
C ASN O 289 82.23 39.15 34.90
N LYS O 290 80.96 39.21 34.51
CA LYS O 290 80.39 38.28 33.57
C LYS O 290 79.71 39.11 32.50
N PRO O 291 79.65 38.61 31.28
CA PRO O 291 78.91 39.32 30.28
C PRO O 291 77.50 38.93 30.34
N TYR O 292 76.64 39.88 30.06
CA TYR O 292 75.19 39.58 30.03
C TYR O 292 74.71 40.23 28.81
N TRP O 293 73.98 39.48 27.95
CA TRP O 293 73.50 39.97 26.66
C TRP O 293 72.10 40.35 26.75
N LEU O 294 71.72 41.49 26.21
CA LEU O 294 70.32 41.78 26.44
C LEU O 294 69.57 41.58 25.14
N HIS O 295 68.50 40.73 25.18
CA HIS O 295 68.01 40.15 23.92
C HIS O 295 66.63 40.72 23.78
N LYS O 296 65.99 40.92 24.92
CA LYS O 296 64.74 41.62 24.88
C LYS O 296 64.49 42.36 26.14
N ALA O 297 64.44 43.65 26.04
CA ALA O 297 64.35 44.46 27.23
C ALA O 297 63.09 44.23 28.02
N GLN O 298 63.04 44.78 29.23
CA GLN O 298 61.81 44.65 29.93
C GLN O 298 60.62 45.55 29.47
N GLY O 299 60.99 46.81 29.10
CA GLY O 299 60.02 47.88 28.79
C GLY O 299 59.83 47.93 27.31
N HIS O 300 59.28 49.01 26.82
CA HIS O 300 59.16 49.16 25.38
C HIS O 300 60.45 49.55 24.75
N ASN O 301 61.36 50.19 25.43
CA ASN O 301 62.67 50.49 24.78
C ASN O 301 63.58 49.34 24.89
N ASN O 302 63.92 48.72 23.79
CA ASN O 302 64.69 47.58 23.86
C ASN O 302 66.19 47.93 23.62
N GLY O 303 66.80 48.74 24.48
CA GLY O 303 68.26 48.92 24.44
C GLY O 303 68.61 49.96 23.41
N VAL O 304 67.60 50.67 22.92
CA VAL O 304 67.89 51.75 22.04
C VAL O 304 68.44 52.97 22.76
N CYS O 305 69.65 53.33 22.39
CA CYS O 305 70.31 54.49 23.01
C CYS O 305 70.13 55.80 22.31
N TRP O 306 68.97 56.41 22.55
CA TRP O 306 68.65 57.75 22.10
C TRP O 306 69.71 58.78 22.55
N HIS O 307 70.04 59.65 21.60
CA HIS O 307 71.00 60.71 21.82
C HIS O 307 72.39 60.16 21.93
N ASN O 308 72.44 58.89 21.65
CA ASN O 308 73.75 58.20 21.62
C ASN O 308 74.40 58.30 23.00
N GLN O 309 73.60 58.19 24.02
CA GLN O 309 74.04 58.19 25.37
C GLN O 309 73.59 56.84 25.96
N LEU O 310 74.19 56.53 27.09
CA LEU O 310 73.78 55.36 27.84
C LEU O 310 74.24 55.52 29.31
N PHE O 311 73.34 55.36 30.24
CA PHE O 311 73.76 55.50 31.61
C PHE O 311 73.92 54.14 32.25
N VAL O 312 74.99 54.02 33.09
CA VAL O 312 75.36 52.74 33.76
C VAL O 312 75.33 53.01 35.23
N THR O 313 74.23 52.63 35.87
CA THR O 313 74.24 52.79 37.30
C THR O 313 74.71 51.44 38.02
N VAL O 314 75.61 51.58 38.98
CA VAL O 314 76.23 50.46 39.61
C VAL O 314 76.50 50.61 41.08
N VAL O 315 76.18 49.53 41.80
CA VAL O 315 76.50 49.52 43.23
C VAL O 315 77.17 48.16 43.52
N ASP O 316 78.30 48.20 44.25
CA ASP O 316 78.93 46.92 44.51
C ASP O 316 79.78 47.04 45.69
N THR O 317 79.35 46.44 46.75
CA THR O 317 80.03 46.68 48.01
C THR O 317 80.85 45.43 48.34
N THR O 318 81.01 44.56 47.37
CA THR O 318 81.67 43.31 47.60
C THR O 318 83.17 43.44 47.63
N ARG O 319 83.64 44.63 47.37
CA ARG O 319 85.06 44.93 47.32
C ARG O 319 85.19 46.25 48.07
N SER O 320 85.20 46.18 49.37
CA SER O 320 85.25 47.38 50.15
C SER O 320 86.33 47.40 51.18
N THR O 321 87.49 46.82 50.88
CA THR O 321 88.60 46.78 51.87
C THR O 321 89.13 48.20 51.91
N ASN O 322 89.16 48.84 53.07
CA ASN O 322 89.72 50.15 53.09
C ASN O 322 91.25 50.13 53.40
N LEU O 323 92.16 50.58 52.54
CA LEU O 323 93.59 50.54 52.87
C LEU O 323 93.85 51.45 54.09
N THR O 324 94.76 50.98 55.00
CA THR O 324 95.11 51.78 56.19
C THR O 324 96.52 52.13 55.87
N ILE O 325 96.78 53.43 55.92
CA ILE O 325 98.10 53.95 55.59
C ILE O 325 98.58 54.81 56.75
N CYS O 326 99.81 54.57 57.23
CA CYS O 326 100.38 55.40 58.30
C CYS O 326 101.78 55.76 58.06
N ALA O 327 102.07 57.05 58.22
CA ALA O 327 103.41 57.66 58.11
C ALA O 327 103.87 58.14 59.46
N SER O 328 105.16 58.10 59.72
CA SER O 328 105.60 58.68 60.96
C SER O 328 105.87 60.18 60.90
N THR O 329 105.85 60.81 62.06
CA THR O 329 106.26 62.17 62.20
C THR O 329 107.79 62.36 62.07
N GLN O 330 108.58 61.43 62.58
CA GLN O 330 110.02 61.60 62.57
C GLN O 330 110.53 61.03 61.28
N SER O 331 111.69 61.50 60.87
CA SER O 331 112.23 61.09 59.62
C SER O 331 112.93 59.74 59.67
N PRO O 332 113.89 59.54 60.60
CA PRO O 332 114.54 58.24 60.72
C PRO O 332 113.62 57.14 61.14
N VAL O 333 112.51 57.41 61.83
CA VAL O 333 111.52 56.39 62.24
C VAL O 333 112.13 55.63 63.38
N PRO O 334 112.15 56.23 64.58
CA PRO O 334 112.86 55.64 65.75
C PRO O 334 112.56 54.16 65.98
N GLY O 335 113.46 53.57 66.79
CA GLY O 335 113.39 52.14 67.06
C GLY O 335 112.52 51.91 68.25
N GLN O 336 111.86 52.98 68.67
CA GLN O 336 111.01 52.94 69.79
C GLN O 336 109.62 53.35 69.38
N TYR O 337 108.65 52.51 69.67
CA TYR O 337 107.32 52.77 69.20
C TYR O 337 106.62 53.77 70.08
N ASP O 338 106.06 54.81 69.48
CA ASP O 338 105.27 55.77 70.21
C ASP O 338 104.07 56.09 69.34
N ALA O 339 102.88 55.68 69.73
CA ALA O 339 101.67 55.87 68.91
C ALA O 339 101.52 57.25 68.29
N THR O 340 101.64 58.31 69.11
CA THR O 340 101.53 59.69 68.71
C THR O 340 102.50 60.03 67.60
N LYS O 341 103.61 59.33 67.48
CA LYS O 341 104.59 59.66 66.53
C LYS O 341 104.24 59.12 65.06
N PHE O 342 103.02 58.67 64.82
CA PHE O 342 102.65 58.16 63.51
C PHE O 342 101.26 58.72 63.14
N LYS O 343 101.02 59.00 61.85
CA LYS O 343 99.73 59.54 61.41
C LYS O 343 99.03 58.48 60.65
N GLN O 344 97.72 58.36 60.81
CA GLN O 344 96.99 57.23 60.26
C GLN O 344 96.00 57.71 59.28
N TYR O 345 96.09 57.15 58.11
CA TYR O 345 95.12 57.50 57.09
C TYR O 345 94.28 56.33 56.53
N SER O 346 93.06 56.70 56.05
CA SER O 346 92.22 55.67 55.44
C SER O 346 91.91 56.01 54.04
N ARG O 347 92.26 55.13 53.11
CA ARG O 347 91.97 55.42 51.70
C ARG O 347 91.26 54.19 51.07
N HIS O 348 90.27 54.44 50.18
CA HIS O 348 89.50 53.41 49.50
C HIS O 348 89.66 53.54 48.01
N VAL O 349 89.86 52.46 47.30
CA VAL O 349 90.12 52.51 45.86
C VAL O 349 88.88 51.94 45.13
N GLU O 350 88.58 52.29 43.90
CA GLU O 350 87.52 51.54 43.20
C GLU O 350 88.05 51.38 41.78
N GLU O 351 87.96 50.20 41.14
CA GLU O 351 88.52 50.07 39.79
C GLU O 351 87.47 49.45 38.87
N TYR O 352 86.98 50.13 37.85
CA TYR O 352 85.98 49.57 36.95
C TYR O 352 86.50 49.47 35.50
N ASP O 353 85.77 48.78 34.67
CA ASP O 353 86.15 48.74 33.28
C ASP O 353 84.86 48.41 32.53
N LEU O 354 84.30 49.31 31.71
CA LEU O 354 83.08 49.02 31.01
C LEU O 354 83.30 48.52 29.65
N GLN O 355 82.44 47.62 29.22
CA GLN O 355 82.64 47.00 27.90
C GLN O 355 81.28 46.76 27.24
N PHE O 356 81.13 47.04 25.95
CA PHE O 356 79.78 46.89 25.35
C PHE O 356 79.84 46.36 23.99
N ILE O 357 78.73 45.87 23.49
CA ILE O 357 78.71 45.51 22.13
C ILE O 357 77.43 46.22 21.63
N PHE O 358 77.63 47.09 20.63
CA PHE O 358 76.49 47.86 20.17
C PHE O 358 76.06 47.41 18.78
N GLN O 359 74.74 47.33 18.52
CA GLN O 359 74.26 47.00 17.21
C GLN O 359 73.74 48.27 16.45
N LEU O 360 74.20 48.49 15.22
CA LEU O 360 73.75 49.62 14.46
C LEU O 360 72.32 49.48 13.98
N CYS O 361 71.50 50.50 14.10
CA CYS O 361 70.14 50.34 13.67
C CYS O 361 69.72 51.54 12.90
N THR O 362 68.68 51.35 12.07
CA THR O 362 68.03 52.38 11.21
C THR O 362 66.56 52.67 11.56
N ILE O 363 66.22 53.93 11.58
CA ILE O 363 64.83 54.28 11.74
C ILE O 363 64.36 54.95 10.44
N THR O 364 63.33 54.40 9.78
CA THR O 364 62.87 55.07 8.58
C THR O 364 61.89 56.16 9.00
N LEU O 365 62.23 57.43 8.83
CA LEU O 365 61.31 58.46 9.19
C LEU O 365 60.12 58.54 8.26
N THR O 366 58.94 58.34 8.73
CA THR O 366 57.75 58.50 7.92
C THR O 366 56.83 59.39 8.80
N ALA O 367 55.58 59.57 8.33
CA ALA O 367 54.78 60.58 8.96
C ALA O 367 54.59 60.29 10.50
N ASP O 368 53.81 59.24 10.71
CA ASP O 368 53.46 58.74 12.07
C ASP O 368 54.75 58.33 12.85
N VAL O 369 55.71 57.65 12.16
CA VAL O 369 57.00 57.53 12.86
C VAL O 369 57.48 58.86 13.51
N MET O 370 57.53 59.92 12.71
CA MET O 370 57.95 61.15 13.29
C MET O 370 57.05 61.76 14.33
N SER O 371 55.74 61.59 14.11
CA SER O 371 54.81 62.17 15.08
C SER O 371 54.98 61.43 16.45
N TYR O 372 55.36 60.16 16.36
CA TYR O 372 55.49 59.33 17.50
C TYR O 372 56.74 59.77 18.21
N ILE O 373 57.83 59.68 17.51
CA ILE O 373 59.02 60.11 18.11
C ILE O 373 58.87 61.56 18.61
N GLN O 374 57.90 62.28 18.03
CA GLN O 374 57.67 63.71 18.33
C GLN O 374 57.08 63.82 19.73
N SER O 375 55.98 63.08 19.90
CA SER O 375 55.38 62.90 21.21
C SER O 375 56.34 62.30 22.25
N MET O 376 56.98 61.16 21.91
CA MET O 376 57.87 60.51 22.83
C MET O 376 58.93 61.41 23.43
N ASN O 377 59.83 61.97 22.58
CA ASN O 377 60.88 62.88 23.01
C ASN O 377 61.26 63.77 21.84
N SER O 378 60.58 64.88 21.63
CA SER O 378 60.98 65.83 20.58
C SER O 378 62.49 66.06 20.41
N SER O 379 63.26 66.18 21.47
CA SER O 379 64.65 66.44 21.31
C SER O 379 65.40 65.34 20.51
N ILE O 380 64.83 64.14 20.37
CA ILE O 380 65.41 63.07 19.53
C ILE O 380 65.49 63.47 18.08
N LEU O 381 64.43 64.12 17.55
CA LEU O 381 64.38 64.64 16.17
C LEU O 381 65.15 65.94 15.97
N GLU O 382 65.26 66.71 17.03
CA GLU O 382 66.03 67.90 16.97
C GLU O 382 67.50 67.68 16.73
N ASP O 383 68.11 66.66 17.33
CA ASP O 383 69.55 66.34 17.06
C ASP O 383 69.83 65.81 15.70
N TRP O 384 68.84 65.17 15.08
CA TRP O 384 69.00 64.75 13.70
C TRP O 384 68.76 65.94 12.72
N ASN O 385 68.42 67.12 13.26
CA ASN O 385 68.16 68.39 12.55
C ASN O 385 67.01 68.19 11.59
N ASN O 391 73.73 73.55 22.10
CA ASN O 391 72.44 73.03 22.72
C ASN O 391 72.58 72.84 24.26
N LYS O 392 71.40 72.89 24.92
CA LYS O 392 71.26 72.69 26.43
C LYS O 392 70.78 71.25 26.72
N ASP O 393 71.59 70.62 27.60
CA ASP O 393 71.36 69.25 28.07
C ASP O 393 70.57 69.24 29.38
N PRO O 394 69.47 68.50 29.43
CA PRO O 394 68.66 68.53 30.61
C PRO O 394 69.32 67.85 31.80
N TYR O 395 70.55 67.36 31.63
CA TYR O 395 71.25 66.64 32.69
C TYR O 395 72.51 67.39 33.03
N ASP O 396 72.63 68.69 32.70
CA ASP O 396 73.93 69.38 32.96
C ASP O 396 74.09 69.82 34.41
N LYS O 397 73.04 69.61 35.21
CA LYS O 397 73.06 69.95 36.63
C LYS O 397 73.58 68.83 37.47
N LEU O 398 73.36 67.60 37.05
CA LEU O 398 73.66 66.35 37.76
C LEU O 398 75.06 65.79 37.61
N LYS O 399 75.53 65.08 38.62
CA LYS O 399 76.93 64.69 38.60
C LYS O 399 77.01 63.31 38.06
N PHE O 400 77.79 63.05 37.01
CA PHE O 400 77.95 61.69 36.50
C PHE O 400 79.41 61.46 36.25
N TRP O 401 79.84 60.23 35.97
CA TRP O 401 81.26 59.92 35.75
C TRP O 401 81.21 59.83 34.26
N ASN O 402 81.78 60.80 33.54
CA ASN O 402 81.63 60.82 32.11
C ASN O 402 82.64 59.93 31.48
N VAL O 403 82.19 59.08 30.59
CA VAL O 403 83.05 58.11 30.00
C VAL O 403 82.91 58.27 28.50
N ASP O 404 83.89 58.89 27.82
CA ASP O 404 83.74 59.19 26.38
C ASP O 404 84.12 58.03 25.50
N LEU O 405 83.18 57.41 24.80
CA LEU O 405 83.59 56.32 23.92
C LEU O 405 83.57 56.67 22.46
N LYS O 406 83.48 57.94 22.13
CA LYS O 406 83.42 58.37 20.69
C LYS O 406 84.59 57.83 19.84
N GLU O 407 85.73 57.73 20.47
CA GLU O 407 86.91 57.30 19.73
C GLU O 407 87.25 55.84 20.07
N LYS O 408 86.25 55.01 20.45
CA LYS O 408 86.53 53.65 20.90
C LYS O 408 85.73 52.55 20.21
N PHE O 409 84.96 52.94 19.22
CA PHE O 409 84.24 51.89 18.57
C PHE O 409 85.11 51.10 17.61
N SER O 410 85.00 49.76 17.60
CA SER O 410 85.72 48.93 16.68
C SER O 410 84.90 47.89 16.00
N LEU O 411 85.27 47.51 14.81
CA LEU O 411 84.43 46.62 14.12
C LEU O 411 84.79 45.25 14.29
N ASP O 412 86.00 45.01 14.79
CA ASP O 412 86.56 43.62 14.85
C ASP O 412 86.47 43.13 16.25
N LEU O 413 85.32 42.51 16.45
CA LEU O 413 84.93 42.14 17.75
C LEU O 413 85.96 41.13 18.18
N ASP O 414 86.36 40.35 17.20
CA ASP O 414 87.38 39.37 17.43
C ASP O 414 88.56 39.83 18.24
N GLN O 415 88.92 41.10 18.09
CA GLN O 415 90.04 41.69 18.85
C GLN O 415 89.89 41.94 20.34
N TYR O 416 88.67 41.86 20.92
CA TYR O 416 88.43 42.20 22.32
C TYR O 416 87.68 41.08 23.01
N PRO O 417 87.92 40.85 24.29
CA PRO O 417 87.27 39.81 25.15
C PRO O 417 85.74 39.75 24.99
N LEU O 418 85.01 40.83 25.39
CA LEU O 418 83.53 40.83 25.21
C LEU O 418 83.25 40.45 23.79
N GLY O 419 83.98 41.05 22.89
CA GLY O 419 83.85 40.77 21.49
C GLY O 419 83.90 39.33 21.15
N ARG O 420 84.89 38.59 21.65
CA ARG O 420 84.96 37.18 21.25
C ARG O 420 83.80 36.42 21.85
N LYS O 421 83.47 36.78 23.08
CA LYS O 421 82.41 36.10 23.83
C LYS O 421 81.10 36.30 23.11
N PHE O 422 80.94 37.47 22.54
CA PHE O 422 79.80 37.79 21.76
C PHE O 422 79.71 36.89 20.59
N LEU O 423 80.84 36.64 19.99
CA LEU O 423 80.84 35.91 18.78
C LEU O 423 80.48 34.50 19.03
N VAL O 424 81.00 33.93 20.13
CA VAL O 424 80.67 32.58 20.48
C VAL O 424 79.17 32.53 20.60
N GLN O 425 78.55 33.40 21.44
CA GLN O 425 77.15 33.30 21.68
C GLN O 425 76.39 33.51 20.41
N ALA O 426 76.94 34.22 19.46
CA ALA O 426 76.26 34.31 18.18
C ALA O 426 76.22 33.02 17.38
N GLY O 427 77.12 32.09 17.69
CA GLY O 427 77.23 30.88 16.85
C GLY O 427 78.66 30.82 16.23
N LEU O 428 78.94 31.69 15.23
CA LEU O 428 80.24 31.72 14.47
C LEU O 428 81.63 31.91 15.25
#